data_6TTJ
#
_entry.id   6TTJ
#
_cell.length_a   107.450
_cell.length_b   186.708
_cell.length_c   152.200
_cell.angle_alpha   90.000
_cell.angle_beta   104.860
_cell.angle_gamma   90.000
#
_symmetry.space_group_name_H-M   'P 1 21 1'
#
_entity_poly.entity_id   1
_entity_poly.type   'polypeptide(L)'
_entity_poly.pdbx_seq_one_letter_code
;MEGVGLRAVGSHCSLSEMDDLDLTRALDKPRLKIERKRSFDERSMSELSTGYSRHDGIHDSPRGRSVLDTPLSSARNSFE
PHPMMAEAWEALRRSMVFFRGQPVGTLAAVDNTTDEVLNYDQVFVRDFVPSALAFLMNGEPDIVKHFLLKTLQLQGWEKR
VDRFKLGEGVMPASFKVLHDPIRETDNIVADFGESAIGRVAPVDSGFWWIILLRAYTKSTGDLTLSETPECQKGMKLILS
LCLAEGFDTFPTLLCADGCSMIDRRMGVYGYPIEIQALFFMALRSALSMLKPDGDGREVIERIVKRLHALSFHMRNYFWL
DHQNLNDIYRFKTEEYSHTAVNKFNVMPDSIPEWVFDFMPLRGGYFVGNVGPAHMDFRWFALGNCVSILSSLATPDQSMA
IMDLLEHRWAELVGEMPLKICYPCLEGHEWRIVTGCDPKNTRWSYHNGGSWPVLLWQLTAACIKTGRPQIARRAVDLIES
RLHRDCWPEYYDGKLGRYVGKQARKYQTWSIAGYLVAKMLLEDPSHIGMISLEEDKLMKPVIKRSASWPQL
;
_entity_poly.pdbx_strand_id   A,B,C,D,E,F,G,H,I,J,K,L
#
# COMPACT_ATOMS: atom_id res chain seq x y z
N HIS A 82 25.28 -26.42 15.64
CA HIS A 82 26.27 -25.95 14.67
C HIS A 82 27.56 -25.26 15.21
N PRO A 83 27.66 -24.94 16.53
CA PRO A 83 26.80 -25.04 17.73
C PRO A 83 25.57 -24.18 17.51
N MET A 84 24.46 -24.40 18.20
CA MET A 84 24.37 -25.35 19.30
C MET A 84 24.13 -26.85 19.17
N MET A 85 25.14 -27.59 18.69
CA MET A 85 25.03 -29.03 18.70
C MET A 85 25.59 -29.49 20.04
N ALA A 86 26.50 -28.66 20.57
CA ALA A 86 27.10 -28.91 21.87
C ALA A 86 26.07 -28.71 22.96
N GLU A 87 25.18 -27.73 22.81
CA GLU A 87 24.13 -27.55 23.81
C GLU A 87 23.24 -28.76 23.84
N ALA A 88 22.94 -29.31 22.65
CA ALA A 88 22.12 -30.51 22.55
C ALA A 88 22.83 -31.67 23.22
N TRP A 89 24.15 -31.76 23.06
CA TRP A 89 24.86 -32.85 23.71
C TRP A 89 24.95 -32.63 25.21
N GLU A 90 25.00 -31.38 25.67
CA GLU A 90 25.00 -31.13 27.10
C GLU A 90 23.70 -31.63 27.70
N ALA A 91 22.59 -31.34 27.02
CA ALA A 91 21.29 -31.81 27.49
C ALA A 91 21.20 -33.32 27.44
N LEU A 92 21.75 -33.93 26.39
CA LEU A 92 21.71 -35.39 26.26
C LEU A 92 22.53 -36.05 27.36
N ARG A 93 23.68 -35.49 27.70
CA ARG A 93 24.51 -36.07 28.74
C ARG A 93 23.94 -35.79 30.13
N ARG A 94 23.13 -34.73 30.29
CA ARG A 94 22.54 -34.45 31.59
C ARG A 94 21.40 -35.42 31.91
N SER A 95 20.77 -35.99 30.89
CA SER A 95 19.67 -36.92 31.05
C SER A 95 20.12 -38.38 31.19
N MET A 96 21.34 -38.64 31.67
CA MET A 96 21.78 -40.01 31.80
C MET A 96 21.39 -40.61 33.14
N VAL A 97 21.00 -41.88 33.11
CA VAL A 97 20.57 -42.64 34.26
C VAL A 97 21.57 -43.77 34.49
N PHE A 98 22.11 -43.81 35.70
CA PHE A 98 23.11 -44.77 36.16
C PHE A 98 22.52 -45.72 37.19
N PHE A 99 23.01 -46.96 37.17
CA PHE A 99 22.58 -48.00 38.10
C PHE A 99 23.84 -48.55 38.74
N ARG A 100 24.04 -48.24 40.03
CA ARG A 100 25.19 -48.68 40.80
C ARG A 100 26.52 -48.23 40.19
N GLY A 101 26.52 -47.03 39.59
CA GLY A 101 27.69 -46.42 39.01
C GLY A 101 27.84 -46.55 37.51
N GLN A 102 27.21 -47.55 36.89
CA GLN A 102 27.45 -47.59 35.44
C GLN A 102 26.28 -46.95 34.68
N PRO A 103 26.55 -46.26 33.56
CA PRO A 103 25.47 -45.61 32.80
C PRO A 103 24.60 -46.67 32.11
N VAL A 104 23.30 -46.65 32.44
CA VAL A 104 22.36 -47.61 31.87
C VAL A 104 21.46 -47.02 30.80
N GLY A 105 21.15 -45.74 30.87
CA GLY A 105 20.27 -45.22 29.83
C GLY A 105 20.07 -43.72 29.92
N THR A 106 19.04 -43.25 29.22
CA THR A 106 18.69 -41.84 29.23
C THR A 106 17.27 -41.66 29.77
N LEU A 107 17.01 -40.49 30.33
CA LEU A 107 15.71 -40.16 30.88
C LEU A 107 14.70 -39.88 29.76
N ALA A 108 13.46 -39.61 30.15
CA ALA A 108 12.39 -39.27 29.22
C ALA A 108 12.19 -37.77 29.12
N ALA A 109 12.21 -37.09 30.26
CA ALA A 109 12.06 -35.64 30.34
C ALA A 109 12.93 -35.13 31.49
N VAL A 110 13.56 -33.98 31.28
CA VAL A 110 14.42 -33.37 32.30
C VAL A 110 13.83 -32.00 32.59
N ASP A 111 12.96 -31.93 33.59
CA ASP A 111 12.33 -30.66 33.97
C ASP A 111 12.69 -30.27 35.39
N TYR A 120 6.95 -39.88 32.69
CA TYR A 120 8.02 -39.46 31.79
C TYR A 120 9.30 -39.11 32.55
N ASP A 121 9.53 -39.81 33.65
CA ASP A 121 10.72 -39.63 34.48
C ASP A 121 11.57 -40.89 34.54
N GLN A 122 11.17 -41.94 33.84
CA GLN A 122 11.85 -43.22 33.78
C GLN A 122 12.51 -43.38 32.42
N VAL A 123 13.12 -44.54 32.21
CA VAL A 123 13.81 -44.86 30.96
C VAL A 123 12.87 -45.64 30.06
N PHE A 124 12.39 -45.00 29.00
CA PHE A 124 11.51 -45.64 28.04
C PHE A 124 12.33 -46.23 26.90
N VAL A 125 11.81 -47.30 26.29
CA VAL A 125 12.51 -47.94 25.18
C VAL A 125 12.50 -47.05 23.94
N ARG A 126 11.29 -46.69 23.48
CA ARG A 126 11.18 -45.84 22.30
C ARG A 126 11.88 -44.51 22.51
N ASP A 127 11.86 -44.00 23.74
CA ASP A 127 12.52 -42.73 24.03
C ASP A 127 14.04 -42.88 24.02
N PHE A 128 14.54 -44.06 24.37
CA PHE A 128 15.99 -44.28 24.42
C PHE A 128 16.58 -44.64 23.06
N VAL A 129 15.77 -45.10 22.10
CA VAL A 129 16.30 -45.46 20.79
C VAL A 129 17.16 -44.35 20.16
N PRO A 130 16.67 -43.11 19.99
CA PRO A 130 17.54 -42.09 19.38
C PRO A 130 18.77 -41.75 20.20
N SER A 131 18.65 -41.72 21.53
CA SER A 131 19.81 -41.43 22.36
C SER A 131 20.87 -42.51 22.17
N ALA A 132 20.42 -43.76 22.03
CA ALA A 132 21.35 -44.86 21.82
C ALA A 132 22.04 -44.72 20.47
N LEU A 133 21.29 -44.31 19.44
CA LEU A 133 21.92 -44.13 18.13
C LEU A 133 22.94 -43.00 18.17
N ALA A 134 22.63 -41.93 18.91
CA ALA A 134 23.56 -40.81 19.01
C ALA A 134 24.86 -41.24 19.70
N PHE A 135 24.74 -41.98 20.80
CA PHE A 135 25.93 -42.45 21.49
C PHE A 135 26.70 -43.45 20.64
N LEU A 136 25.99 -44.28 19.88
CA LEU A 136 26.66 -45.24 19.02
C LEU A 136 27.46 -44.53 17.93
N MET A 137 26.91 -43.44 17.38
CA MET A 137 27.63 -42.72 16.35
C MET A 137 28.78 -41.91 16.92
N ASN A 138 28.65 -41.42 18.15
CA ASN A 138 29.75 -40.66 18.75
C ASN A 138 30.90 -41.52 19.22
N GLY A 139 30.68 -42.83 19.39
CA GLY A 139 31.71 -43.73 19.84
C GLY A 139 31.66 -44.11 21.31
N GLU A 140 30.48 -44.05 21.93
CA GLU A 140 30.30 -44.39 23.34
C GLU A 140 29.19 -45.45 23.40
N PRO A 141 29.49 -46.69 23.03
CA PRO A 141 28.48 -47.75 23.01
C PRO A 141 28.30 -48.52 24.30
N ASP A 142 28.97 -48.16 25.39
CA ASP A 142 28.80 -48.93 26.62
C ASP A 142 27.42 -48.72 27.23
N ILE A 143 26.85 -47.52 27.08
CA ILE A 143 25.52 -47.28 27.63
C ILE A 143 24.47 -48.12 26.90
N VAL A 144 24.62 -48.26 25.59
CA VAL A 144 23.67 -49.08 24.82
C VAL A 144 23.79 -50.54 25.23
N LYS A 145 25.01 -51.00 25.48
CA LYS A 145 25.22 -52.37 25.90
C LYS A 145 24.59 -52.62 27.26
N HIS A 146 24.79 -51.71 28.21
CA HIS A 146 24.17 -51.86 29.53
C HIS A 146 22.64 -51.77 29.44
N PHE A 147 22.13 -50.90 28.56
CA PHE A 147 20.68 -50.79 28.42
C PHE A 147 20.10 -52.09 27.91
N LEU A 148 20.65 -52.63 26.84
CA LEU A 148 20.11 -53.88 26.32
C LEU A 148 20.25 -54.99 27.36
N LEU A 149 21.42 -55.04 28.01
CA LEU A 149 21.72 -56.08 28.98
C LEU A 149 20.74 -56.07 30.13
N LYS A 150 20.41 -54.89 30.66
CA LYS A 150 19.46 -54.83 31.77
C LYS A 150 18.02 -55.08 31.31
N THR A 151 17.66 -54.62 30.10
CA THR A 151 16.31 -54.88 29.63
C THR A 151 16.06 -56.39 29.49
N LEU A 152 17.11 -57.16 29.17
CA LEU A 152 16.93 -58.62 29.13
C LEU A 152 16.58 -59.16 30.50
N GLN A 153 17.19 -58.63 31.57
CA GLN A 153 16.83 -59.09 32.91
C GLN A 153 15.39 -58.72 33.22
N LEU A 154 14.96 -57.53 32.77
CA LEU A 154 13.58 -57.15 33.00
C LEU A 154 12.63 -58.07 32.24
N GLN A 155 13.06 -58.58 31.09
CA GLN A 155 12.23 -59.51 30.32
C GLN A 155 12.03 -60.83 31.05
N GLY A 156 12.99 -61.23 31.87
CA GLY A 156 12.95 -62.45 32.64
C GLY A 156 12.24 -62.36 33.97
N TRP A 157 11.46 -61.31 34.19
CA TRP A 157 10.73 -61.11 35.44
C TRP A 157 9.37 -61.79 35.40
N GLU A 158 8.80 -61.97 36.59
CA GLU A 158 7.47 -62.56 36.74
C GLU A 158 6.50 -61.39 36.68
N LYS A 159 5.85 -61.21 35.53
CA LYS A 159 4.91 -60.11 35.32
C LYS A 159 3.49 -60.59 35.58
N ARG A 160 2.70 -59.75 36.24
CA ARG A 160 1.33 -60.10 36.59
C ARG A 160 0.40 -58.91 36.52
N VAL A 161 -0.79 -59.11 35.95
CA VAL A 161 -1.81 -58.07 35.86
C VAL A 161 -3.12 -58.65 36.41
N ASP A 162 -3.41 -58.31 37.67
CA ASP A 162 -4.53 -58.64 38.55
C ASP A 162 -4.66 -60.10 38.95
N ARG A 163 -4.54 -61.01 37.97
CA ARG A 163 -4.56 -62.45 38.17
C ARG A 163 -4.01 -63.16 36.94
N PHE A 164 -3.57 -62.39 35.95
CA PHE A 164 -3.12 -62.94 34.68
C PHE A 164 -1.61 -62.81 34.57
N LYS A 165 -0.95 -63.93 34.33
CA LYS A 165 0.49 -63.99 34.17
C LYS A 165 0.84 -63.60 32.75
N LEU A 166 1.67 -62.56 32.61
CA LEU A 166 2.03 -62.08 31.28
C LEU A 166 2.98 -63.04 30.59
N GLY A 167 3.20 -62.78 29.30
CA GLY A 167 4.07 -63.62 28.50
C GLY A 167 5.50 -63.65 28.99
N GLU A 168 6.21 -64.70 28.58
CA GLU A 168 7.60 -64.87 28.99
C GLU A 168 8.52 -63.84 28.33
N GLY A 169 8.35 -63.61 27.03
CA GLY A 169 9.16 -62.68 26.28
C GLY A 169 8.69 -61.24 26.27
N VAL A 170 7.70 -60.89 27.09
CA VAL A 170 7.18 -59.52 27.11
C VAL A 170 8.24 -58.57 27.63
N MET A 171 8.52 -57.51 26.86
CA MET A 171 9.48 -56.45 27.14
C MET A 171 8.79 -55.30 27.87
N PRO A 172 9.47 -54.70 28.85
CA PRO A 172 8.85 -53.60 29.60
C PRO A 172 8.75 -52.32 28.79
N ALA A 173 7.74 -51.51 29.16
CA ALA A 173 7.55 -50.23 28.51
C ALA A 173 8.51 -49.18 29.07
N SER A 174 8.80 -49.25 30.36
CA SER A 174 9.70 -48.28 30.97
C SER A 174 10.22 -48.83 32.29
N PHE A 175 11.24 -48.16 32.84
CA PHE A 175 11.78 -48.59 34.13
C PHE A 175 12.61 -47.46 34.71
N LYS A 176 12.61 -47.37 36.05
CA LYS A 176 13.37 -46.36 36.76
C LYS A 176 14.12 -46.99 37.93
N VAL A 177 15.14 -46.26 38.39
CA VAL A 177 15.96 -46.69 39.51
C VAL A 177 15.50 -45.96 40.76
N LEU A 178 15.76 -46.58 41.91
CA LEU A 178 15.39 -46.02 43.20
C LEU A 178 16.59 -45.99 44.13
N ASP A 186 20.38 -48.25 45.05
CA ASP A 186 19.83 -48.23 43.70
C ASP A 186 19.23 -49.60 43.33
N ASN A 187 17.93 -49.60 43.06
CA ASN A 187 17.19 -50.80 42.69
C ASN A 187 16.23 -50.44 41.56
N ILE A 188 16.17 -51.29 40.53
CA ILE A 188 15.35 -51.06 39.35
C ILE A 188 13.93 -51.63 39.49
N VAL A 189 12.96 -50.83 39.02
CA VAL A 189 11.54 -51.16 38.99
C VAL A 189 11.03 -50.86 37.60
N ALA A 190 10.35 -51.83 36.98
CA ALA A 190 9.86 -51.68 35.61
C ALA A 190 8.34 -51.72 35.51
N ASP A 191 7.86 -51.10 34.42
CA ASP A 191 6.45 -50.99 34.07
C ASP A 191 6.24 -51.66 32.71
N PHE A 192 5.41 -52.71 32.71
CA PHE A 192 5.04 -53.49 31.53
C PHE A 192 3.61 -53.23 31.07
N GLY A 193 2.90 -52.31 31.71
CA GLY A 193 1.52 -52.02 31.34
C GLY A 193 0.58 -52.05 32.53
N GLU A 194 1.03 -52.65 33.64
CA GLU A 194 0.17 -52.68 34.83
C GLU A 194 0.01 -51.28 35.42
N SER A 195 1.06 -50.48 35.36
CA SER A 195 1.05 -49.11 35.87
C SER A 195 0.71 -48.10 34.79
N ALA A 196 0.76 -48.50 33.52
CA ALA A 196 0.48 -47.60 32.41
C ALA A 196 -0.96 -47.11 32.43
N ILE A 197 -1.14 -45.86 32.01
CA ILE A 197 -2.47 -45.25 31.95
C ILE A 197 -3.30 -46.02 30.92
N GLY A 198 -4.45 -46.53 31.35
CA GLY A 198 -5.30 -47.29 30.46
C GLY A 198 -4.88 -48.72 30.24
N ARG A 199 -3.81 -49.16 30.91
CA ARG A 199 -3.30 -50.54 30.79
C ARG A 199 -2.93 -50.88 29.36
N VAL A 200 -2.28 -49.93 28.67
CA VAL A 200 -1.86 -50.15 27.29
C VAL A 200 -0.65 -51.08 27.26
N ALA A 201 -0.49 -51.80 26.14
CA ALA A 201 0.59 -52.76 25.97
C ALA A 201 1.63 -52.25 24.98
N PRO A 202 2.91 -52.20 25.36
CA PRO A 202 4.00 -51.74 24.47
C PRO A 202 4.49 -52.81 23.51
N VAL A 203 3.79 -52.95 22.38
CA VAL A 203 4.17 -53.95 21.38
C VAL A 203 5.49 -53.59 20.70
N ASP A 204 5.73 -52.29 20.48
CA ASP A 204 6.93 -51.83 19.79
C ASP A 204 8.20 -51.95 20.62
N SER A 205 8.10 -52.15 21.95
CA SER A 205 9.31 -52.22 22.77
C SER A 205 10.20 -53.39 22.36
N GLY A 206 9.62 -54.56 22.08
CA GLY A 206 10.44 -55.69 21.69
C GLY A 206 11.09 -55.49 20.33
N PHE A 207 10.34 -54.95 19.38
CA PHE A 207 10.91 -54.71 18.06
C PHE A 207 12.04 -53.70 18.17
N TRP A 208 11.86 -52.68 19.01
CA TRP A 208 12.91 -51.70 19.21
C TRP A 208 14.12 -52.33 19.85
N TRP A 209 13.92 -53.29 20.76
CA TRP A 209 15.07 -53.95 21.38
C TRP A 209 15.89 -54.70 20.34
N ILE A 210 15.22 -55.48 19.48
CA ILE A 210 15.94 -56.24 18.46
C ILE A 210 16.65 -55.29 17.49
N ILE A 211 15.95 -54.21 17.09
CA ILE A 211 16.55 -53.27 16.17
C ILE A 211 17.75 -52.59 16.80
N LEU A 212 17.66 -52.26 18.10
CA LEU A 212 18.77 -51.62 18.78
C LEU A 212 19.94 -52.57 18.91
N LEU A 213 19.67 -53.87 19.11
CA LEU A 213 20.76 -54.82 19.20
C LEU A 213 21.49 -54.91 17.86
N ARG A 214 20.73 -54.92 16.77
CA ARG A 214 21.35 -54.96 15.45
C ARG A 214 22.15 -53.69 15.20
N ALA A 215 21.62 -52.54 15.63
CA ALA A 215 22.31 -51.27 15.45
C ALA A 215 23.62 -51.26 16.24
N TYR A 216 23.62 -51.81 17.46
CA TYR A 216 24.84 -51.83 18.25
C TYR A 216 25.88 -52.72 17.61
N THR A 217 25.50 -53.95 17.23
CA THR A 217 26.48 -54.84 16.61
C THR A 217 26.99 -54.31 15.29
N LYS A 218 26.19 -53.53 14.56
CA LYS A 218 26.68 -52.98 13.30
C LYS A 218 27.58 -51.77 13.53
N SER A 219 27.25 -50.93 14.53
CA SER A 219 28.04 -49.75 14.81
C SER A 219 29.40 -50.11 15.42
N THR A 220 29.44 -51.14 16.26
CA THR A 220 30.69 -51.54 16.90
C THR A 220 31.42 -52.67 16.19
N GLY A 221 30.70 -53.55 15.49
CA GLY A 221 31.34 -54.67 14.85
C GLY A 221 31.66 -55.80 15.81
N ASP A 222 31.34 -55.63 17.09
CA ASP A 222 31.59 -56.62 18.14
C ASP A 222 30.41 -57.57 18.15
N LEU A 223 30.53 -58.65 17.39
CA LEU A 223 29.50 -59.67 17.26
C LEU A 223 29.34 -60.55 18.50
N THR A 224 30.24 -60.44 19.48
CA THR A 224 30.16 -61.29 20.66
C THR A 224 28.88 -61.06 21.47
N LEU A 225 28.46 -59.80 21.59
CA LEU A 225 27.27 -59.51 22.39
C LEU A 225 26.01 -60.11 21.76
N SER A 226 25.83 -59.95 20.45
CA SER A 226 24.64 -60.50 19.80
C SER A 226 24.66 -62.02 19.81
N GLU A 227 25.84 -62.62 19.84
CA GLU A 227 25.97 -64.08 19.83
C GLU A 227 25.93 -64.68 21.23
N THR A 228 25.83 -63.85 22.27
CA THR A 228 25.75 -64.37 23.62
C THR A 228 24.42 -65.13 23.81
N PRO A 229 24.41 -66.17 24.64
CA PRO A 229 23.16 -66.93 24.83
C PRO A 229 21.98 -66.11 25.37
N GLU A 230 22.22 -65.10 26.21
CA GLU A 230 21.13 -64.31 26.75
C GLU A 230 20.39 -63.56 25.64
N CYS A 231 21.14 -62.91 24.76
CA CYS A 231 20.50 -62.18 23.68
C CYS A 231 19.77 -63.12 22.72
N GLN A 232 20.32 -64.32 22.50
CA GLN A 232 19.66 -65.27 21.61
C GLN A 232 18.32 -65.72 22.19
N LYS A 233 18.29 -66.05 23.49
CA LYS A 233 17.01 -66.45 24.08
C LYS A 233 16.03 -65.30 24.09
N GLY A 234 16.49 -64.08 24.37
CA GLY A 234 15.57 -62.95 24.37
C GLY A 234 14.97 -62.71 23.00
N MET A 235 15.80 -62.78 21.96
CA MET A 235 15.29 -62.60 20.61
C MET A 235 14.26 -63.67 20.28
N LYS A 236 14.58 -64.94 20.58
CA LYS A 236 13.63 -66.00 20.29
C LYS A 236 12.34 -65.85 21.07
N LEU A 237 12.40 -65.35 22.31
CA LEU A 237 11.18 -65.17 23.08
C LEU A 237 10.29 -64.09 22.47
N ILE A 238 10.90 -62.95 22.11
CA ILE A 238 10.11 -61.88 21.51
C ILE A 238 9.54 -62.34 20.18
N LEU A 239 10.32 -63.11 19.41
CA LEU A 239 9.84 -63.60 18.12
C LEU A 239 8.72 -64.62 18.30
N SER A 240 8.79 -65.43 19.35
CA SER A 240 7.77 -66.43 19.60
C SER A 240 6.48 -65.80 20.07
N LEU A 241 6.53 -64.58 20.60
CA LEU A 241 5.29 -63.94 21.03
C LEU A 241 4.44 -63.51 19.84
N CYS A 242 5.06 -62.95 18.81
CA CYS A 242 4.34 -62.48 17.62
C CYS A 242 4.15 -63.54 16.54
N LEU A 243 5.08 -64.48 16.40
CA LEU A 243 4.96 -65.50 15.37
C LEU A 243 4.04 -66.66 15.77
N ALA A 244 3.41 -66.59 16.93
CA ALA A 244 2.53 -67.67 17.36
C ALA A 244 1.29 -67.76 16.48
N GLU A 245 0.80 -68.99 16.31
CA GLU A 245 -0.39 -69.24 15.51
C GLU A 245 -1.65 -68.78 16.23
N GLY A 246 -2.68 -68.47 15.45
CA GLY A 246 -3.95 -68.03 16.02
C GLY A 246 -5.03 -68.08 14.95
N PHE A 247 -6.22 -67.63 15.35
CA PHE A 247 -7.37 -67.58 14.45
C PHE A 247 -7.20 -66.54 13.35
N ASP A 248 -6.11 -65.78 13.41
CA ASP A 248 -5.84 -64.72 12.45
C ASP A 248 -5.76 -65.24 11.02
N THR A 249 -6.47 -64.54 10.12
CA THR A 249 -6.46 -64.83 8.69
C THR A 249 -5.60 -63.82 7.95
N PHE A 250 -4.86 -62.99 8.68
CA PHE A 250 -3.97 -61.95 8.21
C PHE A 250 -2.55 -62.19 8.68
N PRO A 251 -1.55 -62.00 7.82
CA PRO A 251 -0.16 -62.18 8.26
C PRO A 251 0.28 -61.10 9.23
N THR A 252 -0.37 -59.94 9.21
CA THR A 252 -0.04 -58.83 10.09
C THR A 252 -0.39 -59.16 11.53
N LEU A 253 0.22 -58.44 12.45
CA LEU A 253 0.04 -58.65 13.88
C LEU A 253 -1.18 -57.85 14.37
N LEU A 254 -2.12 -58.54 14.99
CA LEU A 254 -3.31 -57.87 15.53
C LEU A 254 -2.92 -57.06 16.75
N CYS A 255 -3.46 -55.86 16.87
CA CYS A 255 -3.09 -55.00 17.98
C CYS A 255 -4.27 -54.27 18.57
N ALA A 256 -4.18 -54.02 19.88
CA ALA A 256 -5.17 -53.25 20.61
C ALA A 256 -4.78 -51.78 20.50
N ASP A 257 -5.74 -50.90 20.78
CA ASP A 257 -5.44 -49.47 20.68
C ASP A 257 -4.40 -49.05 21.71
N GLY A 258 -3.52 -48.14 21.31
CA GLY A 258 -2.47 -47.66 22.19
C GLY A 258 -1.30 -48.61 22.37
N CYS A 259 -0.92 -49.31 21.30
CA CYS A 259 0.17 -50.28 21.34
C CYS A 259 1.52 -49.75 20.88
N SER A 260 1.57 -48.56 20.31
CA SER A 260 2.81 -47.98 19.79
C SER A 260 3.00 -46.59 20.40
N MET A 261 4.00 -45.85 19.87
CA MET A 261 4.30 -44.47 20.29
C MET A 261 3.02 -43.76 20.68
N ILE A 262 1.94 -44.07 19.96
CA ILE A 262 0.61 -43.54 20.26
C ILE A 262 0.06 -44.51 21.29
N ASP A 263 0.38 -44.25 22.57
CA ASP A 263 -0.04 -45.09 23.68
C ASP A 263 -1.45 -44.77 24.20
N ARG A 264 -2.21 -43.96 23.47
CA ARG A 264 -3.56 -43.61 23.86
C ARG A 264 -4.49 -44.06 22.75
N ARG A 265 -5.79 -44.06 23.03
CA ARG A 265 -6.74 -44.50 22.01
C ARG A 265 -6.81 -43.46 20.89
N MET A 266 -6.41 -43.88 19.69
CA MET A 266 -6.42 -43.03 18.51
C MET A 266 -6.86 -43.77 17.26
N GLY A 267 -7.17 -45.05 17.35
CA GLY A 267 -7.56 -45.84 16.21
C GLY A 267 -6.43 -46.65 15.62
N VAL A 268 -5.42 -46.99 16.43
CA VAL A 268 -4.27 -47.76 15.97
C VAL A 268 -4.52 -49.24 16.23
N TYR A 269 -5.79 -49.58 16.48
CA TYR A 269 -6.14 -50.97 16.72
C TYR A 269 -6.12 -51.73 15.39
N GLY A 270 -5.96 -53.04 15.48
CA GLY A 270 -5.95 -53.84 14.27
C GLY A 270 -4.59 -54.15 13.72
N TYR A 271 -4.27 -53.60 12.54
CA TYR A 271 -2.99 -53.82 11.88
C TYR A 271 -2.41 -52.48 11.42
N PRO A 272 -1.95 -51.64 12.34
CA PRO A 272 -1.37 -50.35 11.94
C PRO A 272 -0.01 -50.52 11.26
N ILE A 273 0.26 -49.66 10.28
CA ILE A 273 1.52 -49.72 9.55
C ILE A 273 2.72 -49.54 10.47
N GLU A 274 2.55 -48.79 11.55
CA GLU A 274 3.67 -48.56 12.45
C GLU A 274 4.14 -49.88 13.05
N ILE A 275 3.21 -50.67 13.59
CA ILE A 275 3.57 -51.95 14.19
C ILE A 275 4.01 -52.95 13.12
N GLN A 276 3.35 -52.95 11.96
CA GLN A 276 3.74 -53.90 10.91
C GLN A 276 5.14 -53.60 10.38
N ALA A 277 5.47 -52.33 10.21
CA ALA A 277 6.79 -51.97 9.71
C ALA A 277 7.85 -52.30 10.75
N LEU A 278 7.58 -52.00 12.03
CA LEU A 278 8.55 -52.34 13.06
C LEU A 278 8.70 -53.86 13.14
N PHE A 279 7.61 -54.58 12.91
CA PHE A 279 7.61 -56.04 12.91
C PHE A 279 8.50 -56.58 11.80
N PHE A 280 8.35 -56.03 10.60
CA PHE A 280 9.17 -56.46 9.45
C PHE A 280 10.64 -56.18 9.71
N MET A 281 10.95 -54.99 10.21
CA MET A 281 12.33 -54.63 10.49
C MET A 281 12.91 -55.52 11.58
N ALA A 282 12.13 -55.80 12.62
CA ALA A 282 12.62 -56.66 13.69
C ALA A 282 12.84 -58.08 13.20
N LEU A 283 11.99 -58.57 12.30
CA LEU A 283 12.17 -59.92 11.77
C LEU A 283 13.47 -60.02 10.98
N ARG A 284 13.70 -59.07 10.06
CA ARG A 284 14.93 -59.14 9.28
C ARG A 284 16.15 -58.95 10.18
N SER A 285 16.07 -58.04 11.16
CA SER A 285 17.20 -57.86 12.06
C SER A 285 17.39 -59.08 12.95
N ALA A 286 16.33 -59.87 13.16
CA ALA A 286 16.47 -61.09 13.92
C ALA A 286 17.31 -62.08 13.13
N LEU A 287 17.06 -62.15 11.82
CA LEU A 287 17.88 -63.02 10.98
C LEU A 287 19.32 -62.52 10.90
N SER A 288 19.55 -61.21 11.11
CA SER A 288 20.89 -60.64 11.00
C SER A 288 21.86 -61.22 12.02
N MET A 289 21.37 -61.85 13.08
CA MET A 289 22.26 -62.44 14.07
C MET A 289 21.66 -63.73 14.64
N ASP A 293 21.46 -72.48 14.87
CA ASP A 293 21.80 -73.75 15.48
C ASP A 293 20.67 -74.77 15.33
N GLY A 294 20.56 -75.67 16.31
CA GLY A 294 19.53 -76.68 16.33
C GLY A 294 18.14 -76.11 16.43
N ASP A 295 17.82 -75.56 17.59
CA ASP A 295 16.51 -74.96 17.79
C ASP A 295 16.37 -73.66 17.02
N GLY A 296 17.49 -73.04 16.65
CA GLY A 296 17.44 -71.80 15.88
C GLY A 296 16.87 -71.96 14.49
N ARG A 297 17.20 -73.07 13.82
CA ARG A 297 16.73 -73.29 12.45
C ARG A 297 15.22 -73.36 12.35
N GLU A 298 14.56 -73.96 13.36
CA GLU A 298 13.11 -74.07 13.33
C GLU A 298 12.48 -72.67 13.34
N VAL A 299 12.99 -71.78 14.19
CA VAL A 299 12.48 -70.43 14.26
C VAL A 299 12.83 -69.64 13.00
N ILE A 300 14.01 -69.91 12.43
CA ILE A 300 14.43 -69.19 11.21
C ILE A 300 13.51 -69.50 10.05
N GLU A 301 13.06 -70.76 9.95
CA GLU A 301 12.14 -71.10 8.86
C GLU A 301 10.86 -70.29 8.98
N ARG A 302 10.33 -70.18 10.21
CA ARG A 302 9.13 -69.40 10.44
C ARG A 302 9.34 -67.93 10.09
N ILE A 303 10.49 -67.38 10.49
CA ILE A 303 10.77 -65.97 10.21
C ILE A 303 10.76 -65.72 8.70
N VAL A 304 11.40 -66.60 7.93
CA VAL A 304 11.44 -66.41 6.48
C VAL A 304 10.03 -66.53 5.89
N LYS A 305 9.26 -67.52 6.33
CA LYS A 305 7.92 -67.71 5.80
C LYS A 305 7.05 -66.49 6.06
N ARG A 306 7.04 -66.04 7.32
CA ARG A 306 6.25 -64.87 7.69
C ARG A 306 6.73 -63.62 6.97
N LEU A 307 8.05 -63.51 6.73
CA LEU A 307 8.54 -62.34 6.02
C LEU A 307 8.04 -62.31 4.58
N HIS A 308 7.94 -63.47 3.94
CA HIS A 308 7.43 -63.50 2.57
C HIS A 308 5.95 -63.14 2.55
N ALA A 309 5.16 -63.73 3.45
CA ALA A 309 3.75 -63.42 3.50
C ALA A 309 3.52 -61.95 3.81
N LEU A 310 4.37 -61.38 4.66
CA LEU A 310 4.27 -59.97 5.03
C LEU A 310 4.62 -59.07 3.86
N SER A 311 5.71 -59.37 3.16
CA SER A 311 6.09 -58.54 2.03
C SER A 311 4.96 -58.49 1.00
N PHE A 312 4.33 -59.64 0.74
CA PHE A 312 3.24 -59.64 -0.23
C PHE A 312 2.06 -58.81 0.28
N HIS A 313 1.56 -59.13 1.48
CA HIS A 313 0.39 -58.43 2.02
C HIS A 313 0.60 -56.93 2.12
N MET A 314 1.80 -56.50 2.53
CA MET A 314 2.08 -55.08 2.68
C MET A 314 2.23 -54.36 1.34
N ARG A 315 3.02 -54.92 0.42
CA ARG A 315 3.20 -54.23 -0.86
C ARG A 315 1.95 -54.25 -1.72
N ASN A 316 1.06 -55.24 -1.54
CA ASN A 316 -0.12 -55.28 -2.39
C ASN A 316 -1.36 -54.62 -1.78
N TYR A 317 -1.55 -54.68 -0.46
CA TYR A 317 -2.76 -54.09 0.11
C TYR A 317 -2.55 -52.73 0.76
N PHE A 318 -1.51 -52.59 1.58
CA PHE A 318 -1.29 -51.32 2.27
C PHE A 318 -0.80 -50.20 1.37
N TRP A 319 -0.15 -50.50 0.25
CA TRP A 319 0.34 -49.44 -0.63
C TRP A 319 -0.81 -48.69 -1.28
N LEU A 320 -0.63 -47.38 -1.48
CA LEU A 320 -1.67 -46.55 -2.06
C LEU A 320 -1.07 -45.37 -2.83
N ASP A 321 -1.39 -45.31 -4.11
CA ASP A 321 -1.00 -44.23 -5.01
C ASP A 321 -2.26 -43.75 -5.72
N HIS A 322 -2.11 -42.85 -6.67
CA HIS A 322 -3.28 -42.31 -7.36
C HIS A 322 -4.02 -43.39 -8.12
N GLN A 323 -3.29 -44.29 -8.79
CA GLN A 323 -3.92 -45.36 -9.56
C GLN A 323 -4.66 -46.34 -8.65
N ASN A 324 -4.03 -46.73 -7.53
CA ASN A 324 -4.68 -47.66 -6.62
C ASN A 324 -5.93 -47.05 -6.00
N LEU A 325 -5.87 -45.76 -5.65
CA LEU A 325 -7.04 -45.12 -5.07
C LEU A 325 -8.15 -45.04 -6.10
N ASN A 326 -7.80 -44.76 -7.35
CA ASN A 326 -8.81 -44.71 -8.41
C ASN A 326 -9.46 -46.08 -8.57
N ASP A 327 -8.68 -47.14 -8.44
CA ASP A 327 -9.22 -48.49 -8.57
C ASP A 327 -10.16 -48.82 -7.41
N ILE A 328 -9.75 -48.49 -6.18
CA ILE A 328 -10.60 -48.77 -5.02
C ILE A 328 -11.88 -47.96 -5.09
N TYR A 329 -11.83 -46.76 -5.70
CA TYR A 329 -13.02 -45.93 -5.82
C TYR A 329 -14.10 -46.60 -6.69
N ARG A 330 -13.67 -47.46 -7.62
CA ARG A 330 -14.55 -48.19 -8.53
C ARG A 330 -14.83 -49.63 -8.07
N PHE A 331 -14.50 -49.96 -6.84
CA PHE A 331 -14.68 -51.31 -6.33
C PHE A 331 -16.13 -51.77 -6.22
N LYS A 332 -16.34 -53.07 -6.40
CA LYS A 332 -17.62 -53.73 -6.25
C LYS A 332 -17.66 -54.29 -4.83
N THR A 333 -18.87 -54.43 -4.28
CA THR A 333 -19.00 -54.92 -2.92
C THR A 333 -19.60 -56.32 -2.85
N GLU A 334 -19.45 -56.92 -1.67
CA GLU A 334 -19.97 -58.26 -1.35
C GLU A 334 -19.41 -59.32 -2.31
N GLU A 335 -18.11 -59.52 -2.20
CA GLU A 335 -17.41 -60.50 -3.02
C GLU A 335 -17.07 -61.71 -2.14
N TYR A 336 -17.93 -62.73 -2.21
CA TYR A 336 -17.80 -63.97 -1.45
C TYR A 336 -17.21 -65.05 -2.36
N SER A 337 -15.88 -65.19 -2.33
CA SER A 337 -15.18 -66.17 -3.14
C SER A 337 -13.76 -66.29 -2.62
N HIS A 338 -13.12 -67.41 -2.95
CA HIS A 338 -11.74 -67.63 -2.51
C HIS A 338 -10.80 -66.57 -3.09
N THR A 339 -11.11 -66.04 -4.27
CA THR A 339 -10.28 -65.02 -4.90
C THR A 339 -11.18 -63.97 -5.53
N ALA A 340 -11.12 -62.74 -5.00
CA ALA A 340 -11.91 -61.63 -5.48
C ALA A 340 -11.03 -60.37 -5.50
N VAL A 341 -11.53 -59.32 -6.15
CA VAL A 341 -10.76 -58.08 -6.21
C VAL A 341 -10.90 -57.28 -4.91
N ASN A 342 -12.14 -57.01 -4.46
CA ASN A 342 -12.32 -56.29 -3.20
C ASN A 342 -12.30 -57.37 -2.13
N LYS A 343 -11.09 -57.76 -1.76
CA LYS A 343 -10.87 -58.84 -0.80
C LYS A 343 -11.38 -58.49 0.59
N PHE A 344 -11.23 -57.23 1.01
CA PHE A 344 -11.63 -56.84 2.36
C PHE A 344 -12.98 -56.14 2.41
N ASN A 345 -13.72 -56.11 1.31
CA ASN A 345 -15.06 -55.52 1.26
C ASN A 345 -15.09 -54.07 1.73
N VAL A 346 -14.25 -53.24 1.13
CA VAL A 346 -14.22 -51.83 1.49
C VAL A 346 -15.32 -51.11 0.73
N MET A 347 -16.05 -50.23 1.41
CA MET A 347 -17.12 -49.47 0.77
C MET A 347 -16.52 -48.30 0.02
N PRO A 348 -16.68 -48.21 -1.30
CA PRO A 348 -16.10 -47.07 -2.04
C PRO A 348 -16.62 -45.73 -1.57
N ASP A 349 -17.89 -45.66 -1.15
CA ASP A 349 -18.45 -44.40 -0.67
C ASP A 349 -17.91 -44.02 0.70
N SER A 350 -17.38 -44.99 1.46
CA SER A 350 -16.85 -44.70 2.78
C SER A 350 -15.48 -44.05 2.73
N ILE A 351 -14.85 -43.97 1.56
CA ILE A 351 -13.54 -43.32 1.46
C ILE A 351 -13.69 -41.84 1.78
N PRO A 352 -12.92 -41.29 2.71
CA PRO A 352 -13.07 -39.87 3.06
C PRO A 352 -12.73 -38.96 1.89
N GLU A 353 -13.37 -37.78 1.89
CA GLU A 353 -13.20 -36.80 0.83
C GLU A 353 -11.79 -36.20 0.79
N TRP A 354 -11.10 -36.14 1.93
CA TRP A 354 -9.76 -35.55 1.95
C TRP A 354 -8.73 -36.37 1.17
N VAL A 355 -8.96 -37.67 1.02
CA VAL A 355 -8.00 -38.53 0.33
C VAL A 355 -7.89 -38.17 -1.14
N PHE A 356 -9.03 -37.93 -1.81
CA PHE A 356 -8.99 -37.62 -3.23
C PHE A 356 -8.27 -36.31 -3.52
N ASP A 357 -8.44 -35.31 -2.66
CA ASP A 357 -7.75 -34.04 -2.88
C ASP A 357 -6.29 -34.12 -2.47
N PHE A 358 -5.99 -34.90 -1.43
CA PHE A 358 -4.62 -35.03 -0.94
C PHE A 358 -3.72 -35.84 -1.86
N MET A 359 -4.28 -36.82 -2.57
CA MET A 359 -3.48 -37.69 -3.44
C MET A 359 -2.93 -36.97 -4.67
N PRO A 360 -1.62 -36.85 -4.81
CA PRO A 360 -1.06 -36.21 -6.00
C PRO A 360 -0.94 -37.23 -7.13
N LEU A 361 -0.58 -36.72 -8.31
CA LEU A 361 -0.43 -37.61 -9.47
C LEU A 361 0.80 -38.51 -9.31
N ARG A 362 1.90 -37.94 -8.83
CA ARG A 362 3.14 -38.68 -8.59
C ARG A 362 3.36 -38.85 -7.10
N GLY A 363 3.65 -40.06 -6.68
CA GLY A 363 3.89 -40.35 -5.29
C GLY A 363 2.80 -41.23 -4.69
N GLY A 364 3.12 -41.80 -3.53
CA GLY A 364 2.21 -42.67 -2.82
C GLY A 364 2.71 -42.89 -1.41
N TYR A 365 1.97 -43.70 -0.66
CA TYR A 365 2.34 -44.00 0.72
C TYR A 365 1.62 -45.26 1.18
N PHE A 366 1.99 -45.72 2.37
CA PHE A 366 1.37 -46.90 2.95
C PHE A 366 0.18 -46.50 3.81
N VAL A 367 -0.95 -47.15 3.56
CA VAL A 367 -2.19 -46.86 4.27
C VAL A 367 -2.05 -47.21 5.75
N GLY A 368 -2.68 -46.39 6.60
CA GLY A 368 -2.55 -46.58 8.04
C GLY A 368 -3.02 -47.91 8.56
N ASN A 369 -4.10 -48.45 8.01
CA ASN A 369 -4.61 -49.72 8.53
C ASN A 369 -5.45 -50.41 7.47
N VAL A 370 -5.38 -51.75 7.47
CA VAL A 370 -6.12 -52.58 6.54
C VAL A 370 -6.62 -53.81 7.29
N GLY A 371 -7.94 -54.01 7.29
CA GLY A 371 -8.54 -55.13 7.96
C GLY A 371 -9.91 -55.45 7.39
N PRO A 372 -10.65 -56.35 8.05
CA PRO A 372 -11.99 -56.70 7.54
C PRO A 372 -12.93 -55.51 7.51
N ALA A 373 -13.29 -55.07 6.30
CA ALA A 373 -14.18 -53.94 6.06
C ALA A 373 -13.65 -52.63 6.64
N HIS A 374 -12.40 -52.60 7.11
CA HIS A 374 -11.81 -51.41 7.70
C HIS A 374 -10.53 -51.06 6.94
N MET A 375 -10.36 -49.76 6.67
CA MET A 375 -9.17 -49.30 5.96
C MET A 375 -8.95 -47.83 6.31
N ASP A 376 -8.02 -47.58 7.23
CA ASP A 376 -7.69 -46.23 7.70
C ASP A 376 -6.70 -45.58 6.73
N PHE A 377 -7.17 -44.58 5.99
CA PHE A 377 -6.37 -43.89 4.98
C PHE A 377 -5.36 -42.90 5.54
N ARG A 378 -5.25 -42.75 6.85
CA ARG A 378 -4.32 -41.78 7.41
C ARG A 378 -2.87 -42.13 7.15
N TRP A 379 -2.08 -41.11 6.85
CA TRP A 379 -0.65 -41.25 6.61
C TRP A 379 0.09 -41.18 7.94
N PHE A 380 0.84 -42.22 8.28
CA PHE A 380 1.59 -42.27 9.52
C PHE A 380 3.07 -42.17 9.17
N ALA A 381 3.76 -41.22 9.79
CA ALA A 381 5.17 -40.95 9.48
C ALA A 381 6.08 -42.11 9.84
N LEU A 382 6.05 -42.55 11.10
CA LEU A 382 6.95 -43.62 11.52
C LEU A 382 6.74 -44.90 10.71
N GLY A 383 5.49 -45.21 10.37
CA GLY A 383 5.24 -46.41 9.60
C GLY A 383 5.89 -46.38 8.23
N ASN A 384 5.73 -45.27 7.52
CA ASN A 384 6.32 -45.18 6.19
C ASN A 384 7.84 -45.12 6.25
N CYS A 385 8.38 -44.41 7.24
CA CYS A 385 9.84 -44.33 7.35
C CYS A 385 10.43 -45.71 7.66
N VAL A 386 9.80 -46.47 8.56
CA VAL A 386 10.32 -47.80 8.84
C VAL A 386 10.12 -48.71 7.63
N SER A 387 9.03 -48.52 6.88
CA SER A 387 8.83 -49.33 5.70
C SER A 387 9.94 -49.09 4.68
N ILE A 388 10.47 -47.87 4.66
CA ILE A 388 11.57 -47.55 3.76
C ILE A 388 12.90 -48.10 4.29
N LEU A 389 13.16 -47.90 5.59
CA LEU A 389 14.40 -48.36 6.18
C LEU A 389 14.51 -49.88 6.21
N SER A 390 13.41 -50.57 6.47
CA SER A 390 13.42 -52.03 6.53
C SER A 390 13.38 -52.68 5.15
N SER A 391 13.50 -51.88 4.08
CA SER A 391 13.44 -52.36 2.70
C SER A 391 12.11 -53.03 2.39
N LEU A 392 11.11 -52.84 3.25
CA LEU A 392 9.79 -53.40 3.01
C LEU A 392 9.17 -52.77 1.77
N ALA A 393 9.46 -51.49 1.55
CA ALA A 393 8.98 -50.77 0.39
C ALA A 393 9.99 -50.90 -0.74
N THR A 394 9.49 -51.11 -1.96
CA THR A 394 10.37 -51.22 -3.10
C THR A 394 11.04 -49.88 -3.37
N PRO A 395 12.16 -49.87 -4.09
CA PRO A 395 12.80 -48.58 -4.38
C PRO A 395 11.84 -47.61 -5.04
N ASP A 396 10.93 -48.12 -5.88
CA ASP A 396 9.94 -47.25 -6.50
C ASP A 396 8.96 -46.72 -5.46
N GLN A 397 8.56 -47.56 -4.50
CA GLN A 397 7.64 -47.09 -3.46
C GLN A 397 8.32 -46.07 -2.56
N SER A 398 9.61 -46.26 -2.28
CA SER A 398 10.33 -45.29 -1.46
C SER A 398 10.44 -43.97 -2.20
N MET A 399 10.72 -44.04 -3.51
CA MET A 399 10.80 -42.82 -4.30
C MET A 399 9.44 -42.14 -4.35
N ALA A 400 8.36 -42.93 -4.38
CA ALA A 400 7.02 -42.36 -4.38
C ALA A 400 6.71 -41.69 -3.06
N ILE A 401 7.17 -42.26 -1.95
CA ILE A 401 6.95 -41.65 -0.65
C ILE A 401 7.66 -40.32 -0.58
N MET A 402 8.90 -40.27 -1.10
CA MET A 402 9.63 -39.01 -1.12
C MET A 402 8.97 -38.00 -2.05
N ASP A 403 8.43 -38.49 -3.18
CA ASP A 403 7.74 -37.60 -4.11
C ASP A 403 6.52 -36.98 -3.45
N LEU A 404 5.75 -37.80 -2.72
CA LEU A 404 4.57 -37.29 -2.03
C LEU A 404 4.99 -36.31 -0.95
N LEU A 405 6.12 -36.56 -0.29
CA LEU A 405 6.60 -35.65 0.73
C LEU A 405 6.98 -34.30 0.13
N GLU A 406 7.51 -34.32 -1.10
CA GLU A 406 7.88 -33.07 -1.75
C GLU A 406 6.67 -32.30 -2.25
N HIS A 407 5.66 -33.01 -2.78
CA HIS A 407 4.49 -32.34 -3.31
C HIS A 407 3.58 -31.79 -2.22
N ARG A 408 3.15 -32.65 -1.29
CA ARG A 408 2.30 -32.22 -0.18
C ARG A 408 3.14 -32.00 1.06
N TRP A 409 4.12 -31.09 0.91
CA TRP A 409 5.06 -30.80 1.98
C TRP A 409 4.41 -30.05 3.15
N ALA A 410 3.66 -28.99 2.84
CA ALA A 410 3.05 -28.20 3.91
C ALA A 410 2.10 -29.02 4.77
N GLU A 411 1.52 -30.08 4.22
CA GLU A 411 0.59 -30.90 5.00
C GLU A 411 1.33 -31.87 5.93
N LEU A 412 2.28 -32.63 5.39
CA LEU A 412 2.99 -33.61 6.20
C LEU A 412 4.10 -33.01 7.06
N VAL A 413 4.61 -31.83 6.71
CA VAL A 413 5.68 -31.22 7.49
C VAL A 413 5.27 -29.84 7.97
N GLY A 414 4.97 -28.94 7.05
CA GLY A 414 4.59 -27.60 7.46
C GLY A 414 5.77 -26.81 8.00
N GLU A 415 5.48 -25.96 8.98
CA GLU A 415 6.51 -25.14 9.60
C GLU A 415 7.33 -25.87 10.65
N MET A 416 7.00 -27.13 10.94
CA MET A 416 7.76 -27.85 11.95
C MET A 416 7.69 -29.36 11.71
N PRO A 417 8.79 -30.02 11.33
CA PRO A 417 8.74 -31.47 11.13
C PRO A 417 8.80 -32.20 12.46
N LEU A 418 8.16 -33.36 12.52
CA LEU A 418 7.33 -33.88 11.45
C LEU A 418 5.96 -34.27 12.02
N LYS A 419 4.91 -34.09 11.24
CA LYS A 419 3.58 -34.45 11.71
C LYS A 419 3.52 -35.95 11.95
N ILE A 420 2.97 -36.35 13.09
CA ILE A 420 2.91 -37.77 13.42
C ILE A 420 1.92 -38.50 12.53
N CYS A 421 0.85 -37.82 12.10
CA CYS A 421 -0.15 -38.43 11.23
C CYS A 421 -0.95 -37.33 10.56
N TYR A 422 -1.45 -37.63 9.35
CA TYR A 422 -2.23 -36.67 8.60
C TYR A 422 -3.40 -37.37 7.92
N PRO A 423 -4.63 -36.83 8.01
CA PRO A 423 -4.92 -35.61 8.77
C PRO A 423 -5.30 -35.96 10.21
N CYS A 424 -5.96 -35.04 10.90
CA CYS A 424 -6.36 -35.25 12.28
C CYS A 424 -7.87 -35.48 12.37
N LEU A 425 -8.27 -36.15 13.45
CA LEU A 425 -9.67 -36.43 13.69
C LEU A 425 -10.35 -35.19 14.26
N GLU A 426 -11.50 -34.82 13.71
CA GLU A 426 -12.21 -33.64 14.15
C GLU A 426 -13.69 -33.92 14.37
N GLY A 427 -14.25 -33.22 15.35
CA GLY A 427 -15.66 -33.32 15.69
C GLY A 427 -16.13 -34.70 16.11
N HIS A 428 -17.13 -35.19 15.38
CA HIS A 428 -17.72 -36.49 15.70
C HIS A 428 -16.70 -37.62 15.65
N GLU A 429 -15.78 -37.57 14.69
CA GLU A 429 -14.77 -38.61 14.64
C GLU A 429 -13.98 -38.63 15.94
N TRP A 430 -13.63 -37.44 16.43
CA TRP A 430 -12.89 -37.33 17.68
C TRP A 430 -13.72 -37.90 18.82
N ARG A 431 -15.04 -37.72 18.76
CA ARG A 431 -15.93 -38.24 19.78
C ARG A 431 -15.91 -39.77 19.80
N ILE A 432 -15.90 -40.38 18.62
CA ILE A 432 -15.98 -41.83 18.51
C ILE A 432 -14.61 -42.51 18.51
N VAL A 433 -13.66 -42.01 17.73
CA VAL A 433 -12.36 -42.68 17.65
C VAL A 433 -11.53 -42.47 18.91
N THR A 434 -11.37 -41.23 19.36
CA THR A 434 -10.58 -40.97 20.55
C THR A 434 -11.33 -41.17 21.84
N GLY A 435 -12.65 -41.37 21.79
CA GLY A 435 -13.40 -41.55 23.02
C GLY A 435 -13.41 -40.30 23.85
N CYS A 436 -13.46 -39.13 23.21
CA CYS A 436 -13.46 -37.83 23.88
C CYS A 436 -12.22 -37.66 24.77
N ASP A 437 -11.07 -38.04 24.23
CA ASP A 437 -9.81 -37.91 24.96
C ASP A 437 -9.31 -36.48 24.77
N PRO A 438 -9.18 -35.68 25.83
CA PRO A 438 -8.76 -34.28 25.64
C PRO A 438 -7.31 -34.06 25.30
N LYS A 439 -6.42 -35.04 25.48
CA LYS A 439 -5.04 -34.76 25.12
C LYS A 439 -4.80 -34.83 23.62
N ASN A 440 -5.70 -35.47 22.88
CA ASN A 440 -5.56 -35.59 21.42
C ASN A 440 -6.55 -34.70 20.68
N THR A 441 -6.50 -33.38 20.90
CA THR A 441 -7.42 -32.47 20.25
C THR A 441 -6.99 -32.27 18.79
N ARG A 442 -7.61 -31.29 18.13
CA ARG A 442 -7.32 -31.01 16.72
C ARG A 442 -5.86 -30.61 16.55
N TRP A 443 -5.15 -31.34 15.68
CA TRP A 443 -3.74 -31.09 15.40
C TRP A 443 -2.96 -30.99 16.71
N SER A 444 -3.12 -32.02 17.55
CA SER A 444 -2.49 -32.08 18.86
C SER A 444 -1.63 -33.32 19.04
N TYR A 445 -1.31 -33.64 20.30
CA TYR A 445 -0.41 -34.68 20.75
C TYR A 445 -0.25 -35.89 19.83
N HIS A 446 -1.28 -36.70 19.65
CA HIS A 446 -1.19 -37.81 18.71
C HIS A 446 -2.05 -37.60 17.49
N ASN A 447 -3.06 -36.72 17.60
CA ASN A 447 -4.00 -36.45 16.52
C ASN A 447 -3.51 -35.30 15.63
N GLY A 448 -2.50 -35.63 14.82
CA GLY A 448 -1.95 -34.65 13.89
C GLY A 448 -0.91 -33.68 14.42
N GLY A 449 -0.32 -33.94 15.58
CA GLY A 449 0.69 -33.05 16.11
C GLY A 449 2.05 -33.25 15.45
N SER A 450 2.84 -32.18 15.49
CA SER A 450 4.18 -32.20 14.92
C SER A 450 5.17 -32.65 15.98
N TRP A 451 5.94 -33.69 15.67
CA TRP A 451 6.92 -34.26 16.59
C TRP A 451 8.32 -34.03 16.07
N PRO A 452 9.18 -33.32 16.80
CA PRO A 452 10.55 -33.08 16.30
C PRO A 452 11.41 -34.32 16.23
N VAL A 453 11.24 -35.26 17.16
CA VAL A 453 12.09 -36.47 17.17
C VAL A 453 11.96 -37.26 15.88
N LEU A 454 10.78 -37.24 15.25
CA LEU A 454 10.60 -37.98 14.01
C LEU A 454 11.58 -37.53 12.95
N LEU A 455 12.21 -36.38 13.15
CA LEU A 455 13.19 -35.88 12.18
C LEU A 455 14.23 -36.93 11.87
N TRP A 456 14.77 -37.60 12.90
CA TRP A 456 15.81 -38.59 12.60
C TRP A 456 15.28 -39.68 11.69
N GLN A 457 14.05 -40.17 11.94
CA GLN A 457 13.50 -41.18 11.05
C GLN A 457 13.42 -40.62 9.63
N LEU A 458 12.94 -39.38 9.49
CA LEU A 458 12.87 -38.76 8.18
C LEU A 458 14.25 -38.65 7.56
N THR A 459 15.26 -38.38 8.38
CA THR A 459 16.62 -38.23 7.87
C THR A 459 17.15 -39.54 7.30
N ALA A 460 17.13 -40.61 8.11
CA ALA A 460 17.65 -41.88 7.63
C ALA A 460 16.96 -42.31 6.36
N ALA A 461 15.62 -42.31 6.37
CA ALA A 461 14.86 -42.71 5.20
C ALA A 461 15.25 -41.86 3.99
N CYS A 462 15.57 -40.58 4.21
CA CYS A 462 15.96 -39.74 3.09
C CYS A 462 17.32 -40.12 2.55
N ILE A 463 18.26 -40.52 3.41
CA ILE A 463 19.58 -40.89 2.93
C ILE A 463 19.54 -42.22 2.19
N LYS A 464 18.76 -43.17 2.68
CA LYS A 464 18.66 -44.48 2.03
C LYS A 464 18.02 -44.37 0.65
N THR A 465 17.12 -43.42 0.45
CA THR A 465 16.45 -43.22 -0.83
C THR A 465 17.21 -42.30 -1.78
N GLY A 466 18.31 -41.69 -1.32
CA GLY A 466 19.06 -40.80 -2.18
C GLY A 466 18.46 -39.43 -2.36
N ARG A 467 17.73 -38.92 -1.36
CA ARG A 467 17.12 -37.60 -1.41
C ARG A 467 17.51 -36.83 -0.16
N PRO A 468 18.78 -36.45 -0.04
CA PRO A 468 19.22 -35.71 1.16
C PRO A 468 18.66 -34.30 1.24
N GLN A 469 18.29 -33.69 0.12
CA GLN A 469 17.78 -32.32 0.14
C GLN A 469 16.51 -32.19 0.98
N ILE A 470 15.67 -33.23 1.02
CA ILE A 470 14.45 -33.16 1.83
C ILE A 470 14.84 -33.07 3.30
N ALA A 471 15.77 -33.92 3.72
CA ALA A 471 16.24 -33.90 5.10
C ALA A 471 16.95 -32.59 5.40
N ARG A 472 17.63 -32.01 4.41
CA ARG A 472 18.33 -30.74 4.62
C ARG A 472 17.31 -29.63 4.86
N ARG A 473 16.21 -29.65 4.11
CA ARG A 473 15.17 -28.64 4.30
C ARG A 473 14.57 -28.78 5.69
N ALA A 474 14.28 -30.02 6.11
CA ALA A 474 13.71 -30.24 7.43
C ALA A 474 14.70 -29.84 8.54
N VAL A 475 16.00 -30.09 8.32
CA VAL A 475 17.00 -29.74 9.31
C VAL A 475 17.09 -28.22 9.45
N ASP A 476 17.04 -27.50 8.33
CA ASP A 476 17.08 -26.04 8.44
C ASP A 476 15.82 -25.50 9.10
N LEU A 477 14.69 -26.18 8.89
CA LEU A 477 13.45 -25.74 9.55
C LEU A 477 13.52 -25.97 11.05
N ILE A 478 14.13 -27.07 11.47
CA ILE A 478 14.23 -27.40 12.89
C ILE A 478 15.30 -26.58 13.61
N GLU A 479 16.44 -26.32 12.95
CA GLU A 479 17.52 -25.56 13.58
C GLU A 479 17.14 -24.10 13.85
N SER A 480 15.99 -23.63 13.37
CA SER A 480 15.60 -22.25 13.58
C SER A 480 14.65 -22.05 14.75
N ARG A 481 13.96 -23.11 15.22
CA ARG A 481 13.01 -22.96 16.32
C ARG A 481 13.11 -23.99 17.42
N LEU A 482 13.72 -25.16 17.18
CA LEU A 482 13.79 -26.17 18.24
C LEU A 482 14.58 -25.68 19.45
N HIS A 483 15.73 -25.05 19.21
CA HIS A 483 16.55 -24.58 20.32
C HIS A 483 15.93 -23.38 21.03
N ARG A 484 15.27 -22.50 20.28
CA ARG A 484 14.66 -21.32 20.90
C ARG A 484 13.53 -21.66 21.86
N ASP A 485 12.82 -22.76 21.62
CA ASP A 485 11.70 -23.16 22.46
C ASP A 485 12.10 -24.11 23.59
N CYS A 486 13.38 -24.24 23.88
CA CYS A 486 13.89 -25.10 24.96
C CYS A 486 13.55 -26.57 24.74
N TRP A 487 13.63 -27.02 23.48
CA TRP A 487 13.40 -28.41 23.08
C TRP A 487 12.06 -28.97 23.53
N PRO A 488 10.95 -28.55 22.93
CA PRO A 488 9.64 -29.06 23.34
C PRO A 488 9.43 -30.52 22.96
N GLU A 489 8.45 -31.14 23.64
CA GLU A 489 8.11 -32.53 23.38
C GLU A 489 7.41 -32.69 22.03
N TYR A 490 6.44 -31.83 21.74
CA TYR A 490 5.68 -31.88 20.49
C TYR A 490 5.09 -30.50 20.21
N TYR A 491 4.70 -30.31 18.94
CA TYR A 491 4.12 -29.06 18.48
C TYR A 491 2.70 -29.30 17.99
N ASP A 492 1.89 -28.25 18.06
CA ASP A 492 0.50 -28.30 17.64
C ASP A 492 0.22 -27.28 16.54
N GLY A 493 -0.87 -27.52 15.81
CA GLY A 493 -1.27 -26.63 14.75
C GLY A 493 -1.18 -27.30 13.39
N LYS A 494 -1.87 -26.70 12.41
CA LYS A 494 -1.85 -27.24 11.06
C LYS A 494 -0.45 -27.16 10.45
N LEU A 495 0.33 -26.17 10.88
CA LEU A 495 1.70 -25.99 10.43
C LEU A 495 2.71 -26.26 11.52
N GLY A 496 2.26 -26.50 12.76
CA GLY A 496 3.18 -26.73 13.85
C GLY A 496 3.78 -25.46 14.40
N ARG A 497 3.18 -24.31 14.06
CA ARG A 497 3.66 -23.01 14.52
C ARG A 497 3.55 -22.83 16.02
N TYR A 498 2.67 -23.56 16.68
CA TYR A 498 2.44 -23.44 18.11
C TYR A 498 3.06 -24.59 18.90
N VAL A 499 3.52 -24.27 20.10
CA VAL A 499 4.09 -25.29 20.97
C VAL A 499 2.95 -26.21 21.43
N GLY A 500 3.30 -27.45 21.78
CA GLY A 500 2.28 -28.40 22.20
C GLY A 500 1.45 -27.90 23.35
N LYS A 501 0.21 -28.40 23.42
CA LYS A 501 -0.71 -28.01 24.47
C LYS A 501 -0.21 -28.46 25.84
N GLN A 502 0.33 -29.67 25.91
CA GLN A 502 0.87 -30.23 27.15
C GLN A 502 2.28 -30.75 26.93
N ALA A 503 3.02 -30.07 26.05
CA ALA A 503 4.38 -30.47 25.73
C ALA A 503 5.35 -30.16 26.86
N ARG A 504 6.22 -31.12 27.15
CA ARG A 504 7.24 -30.95 28.18
C ARG A 504 8.50 -30.37 27.53
N LYS A 505 9.02 -29.30 28.12
CA LYS A 505 10.23 -28.71 27.57
C LYS A 505 11.42 -29.57 27.94
N TYR A 506 12.45 -29.53 27.10
CA TYR A 506 13.68 -30.29 27.29
C TYR A 506 13.43 -31.79 27.25
N GLN A 507 12.66 -32.23 26.25
CA GLN A 507 12.40 -33.66 26.12
C GLN A 507 13.67 -34.32 25.60
N THR A 508 14.03 -35.46 26.20
CA THR A 508 15.28 -36.14 25.85
C THR A 508 15.33 -36.57 24.39
N TRP A 509 14.33 -37.29 23.92
CA TRP A 509 14.42 -37.74 22.54
C TRP A 509 14.21 -36.63 21.52
N SER A 510 13.59 -35.52 21.90
CA SER A 510 13.47 -34.43 20.93
C SER A 510 14.84 -33.86 20.60
N ILE A 511 15.76 -33.92 21.56
CA ILE A 511 17.13 -33.45 21.37
C ILE A 511 17.95 -34.54 20.68
N ALA A 512 17.79 -35.79 21.14
CA ALA A 512 18.54 -36.90 20.57
C ALA A 512 18.22 -37.10 19.10
N GLY A 513 16.97 -36.88 18.70
CA GLY A 513 16.62 -37.05 17.30
C GLY A 513 17.31 -36.02 16.43
N TYR A 514 17.39 -34.78 16.92
CA TYR A 514 18.07 -33.74 16.17
C TYR A 514 19.56 -34.08 16.02
N LEU A 515 20.16 -34.55 17.11
CA LEU A 515 21.58 -34.92 17.06
C LEU A 515 21.81 -36.07 16.08
N VAL A 516 20.94 -37.08 16.10
CA VAL A 516 21.08 -38.22 15.21
C VAL A 516 20.91 -37.79 13.76
N ALA A 517 19.95 -36.90 13.50
CA ALA A 517 19.73 -36.44 12.13
C ALA A 517 20.94 -35.66 11.63
N LYS A 518 21.52 -34.80 12.48
CA LYS A 518 22.68 -34.04 12.03
C LYS A 518 23.87 -34.95 11.79
N MET A 519 24.07 -35.95 12.66
CA MET A 519 25.19 -36.87 12.47
C MET A 519 24.99 -37.72 11.22
N LEU A 520 23.74 -38.04 10.89
CA LEU A 520 23.48 -38.82 9.68
C LEU A 520 23.74 -37.97 8.44
N LEU A 521 23.39 -36.67 8.51
CA LEU A 521 23.66 -35.79 7.38
C LEU A 521 25.17 -35.60 7.20
N GLU A 522 25.91 -35.56 8.29
CA GLU A 522 27.36 -35.37 8.21
C GLU A 522 28.06 -36.63 7.70
N ASP A 523 27.59 -37.81 8.12
CA ASP A 523 28.18 -39.09 7.72
C ASP A 523 27.10 -40.06 7.32
N PRO A 524 26.73 -40.12 6.03
CA PRO A 524 25.68 -41.05 5.61
C PRO A 524 26.03 -42.52 5.80
N SER A 525 27.32 -42.84 5.96
CA SER A 525 27.73 -44.22 6.16
C SER A 525 27.08 -44.87 7.36
N HIS A 526 26.47 -44.08 8.25
CA HIS A 526 25.80 -44.59 9.43
C HIS A 526 24.42 -45.18 9.16
N ILE A 527 23.83 -44.93 7.98
CA ILE A 527 22.49 -45.46 7.72
C ILE A 527 22.47 -46.97 7.70
N GLY A 528 23.60 -47.62 7.46
CA GLY A 528 23.62 -49.06 7.50
C GLY A 528 23.31 -49.60 8.88
N MET A 529 23.55 -48.77 9.90
CA MET A 529 23.27 -49.12 11.29
C MET A 529 21.78 -49.22 11.55
N ILE A 530 20.95 -48.59 10.72
CA ILE A 530 19.50 -48.59 10.92
C ILE A 530 18.74 -48.97 9.64
N SER A 531 19.44 -49.54 8.66
CA SER A 531 18.79 -49.91 7.41
C SER A 531 19.31 -51.26 6.91
N LEU A 532 18.56 -51.83 5.98
CA LEU A 532 18.87 -53.12 5.36
C LEU A 532 18.73 -53.01 3.84
N GLU A 533 18.78 -54.13 3.13
CA GLU A 533 18.65 -54.12 1.67
C GLU A 533 17.67 -55.19 1.21
N HIS B 82 -46.67 -76.21 20.05
CA HIS B 82 -47.64 -77.26 19.74
C HIS B 82 -48.21 -77.20 18.32
N PRO B 83 -48.77 -76.04 17.88
CA PRO B 83 -49.33 -76.01 16.52
C PRO B 83 -48.30 -76.16 15.42
N MET B 84 -47.31 -75.27 15.38
CA MET B 84 -46.28 -75.28 14.36
C MET B 84 -45.03 -76.08 14.73
N MET B 85 -45.13 -77.11 15.56
CA MET B 85 -43.90 -77.85 15.80
C MET B 85 -43.70 -78.95 14.78
N ALA B 86 -44.79 -79.53 14.26
CA ALA B 86 -44.63 -80.55 13.24
C ALA B 86 -44.20 -79.90 11.93
N GLU B 87 -44.77 -78.73 11.62
CA GLU B 87 -44.38 -78.02 10.40
C GLU B 87 -42.92 -77.62 10.49
N ALA B 88 -42.51 -77.12 11.65
CA ALA B 88 -41.13 -76.71 11.87
C ALA B 88 -40.20 -77.91 11.75
N TRP B 89 -40.65 -79.08 12.24
CA TRP B 89 -39.78 -80.23 12.12
C TRP B 89 -39.70 -80.71 10.68
N GLU B 90 -40.77 -80.56 9.90
CA GLU B 90 -40.67 -80.93 8.49
C GLU B 90 -39.64 -80.04 7.81
N ALA B 91 -39.67 -78.75 8.14
CA ALA B 91 -38.70 -77.82 7.56
C ALA B 91 -37.29 -78.18 8.01
N LEU B 92 -37.12 -78.55 9.29
CA LEU B 92 -35.80 -78.91 9.80
C LEU B 92 -35.26 -80.17 9.14
N ARG B 93 -36.11 -81.18 8.93
CA ARG B 93 -35.66 -82.41 8.29
C ARG B 93 -35.44 -82.22 6.81
N ARG B 94 -36.10 -81.24 6.18
CA ARG B 94 -35.88 -81.00 4.77
C ARG B 94 -34.54 -80.30 4.54
N SER B 95 -34.02 -79.61 5.54
CA SER B 95 -32.75 -78.89 5.46
C SER B 95 -31.55 -79.76 5.82
N MET B 96 -31.66 -81.09 5.67
CA MET B 96 -30.55 -81.96 6.01
C MET B 96 -29.65 -82.17 4.79
N VAL B 97 -28.35 -82.23 5.05
CA VAL B 97 -27.33 -82.39 4.04
C VAL B 97 -26.67 -83.75 4.25
N PHE B 98 -26.60 -84.54 3.18
CA PHE B 98 -26.01 -85.87 3.27
C PHE B 98 -24.69 -85.88 2.53
N PHE B 99 -23.70 -86.54 3.12
CA PHE B 99 -22.36 -86.66 2.56
C PHE B 99 -21.95 -88.12 2.66
N ARG B 100 -21.78 -88.77 1.51
CA ARG B 100 -21.42 -90.19 1.44
C ARG B 100 -22.51 -91.05 2.08
N GLY B 101 -23.76 -90.62 1.93
CA GLY B 101 -24.88 -91.36 2.47
C GLY B 101 -25.39 -90.87 3.82
N GLN B 102 -24.54 -90.92 4.85
CA GLN B 102 -24.97 -90.51 6.17
C GLN B 102 -25.05 -88.98 6.27
N PRO B 103 -26.04 -88.45 7.00
CA PRO B 103 -26.20 -87.00 7.13
C PRO B 103 -25.09 -86.37 7.95
N VAL B 104 -24.54 -85.27 7.43
CA VAL B 104 -23.44 -84.58 8.10
C VAL B 104 -23.92 -83.34 8.85
N GLY B 105 -24.97 -82.68 8.38
CA GLY B 105 -25.44 -81.49 9.05
C GLY B 105 -26.70 -80.93 8.42
N THR B 106 -26.99 -79.68 8.77
CA THR B 106 -28.13 -78.96 8.23
C THR B 106 -27.65 -77.74 7.44
N LEU B 107 -28.50 -77.31 6.51
CA LEU B 107 -28.20 -76.16 5.67
C LEU B 107 -28.29 -74.86 6.48
N ALA B 108 -28.01 -73.75 5.81
CA ALA B 108 -28.09 -72.42 6.39
C ALA B 108 -29.41 -71.75 6.06
N ALA B 109 -29.85 -71.88 4.80
CA ALA B 109 -31.10 -71.35 4.30
C ALA B 109 -31.65 -72.32 3.25
N VAL B 110 -32.97 -72.49 3.24
CA VAL B 110 -33.62 -73.39 2.30
C VAL B 110 -34.59 -72.55 1.48
N ASP B 111 -34.12 -72.06 0.34
CA ASP B 111 -34.94 -71.24 -0.54
C ASP B 111 -35.13 -71.91 -1.89
N GLN B 122 -24.75 -73.54 2.62
CA GLN B 122 -23.83 -74.56 3.11
C GLN B 122 -24.07 -74.83 4.59
N VAL B 123 -23.21 -75.66 5.17
CA VAL B 123 -23.30 -76.03 6.59
C VAL B 123 -22.39 -75.12 7.42
N PHE B 124 -23.00 -74.19 8.15
CA PHE B 124 -22.25 -73.29 9.02
C PHE B 124 -22.24 -73.89 10.43
N VAL B 125 -21.20 -73.54 11.19
CA VAL B 125 -21.08 -74.08 12.55
C VAL B 125 -22.17 -73.52 13.45
N ARG B 126 -22.19 -72.19 13.60
CA ARG B 126 -23.19 -71.55 14.44
C ARG B 126 -24.59 -71.82 13.92
N ASP B 127 -24.76 -71.97 12.61
CA ASP B 127 -26.07 -72.24 12.06
C ASP B 127 -26.52 -73.66 12.41
N PHE B 128 -25.57 -74.58 12.55
CA PHE B 128 -25.88 -75.97 12.88
C PHE B 128 -26.03 -76.23 14.37
N VAL B 129 -25.51 -75.34 15.22
CA VAL B 129 -25.60 -75.57 16.67
C VAL B 129 -27.04 -75.84 17.13
N PRO B 130 -28.03 -74.98 16.85
CA PRO B 130 -29.41 -75.30 17.33
C PRO B 130 -29.98 -76.56 16.70
N SER B 131 -29.69 -76.82 15.42
CA SER B 131 -30.21 -78.03 14.80
C SER B 131 -29.63 -79.26 15.50
N ALA B 132 -28.35 -79.18 15.88
CA ALA B 132 -27.73 -80.29 16.58
C ALA B 132 -28.36 -80.49 17.95
N LEU B 133 -28.66 -79.40 18.65
CA LEU B 133 -29.30 -79.56 19.96
C LEU B 133 -30.70 -80.15 19.82
N ALA B 134 -31.41 -79.76 18.75
CA ALA B 134 -32.74 -80.30 18.52
C ALA B 134 -32.69 -81.80 18.27
N PHE B 135 -31.76 -82.23 17.43
CA PHE B 135 -31.62 -83.66 17.16
C PHE B 135 -31.15 -84.42 18.39
N LEU B 136 -30.28 -83.79 19.20
CA LEU B 136 -29.81 -84.46 20.41
C LEU B 136 -30.95 -84.66 21.40
N MET B 137 -31.85 -83.68 21.50
CA MET B 137 -32.96 -83.81 22.42
C MET B 137 -34.02 -84.77 21.88
N ASN B 138 -34.17 -84.86 20.56
CA ASN B 138 -35.15 -85.79 19.99
C ASN B 138 -34.70 -87.24 20.04
N GLY B 139 -33.41 -87.49 20.21
CA GLY B 139 -32.87 -88.84 20.24
C GLY B 139 -32.23 -89.30 18.96
N GLU B 140 -31.74 -88.40 18.12
CA GLU B 140 -31.07 -88.72 16.86
C GLU B 140 -29.70 -88.06 16.90
N PRO B 141 -28.76 -88.61 17.67
CA PRO B 141 -27.43 -88.00 17.80
C PRO B 141 -26.39 -88.43 16.77
N ASP B 142 -26.73 -89.24 15.78
CA ASP B 142 -25.73 -89.64 14.80
C ASP B 142 -25.31 -88.49 13.90
N ILE B 143 -26.23 -87.58 13.60
CA ILE B 143 -25.89 -86.45 12.74
C ILE B 143 -24.87 -85.56 13.44
N VAL B 144 -25.00 -85.40 14.76
CA VAL B 144 -24.05 -84.59 15.52
C VAL B 144 -22.68 -85.24 15.49
N LYS B 145 -22.64 -86.57 15.57
CA LYS B 145 -21.37 -87.29 15.53
C LYS B 145 -20.69 -87.10 14.19
N HIS B 146 -21.46 -87.25 13.10
CA HIS B 146 -20.89 -87.08 11.76
C HIS B 146 -20.40 -85.66 11.57
N PHE B 147 -21.15 -84.68 12.08
CA PHE B 147 -20.76 -83.28 11.94
C PHE B 147 -19.45 -83.00 12.68
N LEU B 148 -19.37 -83.42 13.94
CA LEU B 148 -18.17 -83.18 14.72
C LEU B 148 -16.95 -83.85 14.08
N LEU B 149 -17.12 -85.09 13.62
CA LEU B 149 -15.98 -85.80 13.01
C LEU B 149 -15.55 -85.17 11.69
N LYS B 150 -16.51 -84.78 10.84
CA LYS B 150 -16.10 -84.19 9.57
C LYS B 150 -15.46 -82.82 9.78
N THR B 151 -15.98 -82.04 10.73
CA THR B 151 -15.37 -80.75 11.00
C THR B 151 -13.97 -80.95 11.57
N LEU B 152 -13.78 -82.02 12.34
CA LEU B 152 -12.45 -82.32 12.87
C LEU B 152 -11.51 -82.65 11.72
N GLN B 153 -11.99 -83.40 10.72
CA GLN B 153 -11.15 -83.69 9.57
C GLN B 153 -10.78 -82.42 8.83
N LEU B 154 -11.74 -81.49 8.72
CA LEU B 154 -11.46 -80.22 8.06
C LEU B 154 -10.44 -79.41 8.84
N GLN B 155 -10.40 -79.58 10.16
CA GLN B 155 -9.42 -78.86 10.98
C GLN B 155 -7.99 -79.28 10.64
N GLY B 156 -7.81 -80.51 10.18
CA GLY B 156 -6.49 -81.03 9.83
C GLY B 156 -6.07 -80.73 8.40
N TRP B 157 -6.73 -79.79 7.74
CA TRP B 157 -6.40 -79.42 6.37
C TRP B 157 -5.28 -78.41 6.29
N GLU B 158 -4.69 -78.32 5.09
CA GLU B 158 -3.63 -77.35 4.80
C GLU B 158 -4.33 -76.10 4.27
N LYS B 159 -4.46 -75.10 5.12
CA LYS B 159 -5.12 -73.85 4.78
C LYS B 159 -4.09 -72.80 4.38
N ARG B 160 -4.41 -72.02 3.35
CA ARG B 160 -3.51 -71.00 2.87
C ARG B 160 -4.30 -69.77 2.42
N VAL B 161 -3.82 -68.58 2.78
CA VAL B 161 -4.47 -67.32 2.42
C VAL B 161 -3.40 -66.47 1.74
N ASP B 162 -3.43 -66.46 0.41
CA ASP B 162 -2.60 -65.77 -0.58
C ASP B 162 -1.14 -66.18 -0.58
N ARG B 163 -0.53 -66.30 0.60
CA ARG B 163 0.85 -66.77 0.79
C ARG B 163 1.06 -67.15 2.26
N PHE B 164 0.01 -67.05 3.06
CA PHE B 164 0.07 -67.27 4.50
C PHE B 164 -0.64 -68.56 4.88
N LYS B 165 0.09 -69.45 5.54
CA LYS B 165 -0.47 -70.73 6.00
C LYS B 165 -1.21 -70.46 7.31
N LEU B 166 -2.49 -70.82 7.36
CA LEU B 166 -3.31 -70.58 8.54
C LEU B 166 -2.90 -71.50 9.69
N GLY B 167 -3.48 -71.19 10.86
CA GLY B 167 -3.17 -71.96 12.06
C GLY B 167 -3.56 -73.42 11.95
N GLU B 168 -2.94 -74.21 12.82
CA GLU B 168 -3.19 -75.66 12.83
C GLU B 168 -4.57 -75.98 13.37
N GLY B 169 -4.99 -75.35 14.47
CA GLY B 169 -6.27 -75.60 15.08
C GLY B 169 -7.42 -74.78 14.54
N VAL B 170 -7.22 -74.04 13.45
CA VAL B 170 -8.27 -73.21 12.89
C VAL B 170 -9.40 -74.09 12.37
N MET B 171 -10.63 -73.83 12.84
CA MET B 171 -11.86 -74.52 12.46
C MET B 171 -12.55 -73.75 11.34
N PRO B 172 -13.14 -74.44 10.38
CA PRO B 172 -13.80 -73.75 9.27
C PRO B 172 -15.10 -73.09 9.70
N ALA B 173 -15.45 -72.01 8.99
CA ALA B 173 -16.69 -71.31 9.28
C ALA B 173 -17.88 -72.01 8.64
N SER B 174 -17.68 -72.62 7.47
CA SER B 174 -18.74 -73.31 6.75
C SER B 174 -18.09 -74.25 5.73
N PHE B 175 -18.93 -75.13 5.18
CA PHE B 175 -18.48 -76.08 4.17
C PHE B 175 -19.71 -76.59 3.43
N LYS B 176 -19.53 -76.92 2.15
CA LYS B 176 -20.62 -77.44 1.33
C LYS B 176 -20.17 -78.72 0.63
N VAL B 177 -21.16 -79.51 0.25
CA VAL B 177 -20.94 -80.80 -0.43
C VAL B 177 -21.25 -80.61 -1.91
N LEU B 178 -20.28 -80.92 -2.76
CA LEU B 178 -20.43 -80.81 -4.20
C LEU B 178 -20.72 -82.17 -4.82
N ARG B 183 -20.00 -89.21 -11.95
CA ARG B 183 -19.41 -90.02 -10.90
C ARG B 183 -20.17 -89.86 -9.59
N GLU B 184 -19.55 -90.33 -8.51
CA GLU B 184 -20.07 -90.23 -7.14
C GLU B 184 -19.31 -89.14 -6.40
N THR B 185 -19.20 -87.98 -7.06
CA THR B 185 -18.45 -86.81 -6.60
C THR B 185 -18.58 -86.52 -5.12
N ASP B 186 -19.71 -85.95 -4.70
CA ASP B 186 -20.00 -85.66 -3.30
C ASP B 186 -18.77 -85.32 -2.45
N ASN B 187 -18.02 -84.28 -2.80
CA ASN B 187 -16.81 -83.89 -2.08
C ASN B 187 -17.05 -82.61 -1.27
N ILE B 188 -16.53 -82.57 -0.05
CA ILE B 188 -16.71 -81.41 0.83
C ILE B 188 -15.64 -80.35 0.55
N VAL B 189 -16.07 -79.10 0.54
CA VAL B 189 -15.23 -77.93 0.33
C VAL B 189 -15.50 -77.00 1.50
N ALA B 190 -14.45 -76.55 2.17
CA ALA B 190 -14.58 -75.70 3.35
C ALA B 190 -14.03 -74.30 3.14
N ASP B 191 -14.56 -73.37 3.93
CA ASP B 191 -14.19 -71.97 3.93
C ASP B 191 -13.68 -71.60 5.33
N PHE B 192 -12.41 -71.18 5.41
CA PHE B 192 -11.80 -70.79 6.67
C PHE B 192 -11.63 -69.28 6.79
N GLY B 193 -12.13 -68.52 5.82
CA GLY B 193 -12.00 -67.07 5.83
C GLY B 193 -11.46 -66.55 4.53
N GLU B 194 -10.87 -67.43 3.72
CA GLU B 194 -10.33 -67.01 2.43
C GLU B 194 -11.45 -66.60 1.49
N SER B 195 -12.59 -67.29 1.55
CA SER B 195 -13.74 -67.00 0.71
C SER B 195 -14.72 -66.05 1.38
N ALA B 196 -14.60 -65.85 2.70
CA ALA B 196 -15.51 -64.98 3.42
C ALA B 196 -15.40 -63.53 2.96
N ILE B 197 -16.54 -62.84 2.96
CA ILE B 197 -16.58 -61.44 2.56
C ILE B 197 -15.78 -60.64 3.57
N GLY B 198 -14.79 -59.88 3.09
CA GLY B 198 -13.98 -59.10 3.99
C GLY B 198 -12.91 -59.88 4.72
N ARG B 199 -12.77 -61.18 4.44
CA ARG B 199 -11.77 -62.04 5.08
C ARG B 199 -11.97 -62.10 6.59
N VAL B 200 -13.21 -62.24 7.03
CA VAL B 200 -13.46 -62.32 8.47
C VAL B 200 -13.02 -63.69 8.97
N ALA B 201 -12.61 -63.74 10.25
CA ALA B 201 -12.13 -64.98 10.85
C ALA B 201 -13.14 -65.54 11.85
N PRO B 202 -13.53 -66.80 11.71
CA PRO B 202 -14.51 -67.43 12.63
C PRO B 202 -13.87 -67.92 13.92
N VAL B 203 -13.71 -67.00 14.87
CA VAL B 203 -13.12 -67.35 16.16
C VAL B 203 -14.06 -68.24 16.97
N ASP B 204 -15.37 -68.00 16.87
CA ASP B 204 -16.36 -68.76 17.62
C ASP B 204 -16.56 -70.19 17.13
N SER B 205 -16.10 -70.53 15.92
CA SER B 205 -16.33 -71.87 15.41
C SER B 205 -15.67 -72.96 16.26
N GLY B 206 -14.43 -72.74 16.70
CA GLY B 206 -13.78 -73.75 17.51
C GLY B 206 -14.44 -73.89 18.87
N PHE B 207 -14.78 -72.78 19.49
CA PHE B 207 -15.43 -72.83 20.80
C PHE B 207 -16.77 -73.54 20.68
N TRP B 208 -17.49 -73.27 19.59
CA TRP B 208 -18.77 -73.96 19.37
C TRP B 208 -18.56 -75.44 19.16
N TRP B 209 -17.46 -75.83 18.50
CA TRP B 209 -17.21 -77.26 18.30
C TRP B 209 -17.00 -77.95 19.64
N ILE B 210 -16.20 -77.34 20.52
CA ILE B 210 -15.96 -77.96 21.82
C ILE B 210 -17.27 -78.01 22.62
N ILE B 211 -18.05 -76.93 22.59
CA ILE B 211 -19.31 -76.92 23.34
C ILE B 211 -20.27 -77.97 22.80
N LEU B 212 -20.32 -78.13 21.48
CA LEU B 212 -21.21 -79.13 20.89
C LEU B 212 -20.76 -80.53 21.25
N LEU B 213 -19.44 -80.76 21.33
CA LEU B 213 -18.95 -82.07 21.71
C LEU B 213 -19.36 -82.39 23.15
N ARG B 214 -19.26 -81.39 24.04
CA ARG B 214 -19.68 -81.61 25.42
C ARG B 214 -21.17 -81.88 25.48
N ALA B 215 -21.95 -81.17 24.68
CA ALA B 215 -23.39 -81.37 24.66
C ALA B 215 -23.73 -82.77 24.18
N TYR B 216 -23.01 -83.28 23.19
CA TYR B 216 -23.27 -84.62 22.69
C TYR B 216 -22.94 -85.67 23.75
N THR B 217 -21.76 -85.57 24.34
CA THR B 217 -21.38 -86.56 25.35
C THR B 217 -22.29 -86.50 26.57
N LYS B 218 -22.87 -85.33 26.87
CA LYS B 218 -23.77 -85.25 28.01
C LYS B 218 -25.17 -85.75 27.66
N SER B 219 -25.64 -85.47 26.44
CA SER B 219 -26.97 -85.91 26.03
C SER B 219 -27.04 -87.42 25.82
N THR B 220 -25.97 -88.01 25.31
CA THR B 220 -25.97 -89.45 25.05
C THR B 220 -25.34 -90.26 26.17
N GLY B 221 -24.40 -89.69 26.92
CA GLY B 221 -23.72 -90.45 27.94
C GLY B 221 -22.64 -91.33 27.38
N ASP B 222 -22.47 -91.33 26.06
CA ASP B 222 -21.48 -92.14 25.34
C ASP B 222 -20.18 -91.34 25.33
N LEU B 223 -19.34 -91.57 26.34
CA LEU B 223 -18.06 -90.91 26.50
C LEU B 223 -17.01 -91.34 25.49
N THR B 224 -17.30 -92.35 24.66
CA THR B 224 -16.31 -92.85 23.71
C THR B 224 -15.89 -91.81 22.68
N LEU B 225 -16.82 -90.99 22.18
CA LEU B 225 -16.46 -90.02 21.15
C LEU B 225 -15.47 -88.97 21.67
N SER B 226 -15.73 -88.41 22.85
CA SER B 226 -14.81 -87.40 23.39
C SER B 226 -13.46 -87.97 23.75
N GLU B 227 -13.38 -89.26 24.08
CA GLU B 227 -12.12 -89.86 24.46
C GLU B 227 -11.28 -90.38 23.30
N THR B 228 -11.77 -90.29 22.06
CA THR B 228 -10.96 -90.73 20.93
C THR B 228 -9.75 -89.82 20.79
N PRO B 229 -8.61 -90.36 20.33
CA PRO B 229 -7.43 -89.50 20.17
C PRO B 229 -7.66 -88.33 19.23
N GLU B 230 -8.49 -88.49 18.20
CA GLU B 230 -8.73 -87.41 17.26
C GLU B 230 -9.43 -86.23 17.93
N CYS B 231 -10.48 -86.52 18.72
CA CYS B 231 -11.19 -85.42 19.39
C CYS B 231 -10.29 -84.75 20.42
N GLN B 232 -9.43 -85.52 21.09
CA GLN B 232 -8.52 -84.93 22.05
C GLN B 232 -7.54 -84.01 21.33
N LYS B 233 -7.07 -84.44 20.15
CA LYS B 233 -6.16 -83.62 19.37
C LYS B 233 -6.84 -82.34 18.94
N GLY B 234 -8.10 -82.44 18.51
CA GLY B 234 -8.82 -81.25 18.08
C GLY B 234 -9.03 -80.26 19.21
N MET B 235 -9.39 -80.77 20.40
CA MET B 235 -9.57 -79.90 21.55
C MET B 235 -8.28 -79.19 21.89
N LYS B 236 -7.17 -79.93 21.95
CA LYS B 236 -5.88 -79.32 22.26
C LYS B 236 -5.45 -78.34 21.19
N LEU B 237 -5.77 -78.63 19.92
CA LEU B 237 -5.41 -77.73 18.83
C LEU B 237 -6.15 -76.41 18.95
N ILE B 238 -7.46 -76.47 19.22
CA ILE B 238 -8.23 -75.23 19.35
C ILE B 238 -7.82 -74.47 20.60
N LEU B 239 -7.54 -75.19 21.70
CA LEU B 239 -7.13 -74.53 22.93
C LEU B 239 -5.76 -73.87 22.83
N SER B 240 -4.84 -74.46 22.05
CA SER B 240 -3.51 -73.87 21.93
C SER B 240 -3.51 -72.57 21.15
N LEU B 241 -4.53 -72.32 20.33
CA LEU B 241 -4.57 -71.07 19.57
C LEU B 241 -4.92 -69.88 20.45
N CYS B 242 -5.91 -70.05 21.33
CA CYS B 242 -6.34 -68.96 22.21
C CYS B 242 -5.53 -68.85 23.49
N LEU B 243 -5.02 -69.96 24.01
CA LEU B 243 -4.22 -69.91 25.23
C LEU B 243 -2.77 -69.57 24.97
N ALA B 244 -2.42 -69.27 23.72
CA ALA B 244 -1.04 -68.93 23.38
C ALA B 244 -0.64 -67.58 23.99
N GLU B 245 0.64 -67.50 24.36
CA GLU B 245 1.18 -66.27 24.94
C GLU B 245 1.37 -65.20 23.89
N GLY B 246 1.32 -63.94 24.32
CA GLY B 246 1.50 -62.83 23.41
C GLY B 246 1.71 -61.54 24.17
N PHE B 247 1.79 -60.44 23.42
CA PHE B 247 1.96 -59.12 24.01
C PHE B 247 0.74 -58.66 24.78
N ASP B 248 -0.34 -59.45 24.77
CA ASP B 248 -1.58 -59.10 25.45
C ASP B 248 -1.38 -58.89 26.95
N THR B 249 -1.92 -57.78 27.45
CA THR B 249 -1.89 -57.46 28.87
C THR B 249 -3.25 -57.71 29.52
N PHE B 250 -4.16 -58.35 28.79
CA PHE B 250 -5.52 -58.69 29.18
C PHE B 250 -5.72 -60.20 29.11
N PRO B 251 -6.42 -60.79 30.09
CA PRO B 251 -6.68 -62.23 30.03
C PRO B 251 -7.62 -62.61 28.90
N THR B 252 -8.46 -61.67 28.46
CA THR B 252 -9.42 -61.91 27.39
C THR B 252 -8.72 -62.08 26.05
N LEU B 253 -9.44 -62.67 25.10
CA LEU B 253 -8.93 -62.93 23.76
C LEU B 253 -9.12 -61.73 22.84
N LEU B 254 -8.03 -61.27 22.23
CA LEU B 254 -8.09 -60.15 21.31
C LEU B 254 -8.76 -60.59 20.02
N CYS B 255 -9.59 -59.72 19.46
CA CYS B 255 -10.33 -60.08 18.25
C CYS B 255 -10.43 -58.93 17.27
N ALA B 256 -10.46 -59.29 15.99
CA ALA B 256 -10.65 -58.37 14.88
C ALA B 256 -12.15 -58.22 14.64
N ASP B 257 -12.53 -57.18 13.89
CA ASP B 257 -13.94 -56.96 13.63
C ASP B 257 -14.53 -58.10 12.80
N GLY B 258 -15.76 -58.49 13.13
CA GLY B 258 -16.43 -59.55 12.41
C GLY B 258 -15.97 -60.96 12.74
N CYS B 259 -15.63 -61.23 14.01
CA CYS B 259 -15.13 -62.53 14.44
C CYS B 259 -16.18 -63.46 15.06
N SER B 260 -17.39 -62.99 15.29
CA SER B 260 -18.46 -63.74 15.91
C SER B 260 -19.67 -63.75 14.97
N MET B 261 -20.82 -64.20 15.51
CA MET B 261 -22.10 -64.23 14.78
C MET B 261 -22.22 -62.96 13.95
N ILE B 262 -21.59 -61.89 14.44
CA ILE B 262 -21.52 -60.60 13.77
C ILE B 262 -20.34 -60.75 12.82
N ASP B 263 -20.60 -61.17 11.59
CA ASP B 263 -19.56 -61.39 10.59
C ASP B 263 -19.19 -60.14 9.80
N ARG B 264 -19.69 -58.97 10.20
CA ARG B 264 -19.40 -57.72 9.50
C ARG B 264 -18.81 -56.71 10.47
N ARG B 265 -18.35 -55.59 9.91
CA ARG B 265 -17.76 -54.53 10.73
C ARG B 265 -18.87 -53.89 11.56
N MET B 266 -18.78 -54.04 12.88
CA MET B 266 -19.76 -53.49 13.79
C MET B 266 -19.14 -52.93 15.06
N GLY B 267 -17.82 -52.97 15.19
CA GLY B 267 -17.17 -52.48 16.38
C GLY B 267 -17.02 -53.52 17.45
N VAL B 268 -16.99 -54.80 17.06
CA VAL B 268 -16.87 -55.93 17.96
C VAL B 268 -15.40 -56.30 18.06
N TYR B 269 -14.53 -55.38 17.65
CA TYR B 269 -13.10 -55.64 17.76
C TYR B 269 -12.68 -55.51 19.22
N GLY B 270 -11.55 -56.14 19.54
CA GLY B 270 -11.06 -56.07 20.90
C GLY B 270 -11.41 -57.27 21.75
N TYR B 271 -12.27 -57.07 22.74
CA TYR B 271 -12.69 -58.13 23.66
C TYR B 271 -14.21 -58.13 23.80
N PRO B 272 -14.93 -58.55 22.77
CA PRO B 272 -16.40 -58.58 22.86
C PRO B 272 -16.89 -59.68 23.79
N ILE B 273 -17.98 -59.39 24.49
CA ILE B 273 -18.54 -60.36 25.45
C ILE B 273 -18.94 -61.66 24.79
N GLU B 274 -19.34 -61.62 23.52
CA GLU B 274 -19.74 -62.86 22.86
C GLU B 274 -18.58 -63.83 22.78
N ILE B 275 -17.41 -63.34 22.33
CA ILE B 275 -16.25 -64.20 22.21
C ILE B 275 -15.73 -64.59 23.59
N GLN B 276 -15.74 -63.66 24.55
CA GLN B 276 -15.25 -64.01 25.89
C GLN B 276 -16.14 -65.04 26.57
N ALA B 277 -17.46 -64.92 26.40
CA ALA B 277 -18.37 -65.88 27.00
C ALA B 277 -18.23 -67.25 26.34
N LEU B 278 -18.12 -67.28 25.00
CA LEU B 278 -17.94 -68.56 24.33
C LEU B 278 -16.60 -69.17 24.72
N PHE B 279 -15.59 -68.31 24.93
CA PHE B 279 -14.26 -68.74 25.35
C PHE B 279 -14.32 -69.40 26.72
N PHE B 280 -15.00 -68.75 27.66
CA PHE B 280 -15.13 -69.28 29.01
C PHE B 280 -15.90 -70.60 29.01
N MET B 281 -17.01 -70.66 28.25
CA MET B 281 -17.79 -71.88 28.19
C MET B 281 -17.01 -73.01 27.55
N ALA B 282 -16.26 -72.71 26.48
CA ALA B 282 -15.48 -73.75 25.82
C ALA B 282 -14.36 -74.24 26.73
N LEU B 283 -13.76 -73.34 27.52
CA LEU B 283 -12.71 -73.76 28.43
C LEU B 283 -13.25 -74.70 29.51
N ARG B 284 -14.37 -74.31 30.13
CA ARG B 284 -14.95 -75.16 31.17
C ARG B 284 -15.41 -76.48 30.61
N SER B 285 -16.06 -76.47 29.44
CA SER B 285 -16.50 -77.72 28.85
C SER B 285 -15.31 -78.55 28.36
N ALA B 286 -14.18 -77.91 28.09
CA ALA B 286 -12.98 -78.64 27.68
C ALA B 286 -12.44 -79.42 28.86
N LEU B 287 -12.47 -78.82 30.06
CA LEU B 287 -12.00 -79.58 31.22
C LEU B 287 -12.90 -80.77 31.49
N SER B 288 -14.18 -80.66 31.14
CA SER B 288 -15.15 -81.72 31.34
C SER B 288 -14.90 -82.97 30.52
N MET B 289 -14.04 -82.90 29.49
CA MET B 289 -13.81 -84.08 28.67
C MET B 289 -12.36 -84.26 28.21
N LEU B 290 -11.40 -83.57 28.82
CA LEU B 290 -10.00 -83.71 28.45
C LEU B 290 -9.34 -84.78 29.31
N LYS B 291 -8.71 -85.76 28.67
CA LYS B 291 -8.06 -86.85 29.38
C LYS B 291 -6.67 -86.44 29.85
N PRO B 292 -6.32 -86.69 31.12
CA PRO B 292 -4.98 -86.34 31.57
C PRO B 292 -3.95 -87.24 30.89
N ASP B 293 -2.86 -86.64 30.44
CA ASP B 293 -1.81 -87.37 29.73
C ASP B 293 -0.49 -86.65 29.95
N GLY B 294 0.59 -87.23 29.40
CA GLY B 294 1.89 -86.61 29.51
C GLY B 294 1.85 -85.11 29.24
N ASP B 295 1.04 -84.69 28.27
CA ASP B 295 0.85 -83.29 27.94
C ASP B 295 -0.52 -82.78 28.34
N GLY B 296 -1.48 -83.68 28.56
CA GLY B 296 -2.82 -83.26 28.93
C GLY B 296 -2.85 -82.51 30.25
N ARG B 297 -2.05 -82.96 31.22
CA ARG B 297 -2.02 -82.29 32.52
C ARG B 297 -1.51 -80.87 32.38
N GLU B 298 -0.53 -80.65 31.51
CA GLU B 298 0.02 -79.31 31.32
C GLU B 298 -1.03 -78.37 30.74
N VAL B 299 -1.74 -78.84 29.71
CA VAL B 299 -2.76 -78.01 29.10
C VAL B 299 -3.89 -77.77 30.10
N ILE B 300 -4.21 -78.77 30.93
CA ILE B 300 -5.27 -78.60 31.92
C ILE B 300 -4.88 -77.52 32.92
N GLU B 301 -3.59 -77.51 33.32
CA GLU B 301 -3.13 -76.49 34.24
C GLU B 301 -3.27 -75.11 33.61
N ARG B 302 -2.90 -75.00 32.33
CA ARG B 302 -3.03 -73.71 31.64
C ARG B 302 -4.48 -73.26 31.61
N ILE B 303 -5.39 -74.20 31.29
CA ILE B 303 -6.82 -73.89 31.23
C ILE B 303 -7.32 -73.40 32.57
N VAL B 304 -6.90 -74.04 33.66
CA VAL B 304 -7.36 -73.64 34.99
C VAL B 304 -6.88 -72.22 35.31
N LYS B 305 -5.60 -71.93 35.02
CA LYS B 305 -5.08 -70.60 35.31
C LYS B 305 -5.82 -69.52 34.52
N ARG B 306 -5.97 -69.74 33.21
CA ARG B 306 -6.68 -68.77 32.40
C ARG B 306 -8.13 -68.63 32.82
N LEU B 307 -8.75 -69.72 33.28
CA LEU B 307 -10.14 -69.63 33.73
C LEU B 307 -10.24 -68.77 34.99
N HIS B 308 -9.25 -68.85 35.87
CA HIS B 308 -9.30 -68.01 37.06
C HIS B 308 -9.17 -66.53 36.68
N ALA B 309 -8.21 -66.23 35.80
CA ALA B 309 -8.03 -64.85 35.37
C ALA B 309 -9.28 -64.33 34.66
N LEU B 310 -9.94 -65.18 33.87
CA LEU B 310 -11.13 -64.77 33.15
C LEU B 310 -12.30 -64.54 34.11
N SER B 311 -12.53 -65.48 35.02
CA SER B 311 -13.63 -65.33 35.97
C SER B 311 -13.49 -64.04 36.74
N PHE B 312 -12.26 -63.67 37.12
CA PHE B 312 -12.06 -62.43 37.84
C PHE B 312 -12.31 -61.20 36.96
N HIS B 313 -11.60 -61.13 35.83
CA HIS B 313 -11.67 -59.97 34.94
C HIS B 313 -13.08 -59.69 34.41
N MET B 314 -13.83 -60.73 34.07
CA MET B 314 -15.16 -60.51 33.52
C MET B 314 -16.14 -60.02 34.57
N ARG B 315 -16.19 -60.66 35.73
CA ARG B 315 -17.12 -60.24 36.76
C ARG B 315 -16.73 -58.91 37.40
N ASN B 316 -15.46 -58.52 37.34
CA ASN B 316 -15.08 -57.26 37.96
C ASN B 316 -15.12 -56.07 37.01
N TYR B 317 -14.77 -56.25 35.74
CA TYR B 317 -14.75 -55.12 34.81
C TYR B 317 -15.92 -55.07 33.85
N PHE B 318 -16.28 -56.20 33.23
CA PHE B 318 -17.37 -56.20 32.26
C PHE B 318 -18.75 -56.04 32.90
N TRP B 319 -18.91 -56.40 34.17
CA TRP B 319 -20.22 -56.29 34.82
C TRP B 319 -20.63 -54.84 34.97
N LEU B 320 -21.93 -54.57 34.81
CA LEU B 320 -22.45 -53.20 34.90
C LEU B 320 -23.89 -53.20 35.40
N ASP B 321 -24.10 -52.51 36.51
CA ASP B 321 -25.42 -52.30 37.11
C ASP B 321 -25.52 -50.80 37.39
N HIS B 322 -26.63 -50.39 38.03
CA HIS B 322 -26.82 -48.96 38.28
C HIS B 322 -25.72 -48.39 39.17
N GLN B 323 -25.33 -49.14 40.20
CA GLN B 323 -24.29 -48.67 41.12
C GLN B 323 -22.95 -48.54 40.42
N ASN B 324 -22.59 -49.56 39.63
CA ASN B 324 -21.31 -49.50 38.91
C ASN B 324 -21.30 -48.38 37.90
N LEU B 325 -22.42 -48.14 37.22
CA LEU B 325 -22.45 -47.04 36.26
C LEU B 325 -22.31 -45.70 36.97
N ASN B 326 -22.94 -45.57 38.15
CA ASN B 326 -22.80 -44.34 38.92
C ASN B 326 -21.34 -44.13 39.32
N ASP B 327 -20.65 -45.23 39.67
CA ASP B 327 -19.25 -45.12 40.05
C ASP B 327 -18.37 -44.71 38.88
N ILE B 328 -18.60 -45.32 37.70
CA ILE B 328 -17.81 -44.95 36.53
C ILE B 328 -18.08 -43.50 36.14
N TYR B 329 -19.30 -43.02 36.39
CA TYR B 329 -19.62 -41.63 36.07
C TYR B 329 -18.80 -40.67 36.93
N ARG B 330 -18.39 -41.11 38.13
CA ARG B 330 -17.59 -40.34 39.07
C ARG B 330 -16.10 -40.67 39.01
N PHE B 331 -15.68 -41.37 37.96
CA PHE B 331 -14.29 -41.78 37.82
C PHE B 331 -13.34 -40.61 37.59
N LYS B 332 -12.12 -40.76 38.09
CA LYS B 332 -11.05 -39.80 37.90
C LYS B 332 -10.23 -40.31 36.72
N THR B 333 -9.59 -39.39 36.00
CA THR B 333 -8.83 -39.76 34.82
C THR B 333 -7.33 -39.58 35.02
N GLU B 334 -6.58 -40.17 34.10
CA GLU B 334 -5.11 -40.13 34.08
C GLU B 334 -4.53 -40.71 35.37
N GLU B 335 -4.77 -42.01 35.57
CA GLU B 335 -4.32 -42.75 36.74
C GLU B 335 -3.16 -43.66 36.35
N TYR B 336 -1.93 -43.17 36.58
CA TYR B 336 -0.71 -43.90 36.28
C TYR B 336 -0.17 -44.50 37.57
N SER B 337 -0.70 -45.67 37.94
CA SER B 337 -0.26 -46.35 39.16
C SER B 337 -0.92 -47.72 39.25
N HIS B 338 -0.28 -48.60 40.04
CA HIS B 338 -0.85 -49.93 40.26
C HIS B 338 -2.16 -49.83 41.04
N THR B 339 -2.28 -48.81 41.89
CA THR B 339 -3.46 -48.60 42.72
C THR B 339 -4.31 -47.49 42.09
N ALA B 340 -4.98 -47.87 41.00
CA ALA B 340 -5.83 -46.95 40.27
C ALA B 340 -7.26 -47.49 40.27
N VAL B 341 -8.22 -46.58 40.39
CA VAL B 341 -9.62 -46.98 40.37
C VAL B 341 -10.10 -47.14 38.93
N ASN B 342 -9.88 -46.13 38.10
CA ASN B 342 -10.24 -46.16 36.69
C ASN B 342 -9.07 -46.84 35.99
N LYS B 343 -9.12 -48.17 36.01
CA LYS B 343 -8.05 -49.00 35.47
C LYS B 343 -7.81 -48.78 33.99
N PHE B 344 -8.86 -48.60 33.20
CA PHE B 344 -8.70 -48.45 31.76
C PHE B 344 -8.76 -47.01 31.27
N ASN B 345 -8.80 -46.05 32.18
CA ASN B 345 -8.80 -44.62 31.86
C ASN B 345 -9.91 -44.22 30.89
N VAL B 346 -11.14 -44.58 31.23
CA VAL B 346 -12.28 -44.19 30.39
C VAL B 346 -12.70 -42.78 30.77
N MET B 347 -13.00 -41.95 29.78
CA MET B 347 -13.42 -40.59 30.06
C MET B 347 -14.88 -40.60 30.50
N PRO B 348 -15.21 -40.15 31.71
CA PRO B 348 -16.61 -40.17 32.14
C PRO B 348 -17.54 -39.37 31.25
N ASP B 349 -17.05 -38.29 30.63
CA ASP B 349 -17.90 -37.50 29.75
C ASP B 349 -18.25 -38.22 28.47
N SER B 350 -17.45 -39.22 28.07
CA SER B 350 -17.70 -39.96 26.85
C SER B 350 -18.80 -41.01 26.97
N ILE B 351 -19.30 -41.27 28.18
CA ILE B 351 -20.37 -42.26 28.32
C ILE B 351 -21.61 -41.77 27.59
N PRO B 352 -22.20 -42.57 26.69
CA PRO B 352 -23.39 -42.12 25.96
C PRO B 352 -24.58 -41.87 26.89
N GLU B 353 -25.43 -40.95 26.47
CA GLU B 353 -26.61 -40.58 27.24
C GLU B 353 -27.64 -41.69 27.35
N TRP B 354 -27.70 -42.60 26.37
CA TRP B 354 -28.69 -43.67 26.41
C TRP B 354 -28.45 -44.66 27.54
N VAL B 355 -27.21 -44.78 28.00
CA VAL B 355 -26.90 -45.74 29.06
C VAL B 355 -27.58 -45.35 30.35
N PHE B 356 -27.55 -44.06 30.70
CA PHE B 356 -28.15 -43.62 31.96
C PHE B 356 -29.66 -43.82 31.96
N ASP B 357 -30.32 -43.60 30.82
CA ASP B 357 -31.77 -43.78 30.78
C ASP B 357 -32.17 -45.25 30.66
N PHE B 358 -31.37 -46.06 29.98
CA PHE B 358 -31.69 -47.47 29.81
C PHE B 358 -31.51 -48.29 31.08
N MET B 359 -30.56 -47.94 31.91
CA MET B 359 -30.27 -48.70 33.13
C MET B 359 -31.36 -48.58 34.18
N PRO B 360 -32.05 -49.66 34.55
CA PRO B 360 -33.05 -49.58 35.61
C PRO B 360 -32.37 -49.69 36.97
N LEU B 361 -33.14 -49.46 38.03
CA LEU B 361 -32.60 -49.54 39.37
C LEU B 361 -32.24 -50.97 39.75
N ARG B 362 -33.08 -51.93 39.37
CA ARG B 362 -32.84 -53.34 39.64
C ARG B 362 -32.47 -54.03 38.34
N GLY B 363 -31.38 -54.80 38.38
CA GLY B 363 -30.90 -55.52 37.22
C GLY B 363 -29.58 -54.96 36.72
N GLY B 364 -28.94 -55.76 35.86
CA GLY B 364 -27.67 -55.38 35.29
C GLY B 364 -27.34 -56.29 34.12
N TYR B 365 -26.17 -56.04 33.52
CA TYR B 365 -25.75 -56.84 32.37
C TYR B 365 -24.24 -56.68 32.19
N PHE B 366 -23.70 -57.48 31.26
CA PHE B 366 -22.29 -57.45 30.94
C PHE B 366 -22.05 -56.45 29.80
N VAL B 367 -21.08 -55.56 30.01
CA VAL B 367 -20.75 -54.53 29.03
C VAL B 367 -20.25 -55.18 27.74
N GLY B 368 -20.60 -54.58 26.61
CA GLY B 368 -20.25 -55.16 25.33
C GLY B 368 -18.76 -55.31 25.09
N ASN B 369 -17.96 -54.36 25.54
CA ASN B 369 -16.53 -54.47 25.29
C ASN B 369 -15.76 -53.64 26.30
N VAL B 370 -14.58 -54.14 26.69
CA VAL B 370 -13.71 -53.45 27.64
C VAL B 370 -12.28 -53.61 27.18
N GLY B 371 -11.59 -52.49 26.93
CA GLY B 371 -10.22 -52.51 26.48
C GLY B 371 -9.53 -51.19 26.79
N PRO B 372 -8.28 -51.04 26.29
CA PRO B 372 -7.54 -49.80 26.57
C PRO B 372 -8.27 -48.55 26.10
N ALA B 373 -8.72 -47.75 27.06
CA ALA B 373 -9.46 -46.51 26.85
C ALA B 373 -10.74 -46.71 26.08
N HIS B 374 -11.18 -47.96 25.88
CA HIS B 374 -12.39 -48.24 25.12
C HIS B 374 -13.35 -49.07 25.96
N MET B 375 -14.65 -48.75 25.87
CA MET B 375 -15.64 -49.51 26.62
C MET B 375 -16.98 -49.39 25.91
N ASP B 376 -17.35 -50.44 25.17
CA ASP B 376 -18.61 -50.50 24.42
C ASP B 376 -19.73 -50.92 25.37
N PHE B 377 -20.61 -49.97 25.69
CA PHE B 377 -21.72 -50.14 26.62
C PHE B 377 -22.93 -50.85 26.03
N ARG B 378 -22.88 -51.26 24.77
CA ARG B 378 -24.02 -51.92 24.15
C ARG B 378 -24.31 -53.29 24.77
N TRP B 379 -25.60 -53.60 24.90
CA TRP B 379 -26.04 -54.88 25.44
C TRP B 379 -26.09 -55.91 24.31
N PHE B 380 -25.34 -56.99 24.44
CA PHE B 380 -25.31 -58.06 23.44
C PHE B 380 -26.00 -59.28 24.03
N ALA B 381 -26.98 -59.81 23.31
CA ALA B 381 -27.79 -60.93 23.78
C ALA B 381 -26.98 -62.21 23.97
N LEU B 382 -26.29 -62.65 22.92
CA LEU B 382 -25.57 -63.92 23.02
C LEU B 382 -24.50 -63.88 24.10
N GLY B 383 -23.83 -62.75 24.28
CA GLY B 383 -22.80 -62.69 25.30
C GLY B 383 -23.35 -62.91 26.69
N ASN B 384 -24.44 -62.22 27.02
CA ASN B 384 -25.03 -62.37 28.35
C ASN B 384 -25.65 -63.75 28.55
N CYS B 385 -26.28 -64.29 27.50
CA CYS B 385 -26.89 -65.61 27.62
C CYS B 385 -25.82 -66.68 27.85
N VAL B 386 -24.70 -66.60 27.11
CA VAL B 386 -23.64 -67.57 27.33
C VAL B 386 -22.98 -67.34 28.68
N SER B 387 -22.90 -66.08 29.13
CA SER B 387 -22.32 -65.81 30.44
C SER B 387 -23.16 -66.45 31.54
N ILE B 388 -24.47 -66.54 31.33
CA ILE B 388 -25.35 -67.18 32.31
C ILE B 388 -25.23 -68.69 32.21
N LEU B 389 -25.26 -69.23 31.00
CA LEU B 389 -25.18 -70.68 30.82
C LEU B 389 -23.84 -71.26 31.25
N SER B 390 -22.74 -70.54 31.00
CA SER B 390 -21.42 -71.01 31.37
C SER B 390 -21.09 -70.77 32.83
N SER B 391 -22.06 -70.35 33.63
CA SER B 391 -21.87 -70.04 35.05
C SER B 391 -20.83 -68.94 35.26
N LEU B 392 -20.52 -68.20 34.18
CA LEU B 392 -19.57 -67.10 34.29
C LEU B 392 -20.11 -66.03 35.22
N ALA B 393 -21.43 -65.87 35.24
CA ALA B 393 -22.09 -64.91 36.11
C ALA B 393 -22.40 -65.58 37.45
N THR B 394 -22.15 -64.86 38.52
CA THR B 394 -22.43 -65.37 39.85
C THR B 394 -23.93 -65.50 40.01
N PRO B 395 -24.42 -66.31 40.98
CA PRO B 395 -25.87 -66.43 41.15
C PRO B 395 -26.58 -65.08 41.23
N ASP B 396 -25.92 -64.05 41.79
CA ASP B 396 -26.55 -62.73 41.84
C ASP B 396 -26.66 -62.11 40.45
N GLN B 397 -25.61 -62.24 39.63
CA GLN B 397 -25.62 -61.66 38.29
C GLN B 397 -26.60 -62.34 37.34
N SER B 398 -26.81 -63.66 37.44
CA SER B 398 -27.78 -64.27 36.53
C SER B 398 -29.18 -63.73 36.84
N MET B 399 -29.51 -63.63 38.13
CA MET B 399 -30.79 -63.07 38.51
C MET B 399 -30.87 -61.60 38.12
N ALA B 400 -29.75 -60.89 38.17
CA ALA B 400 -29.75 -59.48 37.79
C ALA B 400 -30.00 -59.33 36.29
N ILE B 401 -29.43 -60.22 35.48
CA ILE B 401 -29.66 -60.15 34.04
C ILE B 401 -31.13 -60.42 33.76
N MET B 402 -31.72 -61.39 34.46
CA MET B 402 -33.14 -61.66 34.26
C MET B 402 -33.99 -60.48 34.73
N ASP B 403 -33.56 -59.82 35.81
CA ASP B 403 -34.27 -58.64 36.30
C ASP B 403 -34.26 -57.53 35.26
N LEU B 404 -33.09 -57.31 34.64
CA LEU B 404 -32.98 -56.30 33.60
C LEU B 404 -33.82 -56.68 32.39
N LEU B 405 -33.88 -57.97 32.07
CA LEU B 405 -34.69 -58.42 30.94
C LEU B 405 -36.16 -58.15 31.19
N GLU B 406 -36.60 -58.32 32.44
CA GLU B 406 -37.99 -58.07 32.77
C GLU B 406 -38.31 -56.58 32.86
N HIS B 407 -37.37 -55.77 33.34
CA HIS B 407 -37.61 -54.34 33.51
C HIS B 407 -37.64 -53.60 32.17
N ARG B 408 -36.61 -53.77 31.34
CA ARG B 408 -36.54 -53.10 30.05
C ARG B 408 -36.79 -54.09 28.93
N TRP B 409 -37.93 -54.79 29.03
CA TRP B 409 -38.30 -55.82 28.06
C TRP B 409 -38.61 -55.24 26.68
N ALA B 410 -39.39 -54.16 26.62
CA ALA B 410 -39.76 -53.59 25.33
C ALA B 410 -38.55 -53.15 24.51
N GLU B 411 -37.45 -52.77 25.16
CA GLU B 411 -36.26 -52.35 24.42
C GLU B 411 -35.45 -53.54 23.93
N LEU B 412 -35.14 -54.48 24.82
CA LEU B 412 -34.32 -55.63 24.48
C LEU B 412 -35.08 -56.72 23.73
N VAL B 413 -36.40 -56.75 23.82
CA VAL B 413 -37.16 -57.78 23.13
C VAL B 413 -38.17 -57.17 22.17
N GLY B 414 -39.08 -56.37 22.71
CA GLY B 414 -40.08 -55.76 21.86
C GLY B 414 -41.05 -56.83 21.38
N GLU B 415 -41.56 -56.65 20.17
CA GLU B 415 -42.49 -57.62 19.61
C GLU B 415 -41.82 -58.80 18.93
N MET B 416 -40.48 -58.90 18.97
CA MET B 416 -39.89 -60.04 18.30
C MET B 416 -38.60 -60.51 18.98
N PRO B 417 -38.62 -61.69 19.61
CA PRO B 417 -37.41 -62.23 20.25
C PRO B 417 -36.53 -62.85 19.17
N LEU B 418 -35.24 -62.56 19.19
CA LEU B 418 -34.61 -61.62 20.11
C LEU B 418 -33.69 -60.62 19.42
N LYS B 419 -33.62 -59.40 19.96
CA LYS B 419 -32.72 -58.40 19.40
C LYS B 419 -31.28 -58.84 19.59
N ILE B 420 -30.48 -58.72 18.54
CA ILE B 420 -29.10 -59.16 18.64
C ILE B 420 -28.28 -58.21 19.52
N CYS B 421 -28.62 -56.92 19.53
CA CYS B 421 -27.89 -55.95 20.34
C CYS B 421 -28.74 -54.69 20.51
N TYR B 422 -28.50 -53.98 21.63
CA TYR B 422 -29.22 -52.75 21.95
C TYR B 422 -28.25 -51.73 22.54
N PRO B 423 -28.28 -50.47 22.08
CA PRO B 423 -29.12 -49.96 21.00
C PRO B 423 -28.39 -50.09 19.66
N CYS B 424 -28.83 -49.34 18.65
CA CYS B 424 -28.21 -49.39 17.34
C CYS B 424 -27.42 -48.13 17.05
N LEU B 425 -26.43 -48.26 16.17
CA LEU B 425 -25.61 -47.14 15.76
C LEU B 425 -26.34 -46.36 14.68
N GLU B 426 -26.39 -45.04 14.82
CA GLU B 426 -27.09 -44.20 13.86
C GLU B 426 -26.22 -43.04 13.40
N GLY B 427 -26.41 -42.66 12.14
CA GLY B 427 -25.69 -41.53 11.58
C GLY B 427 -24.19 -41.66 11.62
N HIS B 428 -23.58 -40.72 12.35
CA HIS B 428 -22.13 -40.65 12.45
C HIS B 428 -21.54 -41.91 13.07
N GLU B 429 -22.19 -42.49 14.07
CA GLU B 429 -21.68 -43.74 14.64
C GLU B 429 -21.66 -44.82 13.57
N TRP B 430 -22.71 -44.87 12.75
CA TRP B 430 -22.78 -45.85 11.66
C TRP B 430 -21.75 -45.53 10.58
N ARG B 431 -21.53 -44.25 10.29
CA ARG B 431 -20.56 -43.87 9.27
C ARG B 431 -19.13 -44.24 9.67
N ILE B 432 -18.79 -44.05 10.95
CA ILE B 432 -17.44 -44.28 11.43
C ILE B 432 -17.20 -45.73 11.86
N VAL B 433 -18.11 -46.31 12.64
CA VAL B 433 -17.91 -47.67 13.14
C VAL B 433 -18.11 -48.71 12.05
N THR B 434 -19.24 -48.67 11.35
CA THR B 434 -19.49 -49.66 10.31
C THR B 434 -18.84 -49.33 8.97
N GLY B 435 -18.27 -48.14 8.82
CA GLY B 435 -17.67 -47.79 7.55
C GLY B 435 -18.71 -47.63 6.47
N CYS B 436 -19.88 -47.07 6.82
CA CYS B 436 -20.99 -46.87 5.90
C CYS B 436 -21.45 -48.18 5.30
N ASP B 437 -21.63 -49.18 6.16
CA ASP B 437 -22.08 -50.49 5.72
C ASP B 437 -23.60 -50.46 5.56
N PRO B 438 -24.13 -50.67 4.34
CA PRO B 438 -25.58 -50.58 4.15
C PRO B 438 -26.38 -51.76 4.67
N LYS B 439 -25.77 -52.92 4.92
CA LYS B 439 -26.56 -54.03 5.43
C LYS B 439 -26.85 -53.90 6.92
N ASN B 440 -26.15 -53.00 7.62
CA ASN B 440 -26.32 -52.80 9.06
C ASN B 440 -26.87 -51.41 9.36
N THR B 441 -27.98 -51.04 8.73
CA THR B 441 -28.59 -49.74 8.92
C THR B 441 -29.29 -49.69 10.29
N ARG B 442 -30.07 -48.64 10.50
CA ARG B 442 -30.75 -48.44 11.78
C ARG B 442 -31.68 -49.60 12.09
N TRP B 443 -31.48 -50.21 13.26
CA TRP B 443 -32.29 -51.34 13.73
C TRP B 443 -32.40 -52.41 12.65
N SER B 444 -31.23 -52.81 12.13
CA SER B 444 -31.15 -53.80 11.06
C SER B 444 -30.29 -55.01 11.43
N TYR B 445 -29.87 -55.76 10.41
CA TYR B 445 -29.15 -57.03 10.48
C TYR B 445 -28.31 -57.26 11.74
N HIS B 446 -27.23 -56.52 11.92
CA HIS B 446 -26.43 -56.65 13.14
C HIS B 446 -26.57 -55.44 14.04
N ASN B 447 -26.98 -54.31 13.48
CA ASN B 447 -27.11 -53.05 14.20
C ASN B 447 -28.52 -52.92 14.78
N GLY B 448 -28.78 -53.70 15.84
CA GLY B 448 -30.04 -53.68 16.54
C GLY B 448 -31.19 -54.48 15.95
N GLY B 449 -30.95 -55.38 15.00
CA GLY B 449 -32.03 -56.17 14.44
C GLY B 449 -32.44 -57.33 15.34
N SER B 450 -33.69 -57.76 15.19
CA SER B 450 -34.21 -58.86 15.98
C SER B 450 -33.99 -60.17 15.23
N TRP B 451 -33.34 -61.12 15.89
CA TRP B 451 -33.03 -62.43 15.32
C TRP B 451 -33.84 -63.49 16.06
N PRO B 452 -34.71 -64.23 15.38
CA PRO B 452 -35.51 -65.25 16.08
C PRO B 452 -34.70 -66.42 16.62
N VAL B 453 -33.62 -66.81 15.94
CA VAL B 453 -32.82 -67.95 16.37
C VAL B 453 -32.32 -67.78 17.80
N LEU B 454 -32.12 -66.54 18.24
CA LEU B 454 -31.63 -66.29 19.59
C LEU B 454 -32.58 -66.77 20.68
N LEU B 455 -33.84 -67.06 20.34
CA LEU B 455 -34.81 -67.49 21.34
C LEU B 455 -34.30 -68.62 22.22
N TRP B 456 -33.73 -69.67 21.61
CA TRP B 456 -33.28 -70.79 22.43
C TRP B 456 -32.26 -70.35 23.45
N GLN B 457 -31.33 -69.46 23.06
CA GLN B 457 -30.34 -68.99 24.03
C GLN B 457 -31.06 -68.34 25.21
N LEU B 458 -32.08 -67.52 24.92
CA LEU B 458 -32.83 -66.91 26.00
C LEU B 458 -33.53 -67.98 26.82
N THR B 459 -34.14 -68.97 26.14
CA THR B 459 -34.88 -70.02 26.82
C THR B 459 -33.99 -70.78 27.79
N ALA B 460 -32.86 -71.27 27.31
CA ALA B 460 -31.97 -71.99 28.21
C ALA B 460 -31.59 -71.10 29.38
N ALA B 461 -31.23 -69.84 29.09
CA ALA B 461 -30.84 -68.93 30.15
C ALA B 461 -31.96 -68.77 31.17
N CYS B 462 -33.21 -68.79 30.72
CA CYS B 462 -34.32 -68.64 31.65
C CYS B 462 -34.50 -69.89 32.52
N ILE B 463 -34.26 -71.08 31.95
CA ILE B 463 -34.44 -72.29 32.74
C ILE B 463 -33.34 -72.43 33.79
N LYS B 464 -32.10 -72.09 33.41
CA LYS B 464 -31.00 -72.19 34.36
C LYS B 464 -31.19 -71.22 35.52
N THR B 465 -31.80 -70.07 35.27
CA THR B 465 -32.05 -69.07 36.29
C THR B 465 -33.37 -69.27 37.03
N GLY B 466 -34.20 -70.22 36.58
CA GLY B 466 -35.47 -70.47 37.22
C GLY B 466 -36.57 -69.48 36.92
N ARG B 467 -36.55 -68.89 35.72
CA ARG B 467 -37.57 -67.91 35.29
C ARG B 467 -38.13 -68.36 33.94
N PRO B 468 -38.87 -69.47 33.91
CA PRO B 468 -39.40 -69.97 32.63
C PRO B 468 -40.53 -69.13 32.03
N GLN B 469 -41.26 -68.35 32.83
CA GLN B 469 -42.36 -67.58 32.27
C GLN B 469 -41.86 -66.60 31.21
N ILE B 470 -40.64 -66.10 31.36
CA ILE B 470 -40.08 -65.17 30.37
C ILE B 470 -39.95 -65.87 29.02
N ALA B 471 -39.41 -67.09 29.05
CA ALA B 471 -39.26 -67.86 27.82
C ALA B 471 -40.62 -68.20 27.25
N ARG B 472 -41.61 -68.43 28.12
CA ARG B 472 -42.95 -68.74 27.63
C ARG B 472 -43.56 -67.54 26.92
N ARG B 473 -43.30 -66.34 27.44
CA ARG B 473 -43.81 -65.13 26.81
C ARG B 473 -43.21 -64.96 25.43
N ALA B 474 -41.88 -65.13 25.34
CA ALA B 474 -41.21 -65.01 24.05
C ALA B 474 -41.67 -66.08 23.09
N VAL B 475 -41.93 -67.28 23.60
CA VAL B 475 -42.41 -68.38 22.77
C VAL B 475 -43.80 -68.05 22.22
N ASP B 476 -44.65 -67.42 23.03
CA ASP B 476 -45.98 -67.06 22.53
C ASP B 476 -45.87 -66.02 21.41
N LEU B 477 -44.92 -65.09 21.54
CA LEU B 477 -44.76 -64.08 20.49
C LEU B 477 -44.28 -64.73 19.19
N ILE B 478 -43.36 -65.69 19.32
CA ILE B 478 -42.84 -66.35 18.13
C ILE B 478 -43.89 -67.27 17.54
N GLU B 479 -44.66 -67.96 18.39
CA GLU B 479 -45.73 -68.82 17.89
C GLU B 479 -46.84 -68.01 17.28
N SER B 480 -46.83 -66.70 17.48
CA SER B 480 -47.84 -65.83 16.90
C SER B 480 -47.40 -65.23 15.58
N ARG B 481 -46.10 -65.16 15.31
CA ARG B 481 -45.68 -64.57 14.03
C ARG B 481 -44.62 -65.32 13.22
N LEU B 482 -43.86 -66.26 13.80
CA LEU B 482 -42.81 -66.93 13.03
C LEU B 482 -43.35 -67.73 11.84
N HIS B 483 -44.41 -68.51 12.02
CA HIS B 483 -44.93 -69.32 10.92
C HIS B 483 -45.60 -68.48 9.85
N ARG B 484 -46.27 -67.40 10.23
CA ARG B 484 -46.96 -66.57 9.26
C ARG B 484 -45.99 -65.87 8.30
N ASP B 485 -44.77 -65.56 8.75
CA ASP B 485 -43.80 -64.87 7.92
C ASP B 485 -42.83 -65.83 7.21
N CYS B 486 -43.14 -67.13 7.18
CA CYS B 486 -42.32 -68.14 6.51
C CYS B 486 -40.90 -68.22 7.08
N TRP B 487 -40.78 -68.09 8.41
CA TRP B 487 -39.52 -68.22 9.14
C TRP B 487 -38.41 -67.30 8.60
N PRO B 488 -38.50 -65.99 8.82
CA PRO B 488 -37.45 -65.09 8.33
C PRO B 488 -36.13 -65.25 9.06
N GLU B 489 -35.07 -64.75 8.41
CA GLU B 489 -33.74 -64.80 9.01
C GLU B 489 -33.61 -63.82 10.17
N TYR B 490 -34.10 -62.60 9.98
CA TYR B 490 -34.02 -61.57 11.01
C TYR B 490 -35.13 -60.55 10.76
N TYR B 491 -35.44 -59.78 11.82
CA TYR B 491 -36.45 -58.75 11.77
C TYR B 491 -35.81 -57.39 12.02
N ASP B 492 -36.43 -56.34 11.48
CA ASP B 492 -35.94 -54.98 11.64
C ASP B 492 -36.98 -54.10 12.31
N GLY B 493 -36.50 -52.98 12.86
CA GLY B 493 -37.37 -52.04 13.54
C GLY B 493 -37.08 -51.93 15.02
N LYS B 494 -37.56 -50.85 15.65
CA LYS B 494 -37.32 -50.67 17.09
C LYS B 494 -37.99 -51.76 17.90
N LEU B 495 -39.11 -52.30 17.40
CA LEU B 495 -39.84 -53.37 18.06
C LEU B 495 -39.75 -54.69 17.31
N GLY B 496 -39.12 -54.70 16.13
CA GLY B 496 -39.04 -55.91 15.34
C GLY B 496 -40.31 -56.19 14.58
N ARG B 497 -41.17 -55.18 14.43
CA ARG B 497 -42.44 -55.31 13.74
C ARG B 497 -42.28 -55.60 12.26
N TYR B 498 -41.15 -55.23 11.66
CA TYR B 498 -40.90 -55.41 10.24
C TYR B 498 -39.93 -56.54 9.97
N VAL B 499 -40.15 -57.24 8.84
CA VAL B 499 -39.26 -58.31 8.43
C VAL B 499 -37.93 -57.69 8.00
N GLY B 500 -36.86 -58.47 8.08
CA GLY B 500 -35.55 -57.95 7.72
C GLY B 500 -35.50 -57.37 6.32
N LYS B 501 -34.59 -56.42 6.14
CA LYS B 501 -34.41 -55.76 4.85
C LYS B 501 -33.93 -56.76 3.80
N GLN B 502 -33.02 -57.65 4.18
CA GLN B 502 -32.47 -58.67 3.30
C GLN B 502 -32.58 -60.03 3.96
N ALA B 503 -33.64 -60.24 4.73
CA ALA B 503 -33.85 -61.50 5.44
C ALA B 503 -34.24 -62.62 4.49
N ARG B 504 -33.62 -63.78 4.68
CA ARG B 504 -33.91 -64.96 3.88
C ARG B 504 -35.02 -65.74 4.56
N LYS B 505 -36.06 -66.07 3.80
CA LYS B 505 -37.14 -66.84 4.37
C LYS B 505 -36.72 -68.30 4.54
N TYR B 506 -37.32 -68.96 5.52
CA TYR B 506 -37.03 -70.36 5.82
C TYR B 506 -35.59 -70.57 6.25
N GLN B 507 -35.12 -69.71 7.15
CA GLN B 507 -33.75 -69.83 7.65
C GLN B 507 -33.70 -71.05 8.56
N THR B 508 -32.66 -71.87 8.39
CA THR B 508 -32.56 -73.13 9.13
C THR B 508 -32.47 -72.91 10.64
N TRP B 509 -31.54 -72.07 11.09
CA TRP B 509 -31.43 -71.92 12.53
C TRP B 509 -32.58 -71.12 13.13
N SER B 510 -33.30 -70.32 12.33
CA SER B 510 -34.44 -69.62 12.90
C SER B 510 -35.53 -70.60 13.30
N ILE B 511 -35.62 -71.72 12.58
CA ILE B 511 -36.59 -72.77 12.89
C ILE B 511 -36.04 -73.67 14.00
N ALA B 512 -34.76 -74.03 13.90
CA ALA B 512 -34.14 -74.89 14.89
C ALA B 512 -34.15 -74.26 16.27
N GLY B 513 -33.98 -72.94 16.35
CA GLY B 513 -33.99 -72.29 17.65
C GLY B 513 -35.36 -72.37 18.29
N TYR B 514 -36.42 -72.21 17.50
CA TYR B 514 -37.76 -72.33 18.04
C TYR B 514 -38.01 -73.74 18.54
N LEU B 515 -37.58 -74.73 17.75
CA LEU B 515 -37.77 -76.13 18.17
C LEU B 515 -37.01 -76.44 19.45
N VAL B 516 -35.76 -75.97 19.55
CA VAL B 516 -34.96 -76.23 20.74
C VAL B 516 -35.56 -75.55 21.96
N ALA B 517 -36.04 -74.31 21.79
CA ALA B 517 -36.63 -73.60 22.92
C ALA B 517 -37.89 -74.31 23.39
N LYS B 518 -38.71 -74.78 22.45
CA LYS B 518 -39.92 -75.48 22.85
C LYS B 518 -39.57 -76.79 23.54
N MET B 519 -38.53 -77.48 23.06
CA MET B 519 -38.12 -78.73 23.71
C MET B 519 -37.60 -78.47 25.11
N LEU B 520 -36.94 -77.33 25.31
CA LEU B 520 -36.43 -77.02 26.64
C LEU B 520 -37.58 -76.68 27.58
N LEU B 521 -38.59 -75.97 27.08
CA LEU B 521 -39.76 -75.66 27.90
C LEU B 521 -40.55 -76.91 28.21
N GLU B 522 -40.64 -77.84 27.26
CA GLU B 522 -41.39 -79.07 27.47
C GLU B 522 -40.66 -80.00 28.44
N ASP B 523 -39.34 -80.04 28.37
CA ASP B 523 -38.52 -80.89 29.25
C ASP B 523 -37.36 -80.04 29.74
N PRO B 524 -37.52 -79.40 30.91
CA PRO B 524 -36.43 -78.54 31.42
C PRO B 524 -35.16 -79.28 31.82
N SER B 525 -35.21 -80.60 32.02
CA SER B 525 -34.01 -81.36 32.41
C SER B 525 -32.88 -81.32 31.38
N HIS B 526 -33.14 -80.81 30.17
CA HIS B 526 -32.13 -80.76 29.12
C HIS B 526 -31.09 -79.66 29.25
N ILE B 527 -31.30 -78.66 30.12
CA ILE B 527 -30.33 -77.57 30.21
C ILE B 527 -28.96 -78.04 30.68
N GLY B 528 -28.87 -79.18 31.34
CA GLY B 528 -27.56 -79.66 31.74
C GLY B 528 -26.68 -79.95 30.54
N MET B 529 -27.31 -80.21 29.39
CA MET B 529 -26.62 -80.45 28.13
C MET B 529 -25.95 -79.20 27.59
N ILE B 530 -26.38 -78.01 28.04
CA ILE B 530 -25.84 -76.76 27.54
C ILE B 530 -25.45 -75.79 28.66
N SER B 531 -25.30 -76.29 29.89
CA SER B 531 -24.94 -75.41 30.99
C SER B 531 -23.95 -76.08 31.92
N LEU B 532 -23.25 -75.25 32.70
CA LEU B 532 -22.28 -75.69 33.68
C LEU B 532 -22.52 -74.95 34.99
N GLU B 533 -21.97 -75.48 36.08
CA GLU B 533 -22.13 -74.86 37.39
C GLU B 533 -20.82 -74.90 38.19
N HIS C 82 -8.81 15.37 -7.52
CA HIS C 82 -10.06 15.47 -8.25
C HIS C 82 -11.17 16.04 -7.37
N PRO C 83 -12.17 16.70 -8.00
CA PRO C 83 -13.27 17.27 -7.21
C PRO C 83 -14.37 16.29 -6.86
N MET C 84 -14.02 15.06 -6.51
CA MET C 84 -15.04 14.12 -6.07
C MET C 84 -15.33 14.34 -4.61
N MET C 85 -14.39 14.97 -3.90
CA MET C 85 -14.61 15.33 -2.52
C MET C 85 -15.61 16.48 -2.51
N ALA C 86 -15.70 17.22 -3.61
CA ALA C 86 -16.69 18.28 -3.71
C ALA C 86 -18.09 17.68 -3.78
N GLU C 87 -18.23 16.57 -4.51
CA GLU C 87 -19.53 15.88 -4.55
C GLU C 87 -19.86 15.34 -3.16
N ALA C 88 -18.85 14.80 -2.49
CA ALA C 88 -19.04 14.28 -1.14
C ALA C 88 -19.45 15.42 -0.21
N TRP C 89 -18.87 16.60 -0.40
CA TRP C 89 -19.21 17.73 0.43
C TRP C 89 -20.60 18.26 0.10
N GLU C 90 -21.03 18.12 -1.16
CA GLU C 90 -22.39 18.54 -1.48
C GLU C 90 -23.36 17.68 -0.70
N ALA C 91 -23.07 16.36 -0.67
CA ALA C 91 -23.93 15.45 0.08
C ALA C 91 -23.86 15.74 1.58
N LEU C 92 -22.67 16.06 2.09
CA LEU C 92 -22.52 16.36 3.52
C LEU C 92 -23.26 17.63 3.90
N ARG C 93 -23.20 18.66 3.06
CA ARG C 93 -23.90 19.91 3.36
C ARG C 93 -25.40 19.78 3.14
N ARG C 94 -25.84 18.83 2.31
CA ARG C 94 -27.29 18.67 2.14
C ARG C 94 -27.89 18.01 3.37
N SER C 95 -27.08 17.26 4.12
CA SER C 95 -27.51 16.55 5.31
C SER C 95 -27.41 17.40 6.59
N MET C 96 -27.45 18.73 6.48
CA MET C 96 -27.34 19.56 7.67
C MET C 96 -28.72 19.78 8.28
N VAL C 97 -28.78 19.77 9.61
CA VAL C 97 -30.02 19.94 10.35
C VAL C 97 -29.94 21.22 11.16
N PHE C 98 -30.94 22.08 10.97
CA PHE C 98 -31.03 23.36 11.67
C PHE C 98 -32.17 23.33 12.66
N PHE C 99 -31.99 24.03 13.77
CA PHE C 99 -33.01 24.12 14.80
C PHE C 99 -33.29 25.57 15.12
N ARG C 100 -34.45 26.05 14.67
CA ARG C 100 -34.88 27.43 14.91
C ARG C 100 -33.83 28.43 14.43
N GLY C 101 -33.16 28.08 13.32
CA GLY C 101 -32.14 28.92 12.74
C GLY C 101 -30.72 28.50 13.06
N GLN C 102 -30.52 27.73 14.12
CA GLN C 102 -29.18 27.32 14.50
C GLN C 102 -28.87 25.92 13.98
N PRO C 103 -27.68 25.69 13.41
CA PRO C 103 -27.33 24.35 12.93
C PRO C 103 -27.00 23.47 14.12
N VAL C 104 -27.74 22.38 14.30
CA VAL C 104 -27.50 21.51 15.45
C VAL C 104 -26.75 20.25 15.10
N GLY C 105 -26.93 19.72 13.90
CA GLY C 105 -26.23 18.51 13.54
C GLY C 105 -26.51 18.10 12.12
N THR C 106 -26.14 16.88 11.80
CA THR C 106 -26.36 16.31 10.48
C THR C 106 -27.27 15.09 10.60
N LEU C 107 -27.99 14.79 9.52
CA LEU C 107 -28.86 13.64 9.54
C LEU C 107 -28.02 12.37 9.44
N ALA C 108 -28.70 11.22 9.49
CA ALA C 108 -28.04 9.93 9.38
C ALA C 108 -28.05 9.38 7.97
N ALA C 109 -29.18 9.53 7.27
CA ALA C 109 -29.34 9.08 5.89
C ALA C 109 -30.20 10.09 5.16
N VAL C 110 -29.85 10.36 3.91
CA VAL C 110 -30.57 11.31 3.06
C VAL C 110 -31.11 10.54 1.88
N ASP C 111 -32.35 10.07 1.99
CA ASP C 111 -32.98 9.30 0.92
C ASP C 111 -34.22 10.03 0.41
N TYR C 120 -33.00 5.31 10.78
CA TYR C 120 -31.88 6.19 10.47
C TYR C 120 -32.29 7.46 9.72
N ASP C 121 -33.00 8.36 10.41
CA ASP C 121 -33.43 9.62 9.81
C ASP C 121 -33.31 10.77 10.82
N GLN C 122 -32.52 10.59 11.87
CA GLN C 122 -32.31 11.56 12.94
C GLN C 122 -30.82 11.88 13.05
N VAL C 123 -30.49 12.69 14.04
CA VAL C 123 -29.11 13.09 14.31
C VAL C 123 -28.58 12.16 15.38
N PHE C 124 -27.73 11.21 14.99
CA PHE C 124 -27.13 10.27 15.92
C PHE C 124 -25.76 10.79 16.35
N VAL C 125 -25.34 10.41 17.56
CA VAL C 125 -24.05 10.86 18.08
C VAL C 125 -22.91 10.22 17.29
N ARG C 126 -22.89 8.88 17.27
CA ARG C 126 -21.83 8.18 16.54
C ARG C 126 -21.87 8.53 15.07
N ASP C 127 -23.04 8.79 14.51
CA ASP C 127 -23.15 9.16 13.11
C ASP C 127 -22.62 10.57 12.85
N PHE C 128 -22.75 11.46 13.85
CA PHE C 128 -22.31 12.84 13.71
C PHE C 128 -20.83 13.05 14.00
N VAL C 129 -20.18 12.11 14.69
CA VAL C 129 -18.75 12.26 15.01
C VAL C 129 -17.93 12.55 13.75
N PRO C 130 -17.98 11.71 12.70
CA PRO C 130 -17.16 12.03 11.52
C PRO C 130 -17.57 13.32 10.82
N SER C 131 -18.86 13.63 10.76
CA SER C 131 -19.26 14.87 10.12
C SER C 131 -18.71 16.06 10.89
N ALA C 132 -18.71 15.95 12.23
CA ALA C 132 -18.18 17.01 13.06
C ALA C 132 -16.69 17.17 12.83
N LEU C 133 -15.97 16.05 12.68
CA LEU C 133 -14.53 16.15 12.43
C LEU C 133 -14.27 16.80 11.07
N ALA C 134 -15.10 16.49 10.08
CA ALA C 134 -14.93 17.10 8.77
C ALA C 134 -15.12 18.61 8.85
N PHE C 135 -16.16 19.05 9.55
CA PHE C 135 -16.37 20.49 9.68
C PHE C 135 -15.28 21.14 10.51
N LEU C 136 -14.76 20.43 11.52
CA LEU C 136 -13.70 20.98 12.35
C LEU C 136 -12.44 21.18 11.53
N MET C 137 -12.13 20.24 10.64
CA MET C 137 -10.94 20.37 9.81
C MET C 137 -11.11 21.41 8.70
N ASN C 138 -12.33 21.57 8.19
CA ASN C 138 -12.56 22.57 7.15
C ASN C 138 -12.60 23.99 7.67
N GLY C 139 -12.79 24.19 8.97
CA GLY C 139 -12.86 25.50 9.55
C GLY C 139 -14.26 26.01 9.84
N GLU C 140 -15.23 25.13 10.03
CA GLU C 140 -16.62 25.50 10.33
C GLU C 140 -17.00 24.78 11.62
N PRO C 141 -16.51 25.27 12.76
CA PRO C 141 -16.77 24.61 14.05
C PRO C 141 -18.02 25.08 14.79
N ASP C 142 -18.84 25.96 14.23
CA ASP C 142 -20.03 26.40 14.95
C ASP C 142 -21.05 25.28 15.08
N ILE C 143 -21.13 24.40 14.07
CA ILE C 143 -22.07 23.30 14.12
C ILE C 143 -21.73 22.36 15.26
N VAL C 144 -20.43 22.09 15.48
CA VAL C 144 -20.01 21.22 16.56
C VAL C 144 -20.32 21.86 17.91
N LYS C 145 -20.18 23.18 18.00
CA LYS C 145 -20.47 23.89 19.24
C LYS C 145 -21.95 23.76 19.58
N HIS C 146 -22.80 24.01 18.59
CA HIS C 146 -24.24 23.88 18.82
C HIS C 146 -24.61 22.45 19.16
N PHE C 147 -23.97 21.48 18.52
CA PHE C 147 -24.28 20.08 18.79
C PHE C 147 -23.95 19.71 20.23
N LEU C 148 -22.74 20.05 20.68
CA LEU C 148 -22.36 19.73 22.04
C LEU C 148 -23.28 20.40 23.05
N LEU C 149 -23.61 21.67 22.82
CA LEU C 149 -24.48 22.37 23.76
C LEU C 149 -25.90 21.80 23.76
N LYS C 150 -26.44 21.48 22.57
CA LYS C 150 -27.79 20.95 22.51
C LYS C 150 -27.86 19.55 23.12
N THR C 151 -26.84 18.73 22.89
CA THR C 151 -26.85 17.40 23.49
C THR C 151 -26.73 17.51 25.00
N LEU C 152 -25.98 18.50 25.50
CA LEU C 152 -25.91 18.66 26.95
C LEU C 152 -27.27 19.07 27.50
N GLN C 153 -27.98 19.93 26.77
CA GLN C 153 -29.32 20.32 27.21
C GLN C 153 -30.23 19.10 27.24
N LEU C 154 -30.10 18.21 26.26
CA LEU C 154 -30.90 16.99 26.27
C LEU C 154 -30.50 16.11 27.45
N GLN C 155 -29.22 16.16 27.84
CA GLN C 155 -28.78 15.41 29.00
C GLN C 155 -29.45 15.94 30.25
N GLY C 156 -29.84 17.22 30.23
CA GLY C 156 -30.52 17.81 31.37
C GLY C 156 -32.02 17.58 31.41
N TRP C 157 -32.51 16.61 30.63
CA TRP C 157 -33.93 16.27 30.56
C TRP C 157 -34.31 15.14 31.50
N GLU C 158 -35.63 15.02 31.73
CA GLU C 158 -36.23 13.98 32.58
C GLU C 158 -36.61 12.77 31.72
N LYS C 159 -35.79 11.72 31.80
CA LYS C 159 -36.00 10.48 31.03
C LYS C 159 -36.63 9.41 31.91
N ARG C 160 -37.59 8.66 31.34
CA ARG C 160 -38.27 7.59 32.06
C ARG C 160 -38.63 6.44 31.13
N VAL C 161 -38.43 5.22 31.60
CA VAL C 161 -38.75 3.99 30.84
C VAL C 161 -39.65 3.09 31.68
N ASP C 162 -40.94 3.09 31.33
CA ASP C 162 -42.08 2.35 31.87
C ASP C 162 -42.49 2.73 33.28
N ARG C 163 -41.50 2.84 34.19
CA ARG C 163 -41.68 3.25 35.58
C ARG C 163 -40.35 3.62 36.19
N PHE C 164 -39.29 3.54 35.41
CA PHE C 164 -37.93 3.74 35.88
C PHE C 164 -37.34 5.05 35.39
N LYS C 165 -36.85 5.85 36.33
CA LYS C 165 -36.22 7.13 36.04
C LYS C 165 -34.78 6.85 35.63
N LEU C 166 -34.41 7.26 34.42
CA LEU C 166 -33.08 7.01 33.90
C LEU C 166 -32.03 7.86 34.63
N GLY C 167 -30.76 7.53 34.37
CA GLY C 167 -29.66 8.22 35.00
C GLY C 167 -29.63 9.71 34.67
N GLU C 168 -28.94 10.45 35.54
CA GLU C 168 -28.82 11.89 35.36
C GLU C 168 -27.92 12.25 34.19
N GLY C 169 -26.77 11.59 34.07
CA GLY C 169 -25.83 11.86 33.01
C GLY C 169 -26.05 11.09 31.72
N VAL C 170 -27.16 10.37 31.59
CA VAL C 170 -27.43 9.59 30.39
C VAL C 170 -27.62 10.51 29.20
N MET C 171 -26.84 10.29 28.14
CA MET C 171 -26.83 11.02 26.88
C MET C 171 -27.75 10.34 25.87
N PRO C 172 -28.49 11.11 25.08
CA PRO C 172 -29.38 10.49 24.10
C PRO C 172 -28.64 9.86 22.93
N ALA C 173 -29.27 8.84 22.35
CA ALA C 173 -28.68 8.17 21.19
C ALA C 173 -28.92 8.95 19.91
N SER C 174 -30.07 9.62 19.81
CA SER C 174 -30.43 10.40 18.64
C SER C 174 -31.52 11.39 19.02
N PHE C 175 -31.80 12.31 18.10
CA PHE C 175 -32.84 13.30 18.31
C PHE C 175 -33.27 13.82 16.94
N LYS C 176 -34.54 14.22 16.88
CA LYS C 176 -35.15 14.74 15.66
C LYS C 176 -35.84 16.06 15.94
N VAL C 177 -36.03 16.79 14.84
CA VAL C 177 -36.65 18.11 14.81
C VAL C 177 -38.10 17.97 14.35
N LEU C 178 -38.99 18.72 15.00
CA LEU C 178 -40.42 18.72 14.71
C LEU C 178 -40.78 19.98 13.93
N HIS C 179 -40.64 19.92 12.61
CA HIS C 179 -40.99 21.06 11.77
C HIS C 179 -42.50 21.22 11.66
N ARG C 183 -44.03 23.35 8.56
CA ARG C 183 -42.60 23.25 8.82
C ARG C 183 -42.01 24.60 9.21
N GLU C 184 -42.73 25.35 10.04
CA GLU C 184 -42.30 26.67 10.49
C GLU C 184 -41.72 26.70 11.90
N THR C 185 -42.22 25.88 12.83
CA THR C 185 -41.74 25.88 14.19
C THR C 185 -41.14 24.52 14.54
N ASP C 186 -39.87 24.52 14.94
CA ASP C 186 -39.14 23.31 15.32
C ASP C 186 -39.33 22.99 16.80
N ASN C 187 -39.15 21.70 17.12
CA ASN C 187 -39.30 21.17 18.48
C ASN C 187 -38.37 19.95 18.63
N ILE C 188 -37.77 19.81 19.81
CA ILE C 188 -36.80 18.75 20.07
C ILE C 188 -37.50 17.47 20.53
N VAL C 189 -37.08 16.33 19.97
CA VAL C 189 -37.56 15.01 20.39
C VAL C 189 -36.31 14.15 20.49
N ALA C 190 -36.06 13.57 21.65
CA ALA C 190 -34.86 12.75 21.85
C ALA C 190 -35.21 11.31 22.17
N ASP C 191 -34.28 10.41 21.85
CA ASP C 191 -34.45 8.99 22.11
C ASP C 191 -33.29 8.53 23.00
N PHE C 192 -33.61 8.05 24.19
CA PHE C 192 -32.62 7.56 25.14
C PHE C 192 -32.65 6.04 25.27
N GLY C 193 -33.46 5.35 24.48
CA GLY C 193 -33.57 3.91 24.54
C GLY C 193 -35.01 3.46 24.66
N GLU C 194 -35.90 4.40 24.99
CA GLU C 194 -37.31 4.06 25.11
C GLU C 194 -37.90 3.74 23.74
N SER C 195 -37.46 4.47 22.70
CA SER C 195 -37.94 4.24 21.34
C SER C 195 -37.07 3.28 20.55
N ALA C 196 -35.85 3.03 21.02
CA ALA C 196 -34.94 2.15 20.30
C ALA C 196 -35.46 0.72 20.21
N ILE C 197 -35.18 0.08 19.08
CA ILE C 197 -35.60 -1.30 18.88
C ILE C 197 -34.84 -2.18 19.87
N GLY C 198 -35.59 -2.96 20.65
CA GLY C 198 -34.99 -3.81 21.66
C GLY C 198 -34.61 -3.09 22.93
N ARG C 199 -34.90 -1.79 23.03
CA ARG C 199 -34.59 -0.98 24.21
C ARG C 199 -33.09 -1.00 24.54
N VAL C 200 -32.26 -0.86 23.50
CA VAL C 200 -30.82 -0.86 23.69
C VAL C 200 -30.39 0.48 24.29
N ALA C 201 -29.27 0.47 25.02
CA ALA C 201 -28.73 1.66 25.66
C ALA C 201 -27.47 2.14 24.97
N PRO C 202 -27.41 3.42 24.58
CA PRO C 202 -26.22 3.96 23.91
C PRO C 202 -25.11 4.35 24.88
N VAL C 203 -24.29 3.38 25.28
CA VAL C 203 -23.20 3.68 26.21
C VAL C 203 -22.14 4.56 25.57
N ASP C 204 -21.86 4.36 24.28
CA ASP C 204 -20.83 5.12 23.58
C ASP C 204 -21.17 6.58 23.33
N SER C 205 -22.44 6.97 23.44
CA SER C 205 -22.81 8.35 23.14
C SER C 205 -22.12 9.35 24.07
N GLY C 206 -22.06 9.05 25.37
CA GLY C 206 -21.42 9.98 26.30
C GLY C 206 -19.92 10.08 26.06
N PHE C 207 -19.28 8.95 25.83
CA PHE C 207 -17.85 8.96 25.56
C PHE C 207 -17.57 9.73 24.28
N TRP C 208 -18.43 9.55 23.28
CA TRP C 208 -18.26 10.29 22.04
C TRP C 208 -18.46 11.78 22.27
N TRP C 209 -19.36 12.16 23.17
CA TRP C 209 -19.56 13.57 23.46
C TRP C 209 -18.29 14.17 24.07
N ILE C 210 -17.70 13.48 25.04
CA ILE C 210 -16.48 13.99 25.67
C ILE C 210 -15.34 14.06 24.66
N ILE C 211 -15.21 13.01 23.83
CA ILE C 211 -14.15 12.98 22.83
C ILE C 211 -14.34 14.10 21.82
N LEU C 212 -15.59 14.34 21.41
CA LEU C 212 -15.87 15.40 20.45
C LEU C 212 -15.59 16.76 21.06
N LEU C 213 -15.87 16.92 22.36
CA LEU C 213 -15.57 18.20 23.02
C LEU C 213 -14.08 18.44 23.03
N ARG C 214 -13.29 17.40 23.32
CA ARG C 214 -11.84 17.55 23.31
C ARG C 214 -11.35 17.86 21.89
N ALA C 215 -11.94 17.21 20.89
CA ALA C 215 -11.55 17.45 19.52
C ALA C 215 -11.86 18.88 19.11
N TYR C 216 -13.00 19.40 19.56
CA TYR C 216 -13.36 20.78 19.23
C TYR C 216 -12.40 21.77 19.86
N THR C 217 -12.14 21.62 21.16
CA THR C 217 -11.25 22.55 21.84
C THR C 217 -9.83 22.45 21.29
N LYS C 218 -9.42 21.29 20.78
CA LYS C 218 -8.08 21.18 20.22
C LYS C 218 -8.01 21.72 18.80
N SER C 219 -9.07 21.52 18.01
CA SER C 219 -9.09 22.01 16.63
C SER C 219 -9.21 23.53 16.57
N THR C 220 -9.99 24.11 17.48
CA THR C 220 -10.18 25.56 17.48
C THR C 220 -9.26 26.29 18.44
N GLY C 221 -8.80 25.63 19.51
CA GLY C 221 -7.97 26.30 20.48
C GLY C 221 -8.77 27.19 21.42
N ASP C 222 -10.08 27.27 21.23
CA ASP C 222 -10.99 28.08 22.03
C ASP C 222 -11.42 27.26 23.25
N LEU C 223 -10.67 27.42 24.34
CA LEU C 223 -10.90 26.71 25.60
C LEU C 223 -12.15 27.19 26.33
N THR C 224 -12.79 28.25 25.86
CA THR C 224 -13.96 28.81 26.56
C THR C 224 -15.13 27.83 26.65
N LEU C 225 -15.40 27.07 25.59
CA LEU C 225 -16.54 26.16 25.62
C LEU C 225 -16.38 25.06 26.66
N SER C 226 -15.21 24.44 26.72
CA SER C 226 -15.01 23.36 27.69
C SER C 226 -15.00 23.87 29.13
N GLU C 227 -14.64 25.13 29.35
CA GLU C 227 -14.58 25.67 30.70
C GLU C 227 -15.91 26.24 31.19
N THR C 228 -16.96 26.24 30.37
CA THR C 228 -18.24 26.73 30.84
C THR C 228 -18.77 25.79 31.92
N PRO C 229 -19.52 26.31 32.89
CA PRO C 229 -20.04 25.42 33.95
C PRO C 229 -20.91 24.30 33.40
N GLU C 230 -21.65 24.55 32.32
CA GLU C 230 -22.50 23.51 31.75
C GLU C 230 -21.69 22.33 31.23
N CYS C 231 -20.63 22.61 30.48
CA CYS C 231 -19.81 21.52 29.94
C CYS C 231 -19.11 20.76 31.06
N GLN C 232 -18.67 21.47 32.11
CA GLN C 232 -18.04 20.79 33.22
C GLN C 232 -19.04 19.88 33.91
N LYS C 233 -20.27 20.37 34.06
CA LYS C 233 -21.32 19.57 34.67
C LYS C 233 -21.60 18.33 33.84
N GLY C 234 -21.63 18.49 32.51
CA GLY C 234 -21.89 17.34 31.65
C GLY C 234 -20.79 16.31 31.73
N MET C 235 -19.53 16.77 31.75
CA MET C 235 -18.42 15.84 31.86
C MET C 235 -18.50 15.07 33.17
N LYS C 236 -18.72 15.78 34.27
CA LYS C 236 -18.81 15.12 35.57
C LYS C 236 -20.01 14.19 35.63
N LEU C 237 -21.12 14.55 34.99
CA LEU C 237 -22.31 13.72 35.00
C LEU C 237 -22.07 12.40 34.27
N ILE C 238 -21.45 12.48 33.08
CA ILE C 238 -21.17 11.26 32.34
C ILE C 238 -20.12 10.41 33.06
N LEU C 239 -19.12 11.07 33.65
CA LEU C 239 -18.08 10.32 34.35
C LEU C 239 -18.59 9.64 35.61
N SER C 240 -19.57 10.24 36.29
CA SER C 240 -20.08 9.62 37.51
C SER C 240 -20.89 8.37 37.23
N LEU C 241 -21.39 8.20 36.00
CA LEU C 241 -22.17 7.01 35.68
C LEU C 241 -21.27 5.79 35.52
N CYS C 242 -20.12 5.95 34.85
CA CYS C 242 -19.20 4.86 34.61
C CYS C 242 -18.21 4.65 35.76
N LEU C 243 -17.82 5.72 36.44
CA LEU C 243 -16.89 5.59 37.56
C LEU C 243 -17.58 5.20 38.85
N ALA C 244 -18.89 4.94 38.79
CA ALA C 244 -19.65 4.55 39.98
C ALA C 244 -19.22 3.18 40.48
N GLU C 245 -19.31 3.01 41.81
CA GLU C 245 -18.94 1.75 42.45
C GLU C 245 -20.01 0.69 42.20
N GLY C 246 -19.58 -0.56 42.23
CA GLY C 246 -20.51 -1.66 42.04
C GLY C 246 -19.87 -2.97 42.43
N PHE C 247 -20.62 -4.05 42.21
CA PHE C 247 -20.16 -5.39 42.51
C PHE C 247 -19.07 -5.86 41.56
N ASP C 248 -18.73 -5.01 40.58
CA ASP C 248 -17.73 -5.33 39.58
C ASP C 248 -16.37 -5.64 40.18
N THR C 249 -15.78 -6.75 39.72
CA THR C 249 -14.44 -7.17 40.10
C THR C 249 -13.45 -6.90 38.98
N PHE C 250 -13.89 -6.19 37.95
CA PHE C 250 -13.16 -5.82 36.76
C PHE C 250 -13.10 -4.30 36.61
N PRO C 251 -11.96 -3.74 36.23
CA PRO C 251 -11.90 -2.28 36.04
C PRO C 251 -12.70 -1.84 34.82
N THR C 252 -12.91 -2.73 33.85
CA THR C 252 -13.64 -2.43 32.63
C THR C 252 -15.13 -2.26 32.93
N LEU C 253 -15.82 -1.64 31.97
CA LEU C 253 -17.25 -1.35 32.08
C LEU C 253 -18.12 -2.52 31.66
N LEU C 254 -19.02 -2.95 32.55
CA LEU C 254 -19.94 -4.04 32.22
C LEU C 254 -20.97 -3.50 31.24
N CYS C 255 -21.33 -4.31 30.25
CA CYS C 255 -22.27 -3.82 29.24
C CYS C 255 -23.28 -4.87 28.83
N ALA C 256 -24.47 -4.39 28.47
CA ALA C 256 -25.54 -5.23 27.96
C ALA C 256 -25.37 -5.34 26.45
N ASP C 257 -26.03 -6.33 25.85
CA ASP C 257 -25.90 -6.51 24.41
C ASP C 257 -26.49 -5.33 23.65
N GLY C 258 -25.80 -4.95 22.56
CA GLY C 258 -26.26 -3.84 21.73
C GLY C 258 -26.02 -2.45 22.32
N CYS C 259 -24.91 -2.27 23.04
CA CYS C 259 -24.56 -1.01 23.70
C CYS C 259 -23.59 -0.14 22.91
N SER C 260 -23.05 -0.61 21.80
CA SER C 260 -22.08 0.12 21.00
C SER C 260 -22.62 0.29 19.59
N MET C 261 -21.76 0.76 18.68
CA MET C 261 -22.09 0.96 17.27
C MET C 261 -23.00 -0.17 16.78
N ILE C 262 -22.81 -1.36 17.36
CA ILE C 262 -23.61 -2.55 17.11
C ILE C 262 -24.82 -2.45 18.05
N ASP C 263 -25.93 -1.91 17.55
CA ASP C 263 -27.14 -1.71 18.35
C ASP C 263 -28.01 -2.94 18.44
N ARG C 264 -27.52 -4.10 18.00
CA ARG C 264 -28.30 -5.34 18.04
C ARG C 264 -27.54 -6.41 18.81
N ARG C 265 -28.24 -7.52 19.06
CA ARG C 265 -27.64 -8.63 19.79
C ARG C 265 -26.55 -9.30 18.94
N MET C 266 -25.31 -9.20 19.41
CA MET C 266 -24.18 -9.77 18.71
C MET C 266 -23.18 -10.43 19.64
N GLY C 267 -23.44 -10.46 20.95
CA GLY C 267 -22.51 -11.03 21.89
C GLY C 267 -21.52 -9.99 22.36
N VAL C 268 -21.90 -8.72 22.30
CA VAL C 268 -21.02 -7.64 22.70
C VAL C 268 -21.30 -7.29 24.16
N TYR C 269 -21.97 -8.18 24.87
CA TYR C 269 -22.25 -7.96 26.28
C TYR C 269 -20.98 -8.21 27.09
N GLY C 270 -20.94 -7.62 28.28
CA GLY C 270 -19.77 -7.81 29.12
C GLY C 270 -18.78 -6.67 29.06
N TYR C 271 -17.60 -6.92 28.49
CA TYR C 271 -16.53 -5.92 28.38
C TYR C 271 -15.98 -5.88 26.96
N PRO C 272 -16.76 -5.37 26.00
CA PRO C 272 -16.26 -5.30 24.62
C PRO C 272 -15.18 -4.24 24.47
N ILE C 273 -14.19 -4.53 23.60
CA ILE C 273 -13.08 -3.61 23.39
C ILE C 273 -13.55 -2.25 22.87
N GLU C 274 -14.65 -2.21 22.13
CA GLU C 274 -15.12 -0.93 21.62
C GLU C 274 -15.48 0.01 22.76
N ILE C 275 -16.27 -0.48 23.71
CA ILE C 275 -16.68 0.35 24.83
C ILE C 275 -15.49 0.66 25.74
N GLN C 276 -14.60 -0.32 25.95
CA GLN C 276 -13.45 -0.07 26.81
C GLN C 276 -12.50 0.95 26.21
N ALA C 277 -12.28 0.88 24.90
CA ALA C 277 -11.40 1.84 24.25
C ALA C 277 -12.01 3.23 24.26
N LEU C 278 -13.32 3.33 24.00
CA LEU C 278 -13.97 4.62 24.05
C LEU C 278 -13.94 5.17 25.47
N PHE C 279 -14.07 4.28 26.46
CA PHE C 279 -14.00 4.65 27.86
C PHE C 279 -12.63 5.23 28.22
N PHE C 280 -11.58 4.55 27.80
CA PHE C 280 -10.22 5.01 28.07
C PHE C 280 -9.94 6.35 27.41
N MET C 281 -10.34 6.49 26.14
CA MET C 281 -10.12 7.74 25.45
C MET C 281 -10.91 8.88 26.08
N ALA C 282 -12.16 8.61 26.47
CA ALA C 282 -12.96 9.64 27.10
C ALA C 282 -12.38 10.04 28.45
N LEU C 283 -11.81 9.09 29.18
CA LEU C 283 -11.21 9.41 30.48
C LEU C 283 -10.01 10.33 30.29
N ARG C 284 -9.12 9.99 29.36
CA ARG C 284 -7.95 10.83 29.13
C ARG C 284 -8.36 12.20 28.61
N SER C 285 -9.31 12.25 27.67
CA SER C 285 -9.75 13.54 27.14
C SER C 285 -10.49 14.32 28.20
N ALA C 286 -11.06 13.65 29.20
CA ALA C 286 -11.74 14.35 30.29
C ALA C 286 -10.71 15.04 31.16
N LEU C 287 -9.58 14.35 31.42
CA LEU C 287 -8.53 14.99 32.19
C LEU C 287 -7.96 16.16 31.41
N SER C 288 -7.97 16.06 30.09
CA SER C 288 -7.43 17.14 29.25
C SER C 288 -8.22 18.45 29.35
N MET C 289 -9.43 18.44 29.91
CA MET C 289 -10.21 19.67 29.99
C MET C 289 -11.03 19.85 31.26
N LEU C 290 -10.69 19.19 32.36
CA LEU C 290 -11.44 19.31 33.60
C LEU C 290 -10.76 20.29 34.56
N LYS C 291 -11.56 21.22 35.11
CA LYS C 291 -11.05 22.22 36.05
C LYS C 291 -10.94 21.62 37.46
N PRO C 292 -9.90 21.95 38.20
CA PRO C 292 -9.72 21.37 39.54
C PRO C 292 -10.49 22.05 40.66
N ASP C 293 -11.50 22.87 40.33
CA ASP C 293 -12.25 23.55 41.38
C ASP C 293 -13.20 22.58 42.09
N GLY C 294 -13.35 22.80 43.39
CA GLY C 294 -14.25 22.02 44.24
C GLY C 294 -14.14 20.52 44.12
N ASP C 295 -15.18 19.92 43.52
CA ASP C 295 -15.22 18.47 43.34
C ASP C 295 -14.32 17.99 42.23
N GLY C 296 -13.85 18.87 41.35
CA GLY C 296 -13.01 18.40 40.26
C GLY C 296 -11.77 17.69 40.75
N ARG C 297 -11.11 18.26 41.78
CA ARG C 297 -9.92 17.62 42.31
C ARG C 297 -10.24 16.21 42.75
N GLU C 298 -11.43 16.01 43.30
CA GLU C 298 -11.86 14.68 43.71
C GLU C 298 -12.06 13.78 42.50
N VAL C 299 -12.81 14.27 41.50
CA VAL C 299 -13.04 13.46 40.33
C VAL C 299 -11.76 13.19 39.58
N ILE C 300 -10.85 14.18 39.55
CA ILE C 300 -9.58 13.98 38.87
C ILE C 300 -8.86 12.80 39.48
N GLU C 301 -8.99 12.61 40.80
CA GLU C 301 -8.34 11.46 41.43
C GLU C 301 -8.93 10.17 40.88
N ARG C 302 -10.26 10.08 40.83
CA ARG C 302 -10.91 8.86 40.35
C ARG C 302 -10.48 8.53 38.93
N ILE C 303 -10.55 9.52 38.05
CA ILE C 303 -10.19 9.30 36.66
C ILE C 303 -8.77 8.77 36.58
N VAL C 304 -7.86 9.32 37.39
CA VAL C 304 -6.48 8.84 37.33
C VAL C 304 -6.40 7.40 37.82
N LYS C 305 -7.04 7.11 38.96
CA LYS C 305 -6.96 5.76 39.51
C LYS C 305 -7.49 4.72 38.55
N ARG C 306 -8.70 4.94 38.04
CA ARG C 306 -9.26 3.97 37.11
C ARG C 306 -8.41 3.88 35.85
N LEU C 307 -7.78 4.99 35.43
CA LEU C 307 -6.96 4.92 34.23
C LEU C 307 -5.79 3.99 34.44
N HIS C 308 -5.25 3.93 35.65
CA HIS C 308 -4.15 3.00 35.88
C HIS C 308 -4.67 1.58 35.84
N ALA C 309 -5.84 1.34 36.42
CA ALA C 309 -6.41 -0.01 36.43
C ALA C 309 -6.73 -0.47 35.01
N LEU C 310 -7.18 0.43 34.15
CA LEU C 310 -7.53 0.05 32.79
C LEU C 310 -6.29 -0.21 31.93
N SER C 311 -5.34 0.74 31.92
CA SER C 311 -4.14 0.58 31.09
C SER C 311 -3.47 -0.76 31.34
N PHE C 312 -3.44 -1.19 32.59
CA PHE C 312 -2.86 -2.48 32.91
C PHE C 312 -3.73 -3.61 32.38
N HIS C 313 -5.00 -3.64 32.81
CA HIS C 313 -5.92 -4.71 32.47
C HIS C 313 -6.06 -4.89 30.97
N MET C 314 -6.02 -3.80 30.20
CA MET C 314 -6.15 -3.93 28.77
C MET C 314 -4.88 -4.47 28.13
N ARG C 315 -3.72 -3.94 28.53
CA ARG C 315 -2.47 -4.38 27.91
C ARG C 315 -2.04 -5.78 28.33
N ASN C 316 -2.47 -6.25 29.50
CA ASN C 316 -2.05 -7.57 29.97
C ASN C 316 -3.00 -8.70 29.58
N TYR C 317 -4.31 -8.45 29.56
CA TYR C 317 -5.28 -9.50 29.26
C TYR C 317 -5.89 -9.40 27.86
N PHE C 318 -6.32 -8.22 27.44
CA PHE C 318 -6.96 -8.08 26.14
C PHE C 318 -5.99 -8.22 24.97
N TRP C 319 -4.71 -7.91 25.16
CA TRP C 319 -3.77 -8.01 24.06
C TRP C 319 -3.57 -9.47 23.67
N LEU C 320 -3.38 -9.71 22.37
CA LEU C 320 -3.22 -11.06 21.86
C LEU C 320 -2.34 -11.08 20.62
N ASP C 321 -1.22 -11.81 20.71
CA ASP C 321 -0.29 -12.03 19.62
C ASP C 321 -0.02 -13.52 19.56
N HIS C 322 0.90 -13.94 18.69
CA HIS C 322 1.16 -15.37 18.54
C HIS C 322 1.69 -15.99 19.83
N GLN C 323 2.59 -15.31 20.52
CA GLN C 323 3.14 -15.85 21.76
C GLN C 323 2.08 -15.93 22.84
N ASN C 324 1.27 -14.88 22.98
CA ASN C 324 0.23 -14.89 24.00
C ASN C 324 -0.81 -15.97 23.69
N LEU C 325 -1.14 -16.17 22.42
CA LEU C 325 -2.10 -17.20 22.07
C LEU C 325 -1.53 -18.58 22.40
N ASN C 326 -0.23 -18.79 22.16
CA ASN C 326 0.38 -20.06 22.49
C ASN C 326 0.33 -20.30 24.00
N ASP C 327 0.55 -19.23 24.78
CA ASP C 327 0.52 -19.36 26.23
C ASP C 327 -0.89 -19.72 26.70
N ILE C 328 -1.91 -19.05 26.15
CA ILE C 328 -3.28 -19.38 26.55
C ILE C 328 -3.62 -20.81 26.11
N TYR C 329 -3.06 -21.26 24.99
CA TYR C 329 -3.30 -22.62 24.52
C TYR C 329 -2.69 -23.64 25.48
N ARG C 330 -1.63 -23.25 26.20
CA ARG C 330 -0.98 -24.13 27.17
C ARG C 330 -1.45 -23.88 28.61
N PHE C 331 -2.55 -23.17 28.78
CA PHE C 331 -3.07 -22.84 30.09
C PHE C 331 -3.59 -24.05 30.87
N LYS C 332 -3.46 -23.97 32.19
CA LYS C 332 -3.97 -24.94 33.14
C LYS C 332 -5.32 -24.43 33.65
N THR C 333 -6.18 -25.33 34.09
CA THR C 333 -7.50 -24.96 34.55
C THR C 333 -7.64 -25.13 36.07
N GLU C 334 -8.72 -24.53 36.59
CA GLU C 334 -9.07 -24.57 38.01
C GLU C 334 -7.97 -23.97 38.89
N GLU C 335 -7.73 -22.68 38.71
CA GLU C 335 -6.71 -21.96 39.47
C GLU C 335 -7.39 -21.06 40.50
N TYR C 336 -7.51 -21.57 41.73
CA TYR C 336 -8.13 -20.86 42.86
C TYR C 336 -7.00 -20.33 43.74
N SER C 337 -6.49 -19.15 43.40
CA SER C 337 -5.40 -18.55 44.18
C SER C 337 -5.14 -17.13 43.73
N HIS C 338 -4.50 -16.36 44.62
CA HIS C 338 -4.14 -14.99 44.29
C HIS C 338 -3.11 -14.95 43.17
N THR C 339 -2.23 -15.96 43.12
CA THR C 339 -1.16 -16.09 42.14
C THR C 339 -1.55 -17.17 41.13
N ALA C 340 -2.40 -16.81 40.17
CA ALA C 340 -2.87 -17.75 39.16
C ALA C 340 -2.44 -17.28 37.77
N VAL C 341 -2.11 -18.25 36.91
CA VAL C 341 -1.72 -17.93 35.54
C VAL C 341 -2.96 -17.71 34.68
N ASN C 342 -3.86 -18.69 34.68
CA ASN C 342 -5.13 -18.60 33.94
C ASN C 342 -6.06 -17.87 34.90
N LYS C 343 -5.98 -16.54 34.86
CA LYS C 343 -6.73 -15.69 35.77
C LYS C 343 -8.24 -15.84 35.61
N PHE C 344 -8.72 -15.96 34.37
CA PHE C 344 -10.16 -16.03 34.15
C PHE C 344 -10.68 -17.44 33.87
N ASN C 345 -9.85 -18.46 34.05
CA ASN C 345 -10.25 -19.86 33.87
C ASN C 345 -10.85 -20.14 32.49
N VAL C 346 -10.11 -19.76 31.45
CA VAL C 346 -10.57 -20.01 30.09
C VAL C 346 -10.20 -21.43 29.70
N MET C 347 -11.10 -22.13 29.03
CA MET C 347 -10.81 -23.50 28.63
C MET C 347 -9.93 -23.48 27.38
N PRO C 348 -8.71 -24.03 27.43
CA PRO C 348 -7.85 -24.01 26.24
C PRO C 348 -8.45 -24.75 25.06
N ASP C 349 -9.22 -25.81 25.30
CA ASP C 349 -9.84 -26.56 24.22
C ASP C 349 -10.99 -25.77 23.58
N SER C 350 -11.56 -24.80 24.29
CA SER C 350 -12.66 -24.00 23.78
C SER C 350 -12.22 -22.91 22.81
N ILE C 351 -10.91 -22.69 22.66
CA ILE C 351 -10.46 -21.64 21.73
C ILE C 351 -10.86 -22.05 20.31
N PRO C 352 -11.53 -21.19 19.55
CA PRO C 352 -11.96 -21.57 18.19
C PRO C 352 -10.79 -21.85 17.25
N GLU C 353 -11.07 -22.70 16.26
CA GLU C 353 -10.07 -23.12 15.27
C GLU C 353 -9.60 -21.96 14.38
N TRP C 354 -10.46 -20.97 14.13
CA TRP C 354 -10.07 -19.88 13.26
C TRP C 354 -8.99 -18.99 13.85
N VAL C 355 -8.88 -18.96 15.18
CA VAL C 355 -7.89 -18.09 15.82
C VAL C 355 -6.47 -18.53 15.50
N PHE C 356 -6.20 -19.83 15.57
CA PHE C 356 -4.85 -20.31 15.29
C PHE C 356 -4.43 -20.05 13.86
N ASP C 357 -5.34 -20.17 12.91
CA ASP C 357 -4.99 -19.91 11.51
C ASP C 357 -4.91 -18.43 11.20
N PHE C 358 -5.75 -17.62 11.88
CA PHE C 358 -5.77 -16.18 11.65
C PHE C 358 -4.56 -15.46 12.23
N MET C 359 -4.00 -15.97 13.32
CA MET C 359 -2.87 -15.32 13.97
C MET C 359 -1.58 -15.43 13.17
N PRO C 360 -1.00 -14.33 12.70
CA PRO C 360 0.26 -14.40 11.97
C PRO C 360 1.43 -14.41 12.95
N LEU C 361 2.63 -14.65 12.41
CA LEU C 361 3.81 -14.66 13.25
C LEU C 361 4.15 -13.25 13.72
N ARG C 362 4.00 -12.27 12.84
CA ARG C 362 4.27 -10.87 13.15
C ARG C 362 2.93 -10.15 13.26
N GLY C 363 2.75 -9.41 14.36
CA GLY C 363 1.50 -8.68 14.52
C GLY C 363 0.64 -9.26 15.63
N GLY C 364 -0.35 -8.45 16.04
CA GLY C 364 -1.28 -8.82 17.09
C GLY C 364 -2.43 -7.85 17.11
N TYR C 365 -3.36 -8.08 18.04
CA TYR C 365 -4.54 -7.22 18.15
C TYR C 365 -5.16 -7.41 19.53
N PHE C 366 -6.15 -6.58 19.82
CA PHE C 366 -6.86 -6.65 21.09
C PHE C 366 -8.07 -7.55 20.97
N VAL C 367 -8.20 -8.50 21.89
CA VAL C 367 -9.30 -9.47 21.88
C VAL C 367 -10.63 -8.76 22.10
N GLY C 368 -11.67 -9.25 21.43
CA GLY C 368 -12.98 -8.59 21.50
C GLY C 368 -13.60 -8.52 22.88
N ASN C 369 -13.44 -9.56 23.70
CA ASN C 369 -14.07 -9.50 25.02
C ASN C 369 -13.35 -10.43 25.98
N VAL C 370 -13.26 -10.01 27.24
CA VAL C 370 -12.61 -10.78 28.29
C VAL C 370 -13.43 -10.67 29.57
N GLY C 371 -13.87 -11.81 30.10
CA GLY C 371 -14.65 -11.84 31.31
C GLY C 371 -14.56 -13.19 32.00
N PRO C 372 -15.35 -13.37 33.07
CA PRO C 372 -15.30 -14.65 33.81
C PRO C 372 -15.61 -15.85 32.93
N ALA C 373 -14.59 -16.69 32.71
CA ALA C 373 -14.67 -17.88 31.90
C ALA C 373 -15.11 -17.59 30.47
N HIS C 374 -15.11 -16.32 30.07
CA HIS C 374 -15.53 -15.91 28.73
C HIS C 374 -14.43 -15.12 28.05
N MET C 375 -14.23 -15.38 26.75
CA MET C 375 -13.20 -14.65 26.00
C MET C 375 -13.56 -14.69 24.52
N ASP C 376 -14.13 -13.59 24.03
CA ASP C 376 -14.51 -13.45 22.62
C ASP C 376 -13.28 -13.00 21.85
N PHE C 377 -12.73 -13.91 21.04
CA PHE C 377 -11.51 -13.68 20.25
C PHE C 377 -11.72 -12.88 18.98
N ARG C 378 -12.92 -12.42 18.68
CA ARG C 378 -13.15 -11.69 17.44
C ARG C 378 -12.42 -10.36 17.41
N TRP C 379 -11.90 -10.02 16.24
CA TRP C 379 -11.20 -8.76 16.00
C TRP C 379 -12.22 -7.67 15.68
N PHE C 380 -12.24 -6.61 16.48
CA PHE C 380 -13.16 -5.50 16.26
C PHE C 380 -12.35 -4.30 15.79
N ALA C 381 -12.74 -3.73 14.65
CA ALA C 381 -11.99 -2.63 14.05
C ALA C 381 -12.00 -1.36 14.90
N LEU C 382 -13.18 -0.87 15.27
CA LEU C 382 -13.25 0.37 16.03
C LEU C 382 -12.52 0.26 17.35
N GLY C 383 -12.58 -0.90 18.00
CA GLY C 383 -11.88 -1.04 19.28
C GLY C 383 -10.38 -0.89 19.15
N ASN C 384 -9.80 -1.56 18.15
CA ASN C 384 -8.35 -1.46 17.96
C ASN C 384 -7.94 -0.07 17.49
N CYS C 385 -8.74 0.54 16.62
CA CYS C 385 -8.41 1.88 16.14
C CYS C 385 -8.44 2.90 17.28
N VAL C 386 -9.44 2.82 18.16
CA VAL C 386 -9.49 3.74 19.28
C VAL C 386 -8.37 3.40 20.27
N SER C 387 -8.02 2.12 20.41
CA SER C 387 -6.94 1.76 21.31
C SER C 387 -5.63 2.36 20.81
N ILE C 388 -5.49 2.52 19.49
CA ILE C 388 -4.27 3.12 18.94
C ILE C 388 -4.32 4.64 19.08
N LEU C 389 -5.47 5.24 18.77
CA LEU C 389 -5.59 6.70 18.86
C LEU C 389 -5.51 7.19 20.30
N SER C 390 -6.09 6.45 21.24
CA SER C 390 -6.05 6.86 22.65
C SER C 390 -4.74 6.49 23.31
N SER C 391 -3.76 6.00 22.55
CA SER C 391 -2.47 5.57 23.05
C SER C 391 -2.60 4.46 24.09
N LEU C 392 -3.78 3.82 24.15
CA LEU C 392 -3.97 2.72 25.08
C LEU C 392 -3.04 1.58 24.73
N ALA C 393 -2.78 1.40 23.43
CA ALA C 393 -1.86 0.39 22.94
C ALA C 393 -0.47 1.02 22.87
N THR C 394 0.53 0.28 23.31
CA THR C 394 1.89 0.78 23.26
C THR C 394 2.32 0.92 21.81
N PRO C 395 3.35 1.73 21.52
CA PRO C 395 3.79 1.85 20.12
C PRO C 395 4.09 0.50 19.49
N ASP C 396 4.61 -0.45 20.28
CA ASP C 396 4.88 -1.78 19.74
C ASP C 396 3.57 -2.48 19.40
N GLN C 397 2.55 -2.34 20.25
CA GLN C 397 1.27 -2.97 19.97
C GLN C 397 0.61 -2.33 18.76
N SER C 398 0.77 -1.02 18.59
CA SER C 398 0.20 -0.35 17.42
C SER C 398 0.89 -0.84 16.15
N MET C 399 2.22 -0.99 16.22
CA MET C 399 2.95 -1.50 15.07
C MET C 399 2.53 -2.93 14.78
N ALA C 400 2.23 -3.71 15.83
CA ALA C 400 1.79 -5.08 15.65
C ALA C 400 0.42 -5.12 15.00
N ILE C 401 -0.46 -4.18 15.36
CA ILE C 401 -1.78 -4.13 14.74
C ILE C 401 -1.64 -3.81 13.26
N MET C 402 -0.74 -2.88 12.93
CA MET C 402 -0.53 -2.56 11.52
C MET C 402 0.09 -3.75 10.78
N ASP C 403 0.98 -4.49 11.43
CA ASP C 403 1.58 -5.66 10.80
C ASP C 403 0.52 -6.72 10.53
N LEU C 404 -0.38 -6.93 11.48
CA LEU C 404 -1.46 -7.90 11.29
C LEU C 404 -2.38 -7.45 10.16
N LEU C 405 -2.60 -6.14 10.06
CA LEU C 405 -3.43 -5.61 8.98
C LEU C 405 -2.77 -5.84 7.64
N GLU C 406 -1.44 -5.77 7.58
CA GLU C 406 -0.75 -6.00 6.32
C GLU C 406 -0.74 -7.48 5.95
N HIS C 407 -0.59 -8.36 6.94
CA HIS C 407 -0.55 -9.79 6.66
C HIS C 407 -1.95 -10.33 6.33
N ARG C 408 -2.92 -10.08 7.21
CA ARG C 408 -4.30 -10.54 7.00
C ARG C 408 -5.14 -9.41 6.41
N TRP C 409 -4.70 -8.89 5.26
CA TRP C 409 -5.41 -7.78 4.63
C TRP C 409 -6.72 -8.22 4.02
N ALA C 410 -6.71 -9.30 3.24
CA ALA C 410 -7.93 -9.76 2.58
C ALA C 410 -9.03 -10.13 3.57
N GLU C 411 -8.65 -10.53 4.78
CA GLU C 411 -9.64 -10.91 5.77
C GLU C 411 -10.25 -9.70 6.47
N LEU C 412 -9.41 -8.79 6.96
CA LEU C 412 -9.88 -7.61 7.68
C LEU C 412 -10.34 -6.48 6.77
N VAL C 413 -9.90 -6.44 5.51
CA VAL C 413 -10.30 -5.36 4.63
C VAL C 413 -10.99 -5.89 3.37
N GLY C 414 -10.28 -6.71 2.60
CA GLY C 414 -10.87 -7.24 1.38
C GLY C 414 -11.01 -6.19 0.30
N GLU C 415 -12.06 -6.32 -0.51
CA GLU C 415 -12.32 -5.40 -1.61
C GLU C 415 -13.04 -4.14 -1.17
N MET C 416 -13.38 -4.02 0.12
CA MET C 416 -14.08 -2.83 0.60
C MET C 416 -13.80 -2.61 2.07
N PRO C 417 -13.07 -1.55 2.45
CA PRO C 417 -12.83 -1.31 3.87
C PRO C 417 -14.05 -0.67 4.50
N LEU C 418 -14.23 -0.91 5.79
CA LEU C 418 -13.43 -1.83 6.57
C LEU C 418 -14.39 -2.80 7.26
N LYS C 419 -13.99 -4.06 7.41
CA LYS C 419 -14.85 -5.02 8.08
C LYS C 419 -15.06 -4.60 9.53
N ILE C 420 -16.31 -4.63 9.99
CA ILE C 420 -16.60 -4.21 11.36
C ILE C 420 -16.05 -5.21 12.37
N CYS C 421 -16.01 -6.49 12.01
CA CYS C 421 -15.50 -7.53 12.90
C CYS C 421 -15.16 -8.75 12.07
N TYR C 422 -14.20 -9.54 12.57
CA TYR C 422 -13.75 -10.75 11.89
C TYR C 422 -13.50 -11.86 12.90
N PRO C 423 -14.02 -13.08 12.66
CA PRO C 423 -14.87 -13.43 11.51
C PRO C 423 -16.33 -13.23 11.84
N CYS C 424 -17.22 -13.86 11.08
CA CYS C 424 -18.65 -13.72 11.31
C CYS C 424 -19.23 -15.00 11.92
N LEU C 425 -20.36 -14.84 12.60
CA LEU C 425 -21.03 -15.96 13.23
C LEU C 425 -21.85 -16.70 12.17
N GLU C 426 -21.70 -18.03 12.12
CA GLU C 426 -22.40 -18.84 11.14
C GLU C 426 -23.06 -20.04 11.79
N GLY C 427 -24.19 -20.43 11.20
CA GLY C 427 -24.91 -21.61 11.66
C GLY C 427 -25.36 -21.53 13.10
N HIS C 428 -24.87 -22.50 13.89
CA HIS C 428 -25.24 -22.57 15.30
C HIS C 428 -24.82 -21.33 16.07
N GLU C 429 -23.63 -20.79 15.77
CA GLU C 429 -23.20 -19.57 16.47
C GLU C 429 -24.18 -18.44 16.19
N TRP C 430 -24.66 -18.33 14.95
CA TRP C 430 -25.61 -17.29 14.60
C TRP C 430 -26.95 -17.51 15.30
N ARG C 431 -27.37 -18.76 15.41
CA ARG C 431 -28.64 -19.07 16.06
C ARG C 431 -28.63 -18.75 17.54
N ILE C 432 -27.51 -19.05 18.21
CA ILE C 432 -27.43 -18.87 19.66
C ILE C 432 -27.01 -17.46 20.07
N VAL C 433 -25.99 -16.88 19.42
CA VAL C 433 -25.51 -15.56 19.83
C VAL C 433 -26.46 -14.46 19.40
N THR C 434 -26.84 -14.43 18.12
CA THR C 434 -27.73 -13.38 17.66
C THR C 434 -29.21 -13.66 17.93
N GLY C 435 -29.55 -14.86 18.38
CA GLY C 435 -30.95 -15.16 18.63
C GLY C 435 -31.74 -15.22 17.33
N CYS C 436 -31.15 -15.77 16.28
CA CYS C 436 -31.79 -15.89 14.96
C CYS C 436 -32.16 -14.51 14.41
N ASP C 437 -31.21 -13.58 14.48
CA ASP C 437 -31.43 -12.22 14.00
C ASP C 437 -31.23 -12.20 12.49
N PRO C 438 -32.25 -11.87 11.71
CA PRO C 438 -32.09 -11.89 10.23
C PRO C 438 -31.31 -10.73 9.64
N LYS C 439 -31.14 -9.61 10.34
CA LYS C 439 -30.36 -8.53 9.73
C LYS C 439 -28.86 -8.77 9.84
N ASN C 440 -28.44 -9.67 10.72
CA ASN C 440 -27.02 -9.98 10.90
C ASN C 440 -26.68 -11.35 10.34
N THR C 441 -26.92 -11.56 9.04
CA THR C 441 -26.63 -12.85 8.43
C THR C 441 -25.12 -12.99 8.20
N ARG C 442 -24.73 -14.03 7.47
CA ARG C 442 -23.32 -14.28 7.20
C ARG C 442 -22.68 -13.12 6.46
N TRP C 443 -21.60 -12.57 7.02
CA TRP C 443 -20.87 -11.45 6.43
C TRP C 443 -21.83 -10.32 6.07
N SER C 444 -22.65 -9.92 7.07
CA SER C 444 -23.65 -8.88 6.88
C SER C 444 -23.50 -7.72 7.87
N TYR C 445 -24.55 -6.93 8.00
CA TYR C 445 -24.64 -5.68 8.76
C TYR C 445 -23.69 -5.55 9.95
N HIS C 446 -23.87 -6.34 11.01
CA HIS C 446 -22.93 -6.29 12.12
C HIS C 446 -22.08 -7.54 12.19
N ASN C 447 -22.55 -8.63 11.59
CA ASN C 447 -21.87 -9.92 11.60
C ASN C 447 -20.93 -10.04 10.40
N GLY C 448 -19.81 -9.32 10.49
CA GLY C 448 -18.79 -9.35 9.44
C GLY C 448 -18.99 -8.45 8.24
N GLY C 449 -19.87 -7.46 8.29
CA GLY C 449 -20.05 -6.59 7.15
C GLY C 449 -18.99 -5.54 7.03
N SER C 450 -18.78 -5.06 5.80
CA SER C 450 -17.79 -4.03 5.53
C SER C 450 -18.45 -2.66 5.65
N TRP C 451 -17.88 -1.80 6.49
CA TRP C 451 -18.41 -0.46 6.73
C TRP C 451 -17.46 0.59 6.19
N PRO C 452 -17.87 1.42 5.23
CA PRO C 452 -16.96 2.44 4.69
C PRO C 452 -16.62 3.53 5.70
N VAL C 453 -17.56 3.88 6.58
CA VAL C 453 -17.33 4.95 7.56
C VAL C 453 -16.11 4.67 8.43
N LEU C 454 -15.79 3.41 8.66
CA LEU C 454 -14.64 3.08 9.49
C LEU C 454 -13.32 3.54 8.90
N LEU C 455 -13.31 3.87 7.61
CA LEU C 455 -12.08 4.28 6.94
C LEU C 455 -11.34 5.38 7.71
N TRP C 456 -12.07 6.43 8.13
CA TRP C 456 -11.39 7.53 8.81
C TRP C 456 -10.64 7.03 10.05
N GLN C 457 -11.25 6.13 10.83
CA GLN C 457 -10.51 5.62 11.98
C GLN C 457 -9.24 4.94 11.52
N LEU C 458 -9.38 4.04 10.54
CA LEU C 458 -8.21 3.35 10.01
C LEU C 458 -7.19 4.35 9.52
N THR C 459 -7.67 5.45 8.96
CA THR C 459 -6.75 6.47 8.48
C THR C 459 -6.02 7.12 9.64
N ALA C 460 -6.77 7.61 10.63
CA ALA C 460 -6.13 8.31 11.76
C ALA C 460 -5.11 7.44 12.45
N ALA C 461 -5.49 6.22 12.80
CA ALA C 461 -4.55 5.33 13.47
C ALA C 461 -3.31 5.09 12.63
N CYS C 462 -3.47 4.98 11.31
CA CYS C 462 -2.31 4.73 10.46
C CYS C 462 -1.36 5.91 10.52
N ILE C 463 -1.91 7.13 10.52
CA ILE C 463 -1.04 8.29 10.58
C ILE C 463 -0.36 8.32 11.94
N LYS C 464 -1.09 7.92 12.98
CA LYS C 464 -0.48 7.91 14.30
C LYS C 464 0.62 6.85 14.37
N THR C 465 0.49 5.76 13.61
CA THR C 465 1.48 4.70 13.63
C THR C 465 2.59 4.90 12.61
N GLY C 466 2.48 5.88 11.73
CA GLY C 466 3.52 6.10 10.72
C GLY C 466 3.48 5.14 9.56
N ARG C 467 2.30 4.64 9.18
CA ARG C 467 2.13 3.70 8.07
C ARG C 467 1.06 4.26 7.13
N PRO C 468 1.38 5.33 6.39
CA PRO C 468 0.37 5.93 5.50
C PRO C 468 0.00 5.09 4.29
N GLN C 469 0.86 4.17 3.84
CA GLN C 469 0.53 3.38 2.65
C GLN C 469 -0.72 2.53 2.86
N ILE C 470 -0.96 2.07 4.09
CA ILE C 470 -2.15 1.26 4.36
C ILE C 470 -3.40 2.09 4.13
N ALA C 471 -3.39 3.31 4.68
CA ALA C 471 -4.53 4.20 4.51
C ALA C 471 -4.67 4.62 3.06
N ARG C 472 -3.57 4.79 2.34
CA ARG C 472 -3.67 5.18 0.93
C ARG C 472 -4.30 4.05 0.11
N ARG C 473 -3.91 2.81 0.39
CA ARG C 473 -4.50 1.69 -0.35
C ARG C 473 -5.99 1.59 -0.06
N ALA C 474 -6.38 1.72 1.22
CA ALA C 474 -7.79 1.65 1.56
C ALA C 474 -8.55 2.81 0.91
N VAL C 475 -7.93 3.98 0.84
CA VAL C 475 -8.56 5.14 0.24
C VAL C 475 -8.76 4.90 -1.26
N ASP C 476 -7.79 4.30 -1.94
CA ASP C 476 -7.96 4.04 -3.37
C ASP C 476 -9.03 3.00 -3.61
N LEU C 477 -9.10 1.99 -2.72
CA LEU C 477 -10.13 0.96 -2.87
C LEU C 477 -11.51 1.57 -2.68
N ILE C 478 -11.62 2.52 -1.76
CA ILE C 478 -12.90 3.17 -1.53
C ILE C 478 -13.22 4.17 -2.64
N GLU C 479 -12.21 4.89 -3.13
CA GLU C 479 -12.38 5.87 -4.19
C GLU C 479 -12.70 5.22 -5.53
N SER C 480 -12.60 3.90 -5.63
CA SER C 480 -12.92 3.25 -6.90
C SER C 480 -14.36 2.78 -6.99
N ARG C 481 -15.03 2.55 -5.86
CA ARG C 481 -16.42 2.06 -5.91
C ARG C 481 -17.40 2.73 -4.96
N LEU C 482 -16.97 3.44 -3.91
CA LEU C 482 -17.92 4.02 -2.97
C LEU C 482 -18.85 5.03 -3.65
N HIS C 483 -18.31 5.92 -4.48
CA HIS C 483 -19.16 6.92 -5.12
C HIS C 483 -20.04 6.29 -6.20
N ARG C 484 -19.56 5.26 -6.88
CA ARG C 484 -20.32 4.61 -7.93
C ARG C 484 -21.59 3.94 -7.40
N ASP C 485 -21.57 3.50 -6.14
CA ASP C 485 -22.71 2.83 -5.53
C ASP C 485 -23.61 3.78 -4.75
N CYS C 486 -23.48 5.09 -4.97
CA CYS C 486 -24.31 6.12 -4.32
C CYS C 486 -24.15 6.13 -2.80
N TRP C 487 -22.91 5.94 -2.32
CA TRP C 487 -22.57 5.99 -0.91
C TRP C 487 -23.42 5.06 -0.04
N PRO C 488 -23.23 3.74 -0.14
CA PRO C 488 -24.03 2.82 0.68
C PRO C 488 -23.68 2.88 2.16
N GLU C 489 -24.62 2.38 2.98
CA GLU C 489 -24.42 2.34 4.42
C GLU C 489 -23.38 1.29 4.80
N TYR C 490 -23.48 0.09 4.22
CA TYR C 490 -22.56 -0.99 4.52
C TYR C 490 -22.55 -1.96 3.35
N TYR C 491 -21.48 -2.77 3.30
CA TYR C 491 -21.29 -3.78 2.26
C TYR C 491 -21.27 -5.17 2.89
N ASP C 492 -21.65 -6.17 2.11
CA ASP C 492 -21.70 -7.55 2.57
C ASP C 492 -20.79 -8.43 1.74
N GLY C 493 -20.43 -9.58 2.31
CA GLY C 493 -19.58 -10.53 1.64
C GLY C 493 -18.22 -10.68 2.33
N LYS C 494 -17.54 -11.79 2.00
CA LYS C 494 -16.23 -12.03 2.58
C LYS C 494 -15.23 -10.96 2.16
N LEU C 495 -15.41 -10.39 0.97
CA LEU C 495 -14.55 -9.35 0.44
C LEU C 495 -15.25 -7.99 0.36
N GLY C 496 -16.55 -7.94 0.64
CA GLY C 496 -17.27 -6.67 0.53
C GLY C 496 -17.62 -6.27 -0.88
N ARG C 497 -17.57 -7.23 -1.83
CA ARG C 497 -17.88 -6.96 -3.22
C ARG C 497 -19.34 -6.60 -3.44
N TYR C 498 -20.24 -7.00 -2.55
CA TYR C 498 -21.67 -6.76 -2.68
C TYR C 498 -22.16 -5.66 -1.76
N VAL C 499 -23.16 -4.91 -2.23
CA VAL C 499 -23.76 -3.86 -1.41
C VAL C 499 -24.54 -4.51 -0.29
N GLY C 500 -24.74 -3.79 0.80
CA GLY C 500 -25.45 -4.35 1.94
C GLY C 500 -26.82 -4.88 1.59
N LYS C 501 -27.27 -5.86 2.38
CA LYS C 501 -28.58 -6.48 2.16
C LYS C 501 -29.70 -5.47 2.37
N GLN C 502 -29.56 -4.61 3.38
CA GLN C 502 -30.52 -3.56 3.70
C GLN C 502 -29.81 -2.23 3.86
N ALA C 503 -28.76 -2.01 3.07
CA ALA C 503 -27.99 -0.79 3.15
C ALA C 503 -28.74 0.41 2.57
N ARG C 504 -28.68 1.53 3.28
CA ARG C 504 -29.31 2.77 2.85
C ARG C 504 -28.32 3.54 2.00
N LYS C 505 -28.74 3.95 0.81
CA LYS C 505 -27.84 4.73 -0.03
C LYS C 505 -27.74 6.15 0.48
N TYR C 506 -26.60 6.78 0.21
CA TYR C 506 -26.32 8.15 0.63
C TYR C 506 -26.28 8.29 2.15
N GLN C 507 -25.59 7.36 2.81
CA GLN C 507 -25.46 7.43 4.25
C GLN C 507 -24.51 8.58 4.60
N THR C 508 -24.91 9.42 5.55
CA THR C 508 -24.13 10.62 5.89
C THR C 508 -22.73 10.29 6.41
N TRP C 509 -22.64 9.41 7.42
CA TRP C 509 -21.30 9.16 7.94
C TRP C 509 -20.43 8.36 7.00
N SER C 510 -21.01 7.61 6.06
CA SER C 510 -20.16 6.90 5.11
C SER C 510 -19.42 7.89 4.22
N ILE C 511 -20.04 9.05 3.98
CA ILE C 511 -19.43 10.11 3.18
C ILE C 511 -18.47 10.92 4.05
N ALA C 512 -18.91 11.24 5.26
CA ALA C 512 -18.09 12.03 6.18
C ALA C 512 -16.79 11.30 6.52
N GLY C 513 -16.82 9.97 6.64
CA GLY C 513 -15.62 9.24 6.95
C GLY C 513 -14.62 9.35 5.82
N TYR C 514 -15.10 9.29 4.58
CA TYR C 514 -14.21 9.43 3.43
C TYR C 514 -13.58 10.82 3.41
N LEU C 515 -14.39 11.85 3.66
CA LEU C 515 -13.86 13.21 3.67
C LEU C 515 -12.83 13.39 4.78
N VAL C 516 -13.11 12.87 5.97
CA VAL C 516 -12.18 13.00 7.10
C VAL C 516 -10.89 12.27 6.80
N ALA C 517 -10.99 11.09 6.20
CA ALA C 517 -9.78 10.32 5.87
C ALA C 517 -8.93 11.05 4.84
N LYS C 518 -9.57 11.63 3.82
CA LYS C 518 -8.80 12.33 2.80
C LYS C 518 -8.17 13.59 3.39
N MET C 519 -8.89 14.30 4.27
CA MET C 519 -8.32 15.49 4.89
C MET C 519 -7.16 15.12 5.81
N LEU C 520 -7.24 13.96 6.45
CA LEU C 520 -6.14 13.53 7.31
C LEU C 520 -4.93 13.15 6.47
N LEU C 521 -5.16 12.53 5.31
CA LEU C 521 -4.05 12.18 4.43
C LEU C 521 -3.39 13.43 3.87
N GLU C 522 -4.18 14.46 3.57
CA GLU C 522 -3.63 15.69 3.02
C GLU C 522 -2.88 16.50 4.08
N ASP C 523 -3.39 16.53 5.31
CA ASP C 523 -2.77 17.26 6.41
C ASP C 523 -2.75 16.38 7.65
N PRO C 524 -1.67 15.63 7.86
CA PRO C 524 -1.61 14.76 9.04
C PRO C 524 -1.60 15.52 10.35
N SER C 525 -1.30 16.82 10.32
CA SER C 525 -1.28 17.62 11.54
C SER C 525 -2.61 17.61 12.28
N HIS C 526 -3.67 17.11 11.65
CA HIS C 526 -4.98 17.04 12.27
C HIS C 526 -5.14 15.87 13.24
N ILE C 527 -4.23 14.89 13.20
CA ILE C 527 -4.39 13.72 14.08
C ILE C 527 -4.31 14.10 15.54
N GLY C 528 -3.66 15.22 15.88
CA GLY C 528 -3.62 15.61 17.28
C GLY C 528 -4.99 15.93 17.81
N MET C 529 -5.91 16.29 16.92
CA MET C 529 -7.30 16.60 17.26
C MET C 529 -8.06 15.35 17.71
N ILE C 530 -7.58 14.16 17.33
CA ILE C 530 -8.26 12.91 17.64
C ILE C 530 -7.32 11.87 18.25
N SER C 531 -6.16 12.30 18.76
CA SER C 531 -5.23 11.34 19.33
C SER C 531 -4.60 11.90 20.60
N LEU C 532 -4.05 10.98 21.41
CA LEU C 532 -3.39 11.29 22.66
C LEU C 532 -2.08 10.52 22.73
N GLU C 533 -1.19 10.95 23.62
CA GLU C 533 0.11 10.28 23.79
C GLU C 533 0.48 10.12 25.26
N PRO D 83 -34.90 -39.90 64.02
CA PRO D 83 -34.42 -40.84 63.00
C PRO D 83 -33.33 -40.24 62.12
N MET D 84 -33.72 -39.69 60.98
CA MET D 84 -32.77 -39.07 60.08
C MET D 84 -32.46 -37.64 60.46
N MET D 85 -33.30 -37.03 61.31
CA MET D 85 -33.00 -35.67 61.72
C MET D 85 -31.96 -35.64 62.82
N ALA D 86 -31.86 -36.70 63.64
CA ALA D 86 -30.81 -36.71 64.65
C ALA D 86 -29.45 -36.83 63.99
N GLU D 87 -29.34 -37.71 62.99
CA GLU D 87 -28.09 -37.85 62.26
C GLU D 87 -27.78 -36.58 61.48
N ALA D 88 -28.82 -35.98 60.88
CA ALA D 88 -28.62 -34.75 60.13
C ALA D 88 -28.14 -33.63 61.06
N TRP D 89 -28.67 -33.58 62.28
CA TRP D 89 -28.23 -32.55 63.20
C TRP D 89 -26.83 -32.83 63.70
N GLU D 90 -26.46 -34.11 63.83
CA GLU D 90 -25.08 -34.40 64.23
C GLU D 90 -24.14 -33.86 63.18
N ALA D 91 -24.48 -34.08 61.91
CA ALA D 91 -23.65 -33.58 60.81
C ALA D 91 -23.64 -32.05 60.77
N LEU D 92 -24.80 -31.43 61.02
CA LEU D 92 -24.86 -29.97 60.99
C LEU D 92 -24.04 -29.36 62.12
N ARG D 93 -24.08 -29.95 63.31
CA ARG D 93 -23.28 -29.43 64.40
C ARG D 93 -21.82 -29.75 64.23
N ARG D 94 -21.49 -30.80 63.47
CA ARG D 94 -20.08 -31.12 63.25
C ARG D 94 -19.44 -30.15 62.26
N SER D 95 -20.25 -29.52 61.40
CA SER D 95 -19.76 -28.57 60.41
C SER D 95 -19.66 -27.15 60.94
N MET D 96 -19.51 -26.95 62.25
CA MET D 96 -19.42 -25.61 62.79
C MET D 96 -17.96 -25.15 62.80
N VAL D 97 -17.77 -23.86 62.53
CA VAL D 97 -16.46 -23.23 62.47
C VAL D 97 -16.41 -22.23 63.63
N PHE D 98 -15.37 -22.33 64.45
CA PHE D 98 -15.22 -21.46 65.60
C PHE D 98 -14.12 -20.44 65.36
N PHE D 99 -14.38 -19.22 65.83
CA PHE D 99 -13.47 -18.09 65.73
C PHE D 99 -13.34 -17.46 67.11
N ARG D 100 -12.15 -17.58 67.71
CA ARG D 100 -11.88 -17.05 69.04
C ARG D 100 -12.80 -17.64 70.10
N GLY D 101 -13.19 -18.91 69.90
CA GLY D 101 -14.04 -19.64 70.81
C GLY D 101 -15.51 -19.67 70.45
N GLN D 102 -16.00 -18.67 69.69
CA GLN D 102 -17.41 -18.67 69.36
C GLN D 102 -17.65 -19.13 67.92
N PRO D 103 -18.69 -19.94 67.69
CA PRO D 103 -18.99 -20.40 66.32
C PRO D 103 -19.56 -19.26 65.49
N VAL D 104 -18.88 -18.94 64.39
CA VAL D 104 -19.31 -17.85 63.51
C VAL D 104 -20.08 -18.36 62.29
N GLY D 105 -19.89 -19.61 61.91
CA GLY D 105 -20.62 -20.11 60.77
C GLY D 105 -20.45 -21.60 60.61
N THR D 106 -20.87 -22.10 59.46
CA THR D 106 -20.76 -23.52 59.15
C THR D 106 -19.88 -23.71 57.93
N LEU D 107 -19.30 -24.91 57.83
CA LEU D 107 -18.44 -25.22 56.69
C LEU D 107 -19.29 -25.39 55.44
N ALA D 108 -18.62 -25.63 54.33
CA ALA D 108 -19.28 -25.87 53.06
C ALA D 108 -19.40 -27.36 52.79
N ALA D 109 -18.35 -28.11 53.09
CA ALA D 109 -18.29 -29.55 52.94
C ALA D 109 -17.43 -30.10 54.07
N VAL D 110 -17.80 -31.24 54.61
CA VAL D 110 -17.08 -31.87 55.72
C VAL D 110 -16.58 -33.22 55.21
N ASP D 111 -15.37 -33.25 54.68
CA ASP D 111 -14.78 -34.47 54.16
C ASP D 111 -13.52 -34.84 54.93
N TYR D 120 -14.32 -25.69 48.64
CA TYR D 120 -15.52 -25.77 49.45
C TYR D 120 -15.21 -26.17 50.90
N ASP D 121 -14.17 -25.55 51.47
CA ASP D 121 -13.76 -25.83 52.83
C ASP D 121 -13.83 -24.60 53.71
N GLN D 122 -14.48 -23.54 53.24
CA GLN D 122 -14.63 -22.29 53.97
C GLN D 122 -16.09 -22.04 54.28
N VAL D 123 -16.37 -20.89 54.87
CA VAL D 123 -17.73 -20.49 55.24
C VAL D 123 -18.29 -19.63 54.11
N PHE D 124 -19.20 -20.20 53.32
CA PHE D 124 -19.82 -19.47 52.22
C PHE D 124 -21.12 -18.84 52.70
N VAL D 125 -21.48 -17.73 52.07
CA VAL D 125 -22.72 -17.04 52.44
C VAL D 125 -23.94 -17.86 52.04
N ARG D 126 -24.05 -18.17 50.75
CA ARG D 126 -25.17 -18.97 50.26
C ARG D 126 -25.21 -20.34 50.92
N ASP D 127 -24.04 -20.91 51.23
CA ASP D 127 -24.01 -22.21 51.89
C ASP D 127 -24.46 -22.12 53.35
N PHE D 128 -24.23 -20.97 53.99
CA PHE D 128 -24.59 -20.80 55.39
C PHE D 128 -26.04 -20.37 55.60
N VAL D 129 -26.70 -19.81 54.57
CA VAL D 129 -28.09 -19.39 54.74
C VAL D 129 -28.98 -20.49 55.31
N PRO D 130 -29.06 -21.69 54.73
CA PRO D 130 -29.93 -22.72 55.32
C PRO D 130 -29.49 -23.16 56.70
N SER D 131 -28.18 -23.24 56.95
CA SER D 131 -27.73 -23.64 58.27
C SER D 131 -28.18 -22.62 59.30
N ALA D 132 -28.12 -21.33 58.92
CA ALA D 132 -28.55 -20.27 59.81
C ALA D 132 -30.04 -20.38 60.08
N LEU D 133 -30.83 -20.70 59.06
CA LEU D 133 -32.26 -20.85 59.27
C LEU D 133 -32.55 -22.03 60.20
N ALA D 134 -31.78 -23.11 60.06
CA ALA D 134 -32.00 -24.27 60.92
C ALA D 134 -31.71 -23.91 62.37
N PHE D 135 -30.59 -23.21 62.62
CA PHE D 135 -30.29 -22.83 64.00
C PHE D 135 -31.31 -21.82 64.53
N LEU D 136 -31.81 -20.94 63.66
CA LEU D 136 -32.80 -19.95 64.10
C LEU D 136 -34.10 -20.63 64.50
N MET D 137 -34.51 -21.67 63.76
CA MET D 137 -35.75 -22.36 64.10
C MET D 137 -35.56 -23.25 65.32
N ASN D 138 -34.36 -23.80 65.54
CA ASN D 138 -34.16 -24.63 66.72
C ASN D 138 -34.02 -23.81 68.00
N GLY D 139 -33.76 -22.51 67.88
CA GLY D 139 -33.60 -21.65 69.03
C GLY D 139 -32.17 -21.33 69.41
N GLU D 140 -31.23 -21.38 68.46
CA GLU D 140 -29.82 -21.08 68.71
C GLU D 140 -29.41 -20.01 67.72
N PRO D 141 -29.82 -18.76 67.95
CA PRO D 141 -29.51 -17.66 67.03
C PRO D 141 -28.19 -16.94 67.26
N ASP D 142 -27.35 -17.37 68.19
CA ASP D 142 -26.10 -16.66 68.42
C ASP D 142 -25.12 -16.82 67.26
N ILE D 143 -25.11 -17.99 66.62
CA ILE D 143 -24.20 -18.21 65.50
C ILE D 143 -24.53 -17.29 64.34
N VAL D 144 -25.83 -17.07 64.09
CA VAL D 144 -26.24 -16.19 63.00
C VAL D 144 -25.81 -14.76 63.29
N LYS D 145 -25.92 -14.35 64.56
CA LYS D 145 -25.54 -13.01 64.96
C LYS D 145 -24.04 -12.79 64.76
N HIS D 146 -23.23 -13.75 65.22
CA HIS D 146 -21.78 -13.61 65.03
C HIS D 146 -21.43 -13.63 63.55
N PHE D 147 -22.15 -14.43 62.76
CA PHE D 147 -21.87 -14.49 61.32
C PHE D 147 -22.13 -13.15 60.66
N LEU D 148 -23.30 -12.56 60.93
CA LEU D 148 -23.63 -11.28 60.33
C LEU D 148 -22.62 -10.20 60.74
N LEU D 149 -22.23 -10.18 62.01
CA LEU D 149 -21.29 -9.16 62.46
C LEU D 149 -19.91 -9.33 61.85
N LYS D 150 -19.40 -10.55 61.80
CA LYS D 150 -18.07 -10.74 61.22
C LYS D 150 -18.09 -10.49 59.72
N THR D 151 -19.16 -10.87 59.03
CA THR D 151 -19.24 -10.60 57.60
C THR D 151 -19.29 -9.10 57.35
N LEU D 152 -19.94 -8.34 58.25
CA LEU D 152 -19.94 -6.89 58.07
C LEU D 152 -18.53 -6.34 58.24
N GLN D 153 -17.79 -6.90 59.22
CA GLN D 153 -16.40 -6.45 59.38
C GLN D 153 -15.61 -6.74 58.13
N LEU D 154 -15.86 -7.89 57.49
CA LEU D 154 -15.16 -8.19 56.24
C LEU D 154 -15.58 -7.20 55.16
N GLN D 155 -16.83 -6.72 55.21
CA GLN D 155 -17.29 -5.74 54.25
C GLN D 155 -16.53 -4.43 54.41
N GLY D 156 -16.04 -4.15 55.62
CA GLY D 156 -15.28 -2.93 55.86
C GLY D 156 -13.80 -3.00 55.53
N TRP D 157 -13.40 -4.01 54.75
CA TRP D 157 -12.01 -4.22 54.35
C TRP D 157 -11.65 -3.47 53.07
N GLU D 158 -10.33 -3.37 52.85
CA GLU D 158 -9.76 -2.75 51.66
C GLU D 158 -9.62 -3.86 50.63
N LYS D 159 -10.53 -3.89 49.66
CA LYS D 159 -10.56 -4.90 48.61
C LYS D 159 -9.89 -4.40 47.33
N ARG D 160 -9.08 -5.27 46.71
CA ARG D 160 -8.37 -4.90 45.48
C ARG D 160 -8.20 -6.10 44.55
N VAL D 161 -8.37 -5.86 43.25
CA VAL D 161 -8.20 -6.89 42.22
C VAL D 161 -7.20 -6.37 41.19
N ASP D 162 -5.96 -6.81 41.31
CA ASP D 162 -4.74 -6.55 40.51
C ASP D 162 -4.24 -5.12 40.58
N ARG D 163 -5.13 -4.14 40.45
CA ARG D 163 -4.82 -2.71 40.55
C ARG D 163 -6.11 -1.92 40.76
N PHE D 164 -7.23 -2.62 40.82
CA PHE D 164 -8.54 -2.01 40.89
C PHE D 164 -9.15 -2.21 42.27
N LYS D 165 -9.53 -1.10 42.91
CA LYS D 165 -10.14 -1.13 44.23
C LYS D 165 -11.62 -1.42 44.08
N LEU D 166 -12.09 -2.49 44.71
CA LEU D 166 -13.48 -2.89 44.62
C LEU D 166 -14.38 -1.92 45.40
N GLY D 167 -15.70 -2.11 45.23
CA GLY D 167 -16.66 -1.26 45.90
C GLY D 167 -16.57 -1.37 47.41
N GLU D 168 -17.11 -0.34 48.08
CA GLU D 168 -17.08 -0.31 49.54
C GLU D 168 -18.03 -1.33 50.16
N GLY D 169 -19.25 -1.43 49.63
CA GLY D 169 -20.22 -2.35 50.19
C GLY D 169 -20.20 -3.77 49.67
N VAL D 170 -19.19 -4.14 48.87
CA VAL D 170 -19.12 -5.50 48.34
C VAL D 170 -18.89 -6.49 49.48
N MET D 171 -19.74 -7.50 49.56
CA MET D 171 -19.70 -8.56 50.57
C MET D 171 -18.86 -9.73 50.06
N PRO D 172 -18.08 -10.36 50.93
CA PRO D 172 -17.24 -11.49 50.49
C PRO D 172 -18.07 -12.72 50.18
N ALA D 173 -17.55 -13.55 49.29
CA ALA D 173 -18.22 -14.79 48.92
C ALA D 173 -17.96 -15.89 49.93
N SER D 174 -16.78 -15.92 50.53
CA SER D 174 -16.44 -16.95 51.51
C SER D 174 -15.25 -16.46 52.34
N PHE D 175 -14.99 -17.17 53.43
CA PHE D 175 -13.88 -16.87 54.31
C PHE D 175 -13.60 -18.10 55.15
N LYS D 176 -12.34 -18.26 55.55
CA LYS D 176 -11.95 -19.39 56.37
C LYS D 176 -11.16 -18.88 57.58
N VAL D 177 -11.19 -19.72 58.62
CA VAL D 177 -10.53 -19.46 59.90
C VAL D 177 -9.26 -20.29 59.97
N LEU D 178 -8.23 -19.73 60.60
CA LEU D 178 -6.93 -20.38 60.74
C LEU D 178 -6.52 -20.50 62.20
N HIS D 179 -5.87 -21.62 62.53
CA HIS D 179 -5.39 -21.91 63.88
C HIS D 179 -3.99 -22.49 63.80
N ASP D 180 -3.08 -21.97 64.62
CA ASP D 180 -1.70 -22.45 64.65
C ASP D 180 -1.00 -22.01 65.92
N PRO D 181 -1.29 -22.63 67.07
CA PRO D 181 -0.67 -22.29 68.35
C PRO D 181 0.85 -22.47 68.32
N THR D 185 -4.45 -18.74 68.02
CA THR D 185 -4.45 -18.10 66.70
C THR D 185 -5.80 -18.25 66.02
N ASP D 186 -6.35 -17.12 65.57
CA ASP D 186 -7.65 -17.09 64.88
C ASP D 186 -7.59 -15.96 63.86
N ASN D 187 -7.24 -16.30 62.63
CA ASN D 187 -7.13 -15.32 61.57
C ASN D 187 -8.15 -15.66 60.49
N ILE D 188 -8.96 -14.68 60.14
CA ILE D 188 -9.96 -14.84 59.10
C ILE D 188 -9.40 -14.36 57.77
N VAL D 189 -9.64 -15.14 56.71
CA VAL D 189 -9.19 -14.81 55.37
C VAL D 189 -10.41 -14.88 54.48
N ALA D 190 -10.67 -13.81 53.73
CA ALA D 190 -11.85 -13.72 52.88
C ALA D 190 -11.49 -13.67 51.41
N ASP D 191 -12.44 -14.12 50.60
CA ASP D 191 -12.35 -14.14 49.14
C ASP D 191 -13.48 -13.28 48.61
N PHE D 192 -13.13 -12.22 47.87
CA PHE D 192 -14.12 -11.32 47.30
C PHE D 192 -14.25 -11.53 45.80
N GLY D 193 -13.57 -12.51 45.24
CA GLY D 193 -13.62 -12.78 43.82
C GLY D 193 -12.24 -12.85 43.22
N GLU D 194 -11.25 -12.33 43.95
CA GLU D 194 -9.88 -12.35 43.46
C GLU D 194 -9.33 -13.78 43.40
N SER D 195 -9.65 -14.60 44.41
CA SER D 195 -9.19 -15.98 44.43
C SER D 195 -10.16 -16.95 43.79
N ALA D 196 -11.40 -16.52 43.56
CA ALA D 196 -12.41 -17.38 42.97
C ALA D 196 -12.02 -17.75 41.54
N ILE D 197 -12.34 -18.98 41.16
CA ILE D 197 -12.03 -19.47 39.82
C ILE D 197 -12.82 -18.66 38.80
N GLY D 198 -12.12 -18.10 37.82
CA GLY D 198 -12.72 -17.28 36.81
C GLY D 198 -13.00 -15.85 37.23
N ARG D 199 -12.62 -15.48 38.46
CA ARG D 199 -12.81 -14.14 38.98
C ARG D 199 -14.28 -13.73 38.97
N VAL D 200 -15.16 -14.66 39.38
CA VAL D 200 -16.59 -14.38 39.41
C VAL D 200 -16.90 -13.49 40.62
N ALA D 201 -17.96 -12.70 40.50
CA ALA D 201 -18.37 -11.78 41.55
C ALA D 201 -19.64 -12.27 42.24
N PRO D 202 -19.63 -12.38 43.57
CA PRO D 202 -20.82 -12.84 44.30
C PRO D 202 -21.85 -11.74 44.53
N VAL D 203 -22.73 -11.51 43.55
CA VAL D 203 -23.74 -10.47 43.68
C VAL D 203 -24.76 -10.82 44.76
N ASP D 204 -25.09 -12.10 44.89
CA ASP D 204 -26.08 -12.55 45.87
C ASP D 204 -25.61 -12.49 47.31
N SER D 205 -24.31 -12.31 47.56
CA SER D 205 -23.85 -12.31 48.94
C SER D 205 -24.48 -11.18 49.76
N GLY D 206 -24.54 -9.97 49.21
CA GLY D 206 -25.12 -8.87 49.96
C GLY D 206 -26.61 -9.05 50.17
N PHE D 207 -27.32 -9.50 49.13
CA PHE D 207 -28.76 -9.70 49.25
C PHE D 207 -29.05 -10.77 50.30
N TRP D 208 -28.26 -11.84 50.31
CA TRP D 208 -28.46 -12.89 51.31
C TRP D 208 -28.13 -12.36 52.69
N TRP D 209 -27.13 -11.47 52.81
CA TRP D 209 -26.81 -10.93 54.13
C TRP D 209 -27.99 -10.13 54.68
N ILE D 210 -28.59 -9.28 53.84
CA ILE D 210 -29.73 -8.48 54.29
C ILE D 210 -30.91 -9.39 54.64
N ILE D 211 -31.18 -10.39 53.79
CA ILE D 211 -32.31 -11.29 54.06
C ILE D 211 -32.07 -12.08 55.34
N LEU D 212 -30.84 -12.52 55.57
CA LEU D 212 -30.53 -13.27 56.79
C LEU D 212 -30.67 -12.37 58.01
N LEU D 213 -30.30 -11.09 57.89
CA LEU D 213 -30.44 -10.19 59.03
C LEU D 213 -31.91 -10.02 59.37
N ARG D 214 -32.75 -9.88 58.33
CA ARG D 214 -34.19 -9.75 58.56
C ARG D 214 -34.74 -11.02 59.18
N ALA D 215 -34.26 -12.18 58.72
CA ALA D 215 -34.72 -13.45 59.27
C ALA D 215 -34.34 -13.58 60.74
N TYR D 216 -33.14 -13.11 61.10
CA TYR D 216 -32.72 -13.19 62.50
C TYR D 216 -33.58 -12.29 63.37
N THR D 217 -33.77 -11.03 62.94
CA THR D 217 -34.57 -10.11 63.74
C THR D 217 -36.01 -10.56 63.85
N LYS D 218 -36.53 -11.29 62.85
CA LYS D 218 -37.90 -11.77 62.93
C LYS D 218 -38.01 -13.03 63.79
N SER D 219 -37.02 -13.92 63.70
CA SER D 219 -37.04 -15.16 64.47
C SER D 219 -36.83 -14.90 65.95
N THR D 220 -35.98 -13.93 66.28
CA THR D 220 -35.70 -13.61 67.68
C THR D 220 -36.52 -12.47 68.23
N GLY D 221 -36.96 -11.54 67.38
CA GLY D 221 -37.69 -10.40 67.86
C GLY D 221 -36.80 -9.36 68.48
N ASP D 222 -35.49 -9.62 68.53
CA ASP D 222 -34.49 -8.72 69.10
C ASP D 222 -34.06 -7.75 68.01
N LEU D 223 -34.75 -6.61 67.96
CA LEU D 223 -34.50 -5.55 66.99
C LEU D 223 -33.22 -4.78 67.25
N THR D 224 -32.56 -5.02 68.38
CA THR D 224 -31.35 -4.25 68.72
C THR D 224 -30.23 -4.45 67.71
N LEU D 225 -30.03 -5.68 67.21
CA LEU D 225 -28.93 -5.92 66.27
C LEU D 225 -29.10 -5.13 64.98
N SER D 226 -30.30 -5.15 64.41
CA SER D 226 -30.53 -4.43 63.16
C SER D 226 -30.44 -2.92 63.32
N GLU D 227 -30.72 -2.41 64.51
CA GLU D 227 -30.69 -0.97 64.75
C GLU D 227 -29.31 -0.43 65.12
N THR D 228 -28.30 -1.28 65.25
CA THR D 228 -26.97 -0.79 65.55
C THR D 228 -26.44 0.02 64.37
N PRO D 229 -25.61 1.03 64.61
CA PRO D 229 -25.08 1.81 63.49
C PRO D 229 -24.31 0.98 62.48
N GLU D 230 -23.63 -0.08 62.93
CA GLU D 230 -22.86 -0.92 62.03
C GLU D 230 -23.76 -1.61 61.00
N CYS D 231 -24.86 -2.22 61.47
CA CYS D 231 -25.75 -2.90 60.55
C CYS D 231 -26.45 -1.91 59.61
N GLN D 232 -26.78 -0.72 60.11
CA GLN D 232 -27.41 0.28 59.26
C GLN D 232 -26.45 0.71 58.15
N LYS D 233 -25.18 0.90 58.51
CA LYS D 233 -24.17 1.28 57.52
C LYS D 233 -23.97 0.17 56.51
N GLY D 234 -23.96 -1.09 56.98
CA GLY D 234 -23.78 -2.20 56.05
C GLY D 234 -24.93 -2.32 55.08
N MET D 235 -26.17 -2.13 55.58
CA MET D 235 -27.34 -2.20 54.72
C MET D 235 -27.27 -1.09 53.67
N LYS D 236 -26.96 0.14 54.09
CA LYS D 236 -26.87 1.24 53.14
C LYS D 236 -25.74 1.01 52.14
N LEU D 237 -24.64 0.41 52.58
CA LEU D 237 -23.52 0.16 51.68
C LEU D 237 -23.90 -0.84 50.60
N ILE D 238 -24.56 -1.94 50.99
CA ILE D 238 -24.96 -2.93 49.99
C ILE D 238 -26.04 -2.36 49.07
N LEU D 239 -26.97 -1.58 49.62
CA LEU D 239 -28.04 -1.01 48.81
C LEU D 239 -27.53 0.04 47.83
N SER D 240 -26.49 0.80 48.21
CA SER D 240 -25.98 1.83 47.32
C SER D 240 -25.26 1.28 46.10
N LEU D 241 -24.80 0.02 46.15
CA LEU D 241 -24.11 -0.55 45.00
C LEU D 241 -25.06 -0.88 43.86
N CYS D 242 -26.22 -1.46 44.17
CA CYS D 242 -27.19 -1.84 43.15
C CYS D 242 -28.15 -0.71 42.79
N LEU D 243 -28.48 0.15 43.74
CA LEU D 243 -29.39 1.26 43.48
C LEU D 243 -28.69 2.45 42.84
N ALA D 244 -27.41 2.33 42.53
CA ALA D 244 -26.65 3.41 41.92
C ALA D 244 -27.13 3.71 40.51
N GLU D 245 -26.99 4.98 40.12
CA GLU D 245 -27.41 5.42 38.80
C GLU D 245 -26.44 4.91 37.74
N GLY D 246 -26.95 4.71 36.53
CA GLY D 246 -26.09 4.24 35.46
C GLY D 246 -26.77 4.37 34.12
N PHE D 247 -26.07 3.89 33.08
CA PHE D 247 -26.57 3.90 31.71
C PHE D 247 -27.71 2.90 31.51
N ASP D 248 -28.02 2.12 32.54
CA ASP D 248 -29.07 1.11 32.46
C ASP D 248 -30.42 1.69 32.08
N THR D 249 -31.07 1.05 31.10
CA THR D 249 -32.40 1.42 30.65
C THR D 249 -33.43 0.43 31.18
N PHE D 250 -33.02 -0.47 32.07
CA PHE D 250 -33.81 -1.50 32.70
C PHE D 250 -33.77 -1.35 34.21
N PRO D 251 -34.91 -1.51 34.90
CA PRO D 251 -34.88 -1.42 36.37
C PRO D 251 -34.13 -2.57 36.99
N THR D 252 -34.02 -3.70 36.29
CA THR D 252 -33.32 -4.87 36.78
C THR D 252 -31.82 -4.61 36.85
N LEU D 253 -31.14 -5.43 37.64
CA LEU D 253 -29.71 -5.32 37.87
C LEU D 253 -28.92 -6.08 36.80
N LEU D 254 -28.00 -5.39 36.12
CA LEU D 254 -27.19 -6.02 35.10
C LEU D 254 -26.19 -6.96 35.77
N CYS D 255 -25.96 -8.11 35.16
CA CYS D 255 -25.08 -9.09 35.77
C CYS D 255 -24.16 -9.78 34.77
N ALA D 256 -22.96 -10.12 35.24
CA ALA D 256 -21.98 -10.86 34.48
C ALA D 256 -22.22 -12.35 34.72
N ASP D 257 -21.65 -13.19 33.86
CA ASP D 257 -21.87 -14.63 34.02
C ASP D 257 -21.24 -15.14 35.31
N GLY D 258 -21.93 -16.06 35.97
CA GLY D 258 -21.45 -16.64 37.21
C GLY D 258 -21.56 -15.75 38.42
N CYS D 259 -22.60 -14.91 38.50
CA CYS D 259 -22.82 -13.97 39.59
C CYS D 259 -23.83 -14.46 40.63
N SER D 260 -23.99 -15.77 40.80
CA SER D 260 -24.97 -16.28 41.75
C SER D 260 -24.56 -17.70 42.12
N MET D 261 -25.46 -18.43 42.79
CA MET D 261 -25.27 -19.82 43.19
C MET D 261 -24.60 -20.55 42.02
N ILE D 262 -24.93 -20.12 40.81
CA ILE D 262 -24.32 -20.64 39.60
C ILE D 262 -23.06 -19.79 39.43
N ASP D 263 -21.96 -20.26 40.00
CA ASP D 263 -20.70 -19.53 39.96
C ASP D 263 -19.88 -19.77 38.70
N ARG D 264 -20.45 -20.44 37.70
CA ARG D 264 -19.74 -20.72 36.47
C ARG D 264 -20.50 -20.15 35.27
N ARG D 265 -19.86 -20.20 34.11
CA ARG D 265 -20.48 -19.68 32.89
C ARG D 265 -21.64 -20.57 32.49
N MET D 266 -22.85 -20.04 32.56
CA MET D 266 -24.05 -20.80 32.23
C MET D 266 -25.09 -20.01 31.46
N GLY D 267 -24.82 -18.75 31.12
CA GLY D 267 -25.79 -17.93 30.46
C GLY D 267 -26.64 -17.13 31.41
N VAL D 268 -26.15 -16.91 32.64
CA VAL D 268 -26.89 -16.16 33.65
C VAL D 268 -26.52 -14.66 33.62
N TYR D 269 -25.89 -14.21 32.55
CA TYR D 269 -25.52 -12.81 32.39
C TYR D 269 -26.76 -11.97 32.06
N GLY D 270 -26.68 -10.68 32.34
CA GLY D 270 -27.82 -9.82 32.04
C GLY D 270 -28.71 -9.57 33.24
N TYR D 271 -29.93 -10.09 33.19
CA TYR D 271 -30.90 -9.92 34.26
C TYR D 271 -31.53 -11.26 34.63
N PRO D 272 -30.76 -12.15 35.27
CA PRO D 272 -31.32 -13.46 35.65
C PRO D 272 -32.33 -13.33 36.77
N ILE D 273 -33.38 -14.17 36.71
CA ILE D 273 -34.42 -14.13 37.73
C ILE D 273 -33.89 -14.39 39.13
N GLU D 274 -32.83 -15.18 39.26
CA GLU D 274 -32.32 -15.45 40.59
C GLU D 274 -31.83 -14.17 41.25
N ILE D 275 -31.03 -13.39 40.53
CA ILE D 275 -30.52 -12.14 41.08
C ILE D 275 -31.64 -11.12 41.25
N GLN D 276 -32.58 -11.05 40.29
CA GLN D 276 -33.67 -10.08 40.42
C GLN D 276 -34.57 -10.42 41.60
N ALA D 277 -34.84 -11.70 41.83
CA ALA D 277 -35.69 -12.10 42.95
C ALA D 277 -34.99 -11.83 44.27
N LEU D 278 -33.69 -12.15 44.37
CA LEU D 278 -32.98 -11.87 45.60
C LEU D 278 -32.90 -10.37 45.83
N PHE D 279 -32.79 -9.61 44.73
CA PHE D 279 -32.76 -8.15 44.80
C PHE D 279 -34.06 -7.60 45.36
N PHE D 280 -35.19 -8.10 44.85
CA PHE D 280 -36.50 -7.65 45.32
C PHE D 280 -36.71 -8.00 46.78
N MET D 281 -36.34 -9.24 47.16
CA MET D 281 -36.51 -9.66 48.55
C MET D 281 -35.63 -8.85 49.48
N ALA D 282 -34.39 -8.56 49.06
CA ALA D 282 -33.50 -7.77 49.89
C ALA D 282 -33.99 -6.34 50.03
N LEU D 283 -34.60 -5.79 48.97
CA LEU D 283 -35.13 -4.43 49.04
C LEU D 283 -36.27 -4.36 50.05
N ARG D 284 -37.23 -5.28 49.95
CA ARG D 284 -38.35 -5.27 50.88
C ARG D 284 -37.89 -5.52 52.31
N SER D 285 -36.98 -6.48 52.51
CA SER D 285 -36.49 -6.74 53.85
C SER D 285 -35.65 -5.58 54.36
N ALA D 286 -35.08 -4.79 53.45
CA ALA D 286 -34.32 -3.62 53.87
C ALA D 286 -35.28 -2.58 54.41
N LEU D 287 -36.42 -2.40 53.74
CA LEU D 287 -37.40 -1.45 54.27
C LEU D 287 -37.94 -1.93 55.60
N SER D 288 -37.99 -3.25 55.80
CA SER D 288 -38.51 -3.78 57.06
C SER D 288 -37.65 -3.42 58.27
N MET D 289 -36.41 -2.97 58.08
CA MET D 289 -35.57 -2.64 59.24
C MET D 289 -34.66 -1.44 59.04
N LEU D 290 -34.95 -0.54 58.10
CA LEU D 290 -34.09 0.61 57.86
C LEU D 290 -34.57 1.80 58.68
N LYS D 291 -33.68 2.34 59.52
CA LYS D 291 -34.04 3.50 60.32
C LYS D 291 -34.08 4.74 59.43
N PRO D 292 -35.08 5.62 59.62
CA PRO D 292 -35.19 6.80 58.76
C PRO D 292 -34.31 7.98 59.13
N ASP D 293 -33.47 7.90 60.15
CA ASP D 293 -32.65 9.07 60.49
C ASP D 293 -31.63 9.36 59.39
N GLY D 294 -31.50 10.63 59.05
CA GLY D 294 -30.55 11.05 58.04
C GLY D 294 -30.74 10.40 56.68
N ASP D 295 -29.63 9.86 56.16
CA ASP D 295 -29.63 9.22 54.84
C ASP D 295 -30.73 8.20 54.69
N GLY D 296 -31.20 7.62 55.80
CA GLY D 296 -32.22 6.61 55.69
C GLY D 296 -33.44 7.12 54.96
N ARG D 297 -33.88 8.34 55.27
CA ARG D 297 -35.06 8.86 54.60
C ARG D 297 -34.84 8.89 53.10
N GLU D 298 -33.72 9.47 52.66
CA GLU D 298 -33.50 9.52 51.23
C GLU D 298 -33.34 8.12 50.69
N VAL D 299 -32.58 7.27 51.40
CA VAL D 299 -32.38 5.92 50.90
C VAL D 299 -33.71 5.20 50.83
N ILE D 300 -34.58 5.43 51.81
CA ILE D 300 -35.88 4.74 51.77
C ILE D 300 -36.64 5.17 50.54
N GLU D 301 -36.59 6.47 50.21
CA GLU D 301 -37.30 6.93 49.03
C GLU D 301 -36.81 6.20 47.79
N ARG D 302 -35.50 5.97 47.70
CA ARG D 302 -35.00 5.24 46.53
C ARG D 302 -35.51 3.81 46.52
N ILE D 303 -35.42 3.13 47.67
CA ILE D 303 -35.82 1.73 47.74
C ILE D 303 -37.26 1.55 47.29
N VAL D 304 -38.15 2.44 47.74
CA VAL D 304 -39.54 2.33 47.33
C VAL D 304 -39.69 2.55 45.83
N LYS D 305 -39.02 3.58 45.30
CA LYS D 305 -39.17 3.88 43.88
C LYS D 305 -38.73 2.71 43.02
N ARG D 306 -37.53 2.20 43.26
CA ARG D 306 -37.08 1.06 42.47
C ARG D 306 -38.00 -0.13 42.66
N LEU D 307 -38.56 -0.29 43.86
CA LEU D 307 -39.45 -1.42 44.08
C LEU D 307 -40.66 -1.34 43.18
N HIS D 308 -41.15 -0.13 42.92
CA HIS D 308 -42.29 -0.02 42.02
C HIS D 308 -41.86 -0.36 40.60
N ALA D 309 -40.67 0.11 40.20
CA ALA D 309 -40.19 -0.18 38.85
C ALA D 309 -39.96 -1.67 38.64
N LEU D 310 -39.48 -2.37 39.69
CA LEU D 310 -39.22 -3.79 39.56
C LEU D 310 -40.50 -4.62 39.51
N SER D 311 -41.39 -4.42 40.49
CA SER D 311 -42.62 -5.20 40.56
C SER D 311 -43.35 -5.20 39.22
N PHE D 312 -43.37 -4.05 38.55
CA PHE D 312 -44.01 -3.99 37.25
C PHE D 312 -43.20 -4.79 36.22
N HIS D 313 -41.93 -4.41 36.05
CA HIS D 313 -41.08 -5.02 35.04
C HIS D 313 -41.01 -6.53 35.18
N MET D 314 -41.02 -7.04 36.40
CA MET D 314 -40.96 -8.48 36.59
C MET D 314 -42.29 -9.15 36.27
N ARG D 315 -43.40 -8.58 36.76
CA ARG D 315 -44.71 -9.22 36.55
C ARG D 315 -45.22 -9.09 35.12
N ASN D 316 -44.78 -8.08 34.37
CA ASN D 316 -45.29 -7.90 33.02
C ASN D 316 -44.44 -8.57 31.95
N TYR D 317 -43.12 -8.59 32.10
CA TYR D 317 -42.25 -9.16 31.08
C TYR D 317 -41.70 -10.54 31.43
N PHE D 318 -41.22 -10.74 32.65
CA PHE D 318 -40.63 -12.02 33.02
C PHE D 318 -41.65 -13.13 33.17
N TRP D 319 -42.90 -12.80 33.49
CA TRP D 319 -43.92 -13.83 33.67
C TRP D 319 -44.23 -14.51 32.33
N LEU D 320 -44.51 -15.80 32.38
CA LEU D 320 -44.79 -16.57 31.17
C LEU D 320 -45.74 -17.71 31.48
N ASP D 321 -46.90 -17.69 30.81
CA ASP D 321 -47.92 -18.74 30.88
C ASP D 321 -48.27 -19.13 29.45
N HIS D 322 -49.26 -20.01 29.29
CA HIS D 322 -49.61 -20.46 27.95
C HIS D 322 -50.12 -19.30 27.09
N GLN D 323 -50.93 -18.42 27.67
CA GLN D 323 -51.47 -17.30 26.91
C GLN D 323 -50.35 -16.33 26.51
N ASN D 324 -49.44 -16.03 27.44
CA ASN D 324 -48.35 -15.12 27.13
C ASN D 324 -47.43 -15.71 26.07
N LEU D 325 -47.17 -17.02 26.14
CA LEU D 325 -46.32 -17.64 25.13
C LEU D 325 -47.01 -17.61 23.77
N ASN D 326 -48.33 -17.81 23.76
CA ASN D 326 -49.07 -17.75 22.50
C ASN D 326 -48.97 -16.37 21.91
N ASP D 327 -49.02 -15.34 22.75
CA ASP D 327 -48.91 -13.96 22.27
C ASP D 327 -47.51 -13.68 21.73
N ILE D 328 -46.47 -14.10 22.44
CA ILE D 328 -45.10 -13.85 21.99
C ILE D 328 -44.82 -14.60 20.69
N TYR D 329 -45.45 -15.77 20.50
CA TYR D 329 -45.24 -16.52 19.27
C TYR D 329 -45.77 -15.76 18.06
N ARG D 330 -46.76 -14.88 18.28
CA ARG D 330 -47.38 -14.07 17.24
C ARG D 330 -46.83 -12.64 17.19
N PHE D 331 -45.70 -12.39 17.84
CA PHE D 331 -45.12 -11.06 17.90
C PHE D 331 -44.60 -10.56 16.55
N LYS D 332 -44.67 -9.26 16.37
CA LYS D 332 -44.14 -8.57 15.20
C LYS D 332 -42.74 -8.10 15.57
N THR D 333 -41.87 -7.97 14.59
CA THR D 333 -40.50 -7.57 14.87
C THR D 333 -40.17 -6.18 14.32
N GLU D 334 -39.07 -5.63 14.82
CA GLU D 334 -38.54 -4.32 14.44
C GLU D 334 -39.56 -3.20 14.69
N GLU D 335 -39.86 -3.00 15.97
CA GLU D 335 -40.83 -1.99 16.42
C GLU D 335 -40.10 -0.80 17.03
N TYR D 336 -39.98 0.29 16.27
CA TYR D 336 -39.32 1.53 16.70
C TYR D 336 -40.37 2.54 17.16
N SER D 337 -40.74 2.47 18.44
CA SER D 337 -41.71 3.42 18.99
C SER D 337 -41.82 3.19 20.50
N HIS D 338 -42.25 4.24 21.21
CA HIS D 338 -42.45 4.08 22.65
C HIS D 338 -43.61 3.13 22.90
N THR D 339 -44.56 3.11 21.96
CA THR D 339 -45.77 2.29 22.05
C THR D 339 -45.60 1.07 21.14
N ALA D 340 -44.80 0.12 21.62
CA ALA D 340 -44.54 -1.11 20.91
C ALA D 340 -44.98 -2.30 21.75
N VAL D 341 -45.50 -3.34 21.09
CA VAL D 341 -45.89 -4.54 21.81
C VAL D 341 -44.67 -5.40 22.08
N ASN D 342 -43.87 -5.65 21.05
CA ASN D 342 -42.62 -6.41 21.15
C ASN D 342 -41.57 -5.40 21.58
N LYS D 343 -41.55 -5.17 22.89
CA LYS D 343 -40.66 -4.17 23.50
C LYS D 343 -39.18 -4.49 23.33
N PHE D 344 -38.80 -5.75 23.48
CA PHE D 344 -37.39 -6.11 23.43
C PHE D 344 -36.95 -6.75 22.13
N ASN D 345 -37.80 -6.74 21.10
CA ASN D 345 -37.49 -7.28 19.78
C ASN D 345 -37.03 -8.73 19.79
N VAL D 346 -37.85 -9.59 20.40
CA VAL D 346 -37.52 -11.02 20.43
C VAL D 346 -38.00 -11.65 19.13
N MET D 347 -37.18 -12.52 18.55
CA MET D 347 -37.55 -13.18 17.31
C MET D 347 -38.50 -14.34 17.60
N PRO D 348 -39.72 -14.33 17.05
CA PRO D 348 -40.63 -15.45 17.32
C PRO D 348 -40.09 -16.79 16.86
N ASP D 349 -39.31 -16.81 15.78
CA ASP D 349 -38.73 -18.07 15.31
C ASP D 349 -37.61 -18.55 16.23
N SER D 350 -37.02 -17.64 17.01
CA SER D 350 -35.93 -17.99 17.92
C SER D 350 -36.41 -18.69 19.18
N ILE D 351 -37.73 -18.73 19.43
CA ILE D 351 -38.21 -19.40 20.63
C ILE D 351 -37.89 -20.88 20.54
N PRO D 352 -37.24 -21.48 21.54
CA PRO D 352 -36.88 -22.90 21.45
C PRO D 352 -38.09 -23.82 21.35
N GLU D 353 -37.85 -24.96 20.71
CA GLU D 353 -38.89 -25.97 20.47
C GLU D 353 -39.40 -26.61 21.76
N TRP D 354 -38.55 -26.72 22.79
CA TRP D 354 -38.96 -27.36 24.04
C TRP D 354 -39.98 -26.56 24.83
N VAL D 355 -40.01 -25.23 24.65
CA VAL D 355 -40.94 -24.39 25.42
C VAL D 355 -42.39 -24.70 25.10
N PHE D 356 -42.71 -24.87 23.81
CA PHE D 356 -44.10 -25.13 23.43
C PHE D 356 -44.61 -26.44 24.00
N ASP D 357 -43.77 -27.47 24.04
CA ASP D 357 -44.21 -28.75 24.59
C ASP D 357 -44.21 -28.75 26.11
N PHE D 358 -43.28 -28.01 26.73
CA PHE D 358 -43.19 -27.96 28.18
C PHE D 358 -44.32 -27.16 28.82
N MET D 359 -44.82 -26.14 28.14
CA MET D 359 -45.87 -25.28 28.69
C MET D 359 -47.21 -25.98 28.82
N PRO D 360 -47.74 -26.16 30.04
CA PRO D 360 -49.07 -26.77 30.20
C PRO D 360 -50.15 -25.72 30.00
N LEU D 361 -51.41 -26.18 29.97
CA LEU D 361 -52.51 -25.24 29.79
C LEU D 361 -52.69 -24.40 31.05
N ARG D 362 -52.60 -25.02 32.22
CA ARG D 362 -52.73 -24.32 33.50
C ARG D 362 -51.35 -24.22 34.15
N GLY D 363 -51.00 -23.03 34.61
CA GLY D 363 -49.73 -22.83 35.25
C GLY D 363 -48.79 -21.95 34.42
N GLY D 364 -47.76 -21.45 35.09
CA GLY D 364 -46.78 -20.59 34.46
C GLY D 364 -45.58 -20.45 35.37
N TYR D 365 -44.61 -19.64 34.91
CA TYR D 365 -43.40 -19.42 35.68
C TYR D 365 -42.72 -18.16 35.18
N PHE D 366 -41.66 -17.75 35.90
CA PHE D 366 -40.90 -16.56 35.53
C PHE D 366 -39.75 -16.96 34.62
N VAL D 367 -39.64 -16.26 33.49
CA VAL D 367 -38.61 -16.53 32.49
C VAL D 367 -37.22 -16.25 33.08
N GLY D 368 -36.24 -17.06 32.67
CA GLY D 368 -34.90 -16.93 33.23
C GLY D 368 -34.23 -15.58 32.99
N ASN D 369 -34.46 -14.97 31.83
CA ASN D 369 -33.81 -13.69 31.58
C ASN D 369 -34.56 -12.91 30.52
N VAL D 370 -34.55 -11.58 30.66
CA VAL D 370 -35.21 -10.67 29.73
C VAL D 370 -34.29 -9.49 29.51
N GLY D 371 -33.89 -9.25 28.26
CA GLY D 371 -33.02 -8.15 27.92
C GLY D 371 -33.15 -7.77 26.46
N PRO D 372 -32.25 -6.90 25.98
CA PRO D 372 -32.30 -6.48 24.58
C PRO D 372 -32.12 -7.64 23.61
N ALA D 373 -33.19 -7.98 22.89
CA ALA D 373 -33.23 -9.07 21.91
C ALA D 373 -32.88 -10.42 22.51
N HIS D 374 -32.79 -10.53 23.84
CA HIS D 374 -32.47 -11.76 24.52
C HIS D 374 -33.54 -12.11 25.53
N MET D 375 -33.91 -13.39 25.59
CA MET D 375 -34.93 -13.85 26.52
C MET D 375 -34.67 -15.35 26.77
N ASP D 376 -34.06 -15.66 27.91
CA ASP D 376 -33.75 -17.05 28.26
C ASP D 376 -34.98 -17.67 28.91
N PHE D 377 -35.60 -18.61 28.20
CA PHE D 377 -36.83 -19.28 28.63
C PHE D 377 -36.62 -20.39 29.66
N ARG D 378 -35.39 -20.63 30.11
CA ARG D 378 -35.16 -21.70 31.07
C ARG D 378 -35.80 -21.41 32.43
N TRP D 379 -36.35 -22.45 33.04
CA TRP D 379 -36.97 -22.35 34.35
C TRP D 379 -35.90 -22.54 35.43
N PHE D 380 -35.74 -21.54 36.29
CA PHE D 380 -34.77 -21.58 37.37
C PHE D 380 -35.55 -21.71 38.68
N ALA D 381 -35.19 -22.73 39.47
CA ALA D 381 -35.91 -23.04 40.70
C ALA D 381 -35.78 -21.94 41.75
N LEU D 382 -34.55 -21.57 42.10
CA LEU D 382 -34.36 -20.57 43.15
C LEU D 382 -35.01 -19.25 42.78
N GLY D 383 -34.97 -18.86 41.51
CA GLY D 383 -35.57 -17.60 41.12
C GLY D 383 -37.07 -17.57 41.35
N ASN D 384 -37.76 -18.63 40.95
CA ASN D 384 -39.21 -18.68 41.14
C ASN D 384 -39.57 -18.81 42.61
N CYS D 385 -38.80 -19.59 43.37
CA CYS D 385 -39.09 -19.73 44.78
C CYS D 385 -38.92 -18.40 45.52
N VAL D 386 -37.86 -17.64 45.19
CA VAL D 386 -37.68 -16.36 45.85
C VAL D 386 -38.76 -15.39 45.37
N SER D 387 -39.18 -15.50 44.11
CA SER D 387 -40.24 -14.62 43.62
C SER D 387 -41.54 -14.88 44.39
N ILE D 388 -41.76 -16.12 44.81
CA ILE D 388 -42.96 -16.45 45.58
C ILE D 388 -42.82 -16.00 47.04
N LEU D 389 -41.67 -16.27 47.65
CA LEU D 389 -41.49 -15.90 49.05
C LEU D 389 -41.47 -14.39 49.25
N SER D 390 -40.87 -13.65 48.33
CA SER D 390 -40.81 -12.20 48.44
C SER D 390 -42.10 -11.54 47.99
N SER D 391 -43.14 -12.32 47.72
CA SER D 391 -44.44 -11.84 47.24
C SER D 391 -44.30 -11.08 45.93
N LEU D 392 -43.17 -11.23 45.24
CA LEU D 392 -42.99 -10.57 43.95
C LEU D 392 -44.01 -11.12 42.96
N ALA D 393 -44.34 -12.39 43.10
CA ALA D 393 -45.34 -13.04 42.26
C ALA D 393 -46.70 -12.87 42.94
N THR D 394 -47.70 -12.55 42.14
CA THR D 394 -49.04 -12.38 42.69
C THR D 394 -49.56 -13.73 43.17
N PRO D 395 -50.57 -13.74 44.05
CA PRO D 395 -51.09 -15.03 44.50
C PRO D 395 -51.50 -15.92 43.35
N ASP D 396 -52.02 -15.33 42.27
CA ASP D 396 -52.37 -16.11 41.09
C ASP D 396 -51.11 -16.66 40.42
N GLN D 397 -50.05 -15.84 40.36
CA GLN D 397 -48.81 -16.33 39.75
C GLN D 397 -48.18 -17.42 40.60
N SER D 398 -48.28 -17.30 41.93
CA SER D 398 -47.73 -18.34 42.79
C SER D 398 -48.52 -19.64 42.62
N MET D 399 -49.84 -19.51 42.52
CA MET D 399 -50.67 -20.70 42.29
C MET D 399 -50.36 -21.31 40.93
N ALA D 400 -50.05 -20.46 39.93
CA ALA D 400 -49.70 -20.97 38.61
C ALA D 400 -48.36 -21.69 38.65
N ILE D 401 -47.42 -21.20 39.45
CA ILE D 401 -46.14 -21.87 39.57
C ILE D 401 -46.35 -23.24 40.19
N MET D 402 -47.21 -23.31 41.21
CA MET D 402 -47.48 -24.60 41.83
C MET D 402 -48.20 -25.53 40.86
N ASP D 403 -49.10 -24.97 40.04
CA ASP D 403 -49.81 -25.77 39.06
C ASP D 403 -48.84 -26.37 38.05
N LEU D 404 -47.91 -25.55 37.57
CA LEU D 404 -46.90 -26.04 36.62
C LEU D 404 -46.01 -27.08 37.29
N LEU D 405 -45.70 -26.89 38.56
CA LEU D 405 -44.87 -27.87 39.27
C LEU D 405 -45.59 -29.21 39.39
N GLU D 406 -46.92 -29.17 39.57
CA GLU D 406 -47.69 -30.41 39.68
C GLU D 406 -47.85 -31.09 38.33
N HIS D 407 -48.05 -30.31 37.26
CA HIS D 407 -48.25 -30.92 35.94
C HIS D 407 -46.96 -31.48 35.38
N ARG D 408 -45.92 -30.66 35.29
CA ARG D 408 -44.62 -31.10 34.78
C ARG D 408 -43.69 -31.43 35.95
N TRP D 409 -44.17 -32.35 36.80
CA TRP D 409 -43.42 -32.73 37.99
C TRP D 409 -42.18 -33.55 37.67
N ALA D 410 -42.33 -34.57 36.81
CA ALA D 410 -41.19 -35.43 36.47
C ALA D 410 -40.05 -34.65 35.83
N GLU D 411 -40.35 -33.53 35.18
CA GLU D 411 -39.31 -32.73 34.54
C GLU D 411 -38.59 -31.84 35.54
N LEU D 412 -39.34 -31.07 36.33
CA LEU D 412 -38.74 -30.14 37.29
C LEU D 412 -38.26 -30.81 38.58
N VAL D 413 -38.77 -31.98 38.93
CA VAL D 413 -38.36 -32.65 40.16
C VAL D 413 -37.80 -34.02 39.87
N GLY D 414 -38.61 -34.89 39.26
CA GLY D 414 -38.13 -36.23 38.97
C GLY D 414 -38.00 -37.06 40.24
N GLU D 415 -36.98 -37.93 40.24
CA GLU D 415 -36.74 -38.81 41.37
C GLU D 415 -35.98 -38.14 42.50
N MET D 416 -35.57 -36.88 42.35
CA MET D 416 -34.82 -36.21 43.41
C MET D 416 -34.99 -34.71 43.34
N PRO D 417 -35.63 -34.07 44.32
CA PRO D 417 -35.76 -32.61 44.28
C PRO D 417 -34.46 -31.97 44.72
N LEU D 418 -34.17 -30.80 44.17
CA LEU D 418 -34.94 -30.17 43.10
C LEU D 418 -33.97 -29.77 41.99
N LYS D 419 -34.43 -29.85 40.74
CA LYS D 419 -33.58 -29.47 39.62
C LYS D 419 -33.24 -27.99 39.70
N ILE D 420 -31.97 -27.66 39.48
CA ILE D 420 -31.55 -26.26 39.55
C ILE D 420 -32.11 -25.48 38.36
N CYS D 421 -32.26 -26.13 37.21
CA CYS D 421 -32.78 -25.47 36.03
C CYS D 421 -33.27 -26.52 35.05
N TYR D 422 -34.26 -26.14 34.23
CA TYR D 422 -34.82 -27.03 33.22
C TYR D 422 -35.09 -26.24 31.94
N PRO D 423 -34.67 -26.75 30.78
CA PRO D 423 -33.91 -27.99 30.60
C PRO D 423 -32.42 -27.72 30.67
N CYS D 424 -31.61 -28.63 30.15
CA CYS D 424 -30.17 -28.48 30.17
C CYS D 424 -29.64 -28.18 28.77
N LEU D 425 -28.47 -27.55 28.73
CA LEU D 425 -27.82 -27.22 27.46
C LEU D 425 -27.11 -28.46 26.95
N GLU D 426 -27.31 -28.77 25.67
CA GLU D 426 -26.71 -29.93 25.05
C GLU D 426 -26.07 -29.60 23.71
N GLY D 427 -25.00 -30.31 23.40
CA GLY D 427 -24.30 -30.15 22.14
C GLY D 427 -23.76 -28.76 21.88
N HIS D 428 -24.24 -28.17 20.78
CA HIS D 428 -23.80 -26.85 20.37
C HIS D 428 -24.13 -25.79 21.42
N GLU D 429 -25.30 -25.90 22.06
CA GLU D 429 -25.65 -24.94 23.09
C GLU D 429 -24.64 -24.99 24.23
N TRP D 430 -24.21 -26.20 24.59
CA TRP D 430 -23.22 -26.37 25.65
C TRP D 430 -21.87 -25.82 25.23
N ARG D 431 -21.52 -26.01 23.95
CA ARG D 431 -20.25 -25.55 23.43
C ARG D 431 -20.16 -24.02 23.41
N ILE D 432 -21.25 -23.34 23.07
CA ILE D 432 -21.24 -21.88 22.95
C ILE D 432 -21.56 -21.17 24.28
N VAL D 433 -22.58 -21.62 25.01
CA VAL D 433 -22.97 -20.92 26.24
C VAL D 433 -21.97 -21.16 27.36
N THR D 434 -21.64 -22.42 27.65
CA THR D 434 -20.72 -22.69 28.74
C THR D 434 -19.25 -22.54 28.36
N GLY D 435 -18.94 -22.36 27.07
CA GLY D 435 -17.55 -22.23 26.68
C GLY D 435 -16.82 -23.55 26.86
N CYS D 436 -17.48 -24.67 26.57
CA CYS D 436 -16.91 -26.00 26.71
C CYS D 436 -16.50 -26.28 28.15
N ASP D 437 -17.39 -25.97 29.08
CA ASP D 437 -17.12 -26.18 30.50
C ASP D 437 -17.40 -27.64 30.83
N PRO D 438 -16.40 -28.42 31.28
CA PRO D 438 -16.65 -29.85 31.55
C PRO D 438 -17.40 -30.15 32.84
N LYS D 439 -17.47 -29.22 33.79
CA LYS D 439 -18.21 -29.53 35.02
C LYS D 439 -19.71 -29.37 34.85
N ASN D 440 -20.16 -28.75 33.77
CA ASN D 440 -21.58 -28.54 33.50
C ASN D 440 -22.07 -29.30 32.29
N THR D 441 -21.83 -30.62 32.26
CA THR D 441 -22.25 -31.45 31.14
C THR D 441 -23.77 -31.63 31.15
N ARG D 442 -24.26 -32.54 30.31
CA ARG D 442 -25.69 -32.79 30.20
C ARG D 442 -26.27 -33.25 31.53
N TRP D 443 -27.29 -32.54 32.00
CA TRP D 443 -27.98 -32.85 33.27
C TRP D 443 -26.95 -33.02 34.39
N SER D 444 -26.08 -32.02 34.52
CA SER D 444 -25.01 -32.03 35.52
C SER D 444 -25.06 -30.83 36.45
N TYR D 445 -23.95 -30.58 37.14
CA TYR D 445 -23.78 -29.57 38.19
C TYR D 445 -24.68 -28.33 38.10
N HIS D 446 -24.51 -27.47 37.11
CA HIS D 446 -25.41 -26.32 36.99
C HIS D 446 -26.34 -26.45 35.80
N ASN D 447 -25.96 -27.28 34.82
CA ASN D 447 -26.73 -27.48 33.60
C ASN D 447 -27.72 -28.63 33.78
N GLY D 448 -28.79 -28.33 34.53
CA GLY D 448 -29.84 -29.32 34.76
C GLY D 448 -29.64 -30.32 35.87
N GLY D 449 -28.71 -30.09 36.79
CA GLY D 449 -28.50 -31.04 37.87
C GLY D 449 -29.52 -30.90 38.99
N SER D 450 -29.73 -31.99 39.72
CA SER D 450 -30.67 -32.01 40.83
C SER D 450 -29.91 -31.63 42.11
N TRP D 451 -30.43 -30.63 42.81
CA TRP D 451 -29.80 -30.14 44.03
C TRP D 451 -30.71 -30.39 45.23
N PRO D 452 -30.27 -31.17 46.22
CA PRO D 452 -31.12 -31.41 47.39
C PRO D 452 -31.31 -30.16 48.25
N VAL D 453 -30.31 -29.29 48.32
CA VAL D 453 -30.37 -28.09 49.15
C VAL D 453 -31.55 -27.21 48.76
N LEU D 454 -31.96 -27.24 47.49
CA LEU D 454 -33.07 -26.41 47.05
C LEU D 454 -34.38 -26.80 47.72
N LEU D 455 -34.44 -27.99 48.32
CA LEU D 455 -35.67 -28.47 48.94
C LEU D 455 -36.30 -27.45 49.89
N TRP D 456 -35.50 -26.84 50.77
CA TRP D 456 -36.08 -25.91 51.73
C TRP D 456 -36.78 -24.76 51.01
N GLN D 457 -36.19 -24.23 49.93
CA GLN D 457 -36.89 -23.17 49.22
C GLN D 457 -38.22 -23.69 48.71
N LEU D 458 -38.20 -24.85 48.05
CA LEU D 458 -39.44 -25.44 47.55
C LEU D 458 -40.41 -25.62 48.69
N THR D 459 -39.90 -25.96 49.87
CA THR D 459 -40.77 -26.13 51.02
C THR D 459 -41.41 -24.81 51.41
N ALA D 460 -40.58 -23.78 51.61
CA ALA D 460 -41.12 -22.49 52.04
C ALA D 460 -42.16 -21.98 51.05
N ALA D 461 -41.81 -21.94 49.77
CA ALA D 461 -42.75 -21.47 48.76
C ALA D 461 -44.03 -22.29 48.78
N CYS D 462 -43.94 -23.58 49.09
CA CYS D 462 -45.14 -24.40 49.11
C CYS D 462 -46.04 -24.04 50.29
N ILE D 463 -45.45 -23.72 51.45
CA ILE D 463 -46.27 -23.39 52.61
C ILE D 463 -46.93 -22.02 52.43
N LYS D 464 -46.20 -21.06 51.87
CA LYS D 464 -46.75 -19.73 51.66
C LYS D 464 -47.90 -19.75 50.66
N THR D 465 -47.86 -20.67 49.69
CA THR D 465 -48.89 -20.78 48.68
C THR D 465 -50.04 -21.70 49.09
N GLY D 466 -49.93 -22.36 50.23
CA GLY D 466 -50.99 -23.26 50.67
C GLY D 466 -51.04 -24.60 49.98
N ARG D 467 -49.91 -25.12 49.54
CA ARG D 467 -49.82 -26.43 48.88
C ARG D 467 -48.73 -27.24 49.57
N PRO D 468 -48.98 -27.70 50.80
CA PRO D 468 -47.96 -28.47 51.53
C PRO D 468 -47.73 -29.87 50.97
N GLN D 469 -48.70 -30.48 50.29
CA GLN D 469 -48.51 -31.84 49.78
C GLN D 469 -47.36 -31.92 48.78
N ILE D 470 -47.11 -30.85 48.02
CA ILE D 470 -46.02 -30.85 47.06
C ILE D 470 -44.70 -30.97 47.81
N ALA D 471 -44.54 -30.16 48.85
CA ALA D 471 -43.33 -30.21 49.66
C ALA D 471 -43.21 -31.54 50.37
N ARG D 472 -44.34 -32.14 50.78
CA ARG D 472 -44.26 -33.44 51.44
C ARG D 472 -43.80 -34.52 50.47
N ARG D 473 -44.26 -34.47 49.22
CA ARG D 473 -43.79 -35.45 48.24
C ARG D 473 -42.29 -35.29 48.04
N ALA D 474 -41.83 -34.05 47.96
CA ALA D 474 -40.39 -33.82 47.79
C ALA D 474 -39.63 -34.31 49.02
N VAL D 475 -40.23 -34.15 50.21
CA VAL D 475 -39.57 -34.57 51.44
C VAL D 475 -39.43 -36.09 51.50
N ASP D 476 -40.48 -36.83 51.14
CA ASP D 476 -40.32 -38.29 51.18
C ASP D 476 -39.38 -38.75 50.08
N LEU D 477 -39.38 -38.06 48.93
CA LEU D 477 -38.47 -38.43 47.86
C LEU D 477 -37.03 -38.26 48.30
N ILE D 478 -36.75 -37.21 49.08
CA ILE D 478 -35.39 -37.01 49.55
C ILE D 478 -35.08 -37.99 50.69
N GLU D 479 -36.04 -38.22 51.58
CA GLU D 479 -35.84 -39.14 52.68
C GLU D 479 -35.73 -40.59 52.24
N SER D 480 -35.92 -40.89 50.96
CA SER D 480 -35.80 -42.30 50.60
C SER D 480 -34.37 -42.73 50.30
N ARG D 481 -33.50 -41.85 49.79
CA ARG D 481 -32.12 -42.23 49.50
C ARG D 481 -31.08 -41.18 49.83
N LEU D 482 -31.45 -39.92 50.08
CA LEU D 482 -30.48 -38.87 50.31
C LEU D 482 -29.50 -39.21 51.43
N HIS D 483 -29.97 -39.78 52.53
CA HIS D 483 -29.04 -40.15 53.59
C HIS D 483 -28.20 -41.36 53.19
N ARG D 484 -28.78 -42.26 52.39
CA ARG D 484 -28.07 -43.45 51.96
C ARG D 484 -26.85 -43.13 51.10
N ASP D 485 -26.87 -41.98 50.41
CA ASP D 485 -25.76 -41.57 49.56
C ASP D 485 -24.76 -40.68 50.28
N CYS D 486 -24.82 -40.63 51.61
CA CYS D 486 -23.91 -39.84 52.44
C CYS D 486 -24.00 -38.34 52.18
N TRP D 487 -25.23 -37.84 51.98
CA TRP D 487 -25.51 -36.42 51.79
C TRP D 487 -24.70 -35.81 50.65
N PRO D 488 -25.00 -36.14 49.39
CA PRO D 488 -24.22 -35.59 48.27
C PRO D 488 -24.47 -34.10 48.03
N GLU D 489 -23.53 -33.50 47.32
CA GLU D 489 -23.63 -32.08 46.97
C GLU D 489 -24.72 -31.85 45.92
N TYR D 490 -24.74 -32.69 44.88
CA TYR D 490 -25.71 -32.56 43.80
C TYR D 490 -25.86 -33.92 43.12
N TYR D 491 -26.97 -34.06 42.39
CA TYR D 491 -27.29 -35.27 41.65
C TYR D 491 -27.33 -34.97 40.15
N ASP D 492 -27.07 -36.00 39.34
CA ASP D 492 -27.06 -35.87 37.90
C ASP D 492 -28.08 -36.80 37.27
N GLY D 493 -28.44 -36.48 36.02
CA GLY D 493 -29.39 -37.28 35.27
C GLY D 493 -30.68 -36.57 34.93
N LYS D 494 -31.40 -37.11 33.94
CA LYS D 494 -32.68 -36.53 33.53
C LYS D 494 -33.70 -36.62 34.66
N LEU D 495 -33.61 -37.65 35.49
CA LEU D 495 -34.50 -37.88 36.60
C LEU D 495 -33.80 -37.71 37.94
N GLY D 496 -32.49 -37.49 37.95
CA GLY D 496 -31.74 -37.36 39.19
C GLY D 496 -31.41 -38.66 39.87
N ARG D 497 -31.50 -39.78 39.15
CA ARG D 497 -31.22 -41.10 39.71
C ARG D 497 -29.75 -41.30 40.09
N TYR D 498 -28.83 -40.56 39.46
CA TYR D 498 -27.40 -40.72 39.70
C TYR D 498 -26.79 -39.61 40.53
N VAL D 499 -25.78 -39.98 41.33
CA VAL D 499 -25.06 -39.00 42.14
C VAL D 499 -24.22 -38.12 41.22
N GLY D 500 -23.92 -36.91 41.67
CA GLY D 500 -23.15 -35.99 40.85
C GLY D 500 -21.81 -36.56 40.41
N LYS D 501 -21.33 -36.05 39.28
CA LYS D 501 -20.05 -36.48 38.72
C LYS D 501 -18.90 -36.11 39.63
N GLN D 502 -18.96 -34.92 40.22
CA GLN D 502 -17.94 -34.41 41.12
C GLN D 502 -18.58 -33.95 42.42
N ALA D 503 -19.66 -34.62 42.83
CA ALA D 503 -20.36 -34.25 44.04
C ALA D 503 -19.56 -34.61 45.28
N ARG D 504 -19.52 -33.67 46.23
CA ARG D 504 -18.82 -33.87 47.48
C ARG D 504 -19.80 -34.48 48.48
N LYS D 505 -19.41 -35.59 49.10
CA LYS D 505 -20.29 -36.20 50.06
C LYS D 505 -20.27 -35.39 51.35
N TYR D 506 -21.39 -35.44 52.08
CA TYR D 506 -21.54 -34.72 53.33
C TYR D 506 -21.48 -33.21 53.14
N GLN D 507 -22.20 -32.72 52.13
CA GLN D 507 -22.23 -31.29 51.87
C GLN D 507 -23.08 -30.65 52.98
N THR D 508 -22.58 -29.56 53.55
CA THR D 508 -23.26 -28.94 54.68
C THR D 508 -24.65 -28.42 54.34
N TRP D 509 -24.78 -27.63 53.28
CA TRP D 509 -26.12 -27.10 53.02
C TRP D 509 -27.08 -28.15 52.50
N SER D 510 -26.59 -29.26 51.94
CA SER D 510 -27.52 -30.30 51.52
C SER D 510 -28.23 -30.91 52.73
N ILE D 511 -27.55 -30.90 53.88
CA ILE D 511 -28.12 -31.40 55.12
C ILE D 511 -28.99 -30.34 55.77
N ALA D 512 -28.50 -29.09 55.78
CA ALA D 512 -29.23 -27.98 56.37
C ALA D 512 -30.55 -27.73 55.67
N GLY D 513 -30.60 -27.92 54.35
CA GLY D 513 -31.83 -27.70 53.63
C GLY D 513 -32.89 -28.71 54.02
N TYR D 514 -32.48 -29.98 54.20
CA TYR D 514 -33.41 -31.00 54.62
C TYR D 514 -33.95 -30.69 56.01
N LEU D 515 -33.06 -30.29 56.92
CA LEU D 515 -33.49 -29.97 58.28
C LEU D 515 -34.47 -28.80 58.29
N VAL D 516 -34.16 -27.75 57.52
CA VAL D 516 -35.03 -26.58 57.47
C VAL D 516 -36.39 -26.94 56.88
N ALA D 517 -36.40 -27.77 55.83
CA ALA D 517 -37.67 -28.15 55.22
C ALA D 517 -38.52 -28.97 56.19
N LYS D 518 -37.91 -29.89 56.93
CA LYS D 518 -38.71 -30.67 57.86
C LYS D 518 -39.23 -29.81 59.00
N MET D 519 -38.39 -28.89 59.50
CA MET D 519 -38.84 -28.01 60.59
C MET D 519 -39.95 -27.10 60.11
N LEU D 520 -39.92 -26.69 58.84
CA LEU D 520 -40.97 -25.84 58.31
C LEU D 520 -42.27 -26.64 58.16
N LEU D 521 -42.15 -27.90 57.76
CA LEU D 521 -43.35 -28.74 57.62
C LEU D 521 -44.02 -29.00 58.95
N GLU D 522 -43.25 -29.22 60.02
CA GLU D 522 -43.92 -29.46 61.30
C GLU D 522 -44.52 -28.18 61.88
N ASP D 523 -43.86 -27.04 61.67
CA ASP D 523 -44.34 -25.76 62.17
C ASP D 523 -44.30 -24.73 61.06
N PRO D 524 -45.40 -24.59 60.30
CA PRO D 524 -45.41 -23.61 59.20
C PRO D 524 -45.30 -22.17 59.67
N SER D 525 -45.53 -21.90 60.96
CA SER D 525 -45.43 -20.54 61.48
C SER D 525 -44.07 -19.92 61.25
N HIS D 526 -43.07 -20.70 60.86
CA HIS D 526 -41.72 -20.21 60.60
C HIS D 526 -41.58 -19.53 59.25
N ILE D 527 -42.53 -19.70 58.33
CA ILE D 527 -42.37 -19.10 57.01
C ILE D 527 -42.35 -17.58 57.08
N GLY D 528 -42.90 -16.99 58.14
CA GLY D 528 -42.84 -15.55 58.23
C GLY D 528 -41.42 -15.06 58.39
N MET D 529 -40.52 -15.93 58.87
CA MET D 529 -39.11 -15.62 59.03
C MET D 529 -38.40 -15.46 57.68
N ILE D 530 -38.96 -16.04 56.62
CA ILE D 530 -38.35 -16.02 55.30
C ILE D 530 -39.32 -15.57 54.21
N SER D 531 -40.44 -14.95 54.60
CA SER D 531 -41.41 -14.51 53.61
C SER D 531 -41.96 -13.12 53.95
N LEU D 532 -42.54 -12.49 52.94
CA LEU D 532 -43.13 -11.17 53.02
C LEU D 532 -44.51 -11.21 52.35
N GLU D 533 -45.31 -10.17 52.54
CA GLU D 533 -46.64 -10.16 51.95
C GLU D 533 -46.93 -8.85 51.21
N PRO E 83 2.68 19.83 34.06
CA PRO E 83 3.55 20.51 35.03
C PRO E 83 5.05 20.20 34.90
N MET E 84 5.54 20.13 33.67
CA MET E 84 6.96 19.89 33.45
C MET E 84 7.73 21.20 33.55
N MET E 85 7.00 22.31 33.68
CA MET E 85 7.59 23.63 33.83
C MET E 85 8.50 23.69 35.05
N ALA E 86 8.23 22.86 36.07
CA ALA E 86 9.07 22.87 37.26
C ALA E 86 10.49 22.46 36.89
N GLU E 87 10.63 21.51 35.96
CA GLU E 87 11.95 21.13 35.52
C GLU E 87 12.63 22.33 34.89
N ALA E 88 11.86 23.09 34.09
CA ALA E 88 12.40 24.29 33.48
C ALA E 88 12.76 25.29 34.56
N TRP E 89 11.93 25.38 35.61
CA TRP E 89 12.25 26.31 36.67
C TRP E 89 13.48 25.87 37.41
N GLU E 90 13.77 24.56 37.41
CA GLU E 90 14.99 24.11 38.05
C GLU E 90 16.18 24.70 37.32
N ALA E 91 16.12 24.71 35.97
CA ALA E 91 17.22 25.27 35.20
C ALA E 91 17.31 26.78 35.36
N LEU E 92 16.16 27.47 35.36
CA LEU E 92 16.17 28.91 35.49
C LEU E 92 16.76 29.34 36.84
N ARG E 93 16.44 28.61 37.89
CA ARG E 93 17.02 28.95 39.18
C ARG E 93 18.48 28.54 39.25
N ARG E 94 18.90 27.56 38.45
CA ARG E 94 20.30 27.16 38.45
C ARG E 94 21.17 28.15 37.68
N SER E 95 20.57 28.88 36.74
CA SER E 95 21.27 29.86 35.94
C SER E 95 21.32 31.23 36.60
N MET E 96 21.20 31.31 37.93
CA MET E 96 21.23 32.61 38.57
C MET E 96 22.65 33.01 38.91
N VAL E 97 22.95 34.29 38.71
CA VAL E 97 24.24 34.89 38.97
C VAL E 97 24.03 35.89 40.08
N PHE E 98 24.80 35.73 41.15
CA PHE E 98 24.77 36.56 42.35
C PHE E 98 26.01 37.42 42.37
N PHE E 99 25.86 38.63 42.91
CA PHE E 99 26.95 39.60 42.99
C PHE E 99 27.07 40.02 44.45
N ARG E 100 28.17 39.61 45.08
CA ARG E 100 28.44 39.91 46.49
C ARG E 100 27.33 39.36 47.37
N GLY E 101 26.75 38.21 46.97
CA GLY E 101 25.69 37.54 47.70
C GLY E 101 24.29 37.80 47.19
N GLN E 102 24.07 38.88 46.45
CA GLN E 102 22.73 39.18 45.97
C GLN E 102 22.55 38.75 44.52
N PRO E 103 21.39 38.20 44.17
CA PRO E 103 21.15 37.78 42.78
C PRO E 103 21.01 38.99 41.87
N VAL E 104 21.91 39.10 40.90
CA VAL E 104 21.91 40.23 39.97
C VAL E 104 21.32 39.84 38.62
N GLY E 105 21.45 38.59 38.22
CA GLY E 105 20.87 38.25 36.93
C GLY E 105 20.89 36.77 36.65
N THR E 106 20.69 36.43 35.39
CA THR E 106 20.72 35.04 34.95
C THR E 106 21.81 34.86 33.91
N LEU E 107 22.28 33.62 33.79
CA LEU E 107 23.31 33.30 32.83
C LEU E 107 22.74 33.32 31.42
N ALA E 108 23.60 33.09 30.43
CA ALA E 108 23.19 33.02 29.04
C ALA E 108 22.96 31.59 28.60
N ALA E 109 23.86 30.70 29.02
CA ALA E 109 23.82 29.27 28.74
C ALA E 109 24.38 28.56 29.97
N VAL E 110 23.83 27.39 30.28
CA VAL E 110 24.27 26.60 31.43
C VAL E 110 24.80 25.29 30.88
N ASP E 111 26.10 25.24 30.60
CA ASP E 111 26.73 24.05 30.08
C ASP E 111 27.80 23.52 31.03
N ASP E 121 28.18 32.78 28.45
CA ASP E 121 28.13 32.38 29.85
C ASP E 121 28.07 33.58 30.79
N GLN E 122 27.85 34.76 30.23
CA GLN E 122 27.75 36.00 30.98
C GLN E 122 26.29 36.44 31.05
N VAL E 123 26.06 37.59 31.68
CA VAL E 123 24.71 38.13 31.83
C VAL E 123 24.44 39.14 30.71
N PHE E 124 23.63 38.74 29.73
CA PHE E 124 23.28 39.63 28.64
C PHE E 124 21.95 40.32 28.99
N VAL E 125 21.76 41.52 28.47
CA VAL E 125 20.53 42.27 28.75
C VAL E 125 19.35 41.62 28.04
N ARG E 126 19.44 41.49 26.71
CA ARG E 126 18.37 40.87 25.95
C ARG E 126 18.12 39.44 26.39
N ASP E 127 19.18 38.74 26.82
CA ASP E 127 19.03 37.37 27.29
C ASP E 127 18.34 37.33 28.64
N PHE E 128 18.52 38.37 29.46
CA PHE E 128 17.93 38.42 30.79
C PHE E 128 16.48 38.90 30.79
N VAL E 129 16.04 39.59 29.73
CA VAL E 129 14.67 40.10 29.70
C VAL E 129 13.63 39.01 29.99
N PRO E 130 13.60 37.86 29.29
CA PRO E 130 12.57 36.86 29.61
C PRO E 130 12.71 36.28 31.02
N SER E 131 13.94 36.08 31.50
CA SER E 131 14.11 35.55 32.86
C SER E 131 13.56 36.54 33.86
N ALA E 132 13.75 37.84 33.60
CA ALA E 132 13.22 38.86 34.49
C ALA E 132 11.70 38.85 34.46
N LEU E 133 11.09 38.65 33.29
CA LEU E 133 9.65 38.61 33.22
C LEU E 133 9.10 37.40 33.98
N ALA E 134 9.81 36.27 33.89
CA ALA E 134 9.37 35.07 34.61
C ALA E 134 9.41 35.29 36.11
N PHE E 135 10.51 35.89 36.60
CA PHE E 135 10.61 36.15 38.04
C PHE E 135 9.59 37.19 38.49
N LEU E 136 9.30 38.18 37.63
CA LEU E 136 8.32 39.20 37.98
C LEU E 136 6.93 38.59 38.09
N MET E 137 6.60 37.65 37.21
CA MET E 137 5.29 37.02 37.27
C MET E 137 5.19 36.03 38.42
N ASN E 138 6.29 35.38 38.78
CA ASN E 138 6.24 34.44 39.89
C ASN E 138 6.21 35.13 41.26
N GLY E 139 6.57 36.41 41.32
CA GLY E 139 6.59 37.14 42.56
C GLY E 139 7.94 37.31 43.22
N GLU E 140 9.02 37.27 42.44
CA GLU E 140 10.39 37.43 42.95
C GLU E 140 11.03 38.55 42.14
N PRO E 141 10.66 39.81 42.41
CA PRO E 141 11.18 40.95 41.65
C PRO E 141 12.47 41.57 42.16
N ASP E 142 13.11 41.04 43.20
CA ASP E 142 14.34 41.64 43.68
C ASP E 142 15.48 41.46 42.68
N ILE E 143 15.46 40.35 41.93
CA ILE E 143 16.50 40.08 40.95
C ILE E 143 16.48 41.13 39.85
N VAL E 144 15.28 41.53 39.41
CA VAL E 144 15.15 42.53 38.37
C VAL E 144 15.65 43.88 38.87
N LYS E 145 15.36 44.21 40.14
CA LYS E 145 15.81 45.46 40.71
C LYS E 145 17.33 45.51 40.78
N HIS E 146 17.97 44.43 41.25
CA HIS E 146 19.43 44.41 41.31
C HIS E 146 20.02 44.54 39.91
N PHE E 147 19.40 43.88 38.93
CA PHE E 147 19.92 43.94 37.57
C PHE E 147 19.85 45.36 37.03
N LEU E 148 18.68 46.00 37.16
CA LEU E 148 18.53 47.36 36.66
C LEU E 148 19.50 48.31 37.32
N LEU E 149 19.68 48.20 38.64
CA LEU E 149 20.58 49.11 39.33
C LEU E 149 22.04 48.89 38.94
N LYS E 150 22.48 47.64 38.84
CA LYS E 150 23.87 47.43 38.48
C LYS E 150 24.14 47.82 37.03
N THR E 151 23.18 47.58 36.13
CA THR E 151 23.38 48.01 34.75
C THR E 151 23.41 49.52 34.67
N LEU E 152 22.64 50.20 35.52
CA LEU E 152 22.68 51.66 35.54
C LEU E 152 24.06 52.12 35.99
N GLN E 153 24.64 51.44 36.99
CA GLN E 153 25.98 51.81 37.42
C GLN E 153 26.98 51.61 36.29
N LEU E 154 26.80 50.53 35.51
CA LEU E 154 27.70 50.31 34.38
C LEU E 154 27.55 51.40 33.34
N GLN E 155 26.35 51.97 33.22
CA GLN E 155 26.14 53.05 32.25
C GLN E 155 26.96 54.28 32.61
N GLY E 156 27.26 54.48 33.88
CA GLY E 156 28.05 55.60 34.35
C GLY E 156 29.55 55.39 34.31
N TRP E 157 30.02 54.40 33.56
CA TRP E 157 31.43 54.09 33.43
C TRP E 157 32.07 54.89 32.30
N GLU E 158 33.40 54.95 32.36
CA GLU E 158 34.19 55.63 31.33
C GLU E 158 34.50 54.57 30.29
N LYS E 159 33.76 54.57 29.18
CA LYS E 159 33.95 53.58 28.13
C LYS E 159 34.82 54.18 27.04
N ARG E 160 35.76 53.39 26.52
CA ARG E 160 36.66 53.86 25.48
C ARG E 160 36.99 52.72 24.52
N VAL E 161 37.04 53.05 23.22
CA VAL E 161 37.37 52.08 22.18
C VAL E 161 38.55 52.64 21.39
N ASP E 162 39.75 52.19 21.77
CA ASP E 162 41.10 52.46 21.27
C ASP E 162 41.59 53.89 21.48
N ARG E 163 40.75 54.88 21.25
CA ARG E 163 41.06 56.29 21.48
C ARG E 163 39.78 57.11 21.52
N PHE E 164 38.64 56.45 21.37
CA PHE E 164 37.34 57.09 21.29
C PHE E 164 36.51 56.83 22.53
N LYS E 165 36.06 57.91 23.17
CA LYS E 165 35.23 57.82 24.36
C LYS E 165 33.79 57.57 23.92
N LEU E 166 33.21 56.48 24.41
CA LEU E 166 31.85 56.12 24.03
C LEU E 166 30.84 57.08 24.64
N GLY E 167 29.59 56.94 24.19
CA GLY E 167 28.52 57.80 24.65
C GLY E 167 28.28 57.69 26.15
N GLU E 168 27.64 58.74 26.69
CA GLU E 168 27.34 58.80 28.11
C GLU E 168 26.26 57.80 28.50
N GLY E 169 25.19 57.72 27.73
CA GLY E 169 24.10 56.81 28.00
C GLY E 169 24.22 55.43 27.41
N VAL E 170 25.38 55.07 26.86
CA VAL E 170 25.57 53.77 26.26
C VAL E 170 25.48 52.68 27.33
N MET E 171 24.59 51.72 27.12
CA MET E 171 24.35 50.57 27.99
C MET E 171 25.20 49.39 27.55
N PRO E 172 25.74 48.62 28.49
CA PRO E 172 26.58 47.48 28.11
C PRO E 172 25.79 46.35 27.49
N ALA E 173 26.47 45.60 26.63
CA ALA E 173 25.85 44.45 25.98
C ALA E 173 25.85 43.24 26.91
N SER E 174 26.88 43.10 27.75
CA SER E 174 26.93 41.97 28.66
C SER E 174 27.91 42.29 29.78
N PHE E 175 27.92 41.45 30.81
CA PHE E 175 28.84 41.63 31.93
C PHE E 175 28.95 40.33 32.70
N LYS E 176 30.11 40.13 33.32
CA LYS E 176 30.33 38.94 34.12
C LYS E 176 30.88 39.36 35.48
N VAL E 177 30.67 38.49 36.46
CA VAL E 177 31.08 38.70 37.84
C VAL E 177 32.31 37.85 38.12
N LEU E 178 33.32 38.45 38.74
CA LEU E 178 34.57 37.79 39.10
C LEU E 178 34.77 37.86 40.61
N HIS E 179 35.19 36.74 41.18
CA HIS E 179 35.43 36.62 42.61
C HIS E 179 36.84 37.05 42.99
N ASP E 180 37.17 36.91 44.28
CA ASP E 180 38.47 37.26 44.82
C ASP E 180 38.87 38.70 44.51
N THR E 185 34.44 38.58 47.60
CA THR E 185 34.19 39.86 46.96
C THR E 185 33.95 39.69 45.46
N ASP E 186 32.81 40.18 44.99
CA ASP E 186 32.43 40.10 43.58
C ASP E 186 32.64 41.44 42.90
N ASN E 187 33.24 41.40 41.71
CA ASN E 187 33.54 42.59 40.92
C ASN E 187 33.03 42.36 39.51
N ILE E 188 32.32 43.33 38.97
CA ILE E 188 31.74 43.25 37.63
C ILE E 188 32.64 43.81 36.55
N VAL E 189 32.66 43.13 35.41
CA VAL E 189 33.40 43.51 34.21
C VAL E 189 32.37 43.52 33.08
N ALA E 190 32.27 44.63 32.36
CA ALA E 190 31.27 44.76 31.31
C ALA E 190 31.87 44.89 29.92
N ASP E 191 31.06 44.50 28.94
CA ASP E 191 31.36 44.54 27.53
C ASP E 191 30.30 45.40 26.84
N PHE E 192 30.75 46.51 26.25
CA PHE E 192 29.93 47.47 25.53
C PHE E 192 30.14 47.37 24.02
N GLY E 193 30.96 46.44 23.55
CA GLY E 193 31.25 46.29 22.15
C GLY E 193 32.74 46.22 21.85
N GLU E 194 33.58 46.63 22.81
CA GLU E 194 35.02 46.56 22.59
C GLU E 194 35.48 45.11 22.52
N SER E 195 34.88 44.24 23.34
CA SER E 195 35.19 42.82 23.36
C SER E 195 34.29 42.02 22.42
N ALA E 196 33.19 42.62 21.98
CA ALA E 196 32.24 41.95 21.11
C ALA E 196 32.86 41.58 19.77
N ILE E 197 32.41 40.44 19.23
CA ILE E 197 32.90 39.97 17.95
C ILE E 197 32.50 40.96 16.88
N GLY E 198 33.47 41.47 16.13
CA GLY E 198 33.19 42.44 15.09
C GLY E 198 32.96 43.85 15.58
N ARG E 199 33.09 44.09 16.89
CA ARG E 199 32.88 45.41 17.49
C ARG E 199 31.47 45.93 17.22
N VAL E 200 30.48 45.04 17.36
CA VAL E 200 29.09 45.42 17.14
C VAL E 200 28.59 46.25 18.32
N ALA E 201 27.60 47.10 18.04
CA ALA E 201 27.05 47.98 19.06
C ALA E 201 25.66 47.53 19.49
N PRO E 202 25.43 47.33 20.78
CA PRO E 202 24.12 46.89 21.29
C PRO E 202 23.13 48.05 21.45
N VAL E 203 22.45 48.41 20.35
CA VAL E 203 21.49 49.51 20.39
C VAL E 203 20.26 49.14 21.22
N ASP E 204 19.86 47.86 21.17
CA ASP E 204 18.67 47.39 21.88
C ASP E 204 18.87 47.28 23.39
N SER E 205 20.11 47.31 23.89
CA SER E 205 20.30 47.15 25.33
C SER E 205 19.63 48.25 26.14
N GLY E 206 19.79 49.51 25.72
CA GLY E 206 19.18 50.60 26.47
C GLY E 206 17.67 50.57 26.42
N PHE E 207 17.11 50.30 25.24
CA PHE E 207 15.67 50.23 25.11
C PHE E 207 15.12 49.08 25.95
N TRP E 208 15.84 47.96 25.97
CA TRP E 208 15.40 46.84 26.79
C TRP E 208 15.46 47.21 28.26
N TRP E 209 16.45 48.02 28.66
CA TRP E 209 16.54 48.44 30.05
C TRP E 209 15.33 49.29 30.43
N ILE E 210 14.96 50.25 29.59
CA ILE E 210 13.80 51.09 29.89
C ILE E 210 12.52 50.26 29.94
N ILE E 211 12.37 49.35 28.98
CA ILE E 211 11.17 48.51 28.94
C ILE E 211 11.11 47.63 30.18
N LEU E 212 12.26 47.10 30.61
CA LEU E 212 12.29 46.26 31.79
C LEU E 212 11.96 47.07 33.04
N LEU E 213 12.38 48.33 33.09
CA LEU E 213 12.06 49.16 34.24
C LEU E 213 10.56 49.40 34.30
N ARG E 214 9.93 49.65 33.14
CA ARG E 214 8.49 49.84 33.12
C ARG E 214 7.78 48.56 33.54
N ALA E 215 8.28 47.41 33.08
CA ALA E 215 7.67 46.14 33.42
C ALA E 215 7.79 45.87 34.92
N TYR E 216 8.92 46.24 35.53
CA TYR E 216 9.09 46.04 36.96
C TYR E 216 8.13 46.91 37.75
N THR E 217 8.09 48.21 37.43
CA THR E 217 7.20 49.11 38.16
C THR E 217 5.73 48.74 37.96
N LYS E 218 5.38 48.15 36.82
CA LYS E 218 3.99 47.75 36.62
C LYS E 218 3.67 46.45 37.33
N SER E 219 4.62 45.50 37.35
CA SER E 219 4.38 44.22 38.00
C SER E 219 4.32 44.36 39.52
N THR E 220 5.14 45.25 40.08
CA THR E 220 5.17 45.45 41.52
C THR E 220 4.31 46.61 42.00
N GLY E 221 4.09 47.62 41.16
CA GLY E 221 3.34 48.77 41.60
C GLY E 221 4.16 49.70 42.45
N ASP E 222 5.42 49.35 42.71
CA ASP E 222 6.35 50.14 43.53
C ASP E 222 7.05 51.13 42.60
N LEU E 223 6.47 52.32 42.50
CA LEU E 223 6.98 53.41 41.67
C LEU E 223 8.25 54.05 42.22
N THR E 224 8.68 53.67 43.42
CA THR E 224 9.85 54.29 44.04
C THR E 224 11.13 54.09 43.23
N LEU E 225 11.34 52.91 42.66
CA LEU E 225 12.58 52.68 41.91
C LEU E 225 12.69 53.58 40.69
N SER E 226 11.61 53.67 39.91
CA SER E 226 11.65 54.51 38.71
C SER E 226 11.72 56.00 39.02
N GLU E 227 11.24 56.42 40.18
CA GLU E 227 11.25 57.83 40.52
C GLU E 227 12.54 58.29 41.19
N THR E 228 13.49 57.41 41.45
CA THR E 228 14.75 57.84 42.02
C THR E 228 15.51 58.68 41.00
N PRO E 229 16.29 59.67 41.43
CA PRO E 229 17.05 60.48 40.47
C PRO E 229 17.97 59.65 39.60
N GLU E 230 18.48 58.53 40.13
CA GLU E 230 19.40 57.68 39.38
C GLU E 230 18.72 57.10 38.14
N CYS E 231 17.54 56.51 38.30
CA CYS E 231 16.84 55.93 37.16
C CYS E 231 16.39 57.01 36.18
N GLN E 232 16.00 58.19 36.70
CA GLN E 232 15.59 59.27 35.81
C GLN E 232 16.77 59.72 34.95
N LYS E 233 17.95 59.83 35.57
CA LYS E 233 19.14 60.22 34.83
C LYS E 233 19.51 59.16 33.79
N GLY E 234 19.39 57.87 34.15
CA GLY E 234 19.71 56.83 33.19
C GLY E 234 18.76 56.85 32.01
N MET E 235 17.47 57.06 32.27
CA MET E 235 16.48 57.13 31.21
C MET E 235 16.79 58.29 30.28
N LYS E 236 17.07 59.46 30.86
CA LYS E 236 17.36 60.63 30.04
C LYS E 236 18.64 60.42 29.23
N LEU E 237 19.64 59.73 29.81
CA LEU E 237 20.87 59.49 29.07
C LEU E 237 20.64 58.57 27.88
N ILE E 238 19.88 57.49 28.08
CA ILE E 238 19.64 56.59 26.96
C ILE E 238 18.78 57.27 25.90
N LEU E 239 17.80 58.07 26.33
CA LEU E 239 16.92 58.76 25.39
C LEU E 239 17.66 59.85 24.61
N SER E 240 18.64 60.52 25.23
CA SER E 240 19.36 61.58 24.55
C SER E 240 20.28 61.08 23.45
N LEU E 241 20.67 59.79 23.47
CA LEU E 241 21.56 59.29 22.43
C LEU E 241 20.80 59.10 21.11
N CYS E 242 19.59 58.56 21.17
CA CYS E 242 18.81 58.32 19.96
C CYS E 242 17.98 59.53 19.54
N LEU E 243 17.54 60.35 20.49
CA LEU E 243 16.74 61.53 20.18
C LEU E 243 17.59 62.73 19.76
N ALA E 244 18.91 62.56 19.67
CA ALA E 244 19.78 63.68 19.28
C ALA E 244 19.54 64.06 17.83
N GLU E 245 19.71 65.36 17.56
CA GLU E 245 19.53 65.87 16.20
C GLU E 245 20.73 65.48 15.35
N GLY E 246 20.49 65.35 14.05
CA GLY E 246 21.56 64.98 13.14
C GLY E 246 21.18 65.20 11.70
N PHE E 247 22.07 64.77 10.81
CA PHE E 247 21.86 64.89 9.38
C PHE E 247 20.73 63.99 8.89
N ASP E 248 20.17 63.18 9.78
CA ASP E 248 19.09 62.25 9.44
C ASP E 248 17.86 62.96 8.88
N THR E 249 17.37 62.43 7.75
CA THR E 249 16.16 62.93 7.10
C THR E 249 14.99 61.99 7.36
N PHE E 250 15.17 60.99 8.24
CA PHE E 250 14.22 59.98 8.64
C PHE E 250 14.00 60.03 10.15
N PRO E 251 12.74 59.88 10.60
CA PRO E 251 12.50 59.89 12.05
C PRO E 251 13.08 58.67 12.74
N THR E 252 13.24 57.57 12.01
CA THR E 252 13.78 56.34 12.57
C THR E 252 15.26 56.48 12.90
N LEU E 253 15.73 55.58 13.75
CA LEU E 253 17.12 55.56 14.21
C LEU E 253 18.01 54.80 13.23
N LEU E 254 19.07 55.46 12.77
CA LEU E 254 20.00 54.82 11.85
C LEU E 254 20.82 53.78 12.59
N CYS E 255 21.06 52.65 11.94
CA CYS E 255 21.79 51.57 12.59
C CYS E 255 22.78 50.89 11.67
N ALA E 256 23.87 50.43 12.27
CA ALA E 256 24.91 49.67 11.59
C ALA E 256 24.54 48.18 11.66
N ASP E 257 25.18 47.38 10.82
CA ASP E 257 24.86 45.95 10.83
C ASP E 257 25.24 45.33 12.16
N GLY E 258 24.40 44.42 12.65
CA GLY E 258 24.67 43.76 13.91
C GLY E 258 24.40 44.61 15.14
N CYS E 259 23.36 45.45 15.10
CA CYS E 259 23.00 46.36 16.18
C CYS E 259 21.90 45.85 17.11
N SER E 260 21.23 44.76 16.76
CA SER E 260 20.13 44.20 17.55
C SER E 260 20.44 42.73 17.84
N MET E 261 19.42 42.02 18.37
CA MET E 261 19.49 40.58 18.67
C MET E 261 20.38 39.89 17.65
N ILE E 262 20.38 40.39 16.41
CA ILE E 262 21.23 39.90 15.33
C ILE E 262 22.56 40.62 15.51
N ASP E 263 23.49 40.00 16.24
CA ASP E 263 24.78 40.63 16.51
C ASP E 263 25.79 40.38 15.39
N ARG E 264 25.38 39.84 14.27
CA ARG E 264 26.26 39.58 13.14
C ARG E 264 25.75 40.27 11.89
N ARG E 265 26.59 40.26 10.85
CA ARG E 265 26.22 40.90 9.59
C ARG E 265 25.11 40.12 8.92
N MET E 266 23.94 40.75 8.79
CA MET E 266 22.79 40.13 8.16
C MET E 266 22.02 41.10 7.27
N GLY E 267 22.46 42.34 7.15
CA GLY E 267 21.75 43.32 6.35
C GLY E 267 20.72 44.05 7.18
N VAL E 268 20.94 44.14 8.49
CA VAL E 268 20.01 44.81 9.39
C VAL E 268 20.45 46.26 9.58
N TYR E 269 21.31 46.74 8.70
CA TYR E 269 21.77 48.12 8.78
C TYR E 269 20.67 49.07 8.31
N GLY E 270 20.75 50.33 8.74
CA GLY E 270 19.76 51.30 8.33
C GLY E 270 18.68 51.53 9.36
N TYR E 271 17.44 51.12 9.04
CA TYR E 271 16.30 51.30 9.93
C TYR E 271 15.52 49.99 10.04
N PRO E 272 16.08 48.99 10.71
CA PRO E 272 15.36 47.71 10.86
C PRO E 272 14.17 47.83 11.80
N ILE E 273 13.11 47.07 11.48
CA ILE E 273 11.88 47.11 12.29
C ILE E 273 12.13 46.72 13.74
N GLU E 274 13.11 45.86 14.00
CA GLU E 274 13.36 45.46 15.38
C GLU E 274 13.77 46.67 16.21
N ILE E 275 14.74 47.44 15.72
CA ILE E 275 15.22 48.60 16.45
C ILE E 275 14.15 49.68 16.51
N GLN E 276 13.41 49.88 15.42
CA GLN E 276 12.38 50.92 15.44
C GLN E 276 11.25 50.56 16.40
N ALA E 277 10.86 49.29 16.43
CA ALA E 277 9.79 48.88 17.34
C ALA E 277 10.24 48.98 18.79
N LEU E 278 11.47 48.55 19.08
CA LEU E 278 11.96 48.66 20.45
C LEU E 278 12.09 50.12 20.83
N PHE E 279 12.45 50.97 19.86
CA PHE E 279 12.58 52.41 20.07
C PHE E 279 11.23 53.01 20.44
N PHE E 280 10.19 52.66 19.69
CA PHE E 280 8.85 53.17 19.95
C PHE E 280 8.33 52.71 21.31
N MET E 281 8.54 51.42 21.62
CA MET E 281 8.09 50.91 22.91
C MET E 281 8.82 51.58 24.05
N ALA E 282 10.14 51.78 23.91
CA ALA E 282 10.91 52.43 24.96
C ALA E 282 10.49 53.87 25.13
N LEU E 283 10.12 54.56 24.04
CA LEU E 283 9.68 55.94 24.14
C LEU E 283 8.39 56.04 24.95
N ARG E 284 7.41 55.20 24.60
CA ARG E 284 6.14 55.23 25.33
C ARG E 284 6.34 54.84 26.80
N SER E 285 7.14 53.80 27.05
CA SER E 285 7.38 53.40 28.42
C SER E 285 8.19 54.46 29.16
N ALA E 286 8.95 55.28 28.42
CA ALA E 286 9.70 56.35 29.06
C ALA E 286 8.73 57.40 29.55
N LEU E 287 7.71 57.72 28.73
CA LEU E 287 6.73 58.69 29.19
C LEU E 287 5.95 58.15 30.37
N SER E 288 5.80 56.82 30.44
CA SER E 288 5.05 56.21 31.53
C SER E 288 5.72 56.40 32.90
N MET E 289 7.00 56.79 32.96
CA MET E 289 7.64 56.94 34.27
C MET E 289 8.64 58.08 34.38
N LEU E 290 8.52 59.14 33.59
CA LEU E 290 9.47 60.24 33.64
C LEU E 290 8.93 61.42 34.44
N LYS E 291 9.78 61.99 35.29
CA LYS E 291 9.41 63.14 36.11
C LYS E 291 9.64 64.42 35.32
N PRO E 292 8.63 65.28 35.17
CA PRO E 292 8.82 66.51 34.38
C PRO E 292 9.54 67.64 35.10
N ASP E 293 10.22 67.34 36.20
CA ASP E 293 10.93 68.37 36.94
C ASP E 293 12.07 68.95 36.13
N GLY E 294 11.98 70.24 35.82
CA GLY E 294 13.03 70.93 35.09
C GLY E 294 13.35 70.36 33.72
N ASP E 295 14.43 69.58 33.66
CA ASP E 295 14.85 68.98 32.40
C ASP E 295 13.93 67.85 31.98
N GLY E 296 13.26 67.20 32.94
CA GLY E 296 12.39 66.08 32.57
C GLY E 296 11.30 66.49 31.61
N ARG E 297 10.65 67.62 31.87
CA ARG E 297 9.61 68.07 30.96
C ARG E 297 10.21 68.50 29.63
N GLU E 298 11.40 69.12 29.66
CA GLU E 298 12.00 69.57 28.42
C GLU E 298 12.27 68.38 27.50
N VAL E 299 12.77 67.29 28.08
CA VAL E 299 13.00 66.08 27.28
C VAL E 299 11.66 65.46 26.89
N ILE E 300 10.66 65.55 27.77
CA ILE E 300 9.38 64.91 27.50
C ILE E 300 8.78 65.41 26.19
N GLU E 301 8.85 66.72 25.93
CA GLU E 301 8.28 67.21 24.68
C GLU E 301 8.91 66.50 23.50
N ARG E 302 10.24 66.37 23.51
CA ARG E 302 10.90 65.70 22.39
C ARG E 302 10.34 64.32 22.20
N ILE E 303 10.18 63.57 23.29
CA ILE E 303 9.67 62.21 23.16
C ILE E 303 8.32 62.22 22.46
N VAL E 304 7.41 63.10 22.90
CA VAL E 304 6.10 63.13 22.27
C VAL E 304 6.24 63.44 20.79
N LYS E 305 7.06 64.44 20.47
CA LYS E 305 7.22 64.77 19.06
C LYS E 305 7.78 63.58 18.30
N ARG E 306 8.83 62.96 18.83
CA ARG E 306 9.41 61.82 18.13
C ARG E 306 8.40 60.69 18.06
N LEU E 307 7.53 60.57 19.08
CA LEU E 307 6.55 59.50 19.02
C LEU E 307 5.56 59.71 17.90
N HIS E 308 5.20 60.96 17.61
CA HIS E 308 4.25 61.18 16.53
C HIS E 308 4.89 60.90 15.17
N ALA E 309 6.07 61.47 14.94
CA ALA E 309 6.74 61.29 13.65
C ALA E 309 6.98 59.82 13.35
N LEU E 310 7.25 59.02 14.38
CA LEU E 310 7.45 57.60 14.15
C LEU E 310 6.13 56.92 13.83
N SER E 311 5.08 57.19 14.62
CA SER E 311 3.79 56.54 14.43
C SER E 311 3.34 56.67 12.98
N PHE E 312 3.57 57.83 12.38
CA PHE E 312 3.21 58.03 10.99
C PHE E 312 4.12 57.21 10.07
N HIS E 313 5.43 57.48 10.17
CA HIS E 313 6.40 56.84 9.28
C HIS E 313 6.33 55.33 9.30
N MET E 314 6.06 54.74 10.47
CA MET E 314 5.99 53.29 10.53
C MET E 314 4.69 52.77 9.92
N ARG E 315 3.55 53.41 10.24
CA ARG E 315 2.27 52.93 9.74
C ARG E 315 2.06 53.20 8.26
N ASN E 316 2.71 54.22 7.71
CA ASN E 316 2.50 54.56 6.30
C ASN E 316 3.48 53.90 5.35
N TYR E 317 4.75 53.75 5.74
CA TYR E 317 5.75 53.19 4.85
C TYR E 317 6.14 51.75 5.16
N PHE E 318 6.39 51.43 6.44
CA PHE E 318 6.82 50.08 6.79
C PHE E 318 5.71 49.05 6.65
N TRP E 319 4.44 49.44 6.78
CA TRP E 319 3.35 48.47 6.68
C TRP E 319 3.27 47.93 5.26
N LEU E 320 2.93 46.64 5.14
CA LEU E 320 2.85 45.99 3.84
C LEU E 320 1.81 44.89 3.85
N ASP E 321 0.82 45.04 2.97
CA ASP E 321 -0.25 44.08 2.76
C ASP E 321 -0.34 43.84 1.25
N HIS E 322 -1.34 43.06 0.82
CA HIS E 322 -1.48 42.75 -0.59
C HIS E 322 -1.74 44.00 -1.43
N GLN E 323 -2.59 44.90 -0.94
CA GLN E 323 -2.90 46.12 -1.68
C GLN E 323 -1.67 47.02 -1.78
N ASN E 324 -0.95 47.19 -0.68
CA ASN E 324 0.24 48.04 -0.69
C ASN E 324 1.31 47.44 -1.59
N LEU E 325 1.45 46.12 -1.59
CA LEU E 325 2.44 45.49 -2.45
C LEU E 325 2.08 45.69 -3.92
N ASN E 326 0.79 45.60 -4.25
CA ASN E 326 0.38 45.83 -5.63
C ASN E 326 0.68 47.27 -6.04
N ASP E 327 0.46 48.22 -5.12
CA ASP E 327 0.74 49.62 -5.43
C ASP E 327 2.23 49.84 -5.64
N ILE E 328 3.07 49.26 -4.77
CA ILE E 328 4.51 49.42 -4.96
C ILE E 328 4.94 48.76 -6.26
N TYR E 329 4.27 47.67 -6.64
CA TYR E 329 4.59 46.99 -7.89
C TYR E 329 4.26 47.88 -9.09
N ARG E 330 3.30 48.79 -8.93
CA ARG E 330 2.90 49.71 -9.99
C ARG E 330 3.54 51.10 -9.83
N PHE E 331 4.57 51.22 -8.99
CA PHE E 331 5.24 52.50 -8.75
C PHE E 331 6.03 53.02 -9.95
N LYS E 332 6.10 54.36 -10.04
CA LYS E 332 6.90 55.05 -11.03
C LYS E 332 8.23 55.40 -10.37
N THR E 333 9.28 55.53 -11.16
CA THR E 333 10.59 55.83 -10.59
C THR E 333 11.05 57.24 -10.93
N GLU E 334 12.06 57.69 -10.19
CA GLU E 334 12.69 59.00 -10.35
C GLU E 334 11.67 60.14 -10.20
N GLU E 335 11.12 60.25 -8.99
CA GLU E 335 10.13 61.27 -8.65
C GLU E 335 10.79 62.34 -7.78
N TYR E 336 11.20 63.43 -8.41
CA TYR E 336 11.85 64.57 -7.75
C TYR E 336 10.80 65.66 -7.54
N SER E 337 10.07 65.57 -6.43
CA SER E 337 9.04 66.56 -6.14
C SER E 337 8.50 66.36 -4.73
N HIS E 338 7.91 67.44 -4.19
CA HIS E 338 7.29 67.35 -2.88
C HIS E 338 6.09 66.42 -2.92
N THR E 339 5.43 66.36 -4.08
CA THR E 339 4.24 65.54 -4.29
C THR E 339 4.62 64.29 -5.09
N ALA E 340 5.26 63.35 -4.41
CA ALA E 340 5.69 62.12 -5.04
C ALA E 340 5.02 60.93 -4.37
N VAL E 341 4.65 59.94 -5.20
CA VAL E 341 4.04 58.72 -4.68
C VAL E 341 5.13 57.77 -4.21
N ASN E 342 6.13 57.56 -5.07
CA ASN E 342 7.28 56.71 -4.79
C ASN E 342 8.26 57.60 -4.02
N LYS E 343 8.02 57.67 -2.71
CA LYS E 343 8.80 58.53 -1.82
C LYS E 343 10.26 58.14 -1.74
N PHE E 344 10.56 56.85 -1.67
CA PHE E 344 11.95 56.41 -1.50
C PHE E 344 12.61 55.88 -2.77
N ASN E 345 11.98 56.04 -3.93
CA ASN E 345 12.56 55.60 -5.20
C ASN E 345 12.92 54.11 -5.20
N VAL E 346 11.95 53.28 -4.86
CA VAL E 346 12.18 51.83 -4.87
C VAL E 346 11.96 51.33 -6.29
N MET E 347 12.85 50.45 -6.75
CA MET E 347 12.71 49.92 -8.10
C MET E 347 11.68 48.79 -8.10
N PRO E 348 10.58 48.92 -8.84
CA PRO E 348 9.57 47.84 -8.85
C PRO E 348 10.13 46.51 -9.34
N ASP E 349 11.08 46.54 -10.26
CA ASP E 349 11.66 45.29 -10.75
C ASP E 349 12.57 44.64 -9.71
N SER E 350 13.06 45.40 -8.74
CA SER E 350 13.94 44.87 -7.70
C SER E 350 13.19 44.10 -6.62
N ILE E 351 11.86 44.14 -6.61
CA ILE E 351 11.11 43.40 -5.59
C ILE E 351 11.33 41.90 -5.80
N PRO E 352 11.74 41.17 -4.78
CA PRO E 352 11.98 39.73 -4.95
C PRO E 352 10.72 38.95 -5.30
N GLU E 353 10.92 37.83 -6.00
CA GLU E 353 9.82 36.98 -6.42
C GLU E 353 9.08 36.32 -5.27
N TRP E 354 9.77 36.06 -4.15
CA TRP E 354 9.13 35.38 -3.03
C TRP E 354 8.06 36.22 -2.35
N VAL E 355 8.15 37.55 -2.44
CA VAL E 355 7.17 38.41 -1.77
C VAL E 355 5.79 38.25 -2.37
N PHE E 356 5.69 38.21 -3.71
CA PHE E 356 4.39 38.10 -4.34
C PHE E 356 3.70 36.78 -4.02
N ASP E 357 4.47 35.69 -3.94
CA ASP E 357 3.87 34.40 -3.61
C ASP E 357 3.58 34.27 -2.12
N PHE E 358 4.41 34.88 -1.28
CA PHE E 358 4.24 34.82 0.18
C PHE E 358 3.07 35.64 0.68
N MET E 359 2.77 36.75 0.01
CA MET E 359 1.69 37.63 0.47
C MET E 359 0.32 37.01 0.30
N PRO E 360 -0.42 36.77 1.37
CA PRO E 360 -1.77 36.22 1.24
C PRO E 360 -2.75 37.34 0.94
N LEU E 361 -3.99 36.96 0.63
CA LEU E 361 -5.00 37.97 0.35
C LEU E 361 -5.38 38.73 1.62
N ARG E 362 -5.51 38.01 2.72
CA ARG E 362 -5.85 38.58 4.02
C ARG E 362 -4.62 38.57 4.91
N GLY E 363 -4.31 39.69 5.53
CA GLY E 363 -3.16 39.76 6.41
C GLY E 363 -2.06 40.64 5.84
N GLY E 364 -1.14 41.01 6.72
CA GLY E 364 -0.01 41.84 6.35
C GLY E 364 1.01 41.84 7.46
N TYR E 365 2.09 42.60 7.24
CA TYR E 365 3.16 42.67 8.24
C TYR E 365 3.99 43.92 7.98
N PHE E 366 4.91 44.20 8.90
CA PHE E 366 5.79 45.35 8.77
C PHE E 366 7.06 44.92 8.05
N VAL E 367 7.41 45.68 7.01
CA VAL E 367 8.58 45.37 6.19
C VAL E 367 9.86 45.51 7.02
N GLY E 368 10.84 44.67 6.70
CA GLY E 368 12.08 44.65 7.47
C GLY E 368 12.88 45.94 7.50
N ASN E 369 12.91 46.69 6.38
CA ASN E 369 13.71 47.91 6.38
C ASN E 369 13.22 48.87 5.30
N VAL E 370 13.33 50.16 5.58
CA VAL E 370 12.94 51.22 4.66
C VAL E 370 14.00 52.32 4.71
N GLY E 371 14.60 52.62 3.56
CA GLY E 371 15.61 53.65 3.47
C GLY E 371 15.72 54.18 2.06
N PRO E 372 16.75 55.00 1.80
CA PRO E 372 16.91 55.57 0.45
C PRO E 372 17.15 54.51 -0.60
N ALA E 373 16.17 54.32 -1.49
CA ALA E 373 16.22 53.34 -2.58
C ALA E 373 16.41 51.92 -2.10
N HIS E 374 16.32 51.68 -0.80
CA HIS E 374 16.49 50.36 -0.21
C HIS E 374 15.25 50.01 0.59
N MET E 375 14.79 48.76 0.46
CA MET E 375 13.59 48.31 1.18
C MET E 375 13.68 46.79 1.35
N ASP E 376 14.05 46.35 2.55
CA ASP E 376 14.19 44.93 2.85
C ASP E 376 12.80 44.36 3.17
N PHE E 377 12.31 43.50 2.30
CA PHE E 377 10.98 42.89 2.42
C PHE E 377 10.92 41.71 3.39
N ARG E 378 12.02 41.36 4.07
CA ARG E 378 12.00 40.22 4.97
C ARG E 378 11.12 40.45 6.19
N TRP E 379 10.42 39.40 6.60
CA TRP E 379 9.56 39.40 7.78
C TRP E 379 10.39 39.08 9.01
N PHE E 380 10.42 39.99 9.98
CA PHE E 380 11.17 39.80 11.22
C PHE E 380 10.16 39.61 12.34
N ALA E 381 10.32 38.52 13.09
CA ALA E 381 9.37 38.17 14.16
C ALA E 381 9.36 39.18 15.30
N LEU E 382 10.53 39.43 15.89
CA LEU E 382 10.58 40.34 17.04
C LEU E 382 10.08 41.73 16.70
N GLY E 383 10.37 42.21 15.48
CA GLY E 383 9.91 43.53 15.12
C GLY E 383 8.39 43.65 15.08
N ASN E 384 7.73 42.68 14.47
CA ASN E 384 6.28 42.71 14.39
C ASN E 384 5.66 42.49 15.76
N CYS E 385 6.24 41.60 16.57
CA CYS E 385 5.69 41.36 17.89
C CYS E 385 5.79 42.61 18.77
N VAL E 386 6.93 43.30 18.72
CA VAL E 386 7.05 44.52 19.51
C VAL E 386 6.14 45.61 18.94
N SER E 387 5.96 45.63 17.61
CA SER E 387 5.07 46.63 17.03
C SER E 387 3.65 46.41 17.52
N ILE E 388 3.29 45.16 17.79
CA ILE E 388 1.95 44.85 18.30
C ILE E 388 1.85 45.18 19.79
N LEU E 389 2.86 44.79 20.56
CA LEU E 389 2.83 45.05 22.01
C LEU E 389 2.91 46.53 22.33
N SER E 390 3.70 47.29 21.57
CA SER E 390 3.83 48.72 21.81
C SER E 390 2.67 49.52 21.24
N SER E 391 1.65 48.83 20.72
CA SER E 391 0.48 49.44 20.09
C SER E 391 0.89 50.30 18.89
N LEU E 392 2.12 50.13 18.40
CA LEU E 392 2.56 50.87 17.23
C LEU E 392 1.71 50.50 16.03
N ALA E 393 1.29 49.24 15.98
CA ALA E 393 0.43 48.74 14.93
C ALA E 393 -1.02 48.94 15.35
N THR E 394 -1.85 49.39 14.40
CA THR E 394 -3.24 49.59 14.69
C THR E 394 -3.92 48.26 14.96
N PRO E 395 -5.08 48.25 15.63
CA PRO E 395 -5.76 46.96 15.87
C PRO E 395 -5.99 46.19 14.58
N ASP E 396 -6.25 46.91 13.47
CA ASP E 396 -6.41 46.24 12.20
C ASP E 396 -5.09 45.65 11.73
N GLN E 397 -3.98 46.37 11.94
CA GLN E 397 -2.69 45.86 11.53
C GLN E 397 -2.30 44.65 12.38
N SER E 398 -2.64 44.67 13.68
CA SER E 398 -2.33 43.53 14.53
C SER E 398 -3.15 42.32 14.09
N MET E 399 -4.43 42.54 13.75
CA MET E 399 -5.26 41.44 13.28
C MET E 399 -4.73 40.92 11.96
N ALA E 400 -4.19 41.80 11.12
CA ALA E 400 -3.63 41.37 9.84
C ALA E 400 -2.38 40.55 10.06
N ILE E 401 -1.57 40.92 11.06
CA ILE E 401 -0.36 40.15 11.36
C ILE E 401 -0.75 38.75 11.83
N MET E 402 -1.79 38.67 12.67
CA MET E 402 -2.25 37.36 13.13
C MET E 402 -2.82 36.55 11.97
N ASP E 403 -3.52 37.23 11.04
CA ASP E 403 -4.08 36.55 9.88
C ASP E 403 -2.96 35.97 9.02
N LEU E 404 -1.90 36.75 8.82
CA LEU E 404 -0.77 36.26 8.03
C LEU E 404 -0.09 35.10 8.74
N LEU E 405 -0.02 35.16 10.07
CA LEU E 405 0.59 34.07 10.82
C LEU E 405 -0.23 32.78 10.67
N GLU E 406 -1.56 32.92 10.59
CA GLU E 406 -2.42 31.75 10.42
C GLU E 406 -2.35 31.19 9.00
N HIS E 407 -2.27 32.07 8.00
CA HIS E 407 -2.25 31.61 6.62
C HIS E 407 -0.91 31.02 6.23
N ARG E 408 0.18 31.75 6.43
CA ARG E 408 1.52 31.26 6.11
C ARG E 408 2.21 30.77 7.39
N TRP E 409 1.53 29.82 8.04
CA TRP E 409 2.01 29.27 9.31
C TRP E 409 3.25 28.40 9.15
N ALA E 410 3.24 27.47 8.20
CA ALA E 410 4.39 26.58 8.03
C ALA E 410 5.67 27.33 7.70
N GLU E 411 5.56 28.51 7.10
CA GLU E 411 6.75 29.28 6.76
C GLU E 411 7.29 30.05 7.95
N LEU E 412 6.42 30.79 8.65
CA LEU E 412 6.84 31.60 9.79
C LEU E 412 7.03 30.79 11.07
N VAL E 413 6.40 29.63 11.19
CA VAL E 413 6.54 28.83 12.41
C VAL E 413 7.08 27.44 12.09
N GLY E 414 6.34 26.69 11.27
CA GLY E 414 6.77 25.35 10.92
C GLY E 414 6.64 24.38 12.08
N GLU E 415 7.55 23.42 12.14
CA GLU E 415 7.55 22.42 13.19
C GLU E 415 8.18 22.90 14.48
N MET E 416 8.72 24.12 14.51
CA MET E 416 9.36 24.62 15.72
C MET E 416 9.32 26.15 15.76
N PRO E 417 8.55 26.75 16.67
CA PRO E 417 8.52 28.21 16.74
C PRO E 417 9.74 28.74 17.49
N LEU E 418 10.17 29.94 17.11
CA LEU E 418 9.62 30.68 16.00
C LEU E 418 10.78 31.13 15.10
N LYS E 419 10.55 31.16 13.79
CA LYS E 419 11.60 31.59 12.88
C LYS E 419 11.96 33.04 13.16
N ILE E 420 13.26 33.32 13.24
CA ILE E 420 13.68 34.69 13.54
C ILE E 420 13.42 35.61 12.36
N CYS E 421 13.48 35.10 11.14
CA CYS E 421 13.23 35.91 9.95
C CYS E 421 12.90 34.97 8.79
N TYR E 422 12.10 35.48 7.86
CA TYR E 422 11.69 34.73 6.68
C TYR E 422 11.70 35.62 5.45
N PRO E 423 12.29 35.17 4.34
CA PRO E 423 12.99 33.90 4.20
C PRO E 423 14.47 34.03 4.54
N CYS E 424 15.28 33.09 4.09
CA CYS E 424 16.72 33.12 4.36
C CYS E 424 17.50 33.48 3.11
N LEU E 425 18.69 34.03 3.32
CA LEU E 425 19.57 34.41 2.22
C LEU E 425 20.31 33.18 1.71
N GLU E 426 20.31 32.99 0.40
CA GLU E 426 20.95 31.84 -0.21
C GLU E 426 21.82 32.24 -1.39
N GLY E 427 22.91 31.49 -1.58
CA GLY E 427 23.82 31.70 -2.69
C GLY E 427 24.46 33.07 -2.71
N HIS E 428 24.22 33.80 -3.81
CA HIS E 428 24.81 35.14 -3.97
C HIS E 428 24.33 36.09 -2.89
N GLU E 429 23.06 35.99 -2.50
CA GLU E 429 22.54 36.86 -1.44
C GLU E 429 23.33 36.64 -0.15
N TRP E 430 23.62 35.38 0.16
CA TRP E 430 24.38 35.06 1.36
C TRP E 430 25.82 35.54 1.25
N ARG E 431 26.41 35.43 0.06
CA ARG E 431 27.79 35.86 -0.16
C ARG E 431 27.95 37.37 -0.01
N ILE E 432 26.98 38.14 -0.51
CA ILE E 432 27.06 39.60 -0.49
C ILE E 432 26.54 40.21 0.81
N VAL E 433 25.39 39.78 1.31
CA VAL E 433 24.83 40.39 2.51
C VAL E 433 25.58 39.98 3.76
N THR E 434 25.77 38.69 3.98
CA THR E 434 26.47 38.24 5.18
C THR E 434 27.99 38.29 5.06
N GLY E 435 28.52 38.54 3.88
CA GLY E 435 29.96 38.57 3.74
C GLY E 435 30.57 37.20 3.91
N CYS E 436 29.90 36.16 3.39
CA CYS E 436 30.34 34.78 3.49
C CYS E 436 30.47 34.35 4.96
N ASP E 437 29.44 34.66 5.73
CA ASP E 437 29.43 34.33 7.16
C ASP E 437 29.00 32.87 7.31
N PRO E 438 29.86 31.99 7.85
CA PRO E 438 29.48 30.57 7.97
C PRO E 438 28.51 30.25 9.08
N LYS E 439 28.36 31.11 10.09
CA LYS E 439 27.41 30.79 11.15
C LYS E 439 25.97 31.09 10.75
N ASN E 440 25.77 31.82 9.65
CA ASN E 440 24.44 32.19 9.18
C ASN E 440 24.14 31.54 7.83
N THR E 441 24.28 30.23 7.76
CA THR E 441 24.03 29.51 6.51
C THR E 441 22.53 29.43 6.23
N ARG E 442 22.15 28.63 5.24
CA ARG E 442 20.75 28.48 4.85
C ARG E 442 19.91 27.96 6.00
N TRP E 443 18.86 28.71 6.35
CA TRP E 443 17.95 28.35 7.44
C TRP E 443 18.73 28.01 8.70
N SER E 444 19.63 28.93 9.07
CA SER E 444 20.49 28.76 10.24
C SER E 444 20.34 29.90 11.26
N TYR E 445 21.32 30.00 12.16
CA TYR E 445 21.37 30.90 13.31
C TYR E 445 20.58 32.21 13.19
N HIS E 446 20.97 33.12 12.32
CA HIS E 446 20.19 34.35 12.15
C HIS E 446 19.48 34.37 10.80
N ASN E 447 19.98 33.60 9.84
CA ASN E 447 19.43 33.54 8.49
C ASN E 447 18.34 32.48 8.38
N GLY E 448 17.18 32.81 8.93
CA GLY E 448 16.03 31.92 8.87
C GLY E 448 15.95 30.82 9.91
N GLY E 449 16.73 30.87 11.00
CA GLY E 449 16.66 29.84 12.00
C GLY E 449 15.48 30.01 12.94
N SER E 450 15.05 28.88 13.52
CA SER E 450 13.93 28.89 14.45
C SER E 450 14.47 29.09 15.87
N TRP E 451 13.94 30.08 16.57
CA TRP E 451 14.36 30.40 17.92
C TRP E 451 13.22 30.14 18.90
N PRO E 452 13.38 29.22 19.86
CA PRO E 452 12.30 28.96 20.81
C PRO E 452 12.01 30.14 21.74
N VAL E 453 13.04 30.91 22.08
CA VAL E 453 12.87 32.05 22.99
C VAL E 453 11.83 33.04 22.48
N LEU E 454 11.68 33.13 21.16
CA LEU E 454 10.70 34.07 20.60
C LEU E 454 9.27 33.72 20.97
N LEU E 455 9.02 32.50 21.43
CA LEU E 455 7.67 32.06 21.76
C LEU E 455 6.94 33.04 22.68
N TRP E 456 7.60 33.49 23.75
CA TRP E 456 6.93 34.39 24.67
C TRP E 456 6.45 35.65 23.97
N GLN E 457 7.27 36.22 23.08
CA GLN E 457 6.80 37.40 22.36
C GLN E 457 5.54 37.05 21.57
N LEU E 458 5.59 35.94 20.83
CA LEU E 458 4.42 35.52 20.06
C LEU E 458 3.24 35.35 20.99
N THR E 459 3.49 34.86 22.20
CA THR E 459 2.43 34.68 23.16
C THR E 459 1.84 36.03 23.56
N ALA E 460 2.70 36.96 23.98
CA ALA E 460 2.20 38.25 24.42
C ALA E 460 1.38 38.92 23.34
N ALA E 461 1.95 39.04 22.14
CA ALA E 461 1.23 39.66 21.05
C ALA E 461 -0.09 38.96 20.78
N CYS E 462 -0.14 37.65 20.98
CA CYS E 462 -1.38 36.92 20.75
C CYS E 462 -2.44 37.27 21.80
N ILE E 463 -2.04 37.48 23.05
CA ILE E 463 -3.03 37.81 24.07
C ILE E 463 -3.56 39.22 23.87
N LYS E 464 -2.68 40.16 23.53
CA LYS E 464 -3.09 41.54 23.32
C LYS E 464 -4.03 41.67 22.12
N THR E 465 -3.87 40.83 21.11
CA THR E 465 -4.70 40.87 19.92
C THR E 465 -5.96 40.03 20.06
N GLY E 466 -6.11 39.28 21.14
CA GLY E 466 -7.27 38.45 21.34
C GLY E 466 -7.27 37.16 20.55
N ARG E 467 -6.09 36.60 20.27
CA ARG E 467 -5.96 35.35 19.54
C ARG E 467 -5.06 34.40 20.33
N PRO E 468 -5.51 33.92 21.49
CA PRO E 468 -4.67 33.00 22.29
C PRO E 468 -4.49 31.62 21.68
N GLN E 469 -5.41 31.19 20.81
CA GLN E 469 -5.30 29.86 20.22
C GLN E 469 -4.02 29.70 19.42
N ILE E 470 -3.54 30.79 18.81
CA ILE E 470 -2.28 30.71 18.05
C ILE E 470 -1.14 30.38 19.00
N ALA E 471 -1.11 31.06 20.15
CA ALA E 471 -0.08 30.79 21.14
C ALA E 471 -0.22 29.38 21.69
N ARG E 472 -1.45 28.89 21.83
CA ARG E 472 -1.64 27.52 22.32
C ARG E 472 -1.10 26.52 21.31
N ARG E 473 -1.30 26.79 20.02
CA ARG E 473 -0.80 25.91 18.98
C ARG E 473 0.72 25.85 19.05
N ALA E 474 1.36 27.02 19.14
CA ALA E 474 2.81 27.07 19.23
C ALA E 474 3.32 26.42 20.52
N VAL E 475 2.58 26.57 21.61
CA VAL E 475 2.98 25.97 22.88
C VAL E 475 2.91 24.45 22.78
N ASP E 476 1.89 23.92 22.12
CA ASP E 476 1.83 22.48 21.97
C ASP E 476 2.97 22.01 21.08
N LEU E 477 3.37 22.82 20.11
CA LEU E 477 4.50 22.43 19.26
C LEU E 477 5.82 22.42 20.04
N ILE E 478 6.00 23.39 20.94
CA ILE E 478 7.23 23.48 21.71
C ILE E 478 7.29 22.47 22.86
N GLU E 479 6.16 22.20 23.53
CA GLU E 479 6.14 21.26 24.64
C GLU E 479 6.41 19.82 24.22
N SER E 480 6.52 19.56 22.92
CA SER E 480 6.76 18.21 22.44
C SER E 480 8.23 17.92 22.16
N ARG E 481 9.07 18.93 21.96
CA ARG E 481 10.48 18.70 21.65
C ARG E 481 11.48 19.55 22.42
N LEU E 482 11.09 20.66 23.03
CA LEU E 482 12.08 21.50 23.71
C LEU E 482 12.75 20.78 24.87
N HIS E 483 11.99 20.11 25.72
CA HIS E 483 12.61 19.43 26.86
C HIS E 483 13.39 18.20 26.42
N ARG E 484 12.91 17.50 25.38
CA ARG E 484 13.60 16.31 24.91
C ARG E 484 14.97 16.63 24.30
N ASP E 485 15.13 17.82 23.73
CA ASP E 485 16.39 18.21 23.12
C ASP E 485 17.30 18.99 24.06
N CYS E 486 17.02 18.96 25.36
CA CYS E 486 17.83 19.63 26.39
C CYS E 486 17.91 21.15 26.19
N TRP E 487 16.80 21.75 25.76
CA TRP E 487 16.66 23.20 25.57
C TRP E 487 17.75 23.79 24.68
N PRO E 488 17.72 23.54 23.37
CA PRO E 488 18.75 24.10 22.49
C PRO E 488 18.61 25.62 22.33
N GLU E 489 19.72 26.23 21.89
CA GLU E 489 19.73 27.67 21.66
C GLU E 489 18.87 28.06 20.47
N TYR E 490 19.00 27.33 19.36
CA TYR E 490 18.24 27.60 18.14
C TYR E 490 18.15 26.33 17.30
N TYR E 491 17.20 26.33 16.37
CA TYR E 491 16.95 25.21 15.48
C TYR E 491 17.19 25.62 14.04
N ASP E 492 17.53 24.65 13.21
CA ASP E 492 17.80 24.88 11.80
C ASP E 492 16.87 24.06 10.92
N GLY E 493 16.75 24.49 9.67
CA GLY E 493 15.91 23.82 8.70
C GLY E 493 14.74 24.69 8.27
N LYS E 494 14.14 24.32 7.13
CA LYS E 494 12.99 25.06 6.64
C LYS E 494 11.81 24.94 7.59
N LEU E 495 11.73 23.83 8.32
CA LEU E 495 10.69 23.59 9.30
C LEU E 495 11.21 23.61 10.73
N GLY E 496 12.52 23.71 10.92
CA GLY E 496 13.09 23.69 12.26
C GLY E 496 13.18 22.30 12.84
N ARG E 497 13.08 21.27 11.98
CA ARG E 497 13.14 19.89 12.43
C ARG E 497 14.50 19.51 13.01
N TYR E 498 15.56 20.22 12.64
CA TYR E 498 16.92 19.92 13.08
C TYR E 498 17.41 20.92 14.12
N VAL E 499 18.23 20.42 15.05
CA VAL E 499 18.82 21.28 16.06
C VAL E 499 19.82 22.21 15.39
N GLY E 500 20.09 23.35 16.01
CA GLY E 500 21.00 24.32 15.42
C GLY E 500 22.37 23.73 15.12
N LYS E 501 23.03 24.34 14.13
CA LYS E 501 24.36 23.91 13.71
C LYS E 501 25.37 24.08 14.83
N GLN E 502 25.28 25.18 15.58
CA GLN E 502 26.16 25.48 16.69
C GLN E 502 25.34 25.85 17.92
N ALA E 503 24.18 25.22 18.07
CA ALA E 503 23.29 25.51 19.18
C ALA E 503 23.82 24.98 20.50
N ARG E 504 23.74 25.81 21.53
CA ARG E 504 24.16 25.45 22.87
C ARG E 504 22.97 24.85 23.62
N LYS E 505 23.17 23.68 24.23
CA LYS E 505 22.09 23.09 24.97
C LYS E 505 21.91 23.82 26.30
N TYR E 506 20.68 23.79 26.81
CA TYR E 506 20.33 24.43 28.06
C TYR E 506 20.53 25.95 28.01
N GLN E 507 20.04 26.56 26.93
CA GLN E 507 20.15 28.01 26.81
C GLN E 507 19.18 28.62 27.80
N THR E 508 19.64 29.63 28.55
CA THR E 508 18.81 30.23 29.60
C THR E 508 17.54 30.87 29.08
N TRP E 509 17.66 31.76 28.08
CA TRP E 509 16.42 32.40 27.63
C TRP E 509 15.53 31.46 26.83
N SER E 510 16.06 30.38 26.28
CA SER E 510 15.17 29.45 25.57
C SER E 510 14.20 28.81 26.56
N ILE E 511 14.65 28.65 27.81
CA ILE E 511 13.82 28.09 28.88
C ILE E 511 12.92 29.18 29.47
N ALA E 512 13.50 30.36 29.70
CA ALA E 512 12.74 31.46 30.28
C ALA E 512 11.60 31.90 29.37
N GLY E 513 11.79 31.85 28.05
CA GLY E 513 10.73 32.23 27.15
C GLY E 513 9.55 31.28 27.24
N TYR E 514 9.84 29.98 27.36
CA TYR E 514 8.77 28.98 27.50
C TYR E 514 8.02 29.21 28.81
N LEU E 515 8.76 29.48 29.88
CA LEU E 515 8.11 29.71 31.17
C LEU E 515 7.22 30.95 31.12
N VAL E 516 7.72 32.03 30.51
CA VAL E 516 6.94 33.26 30.40
C VAL E 516 5.71 33.05 29.54
N ALA E 517 5.83 32.30 28.45
CA ALA E 517 4.68 32.08 27.58
C ALA E 517 3.62 31.26 28.30
N LYS E 518 4.02 30.24 29.04
CA LYS E 518 3.03 29.44 29.75
C LYS E 518 2.38 30.25 30.87
N MET E 519 3.17 31.08 31.57
CA MET E 519 2.59 31.91 32.63
C MET E 519 1.63 32.93 32.04
N LEU E 520 1.90 33.43 30.83
CA LEU E 520 0.99 34.38 30.20
C LEU E 520 -0.29 33.67 29.78
N LEU E 521 -0.18 32.43 29.30
CA LEU E 521 -1.37 31.68 28.92
C LEU E 521 -2.23 31.38 30.15
N GLU E 522 -1.58 31.12 31.29
CA GLU E 522 -2.32 30.82 32.51
C GLU E 522 -2.98 32.07 33.09
N ASP E 523 -2.30 33.21 33.04
CA ASP E 523 -2.84 34.46 33.57
C ASP E 523 -2.59 35.59 32.56
N PRO E 524 -3.53 35.84 31.67
CA PRO E 524 -3.34 36.91 30.67
C PRO E 524 -3.25 38.29 31.28
N SER E 525 -3.69 38.47 32.53
CA SER E 525 -3.64 39.78 33.18
C SER E 525 -2.23 40.36 33.23
N HIS E 526 -1.21 39.54 32.96
CA HIS E 526 0.18 39.97 32.99
C HIS E 526 0.59 40.74 31.73
N ILE E 527 -0.19 40.70 30.64
CA ILE E 527 0.21 41.39 29.43
C ILE E 527 0.32 42.89 29.62
N GLY E 528 -0.37 43.45 30.62
CA GLY E 528 -0.23 44.87 30.85
C GLY E 528 1.18 45.23 31.26
N MET E 529 1.90 44.26 31.81
CA MET E 529 3.29 44.42 32.22
C MET E 529 4.23 44.58 31.03
N ILE E 530 3.79 44.16 29.85
CA ILE E 530 4.63 44.21 28.65
C ILE E 530 3.92 44.84 27.44
N SER E 531 2.81 45.55 27.66
CA SER E 531 2.10 46.15 26.54
C SER E 531 1.58 47.54 26.88
N LEU E 532 1.27 48.29 25.83
CA LEU E 532 0.73 49.64 25.91
C LEU E 532 -0.45 49.76 24.95
N GLU E 533 -1.27 50.78 25.15
CA GLU E 533 -2.43 50.99 24.29
C GLU E 533 -2.61 52.46 23.90
N HIS F 82 44.15 75.74 -22.89
CA HIS F 82 45.60 75.66 -22.92
C HIS F 82 46.29 77.04 -22.93
N PRO F 83 45.72 78.06 -23.62
CA PRO F 83 44.52 78.33 -24.44
C PRO F 83 44.22 77.30 -25.54
N MET F 84 42.94 77.06 -25.81
CA MET F 84 41.86 77.77 -25.13
C MET F 84 41.31 77.32 -23.79
N MET F 85 41.80 78.00 -22.76
CA MET F 85 41.36 77.83 -21.39
C MET F 85 40.27 78.84 -21.09
N ALA F 86 40.29 79.94 -21.83
CA ALA F 86 39.30 81.01 -21.72
C ALA F 86 37.94 80.57 -22.25
N GLU F 87 37.93 79.68 -23.25
CA GLU F 87 36.66 79.20 -23.77
C GLU F 87 35.86 78.57 -22.64
N ALA F 88 36.55 77.85 -21.74
CA ALA F 88 35.91 77.25 -20.58
C ALA F 88 35.39 78.33 -19.65
N TRP F 89 36.12 79.44 -19.54
CA TRP F 89 35.70 80.53 -18.67
C TRP F 89 34.47 81.24 -19.21
N GLU F 90 34.28 81.26 -20.53
CA GLU F 90 33.07 81.87 -21.06
C GLU F 90 31.86 81.10 -20.56
N ALA F 91 31.94 79.77 -20.59
CA ALA F 91 30.86 78.93 -20.10
C ALA F 91 30.69 79.08 -18.61
N LEU F 92 31.81 79.21 -17.88
CA LEU F 92 31.73 79.37 -16.43
C LEU F 92 31.03 80.68 -16.07
N ARG F 93 31.33 81.75 -16.80
CA ARG F 93 30.68 83.03 -16.54
C ARG F 93 29.24 83.05 -17.03
N ARG F 94 28.90 82.20 -18.01
CA ARG F 94 27.52 82.16 -18.45
C ARG F 94 26.66 81.43 -17.43
N SER F 95 27.28 80.55 -16.65
CA SER F 95 26.60 79.76 -15.61
C SER F 95 26.65 80.50 -14.27
N MET F 96 25.82 81.55 -14.17
CA MET F 96 25.75 82.35 -12.94
C MET F 96 24.29 82.58 -12.59
N VAL F 97 24.02 82.57 -11.29
CA VAL F 97 22.67 82.74 -10.74
C VAL F 97 22.63 84.04 -9.95
N PHE F 98 21.70 84.92 -10.32
CA PHE F 98 21.54 86.20 -9.65
C PHE F 98 20.22 86.26 -8.89
N PHE F 99 20.25 86.89 -7.72
CA PHE F 99 19.08 87.08 -6.89
C PHE F 99 19.08 88.55 -6.53
N ARG F 100 18.09 89.28 -7.03
CA ARG F 100 17.95 90.72 -6.81
C ARG F 100 19.18 91.46 -7.36
N GLY F 101 19.81 90.92 -8.40
CA GLY F 101 20.96 91.57 -8.99
C GLY F 101 22.31 91.05 -8.52
N GLN F 102 22.35 90.31 -7.37
CA GLN F 102 23.62 89.84 -6.81
C GLN F 102 23.96 88.43 -7.26
N PRO F 103 25.21 88.16 -7.65
CA PRO F 103 25.60 86.80 -8.05
C PRO F 103 25.76 85.95 -6.80
N VAL F 104 24.96 84.89 -6.70
CA VAL F 104 25.02 84.03 -5.52
C VAL F 104 25.72 82.71 -5.78
N GLY F 105 25.70 82.24 -7.02
CA GLY F 105 26.36 80.97 -7.29
C GLY F 105 26.39 80.66 -8.76
N THR F 106 26.69 79.40 -9.06
CA THR F 106 26.76 78.88 -10.42
C THR F 106 25.70 77.80 -10.62
N LEU F 107 25.35 77.60 -11.89
CA LEU F 107 24.35 76.61 -12.24
C LEU F 107 24.92 75.20 -12.05
N ALA F 108 24.08 74.20 -12.27
CA ALA F 108 24.48 72.80 -12.19
C ALA F 108 24.79 72.26 -13.58
N ALA F 109 23.94 72.60 -14.54
CA ALA F 109 24.07 72.22 -15.94
C ALA F 109 23.53 73.39 -16.75
N VAL F 110 24.16 73.65 -17.89
CA VAL F 110 23.74 74.74 -18.77
C VAL F 110 23.33 74.10 -20.09
N ASP F 111 22.05 73.79 -20.22
CA ASP F 111 21.53 73.15 -21.42
C ASP F 111 20.49 74.04 -22.09
N TYR F 120 19.39 68.47 -12.27
CA TYR F 120 20.56 69.32 -12.15
C TYR F 120 20.37 70.72 -12.76
N ASP F 121 19.63 71.56 -12.05
CA ASP F 121 19.36 72.95 -12.45
C ASP F 121 19.64 73.93 -11.32
N GLN F 122 19.39 73.53 -10.08
CA GLN F 122 19.61 74.40 -8.94
C GLN F 122 21.10 74.61 -8.71
N VAL F 123 21.42 75.35 -7.65
CA VAL F 123 22.79 75.62 -7.26
C VAL F 123 23.15 74.60 -6.19
N PHE F 124 23.96 73.62 -6.55
CA PHE F 124 24.36 72.59 -5.61
C PHE F 124 25.65 73.00 -4.91
N VAL F 125 25.83 72.51 -3.68
CA VAL F 125 27.02 72.85 -2.90
C VAL F 125 28.25 72.21 -3.54
N ARG F 126 28.23 70.88 -3.68
CA ARG F 126 29.36 70.18 -4.27
C ARG F 126 29.63 70.65 -5.70
N ASP F 127 28.57 71.04 -6.42
CA ASP F 127 28.73 71.52 -7.78
C ASP F 127 29.36 72.92 -7.80
N PHE F 128 29.09 73.71 -6.77
CA PHE F 128 29.62 75.07 -6.70
C PHE F 128 31.03 75.15 -6.12
N VAL F 129 31.48 74.12 -5.40
CA VAL F 129 32.83 74.15 -4.82
C VAL F 129 33.91 74.46 -5.85
N PRO F 130 34.03 73.73 -6.98
CA PRO F 130 35.10 74.07 -7.93
C PRO F 130 34.92 75.45 -8.55
N SER F 131 33.69 75.85 -8.83
CA SER F 131 33.47 77.19 -9.40
C SER F 131 33.93 78.26 -8.41
N ALA F 132 33.67 78.02 -7.12
CA ALA F 132 34.10 78.96 -6.11
C ALA F 132 35.61 79.03 -6.03
N LEU F 133 36.29 77.88 -6.13
CA LEU F 133 37.75 77.89 -6.09
C LEU F 133 38.31 78.63 -7.30
N ALA F 134 37.69 78.45 -8.47
CA ALA F 134 38.16 79.14 -9.67
C ALA F 134 38.01 80.65 -9.52
N PHE F 135 36.87 81.10 -9.01
CA PHE F 135 36.68 82.54 -8.83
C PHE F 135 37.61 83.07 -7.75
N LEU F 136 37.88 82.28 -6.71
CA LEU F 136 38.78 82.71 -5.65
C LEU F 136 40.19 82.88 -6.18
N MET F 137 40.62 81.98 -7.07
CA MET F 137 41.97 82.10 -7.61
C MET F 137 42.04 83.23 -8.62
N ASN F 138 40.95 83.51 -9.34
CA ASN F 138 40.97 84.62 -10.30
C ASN F 138 40.90 85.98 -9.63
N GLY F 139 40.46 86.06 -8.39
CA GLY F 139 40.35 87.31 -7.67
C GLY F 139 38.96 87.91 -7.62
N GLU F 140 37.91 87.09 -7.72
CA GLU F 140 36.51 87.54 -7.67
C GLU F 140 35.81 86.79 -6.56
N PRO F 141 36.04 87.16 -5.29
CA PRO F 141 35.43 86.47 -4.16
C PRO F 141 34.06 86.98 -3.73
N ASP F 142 33.45 87.89 -4.48
CA ASP F 142 32.14 88.39 -4.06
C ASP F 142 31.08 87.31 -4.16
N ILE F 143 31.15 86.48 -5.20
CA ILE F 143 30.16 85.42 -5.39
C ILE F 143 30.30 84.37 -4.29
N VAL F 144 31.53 84.05 -3.89
CA VAL F 144 31.73 83.07 -2.84
C VAL F 144 31.17 83.57 -1.51
N LYS F 145 31.38 84.86 -1.22
CA LYS F 145 30.85 85.41 0.03
C LYS F 145 29.32 85.39 0.01
N HIS F 146 28.72 85.79 -1.12
CA HIS F 146 27.27 85.77 -1.21
C HIS F 146 26.74 84.35 -1.04
N PHE F 147 27.44 83.37 -1.63
CA PHE F 147 27.01 81.99 -1.54
C PHE F 147 27.06 81.47 -0.11
N LEU F 148 28.19 81.67 0.57
CA LEU F 148 28.31 81.20 1.94
C LEU F 148 27.27 81.83 2.85
N LEU F 149 27.05 83.14 2.71
CA LEU F 149 26.07 83.79 3.58
C LEU F 149 24.65 83.35 3.28
N LYS F 150 24.29 83.22 2.00
CA LYS F 150 22.92 82.81 1.70
C LYS F 150 22.68 81.37 2.13
N THR F 151 23.68 80.49 1.97
CA THR F 151 23.49 79.13 2.43
C THR F 151 23.36 79.10 3.95
N LEU F 152 24.08 79.99 4.64
CA LEU F 152 23.94 80.06 6.09
C LEU F 152 22.54 80.48 6.47
N GLN F 153 21.95 81.42 5.71
CA GLN F 153 20.59 81.83 5.99
C GLN F 153 19.64 80.66 5.77
N LEU F 154 19.91 79.85 4.73
CA LEU F 154 19.08 78.68 4.48
C LEU F 154 19.19 77.68 5.61
N GLN F 155 20.35 77.64 6.27
CA GLN F 155 20.53 76.72 7.39
C GLN F 155 19.61 77.08 8.55
N GLY F 156 19.24 78.34 8.68
CA GLY F 156 18.35 78.83 9.72
C GLY F 156 16.88 78.73 9.40
N TRP F 157 16.49 77.94 8.41
CA TRP F 157 15.10 77.76 8.01
C TRP F 157 14.44 76.64 8.81
N GLU F 158 13.11 76.64 8.79
CA GLU F 158 12.31 75.61 9.44
C GLU F 158 12.07 74.50 8.42
N LYS F 159 12.82 73.40 8.54
CA LYS F 159 12.73 72.28 7.63
C LYS F 159 11.87 71.18 8.24
N ARG F 160 11.00 70.58 7.41
CA ARG F 160 10.13 69.51 7.87
C ARG F 160 9.90 68.48 6.76
N VAL F 161 9.91 67.20 7.14
CA VAL F 161 9.69 66.11 6.20
C VAL F 161 8.52 65.28 6.73
N ASP F 162 7.35 65.54 6.17
CA ASP F 162 6.03 64.94 6.39
C ASP F 162 5.43 65.14 7.78
N ARG F 163 6.24 64.97 8.84
CA ARG F 163 5.82 65.15 10.22
C ARG F 163 7.04 65.27 11.14
N PHE F 164 8.23 65.23 10.55
CA PHE F 164 9.49 65.24 11.28
C PHE F 164 10.25 66.53 11.03
N LYS F 165 10.60 67.23 12.11
CA LYS F 165 11.36 68.47 12.03
C LYS F 165 12.83 68.10 11.90
N LEU F 166 13.48 68.57 10.84
CA LEU F 166 14.88 68.25 10.59
C LEU F 166 15.79 68.95 11.59
N GLY F 167 17.06 68.58 11.54
CA GLY F 167 18.04 69.15 12.43
C GLY F 167 18.20 70.65 12.26
N GLU F 168 18.72 71.27 13.32
CA GLU F 168 18.91 72.72 13.32
C GLU F 168 20.04 73.14 12.38
N GLY F 169 21.17 72.44 12.42
CA GLY F 169 22.33 72.74 11.61
C GLY F 169 22.36 72.09 10.23
N VAL F 170 21.26 71.48 9.79
CA VAL F 170 21.22 70.82 8.50
C VAL F 170 21.37 71.84 7.38
N MET F 171 22.35 71.61 6.50
CA MET F 171 22.66 72.43 5.34
C MET F 171 21.92 71.90 4.11
N PRO F 172 21.40 72.78 3.26
CA PRO F 172 20.67 72.31 2.08
C PRO F 172 21.60 71.73 1.04
N ALA F 173 21.06 70.81 0.24
CA ALA F 173 21.82 70.20 -0.84
C ALA F 173 21.87 71.11 -2.05
N SER F 174 20.80 71.87 -2.28
CA SER F 174 20.68 72.77 -3.41
C SER F 174 19.59 73.79 -3.12
N PHE F 175 19.49 74.77 -4.01
CA PHE F 175 18.47 75.81 -3.93
C PHE F 175 18.26 76.31 -5.35
N LYS F 176 17.02 76.73 -5.61
CA LYS F 176 16.60 77.17 -6.93
C LYS F 176 15.97 78.56 -6.89
N VAL F 177 16.04 79.23 -8.03
CA VAL F 177 15.51 80.57 -8.24
C VAL F 177 14.25 80.44 -9.09
N LEU F 178 13.09 80.59 -8.45
CA LEU F 178 11.79 80.52 -9.09
C LEU F 178 11.41 81.89 -9.64
N HIS F 179 10.62 81.89 -10.73
CA HIS F 179 10.20 83.10 -11.40
C HIS F 179 8.68 83.22 -11.52
N ASP F 180 8.30 84.37 -12.03
CA ASP F 180 6.98 84.93 -12.32
C ASP F 180 7.35 86.06 -13.29
N PRO F 181 6.41 86.89 -13.82
CA PRO F 181 7.04 87.86 -14.71
C PRO F 181 7.68 89.03 -13.98
N THR F 185 10.41 89.09 -10.84
CA THR F 185 9.92 88.38 -9.67
C THR F 185 10.79 87.16 -9.38
N ASP F 186 11.65 87.27 -8.37
CA ASP F 186 12.57 86.20 -7.99
C ASP F 186 12.19 85.65 -6.63
N ASN F 187 12.19 84.31 -6.51
CA ASN F 187 11.87 83.66 -5.24
C ASN F 187 12.87 82.53 -5.02
N ILE F 188 13.56 82.51 -3.88
CA ILE F 188 14.54 81.46 -3.61
C ILE F 188 13.89 80.34 -2.80
N VAL F 189 14.15 79.09 -3.22
CA VAL F 189 13.61 77.90 -2.56
C VAL F 189 14.76 76.92 -2.32
N ALA F 190 14.80 76.30 -1.14
CA ALA F 190 15.89 75.38 -0.81
C ALA F 190 15.38 73.96 -0.69
N ASP F 191 16.27 73.00 -0.97
CA ASP F 191 15.97 71.57 -0.88
C ASP F 191 16.92 70.91 0.10
N PHE F 192 16.36 70.32 1.16
CA PHE F 192 17.16 69.64 2.16
C PHE F 192 17.03 68.13 2.08
N GLY F 193 16.31 67.61 1.09
CA GLY F 193 16.13 66.17 0.95
C GLY F 193 14.68 65.76 0.82
N GLU F 194 13.76 66.69 1.14
CA GLU F 194 12.35 66.38 1.04
C GLU F 194 11.93 66.17 -0.41
N SER F 195 12.47 66.97 -1.32
CA SER F 195 12.16 66.86 -2.73
C SER F 195 13.14 65.96 -3.49
N ALA F 196 14.28 65.65 -2.87
CA ALA F 196 15.29 64.82 -3.52
C ALA F 196 14.76 63.42 -3.79
N ILE F 197 15.22 62.85 -4.91
CA ILE F 197 14.80 61.50 -5.29
C ILE F 197 15.34 60.51 -4.27
N GLY F 198 14.44 59.70 -3.71
CA GLY F 198 14.83 58.72 -2.71
C GLY F 198 15.02 59.28 -1.32
N ARG F 199 14.78 60.59 -1.13
CA ARG F 199 14.94 61.25 0.16
C ARG F 199 16.36 61.11 0.70
N VAL F 200 17.34 61.29 -0.18
CA VAL F 200 18.74 61.19 0.23
C VAL F 200 19.13 62.43 1.03
N ALA F 201 20.09 62.27 1.95
CA ALA F 201 20.56 63.34 2.82
C ALA F 201 21.96 63.79 2.43
N PRO F 202 22.16 65.09 2.21
CA PRO F 202 23.49 65.65 1.85
C PRO F 202 24.35 65.87 3.09
N VAL F 203 25.02 64.79 3.52
CA VAL F 203 25.86 64.87 4.70
C VAL F 203 27.08 65.74 4.43
N ASP F 204 27.62 65.67 3.22
CA ASP F 204 28.82 66.43 2.86
C ASP F 204 28.57 67.92 2.64
N SER F 205 27.31 68.37 2.54
CA SER F 205 27.06 69.79 2.29
C SER F 205 27.63 70.68 3.38
N GLY F 206 27.47 70.30 4.64
CA GLY F 206 28.00 71.12 5.72
C GLY F 206 29.51 71.13 5.73
N PHE F 207 30.12 69.96 5.48
CA PHE F 207 31.57 69.87 5.46
C PHE F 207 32.12 70.72 4.32
N TRP F 208 31.45 70.69 3.17
CA TRP F 208 31.88 71.49 2.03
C TRP F 208 31.73 72.97 2.35
N TRP F 209 30.69 73.35 3.09
CA TRP F 209 30.52 74.75 3.45
C TRP F 209 31.66 75.23 4.34
N ILE F 210 32.01 74.43 5.35
CA ILE F 210 33.11 74.83 6.23
C ILE F 210 34.43 74.88 5.46
N ILE F 211 34.67 73.90 4.59
CA ILE F 211 35.90 73.89 3.81
C ILE F 211 35.95 75.10 2.88
N LEU F 212 34.83 75.45 2.27
CA LEU F 212 34.80 76.60 1.38
C LEU F 212 35.03 77.89 2.15
N LEU F 213 34.51 77.97 3.38
CA LEU F 213 34.72 79.17 4.18
C LEU F 213 36.19 79.32 4.52
N ARG F 214 36.85 78.20 4.86
CA ARG F 214 38.28 78.25 5.15
C ARG F 214 39.07 78.65 3.90
N ALA F 215 38.66 78.11 2.76
CA ALA F 215 39.34 78.44 1.50
C ALA F 215 39.18 79.91 1.17
N TYR F 216 38.00 80.48 1.44
CA TYR F 216 37.77 81.90 1.17
C TYR F 216 38.63 82.76 2.08
N THR F 217 38.61 82.48 3.38
CA THR F 217 39.42 83.28 4.31
C THR F 217 40.91 83.16 4.02
N LYS F 218 41.35 82.02 3.49
CA LYS F 218 42.77 81.90 3.17
C LYS F 218 43.11 82.56 1.84
N SER F 219 42.21 82.49 0.87
CA SER F 219 42.46 83.10 -0.44
C SER F 219 42.43 84.63 -0.38
N THR F 220 41.55 85.18 0.45
CA THR F 220 41.45 86.63 0.57
C THR F 220 42.23 87.21 1.74
N GLY F 221 42.45 86.43 2.80
CA GLY F 221 43.12 86.94 3.96
C GLY F 221 42.23 87.79 4.84
N ASP F 222 40.97 87.98 4.43
CA ASP F 222 39.97 88.77 5.16
C ASP F 222 39.28 87.87 6.18
N LEU F 223 39.81 87.88 7.40
CA LEU F 223 39.30 87.08 8.50
C LEU F 223 37.96 87.59 9.05
N THR F 224 37.49 88.75 8.58
CA THR F 224 36.26 89.32 9.10
C THR F 224 35.04 88.43 8.85
N LEU F 225 34.94 87.82 7.67
CA LEU F 225 33.76 87.01 7.36
C LEU F 225 33.65 85.80 8.28
N SER F 226 34.76 85.07 8.48
CA SER F 226 34.70 83.89 9.33
C SER F 226 34.47 84.24 10.80
N GLU F 227 34.86 85.44 11.23
CA GLU F 227 34.71 85.83 12.62
C GLU F 227 33.35 86.44 12.94
N THR F 228 32.47 86.63 11.96
CA THR F 228 31.16 87.15 12.27
C THR F 228 30.37 86.11 13.09
N PRO F 229 29.51 86.54 13.99
CA PRO F 229 28.74 85.57 14.79
C PRO F 229 27.90 84.62 13.94
N GLU F 230 27.40 85.05 12.79
CA GLU F 230 26.59 84.17 11.96
C GLU F 230 27.39 82.97 11.47
N CYS F 231 28.60 83.21 10.93
CA CYS F 231 29.41 82.11 10.44
C CYS F 231 29.87 81.22 11.59
N GLN F 232 30.14 81.80 12.76
CA GLN F 232 30.54 81.00 13.90
C GLN F 232 29.39 80.09 14.31
N LYS F 233 28.17 80.64 14.28
CA LYS F 233 27.00 79.84 14.61
C LYS F 233 26.81 78.72 13.61
N GLY F 234 27.03 79.00 12.33
CA GLY F 234 26.88 77.95 11.32
C GLY F 234 27.89 76.83 11.52
N MET F 235 29.13 77.20 11.83
CA MET F 235 30.17 76.19 12.05
C MET F 235 29.81 75.32 13.25
N LYS F 236 29.43 75.97 14.36
CA LYS F 236 29.06 75.22 15.56
C LYS F 236 27.82 74.36 15.32
N LEU F 237 26.87 74.86 14.52
CA LEU F 237 25.65 74.11 14.24
C LEU F 237 25.96 72.85 13.46
N ILE F 238 26.78 72.97 12.42
CA ILE F 238 27.13 71.79 11.62
C ILE F 238 27.98 70.82 12.45
N LEU F 239 28.89 71.35 13.27
CA LEU F 239 29.74 70.49 14.08
C LEU F 239 28.97 69.75 15.16
N SER F 240 27.92 70.36 15.73
CA SER F 240 27.16 69.70 16.78
C SER F 240 26.32 68.54 16.25
N LEU F 241 26.04 68.52 14.94
CA LEU F 241 25.25 67.43 14.39
C LEU F 241 26.06 66.13 14.29
N CYS F 242 27.31 66.23 13.84
CA CYS F 242 28.17 65.06 13.68
C CYS F 242 28.92 64.69 14.94
N LEU F 243 29.28 65.66 15.77
CA LEU F 243 30.01 65.37 17.00
C LEU F 243 29.09 64.95 18.14
N ALA F 244 27.79 64.83 17.87
CA ALA F 244 26.83 64.45 18.89
C ALA F 244 27.04 63.01 19.34
N GLU F 245 26.75 62.75 20.61
CA GLU F 245 26.90 61.43 21.18
C GLU F 245 25.80 60.48 20.71
N GLY F 246 26.12 59.19 20.70
CA GLY F 246 25.18 58.17 20.30
C GLY F 246 25.68 56.81 20.69
N PHE F 247 24.91 55.79 20.32
CA PHE F 247 25.29 54.40 20.59
C PHE F 247 26.49 53.95 19.76
N ASP F 248 26.99 54.82 18.88
CA ASP F 248 28.10 54.50 18.01
C ASP F 248 29.34 54.06 18.78
N THR F 249 29.92 52.94 18.36
CA THR F 249 31.14 52.41 18.92
C THR F 249 32.35 52.67 18.02
N PHE F 250 32.16 53.48 16.98
CA PHE F 250 33.16 53.86 15.99
C PHE F 250 33.34 55.37 15.96
N PRO F 251 34.58 55.85 15.86
CA PRO F 251 34.79 57.31 15.78
C PRO F 251 34.25 57.91 14.49
N THR F 252 34.15 57.11 13.44
CA THR F 252 33.67 57.58 12.15
C THR F 252 32.18 57.89 12.20
N LEU F 253 31.73 58.69 11.24
CA LEU F 253 30.34 59.12 11.14
C LEU F 253 29.51 58.09 10.39
N LEU F 254 28.42 57.63 11.01
CA LEU F 254 27.54 56.66 10.39
C LEU F 254 26.75 57.35 9.28
N CYS F 255 26.56 56.64 8.16
CA CYS F 255 25.87 57.21 7.02
C CYS F 255 24.94 56.22 6.34
N ALA F 256 23.85 56.76 5.79
CA ALA F 256 22.87 56.01 5.03
C ALA F 256 23.31 56.00 3.57
N ASP F 257 22.73 55.09 2.78
CA ASP F 257 23.13 55.01 1.37
C ASP F 257 22.76 56.27 0.61
N GLY F 258 23.66 56.70 -0.28
CA GLY F 258 23.43 57.87 -1.09
C GLY F 258 23.57 59.22 -0.41
N CYS F 259 24.48 59.36 0.56
CA CYS F 259 24.63 60.61 1.29
C CYS F 259 25.77 61.51 0.81
N SER F 260 26.68 60.99 0.00
CA SER F 260 27.84 61.74 -0.47
C SER F 260 27.65 62.03 -1.95
N MET F 261 28.72 62.52 -2.61
CA MET F 261 28.72 62.81 -4.05
C MET F 261 27.90 61.77 -4.81
N ILE F 262 27.93 60.53 -4.29
CA ILE F 262 27.16 59.41 -4.79
C ILE F 262 25.81 59.53 -4.12
N ASP F 263 24.86 60.19 -4.79
CA ASP F 263 23.52 60.44 -4.26
C ASP F 263 22.55 59.29 -4.46
N ARG F 264 23.01 58.13 -4.90
CA ARG F 264 22.13 56.99 -5.12
C ARG F 264 22.61 55.79 -4.32
N ARG F 265 21.80 54.74 -4.30
CA ARG F 265 22.14 53.53 -3.57
C ARG F 265 23.32 52.87 -4.27
N MET F 266 24.48 52.86 -3.61
CA MET F 266 25.68 52.26 -4.17
C MET F 266 26.52 51.51 -3.15
N GLY F 267 26.10 51.44 -1.89
CA GLY F 267 26.87 50.76 -0.89
C GLY F 267 27.81 51.70 -0.16
N VAL F 268 27.49 52.99 -0.12
CA VAL F 268 28.31 53.99 0.54
C VAL F 268 27.78 54.18 1.96
N TYR F 269 26.97 53.24 2.42
CA TYR F 269 26.42 53.28 3.76
C TYR F 269 27.49 52.86 4.77
N GLY F 270 27.28 53.28 6.01
CA GLY F 270 28.25 52.92 7.04
C GLY F 270 29.25 54.03 7.31
N TYR F 271 30.51 53.78 6.96
CA TYR F 271 31.60 54.74 7.15
C TYR F 271 32.42 54.86 5.88
N PRO F 272 31.88 55.48 4.84
CA PRO F 272 32.63 55.62 3.58
C PRO F 272 33.77 56.61 3.71
N ILE F 273 34.87 56.31 3.01
CA ILE F 273 36.05 57.16 3.04
C ILE F 273 35.76 58.58 2.57
N GLU F 274 34.81 58.74 1.66
CA GLU F 274 34.51 60.09 1.18
C GLU F 274 34.00 60.97 2.32
N ILE F 275 33.02 60.45 3.06
CA ILE F 275 32.46 61.21 4.18
C ILE F 275 33.47 61.34 5.31
N GLN F 276 34.24 60.29 5.58
CA GLN F 276 35.22 60.39 6.67
C GLN F 276 36.32 61.39 6.34
N ALA F 277 36.77 61.41 5.09
CA ALA F 277 37.82 62.35 4.69
C ALA F 277 37.29 63.78 4.73
N LEU F 278 36.06 63.98 4.22
CA LEU F 278 35.48 65.32 4.26
C LEU F 278 35.26 65.74 5.70
N PHE F 279 34.91 64.79 6.56
CA PHE F 279 34.70 65.04 7.98
C PHE F 279 36.00 65.51 8.64
N PHE F 280 37.09 64.79 8.36
CA PHE F 280 38.38 65.15 8.93
C PHE F 280 38.84 66.52 8.43
N MET F 281 38.66 66.78 7.13
CA MET F 281 39.06 68.06 6.58
C MET F 281 38.24 69.21 7.19
N ALA F 282 36.93 69.00 7.32
CA ALA F 282 36.08 70.04 7.90
C ALA F 282 36.41 70.26 9.36
N LEU F 283 36.75 69.18 10.09
CA LEU F 283 37.10 69.32 11.49
C LEU F 283 38.37 70.14 11.63
N ARG F 284 39.40 69.83 10.83
CA ARG F 284 40.65 70.60 10.93
C ARG F 284 40.44 72.04 10.50
N SER F 285 39.67 72.28 9.42
CA SER F 285 39.44 73.65 8.97
C SER F 285 38.57 74.43 9.93
N ALA F 286 37.79 73.75 10.77
CA ALA F 286 36.96 74.47 11.74
C ALA F 286 37.84 75.12 12.80
N LEU F 287 38.90 74.42 13.23
CA LEU F 287 39.81 74.98 14.22
C LEU F 287 40.55 76.19 13.66
N SER F 288 40.77 76.21 12.34
CA SER F 288 41.48 77.30 11.70
C SER F 288 40.74 78.63 11.76
N MET F 289 39.44 78.62 12.09
CA MET F 289 38.69 79.86 12.12
C MET F 289 37.65 79.94 13.24
N LEU F 290 37.69 79.05 14.23
CA LEU F 290 36.72 79.09 15.33
C LEU F 290 37.26 79.93 16.46
N LYS F 291 36.42 80.85 16.99
CA LYS F 291 36.79 81.75 18.09
C LYS F 291 36.56 81.05 19.42
N PRO F 292 37.52 81.12 20.35
CA PRO F 292 37.35 80.47 21.67
C PRO F 292 36.63 81.33 22.70
N ASP F 293 35.34 81.55 22.44
CA ASP F 293 34.49 82.33 23.34
C ASP F 293 34.00 81.39 24.43
N GLY F 294 32.96 81.79 25.17
CA GLY F 294 32.42 80.96 26.23
C GLY F 294 32.26 79.50 25.81
N ASP F 295 31.29 79.22 24.94
CA ASP F 295 31.08 77.85 24.48
C ASP F 295 32.10 77.41 23.43
N GLY F 296 32.83 78.35 22.83
CA GLY F 296 33.80 77.99 21.81
C GLY F 296 34.91 77.06 22.29
N ARG F 297 35.42 77.29 23.49
CA ARG F 297 36.49 76.44 24.01
C ARG F 297 36.03 75.00 24.17
N GLU F 298 34.79 74.80 24.61
CA GLU F 298 34.26 73.44 24.80
C GLU F 298 34.17 72.71 23.47
N VAL F 299 33.64 73.39 22.45
CA VAL F 299 33.52 72.77 21.14
C VAL F 299 34.90 72.49 20.57
N ILE F 300 35.87 73.37 20.85
CA ILE F 300 37.22 73.15 20.34
C ILE F 300 37.81 71.89 20.98
N GLU F 301 37.55 71.68 22.27
CA GLU F 301 38.05 70.48 22.94
C GLU F 301 37.44 69.24 22.30
N ARG F 302 36.13 69.28 22.04
CA ARG F 302 35.46 68.15 21.41
C ARG F 302 36.05 67.84 20.03
N ILE F 303 36.27 68.90 19.25
CA ILE F 303 36.83 68.74 17.91
C ILE F 303 38.20 68.09 17.97
N VAL F 304 39.05 68.53 18.91
CA VAL F 304 40.39 67.97 19.02
C VAL F 304 40.33 66.49 19.39
N LYS F 305 39.48 66.13 20.36
CA LYS F 305 39.39 64.74 20.76
C LYS F 305 38.93 63.86 19.61
N ARG F 306 37.85 64.26 18.94
CA ARG F 306 37.37 63.47 17.81
C ARG F 306 38.41 63.41 16.70
N LEU F 307 39.19 64.48 16.50
CA LEU F 307 40.20 64.45 15.46
C LEU F 307 41.28 63.43 15.77
N HIS F 308 41.65 63.30 17.04
CA HIS F 308 42.68 62.30 17.38
C HIS F 308 42.14 60.90 17.14
N ALA F 309 40.91 60.64 17.59
CA ALA F 309 40.33 59.31 17.38
C ALA F 309 40.21 59.00 15.90
N LEU F 310 39.90 60.02 15.09
CA LEU F 310 39.76 59.82 13.65
C LEU F 310 41.11 59.52 13.01
N SER F 311 42.13 60.31 13.33
CA SER F 311 43.43 60.07 12.72
C SER F 311 43.91 58.65 13.02
N PHE F 312 43.70 58.19 14.26
CA PHE F 312 44.14 56.83 14.59
C PHE F 312 43.34 55.79 13.82
N HIS F 313 42.01 55.83 13.95
CA HIS F 313 41.16 54.82 13.29
C HIS F 313 41.37 54.78 11.78
N MET F 314 41.54 55.94 11.15
CA MET F 314 41.70 55.99 9.71
C MET F 314 43.07 55.48 9.27
N ARG F 315 44.15 55.94 9.90
CA ARG F 315 45.46 55.47 9.47
C ARG F 315 45.72 54.01 9.82
N ASN F 316 45.04 53.48 10.83
CA ASN F 316 45.29 52.09 11.21
C ASN F 316 44.36 51.07 10.55
N TYR F 317 43.09 51.40 10.34
CA TYR F 317 42.17 50.42 9.77
C TYR F 317 41.84 50.64 8.29
N PHE F 318 41.56 51.88 7.88
CA PHE F 318 41.19 52.12 6.49
C PHE F 318 42.35 51.96 5.51
N TRP F 319 43.59 52.14 5.95
CA TRP F 319 44.72 52.03 5.03
C TRP F 319 44.88 50.60 4.55
N LEU F 320 45.32 50.45 3.29
CA LEU F 320 45.49 49.14 2.68
C LEU F 320 46.60 49.17 1.64
N ASP F 321 47.63 48.35 1.87
CA ASP F 321 48.75 48.18 0.95
C ASP F 321 48.93 46.68 0.76
N HIS F 322 49.99 46.27 0.04
CA HIS F 322 50.18 44.85 -0.20
C HIS F 322 50.40 44.05 1.08
N GLN F 323 51.20 44.60 2.01
CA GLN F 323 51.47 43.89 3.25
C GLN F 323 50.23 43.77 4.12
N ASN F 324 49.46 44.86 4.24
CA ASN F 324 48.24 44.82 5.04
C ASN F 324 47.23 43.86 4.43
N LEU F 325 47.15 43.82 3.10
CA LEU F 325 46.22 42.89 2.46
C LEU F 325 46.65 41.45 2.72
N ASN F 326 47.96 41.19 2.72
CA ASN F 326 48.43 39.85 3.02
C ASN F 326 48.06 39.45 4.44
N ASP F 327 48.17 40.40 5.37
CA ASP F 327 47.81 40.11 6.76
C ASP F 327 46.32 39.83 6.89
N ILE F 328 45.48 40.63 6.24
CA ILE F 328 44.04 40.39 6.30
C ILE F 328 43.70 39.06 5.64
N TYR F 329 44.45 38.69 4.60
CA TYR F 329 44.21 37.41 3.95
C TYR F 329 44.55 36.25 4.89
N ARG F 330 45.47 36.49 5.84
CA ARG F 330 45.87 35.49 6.81
C ARG F 330 45.15 35.65 8.16
N PHE F 331 44.08 36.44 8.19
CA PHE F 331 43.33 36.71 9.42
C PHE F 331 42.58 35.50 9.96
N LYS F 332 42.44 35.48 11.29
CA LYS F 332 41.69 34.49 12.03
C LYS F 332 40.31 35.07 12.31
N THR F 333 39.31 34.21 12.46
CA THR F 333 37.94 34.66 12.68
C THR F 333 37.44 34.35 14.09
N GLU F 334 36.33 35.01 14.45
CA GLU F 334 35.65 34.86 15.73
C GLU F 334 36.60 35.19 16.89
N GLU F 335 37.00 36.46 16.94
CA GLU F 335 37.92 36.97 17.95
C GLU F 335 37.13 37.80 18.95
N TYR F 336 36.75 37.18 20.07
CA TYR F 336 35.98 37.84 21.13
C TYR F 336 36.92 38.24 22.28
N SER F 337 37.58 39.38 22.13
CA SER F 337 38.49 39.89 23.15
C SER F 337 39.02 41.25 22.74
N HIS F 338 39.47 42.02 23.73
CA HIS F 338 40.09 43.31 23.42
C HIS F 338 41.37 43.10 22.65
N THR F 339 42.00 41.94 22.85
CA THR F 339 43.26 41.59 22.23
C THR F 339 42.99 40.67 21.03
N ALA F 340 42.46 41.28 19.98
CA ALA F 340 42.12 40.58 18.76
C ALA F 340 42.90 41.19 17.59
N VAL F 341 43.32 40.33 16.67
CA VAL F 341 44.02 40.81 15.49
C VAL F 341 43.03 41.34 14.48
N ASN F 342 42.03 40.51 14.15
CA ASN F 342 40.95 40.85 13.22
C ASN F 342 39.88 41.54 14.07
N LYS F 343 40.04 42.85 14.24
CA LYS F 343 39.15 43.63 15.09
C LYS F 343 37.70 43.63 14.61
N PHE F 344 37.48 43.68 13.30
CA PHE F 344 36.11 43.77 12.78
C PHE F 344 35.56 42.46 12.24
N ASN F 345 36.26 41.35 12.46
CA ASN F 345 35.80 40.01 12.04
C ASN F 345 35.49 39.92 10.55
N VAL F 346 36.44 40.30 9.72
CA VAL F 346 36.26 40.19 8.27
C VAL F 346 36.59 38.78 7.85
N MET F 347 35.77 38.21 6.97
CA MET F 347 36.02 36.84 6.50
C MET F 347 37.09 36.85 5.43
N PRO F 348 38.22 36.17 5.63
CA PRO F 348 39.26 36.16 4.58
C PRO F 348 38.78 35.60 3.26
N ASP F 349 37.87 34.63 3.27
CA ASP F 349 37.37 34.07 2.03
C ASP F 349 36.44 35.05 1.31
N SER F 350 35.87 36.01 2.04
CA SER F 350 34.97 37.00 1.46
C SER F 350 35.70 38.10 0.70
N ILE F 351 37.02 38.17 0.81
CA ILE F 351 37.77 39.22 0.11
C ILE F 351 37.62 39.00 -1.40
N PRO F 352 37.24 40.02 -2.17
CA PRO F 352 37.05 39.81 -3.61
C PRO F 352 38.35 39.42 -4.30
N GLU F 353 38.20 38.65 -5.38
CA GLU F 353 39.35 38.17 -6.15
C GLU F 353 40.08 39.31 -6.86
N TRP F 354 39.37 40.38 -7.24
CA TRP F 354 40.01 41.48 -7.96
C TRP F 354 41.01 42.23 -7.10
N VAL F 355 40.86 42.19 -5.78
CA VAL F 355 41.75 42.94 -4.89
C VAL F 355 43.17 42.41 -4.98
N PHE F 356 43.35 41.09 -5.00
CA PHE F 356 44.68 40.52 -5.05
C PHE F 356 45.39 40.83 -6.37
N ASP F 357 44.65 40.83 -7.48
CA ASP F 357 45.28 41.13 -8.76
C ASP F 357 45.50 42.62 -8.97
N PHE F 358 44.60 43.47 -8.47
CA PHE F 358 44.73 44.91 -8.63
C PHE F 358 45.82 45.53 -7.76
N MET F 359 46.07 44.98 -6.59
CA MET F 359 47.06 45.55 -5.67
C MET F 359 48.49 45.42 -6.17
N PRO F 360 49.18 46.53 -6.42
CA PRO F 360 50.58 46.45 -6.87
C PRO F 360 51.49 46.26 -5.67
N LEU F 361 52.77 45.98 -5.97
CA LEU F 361 53.73 45.79 -4.88
C LEU F 361 54.03 47.11 -4.17
N ARG F 362 54.17 48.20 -4.93
CA ARG F 362 54.42 49.52 -4.37
C ARG F 362 53.15 50.35 -4.49
N GLY F 363 52.76 50.98 -3.40
CA GLY F 363 51.57 51.80 -3.40
C GLY F 363 50.45 51.20 -2.55
N GLY F 364 49.48 52.05 -2.23
CA GLY F 364 48.34 51.65 -1.43
C GLY F 364 47.26 52.71 -1.52
N TYR F 365 46.18 52.46 -0.79
CA TYR F 365 45.06 53.39 -0.78
C TYR F 365 44.20 53.13 0.45
N PHE F 366 43.23 54.01 0.65
CA PHE F 366 42.31 53.89 1.78
C PHE F 366 41.10 53.08 1.33
N VAL F 367 40.76 52.05 2.10
CA VAL F 367 39.65 51.17 1.77
C VAL F 367 38.33 51.95 1.82
N GLY F 368 37.42 51.62 0.90
CA GLY F 368 36.16 52.33 0.78
C GLY F 368 35.26 52.31 2.01
N ASN F 369 35.24 51.20 2.76
CA ASN F 369 34.36 51.18 3.92
C ASN F 369 34.87 50.17 4.94
N VAL F 370 34.67 50.50 6.23
CA VAL F 370 35.08 49.65 7.33
C VAL F 370 34.01 49.71 8.41
N GLY F 371 33.43 48.56 8.73
CA GLY F 371 32.39 48.47 9.74
C GLY F 371 32.28 47.07 10.31
N PRO F 372 31.24 46.83 11.12
CA PRO F 372 31.07 45.49 11.72
C PRO F 372 30.91 44.41 10.66
N ALA F 373 31.90 43.53 10.55
CA ALA F 373 31.93 42.42 9.59
C ALA F 373 31.82 42.88 8.14
N HIS F 374 31.93 44.17 7.88
CA HIS F 374 31.82 44.73 6.54
C HIS F 374 33.07 45.53 6.19
N MET F 375 33.56 45.35 4.97
CA MET F 375 34.75 46.08 4.52
C MET F 375 34.70 46.15 2.99
N ASP F 376 34.29 47.29 2.46
CA ASP F 376 34.20 47.51 1.02
C ASP F 376 35.58 47.90 0.49
N PHE F 377 36.19 47.01 -0.29
CA PHE F 377 37.54 47.20 -0.82
C PHE F 377 37.63 48.13 -2.03
N ARG F 378 36.52 48.72 -2.48
CA ARG F 378 36.57 49.58 -3.65
C ARG F 378 37.37 50.86 -3.41
N TRP F 379 38.12 51.27 -4.43
CA TRP F 379 38.91 52.49 -4.37
C TRP F 379 38.04 53.67 -4.76
N PHE F 380 37.92 54.65 -3.87
CA PHE F 380 37.11 55.84 -4.12
C PHE F 380 38.08 57.01 -4.29
N ALA F 381 37.94 57.71 -5.42
CA ALA F 381 38.86 58.80 -5.76
C ALA F 381 38.76 59.98 -4.80
N LEU F 382 37.56 60.52 -4.62
CA LEU F 382 37.40 61.70 -3.78
C LEU F 382 37.86 61.44 -2.36
N GLY F 383 37.62 60.24 -1.83
CA GLY F 383 38.03 59.95 -0.47
C GLY F 383 39.54 59.98 -0.30
N ASN F 384 40.26 59.35 -1.22
CA ASN F 384 41.72 59.35 -1.12
C ASN F 384 42.30 60.74 -1.37
N CYS F 385 41.73 61.48 -2.32
CA CYS F 385 42.24 62.81 -2.59
C CYS F 385 42.03 63.74 -1.39
N VAL F 386 40.87 63.66 -0.75
CA VAL F 386 40.65 64.50 0.43
C VAL F 386 41.51 64.02 1.58
N SER F 387 41.76 62.71 1.67
CA SER F 387 42.64 62.21 2.72
C SER F 387 44.04 62.76 2.56
N ILE F 388 44.46 63.00 1.32
CA ILE F 388 45.78 63.57 1.08
C ILE F 388 45.77 65.07 1.35
N LEU F 389 44.75 65.78 0.87
CA LEU F 389 44.68 67.22 1.05
C LEU F 389 44.51 67.61 2.51
N SER F 390 43.73 66.86 3.27
CA SER F 390 43.52 67.16 4.68
C SER F 390 44.66 66.67 5.56
N SER F 391 45.74 66.18 4.95
CA SER F 391 46.90 65.63 5.65
C SER F 391 46.53 64.46 6.54
N LEU F 392 45.33 63.88 6.32
CA LEU F 392 44.92 62.72 7.11
C LEU F 392 45.84 61.55 6.82
N ALA F 393 46.33 61.46 5.60
CA ALA F 393 47.26 60.42 5.20
C ALA F 393 48.69 60.93 5.45
N THR F 394 49.53 60.05 5.98
CA THR F 394 50.90 60.42 6.24
C THR F 394 51.62 60.67 4.91
N PRO F 395 52.75 61.39 4.92
CA PRO F 395 53.47 61.62 3.66
C PRO F 395 53.78 60.31 2.95
N ASP F 396 54.04 59.25 3.71
CA ASP F 396 54.31 57.96 3.09
C ASP F 396 53.04 57.41 2.45
N GLN F 397 51.89 57.57 3.12
CA GLN F 397 50.63 57.11 2.54
C GLN F 397 50.27 57.90 1.30
N SER F 398 50.55 59.20 1.30
CA SER F 398 50.26 60.01 0.11
C SER F 398 51.16 59.58 -1.04
N MET F 399 52.44 59.32 -0.74
CA MET F 399 53.36 58.86 -1.77
C MET F 399 52.92 57.50 -2.30
N ALA F 400 52.38 56.66 -1.41
CA ALA F 400 51.90 55.35 -1.83
C ALA F 400 50.68 55.48 -2.71
N ILE F 401 49.80 56.43 -2.41
CA ILE F 401 48.62 56.62 -3.24
C ILE F 401 49.05 57.09 -4.63
N MET F 402 50.03 57.98 -4.70
CA MET F 402 50.52 58.43 -6.00
C MET F 402 51.22 57.29 -6.73
N ASP F 403 51.94 56.44 -5.99
CA ASP F 403 52.61 55.30 -6.61
C ASP F 403 51.59 54.35 -7.22
N LEU F 404 50.51 54.08 -6.48
CA LEU F 404 49.46 53.21 -6.99
C LEU F 404 48.79 53.85 -8.19
N LEU F 405 48.63 55.17 -8.17
CA LEU F 405 48.03 55.86 -9.30
C LEU F 405 48.90 55.74 -10.54
N GLU F 406 50.23 55.75 -10.36
CA GLU F 406 51.13 55.60 -11.49
C GLU F 406 51.15 54.17 -12.00
N HIS F 407 51.11 53.19 -11.10
CA HIS F 407 51.17 51.79 -11.50
C HIS F 407 49.85 51.33 -12.12
N ARG F 408 48.75 51.52 -11.41
CA ARG F 408 47.44 51.12 -11.93
C ARG F 408 46.72 52.33 -12.54
N TRP F 409 47.41 52.95 -13.50
CA TRP F 409 46.87 54.14 -14.15
C TRP F 409 45.73 53.79 -15.09
N ALA F 410 45.91 52.76 -15.93
CA ALA F 410 44.88 52.39 -16.88
C ALA F 410 43.56 51.99 -16.22
N GLU F 411 43.62 51.46 -15.00
CA GLU F 411 42.38 51.07 -14.33
C GLU F 411 41.69 52.26 -13.66
N LEU F 412 42.44 53.02 -12.86
CA LEU F 412 41.88 54.16 -12.14
C LEU F 412 41.70 55.40 -12.99
N VAL F 413 42.42 55.52 -14.11
CA VAL F 413 42.31 56.71 -14.94
C VAL F 413 41.89 56.37 -16.36
N GLY F 414 42.72 55.60 -17.06
CA GLY F 414 42.41 55.23 -18.43
C GLY F 414 42.49 56.43 -19.37
N GLU F 415 41.65 56.40 -20.41
CA GLU F 415 41.58 57.46 -21.41
C GLU F 415 40.66 58.60 -20.98
N MET F 416 40.49 58.81 -19.68
CA MET F 416 39.64 59.84 -19.11
C MET F 416 40.31 60.23 -17.81
N PRO F 417 39.97 61.39 -17.22
CA PRO F 417 40.64 61.81 -15.98
C PRO F 417 40.55 60.90 -14.78
N LEU F 418 39.37 60.66 -14.22
CA LEU F 418 39.38 59.81 -13.05
C LEU F 418 38.06 59.09 -12.84
N LYS F 419 38.16 57.82 -12.48
CA LYS F 419 37.01 57.00 -12.17
C LYS F 419 36.50 57.37 -10.78
N ILE F 420 35.18 57.48 -10.63
CA ILE F 420 34.67 57.83 -9.31
C ILE F 420 34.94 56.69 -8.33
N CYS F 421 34.99 55.46 -8.82
CA CYS F 421 35.26 54.31 -7.98
C CYS F 421 35.72 53.15 -8.87
N TYR F 422 36.55 52.28 -8.32
CA TYR F 422 37.07 51.12 -9.03
C TYR F 422 37.11 49.92 -8.10
N PRO F 423 36.62 48.75 -8.54
CA PRO F 423 36.00 48.52 -9.85
C PRO F 423 34.50 48.78 -9.81
N CYS F 424 33.75 48.24 -10.76
CA CYS F 424 32.31 48.44 -10.80
C CYS F 424 31.56 47.17 -10.41
N LEU F 425 30.34 47.37 -9.93
CA LEU F 425 29.47 46.27 -9.52
C LEU F 425 28.81 45.66 -10.76
N GLU F 426 28.85 44.34 -10.88
CA GLU F 426 28.28 43.65 -12.03
C GLU F 426 27.42 42.47 -11.60
N GLY F 427 26.39 42.21 -12.40
CA GLY F 427 25.50 41.07 -12.17
C GLY F 427 24.79 41.08 -10.84
N HIS F 428 25.03 40.03 -10.06
CA HIS F 428 24.38 39.89 -8.75
C HIS F 428 24.76 41.04 -7.82
N GLU F 429 26.02 41.49 -7.86
CA GLU F 429 26.41 42.60 -7.01
C GLU F 429 25.59 43.84 -7.36
N TRP F 430 25.37 44.07 -8.65
CA TRP F 430 24.58 45.22 -9.09
C TRP F 430 23.11 45.07 -8.67
N ARG F 431 22.59 43.84 -8.76
CA ARG F 431 21.19 43.60 -8.40
C ARG F 431 20.94 43.82 -6.91
N ILE F 432 21.86 43.38 -6.06
CA ILE F 432 21.68 43.45 -4.61
C ILE F 432 22.13 44.78 -4.01
N VAL F 433 23.30 45.30 -4.41
CA VAL F 433 23.80 46.53 -3.80
C VAL F 433 23.02 47.75 -4.28
N THR F 434 22.89 47.91 -5.59
CA THR F 434 22.17 49.08 -6.10
C THR F 434 20.67 48.89 -6.12
N GLY F 435 20.17 47.70 -5.84
CA GLY F 435 18.73 47.49 -5.88
C GLY F 435 18.20 47.58 -7.28
N CYS F 436 18.95 47.06 -8.25
CA CYS F 436 18.58 47.08 -9.67
C CYS F 436 18.40 48.51 -10.18
N ASP F 437 19.35 49.37 -9.84
CA ASP F 437 19.30 50.76 -10.27
C ASP F 437 19.84 50.85 -11.69
N PRO F 438 19.02 51.27 -12.67
CA PRO F 438 19.51 51.32 -14.05
C PRO F 438 20.44 52.47 -14.39
N LYS F 439 20.49 53.53 -13.58
CA LYS F 439 21.40 54.61 -13.91
C LYS F 439 22.85 54.29 -13.52
N ASN F 440 23.07 53.23 -12.75
CA ASN F 440 24.40 52.83 -12.30
C ASN F 440 24.79 51.48 -12.87
N THR F 441 24.71 51.33 -14.19
CA THR F 441 25.04 50.07 -14.83
C THR F 441 26.56 49.86 -14.83
N ARG F 442 27.02 48.85 -15.57
CA ARG F 442 28.44 48.51 -15.63
C ARG F 442 29.27 49.69 -16.14
N TRP F 443 30.25 50.09 -15.33
CA TRP F 443 31.14 51.20 -15.67
C TRP F 443 30.33 52.42 -16.09
N SER F 444 29.39 52.80 -15.22
CA SER F 444 28.50 53.93 -15.50
C SER F 444 28.55 54.99 -14.42
N TYR F 445 27.53 55.86 -14.40
CA TYR F 445 27.37 57.05 -13.57
C TYR F 445 28.10 57.02 -12.23
N HIS F 446 27.69 56.18 -11.30
CA HIS F 446 28.41 56.06 -10.04
C HIS F 446 29.17 54.75 -9.93
N ASN F 447 28.74 53.74 -10.69
CA ASN F 447 29.33 52.41 -10.66
C ASN F 447 30.47 52.32 -11.68
N GLY F 448 31.59 52.95 -11.32
CA GLY F 448 32.79 52.92 -12.14
C GLY F 448 32.86 53.91 -13.28
N GLY F 449 32.03 54.96 -13.30
CA GLY F 449 32.09 55.93 -14.38
C GLY F 449 33.22 56.92 -14.18
N SER F 450 33.68 57.48 -15.29
CA SER F 450 34.76 58.46 -15.28
C SER F 450 34.16 59.86 -15.17
N TRP F 451 34.63 60.62 -14.18
CA TRP F 451 34.13 61.97 -13.93
C TRP F 451 35.21 63.00 -14.19
N PRO F 452 35.02 63.92 -15.14
CA PRO F 452 36.06 64.93 -15.40
C PRO F 452 36.24 65.92 -14.27
N VAL F 453 35.17 66.25 -13.54
CA VAL F 453 35.26 67.23 -12.46
C VAL F 453 36.28 66.81 -11.41
N LEU F 454 36.49 65.50 -11.25
CA LEU F 454 37.45 65.02 -10.26
C LEU F 454 38.87 65.46 -10.55
N LEU F 455 39.15 65.90 -11.77
CA LEU F 455 40.51 66.29 -12.15
C LEU F 455 41.13 67.27 -11.16
N TRP F 456 40.39 68.32 -10.77
CA TRP F 456 40.97 69.30 -9.87
C TRP F 456 41.42 68.66 -8.56
N GLN F 457 40.63 67.74 -8.01
CA GLN F 457 41.08 67.08 -6.80
C GLN F 457 42.39 66.34 -7.07
N LEU F 458 42.41 65.56 -8.15
CA LEU F 458 43.62 64.84 -8.51
C LEU F 458 44.77 65.80 -8.67
N THR F 459 44.49 66.99 -9.19
CA THR F 459 45.53 67.98 -9.35
C THR F 459 46.04 68.47 -8.01
N ALA F 460 45.12 68.90 -7.13
CA ALA F 460 45.54 69.45 -5.85
C ALA F 460 46.40 68.48 -5.06
N ALA F 461 45.93 67.24 -4.90
CA ALA F 461 46.71 66.27 -4.16
C ALA F 461 48.06 66.03 -4.83
N CYS F 462 48.10 66.06 -6.17
CA CYS F 462 49.36 65.83 -6.84
C CYS F 462 50.36 66.93 -6.51
N ILE F 463 49.87 68.16 -6.38
CA ILE F 463 50.78 69.24 -6.02
C ILE F 463 51.18 69.11 -4.56
N LYS F 464 50.24 68.69 -3.70
CA LYS F 464 50.57 68.56 -2.28
C LYS F 464 51.58 67.45 -2.04
N THR F 465 51.58 66.41 -2.87
CA THR F 465 52.51 65.31 -2.75
C THR F 465 53.81 65.54 -3.51
N GLY F 466 53.91 66.62 -4.28
CA GLY F 466 55.11 66.90 -5.04
C GLY F 466 55.25 66.08 -6.31
N ARG F 467 54.14 65.70 -6.94
CA ARG F 467 54.14 64.92 -8.18
C ARG F 467 53.26 65.63 -9.20
N PRO F 468 53.70 66.78 -9.71
CA PRO F 468 52.89 67.51 -10.70
C PRO F 468 52.81 66.84 -12.07
N GLN F 469 53.77 66.00 -12.44
CA GLN F 469 53.74 65.36 -13.75
C GLN F 469 52.50 64.49 -13.93
N ILE F 470 52.01 63.88 -12.84
CA ILE F 470 50.81 63.05 -12.95
C ILE F 470 49.64 63.92 -13.36
N ALA F 471 49.49 65.06 -12.69
CA ALA F 471 48.42 65.98 -13.02
C ALA F 471 48.58 66.54 -14.42
N ARG F 472 49.83 66.77 -14.86
CA ARG F 472 50.03 67.28 -16.21
C ARG F 472 49.62 66.26 -17.27
N ARG F 473 49.93 64.99 -17.03
CA ARG F 473 49.52 63.95 -17.98
C ARG F 473 47.99 63.86 -18.03
N ALA F 474 47.34 63.91 -16.87
CA ALA F 474 45.88 63.86 -16.86
C ALA F 474 45.28 65.08 -17.53
N VAL F 475 45.91 66.24 -17.36
CA VAL F 475 45.43 67.46 -17.98
C VAL F 475 45.57 67.37 -19.50
N ASP F 476 46.68 66.81 -19.98
CA ASP F 476 46.83 66.66 -21.42
C ASP F 476 45.82 65.67 -21.96
N LEU F 477 45.43 64.67 -21.15
CA LEU F 477 44.42 63.72 -21.57
C LEU F 477 43.05 64.39 -21.67
N ILE F 478 42.76 65.32 -20.76
CA ILE F 478 41.48 66.00 -20.75
C ILE F 478 41.39 67.07 -21.84
N GLU F 479 42.49 67.79 -22.08
CA GLU F 479 42.53 68.85 -23.07
C GLU F 479 42.37 68.36 -24.49
N SER F 480 42.33 67.05 -24.71
CA SER F 480 42.17 66.48 -26.03
C SER F 480 40.74 66.05 -26.34
N ARG F 481 39.88 65.84 -25.34
CA ARG F 481 38.52 65.39 -25.60
C ARG F 481 37.41 66.11 -24.85
N LEU F 482 37.71 66.81 -23.75
CA LEU F 482 36.64 67.47 -23.00
C LEU F 482 35.94 68.55 -23.81
N HIS F 483 36.71 69.41 -24.50
CA HIS F 483 36.09 70.47 -25.28
C HIS F 483 35.39 69.93 -26.53
N ARG F 484 35.96 68.89 -27.14
CA ARG F 484 35.36 68.31 -28.34
C ARG F 484 34.01 67.66 -28.05
N ASP F 485 33.81 67.14 -26.84
CA ASP F 485 32.57 66.48 -26.47
C ASP F 485 31.57 67.40 -25.79
N CYS F 486 31.77 68.71 -25.87
CA CYS F 486 30.87 69.71 -25.30
C CYS F 486 30.73 69.59 -23.77
N TRP F 487 31.84 69.27 -23.10
CA TRP F 487 31.91 69.18 -21.65
C TRP F 487 30.85 68.26 -21.04
N PRO F 488 30.96 66.95 -21.20
CA PRO F 488 29.95 66.04 -20.63
C PRO F 488 30.02 65.98 -19.11
N GLU F 489 28.92 65.51 -18.52
CA GLU F 489 28.84 65.35 -17.07
C GLU F 489 29.72 64.21 -16.58
N TYR F 490 29.66 63.07 -17.27
CA TYR F 490 30.45 61.90 -16.89
C TYR F 490 30.64 61.02 -18.12
N TYR F 491 31.64 60.14 -18.03
CA TYR F 491 31.98 59.20 -19.09
C TYR F 491 31.80 57.77 -18.60
N ASP F 492 31.54 56.87 -19.54
CA ASP F 492 31.34 55.46 -19.23
C ASP F 492 32.36 54.59 -19.96
N GLY F 493 32.53 53.38 -19.43
CA GLY F 493 33.46 52.43 -20.01
C GLY F 493 34.64 52.09 -19.12
N LYS F 494 35.31 50.97 -19.40
CA LYS F 494 36.46 50.57 -18.60
C LYS F 494 37.59 51.60 -18.74
N LEU F 495 37.66 52.27 -19.88
CA LEU F 495 38.65 53.30 -20.14
C LEU F 495 38.05 54.69 -20.23
N GLY F 496 36.72 54.82 -20.18
CA GLY F 496 36.10 56.11 -20.32
C GLY F 496 36.02 56.58 -21.75
N ARG F 497 36.16 55.63 -22.70
CA ARG F 497 36.13 55.95 -24.12
C ARG F 497 34.77 56.49 -24.58
N TYR F 498 33.70 56.13 -23.88
CA TYR F 498 32.35 56.53 -24.25
C TYR F 498 31.77 57.61 -23.35
N VAL F 499 30.97 58.49 -23.95
CA VAL F 499 30.30 59.52 -23.18
C VAL F 499 29.25 58.86 -22.28
N GLY F 500 28.91 59.54 -21.19
CA GLY F 500 27.97 58.97 -20.25
C GLY F 500 26.66 58.56 -20.89
N LYS F 501 26.03 57.55 -20.26
CA LYS F 501 24.75 57.04 -20.75
C LYS F 501 23.67 58.10 -20.69
N GLN F 502 23.66 58.89 -19.61
CA GLN F 502 22.70 59.96 -19.39
C GLN F 502 23.45 61.24 -19.03
N ALA F 503 24.63 61.42 -19.60
CA ALA F 503 25.45 62.59 -19.30
C ALA F 503 24.88 63.86 -19.90
N ARG F 504 24.87 64.92 -19.09
CA ARG F 504 24.41 66.23 -19.52
C ARG F 504 25.59 67.01 -20.09
N LYS F 505 25.43 67.55 -21.29
CA LYS F 505 26.50 68.33 -21.87
C LYS F 505 26.56 69.70 -21.22
N TYR F 506 27.76 70.27 -21.20
CA TYR F 506 28.01 71.59 -20.60
C TYR F 506 27.72 71.60 -19.10
N GLN F 507 28.21 70.59 -18.40
CA GLN F 507 28.04 70.53 -16.95
C GLN F 507 28.94 71.60 -16.33
N THR F 508 28.39 72.36 -15.38
CA THR F 508 29.14 73.47 -14.79
C THR F 508 30.41 73.02 -14.07
N TRP F 509 30.31 72.05 -13.17
CA TRP F 509 31.52 71.69 -12.45
C TRP F 509 32.50 70.90 -13.31
N SER F 510 32.06 70.29 -14.42
CA SER F 510 33.03 69.60 -15.27
C SER F 510 33.97 70.61 -15.91
N ILE F 511 33.49 71.83 -16.14
CA ILE F 511 34.30 72.91 -16.70
C ILE F 511 35.10 73.58 -15.59
N ALA F 512 34.46 73.83 -14.45
CA ALA F 512 35.13 74.47 -13.34
C ALA F 512 36.29 73.64 -12.82
N GLY F 513 36.17 72.32 -12.83
CA GLY F 513 37.26 71.49 -12.36
C GLY F 513 38.48 71.61 -13.26
N TYR F 514 38.25 71.66 -14.57
CA TYR F 514 39.36 71.82 -15.49
C TYR F 514 40.05 73.17 -15.28
N LEU F 515 39.25 74.22 -15.10
CA LEU F 515 39.83 75.54 -14.87
C LEU F 515 40.64 75.58 -13.58
N VAL F 516 40.11 74.99 -12.51
CA VAL F 516 40.81 74.97 -11.22
C VAL F 516 42.11 74.17 -11.33
N ALA F 517 42.07 73.05 -12.04
CA ALA F 517 43.28 72.25 -12.17
C ALA F 517 44.36 72.98 -12.96
N LYS F 518 43.96 73.67 -14.03
CA LYS F 518 44.95 74.40 -14.81
C LYS F 518 45.54 75.54 -13.99
N MET F 519 44.70 76.26 -13.23
CA MET F 519 45.22 77.34 -12.41
C MET F 519 46.12 76.81 -11.29
N LEU F 520 45.83 75.62 -10.77
CA LEU F 520 46.69 75.06 -9.74
C LEU F 520 48.04 74.66 -10.32
N LEU F 521 48.03 74.14 -11.55
CA LEU F 521 49.29 73.79 -12.20
C LEU F 521 50.11 75.03 -12.50
N GLU F 522 49.43 76.14 -12.86
CA GLU F 522 50.14 77.37 -13.17
C GLU F 522 50.70 78.04 -11.93
N ASP F 523 49.97 77.99 -10.81
CA ASP F 523 50.41 78.59 -9.56
C ASP F 523 50.16 77.61 -8.43
N PRO F 524 51.16 76.78 -8.09
CA PRO F 524 50.97 75.80 -7.01
C PRO F 524 50.76 76.44 -5.65
N SER F 525 51.13 77.71 -5.48
CA SER F 525 50.96 78.40 -4.21
C SER F 525 49.52 78.42 -3.74
N HIS F 526 48.57 78.08 -4.62
CA HIS F 526 47.15 78.06 -4.28
C HIS F 526 46.74 76.82 -3.49
N ILE F 527 47.57 75.78 -3.43
CA ILE F 527 47.16 74.57 -2.70
C ILE F 527 46.96 74.84 -1.22
N GLY F 528 47.58 75.88 -0.69
CA GLY F 528 47.35 76.18 0.72
C GLY F 528 45.91 76.56 0.99
N MET F 529 45.22 77.03 -0.05
CA MET F 529 43.81 77.40 0.03
C MET F 529 42.92 76.18 0.22
N ILE F 530 43.40 74.98 -0.15
CA ILE F 530 42.60 73.77 -0.07
C ILE F 530 43.33 72.62 0.64
N SER F 531 44.40 72.93 1.36
CA SER F 531 45.15 71.87 2.04
C SER F 531 45.59 72.32 3.43
N LEU F 532 45.91 71.32 4.25
CA LEU F 532 46.39 71.51 5.61
C LEU F 532 47.60 70.62 5.84
N GLU F 533 48.37 70.92 6.89
CA GLU F 533 49.55 70.12 7.23
C GLU F 533 49.66 69.87 8.72
N HIS G 82 -2.18 -12.79 -12.77
CA HIS G 82 -2.77 -11.95 -13.80
C HIS G 82 -2.48 -12.63 -15.16
N PRO G 83 -3.22 -12.26 -16.21
CA PRO G 83 -3.03 -12.93 -17.52
C PRO G 83 -1.72 -12.76 -18.27
N MET G 84 -1.32 -11.51 -18.51
CA MET G 84 -0.13 -11.34 -19.34
C MET G 84 1.16 -11.55 -18.59
N MET G 85 1.08 -12.38 -17.57
CA MET G 85 2.29 -12.78 -16.89
C MET G 85 2.84 -13.95 -17.67
N ALA G 86 1.92 -14.70 -18.29
CA ALA G 86 2.33 -15.82 -19.13
C ALA G 86 3.06 -15.30 -20.35
N GLU G 87 2.60 -14.15 -20.87
CA GLU G 87 3.27 -13.54 -22.01
C GLU G 87 4.71 -13.23 -21.65
N ALA G 88 4.95 -12.81 -20.40
CA ALA G 88 6.31 -12.51 -20.00
C ALA G 88 7.18 -13.75 -20.11
N TRP G 89 6.62 -14.90 -19.73
CA TRP G 89 7.40 -16.12 -19.81
C TRP G 89 7.67 -16.48 -21.26
N GLU G 90 6.78 -16.09 -22.17
CA GLU G 90 7.05 -16.36 -23.57
C GLU G 90 8.29 -15.62 -24.00
N ALA G 91 8.44 -14.36 -23.55
CA ALA G 91 9.63 -13.59 -23.91
C ALA G 91 10.88 -14.15 -23.25
N LEU G 92 10.77 -14.53 -21.97
CA LEU G 92 11.93 -15.06 -21.27
C LEU G 92 12.44 -16.34 -21.91
N ARG G 93 11.54 -17.20 -22.36
CA ARG G 93 11.99 -18.41 -23.03
C ARG G 93 12.49 -18.10 -24.43
N ARG G 94 12.03 -17.01 -25.04
CA ARG G 94 12.53 -16.66 -26.37
C ARG G 94 13.92 -16.05 -26.31
N SER G 95 14.29 -15.48 -25.16
CA SER G 95 15.59 -14.87 -24.94
C SER G 95 16.65 -15.86 -24.45
N MET G 96 16.49 -17.15 -24.71
CA MET G 96 17.48 -18.11 -24.24
C MET G 96 18.60 -18.29 -25.25
N VAL G 97 19.82 -18.40 -24.73
CA VAL G 97 21.03 -18.57 -25.51
C VAL G 97 21.61 -19.93 -25.15
N PHE G 98 21.80 -20.75 -26.16
CA PHE G 98 22.32 -22.11 -26.08
C PHE G 98 23.70 -22.21 -26.71
N PHE G 99 24.49 -23.14 -26.19
CA PHE G 99 25.84 -23.41 -26.70
C PHE G 99 25.85 -24.90 -27.02
N ARG G 100 25.77 -25.21 -28.32
CA ARG G 100 25.80 -26.59 -28.80
C ARG G 100 24.72 -27.46 -28.17
N GLY G 101 23.54 -26.87 -27.93
CA GLY G 101 22.43 -27.60 -27.35
C GLY G 101 22.18 -27.36 -25.87
N GLN G 102 23.15 -26.83 -25.14
CA GLN G 102 22.87 -26.66 -23.71
C GLN G 102 22.36 -25.26 -23.40
N PRO G 103 21.36 -25.10 -22.54
CA PRO G 103 20.90 -23.75 -22.21
C PRO G 103 21.98 -23.10 -21.35
N VAL G 104 22.59 -22.04 -21.86
CA VAL G 104 23.67 -21.40 -21.12
C VAL G 104 23.22 -20.11 -20.45
N GLY G 105 22.27 -19.41 -21.05
CA GLY G 105 21.85 -18.19 -20.40
C GLY G 105 20.72 -17.50 -21.13
N THR G 106 20.51 -16.24 -20.77
CA THR G 106 19.50 -15.41 -21.40
C THR G 106 20.19 -14.20 -22.03
N LEU G 107 19.55 -13.64 -23.05
CA LEU G 107 20.10 -12.48 -23.72
C LEU G 107 19.93 -11.25 -22.84
N ALA G 108 20.42 -10.12 -23.34
CA ALA G 108 20.31 -8.83 -22.65
C ALA G 108 19.10 -8.05 -23.16
N ALA G 109 18.90 -8.07 -24.47
CA ALA G 109 17.79 -7.42 -25.14
C ALA G 109 17.40 -8.29 -26.34
N VAL G 110 16.10 -8.37 -26.60
CA VAL G 110 15.58 -9.17 -27.71
C VAL G 110 14.86 -8.20 -28.65
N ASP G 111 15.59 -7.69 -29.63
CA ASP G 111 15.02 -6.75 -30.60
C ASP G 111 15.11 -7.32 -32.01
N TYR G 120 24.01 -4.22 -25.70
CA TYR G 120 23.16 -5.17 -24.99
C TYR G 120 22.58 -6.24 -25.91
N ASP G 121 23.43 -7.21 -26.29
CA ASP G 121 23.02 -8.31 -27.16
C ASP G 121 23.67 -9.63 -26.76
N GLN G 122 24.34 -9.68 -25.62
CA GLN G 122 25.05 -10.84 -25.12
C GLN G 122 24.44 -11.29 -23.79
N VAL G 123 25.09 -12.28 -23.17
CA VAL G 123 24.68 -12.81 -21.88
C VAL G 123 25.46 -12.06 -20.83
N PHE G 124 24.80 -11.13 -20.14
CA PHE G 124 25.43 -10.37 -19.07
C PHE G 124 25.16 -11.05 -17.74
N VAL G 125 26.08 -10.88 -16.79
CA VAL G 125 25.93 -11.50 -15.48
C VAL G 125 24.78 -10.86 -14.71
N ARG G 126 24.87 -9.54 -14.51
CA ARG G 126 23.83 -8.83 -13.79
C ARG G 126 22.48 -8.95 -14.48
N ASP G 127 22.47 -9.01 -15.81
CA ASP G 127 21.22 -9.15 -16.54
C ASP G 127 20.64 -10.54 -16.40
N PHE G 128 21.51 -11.55 -16.22
CA PHE G 128 21.06 -12.95 -16.10
C PHE G 128 20.65 -13.33 -14.69
N VAL G 129 21.08 -12.58 -13.67
CA VAL G 129 20.72 -12.91 -12.29
C VAL G 129 19.20 -13.08 -12.11
N PRO G 130 18.37 -12.10 -12.49
CA PRO G 130 16.93 -12.31 -12.30
C PRO G 130 16.37 -13.43 -13.16
N SER G 131 16.87 -13.60 -14.38
CA SER G 131 16.36 -14.70 -15.21
C SER G 131 16.69 -16.04 -14.55
N ALA G 132 17.88 -16.14 -13.96
CA ALA G 132 18.27 -17.35 -13.28
C ALA G 132 17.39 -17.61 -12.07
N LEU G 133 17.04 -16.55 -11.33
CA LEU G 133 16.15 -16.74 -10.19
C LEU G 133 14.78 -17.19 -10.64
N ALA G 134 14.30 -16.67 -11.77
CA ALA G 134 12.99 -17.09 -12.26
C ALA G 134 13.00 -18.57 -12.63
N PHE G 135 14.05 -19.00 -13.33
CA PHE G 135 14.12 -20.42 -13.68
C PHE G 135 14.30 -21.29 -12.44
N LEU G 136 15.04 -20.80 -11.44
CA LEU G 136 15.23 -21.57 -10.21
C LEU G 136 13.91 -21.75 -9.46
N MET G 137 13.08 -20.70 -9.44
CA MET G 137 11.80 -20.80 -8.74
C MET G 137 10.81 -21.65 -9.53
N ASN G 138 10.88 -21.63 -10.86
CA ASN G 138 9.95 -22.42 -11.66
C ASN G 138 10.30 -23.91 -11.66
N GLY G 139 11.52 -24.27 -11.28
CA GLY G 139 11.96 -25.65 -11.27
C GLY G 139 12.79 -26.08 -12.45
N GLU G 140 13.49 -25.15 -13.10
CA GLU G 140 14.35 -25.43 -14.24
C GLU G 140 15.73 -24.89 -13.91
N PRO G 141 16.47 -25.58 -13.04
CA PRO G 141 17.80 -25.11 -12.63
C PRO G 141 18.95 -25.57 -13.51
N ASP G 142 18.70 -26.27 -14.61
CA ASP G 142 19.79 -26.72 -15.45
C ASP G 142 20.46 -25.57 -16.20
N ILE G 143 19.70 -24.53 -16.56
CA ILE G 143 20.29 -23.40 -17.27
C ILE G 143 21.28 -22.67 -16.35
N VAL G 144 20.92 -22.51 -15.07
CA VAL G 144 21.82 -21.87 -14.11
C VAL G 144 23.04 -22.75 -13.92
N LYS G 145 22.84 -24.06 -13.96
CA LYS G 145 23.91 -25.02 -13.81
C LYS G 145 24.95 -24.86 -14.91
N HIS G 146 24.50 -24.75 -16.16
CA HIS G 146 25.44 -24.57 -17.26
C HIS G 146 26.08 -23.18 -17.22
N PHE G 147 25.31 -22.15 -16.83
CA PHE G 147 25.82 -20.78 -16.81
C PHE G 147 26.96 -20.60 -15.82
N LEU G 148 26.77 -21.04 -14.58
CA LEU G 148 27.83 -20.85 -13.58
C LEU G 148 29.12 -21.54 -13.99
N LEU G 149 29.03 -22.77 -14.49
CA LEU G 149 30.22 -23.51 -14.87
C LEU G 149 30.91 -22.89 -16.08
N LYS G 150 30.14 -22.48 -17.10
CA LYS G 150 30.79 -21.89 -18.26
C LYS G 150 31.44 -20.55 -17.90
N THR G 151 30.80 -19.77 -17.02
CA THR G 151 31.41 -18.53 -16.60
C THR G 151 32.70 -18.81 -15.82
N LEU G 152 32.73 -19.92 -15.09
CA LEU G 152 33.95 -20.30 -14.38
C LEU G 152 35.05 -20.60 -15.38
N GLN G 153 34.70 -21.28 -16.48
CA GLN G 153 35.70 -21.56 -17.51
C GLN G 153 36.21 -20.25 -18.08
N LEU G 154 35.32 -19.27 -18.27
CA LEU G 154 35.77 -17.97 -18.77
C LEU G 154 36.70 -17.31 -17.76
N GLN G 155 36.47 -17.57 -16.46
CA GLN G 155 37.33 -17.03 -15.42
C GLN G 155 38.72 -17.61 -15.53
N GLY G 156 38.83 -18.84 -16.06
CA GLY G 156 40.12 -19.48 -16.21
C GLY G 156 40.89 -19.10 -17.46
N TRP G 157 40.50 -17.99 -18.09
CA TRP G 157 41.15 -17.50 -19.30
C TRP G 157 42.31 -16.56 -19.02
N GLU G 158 43.16 -16.40 -20.04
CA GLU G 158 44.29 -15.49 -20.00
C GLU G 158 43.81 -14.18 -20.60
N LYS G 159 43.54 -13.20 -19.73
CA LYS G 159 43.04 -11.90 -20.14
C LYS G 159 44.18 -10.89 -20.26
N ARG G 160 44.09 -10.02 -21.28
CA ARG G 160 45.11 -9.02 -21.54
C ARG G 160 44.51 -7.70 -22.03
N VAL G 161 45.01 -6.59 -21.49
CA VAL G 161 44.57 -5.25 -21.87
C VAL G 161 45.85 -4.45 -22.17
N ASP G 162 46.15 -4.30 -23.47
CA ASP G 162 47.25 -3.60 -24.13
C ASP G 162 48.63 -4.19 -23.87
N ARG G 163 48.94 -4.47 -22.61
CA ARG G 163 50.16 -5.10 -22.14
C ARG G 163 49.99 -5.57 -20.71
N PHE G 164 48.79 -5.38 -20.17
CA PHE G 164 48.51 -5.66 -18.77
C PHE G 164 47.70 -6.94 -18.65
N LYS G 165 48.24 -7.89 -17.89
CA LYS G 165 47.61 -9.17 -17.65
C LYS G 165 46.64 -8.99 -16.50
N LEU G 166 45.36 -9.30 -16.75
CA LEU G 166 44.33 -9.13 -15.74
C LEU G 166 44.45 -10.17 -14.62
N GLY G 167 43.66 -9.95 -13.57
CA GLY G 167 43.67 -10.83 -12.43
C GLY G 167 43.27 -12.25 -12.76
N GLU G 168 43.66 -13.17 -11.87
CA GLU G 168 43.36 -14.58 -12.07
C GLU G 168 41.87 -14.87 -11.93
N GLY G 169 41.24 -14.34 -10.88
CA GLY G 169 39.84 -14.56 -10.62
C GLY G 169 38.88 -13.57 -11.25
N VAL G 170 39.35 -12.71 -12.16
CA VAL G 170 38.48 -11.73 -12.78
C VAL G 170 37.43 -12.43 -13.63
N MET G 171 36.16 -12.11 -13.36
CA MET G 171 34.98 -12.63 -14.03
C MET G 171 34.60 -11.72 -15.20
N PRO G 172 34.17 -12.28 -16.32
CA PRO G 172 33.83 -11.46 -17.47
C PRO G 172 32.55 -10.66 -17.26
N ALA G 173 32.47 -9.52 -17.96
CA ALA G 173 31.29 -8.68 -17.88
C ALA G 173 30.18 -9.21 -18.78
N SER G 174 30.55 -9.80 -19.92
CA SER G 174 29.53 -10.32 -20.83
C SER G 174 30.18 -11.34 -21.76
N PHE G 175 29.35 -12.07 -22.49
CA PHE G 175 29.86 -13.04 -23.44
C PHE G 175 28.75 -13.45 -24.39
N LYS G 176 29.12 -13.77 -25.63
CA LYS G 176 28.17 -14.20 -26.63
C LYS G 176 28.71 -15.47 -27.29
N VAL G 177 27.79 -16.23 -27.88
CA VAL G 177 28.13 -17.47 -28.56
C VAL G 177 28.10 -17.20 -30.05
N LEU G 178 29.06 -17.78 -30.77
CA LEU G 178 29.18 -17.59 -32.22
C LEU G 178 29.31 -18.95 -32.89
N HIS G 179 28.26 -19.35 -33.61
CA HIS G 179 28.26 -20.63 -34.31
C HIS G 179 29.03 -20.49 -35.62
N ASP G 180 29.59 -21.61 -36.08
CA ASP G 180 30.36 -21.62 -37.32
C ASP G 180 30.21 -22.93 -38.06
N THR G 185 29.66 -25.18 -34.93
CA THR G 185 30.73 -24.97 -33.96
C THR G 185 30.56 -23.64 -33.24
N ASP G 186 30.05 -23.70 -32.01
CA ASP G 186 29.83 -22.50 -31.23
C ASP G 186 31.11 -22.05 -30.57
N ASN G 187 31.47 -20.79 -30.80
CA ASN G 187 32.64 -20.19 -30.20
C ASN G 187 32.16 -19.15 -29.21
N ILE G 188 32.65 -19.24 -27.98
CA ILE G 188 32.30 -18.28 -26.94
C ILE G 188 33.31 -17.15 -26.94
N VAL G 189 32.80 -15.92 -26.83
CA VAL G 189 33.64 -14.71 -26.80
C VAL G 189 33.21 -13.90 -25.59
N ALA G 190 34.17 -13.56 -24.75
CA ALA G 190 33.88 -12.85 -23.52
C ALA G 190 34.51 -11.47 -23.53
N ASP G 191 33.87 -10.58 -22.78
CA ASP G 191 34.26 -9.20 -22.59
C ASP G 191 34.46 -8.99 -21.10
N PHE G 192 35.71 -8.67 -20.73
CA PHE G 192 36.12 -8.40 -19.36
C PHE G 192 36.38 -6.91 -19.14
N GLY G 193 36.14 -6.08 -20.15
CA GLY G 193 36.41 -4.66 -20.03
C GLY G 193 37.27 -4.20 -21.19
N GLU G 194 37.80 -5.15 -21.95
CA GLU G 194 38.66 -4.81 -23.09
C GLU G 194 37.89 -4.05 -24.17
N SER G 195 36.66 -4.47 -24.46
CA SER G 195 35.81 -3.84 -25.46
C SER G 195 34.78 -2.89 -24.87
N ALA G 196 34.57 -2.93 -23.55
CA ALA G 196 33.56 -2.11 -22.91
C ALA G 196 33.79 -0.62 -23.13
N ILE G 197 32.68 0.11 -23.28
CA ILE G 197 32.74 1.55 -23.47
C ILE G 197 33.32 2.19 -22.22
N GLY G 198 34.38 2.97 -22.39
CA GLY G 198 35.03 3.60 -21.27
C GLY G 198 35.96 2.70 -20.50
N ARG G 199 36.12 1.43 -20.93
CA ARG G 199 36.99 0.46 -20.28
C ARG G 199 36.62 0.25 -18.81
N VAL G 200 35.31 0.15 -18.54
CA VAL G 200 34.85 -0.05 -17.17
C VAL G 200 35.11 -1.50 -16.74
N ALA G 201 35.28 -1.69 -15.44
CA ALA G 201 35.56 -3.00 -14.87
C ALA G 201 34.35 -3.54 -14.11
N PRO G 202 33.90 -4.75 -14.41
CA PRO G 202 32.74 -5.37 -13.72
C PRO G 202 33.11 -6.02 -12.38
N VAL G 203 33.16 -5.18 -11.34
CA VAL G 203 33.52 -5.67 -10.02
C VAL G 203 32.40 -6.56 -9.46
N ASP G 204 31.14 -6.21 -9.76
CA ASP G 204 29.99 -6.95 -9.25
C ASP G 204 29.80 -8.32 -9.90
N SER G 205 30.46 -8.61 -11.02
CA SER G 205 30.26 -9.90 -11.69
C SER G 205 30.65 -11.08 -10.81
N GLY G 206 31.78 -10.98 -10.12
CA GLY G 206 32.20 -12.09 -9.27
C GLY G 206 31.27 -12.27 -8.08
N PHE G 207 30.87 -11.17 -7.46
CA PHE G 207 29.96 -11.25 -6.33
C PHE G 207 28.63 -11.85 -6.75
N TRP G 208 28.15 -11.46 -7.94
CA TRP G 208 26.91 -12.02 -8.44
C TRP G 208 27.07 -13.51 -8.74
N TRP G 209 28.25 -13.93 -9.21
CA TRP G 209 28.46 -15.35 -9.46
C TRP G 209 28.36 -16.15 -8.16
N ILE G 210 29.03 -15.67 -7.11
CA ILE G 210 28.99 -16.37 -5.83
C ILE G 210 27.57 -16.38 -5.27
N ILE G 211 26.87 -15.25 -5.35
CA ILE G 211 25.51 -15.18 -4.83
C ILE G 211 24.59 -16.11 -5.62
N LEU G 212 24.78 -16.17 -6.95
CA LEU G 212 23.96 -17.05 -7.76
C LEU G 212 24.25 -18.51 -7.44
N LEU G 213 25.51 -18.84 -7.14
CA LEU G 213 25.84 -20.20 -6.77
C LEU G 213 25.14 -20.58 -5.47
N ARG G 214 25.13 -19.66 -4.51
CA ARG G 214 24.45 -19.93 -3.24
C ARG G 214 22.95 -20.08 -3.46
N ALA G 215 22.38 -19.25 -4.34
CA ALA G 215 20.95 -19.33 -4.62
C ALA G 215 20.60 -20.66 -5.28
N TYR G 216 21.47 -21.14 -6.17
CA TYR G 216 21.22 -22.42 -6.83
C TYR G 216 21.27 -23.56 -5.83
N THR G 217 22.34 -23.61 -5.02
CA THR G 217 22.46 -24.69 -4.05
C THR G 217 21.34 -24.66 -3.02
N LYS G 218 20.81 -23.47 -2.71
CA LYS G 218 19.72 -23.42 -1.74
C LYS G 218 18.37 -23.77 -2.39
N SER G 219 18.17 -23.37 -3.64
CA SER G 219 16.91 -23.66 -4.33
C SER G 219 16.78 -25.15 -4.67
N THR G 220 17.88 -25.79 -5.04
CA THR G 220 17.85 -27.20 -5.41
C THR G 220 18.23 -28.14 -4.28
N GLY G 221 19.03 -27.70 -3.31
CA GLY G 221 19.47 -28.57 -2.26
C GLY G 221 20.57 -29.51 -2.68
N ASP G 222 21.00 -29.44 -3.93
CA ASP G 222 22.06 -30.26 -4.51
C ASP G 222 23.38 -29.56 -4.23
N LEU G 223 24.00 -29.92 -3.10
CA LEU G 223 25.27 -29.35 -2.67
C LEU G 223 26.45 -29.80 -3.50
N THR G 224 26.26 -30.76 -4.40
CA THR G 224 27.37 -31.29 -5.19
C THR G 224 28.00 -30.23 -6.09
N LEU G 225 27.20 -29.35 -6.68
CA LEU G 225 27.76 -28.35 -7.61
C LEU G 225 28.72 -27.40 -6.89
N SER G 226 28.33 -26.87 -5.74
CA SER G 226 29.19 -25.93 -5.02
C SER G 226 30.45 -26.59 -4.47
N GLU G 227 30.40 -27.89 -4.19
CA GLU G 227 31.55 -28.59 -3.61
C GLU G 227 32.53 -29.12 -4.64
N THR G 228 32.27 -28.96 -5.94
CA THR G 228 33.23 -29.42 -6.93
C THR G 228 34.51 -28.58 -6.83
N PRO G 229 35.67 -29.16 -7.15
CA PRO G 229 36.91 -28.37 -7.06
C PRO G 229 36.88 -27.10 -7.90
N GLU G 230 36.18 -27.13 -9.04
CA GLU G 230 36.12 -25.94 -9.90
C GLU G 230 35.43 -24.78 -9.19
N CYS G 231 34.27 -25.04 -8.58
CA CYS G 231 33.56 -23.96 -7.90
C CYS G 231 34.31 -23.47 -6.67
N GLN G 232 34.94 -24.38 -5.93
CA GLN G 232 35.70 -23.95 -4.76
C GLN G 232 36.87 -23.07 -5.17
N LYS G 233 37.58 -23.47 -6.23
CA LYS G 233 38.69 -22.67 -6.72
C LYS G 233 38.22 -21.33 -7.25
N GLY G 234 37.08 -21.29 -7.95
CA GLY G 234 36.58 -20.03 -8.46
C GLY G 234 36.21 -19.09 -7.33
N MET G 235 35.58 -19.62 -6.29
CA MET G 235 35.22 -18.81 -5.13
C MET G 235 36.47 -18.25 -4.49
N LYS G 236 37.49 -19.11 -4.29
CA LYS G 236 38.73 -18.67 -3.69
C LYS G 236 39.44 -17.63 -4.56
N LEU G 237 39.35 -17.77 -5.88
CA LEU G 237 40.01 -16.81 -6.76
C LEU G 237 39.37 -15.42 -6.62
N ILE G 238 38.04 -15.38 -6.65
CA ILE G 238 37.35 -14.09 -6.52
C ILE G 238 37.59 -13.51 -5.15
N LEU G 239 37.61 -14.36 -4.11
CA LEU G 239 37.85 -13.87 -2.76
C LEU G 239 39.29 -13.39 -2.58
N SER G 240 40.25 -14.04 -3.23
CA SER G 240 41.63 -13.61 -3.09
C SER G 240 41.84 -12.29 -3.82
N LEU G 241 41.04 -12.04 -4.85
CA LEU G 241 41.13 -10.76 -5.55
C LEU G 241 40.46 -9.65 -4.75
N CYS G 242 39.39 -10.00 -4.02
CA CYS G 242 38.65 -8.99 -3.26
C CYS G 242 39.26 -8.68 -1.89
N LEU G 243 39.82 -9.68 -1.20
CA LEU G 243 40.42 -9.47 0.10
C LEU G 243 41.92 -9.18 0.07
N ALA G 244 42.50 -8.91 -1.09
CA ALA G 244 43.94 -8.66 -1.18
C ALA G 244 44.37 -7.45 -0.37
N GLU G 245 45.60 -7.51 0.14
CA GLU G 245 46.18 -6.44 0.95
C GLU G 245 46.53 -5.24 0.10
N GLY G 246 46.49 -4.06 0.72
CA GLY G 246 46.82 -2.84 0.00
C GLY G 246 46.99 -1.67 0.96
N PHE G 247 47.23 -0.51 0.37
CA PHE G 247 47.38 0.74 1.10
C PHE G 247 46.08 1.23 1.71
N ASP G 248 44.99 0.52 1.43
CA ASP G 248 43.66 0.90 1.92
C ASP G 248 43.60 0.99 3.44
N THR G 249 43.04 2.11 3.92
CA THR G 249 42.82 2.35 5.33
C THR G 249 41.36 2.17 5.70
N PHE G 250 40.55 1.65 4.77
CA PHE G 250 39.13 1.40 4.88
C PHE G 250 38.85 -0.08 4.64
N PRO G 251 37.95 -0.68 5.43
CA PRO G 251 37.63 -2.09 5.20
C PRO G 251 36.88 -2.29 3.89
N THR G 252 36.19 -1.25 3.41
CA THR G 252 35.44 -1.32 2.17
C THR G 252 36.37 -1.44 0.97
N LEU G 253 35.80 -1.90 -0.14
CA LEU G 253 36.55 -2.10 -1.38
C LEU G 253 36.59 -0.82 -2.22
N LEU G 254 37.81 -0.39 -2.56
CA LEU G 254 37.97 0.80 -3.38
C LEU G 254 37.51 0.48 -4.80
N CYS G 255 36.83 1.44 -5.43
CA CYS G 255 36.30 1.21 -6.77
C CYS G 255 36.48 2.42 -7.67
N ALA G 256 36.66 2.13 -8.95
CA ALA G 256 36.75 3.15 -9.99
C ALA G 256 35.34 3.45 -10.47
N ASP G 257 35.18 4.59 -11.13
CA ASP G 257 33.85 4.97 -11.60
C ASP G 257 33.35 3.99 -12.67
N GLY G 258 32.05 3.68 -12.61
CA GLY G 258 31.47 2.77 -13.58
C GLY G 258 31.78 1.31 -13.35
N CYS G 259 31.82 0.86 -12.09
CA CYS G 259 32.14 -0.53 -11.80
C CYS G 259 30.91 -1.43 -11.66
N SER G 260 29.86 -0.95 -11.00
CA SER G 260 28.64 -1.72 -10.80
C SER G 260 27.77 -1.63 -12.06
N MET G 261 26.53 -2.15 -11.99
CA MET G 261 25.57 -2.11 -13.09
C MET G 261 25.55 -0.73 -13.74
N ILE G 262 25.91 0.30 -12.97
CA ILE G 262 26.01 1.64 -13.51
C ILE G 262 27.38 1.63 -14.15
N ASP G 263 27.43 1.30 -15.44
CA ASP G 263 28.66 1.18 -16.21
C ASP G 263 29.19 2.50 -16.75
N ARG G 264 28.66 3.64 -16.33
CA ARG G 264 29.14 4.92 -16.82
C ARG G 264 29.59 5.80 -15.66
N ARG G 265 30.22 6.92 -16.00
CA ARG G 265 30.72 7.84 -14.99
C ARG G 265 29.55 8.51 -14.28
N MET G 266 29.43 8.27 -12.98
CA MET G 266 28.35 8.84 -12.19
C MET G 266 28.79 9.33 -10.82
N GLY G 267 30.06 9.20 -10.48
CA GLY G 267 30.54 9.60 -9.17
C GLY G 267 30.43 8.52 -8.13
N VAL G 268 30.34 7.26 -8.57
CA VAL G 268 30.20 6.11 -7.68
C VAL G 268 31.58 5.54 -7.39
N TYR G 269 32.61 6.34 -7.62
CA TYR G 269 33.97 5.90 -7.35
C TYR G 269 34.19 5.86 -5.84
N GLY G 270 35.18 5.08 -5.41
CA GLY G 270 35.44 5.01 -3.99
C GLY G 270 34.83 3.81 -3.31
N TYR G 271 33.82 4.04 -2.48
CA TYR G 271 33.14 2.97 -1.74
C TYR G 271 31.63 3.08 -1.87
N PRO G 272 31.08 2.79 -3.05
CA PRO G 272 29.62 2.87 -3.22
C PRO G 272 28.91 1.73 -2.49
N ILE G 273 27.73 2.05 -1.96
CA ILE G 273 26.96 1.05 -1.21
C ILE G 273 26.61 -0.18 -2.05
N GLU G 274 26.45 -0.04 -3.35
CA GLU G 274 26.11 -1.21 -4.16
C GLU G 274 27.22 -2.25 -4.11
N ILE G 275 28.46 -1.82 -4.31
CA ILE G 275 29.58 -2.75 -4.30
C ILE G 275 29.82 -3.28 -2.89
N GLN G 276 29.70 -2.42 -1.87
CA GLN G 276 29.93 -2.89 -0.50
C GLN G 276 28.87 -3.89 -0.07
N ALA G 277 27.61 -3.65 -0.44
CA ALA G 277 26.55 -4.58 -0.07
C ALA G 277 26.71 -5.91 -0.80
N LEU G 278 27.04 -5.86 -2.09
CA LEU G 278 27.26 -7.09 -2.83
C LEU G 278 28.46 -7.83 -2.27
N PHE G 279 29.47 -7.08 -1.81
CA PHE G 279 30.66 -7.64 -1.20
C PHE G 279 30.32 -8.39 0.08
N PHE G 280 29.51 -7.76 0.93
CA PHE G 280 29.09 -8.38 2.20
C PHE G 280 28.28 -9.65 1.94
N MET G 281 27.33 -9.58 0.99
CA MET G 281 26.52 -10.76 0.70
C MET G 281 27.36 -11.87 0.10
N ALA G 282 28.31 -11.52 -0.78
CA ALA G 282 29.16 -12.54 -1.38
C ALA G 282 30.04 -13.19 -0.33
N LEU G 283 30.50 -12.41 0.67
CA LEU G 283 31.32 -12.99 1.72
C LEU G 283 30.53 -13.99 2.55
N ARG G 284 29.31 -13.60 2.96
CA ARG G 284 28.49 -14.50 3.77
C ARG G 284 28.10 -15.75 2.97
N SER G 285 27.71 -15.57 1.71
CA SER G 285 27.34 -16.73 0.91
C SER G 285 28.56 -17.58 0.60
N ALA G 286 29.76 -16.99 0.63
CA ALA G 286 30.97 -17.77 0.41
C ALA G 286 31.20 -18.68 1.61
N LEU G 287 30.98 -18.14 2.82
CA LEU G 287 31.13 -18.99 4.00
C LEU G 287 30.07 -20.08 4.00
N SER G 288 28.91 -19.78 3.42
CA SER G 288 27.82 -20.76 3.38
C SER G 288 28.14 -22.00 2.53
N MET G 289 29.18 -21.95 1.68
CA MET G 289 29.47 -23.11 0.85
C MET G 289 30.95 -23.40 0.62
N LEU G 290 31.85 -22.90 1.47
CA LEU G 290 33.28 -23.13 1.30
C LEU G 290 33.75 -24.29 2.16
N LYS G 291 34.57 -25.19 1.57
CA LYS G 291 35.12 -26.36 2.27
C LYS G 291 36.42 -25.98 2.98
N PRO G 292 36.58 -26.35 4.25
CA PRO G 292 37.81 -25.99 5.00
C PRO G 292 38.97 -26.96 4.79
N ASP G 293 39.52 -26.94 3.58
CA ASP G 293 40.67 -27.78 3.25
C ASP G 293 41.92 -27.07 3.73
N GLY G 294 43.10 -27.48 3.24
CA GLY G 294 44.36 -26.87 3.62
C GLY G 294 44.28 -25.35 3.65
N ASP G 295 44.21 -24.73 2.47
CA ASP G 295 44.11 -23.27 2.40
C ASP G 295 42.71 -22.76 2.74
N GLY G 296 41.69 -23.63 2.73
CA GLY G 296 40.34 -23.18 3.01
C GLY G 296 40.12 -22.58 4.38
N ARG G 297 40.72 -23.18 5.42
CA ARG G 297 40.53 -22.64 6.77
C ARG G 297 41.11 -21.24 6.91
N GLU G 298 42.28 -21.01 6.30
CA GLU G 298 42.91 -19.69 6.37
C GLU G 298 42.06 -18.64 5.65
N VAL G 299 41.53 -19.00 4.47
CA VAL G 299 40.68 -18.07 3.73
C VAL G 299 39.42 -17.79 4.54
N ILE G 300 38.91 -18.80 5.24
CA ILE G 300 37.72 -18.63 6.07
C ILE G 300 38.00 -17.64 7.18
N GLU G 301 39.20 -17.71 7.78
CA GLU G 301 39.55 -16.77 8.82
C GLU G 301 39.57 -15.35 8.26
N ARG G 302 40.15 -15.17 7.08
CA ARG G 302 40.20 -13.85 6.46
C ARG G 302 38.80 -13.32 6.20
N ILE G 303 37.92 -14.18 5.68
CA ILE G 303 36.55 -13.78 5.38
C ILE G 303 35.84 -13.33 6.64
N VAL G 304 36.01 -14.06 7.74
CA VAL G 304 35.35 -13.68 8.99
C VAL G 304 35.86 -12.33 9.49
N LYS G 305 37.18 -12.13 9.42
CA LYS G 305 37.76 -10.87 9.89
C LYS G 305 37.21 -9.69 9.10
N ARG G 306 37.26 -9.80 7.78
CA ARG G 306 36.76 -8.72 6.94
C ARG G 306 35.27 -8.51 7.12
N LEU G 307 34.51 -9.59 7.38
CA LEU G 307 33.07 -9.43 7.59
C LEU G 307 32.78 -8.64 8.85
N HIS G 308 33.57 -8.86 9.91
CA HIS G 308 33.33 -8.11 11.14
C HIS G 308 33.65 -6.63 10.92
N ALA G 309 34.80 -6.35 10.29
CA ALA G 309 35.16 -4.96 10.03
C ALA G 309 34.12 -4.29 9.14
N LEU G 310 33.58 -5.03 8.18
CA LEU G 310 32.58 -4.48 7.27
C LEU G 310 31.27 -4.19 8.00
N SER G 311 30.77 -5.15 8.78
CA SER G 311 29.52 -4.91 9.48
C SER G 311 29.63 -3.67 10.36
N PHE G 312 30.76 -3.51 11.05
CA PHE G 312 30.92 -2.33 11.90
C PHE G 312 30.95 -1.05 11.08
N HIS G 313 31.85 -0.99 10.09
CA HIS G 313 32.01 0.22 9.29
C HIS G 313 30.71 0.62 8.59
N MET G 314 29.95 -0.37 8.09
CA MET G 314 28.71 -0.05 7.38
C MET G 314 27.61 0.40 8.31
N ARG G 315 27.38 -0.32 9.42
CA ARG G 315 26.31 0.10 10.31
C ARG G 315 26.62 1.39 11.05
N ASN G 316 27.90 1.74 11.22
CA ASN G 316 28.22 2.95 11.96
C ASN G 316 28.42 4.19 11.08
N TYR G 317 28.98 4.05 9.88
CA TYR G 317 29.23 5.24 9.06
C TYR G 317 28.25 5.43 7.91
N PHE G 318 27.94 4.36 7.15
CA PHE G 318 27.05 4.51 6.01
C PHE G 318 25.59 4.74 6.41
N TRP G 319 25.17 4.28 7.58
CA TRP G 319 23.77 4.47 7.97
C TRP G 319 23.48 5.95 8.19
N LEU G 320 22.26 6.36 7.84
CA LEU G 320 21.86 7.75 7.96
C LEU G 320 20.36 7.85 8.21
N ASP G 321 19.99 8.44 9.35
CA ASP G 321 18.61 8.70 9.72
C ASP G 321 18.52 10.17 10.13
N HIS G 322 17.36 10.59 10.63
CA HIS G 322 17.19 12.00 10.97
C HIS G 322 18.14 12.41 12.10
N GLN G 323 18.28 11.56 13.12
CA GLN G 323 19.16 11.90 14.23
C GLN G 323 20.62 11.93 13.79
N ASN G 324 21.04 10.95 12.99
CA ASN G 324 22.42 10.93 12.52
C ASN G 324 22.73 12.13 11.64
N LEU G 325 21.76 12.52 10.79
CA LEU G 325 21.99 13.68 9.94
C LEU G 325 22.09 14.95 10.79
N ASN G 326 21.26 15.03 11.85
CA ASN G 326 21.33 16.18 12.74
C ASN G 326 22.69 16.25 13.41
N ASP G 327 23.24 15.08 13.78
CA ASP G 327 24.55 15.05 14.41
C ASP G 327 25.66 15.47 13.45
N ILE G 328 25.61 14.97 12.21
CA ILE G 328 26.63 15.34 11.23
C ILE G 328 26.54 16.83 10.91
N TYR G 329 25.34 17.41 10.95
CA TYR G 329 25.19 18.83 10.69
C TYR G 329 25.89 19.67 11.74
N ARG G 330 26.05 19.13 12.95
CA ARG G 330 26.71 19.79 14.07
C ARG G 330 28.16 19.36 14.23
N PHE G 331 28.72 18.69 13.23
CA PHE G 331 30.09 18.21 13.29
C PHE G 331 31.12 19.34 13.25
N LYS G 332 32.24 19.10 13.93
CA LYS G 332 33.39 19.99 13.93
C LYS G 332 34.37 19.45 12.90
N THR G 333 35.20 20.34 12.35
CA THR G 333 36.14 19.93 11.32
C THR G 333 37.58 19.93 11.81
N GLU G 334 38.43 19.27 11.02
CA GLU G 334 39.86 19.15 11.28
C GLU G 334 40.15 18.52 12.65
N GLU G 335 39.74 17.26 12.78
CA GLU G 335 39.89 16.48 14.00
C GLU G 335 40.99 15.43 13.78
N TYR G 336 42.20 15.74 14.24
CA TYR G 336 43.36 14.86 14.12
C TYR G 336 43.55 14.11 15.44
N SER G 337 42.85 12.98 15.58
CA SER G 337 42.96 12.18 16.79
C SER G 337 42.20 10.88 16.63
N HIS G 338 42.58 9.88 17.44
CA HIS G 338 41.86 8.61 17.42
C HIS G 338 40.45 8.79 17.95
N THR G 339 40.25 9.75 18.85
CA THR G 339 38.95 10.03 19.46
C THR G 339 38.34 11.27 18.81
N ALA G 340 37.90 11.07 17.57
CA ALA G 340 37.28 12.14 16.79
C ALA G 340 35.87 11.71 16.40
N VAL G 341 34.94 12.66 16.39
CA VAL G 341 33.57 12.35 15.99
C VAL G 341 33.47 12.34 14.47
N ASN G 342 33.95 13.40 13.83
CA ASN G 342 33.96 13.52 12.37
C ASN G 342 35.22 12.82 11.89
N LYS G 343 35.10 11.49 11.76
CA LYS G 343 36.23 10.65 11.38
C LYS G 343 36.76 10.97 9.99
N PHE G 344 35.87 11.27 9.04
CA PHE G 344 36.28 11.50 7.67
C PHE G 344 36.36 12.96 7.27
N ASN G 345 36.26 13.89 8.23
CA ASN G 345 36.37 15.33 7.98
C ASN G 345 35.40 15.84 6.92
N VAL G 346 34.13 15.55 7.12
CA VAL G 346 33.10 16.03 6.19
C VAL G 346 32.73 17.47 6.56
N MET G 347 32.60 18.32 5.56
CA MET G 347 32.25 19.71 5.83
C MET G 347 30.75 19.81 6.04
N PRO G 348 30.27 20.26 7.21
CA PRO G 348 28.83 20.36 7.42
C PRO G 348 28.15 21.30 6.43
N ASP G 349 28.83 22.35 5.99
CA ASP G 349 28.26 23.27 5.02
C ASP G 349 28.15 22.63 3.64
N SER G 350 28.95 21.60 3.37
CA SER G 350 28.93 20.92 2.08
C SER G 350 27.75 19.97 1.91
N ILE G 351 27.01 19.70 2.98
CA ILE G 351 25.86 18.79 2.86
C ILE G 351 24.82 19.43 1.95
N PRO G 352 24.35 18.75 0.90
CA PRO G 352 23.37 19.36 0.00
C PRO G 352 22.07 19.67 0.71
N GLU G 353 21.40 20.71 0.21
CA GLU G 353 20.13 21.18 0.78
C GLU G 353 19.01 20.16 0.63
N TRP G 354 19.04 19.32 -0.41
CA TRP G 354 17.97 18.36 -0.62
C TRP G 354 17.93 17.30 0.48
N VAL G 355 19.06 17.03 1.13
CA VAL G 355 19.09 15.99 2.16
C VAL G 355 18.21 16.35 3.35
N PHE G 356 18.29 17.61 3.80
CA PHE G 356 17.51 18.02 4.97
C PHE G 356 16.01 17.95 4.69
N ASP G 357 15.58 18.30 3.48
CA ASP G 357 14.16 18.24 3.16
C ASP G 357 13.69 16.81 2.86
N PHE G 358 14.57 15.98 2.29
CA PHE G 358 14.22 14.61 1.94
C PHE G 358 14.12 13.70 3.16
N MET G 359 14.89 13.95 4.21
CA MET G 359 14.89 13.08 5.39
C MET G 359 13.60 13.17 6.19
N PRO G 360 12.83 12.09 6.31
CA PRO G 360 11.62 12.11 7.12
C PRO G 360 11.96 11.90 8.59
N LEU G 361 10.96 12.09 9.44
CA LEU G 361 11.19 11.90 10.87
C LEU G 361 11.39 10.43 11.20
N ARG G 362 10.61 9.55 10.58
CA ARG G 362 10.71 8.11 10.78
C ARG G 362 11.33 7.49 9.55
N GLY G 363 12.35 6.66 9.73
CA GLY G 363 13.00 6.01 8.60
C GLY G 363 14.41 6.52 8.38
N GLY G 364 15.16 5.75 7.59
CA GLY G 364 16.53 6.07 7.25
C GLY G 364 16.99 5.21 6.10
N TYR G 365 18.25 5.39 5.71
CA TYR G 365 18.81 4.64 4.60
C TYR G 365 20.32 4.67 4.68
N PHE G 366 20.96 3.89 3.81
CA PHE G 366 22.42 3.83 3.75
C PHE G 366 22.94 4.86 2.75
N VAL G 367 23.91 5.66 3.19
CA VAL G 367 24.48 6.72 2.35
C VAL G 367 25.21 6.10 1.16
N GLY G 368 25.12 6.77 0.01
CA GLY G 368 25.71 6.25 -1.22
C GLY G 368 27.22 6.03 -1.19
N ASN G 369 27.96 6.90 -0.51
CA ASN G 369 29.41 6.72 -0.50
C ASN G 369 30.00 7.41 0.72
N VAL G 370 31.06 6.81 1.26
CA VAL G 370 31.77 7.34 2.43
C VAL G 370 33.26 7.13 2.20
N GLY G 371 34.02 8.23 2.21
CA GLY G 371 35.45 8.17 2.01
C GLY G 371 36.15 9.38 2.58
N PRO G 372 37.45 9.53 2.30
CA PRO G 372 38.19 10.68 2.82
C PRO G 372 37.62 12.01 2.34
N ALA G 373 37.04 12.78 3.28
CA ALA G 373 36.43 14.09 3.03
C ALA G 373 35.29 14.04 2.02
N HIS G 374 34.84 12.86 1.63
CA HIS G 374 33.76 12.72 0.66
C HIS G 374 32.65 11.86 1.24
N MET G 375 31.40 12.25 0.99
CA MET G 375 30.23 11.51 1.48
C MET G 375 29.07 11.82 0.56
N ASP G 376 28.77 10.88 -0.35
CA ASP G 376 27.67 11.04 -1.30
C ASP G 376 26.38 10.60 -0.62
N PHE G 377 25.49 11.56 -0.36
CA PHE G 377 24.23 11.33 0.34
C PHE G 377 23.14 10.74 -0.54
N ARG G 378 23.42 10.45 -1.81
CA ARG G 378 22.40 9.92 -2.70
C ARG G 378 21.94 8.52 -2.27
N TRP G 379 20.63 8.30 -2.39
CA TRP G 379 20.03 7.01 -2.08
C TRP G 379 20.13 6.09 -3.28
N PHE G 380 20.79 4.94 -3.11
CA PHE G 380 20.95 3.97 -4.19
C PHE G 380 20.06 2.77 -3.84
N ALA G 381 19.21 2.39 -4.79
CA ALA G 381 18.24 1.33 -4.57
C ALA G 381 18.86 -0.03 -4.34
N LEU G 382 19.69 -0.48 -5.29
CA LEU G 382 20.27 -1.82 -5.16
C LEU G 382 21.12 -1.94 -3.90
N GLY G 383 21.83 -0.87 -3.53
CA GLY G 383 22.66 -0.96 -2.34
C GLY G 383 21.85 -1.20 -1.07
N ASN G 384 20.76 -0.45 -0.89
CA ASN G 384 19.93 -0.63 0.29
C ASN G 384 19.20 -1.97 0.27
N CYS G 385 18.71 -2.39 -0.91
CA CYS G 385 18.02 -3.67 -0.99
C CYS G 385 18.94 -4.82 -0.67
N VAL G 386 20.18 -4.78 -1.18
CA VAL G 386 21.13 -5.85 -0.87
C VAL G 386 21.53 -5.77 0.59
N SER G 387 21.61 -4.55 1.15
CA SER G 387 21.95 -4.43 2.56
C SER G 387 20.88 -5.08 3.43
N ILE G 388 19.63 -5.05 2.96
CA ILE G 388 18.54 -5.68 3.70
C ILE G 388 18.56 -7.19 3.51
N LEU G 389 18.72 -7.65 2.27
CA LEU G 389 18.71 -9.09 2.00
C LEU G 389 19.91 -9.80 2.63
N SER G 390 21.08 -9.18 2.64
CA SER G 390 22.26 -9.80 3.22
C SER G 390 22.30 -9.67 4.73
N SER G 391 21.23 -9.16 5.34
CA SER G 391 21.15 -8.94 6.78
C SER G 391 22.22 -7.97 7.26
N LEU G 392 22.84 -7.24 6.33
CA LEU G 392 23.84 -6.25 6.71
C LEU G 392 23.21 -5.16 7.54
N ALA G 393 21.96 -4.83 7.22
CA ALA G 393 21.21 -3.83 7.97
C ALA G 393 20.46 -4.55 9.09
N THR G 394 20.47 -3.94 10.27
CA THR G 394 19.78 -4.54 11.39
C THR G 394 18.28 -4.53 11.13
N PRO G 395 17.50 -5.36 11.83
CA PRO G 395 16.05 -5.35 11.60
C PRO G 395 15.47 -3.96 11.77
N ASP G 396 16.03 -3.16 12.68
CA ASP G 396 15.57 -1.79 12.85
C ASP G 396 15.92 -0.95 11.63
N GLN G 397 17.11 -1.16 11.06
CA GLN G 397 17.49 -0.42 9.86
C GLN G 397 16.64 -0.83 8.67
N SER G 398 16.31 -2.12 8.57
CA SER G 398 15.46 -2.56 7.47
C SER G 398 14.06 -1.96 7.60
N MET G 399 13.53 -1.92 8.82
CA MET G 399 12.22 -1.31 9.04
C MET G 399 12.30 0.17 8.75
N ALA G 400 13.43 0.81 9.05
CA ALA G 400 13.58 2.23 8.76
C ALA G 400 13.65 2.47 7.27
N ILE G 401 14.28 1.57 6.52
CA ILE G 401 14.33 1.73 5.07
C ILE G 401 12.93 1.63 4.49
N MET G 402 12.14 0.68 4.98
CA MET G 402 10.76 0.56 4.50
C MET G 402 9.94 1.77 4.90
N ASP G 403 10.19 2.30 6.11
CA ASP G 403 9.46 3.48 6.58
C ASP G 403 9.77 4.68 5.70
N LEU G 404 11.05 4.87 5.38
CA LEU G 404 11.45 5.97 4.52
C LEU G 404 10.87 5.79 3.12
N LEU G 405 10.79 4.55 2.66
CA LEU G 405 10.20 4.28 1.34
C LEU G 405 8.72 4.65 1.35
N GLU G 406 8.05 4.44 2.48
CA GLU G 406 6.63 4.77 2.58
C GLU G 406 6.40 6.27 2.66
N HIS G 407 7.27 6.99 3.36
CA HIS G 407 7.07 8.44 3.49
C HIS G 407 7.41 9.17 2.19
N ARG G 408 8.60 8.92 1.63
CA ARG G 408 9.02 9.55 0.39
C ARG G 408 8.85 8.59 -0.79
N TRP G 409 7.62 8.12 -0.99
CA TRP G 409 7.34 7.15 -2.05
C TRP G 409 7.41 7.79 -3.43
N ALA G 410 6.76 8.95 -3.61
CA ALA G 410 6.76 9.58 -4.93
C ALA G 410 8.16 9.92 -5.41
N GLU G 411 9.10 10.13 -4.49
CA GLU G 411 10.47 10.46 -4.87
C GLU G 411 11.25 9.22 -5.30
N LEU G 412 11.23 8.18 -4.47
CA LEU G 412 11.98 6.97 -4.77
C LEU G 412 11.28 6.03 -5.77
N VAL G 413 9.96 6.14 -5.93
CA VAL G 413 9.27 5.25 -6.85
C VAL G 413 8.50 6.00 -7.94
N GLY G 414 7.54 6.83 -7.52
CA GLY G 414 6.73 7.55 -8.49
C GLY G 414 5.76 6.62 -9.18
N GLU G 415 5.48 6.92 -10.46
CA GLU G 415 4.55 6.09 -11.23
C GLU G 415 5.20 4.85 -11.81
N MET G 416 6.49 4.62 -11.58
CA MET G 416 7.15 3.46 -12.13
C MET G 416 8.31 3.03 -11.24
N PRO G 417 8.23 1.86 -10.59
CA PRO G 417 9.35 1.43 -9.76
C PRO G 417 10.44 0.85 -10.64
N LEU G 418 11.67 0.96 -10.17
CA LEU G 418 12.01 1.70 -8.97
C LEU G 418 13.17 2.61 -9.36
N LYS G 419 13.25 3.81 -8.79
CA LYS G 419 14.32 4.72 -9.15
C LYS G 419 15.68 4.11 -8.77
N ILE G 420 16.63 4.20 -9.71
CA ILE G 420 17.96 3.63 -9.47
C ILE G 420 18.71 4.45 -8.42
N CYS G 421 18.46 5.75 -8.37
CA CYS G 421 19.12 6.61 -7.40
C CYS G 421 18.33 7.90 -7.27
N TYR G 422 18.40 8.51 -6.09
CA TYR G 422 17.69 9.76 -5.82
C TYR G 422 18.58 10.67 -5.00
N PRO G 423 18.68 11.96 -5.36
CA PRO G 423 18.06 12.54 -6.55
C PRO G 423 19.00 12.43 -7.75
N CYS G 424 18.77 13.24 -8.78
CA CYS G 424 19.60 13.22 -9.97
C CYS G 424 20.49 14.45 -10.02
N LEU G 425 21.60 14.31 -10.74
CA LEU G 425 22.54 15.41 -10.90
C LEU G 425 22.03 16.37 -11.97
N GLU G 426 22.03 17.66 -11.67
CA GLU G 426 21.55 18.68 -12.58
C GLU G 426 22.52 19.85 -12.68
N GLY G 427 22.55 20.46 -13.87
CA GLY G 427 23.38 21.62 -14.12
C GLY G 427 24.86 21.39 -13.92
N HIS G 428 25.45 22.15 -13.01
CA HIS G 428 26.88 22.06 -12.75
C HIS G 428 27.28 20.67 -12.28
N GLU G 429 26.45 20.05 -11.44
CA GLU G 429 26.77 18.71 -10.96
C GLU G 429 26.86 17.71 -12.10
N TRP G 430 25.97 17.82 -13.09
CA TRP G 430 26.01 16.88 -14.21
C TRP G 430 27.26 17.05 -15.06
N ARG G 431 27.64 18.30 -15.35
CA ARG G 431 28.82 18.55 -16.16
C ARG G 431 30.10 18.12 -15.45
N ILE G 432 30.17 18.31 -14.13
CA ILE G 432 31.40 17.98 -13.43
C ILE G 432 31.48 16.51 -13.07
N VAL G 433 30.40 15.92 -12.53
CA VAL G 433 30.44 14.52 -12.12
C VAL G 433 30.38 13.59 -13.32
N THR G 434 29.42 13.79 -14.23
CA THR G 434 29.32 12.89 -15.36
C THR G 434 30.28 13.23 -16.50
N GLY G 435 30.95 14.37 -16.43
CA GLY G 435 31.86 14.73 -17.52
C GLY G 435 31.10 15.03 -18.78
N CYS G 436 29.94 15.70 -18.67
CA CYS G 436 29.09 16.05 -19.81
C CYS G 436 28.63 14.79 -20.54
N ASP G 437 28.20 13.79 -19.77
CA ASP G 437 27.73 12.54 -20.34
C ASP G 437 26.29 12.72 -20.79
N PRO G 438 25.99 12.61 -22.08
CA PRO G 438 24.61 12.84 -22.54
C PRO G 438 23.63 11.70 -22.28
N LYS G 439 24.08 10.48 -22.00
CA LYS G 439 23.10 9.43 -21.75
C LYS G 439 22.52 9.50 -20.35
N ASN G 440 23.17 10.23 -19.44
CA ASN G 440 22.71 10.37 -18.07
C ASN G 440 22.16 11.79 -17.81
N THR G 441 21.14 12.19 -18.56
CA THR G 441 20.56 13.51 -18.40
C THR G 441 19.70 13.57 -17.15
N ARG G 442 18.94 14.66 -17.00
CA ARG G 442 18.08 14.84 -15.84
C ARG G 442 17.05 13.73 -15.74
N TRP G 443 17.04 13.04 -14.59
CA TRP G 443 16.10 11.94 -14.35
C TRP G 443 16.11 10.97 -15.51
N SER G 444 17.31 10.51 -15.87
CA SER G 444 17.50 9.60 -16.99
C SER G 444 18.20 8.29 -16.62
N TYR G 445 18.70 7.59 -17.63
CA TYR G 445 19.31 6.26 -17.56
C TYR G 445 19.93 5.88 -16.22
N HIS G 446 21.03 6.51 -15.82
CA HIS G 446 21.58 6.21 -14.50
C HIS G 446 21.38 7.35 -13.52
N ASN G 447 21.17 8.55 -14.05
CA ASN G 447 20.99 9.77 -13.26
C ASN G 447 19.50 9.96 -12.94
N GLY G 448 19.02 9.14 -12.01
CA GLY G 448 17.63 9.23 -11.57
C GLY G 448 16.58 8.55 -12.41
N GLY G 449 16.95 7.64 -13.31
CA GLY G 449 15.94 6.95 -14.11
C GLY G 449 15.26 5.83 -13.35
N SER G 450 14.04 5.52 -13.77
CA SER G 450 13.25 4.46 -13.15
C SER G 450 13.54 3.16 -13.88
N TRP G 451 13.93 2.14 -13.13
CA TRP G 451 14.26 0.83 -13.71
C TRP G 451 13.27 -0.22 -13.25
N PRO G 452 12.53 -0.85 -14.17
CA PRO G 452 11.56 -1.88 -13.76
C PRO G 452 12.21 -3.12 -13.18
N VAL G 453 13.40 -3.49 -13.67
CA VAL G 453 14.09 -4.69 -13.20
C VAL G 453 14.34 -4.66 -11.71
N LEU G 454 14.49 -3.47 -11.13
CA LEU G 454 14.73 -3.36 -9.70
C LEU G 454 13.56 -3.87 -8.86
N LEU G 455 12.38 -4.02 -9.47
CA LEU G 455 11.20 -4.45 -8.73
C LEU G 455 11.45 -5.70 -7.90
N TRP G 456 12.06 -6.72 -8.49
CA TRP G 456 12.26 -7.96 -7.73
C TRP G 456 13.06 -7.70 -6.47
N GLN G 457 14.10 -6.87 -6.54
CA GLN G 457 14.85 -6.58 -5.32
C GLN G 457 13.92 -5.95 -4.29
N LEU G 458 13.15 -4.94 -4.72
CA LEU G 458 12.22 -4.30 -3.82
C LEU G 458 11.26 -5.32 -3.26
N THR G 459 10.89 -6.31 -4.07
CA THR G 459 10.00 -7.35 -3.60
C THR G 459 10.66 -8.20 -2.52
N ALA G 460 11.87 -8.70 -2.81
CA ALA G 460 12.55 -9.57 -1.85
C ALA G 460 12.73 -8.87 -0.51
N ALA G 461 13.29 -7.66 -0.54
CA ALA G 461 13.48 -6.90 0.70
C ALA G 461 12.17 -6.68 1.42
N CYS G 462 11.07 -6.54 0.68
CA CYS G 462 9.77 -6.33 1.32
C CYS G 462 9.31 -7.59 2.05
N ILE G 463 9.58 -8.76 1.48
CA ILE G 463 9.16 -10.00 2.13
C ILE G 463 10.03 -10.28 3.35
N LYS G 464 11.34 -10.04 3.23
CA LYS G 464 12.24 -10.29 4.35
C LYS G 464 11.94 -9.37 5.53
N THR G 465 11.48 -8.15 5.25
CA THR G 465 11.17 -7.20 6.31
C THR G 465 9.74 -7.31 6.82
N GLY G 466 8.91 -8.14 6.20
CA GLY G 466 7.54 -8.28 6.63
C GLY G 466 6.61 -7.16 6.23
N ARG G 467 6.87 -6.52 5.08
CA ARG G 467 6.05 -5.42 4.56
C ARG G 467 5.64 -5.72 3.13
N PRO G 468 4.74 -6.69 2.93
CA PRO G 468 4.32 -7.05 1.56
C PRO G 468 3.46 -6.01 0.85
N GLN G 469 2.78 -5.12 1.57
CA GLN G 469 1.92 -4.13 0.93
C GLN G 469 2.69 -3.23 -0.03
N ILE G 470 3.96 -2.92 0.30
CA ILE G 470 4.75 -2.08 -0.58
C ILE G 470 4.98 -2.79 -1.91
N ALA G 471 5.33 -4.07 -1.84
CA ALA G 471 5.52 -4.86 -3.05
C ALA G 471 4.23 -5.01 -3.82
N ARG G 472 3.09 -5.10 -3.11
CA ARG G 472 1.82 -5.24 -3.82
C ARG G 472 1.53 -3.97 -4.60
N ARG G 473 1.80 -2.81 -4.00
CA ARG G 473 1.58 -1.55 -4.70
C ARG G 473 2.50 -1.43 -5.90
N ALA G 474 3.77 -1.81 -5.74
CA ALA G 474 4.70 -1.73 -6.86
C ALA G 474 4.28 -2.69 -7.97
N VAL G 475 3.77 -3.86 -7.62
CA VAL G 475 3.33 -4.81 -8.63
C VAL G 475 2.14 -4.24 -9.38
N ASP G 476 1.22 -3.57 -8.66
CA ASP G 476 0.09 -2.97 -9.35
C ASP G 476 0.56 -1.84 -10.26
N LEU G 477 1.65 -1.16 -9.87
CA LEU G 477 2.18 -0.10 -10.73
C LEU G 477 2.74 -0.69 -12.01
N ILE G 478 3.42 -1.84 -11.91
CA ILE G 478 3.97 -2.48 -13.10
C ILE G 478 2.88 -3.23 -13.85
N GLU G 479 1.94 -3.86 -13.14
CA GLU G 479 0.89 -4.59 -13.86
C GLU G 479 -0.11 -3.61 -14.48
N SER G 480 0.38 -2.51 -15.03
CA SER G 480 -0.46 -1.52 -15.67
C SER G 480 0.17 -0.86 -16.90
N ARG G 481 1.50 -0.80 -16.99
CA ARG G 481 2.17 -0.15 -18.11
C ARG G 481 3.36 -0.91 -18.68
N LEU G 482 3.99 -1.84 -17.95
CA LEU G 482 5.15 -2.53 -18.48
C LEU G 482 4.82 -3.33 -19.74
N HIS G 483 3.71 -4.07 -19.73
CA HIS G 483 3.36 -4.85 -20.90
C HIS G 483 2.87 -3.97 -22.04
N ARG G 484 2.16 -2.89 -21.71
CA ARG G 484 1.65 -1.99 -22.75
C ARG G 484 2.78 -1.27 -23.48
N ASP G 485 3.90 -1.01 -22.81
CA ASP G 485 5.03 -0.32 -23.41
C ASP G 485 6.07 -1.26 -24.00
N CYS G 486 5.72 -2.54 -24.19
CA CYS G 486 6.61 -3.54 -24.77
C CYS G 486 7.89 -3.75 -23.96
N TRP G 487 7.76 -3.71 -22.64
CA TRP G 487 8.85 -3.95 -21.69
C TRP G 487 10.08 -3.08 -21.94
N PRO G 488 10.03 -1.78 -21.67
CA PRO G 488 11.20 -0.94 -21.91
C PRO G 488 12.34 -1.24 -20.93
N GLU G 489 13.55 -0.81 -21.32
CA GLU G 489 14.72 -1.02 -20.48
C GLU G 489 14.68 -0.14 -19.24
N TYR G 490 14.32 1.14 -19.41
CA TYR G 490 14.26 2.07 -18.30
C TYR G 490 13.31 3.20 -18.66
N TYR G 491 12.86 3.92 -17.63
CA TYR G 491 11.95 5.05 -17.78
C TYR G 491 12.65 6.32 -17.31
N ASP G 492 12.23 7.45 -17.87
CA ASP G 492 12.80 8.74 -17.53
C ASP G 492 11.74 9.67 -16.96
N GLY G 493 12.20 10.69 -16.24
CA GLY G 493 11.32 11.66 -15.64
C GLY G 493 11.34 11.65 -14.13
N LYS G 494 10.85 12.73 -13.52
CA LYS G 494 10.81 12.80 -12.06
C LYS G 494 9.90 11.73 -11.49
N LEU G 495 8.86 11.34 -12.24
CA LEU G 495 7.91 10.31 -11.82
C LEU G 495 8.01 9.05 -12.65
N GLY G 496 8.82 9.04 -13.70
CA GLY G 496 8.94 7.87 -14.56
C GLY G 496 7.80 7.71 -15.54
N ARG G 497 7.03 8.77 -15.78
CA ARG G 497 5.91 8.75 -16.71
C ARG G 497 6.33 8.54 -18.16
N TYR G 498 7.56 8.88 -18.50
CA TYR G 498 8.05 8.78 -19.87
C TYR G 498 8.99 7.60 -20.06
N VAL G 499 8.94 7.01 -21.26
CA VAL G 499 9.83 5.91 -21.60
C VAL G 499 11.25 6.46 -21.69
N GLY G 500 12.23 5.58 -21.49
CA GLY G 500 13.61 6.01 -21.51
C GLY G 500 13.99 6.71 -22.81
N LYS G 501 14.98 7.60 -22.71
CA LYS G 501 15.45 8.34 -23.86
C LYS G 501 16.07 7.41 -24.90
N GLN G 502 16.82 6.41 -24.43
CA GLN G 502 17.47 5.42 -25.29
C GLN G 502 17.15 4.02 -24.81
N ALA G 503 15.94 3.83 -24.27
CA ALA G 503 15.53 2.55 -23.74
C ALA G 503 15.25 1.54 -24.85
N ARG G 504 15.74 0.32 -24.65
CA ARG G 504 15.53 -0.78 -25.58
C ARG G 504 14.25 -1.52 -25.19
N LYS G 505 13.36 -1.71 -26.16
CA LYS G 505 12.14 -2.44 -25.85
C LYS G 505 12.44 -3.93 -25.74
N TYR G 506 11.63 -4.61 -24.93
CA TYR G 506 11.78 -6.05 -24.69
C TYR G 506 13.12 -6.38 -24.03
N GLN G 507 13.46 -5.62 -23.00
CA GLN G 507 14.70 -5.89 -22.27
C GLN G 507 14.49 -7.17 -21.48
N THR G 508 15.46 -8.08 -21.54
CA THR G 508 15.32 -9.38 -20.88
C THR G 508 15.17 -9.29 -19.38
N TRP G 509 16.08 -8.58 -18.70
CA TRP G 509 15.95 -8.55 -17.25
C TRP G 509 14.80 -7.69 -16.78
N SER G 510 14.29 -6.76 -17.59
CA SER G 510 13.13 -5.99 -17.14
C SER G 510 11.93 -6.92 -17.02
N ILE G 511 11.88 -7.97 -17.84
CA ILE G 511 10.80 -8.95 -17.80
C ILE G 511 11.08 -9.98 -16.71
N ALA G 512 12.33 -10.44 -16.62
CA ALA G 512 12.69 -11.45 -15.64
C ALA G 512 12.51 -10.93 -14.21
N GLY G 513 12.80 -9.65 -13.97
CA GLY G 513 12.62 -9.11 -12.64
C GLY G 513 11.16 -9.09 -12.24
N TYR G 514 10.28 -8.76 -13.19
CA TYR G 514 8.86 -8.76 -12.90
C TYR G 514 8.38 -10.17 -12.59
N LEU G 515 8.83 -11.15 -13.38
CA LEU G 515 8.44 -12.52 -13.14
C LEU G 515 8.92 -13.00 -11.77
N VAL G 516 10.15 -12.67 -11.41
CA VAL G 516 10.70 -13.08 -10.11
C VAL G 516 9.92 -12.43 -8.98
N ALA G 517 9.55 -11.15 -9.14
CA ALA G 517 8.80 -10.48 -8.09
C ALA G 517 7.43 -11.13 -7.90
N LYS G 518 6.78 -11.49 -9.00
CA LYS G 518 5.47 -12.13 -8.87
C LYS G 518 5.62 -13.52 -8.24
N MET G 519 6.68 -14.25 -8.61
CA MET G 519 6.89 -15.57 -8.02
C MET G 519 7.17 -15.46 -6.53
N LEU G 520 7.85 -14.38 -6.11
CA LEU G 520 8.13 -14.18 -4.70
C LEU G 520 6.85 -13.81 -3.95
N LEU G 521 5.98 -13.02 -4.57
CA LEU G 521 4.72 -12.67 -3.93
C LEU G 521 3.83 -13.90 -3.78
N GLU G 522 3.88 -14.80 -4.76
CA GLU G 522 3.05 -16.00 -4.70
C GLU G 522 3.57 -16.99 -3.67
N ASP G 523 4.89 -17.13 -3.55
CA ASP G 523 5.52 -18.05 -2.60
C ASP G 523 6.66 -17.33 -1.90
N PRO G 524 6.40 -16.71 -0.76
CA PRO G 524 7.48 -16.01 -0.05
C PRO G 524 8.58 -16.92 0.46
N SER G 525 8.32 -18.24 0.55
CA SER G 525 9.33 -19.18 1.01
C SER G 525 10.59 -19.15 0.17
N HIS G 526 10.55 -18.50 -0.99
CA HIS G 526 11.70 -18.40 -1.87
C HIS G 526 12.72 -17.36 -1.43
N ILE G 527 12.36 -16.46 -0.50
CA ILE G 527 13.34 -15.44 -0.11
C ILE G 527 14.55 -16.05 0.58
N GLY G 528 14.43 -17.25 1.14
CA GLY G 528 15.60 -17.86 1.74
C GLY G 528 16.66 -18.15 0.71
N MET G 529 16.26 -18.29 -0.55
CA MET G 529 17.16 -18.52 -1.67
C MET G 529 18.02 -17.30 -1.97
N ILE G 530 17.59 -16.12 -1.52
CA ILE G 530 18.30 -14.87 -1.80
C ILE G 530 18.53 -14.03 -0.55
N SER G 531 18.41 -14.62 0.64
CA SER G 531 18.60 -13.84 1.85
C SER G 531 19.37 -14.64 2.91
N LEU G 532 19.93 -13.90 3.86
CA LEU G 532 20.69 -14.44 4.97
C LEU G 532 20.22 -13.78 6.25
N GLU G 533 20.56 -14.38 7.39
CA GLU G 533 20.16 -13.83 8.68
C GLU G 533 21.29 -13.91 9.71
N HIS H 82 75.50 31.46 -2.32
CA HIS H 82 74.79 32.65 -1.86
C HIS H 82 74.93 32.74 -0.34
N PRO H 83 75.11 33.98 0.18
CA PRO H 83 75.29 34.17 1.63
C PRO H 83 74.22 33.59 2.56
N MET H 84 72.97 33.99 2.36
CA MET H 84 71.98 33.51 3.31
C MET H 84 71.51 32.10 3.03
N MET H 85 72.39 31.32 2.42
CA MET H 85 72.13 29.91 2.25
C MET H 85 72.62 29.25 3.52
N ALA H 86 73.60 29.91 4.17
CA ALA H 86 74.12 29.38 5.42
C ALA H 86 73.05 29.46 6.49
N GLU H 87 72.25 30.54 6.46
CA GLU H 87 71.14 30.66 7.38
C GLU H 87 70.18 29.51 7.14
N ALA H 88 70.01 29.15 5.86
CA ALA H 88 69.13 28.04 5.52
C ALA H 88 69.63 26.76 6.16
N TRP H 89 70.94 26.60 6.25
CA TRP H 89 71.42 25.38 6.88
C TRP H 89 71.21 25.42 8.39
N GLU H 90 71.30 26.60 9.01
CA GLU H 90 71.11 26.66 10.46
C GLU H 90 69.74 26.12 10.82
N ALA H 91 68.72 26.58 10.10
CA ALA H 91 67.37 26.08 10.38
C ALA H 91 67.30 24.60 10.09
N LEU H 92 67.97 24.15 9.02
CA LEU H 92 67.94 22.73 8.72
C LEU H 92 68.57 21.94 9.85
N ARG H 93 69.65 22.46 10.44
CA ARG H 93 70.25 21.75 11.56
C ARG H 93 69.44 21.93 12.83
N ARG H 94 68.65 23.01 12.93
CA ARG H 94 67.83 23.21 14.11
C ARG H 94 66.59 22.33 14.12
N SER H 95 66.14 21.90 12.94
CA SER H 95 64.96 21.06 12.81
C SER H 95 65.28 19.57 12.93
N MET H 96 66.38 19.21 13.58
CA MET H 96 66.73 17.81 13.71
C MET H 96 66.12 17.24 14.99
N VAL H 97 65.61 16.01 14.89
CA VAL H 97 65.00 15.29 16.00
C VAL H 97 65.85 14.07 16.27
N PHE H 98 66.25 13.89 17.52
CA PHE H 98 67.09 12.77 17.90
C PHE H 98 66.30 11.76 18.72
N PHE H 99 66.60 10.48 18.49
CA PHE H 99 65.94 9.37 19.17
C PHE H 99 67.04 8.45 19.70
N ARG H 100 67.19 8.42 21.03
CA ARG H 100 68.19 7.60 21.72
C ARG H 100 69.62 7.96 21.32
N GLY H 101 69.87 9.23 21.03
CA GLY H 101 71.20 9.71 20.68
C GLY H 101 71.50 9.82 19.21
N GLN H 102 70.77 9.08 18.36
CA GLN H 102 71.09 9.16 16.94
C GLN H 102 70.14 10.09 16.21
N PRO H 103 70.62 10.91 15.28
CA PRO H 103 69.73 11.79 14.53
C PRO H 103 68.91 10.94 13.57
N VAL H 104 67.59 10.96 13.71
CA VAL H 104 66.74 10.12 12.88
C VAL H 104 66.07 10.90 11.75
N GLY H 105 65.80 12.18 11.97
CA GLY H 105 65.17 12.93 10.90
C GLY H 105 65.02 14.39 11.23
N THR H 106 64.21 15.05 10.41
CA THR H 106 63.92 16.47 10.54
C THR H 106 62.43 16.67 10.81
N LEU H 107 62.13 17.80 11.45
CA LEU H 107 60.77 18.17 11.75
C LEU H 107 60.04 18.60 10.48
N ALA H 108 58.76 18.94 10.63
CA ALA H 108 57.95 19.42 9.52
C ALA H 108 57.91 20.95 9.49
N ALA H 109 57.75 21.56 10.65
CA ALA H 109 57.72 23.01 10.81
C ALA H 109 58.37 23.32 12.16
N VAL H 110 59.13 24.40 12.23
CA VAL H 110 59.81 24.81 13.46
C VAL H 110 59.27 26.20 13.81
N ASP H 111 58.23 26.23 14.63
CA ASP H 111 57.62 27.49 15.04
C ASP H 111 57.75 27.68 16.55
N TYR H 120 51.60 19.64 11.39
CA TYR H 120 52.98 19.62 10.90
C TYR H 120 53.99 19.89 12.00
N ASP H 121 54.20 18.88 12.87
CA ASP H 121 55.15 18.99 13.96
C ASP H 121 55.89 17.68 14.20
N GLN H 122 55.81 16.74 13.26
CA GLN H 122 56.43 15.43 13.36
C GLN H 122 57.37 15.21 12.17
N VAL H 123 57.90 13.99 12.08
CA VAL H 123 58.81 13.63 10.99
C VAL H 123 57.95 12.99 9.90
N PHE H 124 57.72 13.73 8.83
CA PHE H 124 56.94 13.23 7.71
C PHE H 124 57.89 12.67 6.66
N VAL H 125 57.41 11.68 5.90
CA VAL H 125 58.24 11.05 4.87
C VAL H 125 58.52 12.03 3.74
N ARG H 126 57.46 12.52 3.09
CA ARG H 126 57.62 13.46 2.00
C ARG H 126 58.32 14.74 2.46
N ASP H 127 58.11 15.15 3.70
CA ASP H 127 58.76 16.35 4.22
C ASP H 127 60.24 16.11 4.47
N PHE H 128 60.62 14.87 4.81
CA PHE H 128 62.02 14.56 5.09
C PHE H 128 62.82 14.24 3.84
N VAL H 129 62.18 13.90 2.72
CA VAL H 129 62.92 13.58 1.51
C VAL H 129 63.94 14.65 1.12
N PRO H 130 63.56 15.94 0.95
CA PRO H 130 64.58 16.94 0.58
C PRO H 130 65.66 17.14 1.64
N SER H 131 65.31 17.08 2.93
CA SER H 131 66.32 17.24 3.96
C SER H 131 67.32 16.11 3.88
N ALA H 132 66.83 14.91 3.58
CA ALA H 132 67.72 13.75 3.43
C ALA H 132 68.63 13.95 2.23
N LEU H 133 68.11 14.49 1.13
CA LEU H 133 68.97 14.72 -0.03
C LEU H 133 70.05 15.75 0.28
N ALA H 134 69.68 16.78 1.05
CA ALA H 134 70.67 17.81 1.41
C ALA H 134 71.78 17.21 2.25
N PHE H 135 71.42 16.39 3.25
CA PHE H 135 72.44 15.77 4.08
C PHE H 135 73.28 14.78 3.28
N LEU H 136 72.66 14.08 2.33
CA LEU H 136 73.40 13.13 1.51
C LEU H 136 74.43 13.84 0.65
N MET H 137 74.07 15.01 0.10
CA MET H 137 75.02 15.74 -0.72
C MET H 137 76.10 16.41 0.13
N ASN H 138 75.77 16.81 1.37
CA ASN H 138 76.77 17.43 2.22
C ASN H 138 77.78 16.42 2.77
N GLY H 139 77.44 15.13 2.74
CA GLY H 139 78.32 14.09 3.25
C GLY H 139 78.00 13.59 4.65
N GLU H 140 76.75 13.72 5.10
CA GLU H 140 76.31 13.26 6.41
C GLU H 140 75.11 12.34 6.19
N PRO H 141 75.34 11.11 5.73
CA PRO H 141 74.26 10.17 5.45
C PRO H 141 73.79 9.29 6.59
N ASP H 142 74.30 9.45 7.82
CA ASP H 142 73.84 8.57 8.89
C ASP H 142 72.39 8.84 9.28
N ILE H 143 71.95 10.09 9.18
CA ILE H 143 70.57 10.41 9.54
C ILE H 143 69.61 9.71 8.58
N VAL H 144 69.97 9.64 7.30
CA VAL H 144 69.13 8.97 6.31
C VAL H 144 69.05 7.48 6.61
N LYS H 145 70.16 6.89 7.03
CA LYS H 145 70.18 5.46 7.36
C LYS H 145 69.28 5.18 8.56
N HIS H 146 69.40 6.00 9.61
CA HIS H 146 68.56 5.80 10.79
C HIS H 146 67.09 6.00 10.44
N PHE H 147 66.79 6.97 9.57
CA PHE H 147 65.41 7.21 9.18
C PHE H 147 64.84 6.02 8.43
N LEU H 148 65.57 5.51 7.43
CA LEU H 148 65.08 4.37 6.67
C LEU H 148 64.87 3.16 7.56
N LEU H 149 65.82 2.88 8.47
CA LEU H 149 65.67 1.72 9.33
C LEU H 149 64.52 1.86 10.32
N LYS H 150 64.37 3.04 10.93
CA LYS H 150 63.29 3.19 11.90
C LYS H 150 61.93 3.17 11.20
N THR H 151 61.82 3.76 10.01
CA THR H 151 60.55 3.71 9.30
C THR H 151 60.25 2.27 8.91
N LEU H 152 61.29 1.49 8.60
CA LEU H 152 61.08 0.08 8.28
C LEU H 152 60.55 -0.64 9.50
N GLN H 153 61.07 -0.31 10.68
CA GLN H 153 60.56 -0.94 11.89
C GLN H 153 59.11 -0.57 12.11
N LEU H 154 58.74 0.68 11.80
CA LEU H 154 57.34 1.08 11.92
C LEU H 154 56.47 0.30 10.94
N GLN H 155 57.04 -0.09 9.80
CA GLN H 155 56.30 -0.86 8.80
C GLN H 155 55.96 -2.25 9.35
N GLY H 156 56.77 -2.77 10.27
CA GLY H 156 56.56 -4.07 10.87
C GLY H 156 55.64 -4.08 12.08
N TRP H 157 54.85 -3.02 12.27
CA TRP H 157 53.92 -2.93 13.39
C TRP H 157 52.58 -3.55 13.05
N GLU H 158 51.82 -3.87 14.10
CA GLU H 158 50.48 -4.43 13.95
C GLU H 158 49.55 -3.22 13.94
N LYS H 159 49.11 -2.82 12.74
CA LYS H 159 48.24 -1.65 12.58
C LYS H 159 46.80 -2.08 12.46
N ARG H 160 45.90 -1.34 13.11
CA ARG H 160 44.49 -1.65 13.07
C ARG H 160 43.68 -0.36 13.10
N VAL H 161 42.62 -0.31 12.30
CA VAL H 161 41.72 0.86 12.24
C VAL H 161 40.31 0.36 12.52
N ASP H 162 39.91 0.53 13.78
CA ASP H 162 38.65 0.20 14.45
C ASP H 162 38.36 -1.29 14.59
N ARG H 163 38.60 -2.07 13.53
CA ARG H 163 38.43 -3.52 13.54
C ARG H 163 39.16 -4.13 12.36
N PHE H 164 39.81 -3.29 11.57
CA PHE H 164 40.46 -3.68 10.33
C PHE H 164 41.97 -3.68 10.47
N LYS H 165 42.58 -4.82 10.17
CA LYS H 165 44.04 -4.95 10.24
C LYS H 165 44.60 -4.36 8.96
N LEU H 166 45.47 -3.36 9.09
CA LEU H 166 46.02 -2.71 7.92
C LEU H 166 47.01 -3.65 7.19
N GLY H 167 47.42 -3.21 6.01
CA GLY H 167 48.34 -4.00 5.21
C GLY H 167 49.67 -4.23 5.90
N GLU H 168 50.35 -5.28 5.43
CA GLU H 168 51.65 -5.64 6.01
C GLU H 168 52.73 -4.63 5.64
N GLY H 169 52.79 -4.23 4.38
CA GLY H 169 53.78 -3.30 3.90
C GLY H 169 53.41 -1.82 4.01
N VAL H 170 52.31 -1.50 4.70
CA VAL H 170 51.89 -0.11 4.81
C VAL H 170 52.92 0.68 5.61
N MET H 171 53.41 1.77 5.03
CA MET H 171 54.38 2.71 5.59
C MET H 171 53.66 3.85 6.29
N PRO H 172 54.14 4.30 7.44
CA PRO H 172 53.46 5.40 8.13
C PRO H 172 53.66 6.73 7.43
N ALA H 173 52.68 7.62 7.62
CA ALA H 173 52.75 8.95 7.03
C ALA H 173 53.65 9.87 7.84
N SER H 174 53.66 9.69 9.16
CA SER H 174 54.46 10.52 10.05
C SER H 174 54.62 9.79 11.38
N PHE H 175 55.52 10.32 12.20
CA PHE H 175 55.78 9.76 13.52
C PHE H 175 56.43 10.85 14.36
N LYS H 176 56.20 10.76 15.66
CA LYS H 176 56.72 11.72 16.62
C LYS H 176 57.47 10.99 17.73
N VAL H 177 58.42 11.69 18.34
CA VAL H 177 59.24 11.17 19.42
C VAL H 177 58.79 11.81 20.72
N LEU H 178 58.88 11.05 21.81
CA LEU H 178 58.51 11.50 23.14
C LEU H 178 59.72 11.54 24.05
N HIS H 179 59.59 12.29 25.14
CA HIS H 179 60.66 12.44 26.12
C HIS H 179 60.11 12.35 27.54
N THR H 185 62.91 9.09 28.70
CA THR H 185 62.69 7.89 27.88
C THR H 185 62.07 8.27 26.54
N ASP H 186 62.64 7.79 25.45
CA ASP H 186 62.16 8.10 24.11
C ASP H 186 61.20 7.01 23.61
N ASN H 187 60.04 7.45 23.13
CA ASN H 187 59.03 6.54 22.59
C ASN H 187 58.56 7.08 21.25
N ILE H 188 58.59 6.24 20.23
CA ILE H 188 58.14 6.66 18.90
C ILE H 188 56.68 6.28 18.72
N VAL H 189 55.90 7.21 18.16
CA VAL H 189 54.49 7.02 17.89
C VAL H 189 54.27 7.32 16.42
N ALA H 190 53.62 6.40 15.70
CA ALA H 190 53.40 6.56 14.27
C ALA H 190 51.93 6.70 13.92
N ASP H 191 51.68 7.36 12.79
CA ASP H 191 50.34 7.60 12.26
C ASP H 191 50.25 6.97 10.88
N PHE H 192 49.36 6.00 10.72
CA PHE H 192 49.16 5.32 9.44
C PHE H 192 47.86 5.72 8.76
N GLY H 193 47.11 6.66 9.33
CA GLY H 193 45.85 7.08 8.77
C GLY H 193 44.73 7.03 9.79
N GLU H 194 44.96 6.32 10.89
CA GLU H 194 43.94 6.22 11.93
C GLU H 194 43.73 7.57 12.62
N SER H 195 44.81 8.31 12.86
CA SER H 195 44.75 9.62 13.48
C SER H 195 44.68 10.76 12.48
N ALA H 196 44.98 10.49 11.21
CA ALA H 196 44.97 11.53 10.18
C ALA H 196 43.57 12.09 9.96
N ILE H 197 43.51 13.39 9.67
CA ILE H 197 42.25 14.06 9.41
C ILE H 197 41.64 13.50 8.13
N GLY H 198 40.40 13.03 8.21
CA GLY H 198 39.73 12.46 7.08
C GLY H 198 40.11 11.03 6.79
N ARG H 199 40.99 10.43 7.60
CA ARG H 199 41.44 9.05 7.45
C ARG H 199 42.08 8.82 6.09
N VAL H 200 42.91 9.77 5.65
CA VAL H 200 43.58 9.65 4.37
C VAL H 200 44.72 8.63 4.47
N ALA H 201 45.04 7.99 3.34
CA ALA H 201 46.08 6.98 3.28
C ALA H 201 47.29 7.49 2.52
N PRO H 202 48.50 7.41 3.12
CA PRO H 202 49.75 7.87 2.47
C PRO H 202 50.33 6.84 1.51
N VAL H 203 49.83 6.83 0.28
CA VAL H 203 50.31 5.88 -0.72
C VAL H 203 51.75 6.20 -1.16
N ASP H 204 52.08 7.49 -1.24
CA ASP H 204 53.40 7.91 -1.70
C ASP H 204 54.52 7.67 -0.69
N SER H 205 54.19 7.41 0.58
CA SER H 205 55.24 7.24 1.58
C SER H 205 56.15 6.05 1.26
N GLY H 206 55.56 4.93 0.81
CA GLY H 206 56.39 3.77 0.49
C GLY H 206 57.28 4.04 -0.71
N PHE H 207 56.73 4.70 -1.73
CA PHE H 207 57.52 5.01 -2.91
C PHE H 207 58.67 5.93 -2.54
N TRP H 208 58.40 6.90 -1.64
CA TRP H 208 59.46 7.80 -1.20
C TRP H 208 60.52 7.03 -0.43
N TRP H 209 60.11 6.02 0.34
CA TRP H 209 61.09 5.22 1.08
C TRP H 209 62.01 4.48 0.13
N ILE H 210 61.45 3.81 -0.89
CA ILE H 210 62.29 3.09 -1.85
C ILE H 210 63.20 4.05 -2.61
N ILE H 211 62.66 5.20 -3.03
CA ILE H 211 63.46 6.16 -3.77
C ILE H 211 64.58 6.70 -2.90
N LEU H 212 64.28 6.95 -1.63
CA LEU H 212 65.30 7.45 -0.70
C LEU H 212 66.36 6.40 -0.44
N LEU H 213 65.97 5.12 -0.39
CA LEU H 213 66.96 4.07 -0.17
C LEU H 213 67.90 3.99 -1.36
N ARG H 214 67.35 4.10 -2.57
CA ARG H 214 68.19 4.08 -3.77
C ARG H 214 69.10 5.29 -3.80
N ALA H 215 68.58 6.44 -3.39
CA ALA H 215 69.40 7.65 -3.36
C ALA H 215 70.53 7.52 -2.36
N TYR H 216 70.27 6.88 -1.21
CA TYR H 216 71.31 6.70 -0.21
C TYR H 216 72.40 5.78 -0.73
N THR H 217 72.01 4.62 -1.28
CA THR H 217 73.01 3.69 -1.79
C THR H 217 73.80 4.27 -2.95
N LYS H 218 73.19 5.17 -3.73
CA LYS H 218 73.92 5.76 -4.84
C LYS H 218 74.83 6.90 -4.37
N SER H 219 74.38 7.69 -3.40
CA SER H 219 75.17 8.80 -2.89
C SER H 219 76.37 8.30 -2.09
N THR H 220 76.21 7.22 -1.35
CA THR H 220 77.29 6.68 -0.54
C THR H 220 78.06 5.55 -1.21
N GLY H 221 77.42 4.79 -2.10
CA GLY H 221 78.08 3.67 -2.72
C GLY H 221 78.16 2.46 -1.81
N ASP H 222 77.65 2.60 -0.58
CA ASP H 222 77.65 1.54 0.44
C ASP H 222 76.39 0.71 0.22
N LEU H 223 76.53 -0.35 -0.57
CA LEU H 223 75.44 -1.27 -0.90
C LEU H 223 75.02 -2.15 0.27
N THR H 224 75.74 -2.11 1.39
CA THR H 224 75.43 -2.98 2.52
C THR H 224 74.05 -2.72 3.12
N LEU H 225 73.64 -1.46 3.22
CA LEU H 225 72.34 -1.15 3.82
C LEU H 225 71.18 -1.74 3.03
N SER H 226 71.20 -1.57 1.71
CA SER H 226 70.10 -2.09 0.90
C SER H 226 70.07 -3.61 0.87
N GLU H 227 71.22 -4.26 1.07
CA GLU H 227 71.28 -5.72 1.04
C GLU H 227 70.97 -6.37 2.37
N THR H 228 70.71 -5.60 3.43
CA THR H 228 70.36 -6.21 4.70
C THR H 228 69.00 -6.91 4.54
N PRO H 229 68.76 -8.00 5.28
CA PRO H 229 67.48 -8.69 5.13
C PRO H 229 66.27 -7.82 5.41
N GLU H 230 66.35 -6.91 6.37
CA GLU H 230 65.22 -6.04 6.70
C GLU H 230 64.87 -5.09 5.55
N CYS H 231 65.87 -4.44 4.95
CA CYS H 231 65.56 -3.51 3.87
C CYS H 231 65.02 -4.25 2.64
N GLN H 232 65.54 -5.44 2.36
CA GLN H 232 65.03 -6.20 1.23
C GLN H 232 63.59 -6.62 1.49
N LYS H 233 63.31 -7.04 2.73
CA LYS H 233 61.95 -7.44 3.08
C LYS H 233 61.01 -6.24 2.97
N GLY H 234 61.47 -5.06 3.39
CA GLY H 234 60.63 -3.88 3.30
C GLY H 234 60.30 -3.52 1.87
N MET H 235 61.30 -3.64 0.98
CA MET H 235 61.06 -3.35 -0.43
C MET H 235 60.02 -4.32 -0.98
N LYS H 236 60.19 -5.61 -0.69
CA LYS H 236 59.23 -6.61 -1.19
C LYS H 236 57.85 -6.38 -0.59
N LEU H 237 57.78 -5.95 0.67
CA LEU H 237 56.50 -5.71 1.31
C LEU H 237 55.76 -4.56 0.64
N ILE H 238 56.46 -3.45 0.38
CA ILE H 238 55.81 -2.32 -0.27
C ILE H 238 55.43 -2.68 -1.71
N LEU H 239 56.28 -3.44 -2.40
CA LEU H 239 55.98 -3.81 -3.78
C LEU H 239 54.80 -4.76 -3.89
N SER H 240 54.62 -5.66 -2.92
CA SER H 240 53.51 -6.61 -2.99
C SER H 240 52.15 -5.96 -2.78
N LEU H 241 52.08 -4.78 -2.16
CA LEU H 241 50.79 -4.13 -1.94
C LEU H 241 50.23 -3.55 -3.24
N CYS H 242 51.08 -2.90 -4.04
CA CYS H 242 50.64 -2.28 -5.28
C CYS H 242 50.65 -3.23 -6.47
N LEU H 243 51.57 -4.20 -6.49
CA LEU H 243 51.64 -5.15 -7.58
C LEU H 243 50.66 -6.30 -7.43
N ALA H 244 49.84 -6.28 -6.38
CA ALA H 244 48.86 -7.33 -6.15
C ALA H 244 47.75 -7.33 -7.19
N GLU H 245 47.22 -8.51 -7.48
CA GLU H 245 46.15 -8.64 -8.46
C GLU H 245 44.83 -8.11 -7.91
N GLY H 246 43.96 -7.67 -8.82
CA GLY H 246 42.65 -7.16 -8.45
C GLY H 246 41.77 -7.04 -9.66
N PHE H 247 40.56 -6.50 -9.42
CA PHE H 247 39.60 -6.28 -10.50
C PHE H 247 40.03 -5.19 -11.46
N ASP H 248 41.16 -4.54 -11.19
CA ASP H 248 41.66 -3.45 -12.02
C ASP H 248 41.87 -3.84 -13.48
N THR H 249 41.35 -3.01 -14.37
CA THR H 249 41.51 -3.17 -15.81
C THR H 249 42.53 -2.18 -16.36
N PHE H 250 43.23 -1.46 -15.47
CA PHE H 250 44.24 -0.46 -15.73
C PHE H 250 45.55 -0.86 -15.09
N PRO H 251 46.68 -0.68 -15.78
CA PRO H 251 47.96 -1.02 -15.14
C PRO H 251 48.28 -0.07 -14.00
N THR H 252 47.73 1.14 -14.02
CA THR H 252 47.96 2.13 -12.99
C THR H 252 47.28 1.72 -11.67
N LEU H 253 47.76 2.31 -10.59
CA LEU H 253 47.24 2.03 -9.25
C LEU H 253 46.04 2.91 -8.93
N LEU H 254 44.93 2.28 -8.55
CA LEU H 254 43.74 3.04 -8.19
C LEU H 254 44.00 3.72 -6.85
N CYS H 255 43.52 4.95 -6.71
CA CYS H 255 43.77 5.70 -5.50
C CYS H 255 42.54 6.45 -5.01
N ALA H 256 42.46 6.58 -3.70
CA ALA H 256 41.41 7.33 -3.02
C ALA H 256 41.86 8.78 -2.91
N ASP H 257 40.90 9.66 -2.65
CA ASP H 257 41.25 11.07 -2.54
C ASP H 257 42.16 11.33 -1.35
N GLY H 258 43.13 12.22 -1.52
CA GLY H 258 44.07 12.54 -0.46
C GLY H 258 45.13 11.50 -0.21
N CYS H 259 45.61 10.83 -1.26
CA CYS H 259 46.63 9.78 -1.15
C CYS H 259 48.06 10.24 -1.42
N SER H 260 48.26 11.46 -1.91
CA SER H 260 49.58 11.99 -2.24
C SER H 260 49.77 13.30 -1.48
N MET H 261 50.83 14.04 -1.83
CA MET H 261 51.16 15.35 -1.25
C MET H 261 49.89 16.12 -0.92
N ILE H 262 48.85 15.90 -1.72
CA ILE H 262 47.53 16.49 -1.53
C ILE H 262 46.81 15.56 -0.56
N ASP H 263 46.88 15.86 0.73
CA ASP H 263 46.23 15.03 1.74
C ASP H 263 44.76 15.38 1.92
N ARG H 264 44.21 16.22 1.05
CA ARG H 264 42.83 16.64 1.10
C ARG H 264 42.13 16.33 -0.23
N ARG H 265 40.81 16.44 -0.23
CA ARG H 265 40.01 16.18 -1.42
C ARG H 265 40.25 17.28 -2.45
N MET H 266 40.79 16.94 -3.63
CA MET H 266 41.04 18.01 -4.59
C MET H 266 40.73 17.80 -6.08
N GLY H 267 40.39 16.62 -6.60
CA GLY H 267 40.36 15.34 -5.95
C GLY H 267 41.41 14.54 -6.68
N VAL H 268 42.33 13.92 -5.94
CA VAL H 268 43.41 13.14 -6.54
C VAL H 268 43.03 11.66 -6.67
N TYR H 269 41.73 11.33 -6.62
CA TYR H 269 41.30 9.96 -6.74
C TYR H 269 41.48 9.44 -8.17
N GLY H 270 41.55 8.12 -8.30
CA GLY H 270 41.69 7.50 -9.60
C GLY H 270 43.13 7.12 -9.91
N TYR H 271 43.71 7.75 -10.92
CA TYR H 271 45.08 7.49 -11.35
C TYR H 271 45.83 8.81 -11.55
N PRO H 272 46.14 9.52 -10.48
CA PRO H 272 46.86 10.80 -10.62
C PRO H 272 48.30 10.59 -11.05
N ILE H 273 48.80 11.53 -11.86
CA ILE H 273 50.18 11.44 -12.35
C ILE H 273 51.19 11.43 -11.23
N GLU H 274 50.90 12.06 -10.10
CA GLU H 274 51.85 12.07 -9.01
C GLU H 274 52.11 10.65 -8.51
N ILE H 275 51.03 9.92 -8.26
CA ILE H 275 51.16 8.55 -7.77
C ILE H 275 51.74 7.64 -8.84
N GLN H 276 51.32 7.81 -10.10
CA GLN H 276 51.86 6.94 -11.15
C GLN H 276 53.34 7.19 -11.39
N ALA H 277 53.77 8.45 -11.34
CA ALA H 277 55.18 8.77 -11.54
C ALA H 277 56.01 8.27 -10.37
N LEU H 278 55.54 8.47 -9.14
CA LEU H 278 56.29 7.96 -7.99
C LEU H 278 56.32 6.44 -8.02
N PHE H 279 55.25 5.83 -8.49
CA PHE H 279 55.15 4.38 -8.61
C PHE H 279 56.18 3.86 -9.60
N PHE H 280 56.27 4.52 -10.77
CA PHE H 280 57.23 4.12 -11.79
C PHE H 280 58.67 4.31 -11.30
N MET H 281 58.93 5.43 -10.64
CA MET H 281 60.28 5.68 -10.14
C MET H 281 60.67 4.66 -9.07
N ALA H 282 59.74 4.35 -8.17
CA ALA H 282 60.02 3.36 -7.14
C ALA H 282 60.21 1.97 -7.75
N LEU H 283 59.44 1.67 -8.79
CA LEU H 283 59.57 0.37 -9.46
C LEU H 283 60.94 0.22 -10.09
N ARG H 284 61.38 1.24 -10.83
CA ARG H 284 62.69 1.17 -11.45
C ARG H 284 63.81 1.15 -10.42
N SER H 285 63.71 1.98 -9.37
CA SER H 285 64.75 2.00 -8.35
C SER H 285 64.76 0.73 -7.52
N ALA H 286 63.66 -0.02 -7.48
CA ALA H 286 63.65 -1.27 -6.72
C ALA H 286 64.54 -2.30 -7.40
N LEU H 287 64.53 -2.33 -8.73
CA LEU H 287 65.39 -3.27 -9.45
C LEU H 287 66.85 -2.96 -9.22
N SER H 288 67.17 -1.68 -8.98
CA SER H 288 68.55 -1.26 -8.77
C SER H 288 69.15 -1.82 -7.49
N MET H 289 68.34 -2.33 -6.57
CA MET H 289 68.89 -2.85 -5.32
C MET H 289 68.18 -4.10 -4.79
N LEU H 290 67.43 -4.83 -5.61
CA LEU H 290 66.73 -6.03 -5.18
C LEU H 290 67.56 -7.27 -5.50
N LYS H 291 67.73 -8.13 -4.50
CA LYS H 291 68.49 -9.36 -4.66
C LYS H 291 67.60 -10.45 -5.27
N PRO H 292 68.08 -11.17 -6.29
CA PRO H 292 67.26 -12.24 -6.91
C PRO H 292 67.39 -13.60 -6.24
N ASP H 293 66.81 -13.70 -5.04
CA ASP H 293 66.79 -14.92 -4.26
C ASP H 293 65.61 -15.77 -4.75
N GLY H 294 65.19 -16.76 -3.97
CA GLY H 294 64.07 -17.61 -4.33
C GLY H 294 62.88 -16.82 -4.86
N ASP H 295 62.19 -16.11 -3.98
CA ASP H 295 61.05 -15.30 -4.41
C ASP H 295 61.48 -14.02 -5.11
N GLY H 296 62.76 -13.64 -4.95
CA GLY H 296 63.23 -12.42 -5.57
C GLY H 296 63.12 -12.42 -7.08
N ARG H 297 63.43 -13.54 -7.72
CA ARG H 297 63.32 -13.60 -9.17
C ARG H 297 61.88 -13.42 -9.62
N GLU H 298 60.94 -14.01 -8.89
CA GLU H 298 59.53 -13.88 -9.24
C GLU H 298 59.06 -12.44 -9.08
N VAL H 299 59.45 -11.79 -7.98
CA VAL H 299 59.06 -10.41 -7.77
C VAL H 299 59.70 -9.51 -8.84
N ILE H 300 60.94 -9.83 -9.23
CA ILE H 300 61.60 -9.03 -10.27
C ILE H 300 60.85 -9.17 -11.58
N GLU H 301 60.37 -10.39 -11.88
CA GLU H 301 59.59 -10.59 -13.09
C GLU H 301 58.32 -9.75 -13.05
N ARG H 302 57.65 -9.74 -11.88
CA ARG H 302 56.43 -8.94 -11.77
C ARG H 302 56.72 -7.46 -12.00
N ILE H 303 57.82 -6.97 -11.41
CA ILE H 303 58.18 -5.56 -11.56
C ILE H 303 58.45 -5.23 -13.02
N VAL H 304 59.17 -6.09 -13.73
CA VAL H 304 59.48 -5.81 -15.14
C VAL H 304 58.20 -5.80 -15.98
N LYS H 305 57.32 -6.77 -15.75
CA LYS H 305 56.08 -6.83 -16.53
C LYS H 305 55.24 -5.59 -16.31
N ARG H 306 55.02 -5.23 -15.04
CA ARG H 306 54.24 -4.04 -14.73
C ARG H 306 54.92 -2.78 -15.25
N LEU H 307 56.26 -2.76 -15.28
CA LEU H 307 56.96 -1.59 -15.79
C LEU H 307 56.71 -1.42 -17.29
N HIS H 308 56.64 -2.53 -18.02
CA HIS H 308 56.36 -2.41 -19.45
C HIS H 308 54.96 -1.88 -19.68
N ALA H 309 53.98 -2.44 -18.94
CA ALA H 309 52.60 -1.98 -19.08
C ALA H 309 52.47 -0.51 -18.69
N LEU H 310 53.20 -0.08 -17.67
CA LEU H 310 53.13 1.30 -17.22
C LEU H 310 53.76 2.24 -18.24
N SER H 311 54.96 1.92 -18.72
CA SER H 311 55.60 2.80 -19.69
C SER H 311 54.70 3.00 -20.90
N PHE H 312 54.06 1.91 -21.36
CA PHE H 312 53.18 2.04 -22.51
C PHE H 312 51.95 2.91 -22.19
N HIS H 313 51.21 2.55 -21.13
CA HIS H 313 50.00 3.27 -20.78
C HIS H 313 50.25 4.75 -20.51
N MET H 314 51.37 5.07 -19.85
CA MET H 314 51.67 6.46 -19.52
C MET H 314 52.11 7.25 -20.75
N ARG H 315 53.02 6.70 -21.57
CA ARG H 315 53.45 7.47 -22.73
C ARG H 315 52.36 7.59 -23.80
N ASN H 316 51.41 6.65 -23.83
CA ASN H 316 50.37 6.72 -24.86
C ASN H 316 49.10 7.44 -24.44
N TYR H 317 48.66 7.34 -23.19
CA TYR H 317 47.41 7.97 -22.81
C TYR H 317 47.56 9.26 -21.99
N PHE H 318 48.44 9.28 -21.00
CA PHE H 318 48.58 10.47 -20.16
C PHE H 318 49.26 11.64 -20.88
N TRP H 319 50.07 11.38 -21.90
CA TRP H 319 50.76 12.47 -22.59
C TRP H 319 49.78 13.34 -23.37
N LEU H 320 50.09 14.63 -23.43
CA LEU H 320 49.22 15.60 -24.12
C LEU H 320 50.04 16.75 -24.69
N ASP H 321 49.94 16.92 -26.01
CA ASP H 321 50.58 18.00 -26.75
C ASP H 321 49.49 18.63 -27.62
N HIS H 322 49.87 19.60 -28.45
CA HIS H 322 48.87 20.27 -29.27
C HIS H 322 48.21 19.30 -30.25
N GLN H 323 49.00 18.41 -30.86
CA GLN H 323 48.44 17.46 -31.81
C GLN H 323 47.51 16.47 -31.12
N ASN H 324 47.92 15.96 -29.95
CA ASN H 324 47.08 15.02 -29.22
C ASN H 324 45.78 15.68 -28.79
N LEU H 325 45.84 16.94 -28.36
CA LEU H 325 44.63 17.62 -27.95
C LEU H 325 43.72 17.83 -29.15
N ASN H 326 44.30 18.14 -30.31
CA ASN H 326 43.49 18.32 -31.51
C ASN H 326 42.81 17.00 -31.88
N ASP H 327 43.51 15.88 -31.68
CA ASP H 327 42.92 14.58 -31.98
C ASP H 327 41.78 14.25 -31.03
N ILE H 328 41.98 14.50 -29.73
CA ILE H 328 40.92 14.22 -28.75
C ILE H 328 39.72 15.11 -29.01
N TYR H 329 39.96 16.33 -29.50
CA TYR H 329 38.86 17.25 -29.78
C TYR H 329 37.96 16.72 -30.91
N ARG H 330 38.53 15.89 -31.79
CA ARG H 330 37.82 15.29 -32.91
C ARG H 330 37.37 13.86 -32.61
N PHE H 331 37.42 13.44 -31.35
CA PHE H 331 37.04 12.09 -30.97
C PHE H 331 35.55 11.83 -31.11
N LYS H 332 35.21 10.60 -31.47
CA LYS H 332 33.83 10.13 -31.54
C LYS H 332 33.56 9.36 -30.24
N THR H 333 32.30 9.31 -29.82
CA THR H 333 31.98 8.65 -28.56
C THR H 333 31.22 7.36 -28.77
N GLU H 334 31.16 6.59 -27.68
CA GLU H 334 30.47 5.29 -27.60
C GLU H 334 31.04 4.30 -28.63
N GLU H 335 32.31 3.95 -28.42
CA GLU H 335 33.06 3.03 -29.27
C GLU H 335 33.23 1.72 -28.50
N TYR H 336 32.36 0.74 -28.80
CA TYR H 336 32.37 -0.57 -28.16
C TYR H 336 33.06 -1.61 -29.04
N SER H 337 34.39 -1.74 -28.87
CA SER H 337 35.17 -2.70 -29.64
C SER H 337 36.58 -2.75 -29.09
N HIS H 338 37.28 -3.86 -29.35
CA HIS H 338 38.67 -3.97 -28.91
C HIS H 338 39.52 -2.94 -29.64
N THR H 339 39.13 -2.61 -30.87
CA THR H 339 39.83 -1.67 -31.74
C THR H 339 39.04 -0.36 -31.72
N ALA H 340 39.19 0.39 -30.64
CA ALA H 340 38.49 1.67 -30.47
C ALA H 340 39.48 2.82 -30.40
N VAL H 341 39.06 3.97 -30.94
CA VAL H 341 39.91 5.15 -30.91
C VAL H 341 39.82 5.85 -29.56
N ASN H 342 38.61 6.19 -29.14
CA ASN H 342 38.36 6.83 -27.85
C ASN H 342 38.22 5.69 -26.85
N LYS H 343 39.37 5.22 -26.36
CA LYS H 343 39.41 4.07 -25.46
C LYS H 343 38.66 4.31 -24.16
N PHE H 344 38.75 5.50 -23.59
CA PHE H 344 38.12 5.78 -22.31
C PHE H 344 36.82 6.57 -22.42
N ASN H 345 36.30 6.74 -23.64
CA ASN H 345 35.02 7.43 -23.87
C ASN H 345 34.98 8.83 -23.29
N VAL H 346 35.97 9.65 -23.65
CA VAL H 346 35.99 11.04 -23.18
C VAL H 346 35.11 11.88 -24.08
N MET H 347 34.33 12.77 -23.48
CA MET H 347 33.44 13.64 -24.26
C MET H 347 34.23 14.82 -24.81
N PRO H 348 34.31 14.99 -26.13
CA PRO H 348 35.06 16.13 -26.67
C PRO H 348 34.52 17.49 -26.24
N ASP H 349 33.21 17.60 -26.04
CA ASP H 349 32.63 18.87 -25.60
C ASP H 349 32.94 19.15 -24.13
N SER H 350 33.28 18.12 -23.36
CA SER H 350 33.59 18.30 -21.94
C SER H 350 34.98 18.86 -21.70
N ILE H 351 35.81 18.95 -22.72
CA ILE H 351 37.16 19.49 -22.53
C ILE H 351 37.05 20.96 -22.14
N PRO H 352 37.68 21.37 -21.03
CA PRO H 352 37.58 22.77 -20.60
C PRO H 352 38.22 23.74 -21.60
N GLU H 353 37.70 24.97 -21.60
CA GLU H 353 38.18 26.01 -22.50
C GLU H 353 39.61 26.44 -22.21
N TRP H 354 40.06 26.33 -20.96
CA TRP H 354 41.41 26.78 -20.62
C TRP H 354 42.50 25.92 -21.27
N VAL H 355 42.19 24.66 -21.59
CA VAL H 355 43.19 23.78 -22.17
C VAL H 355 43.59 24.23 -23.57
N PHE H 356 42.62 24.62 -24.40
CA PHE H 356 42.94 25.04 -25.77
C PHE H 356 43.81 26.29 -25.80
N ASP H 357 43.55 27.23 -24.88
CA ASP H 357 44.37 28.44 -24.86
C ASP H 357 45.72 28.21 -24.18
N PHE H 358 45.76 27.32 -23.18
CA PHE H 358 47.00 27.05 -22.46
C PHE H 358 47.99 26.23 -23.30
N MET H 359 47.50 25.35 -24.16
CA MET H 359 48.37 24.49 -24.97
C MET H 359 49.09 25.29 -26.05
N PRO H 360 50.41 25.39 -26.01
CA PRO H 360 51.15 26.09 -27.06
C PRO H 360 51.38 25.17 -28.25
N LEU H 361 51.91 25.75 -29.33
CA LEU H 361 52.18 24.94 -30.51
C LEU H 361 53.34 23.98 -30.25
N ARG H 362 54.37 24.44 -29.55
CA ARG H 362 55.53 23.63 -29.20
C ARG H 362 55.47 23.34 -27.70
N GLY H 363 55.64 22.08 -27.33
CA GLY H 363 55.62 21.69 -25.93
C GLY H 363 54.40 20.85 -25.59
N GLY H 364 54.49 20.18 -24.44
CA GLY H 364 53.42 19.33 -23.94
C GLY H 364 53.67 18.96 -22.50
N TYR H 365 52.76 18.14 -21.96
CA TYR H 365 52.87 17.70 -20.56
C TYR H 365 52.01 16.47 -20.35
N PHE H 366 52.12 15.88 -19.16
CA PHE H 366 51.35 14.71 -18.79
C PHE H 366 50.04 15.13 -18.12
N VAL H 367 48.93 14.55 -18.60
CA VAL H 367 47.60 14.86 -18.09
C VAL H 367 47.47 14.39 -16.64
N GLY H 368 46.75 15.16 -15.84
CA GLY H 368 46.61 14.85 -14.42
C GLY H 368 45.97 13.51 -14.09
N ASN H 369 44.97 13.09 -14.87
CA ASN H 369 44.33 11.83 -14.54
C ASN H 369 43.65 11.25 -15.77
N VAL H 370 43.65 9.93 -15.85
CA VAL H 370 43.05 9.19 -16.96
C VAL H 370 42.33 7.97 -16.39
N GLY H 371 41.03 7.87 -16.63
CA GLY H 371 40.25 6.75 -16.16
C GLY H 371 38.98 6.54 -16.96
N PRO H 372 38.09 5.66 -16.50
CA PRO H 372 36.85 5.41 -17.23
C PRO H 372 35.98 6.66 -17.35
N ALA H 373 35.83 7.19 -18.56
CA ALA H 373 35.06 8.39 -18.85
C ALA H 373 35.54 9.61 -18.09
N HIS H 374 36.70 9.54 -17.43
CA HIS H 374 37.26 10.63 -16.65
C HIS H 374 38.64 10.98 -17.17
N MET H 375 38.91 12.28 -17.28
CA MET H 375 40.22 12.72 -17.78
C MET H 375 40.48 14.13 -17.25
N ASP H 376 41.29 14.22 -16.19
CA ASP H 376 41.64 15.49 -15.53
C ASP H 376 42.81 16.15 -16.25
N PHE H 377 42.54 17.25 -16.95
CA PHE H 377 43.53 17.98 -17.74
C PHE H 377 44.48 18.84 -16.93
N ARG H 378 44.38 18.87 -15.60
CA ARG H 378 45.25 19.75 -14.83
C ARG H 378 46.72 19.31 -14.87
N TRP H 379 47.59 20.32 -14.95
CA TRP H 379 49.03 20.12 -14.96
C TRP H 379 49.53 20.06 -13.52
N PHE H 380 50.15 18.95 -13.14
CA PHE H 380 50.69 18.77 -11.79
C PHE H 380 52.21 18.80 -11.89
N ALA H 381 52.83 19.66 -11.08
CA ALA H 381 54.28 19.85 -11.14
C ALA H 381 55.04 18.61 -10.71
N LEU H 382 54.77 18.09 -9.52
CA LEU H 382 55.52 16.93 -9.03
C LEU H 382 55.39 15.74 -9.96
N GLY H 383 54.20 15.54 -10.54
CA GLY H 383 54.02 14.40 -11.42
C GLY H 383 54.90 14.47 -12.66
N ASN H 384 54.93 15.64 -13.31
CA ASN H 384 55.75 15.79 -14.51
C ASN H 384 57.23 15.75 -14.17
N CYS H 385 57.63 16.34 -13.04
CA CYS H 385 59.03 16.32 -12.66
C CYS H 385 59.50 14.90 -12.38
N VAL H 386 58.68 14.10 -11.69
CA VAL H 386 59.08 12.72 -11.42
C VAL H 386 59.05 11.93 -12.72
N SER H 387 58.13 12.24 -13.63
CA SER H 387 58.10 11.53 -14.91
C SER H 387 59.38 11.80 -15.69
N ILE H 388 59.95 12.99 -15.51
CA ILE H 388 61.21 13.32 -16.19
C ILE H 388 62.39 12.65 -15.50
N LEU H 389 62.42 12.72 -14.16
CA LEU H 389 63.54 12.13 -13.41
C LEU H 389 63.57 10.60 -13.52
N SER H 390 62.42 9.96 -13.52
CA SER H 390 62.35 8.51 -13.62
C SER H 390 62.50 8.01 -15.06
N SER H 391 62.80 8.92 -15.99
CA SER H 391 62.94 8.62 -17.40
C SER H 391 61.67 8.04 -18.00
N LEU H 392 60.55 8.19 -17.28
CA LEU H 392 59.27 7.70 -17.79
C LEU H 392 58.89 8.45 -19.05
N ALA H 393 59.27 9.73 -19.12
CA ALA H 393 59.02 10.56 -20.28
C ALA H 393 60.21 10.44 -21.23
N THR H 394 59.92 10.33 -22.52
CA THR H 394 60.98 10.24 -23.51
C THR H 394 61.74 11.55 -23.56
N PRO H 395 62.97 11.55 -24.10
CA PRO H 395 63.72 12.82 -24.19
C PRO H 395 62.91 13.90 -24.90
N ASP H 396 62.11 13.50 -25.90
CA ASP H 396 61.27 14.48 -26.59
C ASP H 396 60.18 15.00 -25.66
N GLN H 397 59.59 14.11 -24.85
CA GLN H 397 58.55 14.55 -23.92
C GLN H 397 59.14 15.45 -22.84
N SER H 398 60.35 15.15 -22.38
CA SER H 398 60.97 16.00 -21.37
C SER H 398 61.30 17.36 -21.97
N MET H 399 61.80 17.38 -23.21
CA MET H 399 62.09 18.65 -23.85
C MET H 399 60.80 19.44 -24.07
N ALA H 400 59.70 18.73 -24.36
CA ALA H 400 58.41 19.40 -24.55
C ALA H 400 57.91 19.98 -23.24
N ILE H 401 58.15 19.28 -22.13
CA ILE H 401 57.74 19.79 -20.82
C ILE H 401 58.53 21.06 -20.51
N MET H 402 59.82 21.05 -20.81
CA MET H 402 60.62 22.26 -20.57
C MET H 402 60.18 23.39 -21.49
N ASP H 403 59.81 23.07 -22.72
CA ASP H 403 59.35 24.09 -23.66
C ASP H 403 58.06 24.71 -23.15
N LEU H 404 57.13 23.88 -22.66
CA LEU H 404 55.88 24.39 -22.12
C LEU H 404 56.14 25.25 -20.89
N LEU H 405 57.14 24.86 -20.09
CA LEU H 405 57.50 25.63 -18.91
C LEU H 405 58.04 27.00 -19.30
N GLU H 406 58.77 27.06 -20.41
CA GLU H 406 59.32 28.33 -20.87
C GLU H 406 58.25 29.22 -21.50
N HIS H 407 57.32 28.62 -22.25
CA HIS H 407 56.29 29.42 -22.92
C HIS H 407 55.24 29.93 -21.95
N ARG H 408 54.62 29.04 -21.19
CA ARG H 408 53.61 29.43 -20.21
C ARG H 408 54.24 29.50 -18.82
N TRP H 409 55.27 30.33 -18.72
CA TRP H 409 56.02 30.47 -17.47
C TRP H 409 55.22 31.19 -16.39
N ALA H 410 54.62 32.33 -16.73
CA ALA H 410 53.86 33.09 -15.73
C ALA H 410 52.71 32.29 -15.15
N GLU H 411 52.18 31.33 -15.89
CA GLU H 411 51.07 30.52 -15.39
C GLU H 411 51.55 29.43 -14.45
N LEU H 412 52.56 28.66 -14.88
CA LEU H 412 53.06 27.56 -14.06
C LEU H 412 54.03 28.00 -12.98
N VAL H 413 54.65 29.17 -13.11
CA VAL H 413 55.61 29.62 -12.10
C VAL H 413 55.20 30.96 -11.52
N GLY H 414 55.11 31.98 -12.37
CA GLY H 414 54.74 33.30 -11.89
C GLY H 414 55.86 33.94 -11.09
N GLU H 415 55.48 34.73 -10.09
CA GLU H 415 56.44 35.42 -9.24
C GLU H 415 56.99 34.54 -8.11
N MET H 416 56.54 33.30 -8.00
CA MET H 416 57.02 32.42 -6.94
C MET H 416 56.92 30.96 -7.35
N PRO H 417 58.04 30.27 -7.57
CA PRO H 417 57.95 28.85 -7.92
C PRO H 417 57.70 28.01 -6.68
N LEU H 418 57.01 26.89 -6.88
CA LEU H 418 56.41 26.52 -8.14
C LEU H 418 54.95 26.17 -7.86
N LYS H 419 54.07 26.50 -8.80
CA LYS H 419 52.65 26.19 -8.61
C LYS H 419 52.48 24.67 -8.51
N ILE H 420 51.71 24.23 -7.52
CA ILE H 420 51.52 22.79 -7.33
C ILE H 420 50.66 22.21 -8.45
N CYS H 421 49.74 23.00 -8.98
CA CYS H 421 48.87 22.53 -10.06
C CYS H 421 48.27 23.73 -10.76
N TYR H 422 47.96 23.55 -12.05
CA TYR H 422 47.38 24.61 -12.86
C TYR H 422 46.28 24.05 -13.74
N PRO H 423 45.10 24.70 -13.80
CA PRO H 423 44.75 25.89 -13.03
C PRO H 423 44.12 25.50 -11.70
N CYS H 424 43.39 26.43 -11.08
CA CYS H 424 42.75 26.17 -9.81
C CYS H 424 41.24 26.03 -9.98
N LEU H 425 40.62 25.33 -9.05
CA LEU H 425 39.17 25.14 -9.07
C LEU H 425 38.49 26.36 -8.50
N GLU H 426 37.46 26.85 -9.20
CA GLU H 426 36.72 28.03 -8.77
C GLU H 426 35.21 27.82 -8.85
N GLY H 427 34.51 28.46 -7.93
CA GLY H 427 33.06 28.40 -7.90
C GLY H 427 32.48 27.01 -7.74
N HIS H 428 31.68 26.62 -8.74
CA HIS H 428 31.03 25.32 -8.70
C HIS H 428 32.03 24.18 -8.67
N GLU H 429 33.13 24.30 -9.41
CA GLU H 429 34.14 23.24 -9.38
C GLU H 429 34.70 23.07 -7.97
N TRP H 430 34.92 24.18 -7.27
CA TRP H 430 35.42 24.11 -5.90
C TRP H 430 34.39 23.49 -4.97
N ARG H 431 33.11 23.81 -5.18
CA ARG H 431 32.03 23.28 -4.36
C ARG H 431 31.87 21.77 -4.51
N ILE H 432 31.98 21.27 -5.74
CA ILE H 432 31.74 19.85 -6.01
C ILE H 432 32.99 19.00 -5.85
N VAL H 433 34.14 19.43 -6.37
CA VAL H 433 35.35 18.62 -6.31
C VAL H 433 35.94 18.59 -4.90
N THR H 434 36.16 19.75 -4.29
CA THR H 434 36.75 19.79 -2.96
C THR H 434 35.73 19.57 -1.84
N GLY H 435 34.44 19.55 -2.15
CA GLY H 435 33.47 19.38 -1.10
C GLY H 435 33.40 20.59 -0.19
N CYS H 436 33.54 21.79 -0.77
CA CYS H 436 33.51 23.05 -0.03
C CYS H 436 34.62 23.08 1.03
N ASP H 437 35.83 22.72 0.61
CA ASP H 437 36.97 22.71 1.51
C ASP H 437 37.51 24.13 1.61
N PRO H 438 37.51 24.75 2.80
CA PRO H 438 37.98 26.14 2.90
C PRO H 438 39.49 26.32 2.84
N LYS H 439 40.29 25.28 3.08
CA LYS H 439 41.73 25.45 3.00
C LYS H 439 42.23 25.46 1.56
N ASN H 440 41.42 25.05 0.60
CA ASN H 440 41.80 24.99 -0.80
C ASN H 440 41.02 25.97 -1.67
N THR H 441 41.02 27.24 -1.29
CA THR H 441 40.28 28.26 -2.04
C THR H 441 41.04 28.57 -3.34
N ARG H 442 40.62 29.63 -4.02
CA ARG H 442 41.21 30.03 -5.29
C ARG H 442 42.69 30.32 -5.15
N TRP H 443 43.51 29.63 -5.94
CA TRP H 443 44.96 29.80 -5.94
C TRP H 443 45.51 29.71 -4.52
N SER H 444 45.14 28.62 -3.84
CA SER H 444 45.54 28.39 -2.45
C SER H 444 46.31 27.08 -2.24
N TYR H 445 46.40 26.65 -0.99
CA TYR H 445 47.16 25.50 -0.50
C TYR H 445 47.39 24.37 -1.50
N HIS H 446 46.36 23.65 -1.92
CA HIS H 446 46.52 22.62 -2.93
C HIS H 446 45.90 23.01 -4.25
N ASN H 447 44.96 23.95 -4.23
CA ASN H 447 44.24 24.40 -5.42
C ASN H 447 44.97 25.56 -6.08
N GLY H 448 46.08 25.23 -6.74
CA GLY H 448 46.85 26.22 -7.45
C GLY H 448 47.84 27.06 -6.66
N GLY H 449 48.20 26.65 -5.44
CA GLY H 449 49.15 27.43 -4.67
C GLY H 449 50.58 27.19 -5.09
N SER H 450 51.43 28.18 -4.82
CA SER H 450 52.84 28.11 -5.16
C SER H 450 53.59 27.52 -3.96
N TRP H 451 54.35 26.46 -4.22
CA TRP H 451 55.10 25.77 -3.18
C TRP H 451 56.59 25.92 -3.43
N PRO H 452 57.34 26.53 -2.50
CA PRO H 452 58.79 26.67 -2.72
C PRO H 452 59.54 25.36 -2.70
N VAL H 453 59.08 24.38 -1.90
CA VAL H 453 59.75 23.10 -1.78
C VAL H 453 59.88 22.40 -3.13
N LEU H 454 58.92 22.65 -4.04
CA LEU H 454 58.97 22.01 -5.36
C LEU H 454 60.18 22.43 -6.19
N LEU H 455 60.83 23.53 -5.81
CA LEU H 455 61.96 24.04 -6.58
C LEU H 455 63.00 22.96 -6.86
N TRP H 456 63.38 22.18 -5.84
CA TRP H 456 64.41 21.17 -6.06
C TRP H 456 64.01 20.19 -7.15
N GLN H 457 62.73 19.76 -7.16
CA GLN H 457 62.33 18.86 -8.23
C GLN H 457 62.53 19.55 -9.57
N LEU H 458 62.04 20.79 -9.69
CA LEU H 458 62.20 21.53 -10.92
C LEU H 458 63.67 21.63 -11.27
N THR H 459 64.51 21.76 -10.24
CA THR H 459 65.94 21.84 -10.48
C THR H 459 66.47 20.54 -11.07
N ALA H 460 66.17 19.41 -10.42
CA ALA H 460 66.68 18.13 -10.89
C ALA H 460 66.24 17.86 -12.32
N ALA H 461 64.94 17.99 -12.58
CA ALA H 461 64.43 17.77 -13.92
C ALA H 461 65.10 18.69 -14.93
N CYS H 462 65.47 19.90 -14.52
CA CYS H 462 66.11 20.81 -15.46
C CYS H 462 67.53 20.35 -15.79
N ILE H 463 68.24 19.79 -14.82
CA ILE H 463 69.60 19.34 -15.09
C ILE H 463 69.59 18.09 -15.95
N LYS H 464 68.67 17.16 -15.66
CA LYS H 464 68.59 15.92 -16.42
C LYS H 464 68.20 16.17 -17.88
N THR H 465 67.40 17.19 -18.13
CA THR H 465 66.96 17.51 -19.48
C THR H 465 67.92 18.44 -20.22
N GLY H 466 68.97 18.93 -19.56
CA GLY H 466 69.92 19.81 -20.20
C GLY H 466 69.45 21.24 -20.35
N ARG H 467 68.60 21.72 -19.44
CA ARG H 467 68.09 23.10 -19.47
C ARG H 467 68.31 23.72 -18.09
N PRO H 468 69.57 23.97 -17.71
CA PRO H 468 69.84 24.56 -16.39
C PRO H 468 69.42 26.01 -16.28
N GLN H 469 69.33 26.74 -17.38
CA GLN H 469 68.95 28.15 -17.31
C GLN H 469 67.56 28.32 -16.70
N ILE H 470 66.66 27.36 -16.91
CA ILE H 470 65.33 27.46 -16.33
C ILE H 470 65.41 27.39 -14.82
N ALA H 471 66.19 26.44 -14.29
CA ALA H 471 66.34 26.31 -12.86
C ALA H 471 67.04 27.52 -12.28
N ARG H 472 68.02 28.07 -13.01
CA ARG H 472 68.69 29.26 -12.52
C ARG H 472 67.73 30.43 -12.49
N ARG H 473 66.88 30.55 -13.49
CA ARG H 473 65.94 31.65 -13.47
C ARG H 473 65.07 31.52 -12.22
N ALA H 474 64.48 30.35 -12.03
CA ALA H 474 63.60 30.13 -10.88
C ALA H 474 64.33 30.34 -9.55
N VAL H 475 65.62 30.00 -9.50
CA VAL H 475 66.37 30.20 -8.28
C VAL H 475 66.47 31.69 -7.98
N ASP H 476 66.62 32.51 -9.03
CA ASP H 476 66.67 33.95 -8.73
C ASP H 476 65.33 34.48 -8.19
N LEU H 477 64.16 33.99 -8.64
CA LEU H 477 62.90 34.47 -8.05
C LEU H 477 62.75 33.97 -6.61
N ILE H 478 63.20 32.74 -6.31
CA ILE H 478 63.04 32.26 -4.94
C ILE H 478 64.03 32.94 -3.99
N GLU H 479 65.24 33.26 -4.48
CA GLU H 479 66.33 33.89 -3.75
C GLU H 479 66.06 35.34 -3.35
N SER H 480 64.99 35.95 -3.85
CA SER H 480 64.68 37.34 -3.52
C SER H 480 63.63 37.52 -2.43
N ARG H 481 62.81 36.50 -2.16
CA ARG H 481 61.75 36.64 -1.18
C ARG H 481 61.62 35.51 -0.16
N LEU H 482 62.21 34.33 -0.40
CA LEU H 482 62.06 33.23 0.54
C LEU H 482 62.62 33.56 1.92
N HIS H 483 63.83 34.13 1.97
CA HIS H 483 64.42 34.43 3.27
C HIS H 483 63.76 35.64 3.93
N ARG H 484 63.34 36.62 3.13
CA ARG H 484 62.69 37.80 3.68
C ARG H 484 61.35 37.48 4.32
N ASP H 485 60.65 36.45 3.83
CA ASP H 485 59.34 36.07 4.36
C ASP H 485 59.42 34.98 5.42
N CYS H 486 60.60 34.71 5.96
CA CYS H 486 60.81 33.70 7.01
C CYS H 486 60.42 32.29 6.58
N TRP H 487 60.73 31.95 5.32
CA TRP H 487 60.50 30.61 4.76
C TRP H 487 59.06 30.11 4.94
N PRO H 488 58.09 30.66 4.20
CA PRO H 488 56.70 30.20 4.36
C PRO H 488 56.50 28.79 3.81
N GLU H 489 55.40 28.18 4.26
CA GLU H 489 55.06 26.83 3.81
C GLU H 489 54.60 26.85 2.35
N TYR H 490 53.75 27.79 1.99
CA TYR H 490 53.24 27.90 0.63
C TYR H 490 52.80 29.34 0.37
N TYR H 491 52.68 29.67 -0.91
CA TYR H 491 52.27 30.99 -1.35
C TYR H 491 50.94 30.90 -2.10
N ASP H 492 50.18 31.98 -2.07
CA ASP H 492 48.88 32.04 -2.73
C ASP H 492 48.84 33.15 -3.76
N GLY H 493 47.90 33.03 -4.70
CA GLY H 493 47.72 34.02 -5.75
C GLY H 493 48.06 33.47 -7.12
N LYS H 494 47.58 34.17 -8.16
CA LYS H 494 47.87 33.76 -9.52
C LYS H 494 49.37 33.83 -9.81
N LEU H 495 50.08 34.74 -9.14
CA LEU H 495 51.51 34.90 -9.29
C LEU H 495 52.28 34.46 -8.06
N GLY H 496 51.59 34.13 -6.96
CA GLY H 496 52.29 33.74 -5.75
C GLY H 496 52.84 34.93 -4.99
N ARG H 497 52.37 36.13 -5.30
CA ARG H 497 52.84 37.36 -4.66
C ARG H 497 52.49 37.41 -3.18
N TYR H 498 51.45 36.70 -2.75
CA TYR H 498 51.00 36.72 -1.37
C TYR H 498 51.36 35.44 -0.64
N VAL H 499 51.64 35.58 0.66
CA VAL H 499 51.95 34.42 1.49
C VAL H 499 50.69 33.58 1.66
N GLY H 500 50.89 32.29 1.93
CA GLY H 500 49.76 31.39 2.08
C GLY H 500 48.76 31.85 3.12
N LYS H 501 47.50 31.43 2.89
CA LYS H 501 46.41 31.79 3.80
C LYS H 501 46.63 31.21 5.19
N GLN H 502 47.13 29.98 5.26
CA GLN H 502 47.42 29.29 6.51
C GLN H 502 48.83 28.73 6.50
N ALA H 503 49.74 29.45 5.85
CA ALA H 503 51.13 29.01 5.73
C ALA H 503 51.90 29.13 7.03
N ARG H 504 52.67 28.10 7.34
CA ARG H 504 53.52 28.06 8.53
C ARG H 504 54.88 28.62 8.18
N LYS H 505 55.35 29.58 8.96
CA LYS H 505 56.67 30.12 8.68
C LYS H 505 57.74 29.13 9.14
N TYR H 506 58.89 29.19 8.48
CA TYR H 506 60.03 28.31 8.77
C TYR H 506 59.69 26.84 8.54
N GLN H 507 59.08 26.56 7.38
CA GLN H 507 58.75 25.18 7.06
C GLN H 507 60.06 24.46 6.73
N THR H 508 60.24 23.27 7.28
CA THR H 508 61.49 22.53 7.11
C THR H 508 61.78 22.19 5.66
N TRP H 509 60.84 21.56 4.97
CA TRP H 509 61.16 21.18 3.60
C TRP H 509 61.21 22.37 2.66
N SER H 510 60.57 23.50 2.99
CA SER H 510 60.70 24.65 2.10
C SER H 510 62.13 25.16 2.08
N ILE H 511 62.85 24.97 3.19
CA ILE H 511 64.25 25.37 3.29
C ILE H 511 65.15 24.29 2.67
N ALA H 512 64.83 23.03 2.97
CA ALA H 512 65.62 21.93 2.44
C ALA H 512 65.57 21.86 0.92
N GLY H 513 64.42 22.20 0.33
CA GLY H 513 64.32 22.18 -1.11
C GLY H 513 65.22 23.23 -1.74
N TYR H 514 65.28 24.41 -1.13
CA TYR H 514 66.15 25.46 -1.65
C TYR H 514 67.60 25.03 -1.56
N LEU H 515 67.97 24.42 -0.43
CA LEU H 515 69.35 23.95 -0.26
C LEU H 515 69.70 22.90 -1.30
N VAL H 516 68.81 21.93 -1.52
CA VAL H 516 69.06 20.87 -2.49
C VAL H 516 69.17 21.44 -3.90
N ALA H 517 68.30 22.40 -4.23
CA ALA H 517 68.35 22.99 -5.56
C ALA H 517 69.66 23.73 -5.78
N LYS H 518 70.13 24.47 -4.77
CA LYS H 518 71.37 25.20 -4.94
C LYS H 518 72.57 24.26 -5.08
N MET H 519 72.61 23.18 -4.27
CA MET H 519 73.75 22.28 -4.43
C MET H 519 73.67 21.53 -5.76
N LEU H 520 72.46 21.25 -6.26
CA LEU H 520 72.36 20.58 -7.56
C LEU H 520 72.85 21.52 -8.65
N LEU H 521 72.55 22.81 -8.54
CA LEU H 521 73.04 23.77 -9.52
C LEU H 521 74.55 23.88 -9.45
N GLU H 522 75.10 23.80 -8.23
CA GLU H 522 76.55 23.91 -8.05
C GLU H 522 77.27 22.65 -8.53
N ASP H 523 76.69 21.48 -8.29
CA ASP H 523 77.28 20.20 -8.68
C ASP H 523 76.21 19.34 -9.33
N PRO H 524 76.05 19.42 -10.65
CA PRO H 524 75.02 18.61 -11.32
C PRO H 524 75.28 17.12 -11.22
N SER H 525 76.51 16.71 -10.88
CA SER H 525 76.83 15.28 -10.77
C SER H 525 75.96 14.57 -9.75
N HIS H 526 75.22 15.31 -8.92
CA HIS H 526 74.35 14.72 -7.91
C HIS H 526 73.03 14.24 -8.49
N ILE H 527 72.66 14.65 -9.70
CA ILE H 527 71.38 14.22 -10.25
C ILE H 527 71.30 12.72 -10.45
N GLY H 528 72.44 12.04 -10.57
CA GLY H 528 72.37 10.60 -10.69
C GLY H 528 71.81 9.94 -9.45
N MET H 529 71.91 10.63 -8.32
CA MET H 529 71.38 10.17 -7.05
C MET H 529 69.86 10.16 -7.04
N ILE H 530 69.22 10.93 -7.92
CA ILE H 530 67.77 11.04 -7.96
C ILE H 530 67.19 10.83 -9.36
N SER H 531 67.96 10.26 -10.28
CA SER H 531 67.44 10.06 -11.63
C SER H 531 67.86 8.71 -12.20
N LEU H 532 67.11 8.29 -13.21
CA LEU H 532 67.34 7.04 -13.93
C LEU H 532 67.27 7.32 -15.42
N GLU H 533 67.78 6.39 -16.23
CA GLU H 533 67.75 6.57 -17.67
C GLU H 533 67.37 5.28 -18.40
N PRO I 83 53.57 25.44 -56.78
CA PRO I 83 53.91 24.71 -55.55
C PRO I 83 52.64 24.24 -54.89
N MET I 84 51.98 25.20 -54.25
CA MET I 84 50.71 24.98 -53.58
C MET I 84 49.55 25.09 -54.54
N MET I 85 49.72 25.88 -55.60
CA MET I 85 48.65 26.02 -56.57
C MET I 85 48.59 24.81 -57.49
N ALA I 86 49.71 24.12 -57.71
CA ALA I 86 49.65 22.94 -58.57
C ALA I 86 48.89 21.81 -57.89
N GLU I 87 49.20 21.54 -56.61
CA GLU I 87 48.48 20.52 -55.87
C GLU I 87 47.03 20.94 -55.67
N ALA I 88 46.82 22.23 -55.39
CA ALA I 88 45.46 22.73 -55.21
C ALA I 88 44.65 22.57 -56.48
N TRP I 89 45.27 22.81 -57.64
CA TRP I 89 44.54 22.65 -58.87
C TRP I 89 44.31 21.18 -59.18
N GLU I 90 45.23 20.30 -58.75
CA GLU I 90 44.98 18.88 -58.95
C GLU I 90 43.73 18.47 -58.19
N ALA I 91 43.61 18.96 -56.95
CA ALA I 91 42.44 18.67 -56.14
C ALA I 91 41.17 19.29 -56.74
N LEU I 92 41.29 20.52 -57.26
CA LEU I 92 40.14 21.18 -57.86
C LEU I 92 39.64 20.46 -59.11
N ARG I 93 40.58 19.99 -59.93
CA ARG I 93 40.19 19.27 -61.14
C ARG I 93 39.71 17.86 -60.82
N ARG I 94 40.14 17.29 -59.69
CA ARG I 94 39.67 15.97 -59.32
C ARG I 94 38.25 16.00 -58.79
N SER I 95 37.81 17.14 -58.27
CA SER I 95 36.48 17.31 -57.73
C SER I 95 35.44 17.71 -58.77
N MET I 96 35.66 17.39 -60.05
CA MET I 96 34.68 17.79 -61.06
C MET I 96 33.61 16.71 -61.21
N VAL I 97 32.38 17.16 -61.39
CA VAL I 97 31.21 16.31 -61.53
C VAL I 97 30.65 16.51 -62.93
N PHE I 98 30.54 15.41 -63.67
CA PHE I 98 30.04 15.35 -65.04
C PHE I 98 28.69 14.63 -65.05
N PHE I 99 27.79 15.10 -65.91
CA PHE I 99 26.47 14.52 -66.07
C PHE I 99 26.21 14.32 -67.56
N ARG I 100 26.13 13.06 -67.98
CA ARG I 100 25.89 12.71 -69.38
C ARG I 100 26.97 13.27 -70.32
N GLY I 101 28.21 13.35 -69.84
CA GLY I 101 29.31 13.85 -70.64
C GLY I 101 29.67 15.30 -70.43
N GLN I 102 28.76 16.10 -69.89
CA GLN I 102 29.12 17.50 -69.72
C GLN I 102 29.59 17.79 -68.32
N PRO I 103 30.65 18.59 -68.13
CA PRO I 103 31.07 18.92 -66.76
C PRO I 103 30.04 19.89 -66.21
N VAL I 104 29.37 19.49 -65.14
CA VAL I 104 28.32 20.33 -64.58
C VAL I 104 28.78 21.12 -63.37
N GLY I 105 29.74 20.59 -62.62
CA GLY I 105 30.15 21.36 -61.47
C GLY I 105 31.31 20.75 -60.73
N THR I 106 31.49 21.20 -59.49
CA THR I 106 32.53 20.68 -58.63
C THR I 106 31.87 20.04 -57.41
N LEU I 107 32.56 19.09 -56.80
CA LEU I 107 32.01 18.44 -55.63
C LEU I 107 32.07 19.40 -54.45
N ALA I 108 31.56 18.97 -53.31
CA ALA I 108 31.60 19.76 -52.09
C ALA I 108 32.77 19.31 -51.21
N ALA I 109 32.97 18.00 -51.12
CA ALA I 109 34.04 17.38 -50.35
C ALA I 109 34.46 16.13 -51.12
N VAL I 110 35.77 15.86 -51.14
CA VAL I 110 36.31 14.70 -51.86
C VAL I 110 37.03 13.85 -50.82
N ASP I 111 36.31 12.88 -50.25
CA ASP I 111 36.88 11.98 -49.25
C ASP I 111 36.86 10.53 -49.74
N TYR I 120 28.15 16.27 -48.05
CA TYR I 120 28.90 17.21 -48.87
C TYR I 120 29.54 16.52 -50.08
N ASP I 121 28.79 15.62 -50.73
CA ASP I 121 29.27 14.90 -51.90
C ASP I 121 28.50 15.29 -53.16
N GLN I 122 27.71 16.36 -53.08
CA GLN I 122 26.91 16.86 -54.18
C GLN I 122 27.46 18.21 -54.63
N VAL I 123 26.78 18.82 -55.60
CA VAL I 123 27.17 20.11 -56.14
C VAL I 123 26.35 21.19 -55.44
N PHE I 124 26.98 21.92 -54.54
CA PHE I 124 26.32 23.00 -53.82
C PHE I 124 26.55 24.32 -54.56
N VAL I 125 25.60 25.24 -54.42
CA VAL I 125 25.72 26.53 -55.10
C VAL I 125 26.83 27.36 -54.46
N ARG I 126 26.69 27.62 -53.16
CA ARG I 126 27.69 28.41 -52.44
C ARG I 126 29.06 27.76 -52.50
N ASP I 127 29.10 26.42 -52.49
CA ASP I 127 30.38 25.72 -52.56
C ASP I 127 31.00 25.83 -53.94
N PHE I 128 30.18 25.93 -54.99
CA PHE I 128 30.67 26.00 -56.36
C PHE I 128 31.05 27.40 -56.80
N VAL I 129 30.56 28.44 -56.12
CA VAL I 129 30.89 29.82 -56.48
C VAL I 129 32.40 30.03 -56.61
N PRO I 130 33.20 29.72 -55.59
CA PRO I 130 34.65 29.95 -55.76
C PRO I 130 35.28 29.08 -56.82
N SER I 131 34.84 27.83 -56.96
CA SER I 131 35.42 26.98 -58.00
C SER I 131 35.12 27.56 -59.37
N ALA I 132 33.91 28.10 -59.53
CA ALA I 132 33.53 28.72 -60.79
C ALA I 132 34.39 29.95 -61.06
N LEU I 133 34.67 30.74 -60.02
CA LEU I 133 35.51 31.91 -60.22
C LEU I 133 36.92 31.50 -60.61
N ALA I 134 37.42 30.42 -60.03
CA ALA I 134 38.75 29.94 -60.39
C ALA I 134 38.80 29.53 -61.84
N PHE I 135 37.79 28.79 -62.30
CA PHE I 135 37.78 28.39 -63.70
C PHE I 135 37.61 29.60 -64.62
N LEU I 136 36.81 30.59 -64.19
CA LEU I 136 36.61 31.77 -65.01
C LEU I 136 37.90 32.56 -65.18
N MET I 137 38.71 32.65 -64.12
CA MET I 137 39.97 33.36 -64.22
C MET I 137 41.02 32.56 -64.98
N ASN I 138 40.97 31.22 -64.90
CA ASN I 138 41.93 30.40 -65.61
C ASN I 138 41.64 30.29 -67.11
N GLY I 139 40.42 30.61 -67.54
CA GLY I 139 40.05 30.52 -68.93
C GLY I 139 39.26 29.29 -69.32
N GLU I 140 38.53 28.68 -68.39
CA GLU I 140 37.70 27.50 -68.65
C GLU I 140 36.30 27.83 -68.18
N PRO I 141 35.57 28.67 -68.92
CA PRO I 141 34.23 29.08 -68.52
C PRO I 141 33.05 28.25 -69.00
N ASP I 142 33.26 27.15 -69.73
CA ASP I 142 32.09 26.39 -70.18
C ASP I 142 31.44 25.63 -69.02
N ILE I 143 32.24 25.21 -68.04
CA ILE I 143 31.67 24.48 -66.89
C ILE I 143 30.72 25.38 -66.12
N VAL I 144 31.07 26.67 -65.99
CA VAL I 144 30.20 27.60 -65.28
C VAL I 144 28.89 27.78 -66.04
N LYS I 145 28.97 27.81 -67.37
CA LYS I 145 27.78 27.95 -68.20
C LYS I 145 26.87 26.73 -68.04
N HIS I 146 27.47 25.54 -68.04
CA HIS I 146 26.68 24.31 -67.86
C HIS I 146 26.02 24.30 -66.49
N PHE I 147 26.74 24.78 -65.47
CA PHE I 147 26.19 24.82 -64.13
C PHE I 147 25.00 25.76 -64.05
N LEU I 148 25.15 26.97 -64.58
CA LEU I 148 24.06 27.94 -64.55
C LEU I 148 22.84 27.41 -65.29
N LEU I 149 23.05 26.81 -66.46
CA LEU I 149 21.92 26.31 -67.24
C LEU I 149 21.22 25.14 -66.54
N LYS I 150 21.99 24.21 -65.97
CA LYS I 150 21.35 23.07 -65.32
C LYS I 150 20.63 23.52 -64.05
N THR I 151 21.19 24.49 -63.32
CA THR I 151 20.51 24.98 -62.14
C THR I 151 19.21 25.68 -62.53
N LEU I 152 19.20 26.35 -63.68
CA LEU I 152 17.97 26.98 -64.13
C LEU I 152 16.92 25.91 -64.46
N GLN I 153 17.37 24.81 -65.07
CA GLN I 153 16.44 23.73 -65.37
C GLN I 153 15.86 23.17 -64.07
N LEU I 154 16.70 23.07 -63.03
CA LEU I 154 16.21 22.60 -61.74
C LEU I 154 15.22 23.61 -61.17
N GLN I 155 15.42 24.90 -61.48
CA GLN I 155 14.51 25.93 -61.02
C GLN I 155 13.14 25.76 -61.66
N GLY I 156 13.11 25.18 -62.86
CA GLY I 156 11.84 24.95 -63.54
C GLY I 156 11.13 23.67 -63.15
N TRP I 157 11.52 23.06 -62.03
CA TRP I 157 10.93 21.82 -61.53
C TRP I 157 9.72 22.04 -60.65
N GLU I 158 8.95 20.98 -60.47
CA GLU I 158 7.77 20.94 -59.60
C GLU I 158 8.25 20.46 -58.23
N LYS I 159 8.41 21.39 -57.30
CA LYS I 159 8.89 21.12 -55.95
C LYS I 159 7.74 21.02 -54.94
N ARG I 160 7.87 20.09 -53.99
CA ARG I 160 6.84 19.85 -52.98
C ARG I 160 7.43 19.50 -51.62
N VAL I 161 6.84 20.05 -50.56
CA VAL I 161 7.26 19.79 -49.19
C VAL I 161 6.02 19.37 -48.40
N ASP I 162 5.88 18.05 -48.19
CA ASP I 162 4.86 17.30 -47.45
C ASP I 162 3.45 17.37 -48.04
N ARG I 163 3.03 18.58 -48.40
CA ARG I 163 1.75 18.84 -49.04
C ARG I 163 1.77 20.23 -49.66
N PHE I 164 2.90 20.90 -49.56
CA PHE I 164 3.05 22.28 -50.00
C PHE I 164 3.92 22.38 -51.25
N LYS I 165 3.37 22.98 -52.31
CA LYS I 165 4.12 23.17 -53.53
C LYS I 165 4.95 24.44 -53.36
N LEU I 166 6.27 24.31 -53.51
CA LEU I 166 7.17 25.43 -53.32
C LEU I 166 7.05 26.45 -54.46
N GLY I 167 7.70 27.59 -54.26
CA GLY I 167 7.66 28.66 -55.23
C GLY I 167 8.25 28.27 -56.57
N GLU I 168 7.85 29.03 -57.59
CA GLU I 168 8.31 28.77 -58.96
C GLU I 168 9.78 29.12 -59.14
N GLY I 169 10.22 30.26 -58.60
CA GLY I 169 11.60 30.69 -58.74
C GLY I 169 12.55 30.13 -57.71
N VAL I 170 12.12 29.18 -56.89
CA VAL I 170 12.98 28.60 -55.85
C VAL I 170 14.13 27.84 -56.50
N MET I 171 15.37 28.20 -56.12
CA MET I 171 16.64 27.61 -56.58
C MET I 171 17.09 26.51 -55.61
N PRO I 172 17.62 25.41 -56.13
CA PRO I 172 18.06 24.33 -55.24
C PRO I 172 19.35 24.64 -54.49
N ALA I 173 19.48 24.02 -53.32
CA ALA I 173 20.68 24.18 -52.52
C ALA I 173 21.81 23.27 -52.97
N SER I 174 21.46 22.07 -53.43
CA SER I 174 22.46 21.10 -53.90
C SER I 174 21.78 20.06 -54.78
N PHE I 175 22.62 19.31 -55.49
CA PHE I 175 22.16 18.25 -56.37
C PHE I 175 23.33 17.31 -56.66
N LYS I 176 23.00 16.04 -56.89
CA LYS I 176 23.98 15.01 -57.17
C LYS I 176 23.53 14.23 -58.41
N VAL I 177 24.49 13.53 -59.02
CA VAL I 177 24.22 12.75 -60.22
C VAL I 177 24.11 11.28 -59.89
N ASN I 187 21.44 10.74 -64.22
CA ASN I 187 20.23 11.39 -63.73
C ASN I 187 20.56 12.37 -62.61
N ILE I 188 20.05 13.58 -62.72
CA ILE I 188 20.28 14.60 -61.70
C ILE I 188 19.17 14.56 -60.66
N VAL I 189 19.56 14.65 -59.39
CA VAL I 189 18.64 14.65 -58.26
C VAL I 189 18.98 15.86 -57.42
N ALA I 190 17.99 16.69 -57.13
CA ALA I 190 18.20 17.92 -56.37
C ALA I 190 17.48 17.89 -55.03
N ASP I 191 17.97 18.70 -54.11
CA ASP I 191 17.42 18.83 -52.77
C ASP I 191 16.95 20.27 -52.59
N PHE I 192 15.65 20.45 -52.37
CA PHE I 192 15.05 21.76 -52.17
C PHE I 192 14.67 22.01 -50.72
N GLY I 193 15.01 21.11 -49.81
CA GLY I 193 14.67 21.28 -48.41
C GLY I 193 14.00 20.08 -47.77
N GLU I 194 13.52 19.14 -48.58
CA GLU I 194 12.89 17.96 -48.02
C GLU I 194 13.91 17.07 -47.32
N SER I 195 15.10 16.93 -47.90
CA SER I 195 16.16 16.13 -47.31
C SER I 195 17.13 16.94 -46.46
N ALA I 196 17.10 18.26 -46.56
CA ALA I 196 18.02 19.09 -45.78
C ALA I 196 17.73 18.93 -44.29
N ILE I 197 18.80 18.93 -43.49
CA ILE I 197 18.67 18.80 -42.06
C ILE I 197 17.95 20.03 -41.51
N GLY I 198 16.86 19.81 -40.80
CA GLY I 198 16.09 20.90 -40.23
C GLY I 198 15.20 21.60 -41.22
N ARG I 199 15.15 21.16 -42.47
CA ARG I 199 14.32 21.76 -43.52
C ARG I 199 14.66 23.23 -43.72
N VAL I 200 15.97 23.54 -43.75
CA VAL I 200 16.40 24.91 -43.96
C VAL I 200 16.19 25.32 -45.41
N ALA I 201 15.99 26.62 -45.63
CA ALA I 201 15.75 27.15 -46.97
C ALA I 201 16.96 27.90 -47.49
N PRO I 202 17.45 27.55 -48.68
CA PRO I 202 18.61 28.25 -49.27
C PRO I 202 18.24 29.56 -49.95
N VAL I 203 18.13 30.64 -49.18
CA VAL I 203 17.77 31.93 -49.76
C VAL I 203 18.87 32.45 -50.68
N ASP I 204 20.13 32.20 -50.32
CA ASP I 204 21.26 32.68 -51.12
C ASP I 204 21.47 31.93 -52.43
N SER I 205 20.90 30.74 -52.58
CA SER I 205 21.16 29.95 -53.79
C SER I 205 20.82 30.72 -55.06
N GLY I 206 19.68 31.41 -55.07
CA GLY I 206 19.34 32.18 -56.24
C GLY I 206 20.21 33.41 -56.39
N PHE I 207 20.48 34.09 -55.26
CA PHE I 207 21.27 35.31 -55.28
C PHE I 207 22.68 35.06 -55.78
N TRP I 208 23.28 33.94 -55.38
CA TRP I 208 24.61 33.64 -55.89
C TRP I 208 24.55 33.38 -57.39
N TRP I 209 23.46 32.74 -57.83
CA TRP I 209 23.30 32.41 -59.24
C TRP I 209 23.35 33.65 -60.10
N ILE I 210 22.56 34.66 -59.75
CA ILE I 210 22.58 35.88 -60.55
C ILE I 210 23.98 36.48 -60.51
N ILE I 211 24.60 36.49 -59.32
CA ILE I 211 25.94 37.05 -59.22
C ILE I 211 26.89 36.24 -60.09
N LEU I 212 26.76 34.91 -60.06
CA LEU I 212 27.63 34.09 -60.86
C LEU I 212 27.41 34.36 -62.33
N LEU I 213 26.15 34.61 -62.71
CA LEU I 213 25.89 34.90 -64.12
C LEU I 213 26.59 36.20 -64.48
N ARG I 214 26.50 37.20 -63.61
CA ARG I 214 27.18 38.46 -63.89
C ARG I 214 28.67 38.23 -63.95
N ALA I 215 29.17 37.34 -63.11
CA ALA I 215 30.59 37.05 -63.12
C ALA I 215 31.01 36.39 -64.43
N TYR I 216 30.15 35.54 -65.00
CA TYR I 216 30.51 34.87 -66.25
C TYR I 216 30.56 35.83 -67.42
N THR I 217 29.47 36.58 -67.64
CA THR I 217 29.42 37.50 -68.77
C THR I 217 30.49 38.57 -68.69
N LYS I 218 30.92 38.93 -67.48
CA LYS I 218 31.98 39.92 -67.36
C LYS I 218 33.34 39.27 -67.59
N SER I 219 33.50 38.03 -67.14
CA SER I 219 34.78 37.34 -67.30
C SER I 219 35.02 36.94 -68.75
N THR I 220 33.96 36.54 -69.46
CA THR I 220 34.07 36.11 -70.84
C THR I 220 33.74 37.18 -71.85
N GLY I 221 32.91 38.17 -71.50
CA GLY I 221 32.52 39.18 -72.45
C GLY I 221 31.45 38.70 -73.40
N ASP I 222 31.04 37.44 -73.28
CA ASP I 222 30.01 36.81 -74.11
C ASP I 222 28.66 37.09 -73.47
N LEU I 223 28.03 38.19 -73.89
CA LEU I 223 26.74 38.63 -73.38
C LEU I 223 25.58 37.76 -73.84
N THR I 224 25.82 36.81 -74.75
CA THR I 224 24.74 35.99 -75.28
C THR I 224 24.06 35.13 -74.21
N LEU I 225 24.83 34.59 -73.26
CA LEU I 225 24.23 33.72 -72.25
C LEU I 225 23.22 34.45 -71.39
N SER I 226 23.57 35.64 -70.90
CA SER I 226 22.63 36.37 -70.04
C SER I 226 21.41 36.84 -70.81
N GLU I 227 21.53 37.03 -72.12
CA GLU I 227 20.43 37.51 -72.94
C GLU I 227 19.50 36.40 -73.45
N THR I 228 19.80 35.14 -73.16
CA THR I 228 18.90 34.08 -73.60
C THR I 228 17.57 34.20 -72.85
N PRO I 229 16.46 33.82 -73.47
CA PRO I 229 15.16 33.94 -72.78
C PRO I 229 15.12 33.15 -71.46
N GLU I 230 15.79 32.00 -71.39
CA GLU I 230 15.77 31.22 -70.15
C GLU I 230 16.44 31.96 -69.00
N CYS I 231 17.61 32.56 -69.24
CA CYS I 231 18.29 33.27 -68.16
C CYS I 231 17.50 34.49 -67.73
N GLN I 232 16.83 35.17 -68.67
CA GLN I 232 16.02 36.31 -68.30
C GLN I 232 14.84 35.84 -67.45
N LYS I 233 14.26 34.70 -67.81
CA LYS I 233 13.14 34.15 -67.04
C LYS I 233 13.62 33.80 -65.64
N GLY I 234 14.80 33.21 -65.52
CA GLY I 234 15.31 32.85 -64.22
C GLY I 234 15.57 34.06 -63.34
N MET I 235 16.14 35.11 -63.93
CA MET I 235 16.39 36.33 -63.18
C MET I 235 15.09 36.91 -62.67
N LYS I 236 14.09 37.03 -63.55
CA LYS I 236 12.80 37.58 -63.15
C LYS I 236 12.12 36.70 -62.11
N LEU I 237 12.27 35.38 -62.23
CA LEU I 237 11.65 34.47 -61.28
C LEU I 237 12.26 34.64 -59.89
N ILE I 238 13.58 34.70 -59.81
CA ILE I 238 14.23 34.87 -58.51
C ILE I 238 13.93 36.25 -57.93
N LEU I 239 13.92 37.28 -58.78
CA LEU I 239 13.65 38.64 -58.31
C LEU I 239 12.21 38.83 -57.84
N SER I 240 11.26 38.15 -58.48
CA SER I 240 9.86 38.30 -58.10
C SER I 240 9.55 37.67 -56.74
N LEU I 241 10.38 36.73 -56.28
CA LEU I 241 10.13 36.11 -54.98
C LEU I 241 10.48 37.05 -53.84
N CYS I 242 11.61 37.75 -53.95
CA CYS I 242 12.06 38.66 -52.91
C CYS I 242 11.48 40.06 -53.04
N LEU I 243 11.22 40.52 -54.26
CA LEU I 243 10.66 41.85 -54.43
C LEU I 243 9.15 41.88 -54.29
N ALA I 244 8.52 40.73 -53.99
CA ALA I 244 7.08 40.70 -53.83
C ALA I 244 6.67 41.44 -52.56
N GLU I 245 5.52 42.09 -52.61
CA GLU I 245 5.03 42.83 -51.45
C GLU I 245 4.51 41.87 -50.38
N GLY I 246 4.53 42.35 -49.14
CA GLY I 246 4.07 41.57 -48.01
C GLY I 246 3.85 42.46 -46.82
N PHE I 247 3.56 41.82 -45.68
CA PHE I 247 3.33 42.54 -44.44
C PHE I 247 4.59 43.23 -43.92
N ASP I 248 5.72 43.05 -44.59
CA ASP I 248 6.99 43.63 -44.19
C ASP I 248 6.96 45.15 -44.11
N THR I 249 7.46 45.69 -43.01
CA THR I 249 7.57 47.12 -42.78
C THR I 249 9.02 47.59 -42.93
N PHE I 250 9.90 46.69 -43.38
CA PHE I 250 11.33 46.86 -43.59
C PHE I 250 11.69 46.58 -45.04
N PRO I 251 12.58 47.38 -45.64
CA PRO I 251 12.98 47.10 -47.02
C PRO I 251 13.79 45.82 -47.14
N THR I 252 14.46 45.40 -46.07
CA THR I 252 15.27 44.20 -46.08
C THR I 252 14.38 42.95 -46.14
N LEU I 253 15.01 41.83 -46.53
CA LEU I 253 14.32 40.56 -46.68
C LEU I 253 14.24 39.80 -45.36
N LEU I 254 13.02 39.42 -44.96
CA LEU I 254 12.83 38.67 -43.73
C LEU I 254 13.36 37.26 -43.94
N CYS I 255 14.01 36.71 -42.91
CA CYS I 255 14.61 35.39 -43.05
C CYS I 255 14.41 34.52 -41.83
N ALA I 256 14.31 33.22 -42.09
CA ALA I 256 14.21 32.18 -41.08
C ALA I 256 15.62 31.76 -40.71
N ASP I 257 15.76 31.08 -39.57
CA ASP I 257 17.10 30.66 -39.14
C ASP I 257 17.71 29.64 -40.11
N GLY I 258 19.01 29.79 -40.36
CA GLY I 258 19.71 28.88 -41.25
C GLY I 258 19.47 29.08 -42.73
N CYS I 259 19.29 30.34 -43.16
CA CYS I 259 19.00 30.68 -44.55
C CYS I 259 20.24 31.12 -45.34
N SER I 260 21.43 30.59 -44.99
CA SER I 260 22.65 30.98 -45.69
C SER I 260 23.67 29.85 -45.49
N MET I 261 24.93 30.11 -45.85
CA MET I 261 26.02 29.16 -45.67
C MET I 261 25.92 28.64 -44.25
N ILE I 262 25.39 29.48 -43.35
CA ILE I 262 25.14 29.09 -41.99
C ILE I 262 23.76 28.43 -42.07
N ASP I 263 23.75 27.12 -42.32
CA ASP I 263 22.53 26.35 -42.49
C ASP I 263 21.93 25.88 -41.17
N ARG I 264 22.42 26.37 -40.04
CA ARG I 264 21.91 25.96 -38.74
C ARG I 264 21.43 27.17 -37.94
N ARG I 265 20.77 26.88 -36.82
CA ARG I 265 20.25 27.92 -35.93
C ARG I 265 21.43 28.62 -35.26
N MET I 266 21.59 29.93 -35.49
CA MET I 266 22.74 30.59 -34.89
C MET I 266 22.60 31.96 -34.21
N GLY I 267 21.51 32.72 -34.30
CA GLY I 267 20.32 32.50 -35.09
C GLY I 267 20.36 33.66 -36.07
N VAL I 268 20.37 33.35 -37.35
CA VAL I 268 20.44 34.36 -38.40
C VAL I 268 19.05 34.76 -38.88
N TYR I 269 18.04 34.53 -38.06
CA TYR I 269 16.68 34.90 -38.44
C TYR I 269 16.53 36.41 -38.46
N GLY I 270 15.53 36.88 -39.21
CA GLY I 270 15.28 38.30 -39.30
C GLY I 270 15.86 38.95 -40.54
N TYR I 271 16.85 39.81 -40.36
CA TYR I 271 17.51 40.52 -41.46
C TYR I 271 19.03 40.44 -41.30
N PRO I 272 19.62 39.26 -41.50
CA PRO I 272 21.07 39.14 -41.37
C PRO I 272 21.80 39.84 -42.50
N ILE I 273 22.96 40.43 -42.17
CA ILE I 273 23.75 41.16 -43.16
C ILE I 273 24.20 40.27 -44.31
N GLU I 274 24.37 38.97 -44.09
CA GLU I 274 24.79 38.12 -45.19
C GLU I 274 23.76 38.12 -46.30
N ILE I 275 22.50 37.89 -45.94
CA ILE I 275 21.43 37.85 -46.94
C ILE I 275 21.16 39.25 -47.50
N GLN I 276 21.22 40.29 -46.66
CA GLN I 276 20.97 41.63 -47.17
C GLN I 276 22.06 42.06 -48.14
N ALA I 277 23.31 41.74 -47.84
CA ALA I 277 24.40 42.11 -48.74
C ALA I 277 24.31 41.33 -50.04
N LEU I 278 24.01 40.04 -49.95
CA LEU I 278 23.85 39.26 -51.17
C LEU I 278 22.65 39.77 -51.97
N PHE I 279 21.62 40.25 -51.28
CA PHE I 279 20.44 40.81 -51.90
C PHE I 279 20.79 42.06 -52.70
N PHE I 280 21.56 42.96 -52.08
CA PHE I 280 21.96 44.19 -52.74
C PHE I 280 22.84 43.89 -53.95
N MET I 281 23.80 42.96 -53.78
CA MET I 281 24.69 42.61 -54.88
C MET I 281 23.93 41.95 -56.02
N ALA I 282 22.99 41.06 -55.70
CA ALA I 282 22.22 40.40 -56.73
C ALA I 282 21.33 41.39 -57.47
N LEU I 283 20.77 42.37 -56.75
CA LEU I 283 19.93 43.37 -57.40
C LEU I 283 20.73 44.21 -58.38
N ARG I 284 21.90 44.69 -57.93
CA ARG I 284 22.74 45.50 -58.80
C ARG I 284 23.22 44.70 -60.01
N SER I 285 23.64 43.46 -59.78
CA SER I 285 24.09 42.64 -60.90
C SER I 285 22.93 42.25 -61.80
N ALA I 286 21.71 42.23 -61.27
CA ALA I 286 20.56 41.91 -62.10
C ALA I 286 20.28 43.06 -63.07
N LEU I 287 20.42 44.29 -62.59
CA LEU I 287 20.21 45.43 -63.49
C LEU I 287 21.26 45.48 -64.60
N SER I 288 22.45 44.91 -64.34
CA SER I 288 23.53 44.90 -65.31
C SER I 288 23.23 44.07 -66.56
N MET I 289 22.22 43.20 -66.53
CA MET I 289 21.95 42.38 -67.71
C MET I 289 20.47 42.14 -67.99
N LEU I 290 19.56 42.90 -67.38
CA LEU I 290 18.13 42.69 -67.61
C LEU I 290 17.69 43.51 -68.81
N LYS I 291 17.09 42.85 -69.80
CA LYS I 291 16.64 43.53 -71.00
C LYS I 291 15.40 44.37 -70.71
N PRO I 292 15.26 45.55 -71.32
CA PRO I 292 14.09 46.41 -71.11
C PRO I 292 12.87 45.99 -71.93
N ASP I 293 12.58 44.69 -71.91
CA ASP I 293 11.45 44.12 -72.62
C ASP I 293 10.15 44.55 -71.95
N GLY I 294 9.02 44.09 -72.50
CA GLY I 294 7.69 44.40 -71.98
C GLY I 294 7.63 44.45 -70.47
N ASP I 295 7.69 43.29 -69.81
CA ASP I 295 7.66 43.28 -68.36
C ASP I 295 8.99 43.72 -67.74
N GLY I 296 10.05 43.73 -68.55
CA GLY I 296 11.37 44.10 -68.05
C GLY I 296 11.45 45.50 -67.47
N ARG I 297 10.80 46.47 -68.12
CA ARG I 297 10.88 47.84 -67.62
C ARG I 297 10.25 47.96 -66.23
N GLU I 298 9.14 47.26 -65.99
CA GLU I 298 8.47 47.32 -64.70
C GLU I 298 9.35 46.71 -63.60
N VAL I 299 9.95 45.55 -63.89
CA VAL I 299 10.82 44.91 -62.91
C VAL I 299 12.05 45.78 -62.66
N ILE I 300 12.55 46.45 -63.70
CA ILE I 300 13.71 47.32 -63.54
C ILE I 300 13.37 48.47 -62.61
N GLU I 301 12.17 49.03 -62.77
CA GLU I 301 11.75 50.11 -61.89
C GLU I 301 11.67 49.62 -60.45
N ARG I 302 11.10 48.42 -60.24
CA ARG I 302 11.00 47.88 -58.89
C ARG I 302 12.39 47.69 -58.28
N ILE I 303 13.32 47.15 -59.06
CA ILE I 303 14.67 46.92 -58.57
C ILE I 303 15.32 48.24 -58.16
N VAL I 304 15.15 49.29 -58.97
CA VAL I 304 15.76 50.57 -58.63
C VAL I 304 15.17 51.12 -57.33
N LYS I 305 13.85 51.05 -57.18
CA LYS I 305 13.22 51.57 -55.96
C LYS I 305 13.71 50.82 -54.73
N ARG I 306 13.69 49.49 -54.80
CA ARG I 306 14.14 48.70 -53.66
C ARG I 306 15.62 48.93 -53.39
N LEU I 307 16.42 49.16 -54.43
CA LEU I 307 17.85 49.41 -54.22
C LEU I 307 18.06 50.70 -53.46
N HIS I 308 17.26 51.73 -53.76
CA HIS I 308 17.43 52.98 -53.03
C HIS I 308 17.03 52.81 -51.57
N ALA I 309 15.89 52.15 -51.33
CA ALA I 309 15.46 51.95 -49.95
C ALA I 309 16.48 51.11 -49.18
N LEU I 310 17.10 50.13 -49.86
CA LEU I 310 18.09 49.29 -49.21
C LEU I 310 19.35 50.06 -48.90
N SER I 311 19.85 50.83 -49.86
CA SER I 311 21.07 51.59 -49.60
C SER I 311 20.89 52.51 -48.41
N PHE I 312 19.72 53.16 -48.31
CA PHE I 312 19.47 54.04 -47.18
C PHE I 312 19.41 53.26 -45.87
N HIS I 313 18.54 52.25 -45.80
CA HIS I 313 18.36 51.49 -44.57
C HIS I 313 19.66 50.84 -44.08
N MET I 314 20.47 50.33 -45.02
CA MET I 314 21.72 49.66 -44.64
C MET I 314 22.77 50.65 -44.19
N ARG I 315 22.99 51.73 -44.95
CA ARG I 315 24.03 52.67 -44.53
C ARG I 315 23.66 53.46 -43.29
N ASN I 316 22.35 53.61 -43.00
CA ASN I 316 21.96 54.39 -41.83
C ASN I 316 21.74 53.56 -40.57
N TYR I 317 21.21 52.34 -40.68
CA TYR I 317 20.93 51.57 -39.48
C TYR I 317 21.93 50.45 -39.20
N PHE I 318 22.30 49.66 -40.21
CA PHE I 318 23.21 48.55 -39.98
C PHE I 318 24.65 49.00 -39.70
N TRP I 319 25.07 50.16 -40.20
CA TRP I 319 26.44 50.60 -39.96
C TRP I 319 26.64 50.92 -38.49
N LEU I 320 27.84 50.61 -38.00
CA LEU I 320 28.16 50.83 -36.59
C LEU I 320 29.65 51.11 -36.42
N ASP I 321 29.96 52.27 -35.86
CA ASP I 321 31.30 52.70 -35.54
C ASP I 321 31.28 53.17 -34.09
N HIS I 322 32.38 53.72 -33.61
CA HIS I 322 32.43 54.15 -32.21
C HIS I 322 31.41 55.25 -31.93
N GLN I 323 31.26 56.20 -32.85
CA GLN I 323 30.32 57.28 -32.63
C GLN I 323 28.88 56.78 -32.62
N ASN I 324 28.53 55.90 -33.57
CA ASN I 324 27.17 55.37 -33.61
C ASN I 324 26.88 54.52 -32.39
N LEU I 325 27.86 53.75 -31.91
CA LEU I 325 27.63 52.94 -30.72
C LEU I 325 27.44 53.84 -29.51
N ASN I 326 28.21 54.92 -29.43
CA ASN I 326 28.03 55.86 -28.32
C ASN I 326 26.65 56.47 -28.36
N ASP I 327 26.14 56.75 -29.57
CA ASP I 327 24.81 57.32 -29.70
C ASP I 327 23.74 56.33 -29.26
N ILE I 328 23.86 55.07 -29.69
CA ILE I 328 22.88 54.06 -29.30
C ILE I 328 22.93 53.82 -27.79
N TYR I 329 24.11 53.96 -27.19
CA TYR I 329 24.22 53.78 -25.74
C TYR I 329 23.45 54.84 -24.98
N ARG I 330 23.26 56.01 -25.58
CA ARG I 330 22.54 57.14 -25.00
C ARG I 330 21.10 57.23 -25.50
N PHE I 331 20.59 56.18 -26.14
CA PHE I 331 19.23 56.18 -26.68
C PHE I 331 18.16 56.22 -25.60
N LYS I 332 17.05 56.86 -25.95
CA LYS I 332 15.87 56.92 -25.10
C LYS I 332 14.94 55.78 -25.54
N THR I 333 14.12 55.31 -24.61
CA THR I 333 13.23 54.20 -24.92
C THR I 333 11.77 54.64 -24.99
N GLU I 334 10.95 53.75 -25.54
CA GLU I 334 9.51 53.94 -25.71
C GLU I 334 9.21 55.18 -26.55
N GLU I 335 9.65 55.13 -27.82
CA GLU I 335 9.46 56.22 -28.76
C GLU I 335 8.44 55.82 -29.82
N TYR I 336 7.19 56.25 -29.62
CA TYR I 336 6.08 55.97 -30.53
C TYR I 336 5.79 57.20 -31.39
N SER I 337 6.54 57.36 -32.48
CA SER I 337 6.33 58.50 -33.36
C SER I 337 7.22 58.41 -34.60
N HIS I 338 6.82 59.14 -35.65
CA HIS I 338 7.62 59.21 -36.87
C HIS I 338 8.95 59.90 -36.59
N THR I 339 8.97 60.82 -35.63
CA THR I 339 10.16 61.58 -35.27
C THR I 339 10.77 61.00 -34.01
N ALA I 340 11.36 59.82 -34.17
CA ALA I 340 12.00 59.11 -33.09
C ALA I 340 13.47 58.86 -33.43
N VAL I 341 14.33 58.97 -32.43
CA VAL I 341 15.75 58.70 -32.64
C VAL I 341 16.00 57.20 -32.59
N ASN I 342 15.50 56.56 -31.53
CA ASN I 342 15.60 55.12 -31.33
C ASN I 342 14.43 54.53 -32.12
N LYS I 343 14.68 54.37 -33.42
CA LYS I 343 13.65 53.90 -34.35
C LYS I 343 13.18 52.48 -34.05
N PHE I 344 14.07 51.59 -33.67
CA PHE I 344 13.68 50.20 -33.44
C PHE I 344 13.52 49.84 -31.97
N ASN I 345 13.57 50.83 -31.07
CA ASN I 345 13.38 50.63 -29.64
C ASN I 345 14.33 49.59 -29.06
N VAL I 346 15.62 49.77 -29.30
CA VAL I 346 16.61 48.85 -28.76
C VAL I 346 16.94 49.28 -27.33
N MET I 347 17.06 48.32 -26.44
CA MET I 347 17.38 48.66 -25.05
C MET I 347 18.86 48.96 -24.92
N PRO I 348 19.24 50.17 -24.52
CA PRO I 348 20.67 50.48 -24.37
C PRO I 348 21.36 49.59 -23.36
N ASP I 349 20.66 49.19 -22.30
CA ASP I 349 21.25 48.31 -21.30
C ASP I 349 21.45 46.90 -21.83
N SER I 350 20.70 46.52 -22.86
CA SER I 350 20.80 45.18 -23.44
C SER I 350 22.00 45.01 -24.35
N ILE I 351 22.71 46.09 -24.67
CA ILE I 351 23.89 45.96 -25.54
C ILE I 351 24.93 45.12 -24.81
N PRO I 352 25.45 44.06 -25.43
CA PRO I 352 26.45 43.22 -24.74
C PRO I 352 27.71 44.00 -24.39
N GLU I 353 28.35 43.56 -23.30
CA GLU I 353 29.56 44.20 -22.79
C GLU I 353 30.74 44.05 -23.74
N TRP I 354 30.78 43.00 -24.55
CA TRP I 354 31.92 42.79 -25.45
C TRP I 354 31.98 43.84 -26.56
N VAL I 355 30.85 44.43 -26.94
CA VAL I 355 30.84 45.41 -28.02
C VAL I 355 31.64 46.65 -27.67
N PHE I 356 31.49 47.17 -26.45
CA PHE I 356 32.19 48.39 -26.07
C PHE I 356 33.70 48.19 -26.05
N ASP I 357 34.17 47.02 -25.61
CA ASP I 357 35.61 46.77 -25.59
C ASP I 357 36.13 46.43 -26.98
N PHE I 358 35.30 45.79 -27.80
CA PHE I 358 35.70 45.40 -29.15
C PHE I 358 35.80 46.58 -30.11
N MET I 359 34.97 47.60 -29.92
CA MET I 359 34.97 48.76 -30.81
C MET I 359 36.19 49.66 -30.65
N PRO I 360 37.02 49.79 -31.68
CA PRO I 360 38.18 50.68 -31.59
C PRO I 360 37.75 52.11 -31.90
N LEU I 361 38.67 53.05 -31.69
CA LEU I 361 38.35 54.43 -31.99
C LEU I 361 38.21 54.63 -33.49
N ARG I 362 39.08 54.00 -34.27
CA ARG I 362 39.06 54.07 -35.72
C ARG I 362 38.58 52.74 -36.29
N GLY I 363 37.62 52.80 -37.20
CA GLY I 363 37.08 51.61 -37.83
C GLY I 363 35.64 51.37 -37.42
N GLY I 364 34.97 50.52 -38.21
CA GLY I 364 33.59 50.17 -37.96
C GLY I 364 33.20 48.99 -38.82
N TYR I 365 31.95 48.58 -38.71
CA TYR I 365 31.46 47.44 -39.46
C TYR I 365 29.94 47.46 -39.51
N PHE I 366 29.37 46.56 -40.30
CA PHE I 366 27.93 46.44 -40.43
C PHE I 366 27.41 45.45 -39.39
N VAL I 367 26.39 45.87 -38.64
CA VAL I 367 25.81 45.05 -37.58
C VAL I 367 25.18 43.79 -38.14
N GLY I 368 25.28 42.68 -37.40
CA GLY I 368 24.78 41.42 -37.86
C GLY I 368 23.29 41.39 -38.16
N ASN I 369 22.48 42.08 -37.34
CA ASN I 369 21.05 42.04 -37.59
C ASN I 369 20.37 43.25 -36.97
N VAL I 370 19.33 43.74 -37.64
CA VAL I 370 18.55 44.89 -37.19
C VAL I 370 17.08 44.62 -37.49
N GLY I 371 16.26 44.61 -36.44
CA GLY I 371 14.83 44.37 -36.57
C GLY I 371 14.08 44.95 -35.38
N PRO I 372 12.77 44.67 -35.30
CA PRO I 372 11.97 45.21 -34.20
C PRO I 372 12.51 44.81 -32.83
N ALA I 373 13.01 45.80 -32.09
CA ALA I 373 13.58 45.65 -30.76
C ALA I 373 14.76 44.68 -30.73
N HIS I 374 15.26 44.27 -31.90
CA HIS I 374 16.37 43.33 -31.95
C HIS I 374 17.52 43.92 -32.76
N MET I 375 18.74 43.74 -32.29
CA MET I 375 19.92 44.24 -32.99
C MET I 375 21.09 43.37 -32.58
N ASP I 376 21.42 42.39 -33.43
CA ASP I 376 22.53 41.47 -33.17
C ASP I 376 23.82 42.12 -33.64
N PHE I 377 24.66 42.49 -32.68
CA PHE I 377 25.92 43.19 -32.88
C PHE I 377 27.08 42.32 -33.36
N ARG I 378 26.87 41.03 -33.62
CA ARG I 378 27.96 40.18 -34.05
C ARG I 378 28.50 40.58 -35.42
N TRP I 379 29.81 40.49 -35.57
CA TRP I 379 30.49 40.81 -36.83
C TRP I 379 30.49 39.57 -37.72
N PHE I 380 29.90 39.67 -38.90
CA PHE I 380 29.84 38.57 -39.85
C PHE I 380 30.76 38.91 -41.02
N ALA I 381 31.67 37.99 -41.33
CA ALA I 381 32.67 38.22 -42.37
C ALA I 381 32.06 38.34 -43.76
N LEU I 382 31.31 37.34 -44.19
CA LEU I 382 30.76 37.37 -45.54
C LEU I 382 29.85 38.57 -45.77
N GLY I 383 29.10 38.98 -44.76
CA GLY I 383 28.22 40.13 -44.94
C GLY I 383 28.98 41.40 -45.21
N ASN I 384 30.03 41.66 -44.43
CA ASN I 384 30.81 42.87 -44.64
C ASN I 384 31.59 42.81 -45.94
N CYS I 385 32.10 41.63 -46.28
CA CYS I 385 32.86 41.52 -47.53
C CYS I 385 31.95 41.78 -48.74
N VAL I 386 30.73 41.24 -48.72
CA VAL I 386 29.82 41.50 -49.83
C VAL I 386 29.38 42.95 -49.81
N SER I 387 29.24 43.55 -48.63
CA SER I 387 28.86 44.95 -48.56
C SER I 387 29.93 45.82 -49.21
N ILE I 388 31.19 45.40 -49.11
CA ILE I 388 32.28 46.15 -49.73
C ILE I 388 32.33 45.92 -51.23
N LEU I 389 32.21 44.65 -51.65
CA LEU I 389 32.27 44.33 -53.07
C LEU I 389 31.09 44.92 -53.86
N SER I 390 29.90 44.92 -53.28
CA SER I 390 28.73 45.45 -53.95
C SER I 390 28.64 46.96 -53.88
N SER I 391 29.68 47.62 -53.36
CA SER I 391 29.73 49.07 -53.18
C SER I 391 28.60 49.57 -52.28
N LEU I 392 27.97 48.64 -51.55
CA LEU I 392 26.91 49.03 -50.62
C LEU I 392 27.48 49.90 -49.53
N ALA I 393 28.73 49.64 -49.14
CA ALA I 393 29.42 50.43 -48.14
C ALA I 393 30.16 51.55 -48.86
N THR I 394 30.09 52.75 -48.30
CA THR I 394 30.77 53.88 -48.89
C THR I 394 32.28 53.66 -48.80
N PRO I 395 33.07 54.35 -49.62
CA PRO I 395 34.53 54.18 -49.53
C PRO I 395 35.03 54.40 -48.11
N ASP I 396 34.39 55.32 -47.37
CA ASP I 396 34.79 55.54 -45.99
C ASP I 396 34.43 54.34 -45.12
N GLN I 397 33.26 53.75 -45.36
CA GLN I 397 32.88 52.57 -44.58
C GLN I 397 33.78 51.39 -44.90
N SER I 398 34.18 51.25 -46.17
CA SER I 398 35.09 50.16 -46.52
C SER I 398 36.45 50.37 -45.87
N MET I 399 36.93 51.62 -45.88
CA MET I 399 38.21 51.91 -45.24
C MET I 399 38.11 51.67 -43.74
N ALA I 400 36.94 51.95 -43.16
CA ALA I 400 36.74 51.70 -41.73
C ALA I 400 36.74 50.20 -41.45
N ILE I 401 36.16 49.42 -42.36
CA ILE I 401 36.15 47.97 -42.17
C ILE I 401 37.58 47.44 -42.20
N MET I 402 38.40 47.96 -43.13
CA MET I 402 39.79 47.53 -43.20
C MET I 402 40.55 47.99 -41.96
N ASP I 403 40.24 49.18 -41.45
CA ASP I 403 40.90 49.68 -40.26
C ASP I 403 40.57 48.80 -39.07
N LEU I 404 39.30 48.41 -38.92
CA LEU I 404 38.91 47.53 -37.83
C LEU I 404 39.55 46.17 -37.98
N LEU I 405 39.70 45.70 -39.22
CA LEU I 405 40.35 44.41 -39.44
C LEU I 405 41.81 44.47 -39.02
N GLU I 406 42.46 45.61 -39.22
CA GLU I 406 43.86 45.75 -38.81
C GLU I 406 43.99 45.91 -37.30
N HIS I 407 43.06 46.61 -36.67
CA HIS I 407 43.16 46.84 -35.22
C HIS I 407 42.81 45.57 -34.45
N ARG I 408 41.63 45.01 -34.71
CA ARG I 408 41.20 43.78 -34.03
C ARG I 408 41.48 42.58 -34.94
N TRP I 409 42.75 42.44 -35.32
CA TRP I 409 43.16 41.38 -36.23
C TRP I 409 43.12 40.01 -35.55
N ALA I 410 43.69 39.90 -34.34
CA ALA I 410 43.71 38.61 -33.66
C ALA I 410 42.32 38.06 -33.39
N GLU I 411 41.32 38.94 -33.28
CA GLU I 411 39.96 38.50 -33.03
C GLU I 411 39.27 38.01 -34.31
N LEU I 412 39.31 38.82 -35.36
CA LEU I 412 38.64 38.46 -36.60
C LEU I 412 39.42 37.50 -37.48
N VAL I 413 40.73 37.37 -37.32
CA VAL I 413 41.50 36.47 -38.17
C VAL I 413 42.29 35.45 -37.36
N GLY I 414 43.20 35.93 -36.52
CA GLY I 414 44.02 35.04 -35.72
C GLY I 414 45.06 34.31 -36.57
N GLU I 415 45.39 33.09 -36.16
CA GLU I 415 46.38 32.30 -36.90
C GLU I 415 45.79 31.57 -38.09
N MET I 416 44.49 31.71 -38.34
CA MET I 416 43.87 31.03 -39.46
C MET I 416 42.67 31.82 -39.94
N PRO I 417 42.73 32.43 -41.12
CA PRO I 417 41.57 33.18 -41.62
C PRO I 417 40.54 32.22 -42.19
N LEU I 418 39.28 32.64 -42.17
CA LEU I 418 38.83 33.86 -41.56
C LEU I 418 37.65 33.49 -40.67
N LYS I 419 37.48 34.16 -39.53
CA LYS I 419 36.37 33.86 -38.65
C LYS I 419 35.05 34.13 -39.36
N ILE I 420 34.12 33.19 -39.25
CA ILE I 420 32.82 33.37 -39.90
C ILE I 420 32.03 34.45 -39.19
N CYS I 421 32.22 34.57 -37.87
CA CYS I 421 31.53 35.57 -37.08
C CYS I 421 32.27 35.74 -35.76
N TYR I 422 32.17 36.95 -35.19
CA TYR I 422 32.82 37.27 -33.93
C TYR I 422 31.87 38.11 -33.07
N PRO I 423 31.71 37.80 -31.78
CA PRO I 423 32.33 36.64 -31.12
C PRO I 423 31.43 35.41 -31.22
N CYS I 424 31.66 34.43 -30.36
CA CYS I 424 30.88 33.20 -30.36
C CYS I 424 29.92 33.16 -29.18
N LEU I 425 28.86 32.37 -29.34
CA LEU I 425 27.86 32.19 -28.29
C LEU I 425 28.40 31.20 -27.28
N GLU I 426 28.30 31.55 -26.00
CA GLU I 426 28.80 30.69 -24.93
C GLU I 426 27.77 30.55 -23.81
N GLY I 427 27.79 29.38 -23.19
CA GLY I 427 26.91 29.10 -22.06
C GLY I 427 25.44 29.24 -22.38
N HIS I 428 24.78 30.14 -21.64
CA HIS I 428 23.35 30.34 -21.81
C HIS I 428 23.01 30.83 -23.21
N GLU I 429 23.84 31.69 -23.79
CA GLU I 429 23.57 32.16 -25.16
C GLU I 429 23.56 30.97 -26.12
N TRP I 430 24.50 30.04 -25.95
CA TRP I 430 24.54 28.87 -26.83
C TRP I 430 23.33 27.97 -26.59
N ARG I 431 22.91 27.84 -25.33
CA ARG I 431 21.77 27.00 -24.99
C ARG I 431 20.47 27.52 -25.57
N ILE I 432 20.26 28.83 -25.53
CA ILE I 432 19.01 29.45 -25.99
C ILE I 432 19.01 29.78 -27.48
N VAL I 433 20.10 30.37 -27.99
CA VAL I 433 20.12 30.78 -29.39
C VAL I 433 20.27 29.58 -30.33
N THR I 434 21.26 28.73 -30.08
CA THR I 434 21.46 27.57 -30.95
C THR I 434 20.55 26.40 -30.63
N GLY I 435 19.81 26.45 -29.52
CA GLY I 435 18.95 25.34 -29.18
C GLY I 435 19.75 24.11 -28.79
N CYS I 436 20.86 24.31 -28.08
CA CYS I 436 21.74 23.23 -27.65
C CYS I 436 22.27 22.43 -28.84
N ASP I 437 22.73 23.15 -29.86
CA ASP I 437 23.25 22.52 -31.06
C ASP I 437 24.70 22.12 -30.80
N PRO I 438 25.03 20.82 -30.84
CA PRO I 438 26.41 20.41 -30.53
C PRO I 438 27.44 20.68 -31.61
N LYS I 439 27.03 20.91 -32.87
CA LYS I 439 28.02 21.18 -33.90
C LYS I 439 28.52 22.61 -33.86
N ASN I 440 27.86 23.50 -33.12
CA ASN I 440 28.24 24.90 -33.04
C ASN I 440 28.69 25.30 -31.63
N THR I 441 29.66 24.57 -31.09
CA THR I 441 30.17 24.85 -29.75
C THR I 441 31.04 26.10 -29.78
N ARG I 442 31.73 26.37 -28.68
CA ARG I 442 32.57 27.55 -28.56
C ARG I 442 33.66 27.58 -29.63
N TRP I 443 33.71 28.66 -30.39
CA TRP I 443 34.69 28.86 -31.46
C TRP I 443 34.73 27.64 -32.37
N SER I 444 33.53 27.24 -32.84
CA SER I 444 33.38 26.07 -33.70
C SER I 444 32.71 26.39 -35.04
N TYR I 445 32.23 25.35 -35.72
CA TYR I 445 31.65 25.37 -37.07
C TYR I 445 31.03 26.69 -37.53
N HIS I 446 29.91 27.11 -36.94
CA HIS I 446 29.35 28.40 -37.30
C HIS I 446 29.50 29.42 -36.19
N ASN I 447 29.69 28.94 -34.96
CA ASN I 447 29.81 29.78 -33.77
C ASN I 447 31.28 30.17 -33.54
N GLY I 448 31.76 31.08 -34.38
CA GLY I 448 33.11 31.59 -34.25
C GLY I 448 34.23 30.77 -34.88
N GLY I 449 33.93 29.82 -35.76
CA GLY I 449 34.98 29.03 -36.38
C GLY I 449 35.67 29.76 -37.51
N SER I 450 36.92 29.37 -37.75
CA SER I 450 37.72 29.97 -38.81
C SER I 450 37.51 29.17 -40.09
N TRP I 451 37.12 29.86 -41.16
CA TRP I 451 36.85 29.22 -42.44
C TRP I 451 37.86 29.66 -43.48
N PRO I 452 38.64 28.74 -44.05
CA PRO I 452 39.62 29.15 -45.06
C PRO I 452 38.99 29.65 -46.35
N VAL I 453 37.84 29.10 -46.73
CA VAL I 453 37.17 29.48 -47.98
C VAL I 453 36.87 30.97 -48.01
N LEU I 454 36.66 31.59 -46.85
CA LEU I 454 36.36 33.02 -46.81
C LEU I 454 37.51 33.89 -47.30
N LEU I 455 38.73 33.33 -47.37
CA LEU I 455 39.90 34.09 -47.77
C LEU I 455 39.68 34.85 -49.08
N TRP I 456 39.13 34.19 -50.10
CA TRP I 456 38.96 34.87 -51.38
C TRP I 456 38.10 36.12 -51.22
N GLN I 457 37.03 36.05 -50.44
CA GLN I 457 36.24 37.27 -50.25
C GLN I 457 37.11 38.35 -49.61
N LEU I 458 37.83 37.98 -48.55
CA LEU I 458 38.71 38.95 -47.90
C LEU I 458 39.70 39.51 -48.91
N THR I 459 40.14 38.67 -49.83
CA THR I 459 41.07 39.12 -50.84
C THR I 459 40.41 40.16 -51.75
N ALA I 460 39.25 39.81 -52.31
CA ALA I 460 38.56 40.73 -53.22
C ALA I 460 38.28 42.06 -52.54
N ALA I 461 37.69 42.01 -51.35
CA ALA I 461 37.38 43.24 -50.64
C ALA I 461 38.64 44.05 -50.39
N CYS I 462 39.78 43.38 -50.18
CA CYS I 462 41.01 44.11 -49.93
C CYS I 462 41.51 44.81 -51.20
N ILE I 463 41.33 44.19 -52.37
CA ILE I 463 41.79 44.81 -53.61
C ILE I 463 40.91 45.99 -53.98
N LYS I 464 39.60 45.85 -53.80
CA LYS I 464 38.68 46.94 -54.14
C LYS I 464 38.89 48.15 -53.24
N THR I 465 39.30 47.94 -51.99
CA THR I 465 39.55 49.02 -51.05
C THR I 465 40.95 49.58 -51.12
N GLY I 466 41.84 48.97 -51.91
CA GLY I 466 43.21 49.46 -52.01
C GLY I 466 44.12 49.09 -50.87
N ARG I 467 43.89 47.94 -50.23
CA ARG I 467 44.72 47.47 -49.11
C ARG I 467 45.14 46.04 -49.40
N PRO I 468 46.04 45.84 -50.38
CA PRO I 468 46.47 44.47 -50.72
C PRO I 468 47.37 43.82 -49.67
N GLN I 469 48.08 44.61 -48.85
CA GLN I 469 48.97 44.03 -47.86
C GLN I 469 48.23 43.17 -46.84
N ILE I 470 47.00 43.54 -46.49
CA ILE I 470 46.23 42.73 -45.55
C ILE I 470 45.91 41.37 -46.17
N ALA I 471 45.48 41.37 -47.43
CA ALA I 471 45.18 40.12 -48.09
C ALA I 471 46.44 39.27 -48.23
N ARG I 472 47.59 39.92 -48.44
CA ARG I 472 48.83 39.16 -48.54
C ARG I 472 49.19 38.54 -47.18
N ARG I 473 48.93 39.25 -46.10
CA ARG I 473 49.19 38.69 -44.77
C ARG I 473 48.34 37.44 -44.58
N ALA I 474 47.06 37.53 -44.94
CA ALA I 474 46.17 36.39 -44.81
C ALA I 474 46.60 35.25 -45.71
N VAL I 475 47.13 35.58 -46.90
CA VAL I 475 47.59 34.56 -47.83
C VAL I 475 48.77 33.80 -47.25
N ASP I 476 49.72 34.50 -46.62
CA ASP I 476 50.85 33.80 -46.03
C ASP I 476 50.41 32.97 -44.83
N LEU I 477 49.43 33.49 -44.07
CA LEU I 477 48.94 32.73 -42.92
C LEU I 477 48.28 31.44 -43.37
N ILE I 478 47.57 31.49 -44.49
CA ILE I 478 46.93 30.27 -44.98
C ILE I 478 47.95 29.36 -45.65
N GLU I 479 48.89 29.93 -46.42
CA GLU I 479 49.90 29.14 -47.10
C GLU I 479 50.90 28.48 -46.15
N SER I 480 50.86 28.77 -44.86
CA SER I 480 51.85 28.10 -44.03
C SER I 480 51.36 26.77 -43.45
N ARG I 481 50.06 26.58 -43.25
CA ARG I 481 49.57 25.32 -42.70
C ARG I 481 48.31 24.76 -43.33
N LEU I 482 47.59 25.52 -44.16
CA LEU I 482 46.36 25.03 -44.75
C LEU I 482 46.56 23.73 -45.51
N HIS I 483 47.64 23.61 -46.30
CA HIS I 483 47.89 22.36 -47.03
C HIS I 483 48.36 21.24 -46.12
N ARG I 484 49.10 21.58 -45.06
CA ARG I 484 49.61 20.55 -44.15
C ARG I 484 48.48 19.79 -43.48
N ASP I 485 47.32 20.44 -43.29
CA ASP I 485 46.19 19.81 -42.64
C ASP I 485 45.25 19.13 -43.64
N CYS I 486 45.71 18.91 -44.87
CA CYS I 486 44.93 18.25 -45.93
C CYS I 486 43.65 19.00 -46.29
N TRP I 487 43.73 20.33 -46.34
CA TRP I 487 42.63 21.21 -46.74
C TRP I 487 41.37 20.95 -45.91
N PRO I 488 41.35 21.34 -44.63
CA PRO I 488 40.17 21.09 -43.81
C PRO I 488 38.99 21.99 -44.19
N GLU I 489 37.80 21.56 -43.75
CA GLU I 489 36.59 22.33 -44.02
C GLU I 489 36.56 23.61 -43.19
N TYR I 490 36.90 23.51 -41.90
CA TYR I 490 36.90 24.66 -41.01
C TYR I 490 37.84 24.39 -39.85
N TYR I 491 38.22 25.47 -39.16
CA TYR I 491 39.12 25.42 -38.02
C TYR I 491 38.39 25.92 -36.78
N ASP I 492 38.83 25.46 -35.62
CA ASP I 492 38.23 25.84 -34.35
C ASP I 492 39.26 26.51 -33.46
N GLY I 493 38.77 27.27 -32.48
CA GLY I 493 39.64 27.96 -31.55
C GLY I 493 39.60 29.47 -31.65
N LYS I 494 40.06 30.15 -30.60
CA LYS I 494 40.06 31.62 -30.60
C LYS I 494 40.98 32.17 -31.67
N LEU I 495 42.05 31.44 -32.00
CA LEU I 495 42.99 31.83 -33.04
C LEU I 495 42.94 30.93 -34.25
N GLY I 496 42.14 29.86 -34.20
CA GLY I 496 42.08 28.92 -35.31
C GLY I 496 43.24 27.95 -35.30
N ARG I 497 43.92 27.81 -34.17
CA ARG I 497 45.06 26.90 -34.04
C ARG I 497 44.67 25.43 -34.21
N TYR I 498 43.42 25.09 -33.93
CA TYR I 498 42.96 23.70 -34.00
C TYR I 498 42.09 23.43 -35.22
N VAL I 499 42.21 22.22 -35.75
CA VAL I 499 41.39 21.81 -36.87
C VAL I 499 39.95 21.65 -36.39
N GLY I 500 38.99 21.77 -37.30
CA GLY I 500 37.60 21.67 -36.91
C GLY I 500 37.29 20.36 -36.20
N LYS I 501 36.26 20.43 -35.34
CA LYS I 501 35.84 19.25 -34.59
C LYS I 501 35.30 18.16 -35.51
N GLN I 502 34.54 18.56 -36.53
CA GLN I 502 33.95 17.64 -37.50
C GLN I 502 34.28 18.10 -38.91
N ALA I 503 35.46 18.68 -39.10
CA ALA I 503 35.87 19.18 -40.40
C ALA I 503 36.20 18.04 -41.36
N ARG I 504 35.73 18.20 -42.60
CA ARG I 504 35.99 17.23 -43.66
C ARG I 504 37.28 17.61 -44.36
N LYS I 505 38.18 16.64 -44.51
CA LYS I 505 39.43 16.92 -45.17
C LYS I 505 39.20 17.02 -46.68
N TYR I 506 40.04 17.82 -47.34
CA TYR I 506 39.96 18.02 -48.79
C TYR I 506 38.63 18.65 -49.21
N GLN I 507 38.22 19.71 -48.51
CA GLN I 507 36.99 20.40 -48.86
C GLN I 507 37.21 21.15 -50.16
N THR I 508 36.26 21.01 -51.09
CA THR I 508 36.42 21.62 -52.41
C THR I 508 36.51 23.14 -52.36
N TRP I 509 35.55 23.80 -51.70
CA TRP I 509 35.62 25.25 -51.72
C TRP I 509 36.76 25.76 -50.84
N SER I 510 37.25 24.96 -49.90
CA SER I 510 38.38 25.42 -49.09
C SER I 510 39.63 25.55 -49.97
N ILE I 511 39.72 24.73 -51.02
CA ILE I 511 40.84 24.78 -51.96
C ILE I 511 40.58 25.86 -53.01
N ALA I 512 39.35 25.91 -53.51
CA ALA I 512 38.99 26.88 -54.53
C ALA I 512 39.12 28.32 -54.03
N GLY I 513 38.83 28.57 -52.76
CA GLY I 513 38.96 29.91 -52.24
C GLY I 513 40.40 30.36 -52.21
N TYR I 514 41.31 29.45 -51.83
CA TYR I 514 42.73 29.79 -51.84
C TYR I 514 43.21 30.07 -53.25
N LEU I 515 42.78 29.23 -54.20
CA LEU I 515 43.19 29.43 -55.59
C LEU I 515 42.68 30.77 -56.11
N VAL I 516 41.42 31.10 -55.83
CA VAL I 516 40.85 32.36 -56.30
C VAL I 516 41.57 33.54 -55.67
N ALA I 517 41.91 33.43 -54.38
CA ALA I 517 42.60 34.54 -53.72
C ALA I 517 43.99 34.74 -54.32
N LYS I 518 44.69 33.66 -54.62
CA LYS I 518 46.01 33.81 -55.22
C LYS I 518 45.92 34.38 -56.62
N MET I 519 44.92 33.95 -57.40
CA MET I 519 44.76 34.50 -58.74
C MET I 519 44.40 35.97 -58.69
N LEU I 520 43.65 36.39 -57.67
CA LEU I 520 43.30 37.80 -57.55
C LEU I 520 44.53 38.62 -57.15
N LEU I 521 45.38 38.06 -56.28
CA LEU I 521 46.60 38.76 -55.91
C LEU I 521 47.54 38.91 -57.09
N GLU I 522 47.58 37.89 -57.96
CA GLU I 522 48.46 37.94 -59.12
C GLU I 522 47.93 38.90 -60.17
N ASP I 523 46.62 38.95 -60.36
CA ASP I 523 46.00 39.82 -61.34
C ASP I 523 44.78 40.50 -60.72
N PRO I 524 44.97 41.69 -60.13
CA PRO I 524 43.82 42.38 -59.51
C PRO I 524 42.76 42.79 -60.51
N SER I 525 43.08 42.82 -61.81
CA SER I 525 42.11 43.21 -62.82
C SER I 525 40.85 42.35 -62.80
N HIS I 526 40.88 41.21 -62.10
CA HIS I 526 39.74 40.32 -62.01
C HIS I 526 38.67 40.77 -61.02
N ILE I 527 38.97 41.76 -60.16
CA ILE I 527 37.98 42.18 -59.17
C ILE I 527 36.75 42.78 -59.83
N GLY I 528 36.87 43.28 -61.05
CA GLY I 528 35.68 43.81 -61.70
C GLY I 528 34.66 42.73 -61.97
N MET I 529 35.11 41.48 -62.05
CA MET I 529 34.26 40.32 -62.27
C MET I 529 33.36 40.03 -61.05
N ILE I 530 33.74 40.52 -59.87
CA ILE I 530 32.99 40.25 -58.65
C ILE I 530 32.69 41.51 -57.84
N SER I 531 32.82 42.68 -58.47
CA SER I 531 32.56 43.92 -57.75
C SER I 531 31.82 44.91 -58.62
N LEU I 532 31.20 45.89 -57.96
CA LEU I 532 30.44 46.94 -58.61
C LEU I 532 30.83 48.29 -57.98
N GLU I 533 30.51 49.37 -58.67
CA GLU I 533 30.83 50.70 -58.16
C GLU I 533 29.67 51.68 -58.36
N HIS J 82 -23.11 40.91 -14.08
CA HIS J 82 -24.07 39.81 -13.93
C HIS J 82 -25.59 40.20 -13.97
N PRO J 83 -25.96 41.50 -13.85
CA PRO J 83 -25.33 42.82 -13.62
C PRO J 83 -24.66 42.86 -12.24
N MET J 84 -23.58 43.62 -12.05
CA MET J 84 -23.03 44.54 -13.04
C MET J 84 -22.38 44.00 -14.31
N MET J 85 -23.20 44.13 -15.36
CA MET J 85 -22.93 43.80 -16.75
C MET J 85 -23.43 45.03 -17.48
N ALA J 86 -24.40 45.70 -16.84
CA ALA J 86 -24.94 46.94 -17.37
C ALA J 86 -23.91 48.05 -17.22
N GLU J 87 -23.16 48.02 -16.12
CA GLU J 87 -22.08 48.99 -15.92
C GLU J 87 -21.05 48.82 -17.02
N ALA J 88 -20.78 47.56 -17.37
CA ALA J 88 -19.86 47.26 -18.44
C ALA J 88 -20.37 47.82 -19.76
N TRP J 89 -21.69 47.77 -19.96
CA TRP J 89 -22.22 48.32 -21.20
C TRP J 89 -22.16 49.85 -21.17
N GLU J 90 -22.27 50.45 -19.98
CA GLU J 90 -22.13 51.89 -19.90
C GLU J 90 -20.74 52.28 -20.36
N ALA J 91 -19.74 51.52 -19.90
CA ALA J 91 -18.36 51.78 -20.29
C ALA J 91 -18.15 51.52 -21.78
N LEU J 92 -18.78 50.47 -22.33
CA LEU J 92 -18.61 50.16 -23.74
C LEU J 92 -19.24 51.25 -24.61
N ARG J 93 -20.41 51.76 -24.23
CA ARG J 93 -21.02 52.82 -25.01
C ARG J 93 -20.28 54.13 -24.81
N ARG J 94 -19.61 54.30 -23.67
CA ARG J 94 -18.83 55.51 -23.44
C ARG J 94 -17.52 55.50 -24.22
N SER J 95 -17.01 54.30 -24.55
CA SER J 95 -15.77 54.14 -25.29
C SER J 95 -15.97 54.20 -26.80
N MET J 96 -17.05 54.80 -27.27
CA MET J 96 -17.28 54.90 -28.71
C MET J 96 -16.67 56.19 -29.24
N VAL J 97 -16.12 56.11 -30.45
CA VAL J 97 -15.49 57.24 -31.12
C VAL J 97 -16.34 57.56 -32.33
N PHE J 98 -16.76 58.80 -32.45
CA PHE J 98 -17.60 59.23 -33.56
C PHE J 98 -16.78 60.07 -34.52
N PHE J 99 -17.02 59.87 -35.81
CA PHE J 99 -16.33 60.59 -36.89
C PHE J 99 -17.39 61.12 -37.85
N ARG J 100 -17.51 62.43 -37.92
CA ARG J 100 -18.48 63.10 -38.81
C ARG J 100 -19.90 62.68 -38.48
N GLY J 101 -20.17 62.36 -37.21
CA GLY J 101 -21.48 61.97 -36.75
C GLY J 101 -21.70 60.47 -36.67
N GLN J 102 -20.92 59.69 -37.41
CA GLN J 102 -21.06 58.24 -37.46
C GLN J 102 -20.05 57.54 -36.56
N PRO J 103 -20.51 56.51 -35.84
CA PRO J 103 -19.61 55.73 -34.97
C PRO J 103 -18.75 54.81 -35.82
N VAL J 104 -17.43 54.97 -35.71
CA VAL J 104 -16.53 54.16 -36.52
C VAL J 104 -15.93 53.02 -35.69
N GLY J 105 -15.77 53.22 -34.39
CA GLY J 105 -15.21 52.16 -33.58
C GLY J 105 -15.20 52.52 -32.11
N THR J 106 -14.45 51.74 -31.36
CA THR J 106 -14.29 51.93 -29.94
C THR J 106 -12.83 52.24 -29.63
N LEU J 107 -12.61 52.91 -28.50
CA LEU J 107 -11.27 53.28 -28.09
C LEU J 107 -10.52 52.03 -27.61
N ALA J 108 -9.26 52.24 -27.22
CA ALA J 108 -8.42 51.19 -26.67
C ALA J 108 -8.45 51.22 -25.15
N ALA J 109 -8.39 52.42 -24.58
CA ALA J 109 -8.44 52.67 -23.15
C ALA J 109 -9.18 53.99 -22.96
N VAL J 110 -9.98 54.07 -21.90
CA VAL J 110 -10.75 55.27 -21.60
C VAL J 110 -10.26 55.77 -20.25
N ASP J 111 -9.26 56.65 -20.28
CA ASP J 111 -8.69 57.22 -19.07
C ASP J 111 -8.86 58.73 -19.04
N TYR J 120 -1.99 53.57 -26.06
CA TYR J 120 -3.30 52.96 -26.25
C TYR J 120 -4.45 53.95 -26.16
N ASP J 121 -4.63 54.77 -27.20
CA ASP J 121 -5.71 55.74 -27.23
C ASP J 121 -6.40 55.84 -28.59
N GLN J 122 -6.03 55.00 -29.55
CA GLN J 122 -6.63 54.99 -30.87
C GLN J 122 -7.59 53.81 -30.99
N VAL J 123 -8.13 53.63 -32.20
CA VAL J 123 -9.03 52.52 -32.48
C VAL J 123 -8.17 51.40 -33.04
N PHE J 124 -7.91 50.37 -32.23
CA PHE J 124 -7.09 49.26 -32.68
C PHE J 124 -8.00 48.17 -33.24
N VAL J 125 -7.44 47.40 -34.18
CA VAL J 125 -8.22 46.33 -34.82
C VAL J 125 -8.49 45.20 -33.82
N ARG J 126 -7.41 44.64 -33.25
CA ARG J 126 -7.56 43.56 -32.29
C ARG J 126 -8.34 44.01 -31.07
N ASP J 127 -8.20 45.29 -30.68
CA ASP J 127 -8.94 45.80 -29.53
C ASP J 127 -10.42 45.97 -29.85
N PHE J 128 -10.75 46.25 -31.11
CA PHE J 128 -12.13 46.45 -31.53
C PHE J 128 -12.87 45.16 -31.84
N VAL J 129 -12.16 44.07 -32.11
CA VAL J 129 -12.83 42.80 -32.44
C VAL J 129 -13.88 42.42 -31.39
N PRO J 130 -13.53 42.33 -30.09
CA PRO J 130 -14.57 41.95 -29.12
C PRO J 130 -15.67 42.99 -28.99
N SER J 131 -15.34 44.28 -29.08
CA SER J 131 -16.39 45.29 -28.98
C SER J 131 -17.38 45.12 -30.13
N ALA J 132 -16.85 44.83 -31.32
CA ALA J 132 -17.69 44.62 -32.49
C ALA J 132 -18.58 43.40 -32.30
N LEU J 133 -18.03 42.33 -31.71
CA LEU J 133 -18.84 41.13 -31.48
C LEU J 133 -19.95 41.43 -30.48
N ALA J 134 -19.66 42.23 -29.46
CA ALA J 134 -20.68 42.57 -28.48
C ALA J 134 -21.81 43.34 -29.14
N PHE J 135 -21.47 44.34 -29.97
CA PHE J 135 -22.52 45.09 -30.65
C PHE J 135 -23.27 44.21 -31.65
N LEU J 136 -22.57 43.27 -32.30
CA LEU J 136 -23.24 42.39 -33.26
C LEU J 136 -24.25 41.50 -32.56
N MET J 137 -23.92 41.02 -31.36
CA MET J 137 -24.86 40.17 -30.65
C MET J 137 -26.00 40.97 -30.05
N ASN J 138 -25.75 42.23 -29.68
CA ASN J 138 -26.82 43.05 -29.12
C ASN J 138 -27.79 43.56 -30.19
N GLY J 139 -27.39 43.55 -31.45
CA GLY J 139 -28.23 44.03 -32.53
C GLY J 139 -27.92 45.43 -33.03
N GLU J 140 -26.68 45.89 -32.86
CA GLU J 140 -26.25 47.21 -33.31
C GLU J 140 -25.03 47.02 -34.21
N PRO J 141 -25.23 46.54 -35.44
CA PRO J 141 -24.12 46.28 -36.34
C PRO J 141 -23.67 47.42 -37.23
N ASP J 142 -24.22 48.64 -37.07
CA ASP J 142 -23.79 49.73 -37.93
C ASP J 142 -22.37 50.18 -37.63
N ILE J 143 -21.96 50.12 -36.36
CA ILE J 143 -20.60 50.52 -36.00
C ILE J 143 -19.58 49.58 -36.64
N VAL J 144 -19.91 48.29 -36.68
CA VAL J 144 -19.00 47.32 -37.29
C VAL J 144 -18.86 47.59 -38.78
N LYS J 145 -19.97 47.95 -39.44
CA LYS J 145 -19.94 48.25 -40.86
C LYS J 145 -19.08 49.49 -41.14
N HIS J 146 -19.27 50.54 -40.32
CA HIS J 146 -18.46 51.74 -40.51
C HIS J 146 -16.99 51.43 -40.28
N PHE J 147 -16.69 50.58 -39.29
CA PHE J 147 -15.31 50.24 -39.01
C PHE J 147 -14.67 49.51 -40.18
N LEU J 148 -15.35 48.48 -40.69
CA LEU J 148 -14.80 47.71 -41.80
C LEU J 148 -14.57 48.60 -43.02
N LEU J 149 -15.53 49.49 -43.32
CA LEU J 149 -15.38 50.34 -44.49
C LEU J 149 -14.25 51.36 -44.32
N LYS J 150 -14.15 51.98 -43.15
CA LYS J 150 -13.09 52.97 -42.96
C LYS J 150 -11.71 52.31 -42.93
N THR J 151 -11.61 51.12 -42.33
CA THR J 151 -10.31 50.44 -42.35
C THR J 151 -9.96 50.03 -43.77
N LEU J 152 -10.96 49.66 -44.57
CA LEU J 152 -10.68 49.33 -45.96
C LEU J 152 -10.17 50.54 -46.71
N GLN J 153 -10.76 51.72 -46.44
CA GLN J 153 -10.27 52.93 -47.09
C GLN J 153 -8.83 53.22 -46.67
N LEU J 154 -8.51 52.97 -45.39
CA LEU J 154 -7.14 53.18 -44.94
C LEU J 154 -6.18 52.20 -45.64
N GLN J 155 -6.68 51.02 -46.00
CA GLN J 155 -5.85 50.04 -46.69
C GLN J 155 -5.40 50.56 -48.05
N GLY J 156 -6.20 51.44 -48.66
CA GLY J 156 -5.88 52.01 -49.97
C GLY J 156 -5.00 53.23 -49.92
N TRP J 157 -4.33 53.47 -48.79
CA TRP J 157 -3.46 54.63 -48.64
C TRP J 157 -2.05 54.35 -49.14
N GLU J 158 -1.33 55.45 -49.39
CA GLU J 158 0.07 55.41 -49.81
C GLU J 158 0.90 55.44 -48.53
N LYS J 159 1.39 54.27 -48.13
CA LYS J 159 2.19 54.12 -46.92
C LYS J 159 3.66 54.10 -47.28
N ARG J 160 4.48 54.76 -46.44
CA ARG J 160 5.90 54.82 -46.72
C ARG J 160 6.68 54.78 -45.41
N VAL J 161 7.78 54.04 -45.40
CA VAL J 161 8.65 53.93 -44.23
C VAL J 161 10.05 54.32 -44.69
N ASP J 162 10.38 55.59 -44.44
CA ASP J 162 11.62 56.31 -44.71
C ASP J 162 11.95 56.49 -46.19
N ARG J 163 11.79 55.42 -46.97
CA ARG J 163 12.01 55.42 -48.41
C ARG J 163 11.34 54.22 -49.06
N PHE J 164 10.70 53.39 -48.26
CA PHE J 164 10.12 52.14 -48.71
C PHE J 164 8.60 52.22 -48.72
N LYS J 165 8.02 51.94 -49.87
CA LYS J 165 6.56 51.94 -50.03
C LYS J 165 6.03 50.61 -49.52
N LEU J 166 5.13 50.66 -48.54
CA LEU J 166 4.59 49.45 -47.95
C LEU J 166 3.67 48.73 -48.94
N GLY J 167 3.27 47.52 -48.55
CA GLY J 167 2.41 46.71 -49.39
C GLY J 167 1.07 47.36 -49.66
N GLU J 168 0.44 46.91 -50.75
CA GLU J 168 -0.86 47.45 -51.15
C GLU J 168 -1.97 47.02 -50.19
N GLY J 169 -1.99 45.74 -49.82
CA GLY J 169 -3.02 45.21 -48.93
C GLY J 169 -2.71 45.32 -47.45
N VAL J 170 -1.67 46.05 -47.07
CA VAL J 170 -1.32 46.18 -45.66
C VAL J 170 -2.42 46.93 -44.92
N MET J 171 -2.93 46.33 -43.84
CA MET J 171 -3.97 46.90 -42.99
C MET J 171 -3.34 47.63 -41.81
N PRO J 172 -3.89 48.79 -41.44
CA PRO J 172 -3.33 49.54 -40.32
C PRO J 172 -3.62 48.90 -38.98
N ALA J 173 -2.72 49.16 -38.02
CA ALA J 173 -2.88 48.63 -36.68
C ALA J 173 -3.84 49.48 -35.86
N SER J 174 -3.86 50.80 -36.07
CA SER J 174 -4.73 51.70 -35.32
C SER J 174 -4.85 53.01 -36.07
N PHE J 175 -5.78 53.84 -35.61
CA PHE J 175 -6.01 55.16 -36.17
C PHE J 175 -6.75 56.02 -35.15
N LYS J 176 -6.44 57.31 -35.15
CA LYS J 176 -7.06 58.26 -34.23
C LYS J 176 -7.54 59.50 -34.97
N VAL J 177 -8.47 60.22 -34.33
CA VAL J 177 -9.06 61.44 -34.88
C VAL J 177 -8.46 62.66 -34.21
N LEU J 178 -8.14 63.68 -35.01
CA LEU J 178 -7.58 64.93 -34.51
C LEU J 178 -8.71 65.89 -34.18
N HIS J 179 -8.50 66.72 -33.17
CA HIS J 179 -9.53 67.68 -32.77
C HIS J 179 -8.96 69.10 -32.71
N GLU J 184 -11.59 71.62 -37.93
CA GLU J 184 -10.44 70.73 -37.94
C GLU J 184 -10.58 69.71 -36.82
N THR J 185 -11.83 69.40 -36.48
CA THR J 185 -12.16 68.47 -35.42
C THR J 185 -12.48 67.06 -35.94
N ASP J 186 -12.14 66.77 -37.20
CA ASP J 186 -12.41 65.46 -37.79
C ASP J 186 -11.31 65.16 -38.81
N ASN J 187 -10.27 64.45 -38.35
CA ASN J 187 -9.16 64.06 -39.23
C ASN J 187 -8.65 62.70 -38.76
N ILE J 188 -8.62 61.73 -39.66
CA ILE J 188 -8.14 60.40 -39.31
C ILE J 188 -6.66 60.25 -39.67
N VAL J 189 -5.91 59.66 -38.73
CA VAL J 189 -4.48 59.40 -38.88
C VAL J 189 -4.30 57.93 -38.55
N ALA J 190 -3.64 57.19 -39.43
CA ALA J 190 -3.44 55.75 -39.24
C ALA J 190 -1.97 55.41 -39.04
N ASP J 191 -1.75 54.31 -38.34
CA ASP J 191 -0.42 53.79 -38.03
C ASP J 191 -0.30 52.38 -38.60
N PHE J 192 0.63 52.19 -39.53
CA PHE J 192 0.87 50.89 -40.15
C PHE J 192 2.16 50.25 -39.66
N GLY J 193 2.84 50.86 -38.70
CA GLY J 193 4.09 50.33 -38.18
C GLY J 193 5.18 51.38 -38.21
N GLU J 194 4.97 52.45 -38.98
CA GLU J 194 5.96 53.52 -39.07
C GLU J 194 6.06 54.26 -37.74
N SER J 195 4.93 54.48 -37.08
CA SER J 195 4.89 55.16 -35.79
C SER J 195 4.95 54.18 -34.62
N ALA J 196 4.74 52.89 -34.88
CA ALA J 196 4.75 51.88 -33.85
C ALA J 196 6.13 51.75 -33.19
N ILE J 197 6.11 51.45 -31.90
CA ILE J 197 7.35 51.29 -31.15
C ILE J 197 8.10 50.09 -31.69
N GLY J 198 9.36 50.30 -32.10
CA GLY J 198 10.15 49.23 -32.66
C GLY J 198 9.85 48.90 -34.10
N ARG J 199 8.92 49.62 -34.73
CA ARG J 199 8.55 49.42 -36.13
C ARG J 199 8.04 47.99 -36.38
N VAL J 200 7.22 47.48 -35.46
CA VAL J 200 6.65 46.15 -35.58
C VAL J 200 5.54 46.18 -36.62
N ALA J 201 5.27 45.03 -37.24
CA ALA J 201 4.25 44.90 -38.27
C ALA J 201 3.03 44.15 -37.76
N PRO J 202 1.82 44.72 -37.90
CA PRO J 202 0.61 44.03 -37.44
C PRO J 202 0.09 43.01 -38.45
N VAL J 203 0.63 41.79 -38.39
CA VAL J 203 0.22 40.75 -39.33
C VAL J 203 -1.22 40.30 -39.07
N ASP J 204 -1.65 40.29 -37.81
CA ASP J 204 -2.99 39.85 -37.46
C ASP J 204 -4.10 40.82 -37.86
N SER J 205 -3.79 42.07 -38.19
CA SER J 205 -4.84 43.04 -38.51
C SER J 205 -5.66 42.64 -39.73
N GLY J 206 -5.01 42.15 -40.79
CA GLY J 206 -5.77 41.77 -41.98
C GLY J 206 -6.64 40.56 -41.73
N PHE J 207 -6.09 39.57 -41.02
CA PHE J 207 -6.86 38.38 -40.70
C PHE J 207 -8.06 38.75 -39.83
N TRP J 208 -7.85 39.68 -38.90
CA TRP J 208 -8.93 40.12 -38.04
C TRP J 208 -10.00 40.85 -38.85
N TRP J 209 -9.58 41.60 -39.88
CA TRP J 209 -10.55 42.30 -40.71
C TRP J 209 -11.43 41.31 -41.46
N ILE J 210 -10.80 40.29 -42.06
CA ILE J 210 -11.59 39.30 -42.79
C ILE J 210 -12.51 38.52 -41.84
N ILE J 211 -11.99 38.15 -40.67
CA ILE J 211 -12.80 37.41 -39.70
C ILE J 211 -13.96 38.26 -39.22
N LEU J 212 -13.73 39.56 -38.99
CA LEU J 212 -14.80 40.44 -38.54
C LEU J 212 -15.84 40.61 -39.63
N LEU J 213 -15.41 40.65 -40.90
CA LEU J 213 -16.37 40.79 -41.99
C LEU J 213 -17.25 39.54 -42.07
N ARG J 214 -16.65 38.36 -41.89
CA ARG J 214 -17.43 37.13 -41.90
C ARG J 214 -18.40 37.10 -40.73
N ALA J 215 -17.93 37.55 -39.55
CA ALA J 215 -18.80 37.57 -38.38
C ALA J 215 -19.97 38.53 -38.58
N TYR J 216 -19.72 39.67 -39.22
CA TYR J 216 -20.81 40.62 -39.46
C TYR J 216 -21.82 40.04 -40.44
N THR J 217 -21.35 39.50 -41.56
CA THR J 217 -22.28 38.95 -42.53
C THR J 217 -23.05 37.76 -41.97
N LYS J 218 -22.47 37.02 -41.03
CA LYS J 218 -23.18 35.89 -40.45
C LYS J 218 -24.16 36.34 -39.37
N SER J 219 -23.80 37.35 -38.58
CA SER J 219 -24.68 37.85 -37.53
C SER J 219 -25.88 38.59 -38.10
N THR J 220 -25.68 39.34 -39.19
CA THR J 220 -26.75 40.10 -39.80
C THR J 220 -27.44 39.39 -40.96
N GLY J 221 -26.74 38.50 -41.66
CA GLY J 221 -27.33 37.85 -42.81
C GLY J 221 -27.35 38.72 -44.04
N ASP J 222 -26.88 39.97 -43.93
CA ASP J 222 -26.83 40.95 -45.00
C ASP J 222 -25.53 40.76 -45.77
N LEU J 223 -25.60 39.96 -46.83
CA LEU J 223 -24.46 39.64 -47.68
C LEU J 223 -24.02 40.80 -48.56
N THR J 224 -24.76 41.92 -48.57
CA THR J 224 -24.42 43.04 -49.44
C THR J 224 -23.06 43.64 -49.13
N LEU J 225 -22.68 43.77 -47.85
CA LEU J 225 -21.41 44.39 -47.51
C LEU J 225 -20.22 43.60 -48.05
N SER J 226 -20.21 42.29 -47.85
CA SER J 226 -19.08 41.49 -48.31
C SER J 226 -19.00 41.42 -49.84
N GLU J 227 -20.13 41.56 -50.53
CA GLU J 227 -20.15 41.46 -51.97
C GLU J 227 -19.85 42.76 -52.70
N THR J 228 -19.65 43.87 -51.97
CA THR J 228 -19.31 45.11 -52.65
C THR J 228 -17.92 44.96 -53.25
N PRO J 229 -17.64 45.64 -54.37
CA PRO J 229 -16.31 45.51 -54.97
C PRO J 229 -15.17 45.92 -54.04
N GLU J 230 -15.41 46.89 -53.16
CA GLU J 230 -14.36 47.32 -52.23
C GLU J 230 -13.95 46.20 -51.29
N CYS J 231 -14.93 45.53 -50.67
CA CYS J 231 -14.60 44.46 -49.74
C CYS J 231 -13.95 43.28 -50.44
N GLN J 232 -14.40 42.96 -51.65
CA GLN J 232 -13.79 41.86 -52.39
C GLN J 232 -12.34 42.18 -52.72
N LYS J 233 -12.09 43.43 -53.13
CA LYS J 233 -10.73 43.85 -53.44
C LYS J 233 -9.88 43.83 -52.19
N GLY J 234 -10.43 44.25 -51.05
CA GLY J 234 -9.66 44.24 -49.82
C GLY J 234 -9.30 42.83 -49.40
N MET J 235 -10.24 41.90 -49.55
CA MET J 235 -9.98 40.51 -49.21
C MET J 235 -8.86 39.95 -50.08
N LYS J 236 -8.95 40.19 -51.40
CA LYS J 236 -7.93 39.71 -52.30
C LYS J 236 -6.57 40.37 -52.02
N LEU J 237 -6.59 41.64 -51.62
CA LEU J 237 -5.35 42.34 -51.31
C LEU J 237 -4.67 41.74 -50.09
N ILE J 238 -5.44 41.48 -49.03
CA ILE J 238 -4.86 40.89 -47.83
C ILE J 238 -4.40 39.45 -48.11
N LEU J 239 -5.18 38.70 -48.89
CA LEU J 239 -4.81 37.33 -49.20
C LEU J 239 -3.56 37.25 -50.05
N SER J 240 -3.35 38.20 -50.96
CA SER J 240 -2.17 38.15 -51.81
C SER J 240 -0.87 38.43 -51.06
N LEU J 241 -0.95 39.09 -49.90
CA LEU J 241 0.25 39.38 -49.14
C LEU J 241 0.79 38.12 -48.45
N CYS J 242 -0.10 37.32 -47.87
CA CYS J 242 0.31 36.11 -47.17
C CYS J 242 0.43 34.91 -48.10
N LEU J 243 -0.40 34.85 -49.15
CA LEU J 243 -0.33 33.74 -50.08
C LEU J 243 0.74 33.92 -51.14
N ALA J 244 1.52 35.01 -51.06
CA ALA J 244 2.57 35.23 -52.04
C ALA J 244 3.67 34.18 -51.89
N GLU J 245 4.25 33.80 -53.01
CA GLU J 245 5.31 32.80 -53.00
C GLU J 245 6.62 33.39 -52.49
N GLY J 246 7.46 32.53 -51.95
CA GLY J 246 8.74 32.95 -51.43
C GLY J 246 9.65 31.77 -51.22
N PHE J 247 10.82 32.06 -50.65
CA PHE J 247 11.84 31.05 -50.36
C PHE J 247 11.40 30.09 -49.26
N ASP J 248 10.22 30.31 -48.69
CA ASP J 248 9.69 29.49 -47.61
C ASP J 248 9.57 28.02 -47.99
N THR J 249 10.07 27.15 -47.11
CA THR J 249 9.97 25.71 -47.24
C THR J 249 8.91 25.14 -46.31
N PHE J 250 8.12 26.02 -45.68
CA PHE J 250 7.06 25.75 -44.74
C PHE J 250 5.75 26.34 -45.24
N PRO J 251 4.63 25.62 -45.10
CA PRO J 251 3.34 26.18 -45.51
C PRO J 251 2.91 27.33 -44.62
N THR J 252 3.41 27.37 -43.38
CA THR J 252 3.08 28.40 -42.42
C THR J 252 3.67 29.75 -42.84
N LEU J 253 3.13 30.82 -42.27
CA LEU J 253 3.54 32.18 -42.57
C LEU J 253 4.72 32.61 -41.72
N LEU J 254 5.81 33.02 -42.37
CA LEU J 254 6.98 33.49 -41.65
C LEU J 254 6.68 34.84 -41.03
N CYS J 255 7.17 35.06 -39.81
CA CYS J 255 6.89 36.30 -39.11
C CYS J 255 8.08 36.83 -38.35
N ALA J 256 8.15 38.16 -38.25
CA ALA J 256 9.17 38.85 -37.50
C ALA J 256 8.67 38.98 -36.06
N ASP J 257 9.58 39.29 -35.14
CA ASP J 257 9.17 39.42 -33.75
C ASP J 257 8.20 40.57 -33.56
N GLY J 258 7.21 40.36 -32.70
CA GLY J 258 6.21 41.39 -32.44
C GLY J 258 5.17 41.56 -33.53
N CYS J 259 4.76 40.47 -34.17
CA CYS J 259 3.81 40.48 -35.27
C CYS J 259 2.37 40.18 -34.87
N SER J 260 2.12 39.76 -33.64
CA SER J 260 0.80 39.40 -33.15
C SER J 260 0.48 40.25 -31.92
N MET J 261 -0.60 39.88 -31.21
CA MET J 261 -1.05 40.55 -30.00
C MET J 261 0.16 40.92 -29.15
N ILE J 262 1.23 40.14 -29.28
CA ILE J 262 2.51 40.37 -28.62
C ILE J 262 3.24 41.36 -29.52
N ASP J 263 3.10 42.64 -29.24
CA ASP J 263 3.74 43.66 -30.06
C ASP J 263 5.19 43.91 -29.69
N ARG J 264 5.76 43.07 -28.82
CA ARG J 264 7.14 43.21 -28.40
C ARG J 264 7.89 41.91 -28.65
N ARG J 265 9.20 41.97 -28.47
CA ARG J 265 10.08 40.82 -28.66
C ARG J 265 9.82 39.83 -27.53
N MET J 266 9.35 38.61 -27.85
CA MET J 266 9.09 37.68 -26.76
C MET J 266 9.49 36.21 -26.88
N GLY J 267 9.92 35.65 -28.01
CA GLY J 267 10.01 36.21 -29.34
C GLY J 267 9.05 35.34 -30.13
N VAL J 268 8.08 35.97 -30.78
CA VAL J 268 7.07 35.27 -31.56
C VAL J 268 7.47 35.19 -33.02
N TYR J 269 8.77 35.32 -33.29
CA TYR J 269 9.24 35.24 -34.66
C TYR J 269 9.13 33.81 -35.19
N GLY J 270 9.08 33.69 -36.51
CA GLY J 270 8.97 32.39 -37.14
C GLY J 270 7.57 32.02 -37.56
N TYR J 271 7.01 31.00 -36.90
CA TYR J 271 5.67 30.50 -37.20
C TYR J 271 4.89 30.33 -35.90
N PRO J 272 4.50 31.41 -35.25
CA PRO J 272 3.75 31.28 -34.00
C PRO J 272 2.33 30.78 -34.25
N ILE J 273 1.82 29.97 -33.32
CA ILE J 273 0.48 29.41 -33.47
C ILE J 273 -0.59 30.48 -33.56
N GLU J 274 -0.37 31.64 -32.93
CA GLU J 274 -1.37 32.69 -32.99
C GLU J 274 -1.58 33.15 -34.43
N ILE J 275 -0.49 33.45 -35.13
CA ILE J 275 -0.59 33.92 -36.51
C ILE J 275 -1.06 32.79 -37.42
N GLN J 276 -0.59 31.56 -37.20
CA GLN J 276 -1.01 30.46 -38.07
C GLN J 276 -2.51 30.17 -37.90
N ALA J 277 -3.00 30.23 -36.66
CA ALA J 277 -4.41 29.97 -36.42
C ALA J 277 -5.27 31.09 -37.02
N LEU J 278 -4.85 32.35 -36.83
CA LEU J 278 -5.59 33.45 -37.41
C LEU J 278 -5.57 33.36 -38.93
N PHE J 279 -4.45 32.89 -39.49
CA PHE J 279 -4.30 32.70 -40.92
C PHE J 279 -5.28 31.66 -41.44
N PHE J 280 -5.36 30.52 -40.76
CA PHE J 280 -6.27 29.46 -41.15
C PHE J 280 -7.73 29.90 -41.07
N MET J 281 -8.08 30.60 -39.98
CA MET J 281 -9.46 31.07 -39.82
C MET J 281 -9.79 32.11 -40.88
N ALA J 282 -8.86 33.01 -41.19
CA ALA J 282 -9.11 34.02 -42.21
C ALA J 282 -9.24 33.40 -43.59
N LEU J 283 -8.47 32.34 -43.86
CA LEU J 283 -8.57 31.68 -45.16
C LEU J 283 -9.95 31.05 -45.34
N ARG J 284 -10.40 30.31 -44.32
CA ARG J 284 -11.71 29.68 -44.41
C ARG J 284 -12.82 30.72 -44.50
N SER J 285 -12.73 31.77 -43.69
CA SER J 285 -13.75 32.81 -43.75
C SER J 285 -13.68 33.57 -45.06
N ALA J 286 -12.51 33.59 -45.71
CA ALA J 286 -12.41 34.25 -47.00
C ALA J 286 -13.16 33.43 -48.04
N LEU J 287 -13.03 32.10 -47.96
CA LEU J 287 -13.79 31.28 -48.90
C LEU J 287 -15.28 31.42 -48.65
N SER J 288 -15.66 31.68 -47.40
CA SER J 288 -17.07 31.83 -47.06
C SER J 288 -17.75 33.03 -47.72
N MET J 289 -16.98 34.00 -48.26
CA MET J 289 -17.63 35.16 -48.86
C MET J 289 -16.95 35.71 -50.11
N LEU J 290 -16.13 34.92 -50.81
CA LEU J 290 -15.44 35.43 -52.00
C LEU J 290 -16.21 35.08 -53.26
N LYS J 291 -16.39 36.09 -54.13
CA LYS J 291 -17.10 35.89 -55.40
C LYS J 291 -16.13 35.38 -56.46
N PRO J 292 -16.48 34.33 -57.20
CA PRO J 292 -15.58 33.79 -58.23
C PRO J 292 -15.62 34.47 -59.60
N ASP J 293 -15.03 35.66 -59.67
CA ASP J 293 -14.95 36.42 -60.90
C ASP J 293 -13.69 35.96 -61.63
N GLY J 294 -13.21 36.73 -62.62
CA GLY J 294 -12.02 36.38 -63.36
C GLY J 294 -10.87 35.91 -62.47
N ASP J 295 -10.27 36.83 -61.72
CA ASP J 295 -9.18 36.48 -60.82
C ASP J 295 -9.67 35.79 -59.54
N GLY J 296 -10.98 35.89 -59.25
CA GLY J 296 -11.50 35.27 -58.05
C GLY J 296 -11.31 33.76 -58.02
N ARG J 297 -11.51 33.11 -59.17
CA ARG J 297 -11.34 31.66 -59.23
C ARG J 297 -9.88 31.28 -58.94
N GLU J 298 -8.95 32.09 -59.43
CA GLU J 298 -7.53 31.82 -59.20
C GLU J 298 -7.21 31.94 -57.71
N VAL J 299 -7.73 33.00 -57.08
CA VAL J 299 -7.47 33.18 -55.66
C VAL J 299 -8.11 32.06 -54.85
N ILE J 300 -9.29 31.59 -55.26
CA ILE J 300 -9.96 30.51 -54.55
C ILE J 300 -9.14 29.23 -54.64
N GLU J 301 -8.56 28.96 -55.81
CA GLU J 301 -7.74 27.76 -55.96
C GLU J 301 -6.53 27.83 -55.03
N ARG J 302 -5.88 29.00 -54.99
CA ARG J 302 -4.72 29.14 -54.12
C ARG J 302 -5.11 28.95 -52.66
N ILE J 303 -6.23 29.53 -52.24
CA ILE J 303 -6.68 29.41 -50.86
C ILE J 303 -6.93 27.95 -50.49
N VAL J 304 -7.56 27.20 -51.39
CA VAL J 304 -7.84 25.79 -51.08
C VAL J 304 -6.54 25.01 -50.93
N LYS J 305 -5.59 25.21 -51.84
CA LYS J 305 -4.32 24.48 -51.76
C LYS J 305 -3.59 24.79 -50.46
N ARG J 306 -3.45 26.09 -50.15
CA ARG J 306 -2.76 26.47 -48.92
C ARG J 306 -3.50 25.96 -47.69
N LEU J 307 -4.84 25.89 -47.75
CA LEU J 307 -5.58 25.39 -46.59
C LEU J 307 -5.27 23.91 -46.35
N HIS J 308 -5.11 23.14 -47.43
CA HIS J 308 -4.78 21.73 -47.22
C HIS J 308 -3.40 21.59 -46.62
N ALA J 309 -2.43 22.34 -47.16
CA ALA J 309 -1.07 22.26 -46.63
C ALA J 309 -1.02 22.70 -45.17
N LEU J 310 -1.81 23.70 -44.81
CA LEU J 310 -1.83 24.19 -43.44
C LEU J 310 -2.46 23.18 -42.50
N SER J 311 -3.62 22.63 -42.86
CA SER J 311 -4.26 21.66 -41.98
C SER J 311 -3.32 20.49 -41.71
N PHE J 312 -2.62 20.02 -42.74
CA PHE J 312 -1.71 18.90 -42.54
C PHE J 312 -0.54 19.29 -41.64
N HIS J 313 0.19 20.34 -42.00
CA HIS J 313 1.36 20.75 -41.24
C HIS J 313 1.03 21.05 -39.78
N MET J 314 -0.12 21.68 -39.52
CA MET J 314 -0.50 22.03 -38.16
C MET J 314 -0.93 20.81 -37.36
N ARG J 315 -1.78 19.95 -37.92
CA ARG J 315 -2.21 18.79 -37.14
C ARG J 315 -1.11 17.77 -36.94
N ASN J 316 -0.11 17.73 -37.82
CA ASN J 316 0.94 16.73 -37.67
C ASN J 316 2.16 17.22 -36.90
N TYR J 317 2.55 18.49 -37.04
CA TYR J 317 3.76 18.96 -36.36
C TYR J 317 3.50 19.80 -35.12
N PHE J 318 2.58 20.76 -35.18
CA PHE J 318 2.34 21.63 -34.04
C PHE J 318 1.65 20.93 -32.88
N TRP J 319 0.88 19.87 -33.12
CA TRP J 319 0.18 19.20 -32.04
C TRP J 319 1.17 18.52 -31.10
N LEU J 320 0.84 18.52 -29.80
CA LEU J 320 1.72 17.93 -28.80
C LEU J 320 0.92 17.40 -27.61
N ASP J 321 1.05 16.10 -27.36
CA ASP J 321 0.43 15.43 -26.22
C ASP J 321 1.52 14.62 -25.54
N HIS J 322 1.15 13.82 -24.53
CA HIS J 322 2.15 13.05 -23.79
C HIS J 322 2.85 12.03 -24.68
N GLN J 323 2.10 11.37 -25.56
CA GLN J 323 2.69 10.36 -26.44
C GLN J 323 3.65 11.02 -27.44
N ASN J 324 3.23 12.14 -28.02
CA ASN J 324 4.08 12.84 -28.98
C ASN J 324 5.34 13.36 -28.30
N LEU J 325 5.21 13.85 -27.06
CA LEU J 325 6.37 14.35 -26.35
C LEU J 325 7.35 13.22 -26.05
N ASN J 326 6.83 12.05 -25.69
CA ASN J 326 7.73 10.92 -25.44
C ASN J 326 8.47 10.54 -26.71
N ASP J 327 7.76 10.58 -27.85
CA ASP J 327 8.39 10.23 -29.12
C ASP J 327 9.48 11.23 -29.48
N ILE J 328 9.21 12.53 -29.31
CA ILE J 328 10.23 13.53 -29.59
C ILE J 328 11.39 13.39 -28.63
N TYR J 329 11.11 12.98 -27.38
CA TYR J 329 12.17 12.78 -26.41
C TYR J 329 13.08 11.63 -26.83
N ARG J 330 12.57 10.68 -27.59
CA ARG J 330 13.36 9.56 -28.06
C ARG J 330 13.89 9.73 -29.49
N PHE J 331 13.83 10.95 -30.02
CA PHE J 331 14.26 11.27 -31.37
C PHE J 331 15.77 11.16 -31.61
N LYS J 332 16.12 10.81 -32.86
CA LYS J 332 17.49 10.77 -33.33
C LYS J 332 17.75 12.09 -34.05
N THR J 333 19.02 12.52 -34.08
CA THR J 333 19.35 13.79 -34.71
C THR J 333 20.15 13.59 -35.99
N GLU J 334 20.23 14.69 -36.77
CA GLU J 334 20.95 14.74 -38.04
C GLU J 334 20.41 13.70 -39.03
N GLU J 335 19.16 13.90 -39.42
CA GLU J 335 18.48 13.02 -40.36
C GLU J 335 18.40 13.75 -41.70
N TYR J 336 19.34 13.44 -42.59
CA TYR J 336 19.44 14.04 -43.92
C TYR J 336 18.81 13.10 -44.93
N SER J 337 17.49 13.22 -45.11
CA SER J 337 16.79 12.37 -46.06
C SER J 337 15.34 12.82 -46.18
N HIS J 338 14.73 12.48 -47.31
CA HIS J 338 13.31 12.79 -47.50
C HIS J 338 12.47 11.99 -46.53
N THR J 339 12.94 10.81 -46.15
CA THR J 339 12.25 9.90 -45.23
C THR J 339 12.93 10.00 -43.86
N ALA J 340 12.64 11.09 -43.17
CA ALA J 340 13.20 11.36 -41.86
C ALA J 340 12.08 11.48 -40.83
N VAL J 341 12.34 10.99 -39.62
CA VAL J 341 11.36 11.08 -38.54
C VAL J 341 11.44 12.46 -37.90
N ASN J 342 12.65 12.86 -37.49
CA ASN J 342 12.89 14.17 -36.88
C ASN J 342 13.07 15.13 -38.06
N LYS J 343 11.94 15.60 -38.57
CA LYS J 343 11.91 16.46 -39.75
C LYS J 343 12.63 17.79 -39.55
N PHE J 344 12.49 18.41 -38.38
CA PHE J 344 13.10 19.71 -38.16
C PHE J 344 14.37 19.67 -37.34
N ASN J 345 14.91 18.49 -37.07
CA ASN J 345 16.17 18.31 -36.32
C ASN J 345 16.16 18.99 -34.97
N VAL J 346 15.15 18.68 -34.15
CA VAL J 346 15.07 19.24 -32.82
C VAL J 346 15.95 18.41 -31.89
N MET J 347 16.69 19.07 -31.02
CA MET J 347 17.57 18.35 -30.10
C MET J 347 16.75 17.81 -28.92
N PRO J 348 16.71 16.49 -28.71
CA PRO J 348 15.92 15.96 -27.59
C PRO J 348 16.40 16.48 -26.24
N ASP J 349 17.70 16.71 -26.08
CA ASP J 349 18.22 17.23 -24.82
C ASP J 349 17.87 18.69 -24.63
N SER J 350 17.57 19.42 -25.71
CA SER J 350 17.23 20.83 -25.63
C SER J 350 15.81 21.08 -25.17
N ILE J 351 14.98 20.04 -25.06
CA ILE J 351 13.61 20.24 -24.59
C ILE J 351 13.64 20.75 -23.16
N PRO J 352 12.97 21.86 -22.84
CA PRO J 352 13.02 22.38 -21.47
C PRO J 352 12.44 21.41 -20.46
N GLU J 353 12.96 21.52 -19.23
CA GLU J 353 12.57 20.66 -18.12
C GLU J 353 11.12 20.86 -17.70
N TRP J 354 10.57 22.06 -17.88
CA TRP J 354 9.19 22.33 -17.47
C TRP J 354 8.16 21.58 -18.30
N VAL J 355 8.48 21.23 -19.55
CA VAL J 355 7.51 20.56 -20.42
C VAL J 355 7.14 19.18 -19.88
N PHE J 356 8.12 18.41 -19.43
CA PHE J 356 7.83 17.06 -18.95
C PHE J 356 6.95 17.08 -17.71
N ASP J 357 7.15 18.07 -16.83
CA ASP J 357 6.31 18.14 -15.63
C ASP J 357 4.94 18.73 -15.94
N PHE J 358 4.87 19.65 -16.90
CA PHE J 358 3.60 20.29 -17.26
C PHE J 358 2.67 19.37 -18.05
N MET J 359 3.22 18.46 -18.84
CA MET J 359 2.39 17.59 -19.67
C MET J 359 1.64 16.54 -18.86
N PRO J 360 0.31 16.57 -18.85
CA PRO J 360 -0.46 15.55 -18.14
C PRO J 360 -0.61 14.30 -18.99
N LEU J 361 -1.16 13.25 -18.38
CA LEU J 361 -1.35 12.01 -19.13
C LEU J 361 -2.44 12.18 -20.18
N ARG J 362 -3.53 12.85 -19.82
CA ARG J 362 -4.64 13.13 -20.72
C ARG J 362 -4.64 14.61 -21.09
N GLY J 363 -4.77 14.90 -22.37
CA GLY J 363 -4.80 16.26 -22.86
C GLY J 363 -3.56 16.60 -23.67
N GLY J 364 -3.68 17.69 -24.42
CA GLY J 364 -2.60 18.16 -25.27
C GLY J 364 -2.88 19.57 -25.73
N TYR J 365 -1.96 20.11 -26.53
CA TYR J 365 -2.11 21.47 -27.02
C TYR J 365 -1.21 21.66 -28.23
N PHE J 366 -1.36 22.82 -28.88
CA PHE J 366 -0.55 23.16 -30.03
C PHE J 366 0.70 23.91 -29.57
N VAL J 367 1.86 23.44 -30.03
CA VAL J 367 3.14 24.03 -29.66
C VAL J 367 3.24 25.46 -30.18
N GLY J 368 3.87 26.33 -29.39
CA GLY J 368 3.97 27.74 -29.73
C GLY J 368 4.65 28.06 -31.05
N ASN J 369 5.67 27.30 -31.42
CA ASN J 369 6.36 27.60 -32.67
C ASN J 369 7.07 26.36 -33.17
N VAL J 370 7.13 26.21 -34.50
CA VAL J 370 7.79 25.09 -35.15
C VAL J 370 8.54 25.62 -36.36
N GLY J 371 9.86 25.43 -36.39
CA GLY J 371 10.69 25.90 -37.47
C GLY J 371 11.99 25.12 -37.56
N PRO J 372 12.92 25.60 -38.41
CA PRO J 372 14.22 24.92 -38.54
C PRO J 372 15.00 24.88 -37.24
N ALA J 373 15.16 23.68 -36.67
CA ALA J 373 15.88 23.44 -35.42
C ALA J 373 15.31 24.22 -34.24
N HIS J 374 14.14 24.85 -34.41
CA HIS J 374 13.50 25.62 -33.36
C HIS J 374 12.09 25.10 -33.13
N MET J 375 11.72 25.01 -31.85
CA MET J 375 10.37 24.53 -31.51
C MET J 375 10.05 25.12 -30.14
N ASP J 376 9.26 26.20 -30.13
CA ASP J 376 8.89 26.88 -28.89
C ASP J 376 7.72 26.11 -28.28
N PHE J 377 7.98 25.44 -27.16
CA PHE J 377 7.02 24.61 -26.45
C PHE J 377 6.02 25.38 -25.61
N ARG J 378 6.08 26.70 -25.61
CA ARG J 378 5.17 27.49 -24.79
C ARG J 378 3.72 27.37 -25.26
N TRP J 379 2.81 27.30 -24.30
CA TRP J 379 1.38 27.23 -24.58
C TRP J 379 0.83 28.64 -24.74
N PHE J 380 0.26 28.94 -25.90
CA PHE J 380 -0.31 30.25 -26.18
C PHE J 380 -1.83 30.10 -26.23
N ALA J 381 -2.52 30.92 -25.44
CA ALA J 381 -3.98 30.83 -25.31
C ALA J 381 -4.71 31.17 -26.60
N LEU J 382 -4.42 32.35 -27.16
CA LEU J 382 -5.13 32.77 -28.36
C LEU J 382 -4.94 31.79 -29.51
N GLY J 383 -3.73 31.24 -29.65
CA GLY J 383 -3.49 30.30 -30.73
C GLY J 383 -4.33 29.04 -30.62
N ASN J 384 -4.39 28.46 -29.43
CA ASN J 384 -5.17 27.24 -29.24
C ASN J 384 -6.67 27.52 -29.37
N CYS J 385 -7.13 28.66 -28.84
CA CYS J 385 -8.55 28.99 -28.94
C CYS J 385 -8.96 29.20 -30.39
N VAL J 386 -8.13 29.90 -31.18
CA VAL J 386 -8.48 30.09 -32.58
C VAL J 386 -8.37 28.76 -33.33
N SER J 387 -7.43 27.90 -32.94
CA SER J 387 -7.31 26.60 -33.59
C SER J 387 -8.57 25.77 -33.35
N ILE J 388 -9.22 25.98 -32.20
CA ILE J 388 -10.45 25.26 -31.90
C ILE J 388 -11.63 25.88 -32.65
N LEU J 389 -11.72 27.21 -32.64
CA LEU J 389 -12.84 27.89 -33.30
C LEU J 389 -12.81 27.72 -34.81
N SER J 390 -11.62 27.74 -35.41
CA SER J 390 -11.49 27.58 -36.86
C SER J 390 -11.56 26.13 -37.29
N SER J 391 -11.87 25.22 -36.37
CA SER J 391 -11.95 23.79 -36.61
C SER J 391 -10.61 23.23 -37.11
N LEU J 392 -9.53 24.00 -36.94
CA LEU J 392 -8.22 23.52 -37.35
C LEU J 392 -7.82 22.31 -36.52
N ALA J 393 -8.25 22.28 -35.27
CA ALA J 393 -8.00 21.17 -34.38
C ALA J 393 -9.15 20.18 -34.51
N THR J 394 -8.82 18.89 -34.56
CA THR J 394 -9.84 17.87 -34.67
C THR J 394 -10.66 17.84 -33.38
N PRO J 395 -11.88 17.27 -33.43
CA PRO J 395 -12.67 17.22 -32.18
C PRO J 395 -11.91 16.57 -31.04
N ASP J 396 -11.06 15.57 -31.36
CA ASP J 396 -10.26 14.94 -30.32
C ASP J 396 -9.22 15.92 -29.80
N GLN J 397 -8.60 16.72 -30.68
CA GLN J 397 -7.62 17.69 -30.24
C GLN J 397 -8.27 18.78 -29.39
N SER J 398 -9.48 19.20 -29.75
CA SER J 398 -10.17 20.21 -28.97
C SER J 398 -10.53 19.66 -27.59
N MET J 399 -10.98 18.40 -27.54
CA MET J 399 -11.29 17.78 -26.27
C MET J 399 -10.03 17.63 -25.44
N ALA J 400 -8.89 17.36 -26.09
CA ALA J 400 -7.63 17.24 -25.37
C ALA J 400 -7.21 18.59 -24.81
N ILE J 401 -7.44 19.67 -25.56
CA ILE J 401 -7.09 20.99 -25.06
C ILE J 401 -7.93 21.32 -23.84
N MET J 402 -9.22 20.97 -23.88
CA MET J 402 -10.08 21.21 -22.72
C MET J 402 -9.65 20.35 -21.54
N ASP J 403 -9.21 19.12 -21.82
CA ASP J 403 -8.75 18.23 -20.76
C ASP J 403 -7.51 18.81 -20.09
N LEU J 404 -6.58 19.32 -20.89
CA LEU J 404 -5.37 19.93 -20.34
C LEU J 404 -5.73 21.17 -19.55
N LEU J 405 -6.72 21.93 -20.02
CA LEU J 405 -7.15 23.12 -19.31
C LEU J 405 -7.72 22.75 -17.94
N GLU J 406 -8.41 21.61 -17.86
CA GLU J 406 -8.98 21.15 -16.59
C GLU J 406 -7.92 20.60 -15.65
N HIS J 407 -6.93 19.88 -16.18
CA HIS J 407 -5.91 19.29 -15.33
C HIS J 407 -4.92 20.32 -14.82
N ARG J 408 -4.30 21.08 -15.72
CA ARG J 408 -3.35 22.12 -15.32
C ARG J 408 -4.05 23.48 -15.33
N TRP J 409 -5.13 23.56 -14.55
CA TRP J 409 -5.93 24.77 -14.49
C TRP J 409 -5.21 25.91 -13.77
N ALA J 410 -4.63 25.63 -12.61
CA ALA J 410 -3.95 26.68 -11.85
C ALA J 410 -2.80 27.31 -12.62
N GLU J 411 -2.21 26.57 -13.57
CA GLU J 411 -1.10 27.10 -14.34
C GLU J 411 -1.58 28.00 -15.48
N LEU J 412 -2.52 27.52 -16.29
CA LEU J 412 -3.01 28.28 -17.42
C LEU J 412 -4.05 29.34 -17.07
N VAL J 413 -4.72 29.21 -15.93
CA VAL J 413 -5.74 30.18 -15.56
C VAL J 413 -5.41 30.82 -14.21
N GLY J 414 -5.32 30.00 -13.16
CA GLY J 414 -5.03 30.54 -11.85
C GLY J 414 -6.22 31.29 -11.26
N GLU J 415 -5.91 32.34 -10.50
CA GLU J 415 -6.94 33.15 -9.86
C GLU J 415 -7.55 34.20 -10.77
N MET J 416 -7.06 34.33 -12.00
CA MET J 416 -7.59 35.34 -12.91
C MET J 416 -7.35 34.91 -14.35
N PRO J 417 -8.40 34.57 -15.10
CA PRO J 417 -8.19 34.17 -16.50
C PRO J 417 -7.97 35.39 -17.38
N LEU J 418 -7.23 35.19 -18.47
CA LEU J 418 -6.56 33.94 -18.78
C LEU J 418 -5.10 34.26 -19.08
N LYS J 419 -4.19 33.37 -18.70
CA LYS J 419 -2.77 33.60 -18.95
C LYS J 419 -2.54 33.64 -20.46
N ILE J 420 -1.80 34.65 -20.92
CA ILE J 420 -1.54 34.79 -22.34
C ILE J 420 -0.59 33.70 -22.83
N CYS J 421 0.31 33.23 -21.98
CA CYS J 421 1.25 32.19 -22.35
C CYS J 421 1.82 31.58 -21.08
N TYR J 422 2.20 30.30 -21.18
CA TYR J 422 2.75 29.57 -20.05
C TYR J 422 3.90 28.69 -20.53
N PRO J 423 5.05 28.71 -19.83
CA PRO J 423 5.34 29.56 -18.67
C PRO J 423 5.96 30.88 -19.12
N CYS J 424 6.63 31.58 -18.22
CA CYS J 424 7.25 32.85 -18.52
C CYS J 424 8.77 32.71 -18.59
N LEU J 425 9.40 33.63 -19.32
CA LEU J 425 10.85 33.64 -19.44
C LEU J 425 11.44 34.29 -18.20
N GLU J 426 12.47 33.65 -17.63
CA GLU J 426 13.10 34.15 -16.42
C GLU J 426 14.61 34.14 -16.54
N GLY J 427 15.23 35.12 -15.88
CA GLY J 427 16.67 35.23 -15.85
C GLY J 427 17.32 35.38 -17.21
N HIS J 428 18.19 34.42 -17.54
CA HIS J 428 18.92 34.45 -18.80
C HIS J 428 17.98 34.39 -20.00
N GLU J 429 16.90 33.60 -19.90
CA GLU J 429 15.95 33.54 -21.01
C GLU J 429 15.35 34.91 -21.27
N TRP J 430 15.02 35.65 -20.21
CA TRP J 430 14.46 36.98 -20.38
C TRP J 430 15.50 37.94 -20.95
N ARG J 431 16.76 37.81 -20.52
CA ARG J 431 17.83 38.68 -21.01
C ARG J 431 18.08 38.49 -22.51
N ILE J 432 18.08 37.25 -22.97
CA ILE J 432 18.41 36.94 -24.36
C ILE J 432 17.20 37.01 -25.30
N VAL J 433 16.07 36.43 -24.92
CA VAL J 433 14.91 36.39 -25.81
C VAL J 433 14.24 37.76 -25.91
N THR J 434 13.91 38.38 -24.78
CA THR J 434 13.24 39.67 -24.84
C THR J 434 14.19 40.84 -25.05
N GLY J 435 15.50 40.62 -24.99
CA GLY J 435 16.44 41.71 -25.15
C GLY J 435 16.38 42.67 -23.98
N CYS J 436 16.20 42.14 -22.76
CA CYS J 436 16.12 42.93 -21.54
C CYS J 436 14.96 43.93 -21.60
N ASP J 437 13.80 43.44 -22.02
CA ASP J 437 12.61 44.29 -22.11
C ASP J 437 11.98 44.40 -20.73
N PRO J 438 11.91 45.61 -20.15
CA PRO J 438 11.35 45.72 -18.79
C PRO J 438 9.84 45.60 -18.69
N LYS J 439 9.09 45.77 -19.78
CA LYS J 439 7.64 45.62 -19.67
C LYS J 439 7.20 44.17 -19.64
N ASN J 440 8.10 43.23 -19.96
CA ASN J 440 7.77 41.81 -19.99
C ASN J 440 8.55 41.03 -18.94
N THR J 441 8.47 41.45 -17.69
CA THR J 441 9.19 40.78 -16.61
C THR J 441 8.50 39.47 -16.26
N ARG J 442 8.92 38.85 -15.15
CA ARG J 442 8.36 37.57 -14.72
C ARG J 442 6.86 37.66 -14.48
N TRP J 443 6.12 36.80 -15.18
CA TRP J 443 4.66 36.73 -15.07
C TRP J 443 4.05 38.12 -15.23
N SER J 444 4.42 38.78 -16.32
CA SER J 444 3.97 40.14 -16.61
C SER J 444 3.28 40.26 -17.96
N TYR J 445 3.15 41.50 -18.44
CA TYR J 445 2.43 41.91 -19.65
C TYR J 445 2.31 40.87 -20.77
N HIS J 446 3.41 40.50 -21.42
CA HIS J 446 3.34 39.46 -22.43
C HIS J 446 3.98 38.17 -21.96
N ASN J 447 4.87 38.27 -20.98
CA ASN J 447 5.62 37.13 -20.45
C ASN J 447 4.87 36.47 -19.29
N GLY J 448 3.80 35.75 -19.64
CA GLY J 448 3.01 35.04 -18.66
C GLY J 448 1.97 35.83 -17.90
N GLY J 449 1.58 37.02 -18.37
CA GLY J 449 0.57 37.78 -17.66
C GLY J 449 -0.83 37.29 -17.95
N SER J 450 -1.74 37.56 -17.00
CA SER J 450 -3.12 37.16 -17.13
C SER J 450 -3.89 38.28 -17.82
N TRP J 451 -4.58 37.94 -18.90
CA TRP J 451 -5.34 38.91 -19.68
C TRP J 451 -6.83 38.60 -19.59
N PRO J 452 -7.64 39.52 -19.06
CA PRO J 452 -9.08 39.24 -18.97
C PRO J 452 -9.78 39.19 -20.32
N VAL J 453 -9.30 39.98 -21.29
CA VAL J 453 -9.93 40.02 -22.62
C VAL J 453 -9.95 38.65 -23.27
N LEU J 454 -8.98 37.79 -22.94
CA LEU J 454 -8.95 36.46 -23.54
C LEU J 454 -10.13 35.60 -23.15
N LEU J 455 -10.86 35.98 -22.10
CA LEU J 455 -11.99 35.18 -21.63
C LEU J 455 -12.96 34.81 -22.74
N TRP J 456 -13.34 35.78 -23.58
CA TRP J 456 -14.30 35.46 -24.64
C TRP J 456 -13.76 34.38 -25.57
N GLN J 457 -12.46 34.46 -25.92
CA GLN J 457 -11.91 33.42 -26.77
C GLN J 457 -12.10 32.06 -26.11
N LEU J 458 -11.80 31.98 -24.81
CA LEU J 458 -11.99 30.73 -24.09
C LEU J 458 -13.47 30.34 -24.09
N THR J 459 -14.35 31.31 -23.87
CA THR J 459 -15.78 31.02 -23.81
C THR J 459 -16.27 30.38 -25.10
N ALA J 460 -16.01 31.04 -26.23
CA ALA J 460 -16.44 30.46 -27.49
C ALA J 460 -15.83 29.08 -27.65
N ALA J 461 -14.52 28.96 -27.37
CA ALA J 461 -13.85 27.68 -27.51
C ALA J 461 -14.53 26.61 -26.68
N CYS J 462 -15.06 26.98 -25.52
CA CYS J 462 -15.73 25.99 -24.69
C CYS J 462 -17.07 25.56 -25.28
N ILE J 463 -17.83 26.52 -25.81
CA ILE J 463 -19.15 26.18 -26.35
C ILE J 463 -19.01 25.31 -27.58
N LYS J 464 -18.03 25.60 -28.43
CA LYS J 464 -17.84 24.77 -29.60
C LYS J 464 -17.41 23.36 -29.21
N THR J 465 -16.70 23.22 -28.08
CA THR J 465 -16.25 21.90 -27.66
C THR J 465 -17.26 21.18 -26.76
N GLY J 466 -18.34 21.83 -26.37
CA GLY J 466 -19.32 21.20 -25.51
C GLY J 466 -18.88 21.09 -24.07
N ARG J 467 -18.05 22.01 -23.59
CA ARG J 467 -17.56 22.03 -22.22
C ARG J 467 -17.80 23.42 -21.64
N PRO J 468 -19.05 23.78 -21.39
CA PRO J 468 -19.34 25.12 -20.84
C PRO J 468 -18.90 25.31 -19.40
N GLN J 469 -18.71 24.23 -18.63
CA GLN J 469 -18.32 24.40 -17.23
C GLN J 469 -17.00 25.15 -17.07
N ILE J 470 -16.05 24.97 -17.98
CA ILE J 470 -14.78 25.69 -17.88
C ILE J 470 -15.02 27.18 -18.04
N ALA J 471 -15.82 27.56 -19.04
CA ALA J 471 -16.11 28.97 -19.25
C ALA J 471 -16.92 29.55 -18.10
N ARG J 472 -17.83 28.76 -17.52
CA ARG J 472 -18.61 29.26 -16.39
C ARG J 472 -17.72 29.46 -15.17
N ARG J 473 -16.78 28.55 -14.94
CA ARG J 473 -15.86 28.70 -13.82
C ARG J 473 -15.02 29.95 -13.99
N ALA J 474 -14.51 30.17 -15.21
CA ALA J 474 -13.72 31.37 -15.47
C ALA J 474 -14.55 32.63 -15.34
N VAL J 475 -15.82 32.57 -15.76
CA VAL J 475 -16.70 33.74 -15.66
C VAL J 475 -16.97 34.07 -14.20
N ASP J 476 -17.20 33.06 -13.38
CA ASP J 476 -17.43 33.34 -11.96
C ASP J 476 -16.17 33.87 -11.31
N LEU J 477 -15.00 33.43 -11.79
CA LEU J 477 -13.74 33.93 -11.25
C LEU J 477 -13.52 35.39 -11.64
N ILE J 478 -13.88 35.76 -12.87
CA ILE J 478 -13.69 37.13 -13.34
C ILE J 478 -14.74 38.08 -12.77
N GLU J 479 -15.98 37.62 -12.61
CA GLU J 479 -17.03 38.48 -12.08
C GLU J 479 -16.82 38.87 -10.62
N SER J 480 -15.79 38.34 -9.96
CA SER J 480 -15.52 38.66 -8.58
C SER J 480 -14.46 39.75 -8.39
N ARG J 481 -13.61 40.00 -9.39
CA ARG J 481 -12.55 41.00 -9.24
C ARG J 481 -12.39 41.99 -10.38
N LEU J 482 -12.89 41.69 -11.60
CA LEU J 482 -12.71 42.61 -12.70
C LEU J 482 -13.38 43.96 -12.45
N HIS J 483 -14.61 43.95 -11.95
CA HIS J 483 -15.31 45.22 -11.71
C HIS J 483 -14.72 45.97 -10.52
N ARG J 484 -14.28 45.24 -9.49
CA ARG J 484 -13.72 45.89 -8.31
C ARG J 484 -12.39 46.56 -8.61
N ASP J 485 -11.63 46.05 -9.57
CA ASP J 485 -10.34 46.62 -9.92
C ASP J 485 -10.42 47.65 -11.05
N CYS J 486 -11.63 48.12 -11.37
CA CYS J 486 -11.86 49.13 -12.41
C CYS J 486 -11.40 48.68 -13.79
N TRP J 487 -11.62 47.40 -14.10
CA TRP J 487 -11.31 46.80 -15.39
C TRP J 487 -9.87 47.02 -15.84
N PRO J 488 -8.89 46.37 -15.22
CA PRO J 488 -7.49 46.56 -15.63
C PRO J 488 -7.20 45.95 -17.00
N GLU J 489 -6.09 46.42 -17.59
CA GLU J 489 -5.67 45.91 -18.89
C GLU J 489 -5.14 44.48 -18.79
N TYR J 490 -4.31 44.21 -17.78
CA TYR J 490 -3.74 42.89 -17.58
C TYR J 490 -3.35 42.72 -16.12
N TYR J 491 -3.17 41.46 -15.72
CA TYR J 491 -2.80 41.09 -14.37
C TYR J 491 -1.44 40.39 -14.38
N ASP J 492 -0.74 40.49 -13.25
CA ASP J 492 0.57 39.90 -13.11
C ASP J 492 0.59 38.91 -11.96
N GLY J 493 1.56 38.01 -11.99
CA GLY J 493 1.72 37.00 -10.97
C GLY J 493 1.49 35.59 -11.52
N LYS J 494 1.96 34.61 -10.76
CA LYS J 494 1.79 33.21 -11.16
C LYS J 494 0.31 32.83 -11.18
N LEU J 495 -0.48 33.46 -10.32
CA LEU J 495 -1.90 33.22 -10.25
C LEU J 495 -2.73 34.40 -10.74
N GLY J 496 -2.10 35.53 -11.07
CA GLY J 496 -2.83 36.69 -11.52
C GLY J 496 -3.47 37.45 -10.37
N ARG J 497 -3.03 37.20 -9.14
CA ARG J 497 -3.58 37.87 -7.96
C ARG J 497 -3.30 39.37 -7.95
N TYR J 498 -2.26 39.83 -8.64
CA TYR J 498 -1.87 41.23 -8.65
C TYR J 498 -2.22 41.90 -9.97
N VAL J 499 -2.57 43.19 -9.89
CA VAL J 499 -2.88 43.96 -11.08
C VAL J 499 -1.59 44.16 -11.87
N GLY J 500 -1.71 44.38 -13.18
CA GLY J 500 -0.54 44.53 -14.02
C GLY J 500 0.40 45.63 -13.55
N LYS J 501 1.67 45.47 -13.91
CA LYS J 501 2.70 46.43 -13.52
C LYS J 501 2.44 47.79 -14.15
N GLN J 502 1.99 47.82 -15.41
CA GLN J 502 1.70 49.04 -16.14
C GLN J 502 0.31 48.95 -16.76
N ALA J 503 -0.62 48.27 -16.08
CA ALA J 503 -1.96 48.09 -16.60
C ALA J 503 -2.77 49.37 -16.55
N ARG J 504 -3.48 49.65 -17.64
CA ARG J 504 -4.35 50.82 -17.73
C ARG J 504 -5.75 50.43 -17.26
N LYS J 505 -6.31 51.21 -16.34
CA LYS J 505 -7.64 50.90 -15.87
C LYS J 505 -8.67 51.28 -16.93
N TYR J 506 -9.80 50.55 -16.90
CA TYR J 506 -10.89 50.77 -17.85
C TYR J 506 -10.47 50.48 -19.29
N GLN J 507 -9.80 49.35 -19.50
CA GLN J 507 -9.39 48.97 -20.84
C GLN J 507 -10.65 48.57 -21.60
N THR J 508 -10.79 49.06 -22.83
CA THR J 508 -12.00 48.80 -23.62
C THR J 508 -12.22 47.33 -23.91
N TRP J 509 -11.21 46.64 -24.47
CA TRP J 509 -11.47 45.24 -24.78
C TRP J 509 -11.53 44.35 -23.56
N SER J 510 -10.97 44.78 -22.42
CA SER J 510 -11.09 43.95 -21.23
C SER J 510 -12.55 43.89 -20.78
N ILE J 511 -13.31 44.95 -21.05
CA ILE J 511 -14.72 45.01 -20.72
C ILE J 511 -15.54 44.31 -21.81
N ALA J 512 -15.19 44.57 -23.08
CA ALA J 512 -15.91 43.97 -24.20
C ALA J 512 -15.79 42.45 -24.18
N GLY J 513 -14.64 41.92 -23.77
CA GLY J 513 -14.48 40.47 -23.73
C GLY J 513 -15.40 39.85 -22.70
N TYR J 514 -15.55 40.51 -21.54
CA TYR J 514 -16.45 40.00 -20.52
C TYR J 514 -17.88 40.02 -21.02
N LEU J 515 -18.27 41.12 -21.69
CA LEU J 515 -19.63 41.20 -22.21
C LEU J 515 -19.89 40.12 -23.24
N VAL J 516 -18.93 39.90 -24.16
CA VAL J 516 -19.09 38.88 -25.18
C VAL J 516 -19.17 37.50 -24.57
N ALA J 517 -18.36 37.23 -23.54
CA ALA J 517 -18.38 35.92 -22.91
C ALA J 517 -19.72 35.68 -22.22
N LYS J 518 -20.26 36.70 -21.55
CA LYS J 518 -21.55 36.52 -20.90
C LYS J 518 -22.66 36.31 -21.93
N MET J 519 -22.61 37.06 -23.04
CA MET J 519 -23.63 36.89 -24.06
C MET J 519 -23.53 35.51 -24.71
N LEU J 520 -22.32 34.97 -24.84
CA LEU J 520 -22.17 33.63 -25.42
C LEU J 520 -22.69 32.59 -24.45
N LEU J 521 -22.47 32.78 -23.15
CA LEU J 521 -22.98 31.83 -22.16
C LEU J 521 -24.50 31.86 -22.13
N GLU J 522 -25.10 33.05 -22.32
CA GLU J 522 -26.54 33.16 -22.31
C GLU J 522 -27.16 32.58 -23.57
N ASP J 523 -26.53 32.78 -24.72
CA ASP J 523 -27.02 32.28 -26.00
C ASP J 523 -25.89 31.65 -26.78
N PRO J 524 -25.70 30.34 -26.64
CA PRO J 524 -24.60 29.68 -27.38
C PRO J 524 -24.79 29.71 -28.88
N SER J 525 -26.01 29.98 -29.37
CA SER J 525 -26.28 30.03 -30.81
C SER J 525 -25.41 31.05 -31.53
N HIS J 526 -24.74 31.94 -30.79
CA HIS J 526 -23.87 32.96 -31.38
C HIS J 526 -22.51 32.42 -31.81
N ILE J 527 -22.11 31.22 -31.37
CA ILE J 527 -20.79 30.71 -31.73
C ILE J 527 -20.64 30.51 -33.22
N GLY J 528 -21.76 30.35 -33.96
CA GLY J 528 -21.62 30.19 -35.39
C GLY J 528 -21.05 31.44 -36.04
N MET J 529 -21.22 32.59 -35.38
CA MET J 529 -20.70 33.86 -35.84
C MET J 529 -19.17 33.92 -35.79
N ILE J 530 -18.54 33.07 -34.96
CA ILE J 530 -17.10 33.10 -34.80
C ILE J 530 -16.45 31.72 -34.94
N SER J 531 -17.17 30.75 -35.50
CA SER J 531 -16.60 29.42 -35.65
C SER J 531 -16.98 28.80 -36.98
N LEU J 532 -16.19 27.79 -37.36
CA LEU J 532 -16.35 27.03 -38.58
C LEU J 532 -16.25 25.55 -38.27
N GLU J 533 -16.71 24.71 -39.20
CA GLU J 533 -16.66 23.26 -39.00
C GLU J 533 -16.19 22.54 -40.26
N PRO K 83 -77.83 -23.41 19.48
CA PRO K 83 -76.55 -23.63 20.17
C PRO K 83 -75.60 -22.46 19.89
N MET K 84 -74.29 -22.60 20.12
CA MET K 84 -73.36 -21.52 19.83
C MET K 84 -72.84 -21.56 18.41
N MET K 85 -73.60 -22.17 17.52
CA MET K 85 -73.30 -22.25 16.10
C MET K 85 -73.97 -21.14 15.31
N ALA K 86 -75.04 -20.57 15.86
CA ALA K 86 -75.73 -19.47 15.20
C ALA K 86 -74.83 -18.26 15.07
N GLU K 87 -73.93 -18.07 16.04
CA GLU K 87 -72.97 -16.96 15.95
C GLU K 87 -72.13 -17.16 14.70
N ALA K 88 -71.80 -18.41 14.41
CA ALA K 88 -71.03 -18.74 13.22
C ALA K 88 -71.82 -18.36 11.97
N TRP K 89 -73.14 -18.54 11.99
CA TRP K 89 -73.91 -18.16 10.82
C TRP K 89 -73.98 -16.65 10.71
N GLU K 90 -73.96 -15.93 11.83
CA GLU K 90 -73.94 -14.48 11.75
C GLU K 90 -72.65 -14.04 11.05
N ALA K 91 -71.54 -14.67 11.43
CA ALA K 91 -70.25 -14.35 10.81
C ALA K 91 -70.25 -14.73 9.33
N LEU K 92 -70.86 -15.88 9.00
CA LEU K 92 -70.90 -16.32 7.61
C LEU K 92 -71.72 -15.37 6.75
N ARG K 93 -72.85 -14.89 7.27
CA ARG K 93 -73.66 -13.95 6.50
C ARG K 93 -73.03 -12.57 6.45
N ARG K 94 -72.18 -12.23 7.42
CA ARG K 94 -71.52 -10.93 7.38
C ARG K 94 -70.42 -10.90 6.33
N SER K 95 -69.86 -12.06 5.97
CA SER K 95 -68.79 -12.18 4.99
C SER K 95 -69.30 -12.33 3.56
N MET K 96 -70.51 -11.87 3.24
CA MET K 96 -71.01 -12.02 1.88
C MET K 96 -70.61 -10.83 1.02
N VAL K 97 -70.23 -11.12 -0.22
CA VAL K 97 -69.81 -10.14 -1.21
C VAL K 97 -70.82 -10.19 -2.33
N PHE K 98 -71.42 -9.03 -2.63
CA PHE K 98 -72.43 -8.86 -3.66
C PHE K 98 -71.88 -8.06 -4.83
N PHE K 99 -72.34 -8.42 -6.03
CA PHE K 99 -71.95 -7.74 -7.26
C PHE K 99 -73.24 -7.38 -8.00
N ARG K 100 -73.54 -6.09 -8.06
CA ARG K 100 -74.75 -5.58 -8.72
C ARG K 100 -76.04 -6.10 -8.10
N GLY K 101 -76.07 -6.33 -6.79
CA GLY K 101 -77.26 -6.77 -6.10
C GLY K 101 -77.35 -8.27 -5.84
N GLN K 102 -76.62 -9.07 -6.59
CA GLN K 102 -76.63 -10.52 -6.46
C GLN K 102 -75.48 -11.00 -5.61
N PRO K 103 -75.70 -11.99 -4.74
CA PRO K 103 -74.60 -12.49 -3.91
C PRO K 103 -73.63 -13.26 -4.81
N VAL K 104 -72.38 -12.79 -4.86
CA VAL K 104 -71.41 -13.42 -5.74
C VAL K 104 -70.52 -14.37 -4.95
N GLY K 105 -70.30 -14.10 -3.67
CA GLY K 105 -69.46 -15.02 -2.94
C GLY K 105 -69.32 -14.63 -1.49
N THR K 106 -68.35 -15.25 -0.84
CA THR K 106 -68.03 -14.96 0.55
C THR K 106 -66.59 -14.47 0.60
N LEU K 107 -66.27 -13.67 1.61
CA LEU K 107 -64.92 -13.17 1.75
C LEU K 107 -64.00 -14.30 2.21
N ALA K 108 -62.72 -13.98 2.34
CA ALA K 108 -61.71 -14.92 2.82
C ALA K 108 -61.47 -14.74 4.31
N ALA K 109 -61.39 -13.49 4.75
CA ALA K 109 -61.20 -13.10 6.13
C ALA K 109 -61.99 -11.81 6.36
N VAL K 110 -62.59 -11.69 7.53
CA VAL K 110 -63.40 -10.51 7.87
C VAL K 110 -62.72 -9.85 9.08
N ASP K 111 -61.83 -8.91 8.82
CA ASP K 111 -61.12 -8.22 9.88
C ASP K 111 -61.42 -6.72 9.86
N TYR K 120 -56.25 -11.59 1.82
CA TYR K 120 -57.41 -12.40 2.18
C TYR K 120 -58.68 -11.58 2.32
N ASP K 121 -58.81 -10.55 1.48
CA ASP K 121 -59.99 -9.69 1.49
C ASP K 121 -60.81 -9.83 0.21
N GLN K 122 -60.63 -10.92 -0.53
CA GLN K 122 -61.35 -11.18 -1.76
C GLN K 122 -62.08 -12.53 -1.67
N VAL K 123 -62.71 -12.90 -2.77
CA VAL K 123 -63.46 -14.15 -2.87
C VAL K 123 -62.57 -15.22 -3.49
N PHE K 124 -62.11 -16.17 -2.68
CA PHE K 124 -61.28 -17.27 -3.15
C PHE K 124 -62.16 -18.47 -3.46
N VAL K 125 -61.70 -19.29 -4.41
CA VAL K 125 -62.47 -20.47 -4.80
C VAL K 125 -62.47 -21.52 -3.69
N ARG K 126 -61.28 -21.96 -3.29
CA ARG K 126 -61.17 -22.97 -2.24
C ARG K 126 -61.77 -22.45 -0.93
N ASP K 127 -61.67 -21.15 -0.68
CA ASP K 127 -62.25 -20.57 0.53
C ASP K 127 -63.77 -20.55 0.47
N PHE K 128 -64.33 -20.41 -0.73
CA PHE K 128 -65.78 -20.35 -0.89
C PHE K 128 -66.43 -21.72 -0.94
N VAL K 129 -65.68 -22.78 -1.23
CA VAL K 129 -66.27 -24.12 -1.30
C VAL K 129 -67.09 -24.46 -0.05
N PRO K 130 -66.55 -24.39 1.18
CA PRO K 130 -67.38 -24.74 2.35
C PRO K 130 -68.55 -23.80 2.55
N SER K 131 -68.39 -22.51 2.29
CA SER K 131 -69.50 -21.58 2.45
C SER K 131 -70.61 -21.95 1.48
N ALA K 132 -70.23 -22.36 0.27
CA ALA K 132 -71.21 -22.77 -0.73
C ALA K 132 -71.94 -24.02 -0.28
N LEU K 133 -71.23 -24.98 0.32
CA LEU K 133 -71.89 -26.18 0.79
C LEU K 133 -72.86 -25.87 1.92
N ALA K 134 -72.49 -24.93 2.80
CA ALA K 134 -73.36 -24.55 3.90
C ALA K 134 -74.64 -23.92 3.38
N PHE K 135 -74.51 -23.00 2.42
CA PHE K 135 -75.70 -22.37 1.85
C PHE K 135 -76.54 -23.38 1.08
N LEU K 136 -75.90 -24.34 0.40
CA LEU K 136 -76.64 -25.35 -0.34
C LEU K 136 -77.45 -26.23 0.59
N MET K 137 -76.88 -26.57 1.75
CA MET K 137 -77.62 -27.42 2.69
C MET K 137 -78.70 -26.62 3.42
N ASN K 138 -78.49 -25.33 3.65
CA ASN K 138 -79.49 -24.52 4.32
C ASN K 138 -80.67 -24.16 3.43
N GLY K 139 -80.52 -24.30 2.11
CA GLY K 139 -81.57 -23.98 1.18
C GLY K 139 -81.45 -22.64 0.49
N GLU K 140 -80.23 -22.09 0.39
CA GLU K 140 -79.99 -20.81 -0.27
C GLU K 140 -78.93 -21.04 -1.35
N PRO K 141 -79.31 -21.67 -2.46
CA PRO K 141 -78.34 -21.98 -3.53
C PRO K 141 -78.14 -20.89 -4.57
N ASP K 142 -78.75 -19.72 -4.40
CA ASP K 142 -78.57 -18.67 -5.40
C ASP K 142 -77.16 -18.10 -5.39
N ILE K 143 -76.52 -18.05 -4.23
CA ILE K 143 -75.16 -17.52 -4.17
C ILE K 143 -74.20 -18.43 -4.93
N VAL K 144 -74.38 -19.75 -4.81
CA VAL K 144 -73.54 -20.69 -5.52
C VAL K 144 -73.79 -20.55 -7.02
N LYS K 145 -75.05 -20.31 -7.39
CA LYS K 145 -75.42 -20.14 -8.79
C LYS K 145 -74.73 -18.92 -9.39
N HIS K 146 -74.75 -17.80 -8.68
CA HIS K 146 -74.08 -16.61 -9.19
C HIS K 146 -72.57 -16.79 -9.24
N PHE K 147 -72.01 -17.47 -8.23
CA PHE K 147 -70.57 -17.68 -8.15
C PHE K 147 -70.05 -18.52 -9.31
N LEU K 148 -70.69 -19.66 -9.57
CA LEU K 148 -70.22 -20.51 -10.66
C LEU K 148 -70.23 -19.77 -11.99
N LEU K 149 -71.30 -19.02 -12.26
CA LEU K 149 -71.41 -18.31 -13.53
C LEU K 149 -70.40 -17.17 -13.63
N LYS K 150 -70.20 -16.40 -12.55
CA LYS K 150 -69.25 -15.31 -12.66
C LYS K 150 -67.81 -15.84 -12.80
N THR K 151 -67.49 -16.93 -12.08
CA THR K 151 -66.16 -17.50 -12.23
C THR K 151 -65.99 -18.04 -13.65
N LEU K 152 -67.07 -18.56 -14.23
CA LEU K 152 -66.99 -19.04 -15.61
C LEU K 152 -66.71 -17.87 -16.55
N GLN K 153 -67.33 -16.72 -16.29
CA GLN K 153 -67.06 -15.55 -17.11
C GLN K 153 -65.60 -15.15 -16.98
N LEU K 154 -65.05 -15.24 -15.77
CA LEU K 154 -63.64 -14.92 -15.58
C LEU K 154 -62.76 -15.90 -16.34
N GLN K 155 -63.22 -17.14 -16.50
CA GLN K 155 -62.46 -18.14 -17.25
C GLN K 155 -62.33 -17.76 -18.71
N GLY K 156 -63.30 -17.01 -19.25
CA GLY K 156 -63.31 -16.56 -20.61
C GLY K 156 -62.57 -15.27 -20.86
N TRP K 157 -61.74 -14.83 -19.92
CA TRP K 157 -60.97 -13.61 -20.04
C TRP K 157 -59.64 -13.84 -20.75
N GLU K 158 -59.06 -12.74 -21.25
CA GLU K 158 -57.75 -12.79 -21.90
C GLU K 158 -56.72 -12.55 -20.81
N LYS K 159 -56.09 -13.63 -20.35
CA LYS K 159 -55.10 -13.57 -19.29
C LYS K 159 -53.70 -13.58 -19.89
N ARG K 160 -52.82 -12.73 -19.35
CA ARG K 160 -51.45 -12.65 -19.86
C ARG K 160 -50.48 -12.34 -18.73
N VAL K 161 -49.33 -13.01 -18.75
CA VAL K 161 -48.28 -12.81 -17.75
C VAL K 161 -46.96 -12.49 -18.44
N ASP K 162 -46.63 -11.20 -18.43
CA ASP K 162 -45.46 -10.50 -18.96
C ASP K 162 -45.35 -10.52 -20.48
N ARG K 163 -45.57 -11.67 -21.10
CA ARG K 163 -45.58 -11.85 -22.55
C ARG K 163 -46.22 -13.18 -22.93
N PHE K 164 -46.69 -13.93 -21.94
CA PHE K 164 -47.22 -15.27 -22.14
C PHE K 164 -48.72 -15.29 -21.97
N LYS K 165 -49.41 -15.84 -22.98
CA LYS K 165 -50.86 -15.95 -22.96
C LYS K 165 -51.23 -17.20 -22.16
N LEU K 166 -52.04 -17.01 -21.12
CA LEU K 166 -52.43 -18.13 -20.27
C LEU K 166 -53.40 -19.06 -21.00
N GLY K 167 -53.63 -20.22 -20.37
CA GLY K 167 -54.53 -21.21 -20.94
C GLY K 167 -55.95 -20.71 -21.08
N GLU K 168 -56.69 -21.39 -21.96
CA GLU K 168 -58.09 -21.03 -22.20
C GLU K 168 -58.98 -21.39 -21.02
N GLY K 169 -58.81 -22.57 -20.45
CA GLY K 169 -59.60 -23.04 -19.33
C GLY K 169 -59.07 -22.68 -17.97
N VAL K 170 -58.05 -21.83 -17.89
CA VAL K 170 -57.48 -21.46 -16.59
C VAL K 170 -58.52 -20.69 -15.78
N MET K 171 -58.79 -21.18 -14.56
CA MET K 171 -59.72 -20.62 -13.59
C MET K 171 -58.98 -19.70 -12.63
N PRO K 172 -59.56 -18.57 -12.25
CA PRO K 172 -58.87 -17.66 -11.33
C PRO K 172 -58.84 -18.21 -9.92
N ALA K 173 -57.80 -17.81 -9.19
CA ALA K 173 -57.65 -18.22 -7.80
C ALA K 173 -58.52 -17.36 -6.88
N SER K 174 -58.70 -16.10 -7.23
CA SER K 174 -59.49 -15.17 -6.43
C SER K 174 -59.90 -14.00 -7.31
N PHE K 175 -60.81 -13.19 -6.77
CA PHE K 175 -61.29 -12.00 -7.44
C PHE K 175 -61.86 -11.07 -6.39
N LYS K 176 -61.80 -9.78 -6.67
CA LYS K 176 -62.25 -8.73 -5.77
C LYS K 176 -63.22 -7.80 -6.48
N VAL K 177 -64.09 -7.17 -5.70
CA VAL K 177 -65.11 -6.25 -6.18
C VAL K 177 -64.74 -4.83 -5.77
N LEU K 178 -65.00 -3.88 -6.66
CA LEU K 178 -64.71 -2.47 -6.41
C LEU K 178 -65.94 -1.61 -6.68
N HIS K 179 -65.95 -0.44 -6.06
CA HIS K 179 -67.02 0.53 -6.19
C HIS K 179 -66.47 1.90 -5.87
N ASP K 180 -66.92 2.92 -6.60
CA ASP K 180 -66.47 4.29 -6.38
C ASP K 180 -67.59 5.29 -6.70
N THR K 185 -71.10 1.42 -9.61
CA THR K 185 -69.89 1.27 -10.40
C THR K 185 -69.08 0.06 -9.96
N ASP K 186 -69.78 -1.05 -9.70
CA ASP K 186 -69.11 -2.27 -9.28
C ASP K 186 -68.22 -2.80 -10.40
N ASN K 187 -67.09 -3.39 -10.00
CA ASN K 187 -66.18 -3.93 -11.00
C ASN K 187 -65.38 -5.09 -10.41
N ILE K 188 -65.36 -6.20 -11.11
CA ILE K 188 -64.63 -7.39 -10.67
C ILE K 188 -63.23 -7.42 -11.29
N VAL K 189 -62.26 -7.77 -10.46
CA VAL K 189 -60.85 -7.89 -10.83
C VAL K 189 -60.42 -9.29 -10.40
N ALA K 190 -59.82 -10.05 -11.33
CA ALA K 190 -59.43 -11.41 -11.02
C ALA K 190 -57.92 -11.61 -11.03
N ASP K 191 -57.48 -12.60 -10.27
CA ASP K 191 -56.07 -12.96 -10.15
C ASP K 191 -55.91 -14.41 -10.60
N PHE K 192 -55.12 -14.62 -11.65
CA PHE K 192 -54.85 -15.94 -12.19
C PHE K 192 -53.45 -16.43 -11.89
N GLY K 193 -52.68 -15.65 -11.12
CA GLY K 193 -51.32 -16.01 -10.78
C GLY K 193 -50.35 -14.88 -11.05
N GLU K 194 -50.79 -13.87 -11.83
CA GLU K 194 -49.92 -12.75 -12.12
C GLU K 194 -49.66 -11.90 -10.88
N SER K 195 -50.68 -11.72 -10.04
CA SER K 195 -50.56 -10.95 -8.81
C SER K 195 -50.23 -11.82 -7.60
N ALA K 196 -50.40 -13.13 -7.71
CA ALA K 196 -50.14 -14.03 -6.61
C ALA K 196 -48.67 -14.03 -6.22
N ILE K 197 -48.42 -14.16 -4.91
CA ILE K 197 -47.06 -14.20 -4.39
C ILE K 197 -46.36 -15.45 -4.91
N GLY K 198 -45.21 -15.27 -5.54
CA GLY K 198 -44.45 -16.37 -6.10
C GLY K 198 -44.96 -16.85 -7.44
N ARG K 199 -46.00 -16.21 -7.98
CA ARG K 199 -46.58 -16.56 -9.27
C ARG K 199 -47.04 -18.02 -9.30
N VAL K 200 -47.68 -18.46 -8.22
CA VAL K 200 -48.17 -19.84 -8.15
C VAL K 200 -49.42 -19.99 -9.00
N ALA K 201 -49.64 -21.22 -9.47
CA ALA K 201 -50.80 -21.51 -10.31
C ALA K 201 -51.84 -22.31 -9.54
N PRO K 202 -53.10 -21.85 -9.49
CA PRO K 202 -54.18 -22.56 -8.77
C PRO K 202 -54.78 -23.70 -9.59
N VAL K 203 -54.13 -24.87 -9.53
CA VAL K 203 -54.61 -26.04 -10.26
C VAL K 203 -55.91 -26.57 -9.67
N ASP K 204 -56.06 -26.48 -8.34
CA ASP K 204 -57.26 -26.99 -7.67
C ASP K 204 -58.50 -26.16 -7.92
N SER K 205 -58.38 -24.92 -8.41
CA SER K 205 -59.54 -24.08 -8.61
C SER K 205 -60.53 -24.68 -9.62
N GLY K 206 -60.01 -25.22 -10.72
CA GLY K 206 -60.90 -25.80 -11.72
C GLY K 206 -61.60 -27.05 -11.23
N PHE K 207 -60.85 -27.91 -10.54
CA PHE K 207 -61.46 -29.13 -9.99
C PHE K 207 -62.52 -28.77 -8.97
N TRP K 208 -62.24 -27.76 -8.15
CA TRP K 208 -63.22 -27.32 -7.17
C TRP K 208 -64.45 -26.74 -7.85
N TRP K 209 -64.26 -26.05 -8.98
CA TRP K 209 -65.42 -25.49 -9.69
C TRP K 209 -66.32 -26.61 -10.19
N ILE K 210 -65.72 -27.65 -10.80
CA ILE K 210 -66.52 -28.76 -11.31
C ILE K 210 -67.21 -29.49 -10.15
N ILE K 211 -66.48 -29.70 -9.05
CA ILE K 211 -67.06 -30.40 -7.91
C ILE K 211 -68.20 -29.58 -7.31
N LEU K 212 -68.04 -28.27 -7.25
CA LEU K 212 -69.09 -27.40 -6.72
C LEU K 212 -70.30 -27.41 -7.64
N LEU K 213 -70.08 -27.47 -8.95
CA LEU K 213 -71.20 -27.53 -9.88
C LEU K 213 -71.99 -28.81 -9.68
N ARG K 214 -71.29 -29.94 -9.50
CA ARG K 214 -71.98 -31.19 -9.26
C ARG K 214 -72.73 -31.15 -7.94
N ALA K 215 -72.12 -30.54 -6.93
CA ALA K 215 -72.78 -30.44 -5.63
C ALA K 215 -74.03 -29.59 -5.71
N TYR K 216 -73.99 -28.51 -6.51
CA TYR K 216 -75.17 -27.66 -6.65
C TYR K 216 -76.29 -28.40 -7.36
N THR K 217 -75.98 -29.05 -8.48
CA THR K 217 -77.02 -29.77 -9.21
C THR K 217 -77.58 -30.93 -8.40
N LYS K 218 -76.77 -31.52 -7.50
CA LYS K 218 -77.29 -32.62 -6.69
C LYS K 218 -78.11 -32.11 -5.51
N SER K 219 -77.69 -31.00 -4.90
CA SER K 219 -78.40 -30.45 -3.76
C SER K 219 -79.73 -29.83 -4.17
N THR K 220 -79.79 -29.21 -5.35
CA THR K 220 -81.00 -28.57 -5.81
C THR K 220 -81.84 -29.44 -6.73
N GLY K 221 -81.23 -30.37 -7.46
CA GLY K 221 -81.97 -31.17 -8.40
C GLY K 221 -82.29 -30.44 -9.69
N ASP K 222 -81.87 -29.17 -9.79
CA ASP K 222 -82.09 -28.31 -10.95
C ASP K 222 -80.94 -28.55 -11.92
N LEU K 223 -81.15 -29.48 -12.84
CA LEU K 223 -80.18 -29.86 -13.87
C LEU K 223 -79.98 -28.80 -14.94
N THR K 224 -80.79 -27.73 -14.92
CA THR K 224 -80.72 -26.72 -15.96
C THR K 224 -79.37 -26.00 -16.02
N LEU K 225 -78.80 -25.63 -14.88
CA LEU K 225 -77.54 -24.89 -14.91
C LEU K 225 -76.39 -25.72 -15.49
N SER K 226 -76.27 -26.98 -15.08
CA SER K 226 -75.19 -27.81 -15.60
C SER K 226 -75.34 -28.08 -17.09
N GLU K 227 -76.58 -28.05 -17.59
CA GLU K 227 -76.83 -28.30 -19.00
C GLU K 227 -76.74 -27.05 -19.86
N THR K 228 -76.51 -25.88 -19.26
CA THR K 228 -76.38 -24.67 -20.05
C THR K 228 -75.09 -24.74 -20.88
N PRO K 229 -75.08 -24.11 -22.05
CA PRO K 229 -73.86 -24.15 -22.87
C PRO K 229 -72.65 -23.57 -22.16
N GLU K 230 -72.83 -22.58 -21.29
CA GLU K 230 -71.70 -21.97 -20.59
C GLU K 230 -71.01 -22.98 -19.67
N CYS K 231 -71.78 -23.70 -18.86
CA CYS K 231 -71.18 -24.67 -17.95
C CYS K 231 -70.53 -25.82 -18.72
N GLN K 232 -71.13 -26.24 -19.84
CA GLN K 232 -70.52 -27.29 -20.64
C GLN K 232 -69.19 -26.81 -21.21
N LYS K 233 -69.15 -25.54 -21.65
CA LYS K 233 -67.92 -24.97 -22.18
C LYS K 233 -66.86 -24.92 -21.10
N GLY K 234 -67.24 -24.52 -19.89
CA GLY K 234 -66.28 -24.45 -18.81
C GLY K 234 -65.74 -25.82 -18.42
N MET K 235 -66.63 -26.82 -18.39
CA MET K 235 -66.20 -28.17 -18.07
C MET K 235 -65.20 -28.67 -19.11
N LYS K 236 -65.53 -28.50 -20.40
CA LYS K 236 -64.61 -28.95 -21.44
C LYS K 236 -63.31 -28.17 -21.41
N LEU K 237 -63.37 -26.88 -21.08
CA LEU K 237 -62.16 -26.06 -21.04
C LEU K 237 -61.23 -26.51 -19.93
N ILE K 238 -61.77 -26.74 -18.73
CA ILE K 238 -60.92 -27.18 -17.63
C ILE K 238 -60.41 -28.60 -17.86
N LEU K 239 -61.26 -29.48 -18.43
CA LEU K 239 -60.84 -30.86 -18.67
C LEU K 239 -59.78 -30.94 -19.76
N SER K 240 -59.83 -30.05 -20.76
CA SER K 240 -58.85 -30.10 -21.84
C SER K 240 -57.46 -29.68 -21.40
N LEU K 241 -57.34 -28.94 -20.29
CA LEU K 241 -56.02 -28.52 -19.82
C LEU K 241 -55.26 -29.68 -19.21
N CYS K 242 -55.93 -30.49 -18.38
CA CYS K 242 -55.29 -31.61 -17.71
C CYS K 242 -55.30 -32.90 -18.52
N LEU K 243 -56.34 -33.11 -19.34
CA LEU K 243 -56.40 -34.33 -20.13
C LEU K 243 -55.60 -34.27 -21.42
N ALA K 244 -54.92 -33.15 -21.70
CA ALA K 244 -54.12 -33.07 -22.92
C ALA K 244 -52.90 -33.96 -22.81
N GLU K 245 -52.51 -34.55 -23.94
CA GLU K 245 -51.35 -35.43 -23.96
C GLU K 245 -50.06 -34.62 -23.93
N GLY K 246 -49.01 -35.27 -23.43
CA GLY K 246 -47.71 -34.65 -23.31
C GLY K 246 -46.65 -35.70 -23.06
N PHE K 247 -45.44 -35.23 -22.78
CA PHE K 247 -44.33 -36.14 -22.51
C PHE K 247 -44.52 -36.92 -21.21
N ASP K 248 -45.61 -36.67 -20.48
CA ASP K 248 -45.88 -37.36 -19.23
C ASP K 248 -45.95 -38.87 -19.40
N THR K 249 -45.24 -39.59 -18.55
CA THR K 249 -45.24 -41.04 -18.52
C THR K 249 -46.05 -41.58 -17.34
N PHE K 250 -46.77 -40.71 -16.64
CA PHE K 250 -47.60 -40.99 -15.49
C PHE K 250 -49.04 -40.57 -15.75
N PRO K 251 -50.03 -41.37 -15.33
CA PRO K 251 -51.42 -40.97 -15.52
C PRO K 251 -51.78 -39.77 -14.66
N THR K 252 -51.06 -39.57 -13.55
CA THR K 252 -51.31 -38.46 -12.64
C THR K 252 -50.92 -37.13 -13.29
N LEU K 253 -51.45 -36.05 -12.72
CA LEU K 253 -51.23 -34.71 -13.23
C LEU K 253 -49.95 -34.12 -12.64
N LEU K 254 -49.04 -33.68 -13.52
CA LEU K 254 -47.79 -33.08 -13.07
C LEU K 254 -48.04 -31.68 -12.52
N CYS K 255 -47.37 -31.34 -11.42
CA CYS K 255 -47.62 -30.06 -10.79
C CYS K 255 -46.36 -29.37 -10.32
N ALA K 256 -46.41 -28.03 -10.37
CA ALA K 256 -45.35 -27.17 -9.89
C ALA K 256 -45.59 -26.91 -8.40
N ASP K 257 -44.55 -26.43 -7.72
CA ASP K 257 -44.71 -26.19 -6.28
C ASP K 257 -45.73 -25.10 -6.03
N GLY K 258 -46.55 -25.29 -4.99
CA GLY K 258 -47.57 -24.32 -4.65
C GLY K 258 -48.78 -24.37 -5.56
N CYS K 259 -49.17 -25.57 -6.00
CA CYS K 259 -50.29 -25.76 -6.92
C CYS K 259 -51.61 -26.11 -6.23
N SER K 260 -51.59 -26.38 -4.93
CA SER K 260 -52.78 -26.74 -4.17
C SER K 260 -52.92 -25.77 -3.00
N MET K 261 -53.89 -26.04 -2.12
CA MET K 261 -54.14 -25.26 -0.90
C MET K 261 -52.83 -24.72 -0.33
N ILE K 262 -51.77 -25.51 -0.45
CA ILE K 262 -50.44 -25.12 -0.01
C ILE K 262 -49.84 -24.35 -1.16
N ASP K 263 -50.04 -23.02 -1.16
CA ASP K 263 -49.56 -22.14 -2.22
C ASP K 263 -48.12 -21.71 -2.06
N ARG K 264 -47.39 -22.31 -1.13
CA ARG K 264 -45.99 -21.97 -0.94
C ARG K 264 -45.19 -23.25 -1.19
N ARG K 265 -43.87 -23.09 -1.32
CA ARG K 265 -43.01 -24.22 -1.58
C ARG K 265 -42.95 -25.10 -0.34
N MET K 266 -43.40 -26.36 -0.45
CA MET K 266 -43.40 -27.22 0.74
C MET K 266 -42.96 -28.68 0.64
N GLY K 267 -42.71 -29.31 -0.50
CA GLY K 267 -42.90 -28.85 -1.86
C GLY K 267 -43.90 -29.86 -2.40
N VAL K 268 -45.01 -29.36 -2.91
CA VAL K 268 -46.07 -30.23 -3.43
C VAL K 268 -45.91 -30.46 -4.92
N TYR K 269 -44.71 -30.27 -5.44
CA TYR K 269 -44.47 -30.47 -6.86
C TYR K 269 -44.55 -31.96 -7.21
N GLY K 270 -44.79 -32.24 -8.49
CA GLY K 270 -44.88 -33.60 -8.95
C GLY K 270 -46.29 -34.12 -9.08
N TYR K 271 -46.64 -35.09 -8.25
CA TYR K 271 -47.98 -35.71 -8.26
C TYR K 271 -48.50 -35.82 -6.82
N PRO K 272 -48.84 -34.68 -6.21
CA PRO K 272 -49.36 -34.72 -4.83
C PRO K 272 -50.76 -35.32 -4.77
N ILE K 273 -51.03 -36.04 -3.67
CA ILE K 273 -52.33 -36.68 -3.50
C ILE K 273 -53.47 -35.67 -3.49
N GLU K 274 -53.22 -34.44 -3.05
CA GLU K 274 -54.30 -33.47 -3.03
C GLU K 274 -54.80 -33.19 -4.44
N ILE K 275 -53.86 -32.92 -5.36
CA ILE K 275 -54.24 -32.63 -6.74
C ILE K 275 -54.76 -33.87 -7.44
N GLN K 276 -54.16 -35.04 -7.18
CA GLN K 276 -54.65 -36.25 -7.83
C GLN K 276 -56.05 -36.63 -7.35
N ALA K 277 -56.32 -36.46 -6.05
CA ALA K 277 -57.64 -36.79 -5.53
C ALA K 277 -58.67 -35.81 -6.06
N LEU K 278 -58.34 -34.52 -6.09
CA LEU K 278 -59.27 -33.53 -6.63
C LEU K 278 -59.50 -33.78 -8.11
N PHE K 279 -58.45 -34.23 -8.81
CA PHE K 279 -58.52 -34.56 -10.23
C PHE K 279 -59.49 -35.72 -10.47
N PHE K 280 -59.35 -36.78 -9.67
CA PHE K 280 -60.22 -37.94 -9.80
C PHE K 280 -61.67 -37.58 -9.49
N MET K 281 -61.88 -36.80 -8.42
CA MET K 281 -63.23 -36.40 -8.05
C MET K 281 -63.85 -35.51 -9.12
N ALA K 282 -63.06 -34.59 -9.67
CA ALA K 282 -63.59 -33.71 -10.71
C ALA K 282 -63.91 -34.50 -11.97
N LEU K 283 -63.11 -35.52 -12.30
CA LEU K 283 -63.38 -36.33 -13.48
C LEU K 283 -64.70 -37.09 -13.32
N ARG K 284 -64.86 -37.76 -12.17
CA ARG K 284 -66.09 -38.51 -11.94
C ARG K 284 -67.30 -37.59 -11.91
N SER K 285 -67.17 -36.43 -11.24
CA SER K 285 -68.30 -35.50 -11.19
C SER K 285 -68.55 -34.89 -12.55
N ALA K 286 -67.54 -34.85 -13.42
CA ALA K 286 -67.71 -34.33 -14.76
C ALA K 286 -68.57 -35.27 -15.58
N LEU K 287 -68.37 -36.58 -15.42
CA LEU K 287 -69.21 -37.52 -16.15
C LEU K 287 -70.67 -37.42 -15.70
N SER K 288 -70.89 -37.06 -14.43
CA SER K 288 -72.23 -36.94 -13.88
C SER K 288 -73.08 -35.85 -14.50
N MET K 289 -72.48 -34.92 -15.25
CA MET K 289 -73.28 -33.83 -15.84
C MET K 289 -72.84 -33.40 -17.23
N LEU K 290 -72.01 -34.17 -17.93
CA LEU K 290 -71.54 -33.79 -19.25
C LEU K 290 -72.47 -34.30 -20.34
N LYS K 291 -72.79 -33.43 -21.30
CA LYS K 291 -73.64 -33.77 -22.42
C LYS K 291 -72.76 -34.07 -23.63
N PRO K 292 -72.86 -35.25 -24.22
CA PRO K 292 -72.01 -35.60 -25.37
C PRO K 292 -72.44 -34.92 -26.66
N ASP K 293 -71.68 -33.91 -27.06
CA ASP K 293 -71.83 -33.16 -28.30
C ASP K 293 -70.87 -33.84 -29.28
N GLY K 294 -70.80 -33.39 -30.53
CA GLY K 294 -69.87 -33.99 -31.48
C GLY K 294 -68.57 -34.32 -30.79
N ASP K 295 -67.92 -33.31 -30.23
CA ASP K 295 -66.68 -33.52 -29.48
C ASP K 295 -66.95 -34.04 -28.07
N GLY K 296 -68.18 -33.90 -27.57
CA GLY K 296 -68.49 -34.33 -26.22
C GLY K 296 -68.31 -35.83 -26.01
N ARG K 297 -68.72 -36.64 -26.97
CA ARG K 297 -68.57 -38.09 -26.83
C ARG K 297 -67.09 -38.46 -26.76
N GLU K 298 -66.27 -37.78 -27.57
CA GLU K 298 -64.83 -38.04 -27.56
C GLU K 298 -64.22 -37.65 -26.22
N VAL K 299 -64.62 -36.50 -25.69
CA VAL K 299 -64.08 -36.06 -24.40
C VAL K 299 -64.52 -37.03 -23.30
N ILE K 300 -65.75 -37.56 -23.40
CA ILE K 300 -66.22 -38.51 -22.40
C ILE K 300 -65.37 -39.79 -22.47
N GLU K 301 -65.03 -40.23 -23.68
CA GLU K 301 -64.19 -41.41 -23.81
C GLU K 301 -62.83 -41.17 -23.16
N ARG K 302 -62.26 -39.98 -23.39
CA ARG K 302 -60.97 -39.64 -22.80
C ARG K 302 -61.05 -39.68 -21.28
N ILE K 303 -62.12 -39.09 -20.72
CA ILE K 303 -62.29 -39.05 -19.27
C ILE K 303 -62.38 -40.46 -18.70
N VAL K 304 -63.12 -41.35 -19.36
CA VAL K 304 -63.25 -42.72 -18.86
C VAL K 304 -61.91 -43.43 -18.86
N LYS K 305 -61.15 -43.30 -19.96
CA LYS K 305 -59.85 -43.97 -20.01
C LYS K 305 -58.92 -43.44 -18.93
N ARG K 306 -58.83 -42.12 -18.80
CA ARG K 306 -57.96 -41.55 -17.78
C ARG K 306 -58.42 -41.97 -16.38
N LEU K 307 -59.73 -42.12 -16.17
CA LEU K 307 -60.21 -42.55 -14.86
C LEU K 307 -59.76 -43.96 -14.55
N HIS K 308 -59.73 -44.84 -15.55
CA HIS K 308 -59.26 -46.19 -15.29
C HIS K 308 -57.78 -46.20 -14.93
N ALA K 309 -56.98 -45.47 -15.71
CA ALA K 309 -55.54 -45.40 -15.44
C ALA K 309 -55.27 -44.79 -14.06
N LEU K 310 -56.06 -43.79 -13.68
CA LEU K 310 -55.87 -43.14 -12.39
C LEU K 310 -56.24 -44.08 -11.25
N SER K 311 -57.40 -44.73 -11.34
CA SER K 311 -57.79 -45.62 -10.25
C SER K 311 -56.72 -46.69 -10.03
N PHE K 312 -56.17 -47.23 -11.11
CA PHE K 312 -55.12 -48.25 -10.96
C PHE K 312 -53.86 -47.67 -10.33
N HIS K 313 -53.31 -46.60 -10.93
CA HIS K 313 -52.06 -46.04 -10.42
C HIS K 313 -52.17 -45.60 -8.97
N MET K 314 -53.30 -45.02 -8.58
CA MET K 314 -53.47 -44.54 -7.22
C MET K 314 -53.65 -45.68 -6.22
N ARG K 315 -54.52 -46.65 -6.52
CA ARG K 315 -54.70 -47.74 -5.56
C ARG K 315 -53.50 -48.66 -5.48
N ASN K 316 -52.67 -48.74 -6.52
CA ASN K 316 -51.55 -49.65 -6.47
C ASN K 316 -50.25 -49.02 -5.99
N TYR K 317 -49.98 -47.76 -6.33
CA TYR K 317 -48.71 -47.16 -5.92
C TYR K 317 -48.81 -46.20 -4.74
N PHE K 318 -49.81 -45.31 -4.74
CA PHE K 318 -49.93 -44.35 -3.66
C PHE K 318 -50.37 -44.97 -2.33
N TRP K 319 -51.09 -46.09 -2.36
CA TRP K 319 -51.54 -46.70 -1.12
C TRP K 319 -50.36 -47.23 -0.32
N LEU K 320 -50.46 -47.14 1.00
CA LEU K 320 -49.39 -47.59 1.89
C LEU K 320 -49.95 -48.07 3.22
N ASP K 321 -49.67 -49.33 3.54
CA ASP K 321 -50.04 -49.96 4.80
C ASP K 321 -48.78 -50.63 5.35
N HIS K 322 -48.92 -51.37 6.45
CA HIS K 322 -47.75 -51.99 7.06
C HIS K 322 -47.11 -53.02 6.14
N GLN K 323 -47.92 -53.83 5.45
CA GLN K 323 -47.39 -54.84 4.55
C GLN K 323 -46.69 -54.20 3.36
N ASN K 324 -47.31 -53.17 2.77
CA ASN K 324 -46.69 -52.50 1.62
C ASN K 324 -45.39 -51.80 2.04
N LEU K 325 -45.37 -51.21 3.24
CA LEU K 325 -44.15 -50.56 3.69
C LEU K 325 -43.05 -51.58 3.90
N ASN K 326 -43.39 -52.76 4.42
CA ASN K 326 -42.37 -53.80 4.59
C ASN K 326 -41.82 -54.23 3.23
N ASP K 327 -42.71 -54.33 2.24
CA ASP K 327 -42.27 -54.71 0.90
C ASP K 327 -41.33 -53.66 0.32
N ILE K 328 -41.68 -52.39 0.47
CA ILE K 328 -40.80 -51.33 -0.05
C ILE K 328 -39.48 -51.35 0.70
N TYR K 329 -39.51 -51.70 1.98
CA TYR K 329 -38.28 -51.78 2.76
C TYR K 329 -37.38 -52.90 2.27
N ARG K 330 -37.98 -53.94 1.66
CA ARG K 330 -37.23 -55.07 1.12
C ARG K 330 -37.00 -54.94 -0.40
N PHE K 331 -37.21 -53.77 -0.97
CA PHE K 331 -37.05 -53.54 -2.41
C PHE K 331 -35.60 -53.61 -2.87
N LYS K 332 -35.44 -54.07 -4.12
CA LYS K 332 -34.16 -54.10 -4.81
C LYS K 332 -34.09 -52.86 -5.69
N THR K 333 -32.90 -52.39 -5.98
CA THR K 333 -32.73 -51.18 -6.78
C THR K 333 -32.16 -51.48 -8.17
N GLU K 334 -32.25 -50.47 -9.03
CA GLU K 334 -31.76 -50.51 -10.41
C GLU K 334 -32.42 -51.63 -11.22
N GLU K 335 -33.73 -51.50 -11.40
CA GLU K 335 -34.50 -52.47 -12.16
C GLU K 335 -34.86 -51.82 -13.50
N TYR K 336 -34.04 -52.10 -14.51
CA TYR K 336 -34.20 -51.58 -15.86
C TYR K 336 -34.85 -52.67 -16.71
N SER K 337 -36.18 -52.71 -16.72
CA SER K 337 -36.91 -53.70 -17.48
C SER K 337 -38.39 -53.34 -17.47
N HIS K 338 -39.11 -53.87 -18.47
CA HIS K 338 -40.54 -53.63 -18.54
C HIS K 338 -41.25 -54.27 -17.34
N THR K 339 -40.71 -55.38 -16.83
CA THR K 339 -41.26 -56.15 -15.71
C THR K 339 -40.40 -55.91 -14.48
N ALA K 340 -40.61 -54.78 -13.81
CA ALA K 340 -39.85 -54.43 -12.62
C ALA K 340 -40.78 -54.33 -11.41
N VAL K 341 -40.28 -54.77 -10.25
CA VAL K 341 -41.06 -54.68 -9.01
C VAL K 341 -40.98 -53.28 -8.45
N ASN K 342 -39.75 -52.79 -8.27
CA ASN K 342 -39.46 -51.44 -7.78
C ASN K 342 -39.54 -50.57 -9.03
N LYS K 343 -40.78 -50.20 -9.37
CA LYS K 343 -41.10 -49.46 -10.58
C LYS K 343 -40.48 -48.07 -10.63
N PHE K 344 -40.47 -47.34 -9.52
CA PHE K 344 -39.98 -45.97 -9.54
C PHE K 344 -38.58 -45.81 -8.96
N ASN K 345 -37.87 -46.90 -8.70
CA ASN K 345 -36.50 -46.88 -8.19
C ASN K 345 -36.35 -46.07 -6.90
N VAL K 346 -37.17 -46.39 -5.91
CA VAL K 346 -37.08 -45.71 -4.62
C VAL K 346 -36.00 -46.39 -3.80
N MET K 347 -35.18 -45.60 -3.12
CA MET K 347 -34.11 -46.18 -2.31
C MET K 347 -34.69 -46.64 -0.97
N PRO K 348 -34.61 -47.92 -0.63
CA PRO K 348 -35.17 -48.37 0.66
C PRO K 348 -34.50 -47.70 1.85
N ASP K 349 -33.20 -47.40 1.77
CA ASP K 349 -32.53 -46.73 2.88
C ASP K 349 -32.97 -45.27 3.00
N SER K 350 -33.50 -44.69 1.93
CA SER K 350 -33.94 -43.30 1.94
C SER K 350 -35.28 -43.12 2.64
N ILE K 351 -35.98 -44.20 2.97
CA ILE K 351 -37.26 -44.06 3.66
C ILE K 351 -37.01 -43.46 5.03
N PRO K 352 -37.69 -42.36 5.40
CA PRO K 352 -37.44 -41.75 6.70
C PRO K 352 -37.77 -42.68 7.87
N GLU K 353 -37.04 -42.48 8.97
CA GLU K 353 -37.21 -43.30 10.16
C GLU K 353 -38.57 -43.12 10.82
N TRP K 354 -39.19 -41.95 10.66
CA TRP K 354 -40.48 -41.72 11.31
C TRP K 354 -41.60 -42.58 10.72
N VAL K 355 -41.46 -43.01 9.46
CA VAL K 355 -42.51 -43.81 8.82
C VAL K 355 -42.67 -45.16 9.51
N PHE K 356 -41.56 -45.81 9.85
CA PHE K 356 -41.65 -47.14 10.48
C PHE K 356 -42.31 -47.06 11.85
N ASP K 357 -42.06 -46.01 12.61
CA ASP K 357 -42.68 -45.89 13.93
C ASP K 357 -44.13 -45.41 13.82
N PHE K 358 -44.44 -44.58 12.83
CA PHE K 358 -45.78 -44.04 12.65
C PHE K 358 -46.76 -45.08 12.13
N MET K 359 -46.31 -46.03 11.33
CA MET K 359 -47.19 -47.03 10.73
C MET K 359 -47.73 -48.02 11.76
N PRO K 360 -49.03 -48.06 11.99
CA PRO K 360 -49.59 -49.04 12.93
C PRO K 360 -49.79 -50.37 12.23
N LEU K 361 -50.14 -51.40 13.02
CA LEU K 361 -50.37 -52.71 12.42
C LEU K 361 -51.65 -52.71 11.60
N ARG K 362 -52.70 -52.04 12.09
CA ARG K 362 -53.97 -51.92 11.39
C ARG K 362 -54.11 -50.49 10.89
N GLY K 363 -54.48 -50.34 9.63
CA GLY K 363 -54.66 -49.03 9.04
C GLY K 363 -53.60 -48.72 7.98
N GLY K 364 -53.91 -47.71 7.18
CA GLY K 364 -53.02 -47.27 6.12
C GLY K 364 -53.49 -45.93 5.60
N TYR K 365 -52.76 -45.42 4.60
CA TYR K 365 -53.10 -44.12 4.03
C TYR K 365 -52.46 -43.98 2.66
N PHE K 366 -52.81 -42.90 1.97
CA PHE K 366 -52.26 -42.63 0.65
C PHE K 366 -51.00 -41.77 0.80
N VAL K 367 -49.91 -42.21 0.16
CA VAL K 367 -48.63 -41.52 0.24
C VAL K 367 -48.74 -40.14 -0.41
N GLY K 368 -48.03 -39.17 0.18
CA GLY K 368 -48.11 -37.80 -0.30
C GLY K 368 -47.71 -37.59 -1.75
N ASN K 369 -46.68 -38.30 -2.22
CA ASN K 369 -46.27 -38.09 -3.61
C ASN K 369 -45.48 -39.29 -4.12
N VAL K 370 -45.66 -39.59 -5.41
CA VAL K 370 -44.99 -40.69 -6.07
C VAL K 370 -44.59 -40.22 -7.47
N GLY K 371 -43.29 -40.26 -7.76
CA GLY K 371 -42.78 -39.84 -9.04
C GLY K 371 -41.45 -40.48 -9.35
N PRO K 372 -40.79 -40.04 -10.43
CA PRO K 372 -39.50 -40.63 -10.80
C PRO K 372 -38.48 -40.52 -9.67
N ALA K 373 -38.15 -41.66 -9.08
CA ALA K 373 -37.19 -41.76 -7.98
C ALA K 373 -37.61 -40.93 -6.77
N HIS K 374 -38.85 -40.45 -6.74
CA HIS K 374 -39.32 -39.60 -5.65
C HIS K 374 -40.52 -40.21 -4.95
N MET K 375 -40.56 -40.11 -3.61
CA MET K 375 -41.67 -40.66 -2.83
C MET K 375 -41.82 -39.86 -1.54
N ASP K 376 -42.78 -38.94 -1.50
CA ASP K 376 -43.07 -38.13 -0.32
C ASP K 376 -44.02 -38.93 0.55
N PHE K 377 -43.53 -39.43 1.67
CA PHE K 377 -44.29 -40.27 2.60
C PHE K 377 -45.19 -39.48 3.54
N ARG K 378 -45.26 -38.16 3.43
CA ARG K 378 -46.08 -37.37 4.34
C ARG K 378 -47.57 -37.63 4.16
N TRP K 379 -48.28 -37.66 5.28
CA TRP K 379 -49.73 -37.86 5.30
C TRP K 379 -50.41 -36.51 5.10
N PHE K 380 -51.21 -36.40 4.04
CA PHE K 380 -51.94 -35.18 3.74
C PHE K 380 -53.41 -35.42 4.00
N ALA K 381 -54.02 -34.56 4.81
CA ALA K 381 -55.41 -34.74 5.22
C ALA K 381 -56.39 -34.58 4.05
N LEU K 382 -56.32 -33.45 3.33
CA LEU K 382 -57.26 -33.23 2.25
C LEU K 382 -57.16 -34.31 1.17
N GLY K 383 -55.96 -34.78 0.88
CA GLY K 383 -55.81 -35.80 -0.14
C GLY K 383 -56.52 -37.09 0.22
N ASN K 384 -56.33 -37.55 1.45
CA ASN K 384 -56.98 -38.80 1.88
C ASN K 384 -58.49 -38.63 1.99
N CYS K 385 -58.94 -37.47 2.47
CA CYS K 385 -60.37 -37.25 2.59
C CYS K 385 -61.05 -37.22 1.22
N VAL K 386 -60.42 -36.56 0.24
CA VAL K 386 -61.00 -36.55 -1.10
C VAL K 386 -60.90 -37.92 -1.73
N SER K 387 -59.83 -38.68 -1.43
CA SER K 387 -59.73 -40.02 -1.99
C SER K 387 -60.87 -40.89 -1.47
N ILE K 388 -61.33 -40.63 -0.25
CA ILE K 388 -62.43 -41.39 0.32
C ILE K 388 -63.76 -40.92 -0.26
N LEU K 389 -63.96 -39.60 -0.34
CA LEU K 389 -65.22 -39.06 -0.86
C LEU K 389 -65.43 -39.38 -2.33
N SER K 390 -64.38 -39.34 -3.13
CA SER K 390 -64.50 -39.64 -4.56
C SER K 390 -64.52 -41.14 -4.83
N SER K 391 -64.59 -41.97 -3.79
CA SER K 391 -64.58 -43.42 -3.88
C SER K 391 -63.32 -43.94 -4.54
N LEU K 392 -62.28 -43.08 -4.64
CA LEU K 392 -61.01 -43.51 -5.21
C LEU K 392 -60.40 -44.60 -4.35
N ALA K 393 -60.61 -44.52 -3.04
CA ALA K 393 -60.13 -45.50 -2.09
C ALA K 393 -61.20 -46.56 -1.92
N THR K 394 -60.78 -47.82 -1.88
CA THR K 394 -61.72 -48.91 -1.71
C THR K 394 -62.32 -48.84 -0.31
N PRO K 395 -63.47 -49.47 -0.08
CA PRO K 395 -64.05 -49.44 1.28
C PRO K 395 -63.06 -49.94 2.32
N ASP K 396 -62.24 -50.93 1.97
CA ASP K 396 -61.23 -51.41 2.91
C ASP K 396 -60.17 -50.35 3.15
N GLN K 397 -59.76 -49.63 2.10
CA GLN K 397 -58.77 -48.58 2.29
C GLN K 397 -59.34 -47.43 3.11
N SER K 398 -60.61 -47.12 2.93
CA SER K 398 -61.23 -46.06 3.73
C SER K 398 -61.31 -46.48 5.18
N MET K 399 -61.66 -47.75 5.42
CA MET K 399 -61.70 -48.25 6.79
C MET K 399 -60.31 -48.23 7.41
N ALA K 400 -59.29 -48.50 6.59
CA ALA K 400 -57.92 -48.47 7.08
C ALA K 400 -57.51 -47.05 7.42
N ILE K 401 -57.97 -46.07 6.62
CA ILE K 401 -57.64 -44.68 6.90
C ILE K 401 -58.27 -44.27 8.23
N MET K 402 -59.51 -44.70 8.46
CA MET K 402 -60.17 -44.38 9.73
C MET K 402 -59.47 -45.09 10.89
N ASP K 403 -59.02 -46.32 10.67
CA ASP K 403 -58.32 -47.06 11.71
C ASP K 403 -57.01 -46.35 12.08
N LEU K 404 -56.28 -45.88 11.07
CA LEU K 404 -55.03 -45.17 11.32
C LEU K 404 -55.32 -43.85 12.04
N LEU K 405 -56.42 -43.20 11.69
CA LEU K 405 -56.79 -41.95 12.36
C LEU K 405 -57.09 -42.20 13.83
N GLU K 406 -57.69 -43.35 14.14
CA GLU K 406 -58.00 -43.68 15.53
C GLU K 406 -56.76 -44.07 16.32
N HIS K 407 -55.83 -44.80 15.69
CA HIS K 407 -54.64 -45.25 16.40
C HIS K 407 -53.67 -44.09 16.61
N ARG K 408 -53.28 -43.40 15.54
CA ARG K 408 -52.38 -42.27 15.65
C ARG K 408 -53.19 -40.97 15.66
N TRP K 409 -54.10 -40.88 16.62
CA TRP K 409 -55.00 -39.73 16.71
C TRP K 409 -54.27 -38.47 17.18
N ALA K 410 -53.47 -38.57 18.25
CA ALA K 410 -52.77 -37.40 18.76
C ALA K 410 -51.83 -36.79 17.74
N GLU K 411 -51.33 -37.60 16.80
CA GLU K 411 -50.41 -37.08 15.79
C GLU K 411 -51.16 -36.36 14.67
N LEU K 412 -52.17 -37.01 14.10
CA LEU K 412 -52.93 -36.43 13.00
C LEU K 412 -53.97 -35.41 13.43
N VAL K 413 -54.42 -35.44 14.68
CA VAL K 413 -55.44 -34.49 15.13
C VAL K 413 -54.95 -33.69 16.32
N GLY K 414 -54.63 -34.37 17.42
CA GLY K 414 -54.18 -33.68 18.62
C GLY K 414 -55.32 -32.95 19.31
N GLU K 415 -54.98 -31.82 19.93
CA GLU K 415 -55.95 -31.01 20.65
C GLU K 415 -56.76 -30.09 19.76
N MET K 416 -56.50 -30.07 18.45
CA MET K 416 -57.22 -29.20 17.55
C MET K 416 -57.21 -29.78 16.13
N PRO K 417 -58.35 -30.24 15.61
CA PRO K 417 -58.34 -30.77 14.24
C PRO K 417 -58.36 -29.63 13.24
N LEU K 418 -57.79 -29.87 12.07
CA LEU K 418 -57.08 -31.10 11.76
C LEU K 418 -55.72 -30.71 11.18
N LYS K 419 -54.68 -31.49 11.48
CA LYS K 419 -53.37 -31.19 10.95
C LYS K 419 -53.39 -31.28 9.43
N ILE K 420 -52.80 -30.28 8.77
CA ILE K 420 -52.81 -30.27 7.31
C ILE K 420 -51.90 -31.37 6.75
N CYS K 421 -50.82 -31.70 7.45
CA CYS K 421 -49.91 -32.74 7.00
C CYS K 421 -49.06 -33.19 8.19
N TYR K 422 -48.62 -34.45 8.13
CA TYR K 422 -47.79 -35.03 9.18
C TYR K 422 -46.69 -35.89 8.55
N PRO K 423 -45.43 -35.73 8.99
CA PRO K 423 -44.98 -34.76 10.00
C PRO K 423 -44.56 -33.44 9.38
N CYS K 424 -43.78 -32.65 10.10
CA CYS K 424 -43.33 -31.35 9.61
C CYS K 424 -41.85 -31.37 9.25
N LEU K 425 -41.47 -30.46 8.36
CA LEU K 425 -40.09 -30.32 7.93
C LEU K 425 -39.31 -29.52 8.96
N GLU K 426 -38.13 -30.03 9.34
CA GLU K 426 -37.30 -29.36 10.34
C GLU K 426 -35.86 -29.27 9.89
N GLY K 427 -35.21 -28.18 10.31
CA GLY K 427 -33.80 -27.96 10.03
C GLY K 427 -33.48 -27.94 8.55
N HIS K 428 -32.56 -28.84 8.17
CA HIS K 428 -32.13 -28.92 6.78
C HIS K 428 -33.30 -29.22 5.87
N GLU K 429 -34.20 -30.10 6.32
CA GLU K 429 -35.38 -30.42 5.53
C GLU K 429 -36.17 -29.16 5.24
N TRP K 430 -36.27 -28.28 6.24
CA TRP K 430 -36.97 -27.02 6.08
C TRP K 430 -36.18 -26.07 5.18
N ARG K 431 -34.84 -26.09 5.31
CA ARG K 431 -33.99 -25.19 4.53
C ARG K 431 -34.02 -25.49 3.04
N ILE K 432 -33.98 -26.77 2.68
CA ILE K 432 -33.90 -27.17 1.27
C ILE K 432 -35.27 -27.30 0.62
N VAL K 433 -36.23 -27.92 1.30
CA VAL K 433 -37.53 -28.13 0.68
C VAL K 433 -38.31 -26.83 0.59
N THR K 434 -38.45 -26.10 1.71
CA THR K 434 -39.20 -24.86 1.68
C THR K 434 -38.39 -23.66 1.20
N GLY K 435 -37.08 -23.79 1.03
CA GLY K 435 -36.29 -22.66 0.60
C GLY K 435 -36.19 -21.60 1.68
N CYS K 436 -36.12 -22.02 2.95
CA CYS K 436 -36.03 -21.11 4.09
C CYS K 436 -37.25 -20.18 4.15
N ASP K 437 -38.43 -20.77 4.00
CA ASP K 437 -39.68 -20.01 4.04
C ASP K 437 -40.05 -19.80 5.51
N PRO K 438 -40.10 -18.57 6.00
CA PRO K 438 -40.41 -18.35 7.42
C PRO K 438 -41.86 -18.54 7.82
N LYS K 439 -42.81 -18.51 6.88
CA LYS K 439 -44.20 -18.70 7.31
C LYS K 439 -44.51 -20.17 7.55
N ASN K 440 -43.69 -21.08 7.05
CA ASN K 440 -43.90 -22.51 7.22
C ASN K 440 -42.88 -23.06 8.21
N THR K 441 -42.89 -22.55 9.44
CA THR K 441 -41.95 -22.99 10.46
C THR K 441 -42.39 -24.37 10.99
N ARG K 442 -41.75 -24.84 12.04
CA ARG K 442 -42.04 -26.14 12.65
C ARG K 442 -43.47 -26.16 13.18
N TRP K 443 -44.27 -27.12 12.71
CA TRP K 443 -45.67 -27.27 13.12
C TRP K 443 -46.40 -25.93 12.97
N SER K 444 -46.26 -25.34 11.78
CA SER K 444 -46.86 -24.04 11.47
C SER K 444 -47.79 -24.08 10.25
N TYR K 445 -48.09 -22.89 9.71
CA TYR K 445 -49.04 -22.64 8.63
C TYR K 445 -49.30 -23.79 7.65
N HIS K 446 -48.32 -24.17 6.84
CA HIS K 446 -48.50 -25.31 5.94
C HIS K 446 -47.67 -26.50 6.37
N ASN K 447 -46.62 -26.25 7.16
CA ASN K 447 -45.70 -27.28 7.64
C ASN K 447 -46.18 -27.84 8.98
N GLY K 448 -47.21 -28.67 8.91
CA GLY K 448 -47.75 -29.32 10.09
C GLY K 448 -48.74 -28.54 10.92
N GLY K 449 -49.30 -27.45 10.42
CA GLY K 449 -50.26 -26.69 11.20
C GLY K 449 -51.64 -27.33 11.22
N SER K 450 -52.39 -27.03 12.27
CA SER K 450 -53.75 -27.54 12.42
C SER K 450 -54.72 -26.55 11.79
N TRP K 451 -55.55 -27.04 10.88
CA TRP K 451 -56.52 -26.20 10.18
C TRP K 451 -57.93 -26.59 10.56
N PRO K 452 -58.71 -25.67 11.15
CA PRO K 452 -60.09 -26.02 11.52
C PRO K 452 -61.00 -26.25 10.32
N VAL K 453 -60.77 -25.55 9.22
CA VAL K 453 -61.61 -25.68 8.03
C VAL K 453 -61.62 -27.12 7.53
N LEU K 454 -60.56 -27.88 7.75
CA LEU K 454 -60.51 -29.25 7.29
C LEU K 454 -61.55 -30.15 7.97
N LEU K 455 -62.11 -29.70 9.09
CA LEU K 455 -63.07 -30.51 9.84
C LEU K 455 -64.18 -31.06 8.96
N TRP K 456 -64.78 -30.22 8.12
CA TRP K 456 -65.89 -30.70 7.30
C TRP K 456 -65.45 -31.87 6.42
N GLN K 457 -64.26 -31.80 5.83
CA GLN K 457 -63.82 -32.94 5.03
C GLN K 457 -63.76 -34.18 5.91
N LEU K 458 -63.10 -34.06 7.06
CA LEU K 458 -63.01 -35.18 7.97
C LEU K 458 -64.40 -35.69 8.33
N THR K 459 -65.34 -34.76 8.47
CA THR K 459 -66.70 -35.16 8.78
C THR K 459 -67.31 -35.93 7.62
N ALA K 460 -67.24 -35.36 6.42
CA ALA K 460 -67.86 -36.01 5.27
C ALA K 460 -67.35 -37.42 5.08
N ALA K 461 -66.03 -37.58 5.03
CA ALA K 461 -65.47 -38.92 4.86
C ALA K 461 -65.91 -39.84 5.99
N CYS K 462 -66.00 -39.31 7.20
CA CYS K 462 -66.40 -40.16 8.32
C CYS K 462 -67.82 -40.66 8.13
N ILE K 463 -68.68 -39.81 7.55
CA ILE K 463 -70.04 -40.27 7.32
C ILE K 463 -70.06 -41.30 6.20
N LYS K 464 -69.23 -41.08 5.16
CA LYS K 464 -69.19 -42.00 4.04
C LYS K 464 -68.63 -43.37 4.45
N THR K 465 -67.72 -43.39 5.41
CA THR K 465 -67.11 -44.63 5.89
C THR K 465 -67.90 -45.29 7.00
N GLY K 466 -68.95 -44.64 7.51
CA GLY K 466 -69.74 -45.23 8.57
C GLY K 466 -69.11 -45.14 9.95
N ARG K 467 -68.32 -44.10 10.21
CA ARG K 467 -67.67 -43.87 11.50
C ARG K 467 -67.99 -42.46 11.97
N PRO K 468 -69.25 -42.20 12.34
CA PRO K 468 -69.60 -40.84 12.78
C PRO K 468 -69.00 -40.44 14.12
N GLN K 469 -68.66 -41.41 14.97
CA GLN K 469 -68.09 -41.06 16.28
C GLN K 469 -66.78 -40.30 16.14
N ILE K 470 -66.00 -40.57 15.11
CA ILE K 470 -64.73 -39.85 14.93
C ILE K 470 -65.02 -38.38 14.65
N ALA K 471 -65.96 -38.13 13.75
CA ALA K 471 -66.33 -36.75 13.44
C ALA K 471 -66.94 -36.08 14.66
N ARG K 472 -67.65 -36.84 15.48
CA ARG K 472 -68.23 -36.26 16.69
C ARG K 472 -67.13 -35.89 17.68
N ARG K 473 -66.07 -36.71 17.77
CA ARG K 473 -64.97 -36.37 18.66
C ARG K 473 -64.33 -35.06 18.21
N ALA K 474 -64.10 -34.94 16.90
CA ALA K 474 -63.52 -33.72 16.37
C ALA K 474 -64.43 -32.51 16.55
N VAL K 475 -65.75 -32.73 16.44
CA VAL K 475 -66.69 -31.63 16.63
C VAL K 475 -66.68 -31.16 18.07
N ASP K 476 -66.61 -32.09 19.03
CA ASP K 476 -66.57 -31.65 20.42
C ASP K 476 -65.24 -30.96 20.72
N LEU K 477 -64.16 -31.39 20.06
CA LEU K 477 -62.87 -30.74 20.28
C LEU K 477 -62.86 -29.31 19.72
N ILE K 478 -63.50 -29.11 18.57
CA ILE K 478 -63.53 -27.80 17.94
C ILE K 478 -64.54 -26.86 18.61
N GLU K 479 -65.70 -27.37 19.02
CA GLU K 479 -66.72 -26.55 19.66
C GLU K 479 -66.31 -26.02 21.03
N SER K 480 -65.16 -26.45 21.55
CA SER K 480 -64.72 -25.99 22.85
C SER K 480 -63.71 -24.85 22.79
N ARG K 481 -63.05 -24.65 21.65
CA ARG K 481 -62.05 -23.59 21.54
C ARG K 481 -62.12 -22.74 20.28
N LEU K 482 -62.79 -23.19 19.21
CA LEU K 482 -62.83 -22.38 17.99
C LEU K 482 -63.53 -21.04 18.22
N HIS K 483 -64.68 -21.04 18.88
CA HIS K 483 -65.40 -19.80 19.11
C HIS K 483 -64.70 -18.91 20.13
N ARG K 484 -64.07 -19.52 21.13
CA ARG K 484 -63.37 -18.76 22.16
C ARG K 484 -62.18 -18.00 21.61
N ASP K 485 -61.53 -18.51 20.56
CA ASP K 485 -60.38 -17.87 19.96
C ASP K 485 -60.72 -16.95 18.79
N CYS K 486 -62.00 -16.59 18.64
CA CYS K 486 -62.47 -15.70 17.58
C CYS K 486 -62.22 -16.25 16.18
N TRP K 487 -62.41 -17.56 16.01
CA TRP K 487 -62.29 -18.25 14.73
C TRP K 487 -60.97 -18.01 14.01
N PRO K 488 -59.86 -18.57 14.49
CA PRO K 488 -58.56 -18.35 13.83
C PRO K 488 -58.47 -19.06 12.49
N GLU K 489 -57.52 -18.59 11.67
CA GLU K 489 -57.27 -19.19 10.37
C GLU K 489 -56.64 -20.57 10.50
N TYR K 490 -55.63 -20.70 11.36
CA TYR K 490 -54.92 -21.95 11.57
C TYR K 490 -54.29 -21.95 12.94
N TYR K 491 -53.95 -23.14 13.42
CA TYR K 491 -53.32 -23.35 14.72
C TYR K 491 -51.94 -23.96 14.53
N ASP K 492 -51.06 -23.70 15.48
CA ASP K 492 -49.70 -24.21 15.45
C ASP K 492 -49.41 -25.07 16.68
N GLY K 493 -48.38 -25.89 16.56
CA GLY K 493 -47.98 -26.75 17.64
C GLY K 493 -48.18 -28.22 17.29
N LYS K 494 -47.49 -29.07 18.06
CA LYS K 494 -47.60 -30.52 17.84
C LYS K 494 -49.01 -31.01 18.12
N LEU K 495 -49.71 -30.33 19.02
CA LEU K 495 -51.08 -30.65 19.36
C LEU K 495 -52.07 -29.58 18.91
N GLY K 496 -51.58 -28.46 18.38
CA GLY K 496 -52.47 -27.39 17.97
C GLY K 496 -52.95 -26.55 19.12
N ARG K 497 -52.27 -26.63 20.27
CA ARG K 497 -52.66 -25.88 21.46
C ARG K 497 -52.52 -24.37 21.28
N TYR K 498 -51.67 -23.93 20.37
CA TYR K 498 -51.40 -22.51 20.16
C TYR K 498 -52.03 -21.98 18.88
N VAL K 499 -52.45 -20.72 18.91
CA VAL K 499 -53.01 -20.08 17.73
C VAL K 499 -51.88 -19.87 16.73
N GLY K 500 -52.23 -19.80 15.45
CA GLY K 500 -51.21 -19.64 14.42
C GLY K 500 -50.36 -18.40 14.63
N LYS K 501 -49.12 -18.46 14.11
CA LYS K 501 -48.19 -17.35 14.24
C LYS K 501 -48.70 -16.11 13.51
N GLN K 502 -49.29 -16.32 12.33
CA GLN K 502 -49.83 -15.25 11.51
C GLN K 502 -51.28 -15.56 11.14
N ALA K 503 -51.99 -16.22 12.03
CA ALA K 503 -53.38 -16.59 11.78
C ALA K 503 -54.29 -15.37 11.85
N ARG K 504 -55.20 -15.28 10.88
CA ARG K 504 -56.16 -14.20 10.83
C ARG K 504 -57.41 -14.62 11.59
N LYS K 505 -57.86 -13.77 12.50
CA LYS K 505 -59.05 -14.09 13.25
C LYS K 505 -60.27 -13.89 12.36
N TYR K 506 -61.34 -14.65 12.66
CA TYR K 506 -62.59 -14.60 11.92
C TYR K 506 -62.39 -14.99 10.45
N GLN K 507 -61.68 -16.10 10.24
CA GLN K 507 -61.48 -16.57 8.88
C GLN K 507 -62.81 -17.14 8.39
N THR K 508 -63.19 -16.77 7.16
CA THR K 508 -64.50 -17.17 6.64
C THR K 508 -64.64 -18.69 6.52
N TRP K 509 -63.69 -19.36 5.87
CA TRP K 509 -63.87 -20.80 5.72
C TRP K 509 -63.65 -21.55 7.01
N SER K 510 -62.95 -20.98 7.99
CA SER K 510 -62.80 -21.69 9.25
C SER K 510 -64.16 -21.82 9.94
N ILE K 511 -65.04 -20.85 9.70
CA ILE K 511 -66.40 -20.85 10.23
C ILE K 511 -67.31 -21.70 9.37
N ALA K 512 -67.18 -21.55 8.04
CA ALA K 512 -68.01 -22.30 7.12
C ALA K 512 -67.78 -23.80 7.24
N GLY K 513 -66.53 -24.23 7.51
CA GLY K 513 -66.27 -25.64 7.65
C GLY K 513 -66.95 -26.21 8.86
N TYR K 514 -66.95 -25.47 9.97
CA TYR K 514 -67.64 -25.93 11.17
C TYR K 514 -69.13 -26.03 10.93
N LEU K 515 -69.70 -25.04 10.25
CA LEU K 515 -71.14 -25.07 9.96
C LEU K 515 -71.49 -26.26 9.08
N VAL K 516 -70.70 -26.50 8.03
CA VAL K 516 -70.97 -27.61 7.11
C VAL K 516 -70.85 -28.94 7.85
N ALA K 517 -69.86 -29.06 8.72
CA ALA K 517 -69.69 -30.30 9.47
C ALA K 517 -70.87 -30.54 10.40
N LYS K 518 -71.36 -29.49 11.06
CA LYS K 518 -72.47 -29.69 11.97
C LYS K 518 -73.74 -30.07 11.21
N MET K 519 -74.01 -29.42 10.07
CA MET K 519 -75.21 -29.79 9.34
C MET K 519 -75.07 -31.19 8.74
N LEU K 520 -73.85 -31.61 8.40
CA LEU K 520 -73.67 -32.96 7.89
C LEU K 520 -73.91 -33.98 8.99
N LEU K 521 -73.46 -33.68 10.22
CA LEU K 521 -73.71 -34.58 11.34
C LEU K 521 -75.20 -34.66 11.65
N GLU K 522 -75.91 -33.54 11.50
CA GLU K 522 -77.34 -33.52 11.78
C GLU K 522 -78.13 -34.25 10.70
N ASP K 523 -77.72 -34.11 9.44
CA ASP K 523 -78.40 -34.76 8.32
C ASP K 523 -77.35 -35.40 7.42
N PRO K 524 -77.03 -36.67 7.65
CA PRO K 524 -76.02 -37.34 6.81
C PRO K 524 -76.46 -37.50 5.36
N SER K 525 -77.76 -37.38 5.07
CA SER K 525 -78.24 -37.52 3.70
C SER K 525 -77.59 -36.54 2.73
N HIS K 526 -76.89 -35.52 3.26
CA HIS K 526 -76.22 -34.52 2.44
C HIS K 526 -74.89 -35.01 1.86
N ILE K 527 -74.34 -36.13 2.36
CA ILE K 527 -73.05 -36.58 1.85
C ILE K 527 -73.12 -36.94 0.37
N GLY K 528 -74.31 -37.27 -0.13
CA GLY K 528 -74.41 -37.56 -1.55
C GLY K 528 -74.07 -36.37 -2.40
N MET K 529 -74.22 -35.17 -1.84
CA MET K 529 -73.89 -33.92 -2.49
C MET K 529 -72.39 -33.74 -2.70
N ILE K 530 -71.58 -34.46 -1.93
CA ILE K 530 -70.13 -34.34 -1.99
C ILE K 530 -69.43 -35.69 -2.10
N SER K 531 -70.15 -36.75 -2.46
CA SER K 531 -69.52 -38.05 -2.55
C SER K 531 -70.01 -38.82 -3.77
N LEU K 532 -69.22 -39.82 -4.16
CA LEU K 532 -69.51 -40.70 -5.28
C LEU K 532 -69.26 -42.14 -4.86
N GLU K 533 -69.80 -43.08 -5.64
CA GLU K 533 -69.63 -44.50 -5.34
C GLU K 533 -69.34 -45.31 -6.60
N PRO L 83 -3.12 -37.69 -38.14
CA PRO L 83 -2.29 -38.00 -36.98
C PRO L 83 -2.89 -39.12 -36.12
N MET L 84 -2.46 -39.23 -34.86
CA MET L 84 -2.98 -40.27 -33.98
C MET L 84 -4.28 -39.81 -33.31
N MET L 85 -5.21 -39.41 -34.18
CA MET L 85 -6.54 -38.98 -33.81
C MET L 85 -7.62 -39.87 -34.39
N ALA L 86 -7.33 -40.57 -35.48
CA ALA L 86 -8.28 -41.48 -36.13
C ALA L 86 -8.64 -42.68 -35.28
N GLU L 87 -7.93 -42.91 -34.17
CA GLU L 87 -8.30 -44.03 -33.30
C GLU L 87 -9.72 -43.84 -32.83
N ALA L 88 -10.07 -42.58 -32.55
CA ALA L 88 -11.43 -42.24 -32.15
C ALA L 88 -12.40 -42.55 -33.27
N TRP L 89 -11.96 -42.37 -34.52
CA TRP L 89 -12.84 -42.68 -35.65
C TRP L 89 -13.00 -44.18 -35.78
N GLU L 90 -11.97 -44.97 -35.42
CA GLU L 90 -12.10 -46.42 -35.46
C GLU L 90 -13.14 -46.86 -34.44
N ALA L 91 -13.10 -46.27 -33.24
CA ALA L 91 -14.06 -46.61 -32.21
C ALA L 91 -15.47 -46.18 -32.62
N LEU L 92 -15.58 -45.01 -33.25
CA LEU L 92 -16.88 -44.53 -33.69
C LEU L 92 -17.47 -45.42 -34.77
N ARG L 93 -16.63 -45.90 -35.70
CA ARG L 93 -17.13 -46.77 -36.75
C ARG L 93 -17.43 -48.18 -36.25
N ARG L 94 -16.76 -48.59 -35.16
CA ARG L 94 -17.03 -49.91 -34.60
C ARG L 94 -18.35 -49.94 -33.84
N SER L 95 -18.81 -48.79 -33.35
CA SER L 95 -20.05 -48.68 -32.59
C SER L 95 -21.27 -48.47 -33.48
N MET L 96 -21.24 -48.90 -34.74
CA MET L 96 -22.39 -48.70 -35.61
C MET L 96 -23.38 -49.85 -35.51
N VAL L 97 -24.67 -49.49 -35.55
CA VAL L 97 -25.80 -50.41 -35.47
C VAL L 97 -26.51 -50.33 -36.80
N PHE L 98 -26.65 -51.49 -37.46
CA PHE L 98 -27.28 -51.63 -38.76
C PHE L 98 -28.62 -52.34 -38.65
N PHE L 99 -29.56 -51.92 -39.48
CA PHE L 99 -30.90 -52.51 -39.53
C PHE L 99 -31.22 -52.82 -40.99
N ARG L 100 -31.33 -54.10 -41.30
CA ARG L 100 -31.64 -54.58 -42.66
C ARG L 100 -30.57 -54.19 -43.67
N GLY L 101 -29.31 -54.12 -43.24
CA GLY L 101 -28.20 -53.81 -44.11
C GLY L 101 -27.75 -52.37 -44.11
N GLN L 102 -28.61 -51.43 -43.74
CA GLN L 102 -28.28 -50.01 -43.75
C GLN L 102 -27.91 -49.52 -42.35
N PRO L 103 -26.90 -48.66 -42.24
CA PRO L 103 -26.49 -48.16 -40.92
C PRO L 103 -27.54 -47.20 -40.37
N VAL L 104 -28.08 -47.52 -39.20
CA VAL L 104 -29.13 -46.71 -38.59
C VAL L 104 -28.59 -45.83 -37.47
N GLY L 105 -27.57 -46.28 -36.76
CA GLY L 105 -27.10 -45.41 -35.69
C GLY L 105 -25.84 -45.90 -35.02
N THR L 106 -25.56 -45.32 -33.86
CA THR L 106 -24.40 -45.71 -33.06
C THR L 106 -24.85 -46.21 -31.69
N LEU L 107 -24.01 -47.05 -31.09
CA LEU L 107 -24.31 -47.61 -29.78
C LEU L 107 -24.09 -46.54 -28.70
N ALA L 108 -24.34 -46.94 -27.46
CA ALA L 108 -24.14 -46.07 -26.30
C ALA L 108 -22.79 -46.33 -25.65
N ALA L 109 -22.43 -47.61 -25.52
CA ALA L 109 -21.18 -48.06 -24.94
C ALA L 109 -20.76 -49.32 -25.69
N VAL L 110 -19.46 -49.48 -25.91
CA VAL L 110 -18.92 -50.63 -26.64
C VAL L 110 -18.01 -51.36 -25.66
N ASP L 111 -18.57 -52.32 -24.94
CA ASP L 111 -17.82 -53.10 -23.96
C ASP L 111 -17.83 -54.59 -24.34
N TYR L 120 -26.76 -48.94 -20.81
CA TYR L 120 -26.19 -48.28 -21.97
C TYR L 120 -25.68 -49.28 -23.01
N ASP L 121 -26.60 -49.87 -23.77
CA ASP L 121 -26.25 -50.83 -24.80
C ASP L 121 -27.09 -50.68 -26.06
N GLN L 122 -27.93 -49.66 -26.14
CA GLN L 122 -28.81 -49.41 -27.26
C GLN L 122 -28.45 -48.09 -27.94
N VAL L 123 -29.29 -47.70 -28.90
CA VAL L 123 -29.09 -46.46 -29.64
C VAL L 123 -29.91 -45.39 -28.92
N PHE L 124 -29.22 -44.51 -28.20
CA PHE L 124 -29.87 -43.42 -27.48
C PHE L 124 -29.86 -42.18 -28.36
N VAL L 125 -30.86 -41.33 -28.16
CA VAL L 125 -30.98 -40.11 -28.95
C VAL L 125 -29.87 -39.12 -28.60
N ARG L 126 -29.82 -38.72 -27.32
CA ARG L 126 -28.80 -37.78 -26.88
C ARG L 126 -27.40 -38.34 -27.09
N ASP L 127 -27.24 -39.66 -26.97
CA ASP L 127 -25.94 -40.27 -27.19
C ASP L 127 -25.55 -40.26 -28.66
N PHE L 128 -26.54 -40.33 -29.56
CA PHE L 128 -26.30 -40.36 -30.99
C PHE L 128 -26.10 -38.98 -31.62
N VAL L 129 -26.55 -37.92 -30.95
CA VAL L 129 -26.40 -36.57 -31.50
C VAL L 129 -24.96 -36.25 -31.90
N PRO L 130 -23.96 -36.40 -31.02
CA PRO L 130 -22.59 -36.07 -31.44
C PRO L 130 -22.07 -37.00 -32.53
N SER L 131 -22.41 -38.29 -32.48
CA SER L 131 -21.95 -39.19 -33.53
C SER L 131 -22.52 -38.77 -34.87
N ALA L 132 -23.78 -38.34 -34.87
CA ALA L 132 -24.42 -37.88 -36.10
C ALA L 132 -23.74 -36.63 -36.62
N LEU L 133 -23.36 -35.72 -35.71
CA LEU L 133 -22.67 -34.51 -36.17
C LEU L 133 -21.31 -34.86 -36.77
N ALA L 134 -20.63 -35.85 -36.18
CA ALA L 134 -19.32 -36.26 -36.69
C ALA L 134 -19.47 -36.82 -38.11
N PHE L 135 -20.48 -37.68 -38.31
CA PHE L 135 -20.67 -38.23 -39.65
C PHE L 135 -21.11 -37.16 -40.63
N LEU L 136 -21.91 -36.19 -40.17
CA LEU L 136 -22.35 -35.12 -41.06
C LEU L 136 -21.17 -34.27 -41.51
N MET L 137 -20.22 -34.01 -40.61
CA MET L 137 -19.05 -33.22 -40.96
C MET L 137 -18.08 -34.01 -41.84
N ASN L 138 -18.00 -35.33 -41.65
CA ASN L 138 -17.10 -36.15 -42.46
C ASN L 138 -17.65 -36.39 -43.86
N GLY L 139 -18.95 -36.19 -44.07
CA GLY L 139 -19.57 -36.41 -45.36
C GLY L 139 -20.31 -37.71 -45.53
N GLU L 140 -20.80 -38.32 -44.45
CA GLU L 140 -21.54 -39.57 -44.48
C GLU L 140 -22.88 -39.34 -43.79
N PRO L 141 -23.81 -38.67 -44.44
CA PRO L 141 -25.11 -38.35 -43.82
C PRO L 141 -26.21 -39.39 -43.96
N ASP L 142 -25.93 -40.57 -44.54
CA ASP L 142 -26.99 -41.57 -44.70
C ASP L 142 -27.43 -42.14 -43.37
N ILE L 143 -26.50 -42.30 -42.43
CA ILE L 143 -26.85 -42.86 -41.12
C ILE L 143 -27.78 -41.92 -40.37
N VAL L 144 -27.55 -40.61 -40.48
CA VAL L 144 -28.40 -39.64 -39.79
C VAL L 144 -29.81 -39.66 -40.38
N LYS L 145 -29.90 -39.82 -41.70
CA LYS L 145 -31.20 -39.86 -42.36
C LYS L 145 -31.98 -41.09 -41.92
N HIS L 146 -31.32 -42.26 -41.93
CA HIS L 146 -31.99 -43.48 -41.50
C HIS L 146 -32.39 -43.39 -40.03
N PHE L 147 -31.55 -42.78 -39.20
CA PHE L 147 -31.87 -42.64 -37.78
C PHE L 147 -33.11 -41.80 -37.59
N LEU L 148 -33.16 -40.63 -38.25
CA LEU L 148 -34.32 -39.76 -38.11
C LEU L 148 -35.60 -40.46 -38.59
N LEU L 149 -35.52 -41.16 -39.72
CA LEU L 149 -36.72 -41.82 -40.24
C LEU L 149 -37.19 -42.96 -39.34
N LYS L 150 -36.25 -43.78 -38.85
CA LYS L 150 -36.67 -44.89 -37.99
C LYS L 150 -37.18 -44.39 -36.64
N THR L 151 -36.57 -43.35 -36.09
CA THR L 151 -37.09 -42.81 -34.84
C THR L 151 -38.47 -42.23 -35.07
N LEU L 152 -38.72 -41.65 -36.25
CA LEU L 152 -40.04 -41.13 -36.55
C LEU L 152 -41.05 -42.27 -36.60
N GLN L 153 -40.64 -43.41 -37.17
CA GLN L 153 -41.53 -44.56 -37.22
C GLN L 153 -41.85 -45.02 -35.80
N LEU L 154 -40.85 -44.97 -34.92
CA LEU L 154 -41.08 -45.35 -33.53
C LEU L 154 -42.04 -44.38 -32.85
N GLN L 155 -42.03 -43.11 -33.29
CA GLN L 155 -42.93 -42.12 -32.71
C GLN L 155 -44.39 -42.46 -33.02
N GLY L 156 -44.65 -43.15 -34.13
CA GLY L 156 -45.98 -43.54 -34.51
C GLY L 156 -46.47 -44.83 -33.90
N TRP L 157 -45.82 -45.34 -32.86
CA TRP L 157 -46.21 -46.58 -32.22
C TRP L 157 -47.24 -46.30 -31.12
N GLU L 158 -47.99 -47.34 -30.76
CA GLU L 158 -48.96 -47.24 -29.68
C GLU L 158 -48.22 -47.65 -28.41
N LYS L 159 -47.84 -46.68 -27.62
CA LYS L 159 -47.10 -46.89 -26.38
C LYS L 159 -48.07 -46.93 -25.21
N ARG L 160 -47.80 -47.81 -24.25
CA ARG L 160 -48.69 -47.96 -23.11
C ARG L 160 -47.90 -48.20 -21.83
N VAL L 161 -48.33 -47.54 -20.75
CA VAL L 161 -47.70 -47.69 -19.44
C VAL L 161 -48.81 -48.05 -18.47
N ASP L 162 -48.91 -49.36 -18.22
CA ASP L 162 -49.82 -50.11 -17.33
C ASP L 162 -51.29 -50.03 -17.72
N ARG L 163 -51.78 -48.82 -18.02
CA ARG L 163 -53.14 -48.55 -18.45
C ARG L 163 -53.20 -47.17 -19.09
N PHE L 164 -52.07 -46.50 -19.14
CA PHE L 164 -51.96 -45.12 -19.59
C PHE L 164 -51.33 -45.01 -20.97
N LYS L 165 -52.05 -44.34 -21.86
CA LYS L 165 -51.59 -44.11 -23.22
C LYS L 165 -50.65 -42.91 -23.21
N LEU L 166 -49.42 -43.11 -23.67
CA LEU L 166 -48.45 -42.02 -23.70
C LEU L 166 -48.84 -41.03 -24.79
N GLY L 167 -48.14 -39.90 -24.82
CA GLY L 167 -48.43 -38.89 -25.81
C GLY L 167 -48.24 -39.41 -27.22
N GLU L 168 -48.92 -38.76 -28.17
CA GLU L 168 -48.83 -39.19 -29.57
C GLU L 168 -47.45 -38.88 -30.15
N GLY L 169 -46.93 -37.69 -29.90
CA GLY L 169 -45.64 -37.26 -30.38
C GLY L 169 -44.46 -37.61 -29.52
N VAL L 170 -44.66 -38.46 -28.50
CA VAL L 170 -43.57 -38.83 -27.61
C VAL L 170 -42.51 -39.62 -28.37
N MET L 171 -41.27 -39.15 -28.28
CA MET L 171 -40.12 -39.78 -28.91
C MET L 171 -39.46 -40.75 -27.94
N PRO L 172 -38.98 -41.89 -28.42
CA PRO L 172 -38.34 -42.87 -27.52
C PRO L 172 -36.99 -42.39 -27.03
N ALA L 173 -36.62 -42.88 -25.84
CA ALA L 173 -35.32 -42.53 -25.27
C ALA L 173 -34.21 -43.37 -25.87
N SER L 174 -34.50 -44.62 -26.21
CA SER L 174 -33.51 -45.53 -26.79
C SER L 174 -34.24 -46.68 -27.46
N PHE L 175 -33.49 -47.45 -28.25
CA PHE L 175 -34.03 -48.60 -28.95
C PHE L 175 -32.86 -49.49 -29.36
N LYS L 176 -33.13 -50.79 -29.43
CA LYS L 176 -32.12 -51.77 -29.82
C LYS L 176 -32.69 -52.68 -30.90
N VAL L 177 -31.79 -53.30 -31.63
CA VAL L 177 -32.14 -54.22 -32.71
C VAL L 177 -31.94 -55.64 -32.20
N LEU L 178 -32.97 -56.47 -32.32
CA LEU L 178 -32.95 -57.84 -31.86
C LEU L 178 -33.03 -58.78 -33.05
N HIS L 179 -32.12 -59.74 -33.12
CA HIS L 179 -32.09 -60.72 -34.21
C HIS L 179 -33.06 -61.87 -33.93
N ASP L 186 -34.72 -59.60 -37.38
CA ASP L 186 -34.28 -58.24 -37.11
C ASP L 186 -35.50 -57.34 -36.84
N ASN L 187 -35.81 -57.19 -35.55
CA ASN L 187 -36.93 -56.39 -35.09
C ASN L 187 -36.44 -55.33 -34.11
N ILE L 188 -36.95 -54.12 -34.26
CA ILE L 188 -36.57 -52.99 -33.42
C ILE L 188 -37.45 -52.97 -32.19
N VAL L 189 -36.84 -52.70 -31.03
CA VAL L 189 -37.53 -52.62 -29.75
C VAL L 189 -37.16 -51.28 -29.14
N ALA L 190 -38.16 -50.49 -28.76
CA ALA L 190 -37.94 -49.16 -28.22
C ALA L 190 -38.41 -49.04 -26.77
N ASP L 191 -37.80 -48.08 -26.07
CA ASP L 191 -38.10 -47.77 -24.68
C ASP L 191 -38.55 -46.33 -24.59
N PHE L 192 -39.79 -46.11 -24.15
CA PHE L 192 -40.36 -44.77 -23.99
C PHE L 192 -40.47 -44.37 -22.52
N GLY L 193 -39.97 -45.19 -21.60
CA GLY L 193 -40.05 -44.88 -20.19
C GLY L 193 -40.62 -46.04 -19.39
N GLU L 194 -41.26 -46.99 -20.06
CA GLU L 194 -41.82 -48.14 -19.35
C GLU L 194 -40.71 -49.02 -18.76
N SER L 195 -39.61 -49.18 -19.50
CA SER L 195 -38.47 -49.98 -19.06
C SER L 195 -37.41 -49.14 -18.37
N ALA L 196 -37.46 -47.82 -18.51
CA ALA L 196 -36.47 -46.95 -17.91
C ALA L 196 -36.49 -47.03 -16.39
N ILE L 197 -35.30 -46.90 -15.78
CA ILE L 197 -35.19 -46.94 -14.33
C ILE L 197 -35.91 -45.75 -13.75
N GLY L 198 -36.85 -46.01 -12.84
CA GLY L 198 -37.63 -44.95 -12.24
C GLY L 198 -38.75 -44.41 -13.10
N ARG L 199 -38.95 -44.99 -14.29
CA ARG L 199 -39.99 -44.57 -15.22
C ARG L 199 -39.83 -43.10 -15.61
N VAL L 200 -38.59 -42.70 -15.87
CA VAL L 200 -38.30 -41.32 -16.25
C VAL L 200 -38.76 -41.08 -17.69
N ALA L 201 -39.07 -39.81 -17.99
CA ALA L 201 -39.54 -39.42 -19.31
C ALA L 201 -38.48 -38.63 -20.06
N PRO L 202 -38.14 -39.04 -21.29
CA PRO L 202 -37.13 -38.32 -22.08
C PRO L 202 -37.72 -37.10 -22.78
N VAL L 203 -37.79 -35.97 -22.07
CA VAL L 203 -38.35 -34.76 -22.66
C VAL L 203 -37.47 -34.22 -23.78
N ASP L 204 -36.15 -34.35 -23.64
CA ASP L 204 -35.20 -33.84 -24.64
C ASP L 204 -35.16 -34.64 -25.93
N SER L 205 -35.69 -35.86 -25.97
CA SER L 205 -35.60 -36.64 -27.20
C SER L 205 -36.31 -35.97 -28.36
N GLY L 206 -37.51 -35.42 -28.13
CA GLY L 206 -38.23 -34.78 -29.20
C GLY L 206 -37.51 -33.55 -29.73
N PHE L 207 -36.96 -32.75 -28.82
CA PHE L 207 -36.23 -31.56 -29.24
C PHE L 207 -34.96 -31.94 -29.99
N TRP L 208 -34.29 -33.00 -29.55
CA TRP L 208 -33.08 -33.46 -30.22
C TRP L 208 -33.38 -33.94 -31.63
N TRP L 209 -34.54 -34.55 -31.83
CA TRP L 209 -34.87 -35.02 -33.18
C TRP L 209 -34.95 -33.85 -34.15
N ILE L 210 -35.66 -32.78 -33.76
CA ILE L 210 -35.80 -31.60 -34.61
C ILE L 210 -34.45 -30.93 -34.84
N ILE L 211 -33.64 -30.81 -33.78
CA ILE L 211 -32.33 -30.16 -33.93
C ILE L 211 -31.45 -30.96 -34.87
N LEU L 212 -31.48 -32.29 -34.76
CA LEU L 212 -30.68 -33.13 -35.66
C LEU L 212 -31.18 -33.02 -37.09
N LEU L 213 -32.50 -32.90 -37.27
CA LEU L 213 -33.03 -32.76 -38.62
C LEU L 213 -32.57 -31.46 -39.25
N ARG L 214 -32.58 -30.37 -38.46
CA ARG L 214 -32.11 -29.10 -38.99
C ARG L 214 -30.63 -29.16 -39.33
N ALA L 215 -29.84 -29.82 -38.47
CA ALA L 215 -28.41 -29.95 -38.73
C ALA L 215 -28.16 -30.74 -39.99
N TYR L 216 -28.95 -31.80 -40.23
CA TYR L 216 -28.78 -32.60 -41.44
C TYR L 216 -29.11 -31.79 -42.68
N THR L 217 -30.27 -31.13 -42.68
CA THR L 217 -30.66 -30.35 -43.85
C THR L 217 -29.71 -29.20 -44.11
N LYS L 218 -29.06 -28.66 -43.08
CA LYS L 218 -28.11 -27.57 -43.32
C LYS L 218 -26.76 -28.10 -43.78
N SER L 219 -26.31 -29.24 -43.24
CA SER L 219 -25.03 -29.80 -43.62
C SER L 219 -25.04 -30.37 -45.03
N THR L 220 -26.17 -30.95 -45.44
CA THR L 220 -26.29 -31.54 -46.76
C THR L 220 -26.91 -30.62 -47.79
N GLY L 221 -27.76 -29.68 -47.38
CA GLY L 221 -28.42 -28.83 -48.34
C GLY L 221 -29.58 -29.51 -49.04
N ASP L 222 -29.84 -30.78 -48.72
CA ASP L 222 -30.91 -31.58 -49.29
C ASP L 222 -32.17 -31.33 -48.47
N LEU L 223 -32.95 -30.33 -48.90
CA LEU L 223 -34.19 -29.95 -48.24
C LEU L 223 -35.31 -30.97 -48.42
N THR L 224 -35.11 -31.98 -49.26
CA THR L 224 -36.16 -32.95 -49.52
C THR L 224 -36.57 -33.73 -48.27
N LEU L 225 -35.62 -34.11 -47.42
CA LEU L 225 -35.97 -34.89 -46.23
C LEU L 225 -36.86 -34.10 -45.27
N SER L 226 -36.51 -32.85 -45.00
CA SER L 226 -37.31 -32.04 -44.09
C SER L 226 -38.69 -31.71 -44.66
N GLU L 227 -38.85 -31.74 -45.97
CA GLU L 227 -40.13 -31.42 -46.58
C GLU L 227 -41.04 -32.63 -46.77
N THR L 228 -40.59 -33.85 -46.42
CA THR L 228 -41.47 -35.00 -46.56
C THR L 228 -42.62 -34.90 -45.55
N PRO L 229 -43.80 -35.41 -45.91
CA PRO L 229 -44.94 -35.34 -44.97
C PRO L 229 -44.71 -36.04 -43.64
N GLU L 230 -43.97 -37.16 -43.62
CA GLU L 230 -43.77 -37.90 -42.37
C GLU L 230 -42.98 -37.06 -41.35
N CYS L 231 -41.87 -36.48 -41.76
CA CYS L 231 -41.08 -35.69 -40.82
C CYS L 231 -41.84 -34.42 -40.42
N GLN L 232 -42.62 -33.85 -41.33
CA GLN L 232 -43.40 -32.68 -40.98
C GLN L 232 -44.42 -33.03 -39.90
N LYS L 233 -45.03 -34.21 -40.04
CA LYS L 233 -45.98 -34.68 -39.04
C LYS L 233 -45.28 -34.89 -37.70
N GLY L 234 -44.07 -35.43 -37.73
CA GLY L 234 -43.33 -35.64 -36.49
C GLY L 234 -42.99 -34.33 -35.81
N MET L 235 -42.59 -33.33 -36.60
CA MET L 235 -42.28 -32.01 -36.05
C MET L 235 -43.51 -31.41 -35.40
N LYS L 236 -44.65 -31.45 -36.09
CA LYS L 236 -45.87 -30.90 -35.53
C LYS L 236 -46.32 -31.65 -34.29
N LEU L 237 -46.12 -32.97 -34.23
CA LEU L 237 -46.53 -33.73 -33.05
C LEU L 237 -45.69 -33.33 -31.84
N ILE L 238 -44.37 -33.29 -32.02
CA ILE L 238 -43.50 -32.92 -30.91
C ILE L 238 -43.77 -31.48 -30.48
N LEU L 239 -44.04 -30.59 -31.44
CA LEU L 239 -44.34 -29.21 -31.09
C LEU L 239 -45.68 -29.10 -30.39
N SER L 240 -46.65 -29.93 -30.76
CA SER L 240 -47.96 -29.88 -30.13
C SER L 240 -47.92 -30.42 -28.72
N LEU L 241 -46.91 -31.24 -28.38
CA LEU L 241 -46.86 -31.73 -27.01
C LEU L 241 -46.44 -30.63 -26.04
N CYS L 242 -45.46 -29.80 -26.41
CA CYS L 242 -44.96 -28.73 -25.54
C CYS L 242 -45.74 -27.42 -25.66
N LEU L 243 -46.27 -27.10 -26.84
CA LEU L 243 -47.02 -25.86 -27.02
C LEU L 243 -48.47 -25.99 -26.56
N ALA L 244 -48.84 -27.13 -25.99
CA ALA L 244 -50.20 -27.37 -25.53
C ALA L 244 -50.55 -26.49 -24.33
N GLU L 245 -51.85 -26.18 -24.23
CA GLU L 245 -52.35 -25.35 -23.14
C GLU L 245 -52.31 -26.12 -21.82
N GLY L 246 -52.21 -25.38 -20.72
CA GLY L 246 -52.19 -26.00 -19.42
C GLY L 246 -52.35 -24.98 -18.32
N PHE L 247 -52.30 -25.46 -17.08
CA PHE L 247 -52.41 -24.62 -15.91
C PHE L 247 -51.18 -23.74 -15.70
N ASP L 248 -50.17 -23.92 -16.55
CA ASP L 248 -48.91 -23.18 -16.45
C ASP L 248 -49.09 -21.67 -16.54
N THR L 249 -48.47 -20.97 -15.60
CA THR L 249 -48.44 -19.51 -15.56
C THR L 249 -47.07 -18.99 -15.99
N PHE L 250 -46.22 -19.89 -16.50
CA PHE L 250 -44.86 -19.67 -16.97
C PHE L 250 -44.74 -20.09 -18.43
N PRO L 251 -44.03 -19.31 -19.24
CA PRO L 251 -43.82 -19.71 -20.64
C PRO L 251 -42.94 -20.94 -20.77
N THR L 252 -42.08 -21.19 -19.78
CA THR L 252 -41.18 -22.33 -19.79
C THR L 252 -41.95 -23.64 -19.64
N LEU L 253 -41.29 -24.72 -20.04
CA LEU L 253 -41.88 -26.06 -20.00
C LEU L 253 -41.67 -26.72 -18.64
N LEU L 254 -42.76 -27.16 -18.01
CA LEU L 254 -42.68 -27.83 -16.72
C LEU L 254 -42.09 -29.21 -16.90
N CYS L 255 -41.24 -29.62 -15.95
CA CYS L 255 -40.58 -30.91 -16.06
C CYS L 255 -40.53 -31.63 -14.73
N ALA L 256 -40.59 -32.95 -14.81
CA ALA L 256 -40.47 -33.83 -13.67
C ALA L 256 -38.98 -34.15 -13.48
N ASP L 257 -38.64 -34.69 -12.32
CA ASP L 257 -37.23 -34.99 -12.07
C ASP L 257 -36.74 -36.06 -13.05
N GLY L 258 -35.50 -35.92 -13.50
CA GLY L 258 -34.97 -36.88 -14.45
C GLY L 258 -35.42 -36.69 -15.88
N CYS L 259 -35.43 -35.45 -16.39
CA CYS L 259 -35.90 -35.21 -17.74
C CYS L 259 -34.84 -35.15 -18.84
N SER L 260 -33.55 -35.02 -18.53
CA SER L 260 -32.57 -34.96 -19.61
C SER L 260 -31.11 -35.08 -19.17
N MET L 261 -30.41 -36.09 -19.68
CA MET L 261 -29.00 -36.36 -19.42
C MET L 261 -28.80 -36.77 -17.97
N ILE L 262 -29.74 -36.38 -17.14
CA ILE L 262 -29.77 -36.74 -15.72
C ILE L 262 -31.07 -37.53 -15.56
N ASP L 263 -30.98 -38.84 -15.75
CA ASP L 263 -32.15 -39.71 -15.66
C ASP L 263 -32.47 -40.11 -14.23
N ARG L 264 -31.85 -39.48 -13.25
CA ARG L 264 -32.08 -39.78 -11.85
C ARG L 264 -32.54 -38.52 -11.13
N ARG L 265 -32.96 -38.71 -9.89
CA ARG L 265 -33.44 -37.61 -9.07
C ARG L 265 -32.26 -36.72 -8.70
N MET L 266 -32.28 -35.48 -9.20
CA MET L 266 -31.23 -34.51 -8.94
C MET L 266 -31.75 -33.11 -8.70
N GLY L 267 -33.06 -32.90 -8.76
CA GLY L 267 -33.62 -31.57 -8.58
C GLY L 267 -33.73 -30.81 -9.87
N VAL L 268 -33.88 -31.51 -11.00
CA VAL L 268 -34.00 -30.89 -12.31
C VAL L 268 -35.47 -30.73 -12.63
N TYR L 269 -36.32 -30.84 -11.63
CA TYR L 269 -37.75 -30.67 -11.83
C TYR L 269 -38.07 -29.18 -12.00
N GLY L 270 -39.20 -28.90 -12.63
CA GLY L 270 -39.59 -27.52 -12.82
C GLY L 270 -39.25 -26.97 -14.19
N TYR L 271 -38.33 -26.02 -14.24
CA TYR L 271 -37.91 -25.37 -15.48
C TYR L 271 -36.39 -25.32 -15.57
N PRO L 272 -35.74 -26.46 -15.77
CA PRO L 272 -34.27 -26.46 -15.87
C PRO L 272 -33.80 -25.82 -17.18
N ILE L 273 -32.65 -25.14 -17.10
CA ILE L 273 -32.10 -24.46 -18.27
C ILE L 273 -31.80 -25.41 -19.41
N GLU L 274 -31.47 -26.66 -19.12
CA GLU L 274 -31.16 -27.58 -20.22
C GLU L 274 -32.39 -27.79 -21.10
N ILE L 275 -33.53 -28.07 -20.48
CA ILE L 275 -34.75 -28.29 -21.25
C ILE L 275 -35.22 -27.00 -21.90
N GLN L 276 -35.12 -25.86 -21.19
CA GLN L 276 -35.56 -24.61 -21.79
C GLN L 276 -34.69 -24.22 -22.98
N ALA L 277 -33.38 -24.44 -22.88
CA ALA L 277 -32.48 -24.10 -23.98
C ALA L 277 -32.73 -25.02 -25.17
N LEU L 278 -32.90 -26.31 -24.92
CA LEU L 278 -33.19 -27.24 -26.01
C LEU L 278 -34.54 -26.91 -26.63
N PHE L 279 -35.48 -26.46 -25.80
CA PHE L 279 -36.81 -26.06 -26.25
C PHE L 279 -36.71 -24.87 -27.19
N PHE L 280 -35.94 -23.85 -26.79
CA PHE L 280 -35.77 -22.66 -27.60
C PHE L 280 -35.07 -22.98 -28.92
N MET L 281 -34.03 -23.83 -28.87
CA MET L 281 -33.31 -24.18 -30.08
C MET L 281 -34.21 -24.98 -31.02
N ALA L 282 -34.98 -25.92 -30.49
CA ALA L 282 -35.87 -26.70 -31.32
C ALA L 282 -36.98 -25.83 -31.90
N LEU L 283 -37.45 -24.85 -31.13
CA LEU L 283 -38.49 -23.95 -31.61
C LEU L 283 -37.98 -23.13 -32.79
N ARG L 284 -36.78 -22.56 -32.65
CA ARG L 284 -36.22 -21.76 -33.74
C ARG L 284 -35.92 -22.62 -34.96
N SER L 285 -35.37 -23.82 -34.76
CA SER L 285 -35.05 -24.70 -35.89
C SER L 285 -36.30 -25.27 -36.54
N ALA L 286 -37.42 -25.32 -35.84
CA ALA L 286 -38.64 -25.84 -36.45
C ALA L 286 -39.15 -24.90 -37.53
N LEU L 287 -39.08 -23.59 -37.30
CA LEU L 287 -39.50 -22.62 -38.31
C LEU L 287 -38.62 -22.68 -39.53
N SER L 288 -37.37 -23.12 -39.37
CA SER L 288 -36.43 -23.20 -40.49
C SER L 288 -36.87 -24.18 -41.57
N MET L 289 -37.80 -25.08 -41.26
CA MET L 289 -38.23 -26.05 -42.28
C MET L 289 -39.73 -26.37 -42.22
N LEU L 290 -40.54 -25.62 -41.48
CA LEU L 290 -41.97 -25.89 -41.41
C LEU L 290 -42.69 -25.20 -42.56
N LYS L 291 -43.38 -25.99 -43.39
CA LYS L 291 -44.12 -25.45 -44.53
C LYS L 291 -45.41 -24.79 -44.05
N PRO L 292 -45.80 -23.68 -44.65
CA PRO L 292 -47.02 -22.98 -44.21
C PRO L 292 -48.32 -23.57 -44.71
N ASP L 293 -48.33 -24.81 -45.21
CA ASP L 293 -49.58 -25.37 -45.71
C ASP L 293 -50.40 -25.97 -44.58
N GLY L 294 -51.71 -26.00 -44.80
CA GLY L 294 -52.64 -26.58 -43.82
C GLY L 294 -52.52 -25.95 -42.45
N ASP L 295 -52.13 -26.79 -41.48
CA ASP L 295 -51.96 -26.39 -40.09
C ASP L 295 -50.68 -25.59 -39.87
N GLY L 296 -49.76 -25.62 -40.82
CA GLY L 296 -48.51 -24.92 -40.66
C GLY L 296 -48.67 -23.44 -40.35
N ARG L 297 -49.63 -22.78 -41.00
CA ARG L 297 -49.83 -21.37 -40.72
C ARG L 297 -50.21 -21.14 -39.27
N GLU L 298 -51.06 -22.02 -38.72
CA GLU L 298 -51.50 -21.86 -37.34
C GLU L 298 -50.36 -22.15 -36.35
N VAL L 299 -49.69 -23.29 -36.53
CA VAL L 299 -48.61 -23.66 -35.61
C VAL L 299 -47.47 -22.66 -35.71
N ILE L 300 -47.19 -22.15 -36.90
CA ILE L 300 -46.11 -21.17 -37.05
C ILE L 300 -46.44 -19.94 -36.20
N GLU L 301 -47.73 -19.57 -36.15
CA GLU L 301 -48.11 -18.43 -35.32
C GLU L 301 -47.80 -18.74 -33.86
N ARG L 302 -48.09 -19.97 -33.42
CA ARG L 302 -47.84 -20.36 -32.04
C ARG L 302 -46.35 -20.34 -31.72
N ILE L 303 -45.54 -20.99 -32.56
CA ILE L 303 -44.10 -21.07 -32.31
C ILE L 303 -43.52 -19.67 -32.19
N VAL L 304 -43.92 -18.76 -33.06
CA VAL L 304 -43.38 -17.42 -32.96
C VAL L 304 -43.78 -16.78 -31.63
N LYS L 305 -45.07 -16.86 -31.28
CA LYS L 305 -45.54 -16.22 -30.05
C LYS L 305 -44.77 -16.72 -28.83
N ARG L 306 -44.70 -18.04 -28.67
CA ARG L 306 -43.98 -18.59 -27.52
C ARG L 306 -42.51 -18.19 -27.58
N LEU L 307 -41.94 -18.08 -28.78
CA LEU L 307 -40.53 -17.70 -28.87
C LEU L 307 -40.32 -16.31 -28.27
N HIS L 308 -41.29 -15.41 -28.43
CA HIS L 308 -41.13 -14.10 -27.83
C HIS L 308 -41.22 -14.20 -26.31
N ALA L 309 -42.16 -15.00 -25.81
CA ALA L 309 -42.30 -15.15 -24.37
C ALA L 309 -41.07 -15.76 -23.72
N LEU L 310 -40.41 -16.69 -24.41
CA LEU L 310 -39.24 -17.33 -23.83
C LEU L 310 -38.03 -16.41 -23.82
N SER L 311 -37.72 -15.80 -24.96
CA SER L 311 -36.54 -14.92 -25.05
C SER L 311 -36.55 -13.88 -23.95
N PHE L 312 -37.72 -13.35 -23.63
CA PHE L 312 -37.83 -12.38 -22.55
C PHE L 312 -37.59 -13.05 -21.20
N HIS L 313 -38.42 -14.05 -20.91
CA HIS L 313 -38.38 -14.74 -19.62
C HIS L 313 -36.99 -15.29 -19.30
N MET L 314 -36.28 -15.77 -20.31
CA MET L 314 -34.95 -16.31 -20.07
C MET L 314 -33.93 -15.20 -19.83
N ARG L 315 -33.95 -14.15 -20.65
CA ARG L 315 -32.95 -13.09 -20.51
C ARG L 315 -33.18 -12.20 -19.28
N ASN L 316 -34.41 -12.11 -18.80
CA ASN L 316 -34.67 -11.23 -17.66
C ASN L 316 -34.59 -11.94 -16.31
N TYR L 317 -35.03 -13.20 -16.22
CA TYR L 317 -35.04 -13.91 -14.95
C TYR L 317 -33.92 -14.93 -14.79
N PHE L 318 -33.68 -15.76 -15.81
CA PHE L 318 -32.66 -16.79 -15.69
C PHE L 318 -31.24 -16.24 -15.71
N TRP L 319 -31.01 -15.08 -16.34
CA TRP L 319 -29.67 -14.53 -16.40
C TRP L 319 -29.21 -14.09 -15.01
N LEU L 320 -27.92 -14.25 -14.73
CA LEU L 320 -27.36 -13.91 -13.42
C LEU L 320 -25.91 -13.48 -13.55
N ASP L 321 -25.63 -12.25 -13.13
CA ASP L 321 -24.30 -11.69 -13.09
C ASP L 321 -24.12 -11.09 -11.70
N HIS L 322 -23.00 -10.39 -11.46
CA HIS L 322 -22.76 -9.84 -10.13
C HIS L 322 -23.81 -8.81 -9.74
N GLN L 323 -24.20 -7.95 -10.68
CA GLN L 323 -25.20 -6.92 -10.38
C GLN L 323 -26.56 -7.52 -10.10
N ASN L 324 -26.98 -8.50 -10.90
CA ASN L 324 -28.27 -9.13 -10.68
C ASN L 324 -28.28 -9.88 -9.37
N LEU L 325 -27.16 -10.53 -9.00
CA LEU L 325 -27.13 -11.24 -7.73
C LEU L 325 -27.22 -10.26 -6.57
N ASN L 326 -26.57 -9.09 -6.70
CA ASN L 326 -26.67 -8.09 -5.63
C ASN L 326 -28.11 -7.62 -5.49
N ASP L 327 -28.80 -7.45 -6.62
CA ASP L 327 -30.19 -7.01 -6.57
C ASP L 327 -31.07 -8.05 -5.90
N ILE L 328 -30.89 -9.33 -6.25
CA ILE L 328 -31.70 -10.38 -5.62
C ILE L 328 -31.36 -10.45 -4.14
N TYR L 329 -30.10 -10.19 -3.78
CA TYR L 329 -29.71 -10.22 -2.37
C TYR L 329 -30.39 -9.10 -1.60
N ARG L 330 -30.74 -8.00 -2.27
CA ARG L 330 -31.42 -6.89 -1.64
C ARG L 330 -32.94 -6.91 -1.85
N PHE L 331 -33.49 -8.04 -2.30
CA PHE L 331 -34.91 -8.16 -2.57
C PHE L 331 -35.80 -8.10 -1.33
N LYS L 332 -37.01 -7.60 -1.55
CA LYS L 332 -38.05 -7.53 -0.54
C LYS L 332 -38.93 -8.76 -0.74
N THR L 333 -39.56 -9.22 0.34
CA THR L 333 -40.39 -10.42 0.26
C THR L 333 -41.89 -10.10 0.42
N GLU L 334 -42.70 -11.10 0.07
CA GLU L 334 -44.17 -11.03 0.15
C GLU L 334 -44.70 -9.87 -0.70
N GLU L 335 -44.50 -10.03 -2.02
CA GLU L 335 -44.89 -9.04 -3.01
C GLU L 335 -46.15 -9.50 -3.76
N TYR L 336 -47.31 -8.99 -3.32
CA TYR L 336 -48.60 -9.32 -3.94
C TYR L 336 -49.03 -8.16 -4.84
N SER L 337 -48.57 -8.19 -6.11
CA SER L 337 -48.95 -7.14 -7.05
C SER L 337 -48.46 -7.50 -8.44
N HIS L 338 -49.12 -6.91 -9.44
CA HIS L 338 -48.71 -7.10 -10.83
C HIS L 338 -47.36 -6.43 -11.06
N THR L 339 -47.06 -5.39 -10.28
CA THR L 339 -45.85 -4.58 -10.35
C THR L 339 -44.87 -4.91 -9.23
N ALA L 340 -44.70 -6.19 -8.92
CA ALA L 340 -43.81 -6.63 -7.86
C ALA L 340 -42.37 -6.75 -8.37
N VAL L 341 -41.42 -6.45 -7.49
CA VAL L 341 -40.00 -6.55 -7.86
C VAL L 341 -39.54 -8.00 -7.76
N ASN L 342 -39.77 -8.63 -6.60
CA ASN L 342 -39.42 -10.03 -6.37
C ASN L 342 -40.62 -10.81 -6.90
N LYS L 343 -40.59 -11.06 -8.21
CA LYS L 343 -41.69 -11.70 -8.91
C LYS L 343 -41.99 -13.11 -8.40
N PHE L 344 -40.96 -13.88 -8.09
CA PHE L 344 -41.18 -15.26 -7.66
C PHE L 344 -41.04 -15.47 -6.16
N ASN L 345 -40.95 -14.40 -5.38
CA ASN L 345 -40.87 -14.47 -3.91
C ASN L 345 -39.72 -15.36 -3.44
N VAL L 346 -38.52 -15.07 -3.92
CA VAL L 346 -37.34 -15.82 -3.50
C VAL L 346 -36.82 -15.23 -2.20
N MET L 347 -36.45 -16.09 -1.25
CA MET L 347 -35.94 -15.60 0.02
C MET L 347 -34.48 -15.21 -0.13
N PRO L 348 -34.13 -13.94 0.10
CA PRO L 348 -32.71 -13.53 -0.04
C PRO L 348 -31.78 -14.26 0.90
N ASP L 349 -32.24 -14.62 2.10
CA ASP L 349 -31.39 -15.34 3.04
C ASP L 349 -31.15 -16.79 2.60
N SER L 350 -32.01 -17.33 1.74
CA SER L 350 -31.88 -18.70 1.26
C SER L 350 -30.82 -18.86 0.19
N ILE L 351 -30.27 -17.77 -0.35
CA ILE L 351 -29.24 -17.90 -1.38
C ILE L 351 -28.01 -18.56 -0.78
N PRO L 352 -27.51 -19.64 -1.37
CA PRO L 352 -26.33 -20.32 -0.79
C PRO L 352 -25.10 -19.42 -0.80
N GLU L 353 -24.21 -19.67 0.17
CA GLU L 353 -22.98 -18.89 0.30
C GLU L 353 -22.03 -19.09 -0.86
N TRP L 354 -22.05 -20.25 -1.52
CA TRP L 354 -21.11 -20.49 -2.61
C TRP L 354 -21.36 -19.56 -3.79
N VAL L 355 -22.59 -19.07 -3.96
CA VAL L 355 -22.89 -18.20 -5.11
C VAL L 355 -22.13 -16.89 -5.01
N PHE L 356 -22.08 -16.29 -3.81
CA PHE L 356 -21.40 -15.01 -3.65
C PHE L 356 -19.90 -15.14 -3.91
N ASP L 357 -19.28 -16.24 -3.50
CA ASP L 357 -17.86 -16.43 -3.73
C ASP L 357 -17.56 -16.85 -5.17
N PHE L 358 -18.46 -17.61 -5.78
CA PHE L 358 -18.27 -18.08 -7.15
C PHE L 358 -18.44 -16.97 -8.18
N MET L 359 -19.30 -16.00 -7.92
CA MET L 359 -19.55 -14.93 -8.88
C MET L 359 -18.39 -13.95 -9.02
N PRO L 360 -17.77 -13.85 -10.19
CA PRO L 360 -16.69 -12.88 -10.39
C PRO L 360 -17.29 -11.53 -10.75
N LEU L 361 -16.43 -10.51 -10.79
CA LEU L 361 -16.92 -9.18 -11.16
C LEU L 361 -17.31 -9.13 -12.63
N ARG L 362 -16.54 -9.79 -13.48
CA ARG L 362 -16.81 -9.86 -14.92
C ARG L 362 -17.31 -11.26 -15.26
N GLY L 363 -18.41 -11.33 -16.00
CA GLY L 363 -18.97 -12.60 -16.39
C GLY L 363 -20.30 -12.89 -15.72
N GLY L 364 -21.02 -13.85 -16.28
CA GLY L 364 -22.32 -14.26 -15.76
C GLY L 364 -22.72 -15.56 -16.41
N TYR L 365 -23.90 -16.04 -16.03
CA TYR L 365 -24.41 -17.30 -16.57
C TYR L 365 -25.91 -17.38 -16.33
N PHE L 366 -26.52 -18.39 -16.92
CA PHE L 366 -27.95 -18.60 -16.76
C PHE L 366 -28.20 -19.52 -15.55
N VAL L 367 -29.11 -19.08 -14.67
CA VAL L 367 -29.44 -19.82 -13.46
C VAL L 367 -30.08 -21.15 -13.82
N GLY L 368 -29.75 -22.19 -13.04
CA GLY L 368 -30.24 -23.54 -13.32
C GLY L 368 -31.75 -23.73 -13.32
N ASN L 369 -32.47 -23.04 -12.43
CA ASN L 369 -33.91 -23.25 -12.40
C ASN L 369 -34.61 -22.06 -11.78
N VAL L 370 -35.83 -21.79 -12.27
CA VAL L 370 -36.67 -20.69 -11.81
C VAL L 370 -38.10 -21.20 -11.74
N GLY L 371 -38.72 -21.11 -10.57
CA GLY L 371 -40.10 -21.54 -10.40
C GLY L 371 -40.75 -20.85 -9.22
N PRO L 372 -41.95 -21.30 -8.84
CA PRO L 372 -42.63 -20.66 -7.71
C PRO L 372 -41.81 -20.79 -6.43
N ALA L 373 -41.29 -19.67 -5.94
CA ALA L 373 -40.45 -19.61 -4.74
C ALA L 373 -39.20 -20.46 -4.86
N HIS L 374 -38.86 -20.92 -6.05
CA HIS L 374 -37.70 -21.75 -6.30
C HIS L 374 -36.77 -21.11 -7.32
N MET L 375 -35.46 -21.19 -7.05
CA MET L 375 -34.44 -20.63 -7.93
C MET L 375 -33.15 -21.40 -7.68
N ASP L 376 -32.86 -22.38 -8.53
CA ASP L 376 -31.66 -23.22 -8.41
C ASP L 376 -30.50 -22.48 -9.05
N PHE L 377 -29.56 -22.03 -8.23
CA PHE L 377 -28.41 -21.24 -8.65
C PHE L 377 -27.28 -22.05 -9.29
N ARG L 378 -27.45 -23.37 -9.45
CA ARG L 378 -26.38 -24.18 -10.02
C ARG L 378 -26.13 -23.89 -11.49
N TRP L 379 -24.85 -23.90 -11.87
CA TRP L 379 -24.42 -23.68 -13.24
C TRP L 379 -24.47 -25.01 -14.00
N PHE L 380 -25.25 -25.06 -15.08
CA PHE L 380 -25.35 -26.26 -15.90
C PHE L 380 -24.68 -25.97 -17.23
N ALA L 381 -23.74 -26.85 -17.62
CA ALA L 381 -22.96 -26.66 -18.83
C ALA L 381 -23.79 -26.72 -20.11
N LEU L 382 -24.52 -27.82 -20.30
CA LEU L 382 -25.29 -27.97 -21.53
C LEU L 382 -26.32 -26.86 -21.71
N GLY L 383 -26.94 -26.42 -20.62
CA GLY L 383 -27.94 -25.37 -20.75
C GLY L 383 -27.34 -24.06 -21.26
N ASN L 384 -26.21 -23.65 -20.69
CA ASN L 384 -25.58 -22.41 -21.12
C ASN L 384 -25.03 -22.53 -22.53
N CYS L 385 -24.47 -23.70 -22.88
CA CYS L 385 -23.94 -23.88 -24.21
C CYS L 385 -25.05 -23.81 -25.26
N VAL L 386 -26.19 -24.43 -24.98
CA VAL L 386 -27.29 -24.36 -25.93
C VAL L 386 -27.87 -22.96 -25.96
N SER L 387 -27.86 -22.24 -24.82
CA SER L 387 -28.36 -20.87 -24.82
C SER L 387 -27.49 -20.00 -25.70
N ILE L 388 -26.20 -20.31 -25.79
CA ILE L 388 -25.31 -19.55 -26.65
C ILE L 388 -25.49 -19.94 -28.11
N LEU L 389 -25.57 -21.25 -28.38
CA LEU L 389 -25.70 -21.71 -29.77
C LEU L 389 -27.03 -21.31 -30.39
N SER L 390 -28.11 -21.34 -29.62
CA SER L 390 -29.43 -20.97 -30.14
C SER L 390 -29.63 -19.47 -30.18
N SER L 391 -28.57 -18.69 -29.91
CA SER L 391 -28.61 -17.23 -29.87
C SER L 391 -29.60 -16.72 -28.83
N LEU L 392 -30.01 -17.60 -27.90
CA LEU L 392 -30.93 -17.20 -26.84
C LEU L 392 -30.26 -16.17 -25.95
N ALA L 393 -28.95 -16.28 -25.77
CA ALA L 393 -28.17 -15.34 -24.98
C ALA L 393 -27.67 -14.23 -25.89
N THR L 394 -27.74 -12.99 -25.39
CA THR L 394 -27.29 -11.85 -26.16
C THR L 394 -25.77 -11.93 -26.34
N PRO L 395 -25.20 -11.24 -27.32
CA PRO L 395 -23.74 -11.28 -27.49
C PRO L 395 -23.01 -10.91 -26.21
N ASP L 396 -23.57 -9.97 -25.44
CA ASP L 396 -22.96 -9.61 -24.17
C ASP L 396 -23.07 -10.77 -23.18
N GLN L 397 -24.21 -11.46 -23.16
CA GLN L 397 -24.36 -12.59 -22.25
C GLN L 397 -23.44 -13.74 -22.65
N SER L 398 -23.26 -13.97 -23.96
CA SER L 398 -22.35 -15.02 -24.39
C SER L 398 -20.92 -14.67 -24.01
N MET L 399 -20.53 -13.40 -24.19
CA MET L 399 -19.20 -12.96 -23.80
C MET L 399 -19.03 -13.07 -22.31
N ALA L 400 -20.09 -12.82 -21.55
CA ALA L 400 -20.03 -12.93 -20.09
C ALA L 400 -19.85 -14.39 -19.68
N ILE L 401 -20.52 -15.31 -20.40
CA ILE L 401 -20.36 -16.72 -20.07
C ILE L 401 -18.93 -17.15 -20.33
N MET L 402 -18.34 -16.68 -21.43
CA MET L 402 -16.95 -17.00 -21.71
C MET L 402 -16.02 -16.36 -20.69
N ASP L 403 -16.36 -15.15 -20.23
CA ASP L 403 -15.54 -14.48 -19.22
C ASP L 403 -15.56 -15.28 -17.93
N LEU L 404 -16.75 -15.75 -17.53
CA LEU L 404 -16.86 -16.55 -16.31
C LEU L 404 -16.12 -17.85 -16.47
N LEU L 405 -16.14 -18.42 -17.68
CA LEU L 405 -15.42 -19.67 -17.93
C LEU L 405 -13.92 -19.46 -17.78
N GLU L 406 -13.43 -18.28 -18.17
CA GLU L 406 -12.01 -17.99 -18.04
C GLU L 406 -11.62 -17.69 -16.60
N HIS L 407 -12.47 -16.98 -15.86
CA HIS L 407 -12.14 -16.62 -14.49
C HIS L 407 -12.24 -17.82 -13.54
N ARG L 408 -13.39 -18.48 -13.50
CA ARG L 408 -13.57 -19.65 -12.64
C ARG L 408 -13.39 -20.93 -13.47
N TRP L 409 -12.21 -21.03 -14.09
CA TRP L 409 -11.90 -22.16 -14.95
C TRP L 409 -11.69 -23.44 -14.15
N ALA L 410 -10.90 -23.38 -13.08
CA ALA L 410 -10.63 -24.60 -12.30
C ALA L 410 -11.90 -25.21 -11.72
N GLU L 411 -12.94 -24.40 -11.49
CA GLU L 411 -14.17 -24.93 -10.94
C GLU L 411 -15.05 -25.60 -12.00
N LEU L 412 -15.29 -24.91 -13.11
CA LEU L 412 -16.15 -25.46 -14.16
C LEU L 412 -15.46 -26.46 -15.07
N VAL L 413 -14.13 -26.44 -15.14
CA VAL L 413 -13.42 -27.38 -16.02
C VAL L 413 -12.46 -28.23 -15.22
N GLY L 414 -11.51 -27.60 -14.54
CA GLY L 414 -10.55 -28.36 -13.77
C GLY L 414 -9.58 -29.12 -14.67
N GLU L 415 -9.16 -30.29 -14.21
CA GLU L 415 -8.22 -31.13 -14.96
C GLU L 415 -8.90 -31.97 -16.02
N MET L 416 -10.22 -31.86 -16.19
CA MET L 416 -10.93 -32.64 -17.20
C MET L 416 -12.25 -32.01 -17.59
N PRO L 417 -12.42 -31.52 -18.82
CA PRO L 417 -13.71 -30.94 -19.19
C PRO L 417 -14.68 -32.06 -19.54
N LEU L 418 -15.97 -31.78 -19.35
CA LEU L 418 -16.47 -30.58 -18.71
C LEU L 418 -17.41 -31.02 -17.59
N LYS L 419 -17.39 -30.28 -16.48
CA LYS L 419 -18.27 -30.64 -15.38
C LYS L 419 -19.72 -30.45 -15.83
N ILE L 420 -20.57 -31.43 -15.51
CA ILE L 420 -21.97 -31.34 -15.93
C ILE L 420 -22.69 -30.23 -15.18
N CYS L 421 -22.30 -29.96 -13.94
CA CYS L 421 -22.91 -28.90 -13.16
C CYS L 421 -21.99 -28.53 -12.01
N TYR L 422 -22.10 -27.28 -11.56
CA TYR L 422 -21.28 -26.78 -10.46
C TYR L 422 -22.13 -25.93 -9.54
N PRO L 423 -22.06 -26.14 -8.22
CA PRO L 423 -21.27 -27.17 -7.56
C PRO L 423 -22.06 -28.46 -7.39
N CYS L 424 -21.61 -29.32 -6.48
CA CYS L 424 -22.27 -30.60 -6.23
C CYS L 424 -23.01 -30.58 -4.90
N LEU L 425 -24.00 -31.45 -4.79
CA LEU L 425 -24.80 -31.58 -3.57
C LEU L 425 -24.02 -32.44 -2.58
N GLU L 426 -23.93 -31.97 -1.33
CA GLU L 426 -23.20 -32.69 -0.29
C GLU L 426 -24.00 -32.79 0.99
N GLY L 427 -23.79 -33.91 1.69
CA GLY L 427 -24.43 -34.13 2.97
C GLY L 427 -25.94 -34.14 2.93
N HIS L 428 -26.54 -33.21 3.69
CA HIS L 428 -27.98 -33.11 3.77
C HIS L 428 -28.61 -32.80 2.42
N GLU L 429 -27.96 -31.95 1.62
CA GLU L 429 -28.50 -31.65 0.30
C GLU L 429 -28.59 -32.91 -0.55
N TRP L 430 -27.57 -33.77 -0.48
CA TRP L 430 -27.59 -35.01 -1.23
C TRP L 430 -28.67 -35.95 -0.72
N ARG L 431 -28.86 -35.97 0.61
CA ARG L 431 -29.88 -36.83 1.22
C ARG L 431 -31.30 -36.43 0.81
N ILE L 432 -31.56 -35.13 0.74
CA ILE L 432 -32.91 -34.64 0.43
C ILE L 432 -33.19 -34.52 -1.06
N VAL L 433 -32.26 -33.96 -1.83
CA VAL L 433 -32.50 -33.75 -3.26
C VAL L 433 -32.43 -35.06 -4.04
N THR L 434 -31.34 -35.82 -3.88
CA THR L 434 -31.21 -37.06 -4.63
C THR L 434 -31.95 -38.23 -4.01
N GLY L 435 -32.49 -38.08 -2.81
CA GLY L 435 -33.18 -39.20 -2.20
C GLY L 435 -32.21 -40.31 -1.85
N CYS L 436 -31.01 -39.95 -1.39
CA CYS L 436 -29.96 -40.90 -1.03
C CYS L 436 -29.58 -41.77 -2.23
N ASP L 437 -29.38 -41.12 -3.37
CA ASP L 437 -29.00 -41.83 -4.58
C ASP L 437 -27.50 -42.08 -4.56
N PRO L 438 -27.04 -43.34 -4.53
CA PRO L 438 -25.60 -43.60 -4.44
C PRO L 438 -24.81 -43.38 -5.72
N LYS L 439 -25.44 -43.34 -6.89
CA LYS L 439 -24.67 -43.12 -8.11
C LYS L 439 -24.28 -41.66 -8.32
N ASN L 440 -24.89 -40.74 -7.56
CA ASN L 440 -24.62 -39.31 -7.69
C ASN L 440 -23.97 -38.75 -6.42
N THR L 441 -22.87 -39.36 -5.99
CA THR L 441 -22.18 -38.91 -4.79
C THR L 441 -21.44 -37.59 -5.07
N ARG L 442 -20.60 -37.19 -4.12
CA ARG L 442 -19.86 -35.94 -4.24
C ARG L 442 -18.98 -35.93 -5.47
N TRP L 443 -19.16 -34.92 -6.32
CA TRP L 443 -18.39 -34.76 -7.55
C TRP L 443 -18.39 -36.05 -8.36
N SER L 444 -19.60 -36.58 -8.59
CA SER L 444 -19.78 -37.84 -9.30
C SER L 444 -20.68 -37.71 -10.53
N TYR L 445 -21.16 -38.85 -11.02
CA TYR L 445 -21.92 -39.03 -12.25
C TYR L 445 -22.76 -37.85 -12.70
N HIS L 446 -23.80 -37.47 -11.98
CA HIS L 446 -24.57 -36.29 -12.36
C HIS L 446 -24.34 -35.14 -11.39
N ASN L 447 -23.90 -35.45 -10.17
CA ASN L 447 -23.68 -34.47 -9.12
C ASN L 447 -22.24 -33.95 -9.17
N GLY L 448 -21.98 -33.10 -10.16
CA GLY L 448 -20.68 -32.47 -10.31
C GLY L 448 -19.61 -33.26 -11.03
N GLY L 449 -19.95 -34.33 -11.74
CA GLY L 449 -18.93 -35.09 -12.45
C GLY L 449 -18.52 -34.42 -13.75
N SER L 450 -17.30 -34.72 -14.18
CA SER L 450 -16.77 -34.16 -15.42
C SER L 450 -17.10 -35.10 -16.56
N TRP L 451 -17.74 -34.56 -17.60
CA TRP L 451 -18.15 -35.34 -18.76
C TRP L 451 -17.37 -34.92 -19.99
N PRO L 452 -16.60 -35.83 -20.60
CA PRO L 452 -15.83 -35.44 -21.80
C PRO L 452 -16.71 -35.11 -23.01
N VAL L 453 -17.85 -35.79 -23.14
CA VAL L 453 -18.73 -35.58 -24.29
C VAL L 453 -19.17 -34.14 -24.40
N LEU L 454 -19.25 -33.42 -23.28
CA LEU L 454 -19.67 -32.02 -23.31
C LEU L 454 -18.69 -31.13 -24.07
N LEU L 455 -17.47 -31.61 -24.31
CA LEU L 455 -16.46 -30.81 -24.98
C LEU L 455 -16.97 -30.17 -26.28
N TRP L 456 -17.64 -30.96 -27.12
CA TRP L 456 -18.10 -30.39 -28.39
C TRP L 456 -19.03 -29.22 -28.16
N GLN L 457 -19.95 -29.32 -27.19
CA GLN L 457 -20.82 -28.18 -26.91
C GLN L 457 -19.96 -26.97 -26.55
N LEU L 458 -18.96 -27.17 -25.70
CA LEU L 458 -18.08 -26.09 -25.32
C LEU L 458 -17.33 -25.55 -26.53
N THR L 459 -16.95 -26.43 -27.46
CA THR L 459 -16.22 -26.01 -28.64
C THR L 459 -17.07 -25.13 -29.54
N ALA L 460 -18.25 -25.62 -29.92
CA ALA L 460 -19.12 -24.85 -30.81
C ALA L 460 -19.44 -23.49 -30.19
N ALA L 461 -19.85 -23.49 -28.92
CA ALA L 461 -20.16 -22.23 -28.26
C ALA L 461 -18.96 -21.30 -28.26
N CYS L 462 -17.74 -21.86 -28.19
CA CYS L 462 -16.55 -21.01 -28.21
C CYS L 462 -16.35 -20.39 -29.59
N ILE L 463 -16.65 -21.15 -30.65
CA ILE L 463 -16.46 -20.63 -32.00
C ILE L 463 -17.50 -19.57 -32.33
N LYS L 464 -18.76 -19.80 -31.91
CA LYS L 464 -19.82 -18.84 -32.16
C LYS L 464 -19.58 -17.53 -31.42
N THR L 465 -18.94 -17.58 -30.26
CA THR L 465 -18.66 -16.40 -29.48
C THR L 465 -17.33 -15.73 -29.84
N GLY L 466 -16.55 -16.33 -30.72
CA GLY L 466 -15.28 -15.75 -31.11
C GLY L 466 -14.17 -15.93 -30.11
N ARG L 467 -14.18 -17.02 -29.34
CA ARG L 467 -13.16 -17.32 -28.33
C ARG L 467 -12.66 -18.74 -28.55
N PRO L 468 -11.93 -19.00 -29.64
CA PRO L 468 -11.43 -20.36 -29.90
C PRO L 468 -10.32 -20.80 -28.96
N GLN L 469 -9.58 -19.88 -28.35
CA GLN L 469 -8.49 -20.25 -27.46
C GLN L 469 -8.97 -21.06 -26.28
N ILE L 470 -10.19 -20.80 -25.79
CA ILE L 470 -10.71 -21.56 -24.67
C ILE L 470 -10.92 -23.01 -25.08
N ALA L 471 -11.50 -23.22 -26.27
CA ALA L 471 -11.69 -24.57 -26.76
C ALA L 471 -10.36 -25.24 -27.02
N ARG L 472 -9.34 -24.48 -27.45
CA ARG L 472 -8.03 -25.07 -27.67
C ARG L 472 -7.42 -25.52 -26.36
N ARG L 473 -7.61 -24.73 -25.29
CA ARG L 473 -7.09 -25.13 -23.99
C ARG L 473 -7.77 -26.40 -23.52
N ALA L 474 -9.09 -26.46 -23.68
CA ALA L 474 -9.81 -27.66 -23.26
C ALA L 474 -9.37 -28.87 -24.07
N VAL L 475 -9.12 -28.68 -25.37
CA VAL L 475 -8.70 -29.78 -26.23
C VAL L 475 -7.31 -30.25 -25.86
N ASP L 476 -6.39 -29.32 -25.59
CA ASP L 476 -5.03 -29.71 -25.22
C ASP L 476 -5.03 -30.43 -23.89
N LEU L 477 -5.94 -30.03 -22.99
CA LEU L 477 -6.07 -30.65 -21.69
C LEU L 477 -6.71 -32.04 -21.79
N ILE L 478 -7.72 -32.22 -22.66
CA ILE L 478 -8.42 -33.51 -22.78
C ILE L 478 -7.63 -34.52 -23.62
N GLU L 479 -6.91 -34.07 -24.65
CA GLU L 479 -6.12 -34.93 -25.53
C GLU L 479 -4.96 -35.62 -24.82
N SER L 480 -4.72 -35.30 -23.55
CA SER L 480 -3.64 -35.89 -22.80
C SER L 480 -4.07 -37.10 -21.96
N ARG L 481 -5.36 -37.25 -21.69
CA ARG L 481 -5.83 -38.35 -20.86
C ARG L 481 -7.03 -39.13 -21.38
N LEU L 482 -7.81 -38.60 -22.33
CA LEU L 482 -8.98 -39.34 -22.79
C LEU L 482 -8.61 -40.68 -23.40
N HIS L 483 -7.62 -40.69 -24.30
CA HIS L 483 -7.26 -41.94 -24.95
C HIS L 483 -6.52 -42.87 -23.99
N ARG L 484 -5.71 -42.32 -23.09
CA ARG L 484 -4.96 -43.15 -22.16
C ARG L 484 -5.88 -43.91 -21.20
N ASP L 485 -7.04 -43.35 -20.88
CA ASP L 485 -7.97 -43.97 -19.96
C ASP L 485 -9.04 -44.82 -20.66
N CYS L 486 -8.81 -45.14 -21.94
CA CYS L 486 -9.73 -45.97 -22.74
C CYS L 486 -11.11 -45.35 -22.89
N TRP L 487 -11.15 -44.02 -23.06
CA TRP L 487 -12.38 -43.25 -23.30
C TRP L 487 -13.45 -43.52 -22.23
N PRO L 488 -13.28 -43.03 -21.02
CA PRO L 488 -14.29 -43.27 -19.98
C PRO L 488 -15.58 -42.51 -20.23
N GLU L 489 -16.64 -42.98 -19.57
CA GLU L 489 -17.95 -42.34 -19.68
C GLU L 489 -17.97 -41.00 -18.97
N TYR L 490 -17.42 -40.93 -17.76
CA TYR L 490 -17.39 -39.70 -16.99
C TYR L 490 -16.25 -39.78 -15.99
N TYR L 491 -15.86 -38.61 -15.49
CA TYR L 491 -14.78 -38.48 -14.51
C TYR L 491 -15.34 -37.92 -13.22
N ASP L 492 -14.69 -38.24 -12.11
CA ASP L 492 -15.11 -37.79 -10.80
C ASP L 492 -14.01 -36.99 -10.12
N GLY L 493 -14.41 -36.17 -9.14
CA GLY L 493 -13.49 -35.34 -8.39
C GLY L 493 -13.71 -33.86 -8.66
N LYS L 494 -13.16 -33.03 -7.75
CA LYS L 494 -13.29 -31.59 -7.92
C LYS L 494 -12.59 -31.12 -9.18
N LEU L 495 -11.53 -31.82 -9.60
CA LEU L 495 -10.78 -31.51 -10.80
C LEU L 495 -10.98 -32.53 -11.90
N GLY L 496 -11.68 -33.63 -11.64
CA GLY L 496 -11.86 -34.66 -12.64
C GLY L 496 -10.64 -35.52 -12.81
N ARG L 497 -9.72 -35.50 -11.84
CA ARG L 497 -8.50 -36.29 -11.89
C ARG L 497 -8.76 -37.79 -11.85
N TYR L 498 -9.88 -38.22 -11.28
CA TYR L 498 -10.21 -39.63 -11.14
C TYR L 498 -11.29 -40.06 -12.12
N VAL L 499 -11.17 -41.30 -12.62
CA VAL L 499 -12.19 -41.81 -13.52
C VAL L 499 -13.47 -42.06 -12.73
N GLY L 500 -14.60 -42.06 -13.45
CA GLY L 500 -15.87 -42.23 -12.78
C GLY L 500 -15.94 -43.49 -11.95
N LYS L 501 -16.79 -43.43 -10.92
CA LYS L 501 -16.96 -44.56 -10.02
C LYS L 501 -17.55 -45.77 -10.74
N GLN L 502 -18.50 -45.53 -11.65
CA GLN L 502 -19.15 -46.57 -12.42
C GLN L 502 -19.10 -46.23 -13.90
N ALA L 503 -18.02 -45.57 -14.32
CA ALA L 503 -17.89 -45.16 -15.71
C ALA L 503 -17.58 -46.34 -16.62
N ARG L 504 -18.25 -46.38 -17.77
CA ARG L 504 -18.05 -47.42 -18.77
C ARG L 504 -16.94 -46.97 -19.72
N LYS L 505 -15.95 -47.82 -19.93
CA LYS L 505 -14.87 -47.44 -20.83
C LYS L 505 -15.35 -47.53 -22.29
N TYR L 506 -14.76 -46.70 -23.13
CA TYR L 506 -15.10 -46.64 -24.56
C TYR L 506 -16.56 -46.21 -24.78
N GLN L 507 -16.97 -45.15 -24.08
CA GLN L 507 -18.32 -44.64 -24.26
C GLN L 507 -18.38 -44.00 -25.64
N THR L 508 -19.44 -44.30 -26.38
CA THR L 508 -19.56 -43.83 -27.76
C THR L 508 -19.57 -42.31 -27.88
N TRP L 509 -20.46 -41.64 -27.13
CA TRP L 509 -20.50 -40.20 -27.30
C TRP L 509 -19.30 -39.50 -26.69
N SER L 510 -18.59 -40.13 -25.74
CA SER L 510 -17.40 -39.48 -25.21
C SER L 510 -16.34 -39.36 -26.30
N ILE L 511 -16.35 -40.31 -27.24
CA ILE L 511 -15.42 -40.30 -28.37
C ILE L 511 -15.93 -39.38 -29.46
N ALA L 512 -17.24 -39.47 -29.75
CA ALA L 512 -17.83 -38.65 -30.79
C ALA L 512 -17.75 -37.16 -30.47
N GLY L 513 -17.86 -36.79 -29.19
CA GLY L 513 -17.76 -35.39 -28.83
C GLY L 513 -16.37 -34.85 -29.09
N TYR L 514 -15.35 -35.65 -28.79
CA TYR L 514 -13.98 -35.21 -29.04
C TYR L 514 -13.75 -35.04 -30.53
N LEU L 515 -14.25 -36.00 -31.33
CA LEU L 515 -14.08 -35.90 -32.78
C LEU L 515 -14.80 -34.67 -33.33
N VAL L 516 -16.02 -34.41 -32.87
CA VAL L 516 -16.78 -33.26 -33.34
C VAL L 516 -16.07 -31.97 -32.95
N ALA L 517 -15.52 -31.92 -31.73
CA ALA L 517 -14.83 -30.71 -31.29
C ALA L 517 -13.59 -30.46 -32.14
N LYS L 518 -12.85 -31.53 -32.47
CA LYS L 518 -11.66 -31.34 -33.28
C LYS L 518 -12.03 -30.89 -34.69
N MET L 519 -13.10 -31.46 -35.26
CA MET L 519 -13.52 -31.05 -36.58
C MET L 519 -14.04 -29.62 -36.59
N LEU L 520 -14.69 -29.18 -35.50
CA LEU L 520 -15.18 -27.81 -35.43
C LEU L 520 -14.03 -26.82 -35.29
N LEU L 521 -13.03 -27.18 -34.48
CA LEU L 521 -11.88 -26.29 -34.32
C LEU L 521 -11.08 -26.20 -35.62
N GLU L 522 -11.02 -27.30 -36.37
CA GLU L 522 -10.28 -27.30 -37.63
C GLU L 522 -11.02 -26.51 -38.70
N ASP L 523 -12.34 -26.60 -38.73
CA ASP L 523 -13.17 -25.89 -39.71
C ASP L 523 -14.35 -25.25 -39.00
N PRO L 524 -14.21 -23.98 -38.58
CA PRO L 524 -15.32 -23.32 -37.88
C PRO L 524 -16.56 -23.13 -38.73
N SER L 525 -16.46 -23.22 -40.06
CA SER L 525 -17.61 -23.04 -40.94
C SER L 525 -18.74 -24.01 -40.63
N HIS L 526 -18.48 -25.06 -39.84
CA HIS L 526 -19.49 -26.05 -39.49
C HIS L 526 -20.44 -25.58 -38.39
N ILE L 527 -20.11 -24.49 -37.67
CA ILE L 527 -20.99 -24.07 -36.58
C ILE L 527 -22.35 -23.65 -37.08
N GLY L 528 -22.49 -23.28 -38.35
CA GLY L 528 -23.81 -22.93 -38.85
C GLY L 528 -24.75 -24.12 -38.81
N MET L 529 -24.20 -25.34 -38.83
CA MET L 529 -24.97 -26.57 -38.76
C MET L 529 -25.62 -26.76 -37.40
N ILE L 530 -25.09 -26.12 -36.36
CA ILE L 530 -25.60 -26.29 -35.00
C ILE L 530 -25.87 -24.97 -34.29
N SER L 531 -25.96 -23.86 -35.04
CA SER L 531 -26.21 -22.58 -34.41
C SER L 531 -27.19 -21.75 -35.21
N LEU L 532 -27.76 -20.76 -34.53
CA LEU L 532 -28.72 -19.82 -35.10
C LEU L 532 -28.33 -18.41 -34.67
N GLU L 533 -28.87 -17.42 -35.37
CA GLU L 533 -28.55 -16.03 -35.05
C GLU L 533 -29.79 -15.15 -35.10
#